data_3FEQ
#
_entry.id   3FEQ
#
_cell.length_a   113.208
_cell.length_b   108.048
_cell.length_c   171.132
_cell.angle_alpha   81.75
_cell.angle_beta   80.36
_cell.angle_gamma   74.40
#
_symmetry.space_group_name_H-M   'P 1'
#
loop_
_entity.id
_entity.type
_entity.pdbx_description
1 polymer 'PUTATIVE AMIDOHYDROLASE'
2 non-polymer 'ZINC ION'
3 water water
#
_entity_poly.entity_id   1
_entity_poly.type   'polypeptide(L)'
_entity_poly.pdbx_seq_one_letter_code
;MSLTITVLQGGNVLDLERGVLLEHHHVVIDGERIVEVTDRPVDLPNAQAIDVRGKTVMPGFIDCHVHVLASNANLGVNAT
QPNILAAIRSLPILDAMLSRGFTSVRDAGGADWSLMQAVETGLVSGPRIFPSGKALSQTGGHGDFRPRGDLLEPCSCCFR
TGAIARVVDGVEGVRLAVREEIQKGATQIKIMASGGVASPTDPIANTQYSEDEIRAIVDEAEAANTYVMAHAYTGRAIAR
AVRCGVRTIEHGNLVDEAAAKLMHEHGAFVVPTLVTYDALAKHGAEFGMPPESVAKVASVQQKGRESLEIYANAGVKMGF
GSDLLGEMHAFQSGEFRIRAEVLGNLEALRSATTVAAEIVNMQGQLGVIAVGAIADLVVLDGNPLEDIGVVADEGARVEY
VLQRGTLVKRQAAGREGHHHHHH
;
_entity_poly.pdbx_strand_id   A,B,C,D,E,F,G,H,I,J,K,L,M,N,O,P
#
# COMPACT_ATOMS: atom_id res chain seq x y z
N THR A 4 57.79 -15.56 -63.56
CA THR A 4 58.18 -16.78 -64.31
C THR A 4 57.09 -17.20 -65.30
N ILE A 5 57.02 -18.50 -65.59
CA ILE A 5 56.66 -18.97 -66.92
C ILE A 5 56.10 -20.41 -66.87
N THR A 6 55.20 -20.75 -67.79
CA THR A 6 54.50 -22.04 -67.76
C THR A 6 54.31 -22.61 -69.16
N VAL A 7 54.39 -23.93 -69.30
CA VAL A 7 54.16 -24.59 -70.58
C VAL A 7 53.15 -25.74 -70.47
N LEU A 8 52.04 -25.63 -71.21
CA LEU A 8 51.17 -26.77 -71.48
C LEU A 8 51.73 -27.51 -72.69
N GLN A 9 52.14 -28.76 -72.48
CA GLN A 9 52.92 -29.46 -73.50
C GLN A 9 52.17 -30.59 -74.21
N GLY A 10 52.27 -30.62 -75.53
CA GLY A 10 51.76 -31.71 -76.35
C GLY A 10 50.25 -31.80 -76.47
N GLY A 11 49.57 -30.69 -76.19
CA GLY A 11 48.11 -30.66 -76.23
C GLY A 11 47.58 -30.58 -77.64
N ASN A 12 46.29 -30.82 -77.80
CA ASN A 12 45.64 -30.56 -79.07
C ASN A 12 44.86 -29.25 -79.05
N VAL A 13 45.56 -28.16 -79.37
CA VAL A 13 45.01 -26.82 -79.29
C VAL A 13 43.85 -26.65 -80.27
N LEU A 14 42.70 -26.27 -79.74
CA LEU A 14 41.54 -25.99 -80.58
C LEU A 14 41.71 -24.64 -81.23
N ASP A 15 41.69 -24.62 -82.56
CA ASP A 15 41.60 -23.37 -83.27
C ASP A 15 40.24 -23.20 -83.90
N LEU A 16 39.58 -22.10 -83.56
CA LEU A 16 38.13 -21.98 -83.70
C LEU A 16 37.69 -21.42 -85.04
N GLU A 17 38.51 -20.53 -85.59
CA GLU A 17 38.18 -19.88 -86.86
C GLU A 17 38.40 -20.82 -88.05
N ARG A 18 39.30 -21.78 -87.89
CA ARG A 18 39.50 -22.80 -88.92
C ARG A 18 38.75 -24.07 -88.57
N GLY A 19 38.46 -24.26 -87.28
CA GLY A 19 37.55 -25.32 -86.85
C GLY A 19 38.18 -26.70 -86.76
N VAL A 20 39.43 -26.74 -86.29
CA VAL A 20 40.17 -27.99 -86.22
C VAL A 20 40.99 -28.01 -84.95
N LEU A 21 41.31 -29.21 -84.48
CA LEU A 21 42.38 -29.42 -83.49
C LEU A 21 43.75 -29.32 -84.14
N LEU A 22 44.73 -28.81 -83.39
CA LEU A 22 46.13 -28.83 -83.81
C LEU A 22 46.92 -29.71 -82.85
N GLU A 23 47.19 -30.96 -83.24
CA GLU A 23 47.75 -31.94 -82.31
C GLU A 23 49.19 -31.66 -81.94
N HIS A 24 49.55 -32.04 -80.71
CA HIS A 24 50.91 -31.87 -80.20
C HIS A 24 51.45 -30.46 -80.38
N HIS A 25 50.59 -29.46 -80.20
CA HIS A 25 51.04 -28.09 -80.08
C HIS A 25 51.24 -27.73 -78.63
N HIS A 26 52.40 -27.16 -78.32
CA HIS A 26 52.69 -26.66 -77.00
C HIS A 26 52.16 -25.24 -76.92
N VAL A 27 51.71 -24.84 -75.74
CA VAL A 27 51.39 -23.43 -75.51
C VAL A 27 52.16 -22.88 -74.30
N VAL A 28 52.84 -21.75 -74.53
CA VAL A 28 53.74 -21.15 -73.55
C VAL A 28 53.14 -19.87 -72.96
N ILE A 29 52.98 -19.89 -71.63
CA ILE A 29 52.42 -18.77 -70.87
C ILE A 29 53.54 -18.07 -70.13
N ASP A 30 53.64 -16.76 -70.31
CA ASP A 30 54.49 -15.94 -69.45
C ASP A 30 53.66 -14.88 -68.77
N GLY A 31 53.72 -14.86 -67.44
CA GLY A 31 52.87 -14.00 -66.65
C GLY A 31 51.42 -14.38 -66.86
N GLU A 32 50.65 -13.44 -67.41
CA GLU A 32 49.22 -13.65 -67.64
C GLU A 32 48.93 -13.87 -69.14
N ARG A 33 49.96 -13.81 -69.96
CA ARG A 33 49.75 -13.86 -71.40
C ARG A 33 50.37 -15.05 -72.12
N ILE A 34 49.74 -15.45 -73.22
CA ILE A 34 50.23 -16.53 -74.07
C ILE A 34 51.30 -15.98 -74.99
N VAL A 35 52.51 -16.53 -74.91
CA VAL A 35 53.64 -16.02 -75.69
C VAL A 35 53.91 -16.82 -76.95
N GLU A 36 53.68 -18.14 -76.90
CA GLU A 36 53.95 -18.98 -78.07
C GLU A 36 52.99 -20.15 -78.16
N VAL A 37 52.45 -20.38 -79.35
CA VAL A 37 51.73 -21.63 -79.65
C VAL A 37 52.40 -22.34 -80.82
N THR A 38 53.05 -23.48 -80.55
CA THR A 38 53.93 -24.11 -81.52
C THR A 38 54.04 -25.62 -81.28
N ASP A 39 54.35 -26.36 -82.34
CA ASP A 39 54.60 -27.80 -82.24
C ASP A 39 56.08 -28.11 -82.28
N ARG A 40 56.89 -27.08 -82.06
CA ARG A 40 58.30 -27.23 -81.71
C ARG A 40 58.47 -28.13 -80.50
N PRO A 41 59.58 -28.87 -80.45
CA PRO A 41 60.19 -29.14 -79.16
C PRO A 41 60.55 -27.79 -78.54
N VAL A 42 60.01 -27.50 -77.37
CA VAL A 42 60.10 -26.15 -76.84
C VAL A 42 61.10 -26.08 -75.69
N ASP A 43 61.73 -24.93 -75.55
CA ASP A 43 63.00 -24.84 -74.83
C ASP A 43 62.82 -24.49 -73.36
N LEU A 44 62.25 -25.42 -72.59
CA LEU A 44 61.81 -25.11 -71.24
C LEU A 44 62.88 -25.29 -70.17
N PRO A 45 63.42 -24.17 -69.69
CA PRO A 45 64.39 -24.26 -68.61
C PRO A 45 63.69 -24.37 -67.25
N ASN A 46 63.09 -23.26 -66.81
CA ASN A 46 62.46 -23.14 -65.50
C ASN A 46 60.96 -23.02 -65.62
N ALA A 47 60.38 -23.64 -66.64
CA ALA A 47 58.96 -23.55 -66.89
C ALA A 47 58.23 -24.63 -66.12
N GLN A 48 57.11 -24.27 -65.50
CA GLN A 48 56.18 -25.26 -65.00
C GLN A 48 55.62 -26.02 -66.18
N ALA A 49 56.09 -27.26 -66.33
CA ALA A 49 55.53 -28.16 -67.31
C ALA A 49 54.27 -28.81 -66.74
N ILE A 50 53.15 -28.62 -67.40
CA ILE A 50 51.97 -29.42 -67.14
C ILE A 50 51.73 -30.26 -68.38
N ASP A 51 51.68 -31.58 -68.19
CA ASP A 51 51.61 -32.52 -69.31
C ASP A 51 50.19 -32.72 -69.79
N VAL A 52 49.93 -32.31 -71.02
CA VAL A 52 48.60 -32.34 -71.59
C VAL A 52 48.58 -33.19 -72.86
N ARG A 53 49.25 -34.33 -72.81
CA ARG A 53 49.28 -35.21 -73.97
C ARG A 53 47.89 -35.79 -74.25
N GLY A 54 47.47 -35.70 -75.51
CA GLY A 54 46.20 -36.29 -75.95
C GLY A 54 44.96 -35.69 -75.34
N LYS A 55 45.04 -34.42 -74.96
CA LYS A 55 43.91 -33.72 -74.35
C LYS A 55 43.71 -32.36 -75.01
N THR A 56 42.46 -31.94 -75.11
CA THR A 56 42.15 -30.70 -75.81
C THR A 56 42.35 -29.47 -74.92
N VAL A 57 43.18 -28.55 -75.39
CA VAL A 57 43.36 -27.29 -74.71
C VAL A 57 42.72 -26.18 -75.52
N MET A 58 41.71 -25.54 -74.94
CA MET A 58 40.93 -24.52 -75.64
C MET A 58 40.73 -23.32 -74.73
N PRO A 59 40.28 -22.18 -75.29
CA PRO A 59 40.15 -21.00 -74.45
C PRO A 59 39.08 -21.22 -73.40
N GLY A 60 39.28 -20.67 -72.22
CA GLY A 60 38.25 -20.70 -71.19
C GLY A 60 36.95 -20.05 -71.65
N PHE A 61 35.82 -20.65 -71.25
CA PHE A 61 34.52 -20.23 -71.75
C PHE A 61 34.08 -18.90 -71.17
N ILE A 62 33.27 -18.21 -71.96
CA ILE A 62 32.65 -16.96 -71.54
C ILE A 62 31.14 -17.11 -71.60
N ASP A 63 30.48 -16.85 -70.48
CA ASP A 63 29.03 -16.93 -70.40
C ASP A 63 28.41 -15.53 -70.30
N CYS A 64 27.68 -15.15 -71.35
CA CYS A 64 27.33 -13.76 -71.56
C CYS A 64 26.11 -13.31 -70.79
N HIS A 65 25.43 -14.23 -70.11
CA HIS A 65 24.24 -13.89 -69.32
C HIS A 65 24.15 -14.80 -68.10
N VAL A 66 24.70 -14.34 -66.99
CA VAL A 66 24.47 -15.00 -65.71
C VAL A 66 23.86 -14.00 -64.73
N HIS A 67 23.25 -14.54 -63.67
CA HIS A 67 23.01 -13.75 -62.47
C HIS A 67 23.69 -14.43 -61.30
N VAL A 68 24.92 -14.01 -61.04
CA VAL A 68 25.72 -14.54 -59.95
C VAL A 68 25.08 -14.41 -58.58
N LEU A 69 24.26 -13.39 -58.38
CA LEU A 69 23.69 -13.18 -57.06
C LEU A 69 22.37 -13.90 -56.84
N ALA A 70 21.82 -14.47 -57.91
CA ALA A 70 20.55 -15.17 -57.87
C ALA A 70 20.70 -16.49 -57.12
N SER A 71 20.66 -16.43 -55.80
CA SER A 71 20.90 -17.61 -54.99
C SER A 71 19.64 -18.42 -54.73
N ASN A 72 18.48 -17.84 -55.04
CA ASN A 72 17.29 -18.65 -55.22
C ASN A 72 16.36 -18.18 -56.33
N ALA A 73 15.50 -19.09 -56.78
CA ALA A 73 14.73 -18.95 -58.01
C ALA A 73 13.61 -17.90 -57.95
N ASN A 74 13.24 -17.47 -56.76
CA ASN A 74 12.30 -16.37 -56.60
C ASN A 74 13.05 -15.07 -56.46
N LEU A 75 13.14 -14.34 -57.57
CA LEU A 75 13.91 -13.11 -57.59
C LEU A 75 13.32 -12.04 -56.69
N GLY A 76 12.00 -12.13 -56.46
CA GLY A 76 11.35 -11.30 -55.46
C GLY A 76 11.94 -11.49 -54.07
N VAL A 77 12.00 -12.74 -53.63
CA VAL A 77 12.48 -13.04 -52.29
C VAL A 77 14.02 -12.95 -52.23
N ASN A 78 14.69 -13.20 -53.36
CA ASN A 78 16.13 -13.00 -53.48
C ASN A 78 16.55 -11.57 -53.17
N ALA A 79 15.76 -10.62 -53.67
CA ALA A 79 16.00 -9.20 -53.43
C ALA A 79 15.84 -8.79 -51.96
N THR A 80 15.04 -9.54 -51.21
CA THR A 80 14.68 -9.14 -49.86
C THR A 80 15.52 -9.84 -48.81
N GLN A 81 16.40 -10.73 -49.25
CA GLN A 81 17.28 -11.44 -48.33
C GLN A 81 18.35 -10.48 -47.83
N PRO A 82 18.78 -10.63 -46.56
CA PRO A 82 19.74 -9.68 -45.95
C PRO A 82 21.03 -9.57 -46.76
N ASN A 83 21.67 -8.42 -46.70
CA ASN A 83 22.79 -8.12 -47.61
C ASN A 83 23.92 -9.11 -47.50
N ILE A 84 24.43 -9.30 -46.29
CA ILE A 84 25.59 -10.15 -46.09
C ILE A 84 25.31 -11.60 -46.49
N LEU A 85 24.07 -12.06 -46.28
CA LEU A 85 23.65 -13.39 -46.73
C LEU A 85 23.57 -13.50 -48.25
N ALA A 86 23.16 -12.42 -48.91
CA ALA A 86 23.10 -12.41 -50.37
C ALA A 86 24.49 -12.56 -50.95
N ALA A 87 25.48 -11.97 -50.27
CA ALA A 87 26.86 -11.99 -50.72
C ALA A 87 27.47 -13.37 -50.54
N ILE A 88 27.36 -13.88 -49.31
CA ILE A 88 27.85 -15.21 -48.95
C ILE A 88 27.37 -16.22 -50.01
N ARG A 89 26.07 -16.25 -50.26
CA ARG A 89 25.45 -17.27 -51.07
C ARG A 89 25.92 -17.31 -52.53
N SER A 90 26.54 -16.23 -52.98
CA SER A 90 27.02 -16.15 -54.34
C SER A 90 28.40 -16.81 -54.47
N LEU A 91 29.06 -17.04 -53.35
CA LEU A 91 30.39 -17.64 -53.37
C LEU A 91 30.50 -19.05 -53.95
N PRO A 92 29.70 -20.00 -53.43
CA PRO A 92 29.47 -21.30 -54.09
C PRO A 92 29.14 -21.22 -55.56
N ILE A 93 28.26 -20.28 -55.93
CA ILE A 93 27.82 -20.13 -57.31
C ILE A 93 29.00 -19.81 -58.25
N LEU A 94 29.83 -18.85 -57.81
CA LEU A 94 30.98 -18.40 -58.57
C LEU A 94 32.02 -19.50 -58.70
N ASP A 95 32.29 -20.19 -57.60
CA ASP A 95 33.25 -21.29 -57.57
C ASP A 95 32.88 -22.43 -58.52
N ALA A 96 31.59 -22.75 -58.58
CA ALA A 96 31.12 -23.84 -59.41
C ALA A 96 31.26 -23.48 -60.90
N MET A 97 30.90 -22.25 -61.24
CA MET A 97 31.03 -21.75 -62.61
C MET A 97 32.45 -21.88 -63.13
N LEU A 98 33.42 -21.58 -62.27
CA LEU A 98 34.82 -21.63 -62.65
C LEU A 98 35.24 -23.06 -62.92
N SER A 99 34.81 -23.99 -62.07
CA SER A 99 35.15 -25.40 -62.24
C SER A 99 34.54 -26.01 -63.52
N ARG A 100 33.44 -25.43 -63.98
CA ARG A 100 32.82 -25.88 -65.21
C ARG A 100 33.51 -25.31 -66.46
N GLY A 101 34.54 -24.50 -66.25
CA GLY A 101 35.37 -24.03 -67.36
C GLY A 101 35.15 -22.59 -67.73
N PHE A 102 34.16 -21.97 -67.11
CA PHE A 102 33.87 -20.56 -67.36
C PHE A 102 34.84 -19.62 -66.64
N THR A 103 35.65 -18.91 -67.41
CA THR A 103 36.69 -18.07 -66.82
C THR A 103 36.28 -16.61 -66.86
N SER A 104 35.19 -16.33 -67.56
CA SER A 104 34.61 -15.01 -67.56
C SER A 104 33.10 -15.10 -67.66
N VAL A 105 32.42 -14.19 -66.98
CA VAL A 105 30.98 -14.10 -67.08
C VAL A 105 30.54 -12.65 -67.19
N ARG A 106 29.52 -12.43 -68.01
CA ARG A 106 28.87 -11.13 -68.07
C ARG A 106 27.58 -11.18 -67.25
N ASP A 107 27.63 -10.56 -66.08
CA ASP A 107 26.51 -10.59 -65.15
C ASP A 107 25.41 -9.65 -65.61
N ALA A 108 24.18 -10.13 -65.59
CA ALA A 108 23.08 -9.41 -66.21
C ALA A 108 22.23 -8.72 -65.16
N GLY A 109 22.86 -8.27 -64.08
CA GLY A 109 22.16 -7.52 -63.05
C GLY A 109 22.28 -8.20 -61.72
N GLY A 110 22.72 -7.45 -60.70
CA GLY A 110 23.06 -8.02 -59.41
C GLY A 110 24.52 -7.76 -58.99
N ALA A 111 25.45 -8.36 -59.71
CA ALA A 111 26.87 -8.22 -59.39
C ALA A 111 27.37 -6.82 -59.67
N ASP A 112 28.22 -6.33 -58.79
CA ASP A 112 28.74 -4.99 -58.90
C ASP A 112 30.26 -5.01 -59.05
N TRP A 113 30.85 -3.82 -59.00
CA TRP A 113 32.30 -3.65 -59.11
C TRP A 113 33.08 -4.31 -57.98
N SER A 114 32.52 -4.33 -56.77
CA SER A 114 33.24 -4.87 -55.60
C SER A 114 33.43 -6.36 -55.71
N LEU A 115 32.44 -7.04 -56.29
CA LEU A 115 32.54 -8.47 -56.58
C LEU A 115 33.59 -8.72 -57.68
N MET A 116 33.50 -7.95 -58.76
CA MET A 116 34.55 -7.95 -59.77
C MET A 116 35.93 -7.87 -59.14
N GLN A 117 36.09 -6.95 -58.20
CA GLN A 117 37.38 -6.73 -57.53
C GLN A 117 37.77 -7.92 -56.69
N ALA A 118 36.80 -8.48 -55.98
CA ALA A 118 37.01 -9.61 -55.11
C ALA A 118 37.68 -10.73 -55.87
N VAL A 119 37.22 -11.01 -57.10
CA VAL A 119 37.90 -12.03 -57.89
C VAL A 119 39.25 -11.59 -58.45
N GLU A 120 39.35 -10.33 -58.89
CA GLU A 120 40.60 -9.86 -59.49
C GLU A 120 41.74 -9.78 -58.50
N THR A 121 41.41 -9.47 -57.26
CA THR A 121 42.40 -9.45 -56.20
C THR A 121 42.54 -10.82 -55.56
N GLY A 122 41.71 -11.77 -55.99
CA GLY A 122 41.87 -13.14 -55.57
C GLY A 122 41.36 -13.36 -54.17
N LEU A 123 40.54 -12.43 -53.69
CA LEU A 123 39.84 -12.61 -52.44
C LEU A 123 38.83 -13.75 -52.54
N VAL A 124 38.37 -14.00 -53.76
CA VAL A 124 37.25 -14.88 -54.00
C VAL A 124 37.47 -15.67 -55.30
N SER A 125 37.18 -16.95 -55.26
CA SER A 125 37.41 -17.77 -56.43
C SER A 125 36.23 -17.68 -57.38
N GLY A 126 36.52 -17.37 -58.64
CA GLY A 126 35.49 -17.43 -59.68
C GLY A 126 35.92 -16.81 -60.98
N PRO A 127 35.00 -16.74 -61.96
CA PRO A 127 35.26 -16.13 -63.25
C PRO A 127 35.53 -14.65 -63.11
N ARG A 128 36.21 -14.06 -64.09
CA ARG A 128 36.22 -12.61 -64.19
C ARG A 128 34.77 -12.16 -64.43
N ILE A 129 34.38 -11.07 -63.78
CA ILE A 129 32.99 -10.60 -63.89
C ILE A 129 32.96 -9.29 -64.68
N PHE A 130 32.04 -9.21 -65.63
CA PHE A 130 31.74 -7.96 -66.28
C PHE A 130 30.38 -7.49 -65.75
N PRO A 131 30.40 -6.62 -64.74
CA PRO A 131 29.16 -6.35 -64.03
C PRO A 131 28.28 -5.34 -64.75
N SER A 132 26.98 -5.62 -64.79
CA SER A 132 26.00 -4.66 -65.28
C SER A 132 25.56 -3.70 -64.20
N GLY A 133 26.01 -3.94 -62.97
CA GLY A 133 25.42 -3.29 -61.81
C GLY A 133 24.01 -3.81 -61.70
N LYS A 134 23.04 -2.90 -61.82
CA LYS A 134 21.64 -3.30 -61.70
C LYS A 134 20.91 -3.08 -63.00
N ALA A 135 20.16 -4.09 -63.43
CA ALA A 135 19.29 -3.96 -64.60
C ALA A 135 18.36 -2.78 -64.42
N LEU A 136 18.22 -1.95 -65.44
CA LEU A 136 17.20 -0.92 -65.43
C LEU A 136 15.86 -1.48 -65.86
N SER A 137 14.81 -1.18 -65.09
CA SER A 137 13.46 -1.60 -65.41
C SER A 137 12.45 -0.49 -65.12
N GLN A 138 11.45 -0.37 -66.00
CA GLN A 138 10.37 0.61 -65.80
C GLN A 138 9.47 0.14 -64.66
N THR A 139 8.51 0.98 -64.27
CA THR A 139 7.58 0.61 -63.21
C THR A 139 6.67 -0.49 -63.74
N GLY A 140 6.50 -1.55 -62.96
CA GLY A 140 5.68 -2.68 -63.36
C GLY A 140 6.33 -3.51 -64.46
N GLY A 141 7.62 -3.28 -64.68
CA GLY A 141 8.35 -3.97 -65.71
C GLY A 141 8.94 -5.28 -65.20
N HIS A 142 9.80 -5.88 -66.03
CA HIS A 142 10.36 -7.20 -65.77
C HIS A 142 11.28 -7.22 -64.54
N GLY A 143 11.64 -6.04 -64.06
CA GLY A 143 12.47 -5.92 -62.87
C GLY A 143 11.72 -5.40 -61.67
N ASP A 144 10.44 -5.09 -61.85
CA ASP A 144 9.60 -4.69 -60.73
C ASP A 144 8.96 -5.90 -60.10
N PHE A 145 9.34 -6.22 -58.86
CA PHE A 145 8.85 -7.44 -58.23
C PHE A 145 7.75 -7.17 -57.24
N ARG A 146 7.11 -6.02 -57.34
CA ARG A 146 5.98 -5.72 -56.47
C ARG A 146 4.72 -6.43 -56.92
N PRO A 147 3.98 -7.01 -55.96
CA PRO A 147 2.74 -7.71 -56.28
C PRO A 147 1.67 -6.74 -56.76
N ARG A 148 0.77 -7.24 -57.62
CA ARG A 148 -0.31 -6.44 -58.19
C ARG A 148 -1.03 -5.51 -57.22
N LEU A 152 -1.14 -0.23 -54.47
CA LEU A 152 -0.03 -0.38 -53.56
C LEU A 152 1.07 0.62 -53.89
N GLU A 153 2.27 0.45 -53.29
CA GLU A 153 3.54 1.10 -53.70
C GLU A 153 4.72 1.20 -52.71
N PRO A 154 4.63 2.12 -51.72
CA PRO A 154 5.69 3.11 -51.47
C PRO A 154 7.02 2.72 -52.11
N CYS A 155 7.97 2.29 -51.28
CA CYS A 155 8.87 1.16 -51.57
C CYS A 155 10.24 1.23 -50.89
N SER A 156 11.20 1.91 -51.51
CA SER A 156 12.60 1.54 -51.30
C SER A 156 13.65 2.62 -51.51
N CYS A 157 14.43 2.92 -50.49
CA CYS A 157 15.41 3.99 -50.61
C CYS A 157 16.78 3.49 -51.10
N CYS A 158 17.02 2.19 -50.90
CA CYS A 158 18.39 1.69 -50.77
C CYS A 158 18.66 0.38 -51.46
N PHE A 159 19.87 0.25 -52.00
CA PHE A 159 20.14 -0.87 -52.88
C PHE A 159 20.49 -2.14 -52.12
N ARG A 160 19.55 -3.07 -52.16
CA ARG A 160 19.74 -4.40 -51.64
C ARG A 160 20.77 -5.11 -52.50
N THR A 161 21.75 -5.77 -51.90
CA THR A 161 22.77 -6.44 -52.70
C THR A 161 22.27 -7.70 -53.37
N GLY A 162 21.06 -8.11 -53.04
CA GLY A 162 20.47 -9.25 -53.70
C GLY A 162 19.43 -8.88 -54.75
N ALA A 163 19.33 -7.60 -55.06
CA ALA A 163 18.36 -7.12 -56.03
C ALA A 163 18.95 -7.15 -57.43
N ILE A 164 18.31 -7.86 -58.36
CA ILE A 164 18.77 -7.92 -59.75
C ILE A 164 18.63 -6.57 -60.46
N ALA A 165 17.59 -5.82 -60.13
CA ALA A 165 17.15 -4.68 -60.92
C ALA A 165 16.83 -3.49 -60.05
N ARG A 166 16.74 -2.32 -60.66
CA ARG A 166 16.14 -1.16 -60.01
C ARG A 166 15.05 -0.63 -60.94
N VAL A 167 14.08 0.07 -60.35
CA VAL A 167 13.02 0.68 -61.11
C VAL A 167 13.26 2.17 -61.30
N VAL A 168 13.46 2.57 -62.55
CA VAL A 168 13.55 3.98 -62.90
C VAL A 168 12.71 4.28 -64.14
N ASP A 169 12.11 5.46 -64.16
CA ASP A 169 11.23 5.86 -65.25
C ASP A 169 11.57 7.25 -65.78
N GLY A 170 11.44 7.40 -67.10
CA GLY A 170 11.57 8.71 -67.71
C GLY A 170 12.97 9.00 -68.15
N VAL A 171 13.11 10.03 -68.96
CA VAL A 171 14.35 10.30 -69.66
C VAL A 171 15.43 10.76 -68.70
N GLU A 172 15.11 11.75 -67.88
CA GLU A 172 16.09 12.23 -66.91
C GLU A 172 16.41 11.17 -65.87
N GLY A 173 15.38 10.38 -65.52
CA GLY A 173 15.51 9.26 -64.60
C GLY A 173 16.51 8.21 -65.04
N VAL A 174 16.31 7.71 -66.25
CA VAL A 174 17.19 6.69 -66.79
C VAL A 174 18.58 7.22 -67.09
N ARG A 175 18.64 8.48 -67.53
CA ARG A 175 19.93 9.13 -67.76
C ARG A 175 20.75 9.11 -66.51
N LEU A 176 20.18 9.60 -65.42
CA LEU A 176 20.84 9.60 -64.11
C LEU A 176 21.17 8.18 -63.70
N ALA A 177 20.24 7.26 -63.93
CA ALA A 177 20.45 5.88 -63.52
C ALA A 177 21.71 5.27 -64.15
N VAL A 178 21.89 5.53 -65.45
CA VAL A 178 23.07 5.10 -66.16
C VAL A 178 24.35 5.78 -65.61
N ARG A 179 24.33 7.11 -65.49
CA ARG A 179 25.52 7.78 -64.95
C ARG A 179 25.94 7.26 -63.57
N GLU A 180 24.95 6.96 -62.73
CA GLU A 180 25.20 6.31 -61.47
C GLU A 180 25.84 4.94 -61.62
N GLU A 181 25.20 4.08 -62.41
CA GLU A 181 25.69 2.70 -62.58
C GLU A 181 27.12 2.63 -63.11
N ILE A 182 27.48 3.61 -63.93
CA ILE A 182 28.82 3.67 -64.49
C ILE A 182 29.81 4.25 -63.49
N GLN A 183 29.41 5.28 -62.76
CA GLN A 183 30.18 5.73 -61.62
C GLN A 183 30.50 4.59 -60.64
N LYS A 184 29.52 3.73 -60.37
CA LYS A 184 29.76 2.58 -59.51
C LYS A 184 30.57 1.51 -60.21
N GLY A 185 30.77 1.70 -61.51
CA GLY A 185 31.74 0.89 -62.24
C GLY A 185 31.16 -0.33 -62.91
N ALA A 186 29.92 -0.23 -63.38
CA ALA A 186 29.46 -1.15 -64.44
C ALA A 186 30.40 -1.16 -65.63
N THR A 187 30.54 -2.32 -66.25
CA THR A 187 31.24 -2.40 -67.55
C THR A 187 30.27 -2.26 -68.73
N GLN A 188 29.00 -2.59 -68.53
CA GLN A 188 27.93 -2.36 -69.52
C GLN A 188 26.60 -2.18 -68.83
N ILE A 189 25.56 -1.90 -69.61
CA ILE A 189 24.26 -1.52 -69.07
C ILE A 189 23.19 -2.52 -69.47
N LYS A 190 22.45 -3.03 -68.49
CA LYS A 190 21.30 -3.91 -68.76
C LYS A 190 20.01 -3.15 -68.63
N ILE A 191 19.11 -3.32 -69.59
CA ILE A 191 17.76 -2.84 -69.43
C ILE A 191 16.75 -3.94 -69.74
N MET A 192 15.54 -3.79 -69.21
CA MET A 192 14.43 -4.68 -69.55
C MET A 192 13.56 -3.97 -70.57
N ALA A 193 13.43 -4.55 -71.78
CA ALA A 193 12.77 -3.87 -72.89
C ALA A 193 11.45 -4.52 -73.25
N SER A 194 11.06 -5.50 -72.46
CA SER A 194 9.87 -6.28 -72.73
C SER A 194 9.46 -7.02 -71.48
N GLY A 195 8.24 -7.53 -71.48
CA GLY A 195 7.79 -8.46 -70.46
C GLY A 195 8.70 -9.67 -70.37
N GLY A 196 8.56 -10.45 -69.31
CA GLY A 196 9.36 -11.64 -69.16
C GLY A 196 8.61 -12.79 -68.54
N VAL A 197 9.33 -13.56 -67.73
CA VAL A 197 8.81 -14.81 -67.16
C VAL A 197 8.85 -14.72 -65.63
N ALA A 198 9.97 -14.22 -65.10
CA ALA A 198 10.25 -14.25 -63.66
C ALA A 198 9.68 -13.06 -62.86
N SER A 199 8.90 -12.20 -63.51
CA SER A 199 8.29 -11.03 -62.86
C SER A 199 6.77 -11.16 -62.76
N PRO A 200 6.16 -10.62 -61.68
CA PRO A 200 4.75 -10.90 -61.38
C PRO A 200 3.70 -10.37 -62.37
N THR A 201 3.90 -9.14 -62.84
CA THR A 201 2.78 -8.38 -63.39
C THR A 201 2.78 -8.21 -64.90
N ASP A 202 3.92 -8.48 -65.55
CA ASP A 202 4.06 -8.22 -66.99
C ASP A 202 3.94 -9.47 -67.84
N PRO A 203 2.90 -9.53 -68.69
CA PRO A 203 2.87 -10.49 -69.78
C PRO A 203 3.99 -10.26 -70.81
N ILE A 204 4.47 -11.36 -71.37
CA ILE A 204 5.71 -11.38 -72.13
C ILE A 204 5.60 -10.61 -73.44
N ALA A 205 4.37 -10.51 -73.94
CA ALA A 205 4.07 -9.94 -75.25
C ALA A 205 4.34 -8.44 -75.33
N ASN A 206 4.10 -7.71 -74.26
CA ASN A 206 4.19 -6.27 -74.32
C ASN A 206 5.56 -5.67 -74.02
N THR A 207 5.79 -4.47 -74.54
CA THR A 207 7.11 -3.82 -74.52
C THR A 207 7.31 -2.98 -73.27
N GLN A 208 8.56 -2.62 -72.99
CA GLN A 208 8.87 -1.80 -71.84
C GLN A 208 9.82 -0.67 -72.20
N TYR A 209 9.70 0.45 -71.49
CA TYR A 209 10.39 1.70 -71.81
C TYR A 209 9.92 2.31 -73.12
N SER A 210 9.87 3.64 -73.14
CA SER A 210 9.64 4.40 -74.37
C SER A 210 10.90 4.41 -75.22
N GLU A 211 10.76 4.75 -76.49
CA GLU A 211 11.93 4.84 -77.36
C GLU A 211 12.84 5.98 -76.89
N ASP A 212 12.24 6.96 -76.25
CA ASP A 212 12.98 8.10 -75.71
C ASP A 212 13.90 7.69 -74.58
N GLU A 213 13.38 6.85 -73.69
CA GLU A 213 14.16 6.37 -72.56
C GLU A 213 15.30 5.52 -73.07
N ILE A 214 14.98 4.49 -73.85
CA ILE A 214 16.01 3.63 -74.41
C ILE A 214 17.09 4.39 -75.16
N ARG A 215 16.69 5.31 -76.05
CA ARG A 215 17.67 6.16 -76.69
C ARG A 215 18.58 6.89 -75.71
N ALA A 216 17.99 7.51 -74.68
CA ALA A 216 18.77 8.25 -73.69
C ALA A 216 19.78 7.32 -73.03
N ILE A 217 19.31 6.11 -72.71
CA ILE A 217 20.12 5.08 -72.05
C ILE A 217 21.31 4.65 -72.89
N VAL A 218 21.05 4.40 -74.17
CA VAL A 218 22.09 4.01 -75.12
C VAL A 218 23.11 5.12 -75.25
N ASP A 219 22.63 6.35 -75.31
CA ASP A 219 23.54 7.48 -75.47
C ASP A 219 24.50 7.55 -74.31
N GLU A 220 23.97 7.54 -73.09
CA GLU A 220 24.81 7.62 -71.91
C GLU A 220 25.78 6.44 -71.81
N ALA A 221 25.35 5.27 -72.26
CA ALA A 221 26.28 4.14 -72.40
C ALA A 221 27.43 4.45 -73.35
N GLU A 222 27.10 4.93 -74.55
CA GLU A 222 28.10 5.20 -75.58
C GLU A 222 29.02 6.32 -75.15
N ALA A 223 28.47 7.32 -74.49
CA ALA A 223 29.30 8.36 -73.86
C ALA A 223 30.31 7.82 -72.84
N ALA A 224 30.11 6.62 -72.31
CA ALA A 224 31.08 6.04 -71.38
C ALA A 224 31.86 4.92 -72.05
N ASN A 225 31.84 4.93 -73.37
CA ASN A 225 32.58 3.93 -74.15
C ASN A 225 32.23 2.49 -73.78
N THR A 226 30.93 2.25 -73.65
CA THR A 226 30.37 0.90 -73.53
C THR A 226 29.00 0.85 -74.25
N TYR A 227 28.22 -0.21 -74.03
CA TYR A 227 27.00 -0.48 -74.75
C TYR A 227 25.81 -0.87 -73.85
N VAL A 228 24.66 -1.13 -74.47
CA VAL A 228 23.48 -1.55 -73.74
C VAL A 228 23.09 -2.98 -74.12
N MET A 229 22.83 -3.81 -73.11
CA MET A 229 22.26 -5.15 -73.32
C MET A 229 20.81 -5.14 -72.90
N ALA A 230 19.95 -5.71 -73.74
CA ALA A 230 18.53 -5.57 -73.55
C ALA A 230 17.78 -6.91 -73.56
N HIS A 231 16.99 -7.13 -72.51
CA HIS A 231 16.11 -8.27 -72.38
C HIS A 231 14.83 -8.04 -73.20
N ALA A 232 14.60 -8.87 -74.23
CA ALA A 232 13.41 -8.74 -75.10
C ALA A 232 13.01 -10.04 -75.80
N TYR A 233 11.71 -10.33 -75.83
CA TYR A 233 11.25 -11.60 -76.37
C TYR A 233 10.74 -11.49 -77.80
N THR A 234 9.73 -10.64 -78.02
CA THR A 234 9.04 -10.64 -79.29
C THR A 234 9.79 -9.84 -80.35
N GLY A 235 9.55 -10.16 -81.62
CA GLY A 235 10.15 -9.47 -82.75
C GLY A 235 9.84 -7.99 -82.79
N ARG A 236 8.64 -7.62 -82.34
CA ARG A 236 8.26 -6.21 -82.19
C ARG A 236 9.10 -5.50 -81.11
N ALA A 237 9.23 -6.14 -79.94
CA ALA A 237 10.04 -5.62 -78.83
C ALA A 237 11.50 -5.55 -79.22
N ILE A 238 11.98 -6.55 -79.94
CA ILE A 238 13.37 -6.59 -80.39
C ILE A 238 13.65 -5.47 -81.39
N ALA A 239 12.79 -5.38 -82.41
CA ALA A 239 13.04 -4.45 -83.51
C ALA A 239 13.22 -3.05 -82.97
N ARG A 240 12.32 -2.62 -82.08
CA ARG A 240 12.38 -1.26 -81.55
C ARG A 240 13.67 -1.04 -80.77
N ALA A 241 14.08 -2.02 -79.98
CA ALA A 241 15.27 -1.84 -79.15
C ALA A 241 16.50 -1.68 -80.03
N VAL A 242 16.58 -2.49 -81.08
CA VAL A 242 17.71 -2.42 -82.01
C VAL A 242 17.78 -1.09 -82.79
N ARG A 243 16.62 -0.52 -83.10
CA ARG A 243 16.57 0.77 -83.79
C ARG A 243 17.01 1.88 -82.87
N CYS A 244 16.83 1.67 -81.57
CA CYS A 244 17.28 2.65 -80.58
C CYS A 244 18.77 2.49 -80.29
N GLY A 245 19.37 1.42 -80.79
CA GLY A 245 20.82 1.29 -80.78
C GLY A 245 21.36 0.45 -79.64
N VAL A 246 20.56 -0.51 -79.17
CA VAL A 246 21.09 -1.45 -78.21
C VAL A 246 21.90 -2.44 -79.01
N ARG A 247 22.88 -3.06 -78.35
CA ARG A 247 23.93 -3.80 -79.04
C ARG A 247 23.73 -5.30 -78.93
N THR A 248 23.37 -5.78 -77.75
CA THR A 248 23.05 -7.19 -77.61
C THR A 248 21.60 -7.39 -77.13
N ILE A 249 21.01 -8.51 -77.53
CA ILE A 249 19.64 -8.83 -77.18
C ILE A 249 19.63 -10.12 -76.37
N GLU A 250 19.07 -10.07 -75.17
CA GLU A 250 19.04 -11.25 -74.32
C GLU A 250 17.77 -12.05 -74.59
N HIS A 251 17.91 -13.38 -74.56
CA HIS A 251 16.81 -14.33 -74.80
C HIS A 251 16.41 -14.36 -76.27
N GLY A 252 15.53 -13.46 -76.67
CA GLY A 252 15.23 -13.28 -78.09
C GLY A 252 14.33 -14.37 -78.65
N ASN A 253 13.65 -15.08 -77.75
CA ASN A 253 12.97 -16.34 -78.08
C ASN A 253 11.89 -16.27 -79.13
N LEU A 254 11.29 -15.10 -79.33
CA LEU A 254 10.18 -14.99 -80.28
C LEU A 254 10.41 -13.99 -81.40
N VAL A 255 11.59 -14.03 -82.01
CA VAL A 255 11.85 -13.25 -83.22
C VAL A 255 11.04 -13.74 -84.40
N ASP A 256 10.71 -12.81 -85.29
CA ASP A 256 10.45 -13.13 -86.69
C ASP A 256 11.72 -12.81 -87.50
N GLU A 257 11.76 -13.23 -88.76
CA GLU A 257 12.95 -13.02 -89.59
C GLU A 257 13.15 -11.57 -90.00
N ALA A 258 12.08 -10.79 -90.00
CA ALA A 258 12.16 -9.36 -90.31
C ALA A 258 13.01 -8.65 -89.26
N ALA A 259 12.74 -8.95 -87.99
CA ALA A 259 13.53 -8.45 -86.88
C ALA A 259 14.97 -8.95 -86.94
N ALA A 260 15.12 -10.27 -87.09
CA ALA A 260 16.43 -10.88 -87.30
C ALA A 260 17.28 -10.18 -88.39
N LYS A 261 16.66 -9.90 -89.53
CA LYS A 261 17.31 -9.22 -90.65
C LYS A 261 17.83 -7.86 -90.22
N LEU A 262 17.02 -7.15 -89.46
CA LEU A 262 17.35 -5.81 -88.98
C LEU A 262 18.49 -5.88 -87.96
N MET A 263 18.50 -6.96 -87.19
CA MET A 263 19.53 -7.18 -86.20
C MET A 263 20.87 -7.42 -86.91
N HIS A 264 20.85 -8.26 -87.92
CA HIS A 264 22.03 -8.47 -88.75
C HIS A 264 22.52 -7.15 -89.34
N GLU A 265 21.58 -6.40 -89.90
CA GLU A 265 21.90 -5.15 -90.57
C GLU A 265 22.58 -4.16 -89.64
N HIS A 266 22.09 -4.06 -88.41
CA HIS A 266 22.64 -3.12 -87.44
C HIS A 266 23.94 -3.61 -86.78
N GLY A 267 24.23 -4.90 -86.94
CA GLY A 267 25.42 -5.48 -86.31
C GLY A 267 25.20 -5.72 -84.84
N ALA A 268 23.98 -6.13 -84.49
CA ALA A 268 23.61 -6.44 -83.13
C ALA A 268 23.71 -7.94 -82.85
N PHE A 269 24.19 -8.30 -81.66
CA PHE A 269 24.30 -9.70 -81.27
C PHE A 269 23.00 -10.24 -80.68
N VAL A 270 22.97 -11.54 -80.40
CA VAL A 270 21.91 -12.17 -79.62
C VAL A 270 22.51 -13.08 -78.57
N VAL A 271 21.96 -13.09 -77.37
CA VAL A 271 22.36 -14.09 -76.41
C VAL A 271 21.13 -14.86 -75.97
N PRO A 272 20.85 -15.98 -76.64
CA PRO A 272 19.79 -16.89 -76.21
C PRO A 272 20.18 -17.55 -74.89
N THR A 273 19.19 -17.98 -74.11
CA THR A 273 19.45 -18.64 -72.82
C THR A 273 18.54 -19.87 -72.63
N LEU A 274 18.57 -20.78 -73.59
CA LEU A 274 17.59 -21.86 -73.68
C LEU A 274 17.54 -22.83 -72.49
N VAL A 275 18.70 -23.11 -71.89
CA VAL A 275 18.77 -24.05 -70.77
C VAL A 275 17.90 -23.65 -69.56
N THR A 276 17.68 -22.35 -69.37
CA THR A 276 16.92 -21.88 -68.22
C THR A 276 15.44 -22.24 -68.31
N TYR A 277 14.91 -22.34 -69.52
CA TYR A 277 13.52 -22.64 -69.70
C TYR A 277 13.24 -24.12 -69.53
N ASP A 278 14.22 -24.96 -69.86
CA ASP A 278 14.12 -26.40 -69.61
C ASP A 278 14.19 -26.68 -68.11
N ALA A 279 15.08 -25.98 -67.42
CA ALA A 279 15.21 -26.10 -65.98
C ALA A 279 13.93 -25.65 -65.27
N LEU A 280 13.35 -24.54 -65.74
CA LEU A 280 12.10 -24.02 -65.17
C LEU A 280 10.88 -24.86 -65.58
N ALA A 281 11.03 -25.62 -66.65
CA ALA A 281 10.03 -26.62 -67.03
C ALA A 281 9.94 -27.74 -66.00
N LYS A 282 11.07 -28.36 -65.68
CA LYS A 282 11.11 -29.48 -64.73
C LYS A 282 10.87 -29.03 -63.28
N HIS A 283 11.64 -28.04 -62.84
CA HIS A 283 11.73 -27.75 -61.42
C HIS A 283 11.26 -26.31 -61.13
N GLY A 284 10.24 -25.87 -61.84
CA GLY A 284 9.78 -24.47 -61.77
C GLY A 284 9.12 -24.10 -60.46
N ALA A 285 7.86 -24.46 -60.31
CA ALA A 285 7.11 -24.23 -59.07
C ALA A 285 7.73 -25.04 -57.93
N GLU A 286 8.54 -26.02 -58.29
CA GLU A 286 9.21 -26.89 -57.33
C GLU A 286 10.25 -26.15 -56.51
N PHE A 287 11.05 -25.30 -57.15
CA PHE A 287 12.11 -24.57 -56.46
C PHE A 287 11.71 -23.18 -55.98
N GLY A 288 10.40 -22.95 -55.90
CA GLY A 288 9.86 -21.78 -55.19
C GLY A 288 9.62 -20.54 -56.04
N MET A 289 9.61 -20.69 -57.36
CA MET A 289 9.20 -19.62 -58.26
C MET A 289 7.68 -19.56 -58.42
N PRO A 290 7.07 -18.40 -58.13
CA PRO A 290 5.62 -18.16 -58.08
C PRO A 290 4.85 -18.84 -59.22
N PRO A 291 3.66 -19.39 -58.91
CA PRO A 291 2.88 -20.25 -59.81
C PRO A 291 2.50 -19.64 -61.17
N GLU A 292 2.32 -18.33 -61.25
CA GLU A 292 1.94 -17.66 -62.50
C GLU A 292 3.15 -17.23 -63.36
N SER A 293 4.34 -17.40 -62.80
CA SER A 293 5.59 -17.24 -63.54
C SER A 293 5.89 -18.51 -64.33
N VAL A 294 5.60 -19.67 -63.72
CA VAL A 294 5.75 -20.98 -64.37
C VAL A 294 4.67 -21.20 -65.45
N ALA A 295 3.58 -20.44 -65.35
CA ALA A 295 2.57 -20.41 -66.41
C ALA A 295 3.15 -19.77 -67.68
N LYS A 296 4.02 -18.79 -67.50
CA LYS A 296 4.60 -18.05 -68.61
C LYS A 296 5.77 -18.75 -69.30
N VAL A 297 6.31 -19.78 -68.67
CA VAL A 297 7.50 -20.47 -69.19
C VAL A 297 7.16 -21.51 -70.28
N ALA A 298 5.89 -21.90 -70.33
CA ALA A 298 5.42 -22.90 -71.29
C ALA A 298 5.68 -22.43 -72.71
N SER A 299 5.41 -21.16 -72.99
CA SER A 299 5.37 -20.64 -74.35
C SER A 299 6.75 -20.38 -74.97
N VAL A 300 7.69 -19.90 -74.16
CA VAL A 300 8.94 -19.37 -74.70
C VAL A 300 9.91 -20.43 -75.15
N GLN A 301 9.87 -21.59 -74.52
CA GLN A 301 10.78 -22.70 -74.85
C GLN A 301 10.46 -23.32 -76.19
N GLN A 302 9.17 -23.28 -76.56
CA GLN A 302 8.67 -23.75 -77.84
C GLN A 302 9.52 -23.22 -78.98
N LYS A 303 9.32 -21.93 -79.27
CA LYS A 303 10.03 -21.28 -80.34
C LYS A 303 11.53 -21.13 -80.06
N GLY A 304 11.98 -21.57 -78.89
CA GLY A 304 13.34 -21.33 -78.44
C GLY A 304 14.41 -21.98 -79.31
N ARG A 305 14.28 -23.30 -79.49
CA ARG A 305 15.16 -24.01 -80.39
C ARG A 305 14.98 -23.52 -81.84
N GLU A 306 13.74 -23.24 -82.22
CA GLU A 306 13.40 -22.76 -83.56
C GLU A 306 14.05 -21.41 -83.91
N SER A 307 14.06 -20.49 -82.95
CA SER A 307 14.66 -19.17 -83.14
C SER A 307 16.14 -19.24 -83.54
N LEU A 308 16.86 -20.20 -82.96
CA LEU A 308 18.29 -20.37 -83.20
C LEU A 308 18.60 -20.49 -84.67
N GLU A 309 17.78 -21.27 -85.36
CA GLU A 309 17.81 -21.34 -86.81
C GLU A 309 17.62 -19.97 -87.49
N ILE A 310 16.60 -19.24 -87.07
CA ILE A 310 16.30 -17.93 -87.68
C ILE A 310 17.48 -16.97 -87.60
N TYR A 311 18.13 -16.91 -86.44
CA TYR A 311 19.28 -16.04 -86.23
C TYR A 311 20.43 -16.45 -87.10
N ALA A 312 20.68 -17.76 -87.14
CA ALA A 312 21.67 -18.34 -88.03
C ALA A 312 21.42 -17.96 -89.49
N ASN A 313 20.19 -18.17 -89.96
CA ASN A 313 19.78 -17.78 -91.30
C ASN A 313 20.00 -16.32 -91.62
N ALA A 314 19.61 -15.44 -90.70
CA ALA A 314 19.75 -14.00 -90.91
C ALA A 314 21.20 -13.57 -90.79
N GLY A 315 22.03 -14.45 -90.23
CA GLY A 315 23.44 -14.15 -90.03
C GLY A 315 23.66 -13.21 -88.86
N VAL A 316 22.98 -13.49 -87.75
CA VAL A 316 23.12 -12.72 -86.52
C VAL A 316 23.99 -13.49 -85.53
N LYS A 317 25.11 -12.88 -85.15
CA LYS A 317 26.00 -13.46 -84.14
C LYS A 317 25.28 -13.86 -82.83
N MET A 318 25.55 -15.08 -82.37
CA MET A 318 24.98 -15.58 -81.13
C MET A 318 26.10 -15.84 -80.12
N GLY A 319 25.86 -15.45 -78.87
CA GLY A 319 26.78 -15.77 -77.79
C GLY A 319 26.16 -16.73 -76.80
N PHE A 320 26.94 -17.18 -75.83
CA PHE A 320 26.52 -18.18 -74.88
C PHE A 320 25.85 -17.55 -73.65
N GLY A 321 24.66 -18.02 -73.28
CA GLY A 321 23.97 -17.52 -72.09
C GLY A 321 23.22 -18.58 -71.30
N SER A 322 23.29 -18.50 -69.97
CA SER A 322 22.58 -19.47 -69.12
CA SER A 322 22.59 -19.48 -69.13
C SER A 322 21.34 -18.95 -68.42
N ASP A 323 21.47 -17.80 -67.77
CA ASP A 323 20.37 -17.15 -67.05
C ASP A 323 19.76 -18.08 -65.99
N LEU A 324 20.55 -18.99 -65.43
CA LEU A 324 20.04 -19.93 -64.44
C LEU A 324 19.96 -19.33 -63.05
N LEU A 325 18.90 -19.65 -62.32
CA LEU A 325 18.65 -19.12 -60.99
C LEU A 325 18.72 -20.19 -59.91
N GLY A 326 19.23 -19.82 -58.74
CA GLY A 326 19.17 -20.69 -57.56
C GLY A 326 19.92 -21.99 -57.77
N GLU A 327 19.30 -23.10 -57.38
CA GLU A 327 19.97 -24.39 -57.45
C GLU A 327 20.02 -24.94 -58.86
N MET A 328 19.23 -24.37 -59.76
CA MET A 328 19.31 -24.71 -61.19
C MET A 328 20.60 -24.20 -61.85
N HIS A 329 21.50 -23.62 -61.07
CA HIS A 329 22.78 -23.15 -61.59
C HIS A 329 23.62 -24.29 -62.11
N ALA A 330 23.52 -25.43 -61.42
CA ALA A 330 24.21 -26.65 -61.81
C ALA A 330 24.11 -26.98 -63.30
N PHE A 331 23.04 -26.55 -63.97
CA PHE A 331 22.73 -26.97 -65.33
C PHE A 331 23.43 -26.15 -66.40
N GLN A 332 24.40 -25.34 -65.98
CA GLN A 332 25.01 -24.30 -66.81
C GLN A 332 25.56 -24.80 -68.14
N SER A 333 26.24 -25.95 -68.12
CA SER A 333 26.98 -26.37 -69.30
C SER A 333 26.08 -27.04 -70.32
N GLY A 334 24.87 -27.41 -69.89
CA GLY A 334 23.90 -28.09 -70.73
C GLY A 334 23.48 -27.28 -71.94
N GLU A 335 23.70 -25.98 -71.88
CA GLU A 335 23.38 -25.08 -73.00
C GLU A 335 24.23 -25.37 -74.23
N PHE A 336 25.44 -25.89 -74.00
CA PHE A 336 26.30 -26.38 -75.08
C PHE A 336 25.62 -27.45 -75.92
N ARG A 337 25.12 -28.47 -75.25
CA ARG A 337 24.46 -29.58 -75.91
C ARG A 337 23.22 -29.08 -76.65
N ILE A 338 22.47 -28.18 -76.02
CA ILE A 338 21.25 -27.66 -76.62
C ILE A 338 21.53 -26.92 -77.93
N ARG A 339 22.60 -26.13 -77.95
CA ARG A 339 22.96 -25.42 -79.17
C ARG A 339 23.60 -26.33 -80.21
N ALA A 340 24.33 -27.34 -79.75
CA ALA A 340 25.00 -28.28 -80.64
C ALA A 340 23.98 -29.09 -81.41
N GLU A 341 22.85 -29.35 -80.77
CA GLU A 341 21.79 -30.13 -81.39
C GLU A 341 21.18 -29.41 -82.58
N VAL A 342 21.28 -28.08 -82.62
CA VAL A 342 20.62 -27.31 -83.67
C VAL A 342 21.60 -26.76 -84.69
N LEU A 343 22.63 -26.09 -84.22
CA LEU A 343 23.74 -25.67 -85.08
C LEU A 343 24.88 -26.64 -84.80
N GLY A 344 25.98 -26.58 -85.52
CA GLY A 344 27.03 -27.58 -85.31
C GLY A 344 27.71 -27.34 -83.98
N ASN A 345 28.29 -28.37 -83.37
CA ASN A 345 29.04 -28.12 -82.13
C ASN A 345 30.31 -27.25 -82.26
N LEU A 346 30.74 -26.99 -83.49
CA LEU A 346 31.71 -25.93 -83.72
C LEU A 346 31.07 -24.62 -83.32
N GLU A 347 29.87 -24.37 -83.86
CA GLU A 347 29.17 -23.12 -83.60
CA GLU A 347 29.20 -23.11 -83.60
C GLU A 347 28.85 -22.98 -82.12
N ALA A 348 28.53 -24.09 -81.48
CA ALA A 348 28.23 -24.11 -80.05
C ALA A 348 29.44 -23.73 -79.19
N LEU A 349 30.63 -24.10 -79.63
CA LEU A 349 31.85 -23.68 -78.94
C LEU A 349 32.24 -22.25 -79.30
N ARG A 350 31.93 -21.84 -80.52
CA ARG A 350 32.16 -20.47 -80.95
C ARG A 350 31.40 -19.45 -80.11
N SER A 351 30.19 -19.80 -79.68
CA SER A 351 29.33 -18.90 -78.93
CA SER A 351 29.32 -18.90 -78.93
C SER A 351 29.87 -18.60 -77.55
N ALA A 352 30.70 -19.50 -77.04
CA ALA A 352 31.29 -19.39 -75.73
C ALA A 352 32.73 -18.84 -75.78
N THR A 353 33.21 -18.56 -76.97
CA THR A 353 34.62 -18.17 -77.10
C THR A 353 34.78 -16.93 -77.96
N THR A 354 34.87 -17.13 -79.27
CA THR A 354 35.21 -16.04 -80.19
C THR A 354 34.10 -14.99 -80.25
N VAL A 355 32.86 -15.44 -80.33
CA VAL A 355 31.73 -14.51 -80.41
C VAL A 355 31.49 -13.86 -79.06
N ALA A 356 31.66 -14.63 -77.99
CA ALA A 356 31.46 -14.12 -76.65
C ALA A 356 32.47 -13.04 -76.30
N ALA A 357 33.72 -13.26 -76.69
CA ALA A 357 34.77 -12.27 -76.43
C ALA A 357 34.54 -10.95 -77.19
N GLU A 358 33.89 -11.04 -78.34
CA GLU A 358 33.53 -9.86 -79.12
C GLU A 358 32.42 -9.10 -78.41
N ILE A 359 31.44 -9.83 -77.89
CA ILE A 359 30.37 -9.23 -77.10
C ILE A 359 30.90 -8.37 -75.95
N VAL A 360 31.90 -8.86 -75.23
CA VAL A 360 32.43 -8.12 -74.11
C VAL A 360 33.61 -7.27 -74.52
N ASN A 361 33.73 -7.02 -75.82
CA ASN A 361 34.75 -6.12 -76.37
C ASN A 361 36.19 -6.52 -76.14
N MET A 362 36.44 -7.82 -76.07
CA MET A 362 37.77 -8.31 -75.74
C MET A 362 38.27 -9.17 -76.88
N GLN A 363 37.93 -8.76 -78.11
CA GLN A 363 38.37 -9.48 -79.30
CA GLN A 363 38.38 -9.47 -79.31
C GLN A 363 39.90 -9.50 -79.38
N GLY A 364 40.46 -10.71 -79.42
CA GLY A 364 41.92 -10.88 -79.40
C GLY A 364 42.53 -10.99 -78.01
N GLN A 365 41.74 -10.70 -76.99
CA GLN A 365 42.17 -10.73 -75.60
C GLN A 365 41.72 -12.00 -74.89
N LEU A 366 40.48 -12.40 -75.16
CA LEU A 366 39.90 -13.62 -74.60
C LEU A 366 39.28 -14.43 -75.72
N GLY A 367 39.03 -15.72 -75.47
CA GLY A 367 38.25 -16.54 -76.38
C GLY A 367 39.01 -17.04 -77.59
N VAL A 368 40.32 -16.85 -77.56
CA VAL A 368 41.18 -17.38 -78.59
C VAL A 368 42.53 -17.69 -77.96
N ILE A 369 43.08 -18.86 -78.32
CA ILE A 369 44.47 -19.19 -78.04
C ILE A 369 45.37 -18.67 -79.17
N ALA A 370 46.05 -17.57 -78.90
CA ALA A 370 46.90 -16.90 -79.87
C ALA A 370 47.96 -16.12 -79.10
N VAL A 371 49.01 -15.71 -79.80
CA VAL A 371 50.09 -14.98 -79.16
C VAL A 371 49.64 -13.59 -78.74
N GLY A 372 49.82 -13.26 -77.47
CA GLY A 372 49.50 -11.93 -76.97
C GLY A 372 48.19 -11.91 -76.22
N ALA A 373 47.39 -12.96 -76.41
CA ALA A 373 46.10 -13.12 -75.72
C ALA A 373 46.27 -13.49 -74.24
N ILE A 374 45.22 -13.27 -73.46
CA ILE A 374 45.23 -13.60 -72.04
C ILE A 374 45.15 -15.11 -71.86
N ALA A 375 45.94 -15.63 -70.93
CA ALA A 375 46.00 -17.06 -70.68
C ALA A 375 44.78 -17.56 -69.91
N ASP A 376 43.63 -17.56 -70.59
CA ASP A 376 42.41 -18.11 -70.02
C ASP A 376 42.05 -19.41 -70.71
N LEU A 377 42.49 -20.51 -70.12
CA LEU A 377 42.55 -21.79 -70.81
C LEU A 377 41.78 -22.86 -70.05
N VAL A 378 41.20 -23.79 -70.80
CA VAL A 378 40.61 -24.99 -70.26
C VAL A 378 41.29 -26.21 -70.87
N VAL A 379 41.66 -27.17 -70.04
CA VAL A 379 42.18 -28.43 -70.53
C VAL A 379 41.14 -29.54 -70.40
N LEU A 380 40.84 -30.18 -71.52
CA LEU A 380 39.64 -30.98 -71.69
C LEU A 380 40.03 -32.40 -72.04
N ASP A 381 39.38 -33.36 -71.39
CA ASP A 381 39.64 -34.77 -71.66
C ASP A 381 38.73 -35.30 -72.77
N GLY A 382 39.21 -35.22 -74.01
CA GLY A 382 38.42 -35.66 -75.14
C GLY A 382 38.22 -34.51 -76.09
N ASN A 383 37.56 -34.78 -77.21
CA ASN A 383 37.41 -33.80 -78.28
C ASN A 383 35.98 -33.32 -78.46
N PRO A 384 35.72 -32.08 -78.04
CA PRO A 384 34.41 -31.44 -78.09
C PRO A 384 33.91 -31.24 -79.51
N LEU A 385 34.83 -31.18 -80.47
CA LEU A 385 34.48 -30.97 -81.86
C LEU A 385 33.75 -32.19 -82.42
N GLU A 386 33.83 -33.31 -81.73
CA GLU A 386 33.10 -34.52 -82.12
C GLU A 386 32.14 -35.04 -81.08
N ASP A 387 32.51 -34.97 -79.81
CA ASP A 387 31.55 -35.19 -78.75
C ASP A 387 31.36 -33.93 -77.93
N ILE A 388 30.21 -33.29 -78.08
CA ILE A 388 29.87 -32.07 -77.34
C ILE A 388 29.69 -32.34 -75.84
N GLY A 389 29.56 -33.61 -75.48
CA GLY A 389 29.39 -34.02 -74.11
C GLY A 389 30.61 -33.83 -73.23
N VAL A 390 31.78 -33.64 -73.82
CA VAL A 390 32.99 -33.45 -73.03
C VAL A 390 33.00 -32.05 -72.41
N VAL A 391 32.05 -31.23 -72.86
CA VAL A 391 31.90 -29.89 -72.30
C VAL A 391 30.59 -29.74 -71.57
N ALA A 392 29.54 -30.40 -72.07
CA ALA A 392 28.16 -30.17 -71.65
C ALA A 392 27.70 -31.12 -70.56
N ASP A 393 28.64 -31.73 -69.86
CA ASP A 393 28.29 -32.71 -68.83
C ASP A 393 28.57 -32.14 -67.44
N GLU A 394 28.32 -30.85 -67.28
CA GLU A 394 28.91 -30.04 -66.21
C GLU A 394 30.44 -30.16 -66.20
N GLY A 395 31.06 -29.93 -65.04
CA GLY A 395 32.49 -30.12 -64.87
C GLY A 395 32.81 -31.58 -64.61
N ALA A 396 32.48 -32.44 -65.58
CA ALA A 396 32.84 -33.84 -65.52
C ALA A 396 34.22 -34.04 -66.17
N ARG A 397 34.39 -33.50 -67.37
CA ARG A 397 35.51 -33.87 -68.22
C ARG A 397 36.53 -32.74 -68.41
N VAL A 398 36.49 -31.75 -67.52
CA VAL A 398 37.46 -30.67 -67.54
C VAL A 398 38.43 -30.83 -66.37
N GLU A 399 39.71 -31.07 -66.64
CA GLU A 399 40.63 -31.37 -65.56
C GLU A 399 41.66 -30.29 -65.25
N TYR A 400 41.82 -29.31 -66.13
CA TYR A 400 42.56 -28.11 -65.76
C TYR A 400 41.85 -26.84 -66.18
N VAL A 401 41.85 -25.84 -65.30
CA VAL A 401 41.42 -24.48 -65.65
C VAL A 401 42.49 -23.46 -65.31
N LEU A 402 42.95 -22.73 -66.32
CA LEU A 402 43.92 -21.67 -66.10
C LEU A 402 43.26 -20.31 -66.28
N GLN A 403 43.53 -19.40 -65.35
CA GLN A 403 42.97 -18.07 -65.38
C GLN A 403 44.11 -17.08 -65.24
N ARG A 404 44.18 -16.11 -66.15
CA ARG A 404 45.25 -15.12 -66.18
C ARG A 404 46.60 -15.73 -65.80
N GLY A 405 46.97 -16.78 -66.52
CA GLY A 405 48.29 -17.38 -66.37
C GLY A 405 48.34 -18.49 -65.35
N THR A 406 47.75 -18.25 -64.18
CA THR A 406 47.84 -19.21 -63.08
C THR A 406 46.77 -20.30 -63.14
N LEU A 407 47.08 -21.44 -62.52
CA LEU A 407 46.21 -22.61 -62.55
C LEU A 407 45.28 -22.55 -61.35
N VAL A 408 43.98 -22.65 -61.59
CA VAL A 408 43.01 -22.43 -60.53
C VAL A 408 42.18 -23.66 -60.20
N LYS A 409 42.06 -24.59 -61.13
CA LYS A 409 41.36 -25.85 -60.88
C LYS A 409 42.17 -27.04 -61.34
N ARG A 410 42.28 -28.06 -60.48
CA ARG A 410 42.87 -29.35 -60.85
C ARG A 410 41.90 -30.47 -60.48
N GLN A 411 41.40 -31.18 -61.50
CA GLN A 411 40.25 -32.06 -61.31
C GLN A 411 40.49 -33.42 -61.92
N THR B 4 23.46 -40.01 -34.25
CA THR B 4 24.48 -40.87 -33.59
C THR B 4 25.23 -40.11 -32.49
N ILE B 5 26.48 -40.47 -32.26
CA ILE B 5 27.09 -40.33 -30.95
C ILE B 5 28.64 -40.32 -31.00
N THR B 6 29.26 -39.55 -30.11
CA THR B 6 30.70 -39.34 -30.14
C THR B 6 31.33 -39.50 -28.74
N VAL B 7 32.55 -40.03 -28.69
CA VAL B 7 33.30 -40.13 -27.43
C VAL B 7 34.72 -39.59 -27.53
N LEU B 8 35.01 -38.56 -26.73
CA LEU B 8 36.39 -38.16 -26.44
C LEU B 8 36.92 -38.99 -25.29
N GLN B 9 37.80 -39.94 -25.59
CA GLN B 9 38.20 -40.93 -24.61
C GLN B 9 39.52 -40.62 -23.95
N GLY B 10 39.54 -40.68 -22.62
CA GLY B 10 40.78 -40.71 -21.85
C GLY B 10 41.43 -39.35 -21.72
N GLY B 11 40.63 -38.32 -21.93
CA GLY B 11 41.10 -36.95 -21.78
C GLY B 11 41.25 -36.53 -20.33
N ASN B 12 42.00 -35.45 -20.12
CA ASN B 12 42.03 -34.78 -18.84
C ASN B 12 41.08 -33.58 -18.85
N VAL B 13 39.85 -33.82 -18.38
CA VAL B 13 38.79 -32.82 -18.42
C VAL B 13 39.01 -31.72 -17.39
N LEU B 14 39.11 -30.48 -17.87
CA LEU B 14 39.30 -29.33 -17.01
C LEU B 14 38.01 -29.00 -16.32
N ASP B 15 38.01 -29.09 -14.99
CA ASP B 15 36.91 -28.57 -14.20
C ASP B 15 37.27 -27.26 -13.52
N LEU B 16 36.46 -26.24 -13.79
CA LEU B 16 36.87 -24.86 -13.59
C LEU B 16 36.51 -24.30 -12.23
N GLU B 17 35.42 -24.80 -11.64
CA GLU B 17 34.98 -24.33 -10.35
C GLU B 17 35.76 -24.99 -9.22
N ARG B 18 36.45 -26.08 -9.55
CA ARG B 18 37.33 -26.71 -8.59
C ARG B 18 38.78 -26.40 -8.91
N GLY B 19 39.06 -26.20 -10.20
CA GLY B 19 40.37 -25.73 -10.60
C GLY B 19 41.38 -26.86 -10.73
N VAL B 20 40.95 -27.97 -11.33
CA VAL B 20 41.79 -29.14 -11.51
C VAL B 20 41.45 -29.87 -12.80
N LEU B 21 42.46 -30.52 -13.37
CA LEU B 21 42.24 -31.53 -14.40
C LEU B 21 41.69 -32.78 -13.78
N LEU B 22 40.84 -33.46 -14.53
CA LEU B 22 40.37 -34.78 -14.15
C LEU B 22 40.85 -35.81 -15.17
N GLU B 23 41.96 -36.47 -14.87
CA GLU B 23 42.64 -37.33 -15.85
C GLU B 23 41.81 -38.54 -16.28
N HIS B 24 42.05 -38.96 -17.50
CA HIS B 24 41.43 -40.12 -18.07
C HIS B 24 39.99 -40.19 -17.75
N HIS B 25 39.32 -39.06 -17.88
CA HIS B 25 37.88 -38.99 -18.01
C HIS B 25 37.45 -38.94 -19.45
N HIS B 26 36.52 -39.82 -19.79
CA HIS B 26 35.91 -39.83 -21.10
C HIS B 26 34.77 -38.81 -21.07
N VAL B 27 34.46 -38.23 -22.23
CA VAL B 27 33.27 -37.40 -22.37
C VAL B 27 32.44 -37.86 -23.57
N VAL B 28 31.15 -38.08 -23.33
CA VAL B 28 30.24 -38.66 -24.33
C VAL B 28 29.27 -37.62 -24.89
N ILE B 29 29.35 -37.42 -26.21
CA ILE B 29 28.51 -36.47 -26.92
C ILE B 29 27.40 -37.22 -27.64
N ASP B 30 26.16 -36.82 -27.40
CA ASP B 30 25.06 -37.27 -28.26
C ASP B 30 24.32 -36.08 -28.86
N GLY B 31 24.22 -36.07 -30.18
CA GLY B 31 23.75 -34.92 -30.91
C GLY B 31 24.66 -33.75 -30.65
N GLU B 32 24.10 -32.71 -30.04
CA GLU B 32 24.83 -31.49 -29.76
C GLU B 32 25.12 -31.33 -28.27
N ARG B 33 24.74 -32.32 -27.47
CA ARG B 33 24.85 -32.21 -26.01
C ARG B 33 25.78 -33.23 -25.36
N ILE B 34 26.36 -32.85 -24.24
CA ILE B 34 27.20 -33.73 -23.46
C ILE B 34 26.31 -34.58 -22.56
N VAL B 35 26.40 -35.90 -22.73
CA VAL B 35 25.53 -36.83 -21.99
C VAL B 35 26.24 -37.48 -20.81
N GLU B 36 27.55 -37.69 -20.90
CA GLU B 36 28.29 -38.25 -19.78
C GLU B 36 29.71 -37.73 -19.70
N VAL B 37 30.14 -37.39 -18.49
CA VAL B 37 31.56 -37.20 -18.20
C VAL B 37 32.00 -38.14 -17.09
N THR B 38 32.88 -39.08 -17.41
CA THR B 38 33.19 -40.19 -16.50
C THR B 38 34.56 -40.81 -16.77
N ASP B 39 35.13 -41.44 -15.74
CA ASP B 39 36.37 -42.22 -15.90
C ASP B 39 36.10 -43.72 -15.94
N ARG B 40 34.86 -44.09 -16.24
CA ARG B 40 34.52 -45.45 -16.62
C ARG B 40 35.27 -45.90 -17.86
N PRO B 41 35.60 -47.20 -17.93
CA PRO B 41 35.57 -47.84 -19.24
C PRO B 41 34.15 -47.68 -19.78
N VAL B 42 34.04 -47.07 -20.95
CA VAL B 42 32.74 -46.65 -21.44
C VAL B 42 32.31 -47.51 -22.62
N ASP B 43 31.00 -47.63 -22.78
CA ASP B 43 30.41 -48.71 -23.56
C ASP B 43 30.11 -48.31 -25.00
N LEU B 44 31.16 -48.14 -25.81
CA LEU B 44 31.00 -47.54 -27.13
C LEU B 44 30.72 -48.54 -28.25
N PRO B 45 29.44 -48.64 -28.65
CA PRO B 45 29.11 -49.51 -29.78
C PRO B 45 29.42 -48.80 -31.10
N ASN B 46 28.67 -47.74 -31.37
CA ASN B 46 28.76 -47.01 -32.62
C ASN B 46 29.19 -45.56 -32.47
N ALA B 47 30.07 -45.31 -31.50
CA ALA B 47 30.54 -43.98 -31.21
C ALA B 47 31.82 -43.69 -31.97
N GLN B 48 31.90 -42.52 -32.60
CA GLN B 48 33.16 -41.98 -33.10
C GLN B 48 34.13 -41.79 -31.95
N ALA B 49 35.06 -42.73 -31.80
CA ALA B 49 36.11 -42.61 -30.80
C ALA B 49 37.17 -41.66 -31.30
N ILE B 50 37.38 -40.56 -30.58
CA ILE B 50 38.53 -39.72 -30.85
C ILE B 50 39.44 -39.80 -29.64
N ASP B 51 40.69 -40.20 -29.88
CA ASP B 51 41.58 -40.56 -28.80
C ASP B 51 42.26 -39.33 -28.22
N VAL B 52 41.93 -39.00 -26.99
CA VAL B 52 42.44 -37.78 -26.38
C VAL B 52 43.34 -38.09 -25.18
N ARG B 53 44.20 -39.09 -25.33
CA ARG B 53 45.08 -39.52 -24.27
C ARG B 53 46.10 -38.41 -23.94
N GLY B 54 46.22 -38.08 -22.66
CA GLY B 54 47.25 -37.14 -22.20
C GLY B 54 47.14 -35.75 -22.79
N LYS B 55 45.92 -35.32 -23.05
CA LYS B 55 45.68 -34.01 -23.63
C LYS B 55 44.47 -33.40 -22.95
N THR B 56 44.52 -32.09 -22.69
CA THR B 56 43.46 -31.39 -21.96
C THR B 56 42.24 -31.12 -22.84
N VAL B 57 41.09 -31.58 -22.39
CA VAL B 57 39.85 -31.23 -23.04
C VAL B 57 39.09 -30.23 -22.17
N MET B 58 38.83 -29.05 -22.73
CA MET B 58 38.12 -28.01 -22.00
C MET B 58 37.01 -27.39 -22.83
N PRO B 59 36.13 -26.59 -22.20
CA PRO B 59 35.06 -25.94 -22.96
C PRO B 59 35.64 -24.97 -23.96
N GLY B 60 35.00 -24.86 -25.12
CA GLY B 60 35.39 -23.89 -26.13
C GLY B 60 35.27 -22.47 -25.61
N PHE B 61 36.23 -21.63 -25.96
CA PHE B 61 36.33 -20.30 -25.39
C PHE B 61 35.26 -19.36 -25.90
N ILE B 62 34.91 -18.40 -25.06
CA ILE B 62 33.97 -17.38 -25.43
C ILE B 62 34.63 -16.01 -25.39
N ASP B 63 34.56 -15.27 -26.49
CA ASP B 63 35.08 -13.91 -26.50
C ASP B 63 33.93 -12.88 -26.38
N CYS B 64 33.97 -12.05 -25.35
CA CYS B 64 32.84 -11.20 -25.02
C CYS B 64 32.90 -9.83 -25.66
N HIS B 65 33.95 -9.56 -26.42
CA HIS B 65 34.05 -8.32 -27.15
C HIS B 65 34.88 -8.50 -28.40
N VAL B 66 34.21 -8.64 -29.54
CA VAL B 66 34.87 -8.65 -30.84
C VAL B 66 34.14 -7.77 -31.85
N HIS B 67 34.81 -7.38 -32.92
CA HIS B 67 34.13 -6.81 -34.09
C HIS B 67 34.49 -7.66 -35.27
N VAL B 68 33.71 -8.69 -35.50
CA VAL B 68 33.89 -9.60 -36.62
C VAL B 68 34.05 -8.92 -38.00
N LEU B 69 33.38 -7.78 -38.18
CA LEU B 69 33.38 -7.05 -39.43
C LEU B 69 34.42 -5.97 -39.53
N ALA B 70 35.11 -5.67 -38.43
CA ALA B 70 36.25 -4.77 -38.47
C ALA B 70 37.44 -5.39 -39.21
N SER B 71 37.43 -5.29 -40.54
CA SER B 71 38.45 -5.94 -41.34
C SER B 71 39.64 -5.02 -41.58
N ASN B 72 39.48 -3.73 -41.30
CA ASN B 72 40.63 -2.85 -41.20
C ASN B 72 40.56 -1.79 -40.09
N ALA B 73 41.72 -1.31 -39.68
CA ALA B 73 41.91 -0.65 -38.38
C ALA B 73 41.32 0.77 -38.32
N ASN B 74 40.97 1.30 -39.48
CA ASN B 74 40.32 2.60 -39.51
C ASN B 74 38.82 2.40 -39.64
N LEU B 75 38.12 2.53 -38.53
CA LEU B 75 36.71 2.14 -38.48
C LEU B 75 35.85 3.08 -39.32
N GLY B 76 36.34 4.29 -39.50
CA GLY B 76 35.80 5.20 -40.51
C GLY B 76 35.77 4.57 -41.89
N VAL B 77 36.91 4.07 -42.34
CA VAL B 77 37.00 3.60 -43.72
C VAL B 77 36.40 2.20 -43.85
N ASN B 78 36.46 1.47 -42.74
CA ASN B 78 35.77 0.20 -42.64
C ASN B 78 34.28 0.38 -42.90
N ALA B 79 33.71 1.41 -42.29
CA ALA B 79 32.30 1.73 -42.47
C ALA B 79 31.95 2.10 -43.90
N THR B 80 32.90 2.67 -44.62
CA THR B 80 32.60 3.22 -45.93
C THR B 80 32.87 2.21 -47.04
N GLN B 81 33.41 1.04 -46.68
CA GLN B 81 33.75 0.03 -47.67
C GLN B 81 32.48 -0.64 -48.20
N PRO B 82 32.48 -1.02 -49.50
CA PRO B 82 31.29 -1.61 -50.14
C PRO B 82 30.73 -2.81 -49.37
N ASN B 83 29.41 -2.97 -49.40
CA ASN B 83 28.72 -3.94 -48.56
C ASN B 83 29.23 -5.35 -48.73
N ILE B 84 29.27 -5.81 -49.98
CA ILE B 84 29.61 -7.19 -50.26
C ILE B 84 31.07 -7.49 -49.91
N LEU B 85 31.92 -6.47 -50.02
CA LEU B 85 33.32 -6.58 -49.60
C LEU B 85 33.50 -6.63 -48.09
N ALA B 86 32.81 -5.77 -47.37
CA ALA B 86 32.76 -5.87 -45.90
C ALA B 86 32.37 -7.29 -45.46
N ALA B 87 31.37 -7.87 -46.11
CA ALA B 87 30.91 -9.19 -45.73
C ALA B 87 31.98 -10.23 -46.01
N ILE B 88 32.47 -10.25 -47.25
CA ILE B 88 33.49 -11.20 -47.69
C ILE B 88 34.67 -11.22 -46.72
N ARG B 89 35.21 -10.04 -46.42
CA ARG B 89 36.42 -9.89 -45.60
C ARG B 89 36.28 -10.31 -44.13
N SER B 90 35.06 -10.53 -43.66
CA SER B 90 34.85 -11.00 -42.29
C SER B 90 35.04 -12.51 -42.22
N LEU B 91 34.99 -13.15 -43.38
CA LEU B 91 35.02 -14.62 -43.45
C LEU B 91 36.30 -15.28 -42.92
N PRO B 92 37.48 -14.83 -43.38
CA PRO B 92 38.72 -15.26 -42.74
C PRO B 92 38.80 -14.95 -41.24
N ILE B 93 38.35 -13.76 -40.84
CA ILE B 93 38.34 -13.38 -39.43
C ILE B 93 37.58 -14.40 -38.60
N LEU B 94 36.44 -14.82 -39.12
CA LEU B 94 35.59 -15.76 -38.41
C LEU B 94 36.25 -17.10 -38.32
N ASP B 95 36.72 -17.60 -39.47
CA ASP B 95 37.45 -18.86 -39.54
C ASP B 95 38.63 -18.93 -38.56
N ALA B 96 39.47 -17.91 -38.56
CA ALA B 96 40.67 -17.89 -37.75
C ALA B 96 40.35 -17.90 -36.26
N MET B 97 39.26 -17.22 -35.87
CA MET B 97 38.79 -17.20 -34.48
C MET B 97 38.42 -18.61 -33.99
N LEU B 98 37.78 -19.37 -34.87
CA LEU B 98 37.36 -20.72 -34.55
C LEU B 98 38.56 -21.62 -34.37
N SER B 99 39.56 -21.41 -35.21
CA SER B 99 40.78 -22.22 -35.18
CA SER B 99 40.79 -22.21 -35.19
C SER B 99 41.58 -21.97 -33.92
N ARG B 100 41.49 -20.76 -33.37
CA ARG B 100 42.13 -20.45 -32.11
C ARG B 100 41.39 -21.01 -30.89
N GLY B 101 40.24 -21.64 -31.13
CA GLY B 101 39.47 -22.29 -30.07
C GLY B 101 38.23 -21.53 -29.62
N PHE B 102 37.93 -20.42 -30.27
CA PHE B 102 36.80 -19.61 -29.86
C PHE B 102 35.54 -20.13 -30.52
N THR B 103 34.66 -20.73 -29.73
CA THR B 103 33.46 -21.32 -30.27
C THR B 103 32.24 -20.41 -30.16
N SER B 104 32.42 -19.31 -29.44
CA SER B 104 31.36 -18.33 -29.26
C SER B 104 31.99 -16.96 -29.09
N VAL B 105 31.41 -15.98 -29.76
CA VAL B 105 31.82 -14.59 -29.62
C VAL B 105 30.61 -13.68 -29.46
N ARG B 106 30.75 -12.68 -28.61
CA ARG B 106 29.78 -11.61 -28.50
C ARG B 106 30.32 -10.44 -29.30
N ASP B 107 29.70 -10.16 -30.43
CA ASP B 107 30.09 -9.07 -31.29
C ASP B 107 29.55 -7.76 -30.75
N ALA B 108 30.40 -6.75 -30.71
CA ALA B 108 30.09 -5.51 -30.01
C ALA B 108 29.78 -4.39 -31.01
N GLY B 109 29.06 -4.73 -32.07
CA GLY B 109 28.71 -3.73 -33.07
C GLY B 109 29.25 -4.08 -34.45
N GLY B 110 28.34 -4.28 -35.39
CA GLY B 110 28.73 -4.69 -36.73
C GLY B 110 28.01 -5.92 -37.24
N ALA B 111 28.31 -7.08 -36.66
CA ALA B 111 27.61 -8.29 -37.03
C ALA B 111 26.14 -8.25 -36.65
N ASP B 112 25.33 -8.87 -37.49
CA ASP B 112 23.91 -8.87 -37.33
C ASP B 112 23.39 -10.31 -37.30
N TRP B 113 22.08 -10.44 -37.38
CA TRP B 113 21.39 -11.71 -37.26
C TRP B 113 21.69 -12.60 -38.47
N SER B 114 21.93 -11.99 -39.63
CA SER B 114 22.26 -12.74 -40.85
C SER B 114 23.59 -13.49 -40.74
N LEU B 115 24.57 -12.86 -40.10
CA LEU B 115 25.84 -13.52 -39.81
C LEU B 115 25.71 -14.63 -38.80
N MET B 116 24.89 -14.39 -37.77
CA MET B 116 24.57 -15.41 -36.79
C MET B 116 23.97 -16.64 -37.47
N GLN B 117 23.09 -16.40 -38.43
CA GLN B 117 22.42 -17.45 -39.18
C GLN B 117 23.38 -18.21 -40.07
N ALA B 118 24.28 -17.49 -40.72
CA ALA B 118 25.23 -18.10 -41.62
C ALA B 118 26.10 -19.15 -40.93
N VAL B 119 26.51 -18.91 -39.68
CA VAL B 119 27.27 -19.91 -38.98
C VAL B 119 26.38 -21.05 -38.50
N GLU B 120 25.18 -20.72 -38.04
CA GLU B 120 24.32 -21.70 -37.40
C GLU B 120 23.75 -22.69 -38.36
N THR B 121 23.55 -22.28 -39.62
CA THR B 121 23.09 -23.18 -40.65
C THR B 121 24.26 -23.83 -41.35
N GLY B 122 25.48 -23.45 -40.96
CA GLY B 122 26.69 -24.05 -41.51
C GLY B 122 27.06 -23.52 -42.88
N LEU B 123 26.49 -22.38 -43.26
CA LEU B 123 26.82 -21.74 -44.51
C LEU B 123 28.19 -21.12 -44.47
N VAL B 124 28.69 -20.87 -43.26
CA VAL B 124 29.93 -20.14 -43.05
C VAL B 124 30.64 -20.66 -41.80
N SER B 125 31.94 -20.84 -41.89
CA SER B 125 32.68 -21.33 -40.74
C SER B 125 32.99 -20.20 -39.76
N GLY B 126 32.58 -20.39 -38.50
CA GLY B 126 32.99 -19.52 -37.40
C GLY B 126 32.40 -19.90 -36.05
N PRO B 127 32.70 -19.10 -35.02
CA PRO B 127 32.05 -19.19 -33.71
C PRO B 127 30.56 -18.84 -33.81
N ARG B 128 29.75 -19.38 -32.89
CA ARG B 128 28.41 -18.86 -32.70
C ARG B 128 28.51 -17.37 -32.41
N ILE B 129 27.66 -16.57 -33.04
CA ILE B 129 27.67 -15.15 -32.80
C ILE B 129 26.48 -14.69 -31.93
N PHE B 130 26.78 -13.82 -30.98
CA PHE B 130 25.78 -13.08 -30.22
C PHE B 130 25.85 -11.62 -30.63
N PRO B 131 25.04 -11.24 -31.63
CA PRO B 131 25.16 -9.94 -32.28
C PRO B 131 24.51 -8.80 -31.52
N SER B 132 25.15 -7.63 -31.56
CA SER B 132 24.61 -6.40 -31.00
C SER B 132 23.88 -5.61 -32.07
N GLY B 133 23.98 -6.07 -33.30
CA GLY B 133 23.59 -5.27 -34.45
C GLY B 133 24.58 -4.14 -34.63
N LYS B 134 24.12 -2.92 -34.37
CA LYS B 134 25.00 -1.76 -34.40
C LYS B 134 25.04 -1.15 -33.00
N ALA B 135 26.21 -0.65 -32.60
CA ALA B 135 26.36 0.04 -31.34
C ALA B 135 25.60 1.34 -31.39
N LEU B 136 25.02 1.76 -30.27
CA LEU B 136 24.39 3.08 -30.25
C LEU B 136 25.33 4.17 -29.79
N SER B 137 25.36 5.28 -30.52
CA SER B 137 26.25 6.38 -30.21
C SER B 137 25.52 7.69 -30.37
N GLN B 138 25.71 8.60 -29.40
CA GLN B 138 25.24 9.98 -29.54
C GLN B 138 26.00 10.67 -30.66
N THR B 139 25.63 11.91 -30.94
CA THR B 139 26.29 12.67 -31.97
C THR B 139 27.63 13.16 -31.47
N GLY B 140 28.67 12.89 -32.25
CA GLY B 140 30.01 13.26 -31.84
C GLY B 140 30.52 12.29 -30.81
N GLY B 141 29.88 11.13 -30.76
CA GLY B 141 30.24 10.10 -29.79
C GLY B 141 31.27 9.15 -30.39
N HIS B 142 31.65 8.16 -29.59
CA HIS B 142 32.72 7.23 -29.95
C HIS B 142 32.36 6.43 -31.22
N GLY B 143 31.09 6.49 -31.63
CA GLY B 143 30.66 5.83 -32.84
C GLY B 143 30.48 6.78 -34.01
N ASP B 144 30.60 8.07 -33.75
CA ASP B 144 30.49 9.06 -34.81
C ASP B 144 31.84 9.25 -35.50
N PHE B 145 31.93 8.88 -36.77
CA PHE B 145 33.24 8.86 -37.41
C PHE B 145 33.46 10.04 -38.34
N ARG B 146 32.56 11.00 -38.26
CA ARG B 146 32.70 12.21 -39.07
C ARG B 146 33.80 13.12 -38.54
N PRO B 147 34.66 13.61 -39.44
CA PRO B 147 35.75 14.51 -39.09
C PRO B 147 35.22 15.86 -38.58
N ARG B 148 36.07 16.58 -37.87
CA ARG B 148 35.69 17.84 -37.21
C ARG B 148 35.10 18.91 -38.12
N LEU B 152 30.79 21.02 -41.35
CA LEU B 152 30.03 19.95 -41.98
C LEU B 152 28.78 19.57 -41.20
N GLU B 153 28.62 18.26 -40.95
CA GLU B 153 27.52 17.65 -40.20
C GLU B 153 26.39 17.03 -41.04
N PRO B 154 26.73 16.33 -42.17
CA PRO B 154 25.78 15.80 -43.16
C PRO B 154 24.47 15.13 -42.63
N CYS B 155 24.38 13.80 -42.67
CA CYS B 155 23.17 13.07 -42.22
C CYS B 155 23.33 11.53 -42.20
N SER B 156 23.15 10.90 -43.37
CA SER B 156 23.46 9.49 -43.61
C SER B 156 22.22 8.60 -43.70
N CYS B 157 22.35 7.35 -43.25
CA CYS B 157 21.20 6.57 -42.79
C CYS B 157 20.50 5.71 -43.83
N CYS B 158 21.32 5.03 -44.61
CA CYS B 158 21.17 3.59 -44.80
C CYS B 158 22.30 2.85 -44.13
N PHE B 159 22.04 1.64 -43.69
CA PHE B 159 23.01 0.94 -42.87
C PHE B 159 24.05 0.21 -43.70
N ARG B 160 25.26 0.77 -43.70
CA ARG B 160 26.44 0.15 -44.28
C ARG B 160 26.74 -1.12 -43.50
N THR B 161 27.01 -2.21 -44.19
CA THR B 161 27.24 -3.46 -43.50
C THR B 161 28.61 -3.55 -42.86
N GLY B 162 29.46 -2.57 -43.14
CA GLY B 162 30.72 -2.41 -42.42
C GLY B 162 30.70 -1.38 -41.30
N ALA B 163 29.53 -0.86 -40.97
CA ALA B 163 29.45 0.16 -39.92
C ALA B 163 29.29 -0.43 -38.52
N ILE B 164 30.27 -0.15 -37.67
CA ILE B 164 30.26 -0.57 -36.26
C ILE B 164 29.06 -0.01 -35.49
N ALA B 165 28.77 1.26 -35.67
CA ALA B 165 27.77 1.95 -34.85
C ALA B 165 26.77 2.72 -35.69
N ARG B 166 25.73 3.21 -35.03
CA ARG B 166 24.82 4.19 -35.61
C ARG B 166 24.68 5.37 -34.64
N VAL B 167 24.44 6.56 -35.21
CA VAL B 167 24.30 7.76 -34.40
C VAL B 167 22.83 8.04 -34.14
N VAL B 168 22.45 7.97 -32.87
CA VAL B 168 21.11 8.35 -32.46
C VAL B 168 21.15 9.16 -31.17
N ASP B 169 20.32 10.20 -31.15
CA ASP B 169 20.22 11.06 -30.00
C ASP B 169 18.79 11.09 -29.51
N GLY B 170 18.61 11.35 -28.21
CA GLY B 170 17.31 11.66 -27.65
C GLY B 170 16.56 10.44 -27.19
N VAL B 171 15.72 10.62 -26.18
CA VAL B 171 15.16 9.49 -25.47
C VAL B 171 14.31 8.67 -26.43
N GLU B 172 13.44 9.33 -27.18
CA GLU B 172 12.64 8.62 -28.14
C GLU B 172 13.52 8.00 -29.21
N GLY B 173 14.49 8.76 -29.70
CA GLY B 173 15.41 8.25 -30.71
C GLY B 173 16.05 6.96 -30.28
N VAL B 174 16.56 6.93 -29.06
CA VAL B 174 17.26 5.72 -28.62
C VAL B 174 16.27 4.60 -28.38
N ARG B 175 15.05 4.95 -27.97
CA ARG B 175 14.03 3.95 -27.68
C ARG B 175 13.71 3.22 -28.95
N LEU B 176 13.33 4.00 -29.97
CA LEU B 176 13.12 3.49 -31.30
C LEU B 176 14.32 2.66 -31.76
N ALA B 177 15.53 3.21 -31.64
CA ALA B 177 16.73 2.47 -32.07
C ALA B 177 16.89 1.09 -31.46
N VAL B 178 16.60 0.95 -30.17
CA VAL B 178 16.66 -0.35 -29.50
C VAL B 178 15.54 -1.28 -30.01
N ARG B 179 14.31 -0.79 -30.08
CA ARG B 179 13.23 -1.59 -30.67
C ARG B 179 13.55 -2.03 -32.12
N GLU B 180 14.18 -1.18 -32.92
CA GLU B 180 14.65 -1.61 -34.23
C GLU B 180 15.69 -2.67 -34.12
N GLU B 181 16.64 -2.51 -33.20
CA GLU B 181 17.80 -3.43 -33.21
C GLU B 181 17.35 -4.81 -32.77
N ILE B 182 16.47 -4.84 -31.79
CA ILE B 182 15.88 -6.07 -31.31
C ILE B 182 14.97 -6.73 -32.34
N GLN B 183 14.28 -5.93 -33.13
CA GLN B 183 13.48 -6.51 -34.22
C GLN B 183 14.38 -7.21 -35.23
N LYS B 184 15.41 -6.53 -35.71
CA LYS B 184 16.38 -7.15 -36.63
C LYS B 184 17.11 -8.32 -35.98
N GLY B 185 16.94 -8.47 -34.68
CA GLY B 185 17.41 -9.68 -34.00
C GLY B 185 18.77 -9.63 -33.33
N ALA B 186 19.13 -8.46 -32.79
CA ALA B 186 20.19 -8.35 -31.76
C ALA B 186 19.95 -9.23 -30.52
N THR B 187 21.01 -9.77 -29.94
CA THR B 187 20.84 -10.52 -28.70
C THR B 187 20.97 -9.61 -27.49
N GLN B 188 21.87 -8.62 -27.55
CA GLN B 188 22.02 -7.64 -26.48
C GLN B 188 22.32 -6.29 -27.10
N ILE B 189 22.26 -5.23 -26.30
CA ILE B 189 22.39 -3.90 -26.86
C ILE B 189 23.70 -3.24 -26.43
N LYS B 190 24.49 -2.75 -27.39
CA LYS B 190 25.76 -2.05 -27.12
C LYS B 190 25.55 -0.56 -27.29
N ILE B 191 26.10 0.22 -26.37
CA ILE B 191 26.16 1.68 -26.51
C ILE B 191 27.58 2.19 -26.25
N MET B 192 27.80 3.47 -26.55
CA MET B 192 29.03 4.18 -26.20
C MET B 192 28.71 5.21 -25.14
N ALA B 193 29.20 5.01 -23.92
CA ALA B 193 28.82 5.83 -22.78
C ALA B 193 29.94 6.79 -22.39
N SER B 194 30.98 6.81 -23.21
CA SER B 194 32.21 7.53 -22.89
C SER B 194 33.01 7.80 -24.15
N GLY B 195 33.92 8.77 -24.06
CA GLY B 195 34.95 8.97 -25.08
C GLY B 195 35.78 7.72 -25.34
N GLY B 196 36.47 7.69 -26.45
CA GLY B 196 37.18 6.48 -26.84
C GLY B 196 38.50 6.75 -27.51
N VAL B 197 39.03 5.73 -28.16
CA VAL B 197 40.34 5.80 -28.78
C VAL B 197 40.16 5.88 -30.28
N ALA B 198 39.34 4.99 -30.82
CA ALA B 198 39.24 4.80 -32.27
C ALA B 198 38.33 5.79 -33.01
N SER B 199 37.89 6.85 -32.32
CA SER B 199 37.00 7.84 -32.92
C SER B 199 37.68 9.22 -32.95
N PRO B 200 37.36 10.05 -33.97
CA PRO B 200 38.08 11.30 -34.20
C PRO B 200 37.95 12.41 -33.13
N THR B 201 36.73 12.68 -32.67
CA THR B 201 36.42 13.97 -32.04
C THR B 201 36.19 13.94 -30.53
N ASP B 202 36.13 12.75 -29.93
CA ASP B 202 35.85 12.66 -28.50
C ASP B 202 37.09 12.29 -27.69
N PRO B 203 37.54 13.22 -26.83
CA PRO B 203 38.49 12.86 -25.80
C PRO B 203 37.94 11.78 -24.88
N ILE B 204 38.83 10.95 -24.35
CA ILE B 204 38.44 9.78 -23.58
C ILE B 204 37.80 10.11 -22.22
N ALA B 205 38.16 11.24 -21.61
CA ALA B 205 37.73 11.55 -20.25
C ALA B 205 36.27 12.00 -20.10
N ASN B 206 35.63 12.40 -21.19
CA ASN B 206 34.24 12.83 -21.09
C ASN B 206 33.18 11.71 -21.25
N THR B 207 31.98 11.95 -20.71
CA THR B 207 30.89 10.98 -20.76
C THR B 207 30.06 11.13 -22.04
N GLN B 208 29.34 10.09 -22.41
CA GLN B 208 28.38 10.19 -23.51
C GLN B 208 26.97 9.70 -23.14
N TYR B 209 25.95 10.33 -23.72
CA TYR B 209 24.53 10.07 -23.41
C TYR B 209 24.07 10.66 -22.09
N SER B 210 22.89 11.27 -22.08
CA SER B 210 22.24 11.63 -20.82
C SER B 210 21.78 10.40 -20.06
N GLU B 211 21.58 10.54 -18.75
CA GLU B 211 21.08 9.41 -17.93
C GLU B 211 19.68 8.98 -18.33
N ASP B 212 18.87 9.94 -18.76
CA ASP B 212 17.59 9.62 -19.40
C ASP B 212 17.74 8.71 -20.62
N GLU B 213 18.72 8.99 -21.46
CA GLU B 213 18.87 8.21 -22.66
C GLU B 213 19.28 6.80 -22.30
N ILE B 214 20.26 6.69 -21.41
CA ILE B 214 20.71 5.36 -21.01
C ILE B 214 19.63 4.59 -20.26
N ARG B 215 18.91 5.28 -19.35
CA ARG B 215 17.81 4.63 -18.65
C ARG B 215 16.76 4.11 -19.63
N ALA B 216 16.44 4.91 -20.64
CA ALA B 216 15.51 4.49 -21.71
C ALA B 216 15.99 3.21 -22.38
N ILE B 217 17.27 3.20 -22.68
CA ILE B 217 17.90 2.13 -23.45
C ILE B 217 17.87 0.82 -22.69
N VAL B 218 18.27 0.89 -21.42
CA VAL B 218 18.28 -0.25 -20.52
C VAL B 218 16.86 -0.83 -20.42
N ASP B 219 15.86 0.04 -20.29
CA ASP B 219 14.45 -0.38 -20.20
C ASP B 219 14.04 -1.18 -21.41
N GLU B 220 14.29 -0.64 -22.59
CA GLU B 220 13.92 -1.32 -23.83
C GLU B 220 14.65 -2.63 -24.03
N ALA B 221 15.89 -2.70 -23.59
CA ALA B 221 16.59 -3.97 -23.50
C ALA B 221 15.93 -4.96 -22.55
N GLU B 222 15.65 -4.52 -21.32
CA GLU B 222 15.02 -5.43 -20.35
C GLU B 222 13.65 -5.86 -20.80
N ALA B 223 12.89 -4.95 -21.40
CA ALA B 223 11.62 -5.29 -22.03
C ALA B 223 11.69 -6.47 -23.00
N ALA B 224 12.81 -6.62 -23.71
CA ALA B 224 12.97 -7.77 -24.60
C ALA B 224 13.81 -8.87 -23.97
N ASN B 225 13.88 -8.84 -22.64
CA ASN B 225 14.60 -9.84 -21.84
C ASN B 225 16.02 -10.05 -22.26
N THR B 226 16.74 -8.93 -22.37
CA THR B 226 18.18 -8.96 -22.50
C THR B 226 18.76 -7.74 -21.77
N TYR B 227 20.05 -7.49 -21.95
CA TYR B 227 20.79 -6.44 -21.24
C TYR B 227 21.55 -5.48 -22.18
N VAL B 228 22.09 -4.41 -21.60
CA VAL B 228 22.96 -3.46 -22.28
C VAL B 228 24.44 -3.65 -21.90
N MET B 229 25.30 -3.66 -22.91
CA MET B 229 26.74 -3.54 -22.75
C MET B 229 27.20 -2.13 -23.11
N ALA B 230 28.00 -1.52 -22.25
CA ALA B 230 28.35 -0.11 -22.39
C ALA B 230 29.85 0.12 -22.42
N HIS B 231 30.30 0.94 -23.37
CA HIS B 231 31.72 1.25 -23.51
C HIS B 231 32.04 2.42 -22.56
N ALA B 232 32.94 2.22 -21.61
CA ALA B 232 33.26 3.29 -20.64
C ALA B 232 34.66 3.16 -20.07
N TYR B 233 35.38 4.27 -19.95
CA TYR B 233 36.76 4.22 -19.48
C TYR B 233 36.95 4.68 -18.02
N THR B 234 36.47 5.89 -17.72
CA THR B 234 36.72 6.49 -16.44
C THR B 234 35.72 6.03 -15.40
N GLY B 235 36.07 6.21 -14.12
CA GLY B 235 35.22 5.79 -13.02
C GLY B 235 33.95 6.60 -12.95
N ARG B 236 34.05 7.87 -13.36
CA ARG B 236 32.90 8.74 -13.52
C ARG B 236 31.93 8.23 -14.58
N ALA B 237 32.44 7.88 -15.76
CA ALA B 237 31.60 7.31 -16.82
C ALA B 237 30.99 5.97 -16.42
N ILE B 238 31.74 5.17 -15.69
CA ILE B 238 31.31 3.84 -15.32
C ILE B 238 30.23 3.88 -14.23
N ALA B 239 30.43 4.72 -13.23
CA ALA B 239 29.45 4.79 -12.13
C ALA B 239 28.06 5.13 -12.62
N ARG B 240 27.96 6.11 -13.50
CA ARG B 240 26.69 6.57 -13.99
C ARG B 240 26.00 5.58 -14.83
N ALA B 241 26.73 4.90 -15.69
CA ALA B 241 26.23 3.77 -16.49
C ALA B 241 25.67 2.67 -15.59
N VAL B 242 26.45 2.26 -14.59
CA VAL B 242 26.06 1.16 -13.71
C VAL B 242 24.80 1.53 -12.92
N ARG B 243 24.69 2.79 -12.54
CA ARG B 243 23.52 3.25 -11.82
C ARG B 243 22.31 3.33 -12.73
N CYS B 244 22.52 3.55 -14.03
CA CYS B 244 21.41 3.51 -14.97
C CYS B 244 20.96 2.11 -15.31
N GLY B 245 21.81 1.13 -15.01
CA GLY B 245 21.39 -0.26 -15.03
C GLY B 245 22.01 -1.08 -16.13
N VAL B 246 23.16 -0.64 -16.64
CA VAL B 246 23.89 -1.46 -17.60
C VAL B 246 24.57 -2.63 -16.90
N ARG B 247 24.62 -3.77 -17.57
CA ARG B 247 24.98 -5.01 -16.91
C ARG B 247 26.44 -5.34 -17.11
N THR B 248 26.95 -5.12 -18.31
CA THR B 248 28.37 -5.31 -18.55
C THR B 248 29.03 -4.06 -19.09
N ILE B 249 30.24 -3.80 -18.57
CA ILE B 249 31.00 -2.61 -18.87
C ILE B 249 32.18 -3.04 -19.72
N GLU B 250 32.45 -2.31 -20.79
CA GLU B 250 33.51 -2.69 -21.72
C GLU B 250 34.73 -1.81 -21.55
N HIS B 251 35.89 -2.45 -21.56
CA HIS B 251 37.17 -1.79 -21.34
C HIS B 251 37.36 -1.45 -19.87
N GLY B 252 36.82 -0.32 -19.44
CA GLY B 252 36.86 0.08 -18.04
C GLY B 252 38.23 0.38 -17.45
N ASN B 253 39.18 0.71 -18.32
CA ASN B 253 40.60 0.84 -17.95
C ASN B 253 40.90 1.84 -16.82
N LEU B 254 40.01 2.79 -16.59
CA LEU B 254 40.32 3.85 -15.65
C LEU B 254 39.32 3.91 -14.51
N VAL B 255 38.99 2.77 -13.96
CA VAL B 255 38.20 2.69 -12.74
C VAL B 255 38.97 3.18 -11.54
N ASP B 256 38.27 3.85 -10.62
CA ASP B 256 38.70 3.92 -9.24
C ASP B 256 37.99 2.84 -8.49
N GLU B 257 38.30 2.67 -7.20
CA GLU B 257 37.73 1.56 -6.46
C GLU B 257 36.34 1.85 -5.96
N ALA B 258 35.99 3.13 -5.90
CA ALA B 258 34.62 3.54 -5.58
C ALA B 258 33.64 3.03 -6.65
N ALA B 259 34.01 3.18 -7.92
CA ALA B 259 33.23 2.66 -9.03
C ALA B 259 33.21 1.14 -9.06
N ALA B 260 34.35 0.52 -8.80
CA ALA B 260 34.40 -0.95 -8.73
C ALA B 260 33.52 -1.49 -7.60
N LYS B 261 33.52 -0.82 -6.45
CA LYS B 261 32.62 -1.17 -5.35
C LYS B 261 31.17 -1.13 -5.79
N LEU B 262 30.79 -0.04 -6.47
CA LEU B 262 29.46 0.11 -7.02
C LEU B 262 29.10 -1.01 -8.01
N MET B 263 30.06 -1.35 -8.86
CA MET B 263 29.88 -2.40 -9.84
C MET B 263 29.59 -3.74 -9.17
N HIS B 264 30.37 -4.04 -8.15
CA HIS B 264 30.19 -5.29 -7.44
C HIS B 264 28.82 -5.31 -6.78
N GLU B 265 28.50 -4.24 -6.08
CA GLU B 265 27.19 -4.07 -5.48
C GLU B 265 26.03 -4.30 -6.43
N HIS B 266 26.04 -3.64 -7.59
CA HIS B 266 24.97 -3.78 -8.57
C HIS B 266 24.98 -5.11 -9.31
N GLY B 267 26.08 -5.86 -9.18
CA GLY B 267 26.19 -7.16 -9.82
C GLY B 267 26.53 -7.03 -11.29
N ALA B 268 27.23 -5.95 -11.65
CA ALA B 268 27.67 -5.71 -13.02
C ALA B 268 28.97 -6.45 -13.36
N PHE B 269 29.17 -6.76 -14.63
CA PHE B 269 30.40 -7.39 -15.08
C PHE B 269 31.34 -6.36 -15.70
N VAL B 270 32.60 -6.75 -15.91
CA VAL B 270 33.51 -5.99 -16.77
C VAL B 270 34.03 -6.90 -17.83
N VAL B 271 34.29 -6.31 -19.00
CA VAL B 271 35.07 -6.97 -20.00
C VAL B 271 36.24 -6.09 -20.41
N PRO B 272 37.41 -6.29 -19.77
CA PRO B 272 38.64 -5.64 -20.20
C PRO B 272 39.09 -6.15 -21.56
N THR B 273 39.85 -5.34 -22.28
CA THR B 273 40.28 -5.68 -23.62
C THR B 273 41.75 -5.30 -23.80
N LEU B 274 42.60 -5.69 -22.85
CA LEU B 274 43.94 -5.14 -22.76
C LEU B 274 44.84 -5.42 -23.96
N VAL B 275 44.57 -6.50 -24.68
CA VAL B 275 45.42 -6.89 -25.78
C VAL B 275 45.40 -5.87 -26.91
N THR B 276 44.24 -5.24 -27.12
CA THR B 276 44.06 -4.32 -28.25
C THR B 276 44.95 -3.10 -28.13
N TYR B 277 45.31 -2.74 -26.91
CA TYR B 277 46.05 -1.51 -26.71
C TYR B 277 47.52 -1.77 -26.98
N ASP B 278 47.99 -2.96 -26.60
CA ASP B 278 49.32 -3.41 -26.93
C ASP B 278 49.54 -3.49 -28.43
N ALA B 279 48.55 -4.05 -29.12
CA ALA B 279 48.57 -4.10 -30.59
C ALA B 279 48.57 -2.72 -31.22
N LEU B 280 47.76 -1.81 -30.70
CA LEU B 280 47.68 -0.45 -31.24
C LEU B 280 48.87 0.38 -30.84
N ALA B 281 49.58 -0.04 -29.80
CA ALA B 281 50.85 0.55 -29.47
C ALA B 281 51.87 0.23 -30.56
N LYS B 282 52.07 -1.05 -30.86
CA LYS B 282 53.08 -1.46 -31.82
C LYS B 282 52.73 -1.02 -33.23
N HIS B 283 51.53 -1.35 -33.69
CA HIS B 283 51.20 -1.24 -35.10
C HIS B 283 50.03 -0.31 -35.35
N GLY B 284 49.99 0.78 -34.58
CA GLY B 284 48.89 1.72 -34.62
C GLY B 284 48.81 2.52 -35.90
N ALA B 285 49.66 3.54 -36.01
CA ALA B 285 49.71 4.41 -37.19
C ALA B 285 50.18 3.63 -38.41
N GLU B 286 50.79 2.48 -38.14
CA GLU B 286 51.31 1.59 -39.16
C GLU B 286 50.21 0.88 -39.93
N PHE B 287 49.15 0.47 -39.23
CA PHE B 287 48.04 -0.23 -39.87
C PHE B 287 46.88 0.68 -40.26
N GLY B 288 47.15 1.98 -40.33
CA GLY B 288 46.24 2.92 -40.99
C GLY B 288 45.17 3.53 -40.10
N MET B 289 45.37 3.45 -38.79
CA MET B 289 44.54 4.19 -37.85
C MET B 289 45.06 5.61 -37.69
N PRO B 290 44.19 6.62 -37.88
CA PRO B 290 44.49 8.05 -37.86
C PRO B 290 45.39 8.46 -36.70
N PRO B 291 46.35 9.35 -36.96
CA PRO B 291 47.45 9.70 -36.05
C PRO B 291 47.04 10.22 -34.67
N GLU B 292 45.89 10.89 -34.57
CA GLU B 292 45.43 11.45 -33.29
C GLU B 292 44.61 10.45 -32.47
N SER B 293 44.30 9.31 -33.06
CA SER B 293 43.76 8.17 -32.33
C SER B 293 44.87 7.39 -31.62
N VAL B 294 46.02 7.27 -32.27
CA VAL B 294 47.19 6.63 -31.65
C VAL B 294 47.80 7.54 -30.58
N ALA B 295 47.42 8.82 -30.60
CA ALA B 295 47.77 9.73 -29.53
C ALA B 295 47.06 9.30 -28.25
N LYS B 296 45.81 8.90 -28.37
CA LYS B 296 44.98 8.58 -27.21
C LYS B 296 45.24 7.19 -26.63
N VAL B 297 45.94 6.33 -27.36
CA VAL B 297 46.15 4.96 -26.93
C VAL B 297 47.20 4.85 -25.83
N ALA B 298 48.04 5.88 -25.74
CA ALA B 298 49.16 5.88 -24.81
C ALA B 298 48.65 5.76 -23.39
N SER B 299 47.56 6.45 -23.10
CA SER B 299 47.14 6.67 -21.72
C SER B 299 46.38 5.50 -21.09
N VAL B 300 45.58 4.80 -21.89
CA VAL B 300 44.69 3.79 -21.35
C VAL B 300 45.36 2.46 -21.03
N GLN B 301 46.46 2.14 -21.71
CA GLN B 301 47.16 0.87 -21.47
C GLN B 301 47.96 0.89 -20.17
N GLN B 302 48.33 2.09 -19.74
CA GLN B 302 48.99 2.29 -18.45
C GLN B 302 48.18 1.66 -17.34
N LYS B 303 47.04 2.27 -17.06
CA LYS B 303 46.18 1.83 -15.98
C LYS B 303 45.51 0.51 -16.27
N GLY B 304 45.70 0.01 -17.49
CA GLY B 304 45.07 -1.22 -17.94
C GLY B 304 45.28 -2.42 -17.04
N ARG B 305 46.54 -2.73 -16.76
CA ARG B 305 46.84 -3.91 -15.97
C ARG B 305 46.49 -3.66 -14.52
N GLU B 306 46.71 -2.43 -14.08
CA GLU B 306 46.41 -2.04 -12.72
C GLU B 306 44.93 -2.26 -12.42
N SER B 307 44.09 -1.92 -13.38
CA SER B 307 42.65 -1.97 -13.21
C SER B 307 42.17 -3.38 -12.93
N LEU B 308 42.90 -4.35 -13.48
CA LEU B 308 42.54 -5.75 -13.31
C LEU B 308 42.52 -6.11 -11.84
N GLU B 309 43.51 -5.58 -11.11
CA GLU B 309 43.61 -5.79 -9.68
C GLU B 309 42.47 -5.13 -8.96
N ILE B 310 42.14 -3.92 -9.37
CA ILE B 310 41.04 -3.18 -8.77
C ILE B 310 39.74 -3.97 -8.85
N TYR B 311 39.48 -4.53 -10.04
CA TYR B 311 38.29 -5.32 -10.27
C TYR B 311 38.27 -6.55 -9.39
N ALA B 312 39.41 -7.22 -9.29
CA ALA B 312 39.51 -8.43 -8.51
C ALA B 312 39.34 -8.17 -7.01
N ASN B 313 39.86 -7.03 -6.54
CA ASN B 313 39.71 -6.61 -5.15
C ASN B 313 38.30 -6.27 -4.73
N ALA B 314 37.57 -5.58 -5.60
CA ALA B 314 36.20 -5.24 -5.28
C ALA B 314 35.26 -6.41 -5.54
N GLY B 315 35.79 -7.44 -6.20
CA GLY B 315 35.05 -8.66 -6.47
C GLY B 315 34.07 -8.51 -7.62
N VAL B 316 34.54 -7.95 -8.72
CA VAL B 316 33.72 -7.75 -9.93
C VAL B 316 34.05 -8.77 -11.00
N LYS B 317 33.08 -9.58 -11.39
CA LYS B 317 33.30 -10.61 -12.41
C LYS B 317 33.90 -10.06 -13.70
N MET B 318 34.90 -10.75 -14.24
CA MET B 318 35.63 -10.26 -15.40
C MET B 318 35.50 -11.23 -16.55
N GLY B 319 35.05 -10.73 -17.70
CA GLY B 319 34.96 -11.58 -18.88
C GLY B 319 36.12 -11.36 -19.83
N PHE B 320 36.32 -12.29 -20.75
CA PHE B 320 37.38 -12.21 -21.74
C PHE B 320 36.97 -11.31 -22.91
N GLY B 321 37.83 -10.40 -23.33
CA GLY B 321 37.56 -9.60 -24.54
C GLY B 321 38.78 -9.19 -25.32
N SER B 322 38.69 -9.26 -26.65
CA SER B 322 39.82 -8.87 -27.51
CA SER B 322 39.82 -8.88 -27.50
C SER B 322 39.77 -7.50 -28.17
N ASP B 323 38.61 -7.16 -28.73
CA ASP B 323 38.42 -5.87 -29.39
C ASP B 323 39.52 -5.53 -30.41
N LEU B 324 40.02 -6.53 -31.14
CA LEU B 324 41.08 -6.29 -32.11
C LEU B 324 40.53 -5.91 -33.47
N LEU B 325 41.18 -4.97 -34.14
CA LEU B 325 40.73 -4.51 -35.44
C LEU B 325 41.74 -4.90 -36.50
N GLY B 326 41.25 -5.19 -37.70
CA GLY B 326 42.11 -5.33 -38.87
C GLY B 326 43.00 -6.55 -38.78
N GLU B 327 44.22 -6.41 -39.28
CA GLU B 327 45.17 -7.52 -39.28
C GLU B 327 45.74 -7.83 -37.89
N MET B 328 45.57 -6.89 -36.96
CA MET B 328 45.79 -7.15 -35.54
C MET B 328 44.84 -8.19 -34.92
N HIS B 329 44.01 -8.82 -35.75
CA HIS B 329 43.09 -9.85 -35.28
CA HIS B 329 43.09 -9.85 -35.27
C HIS B 329 43.83 -11.08 -34.78
N ALA B 330 45.01 -11.30 -35.36
CA ALA B 330 45.81 -12.49 -35.09
C ALA B 330 46.21 -12.65 -33.63
N PHE B 331 46.29 -11.52 -32.92
CA PHE B 331 46.82 -11.51 -31.56
C PHE B 331 45.79 -11.87 -30.52
N GLN B 332 44.62 -12.29 -30.98
CA GLN B 332 43.45 -12.52 -30.13
C GLN B 332 43.72 -13.31 -28.84
N SER B 333 44.49 -14.40 -28.96
CA SER B 333 44.69 -15.32 -27.85
C SER B 333 45.63 -14.76 -26.80
N GLY B 334 46.40 -13.76 -27.19
CA GLY B 334 47.38 -13.15 -26.29
C GLY B 334 46.78 -12.51 -25.05
N GLU B 335 45.46 -12.29 -25.06
CA GLU B 335 44.78 -11.71 -23.92
C GLU B 335 44.81 -12.66 -22.70
N PHE B 336 44.81 -13.97 -22.98
CA PHE B 336 45.02 -14.98 -21.96
C PHE B 336 46.29 -14.72 -21.13
N ARG B 337 47.41 -14.58 -21.83
CA ARG B 337 48.69 -14.29 -21.20
CA ARG B 337 48.68 -14.30 -21.19
C ARG B 337 48.60 -13.07 -20.30
N ILE B 338 48.08 -11.97 -20.85
CA ILE B 338 48.04 -10.68 -20.15
C ILE B 338 47.28 -10.78 -18.82
N ARG B 339 46.14 -11.45 -18.87
CA ARG B 339 45.36 -11.68 -17.67
C ARG B 339 46.01 -12.66 -16.70
N ALA B 340 46.54 -13.77 -17.24
CA ALA B 340 47.30 -14.73 -16.42
C ALA B 340 48.40 -14.05 -15.60
N GLU B 341 49.08 -13.08 -16.20
CA GLU B 341 50.22 -12.43 -15.59
C GLU B 341 49.85 -11.56 -14.41
N VAL B 342 48.58 -11.17 -14.35
CA VAL B 342 48.12 -10.39 -13.22
C VAL B 342 47.29 -11.24 -12.27
N LEU B 343 46.51 -12.16 -12.82
CA LEU B 343 45.55 -12.90 -12.02
C LEU B 343 45.72 -14.42 -11.95
N GLY B 344 46.84 -14.98 -12.36
CA GLY B 344 46.92 -16.44 -12.35
C GLY B 344 46.05 -17.02 -13.45
N ASN B 345 46.45 -18.15 -13.98
CA ASN B 345 45.82 -18.60 -15.21
C ASN B 345 44.55 -19.41 -15.04
N LEU B 346 44.22 -19.73 -13.79
CA LEU B 346 42.88 -20.25 -13.48
C LEU B 346 41.85 -19.16 -13.76
N GLU B 347 42.13 -17.95 -13.29
CA GLU B 347 41.27 -16.81 -13.56
C GLU B 347 41.18 -16.50 -15.04
N ALA B 348 42.32 -16.46 -15.71
CA ALA B 348 42.37 -16.20 -17.13
C ALA B 348 41.52 -17.18 -17.94
N LEU B 349 41.53 -18.45 -17.55
CA LEU B 349 40.68 -19.43 -18.20
C LEU B 349 39.21 -19.27 -17.81
N ARG B 350 38.96 -18.89 -16.55
CA ARG B 350 37.62 -18.62 -16.08
C ARG B 350 36.93 -17.50 -16.87
N SER B 351 37.70 -16.47 -17.22
CA SER B 351 37.15 -15.31 -17.90
CA SER B 351 37.17 -15.30 -17.91
C SER B 351 36.60 -15.63 -19.29
N ALA B 352 37.13 -16.68 -19.91
CA ALA B 352 36.71 -17.08 -21.25
C ALA B 352 35.77 -18.29 -21.27
N THR B 353 35.30 -18.70 -20.10
CA THR B 353 34.48 -19.91 -20.03
C THR B 353 33.28 -19.72 -19.10
N THR B 354 33.47 -19.97 -17.80
CA THR B 354 32.38 -19.87 -16.82
C THR B 354 31.83 -18.44 -16.66
N VAL B 355 32.71 -17.45 -16.52
CA VAL B 355 32.28 -16.07 -16.39
C VAL B 355 31.67 -15.58 -17.69
N ALA B 356 32.34 -15.87 -18.80
CA ALA B 356 31.85 -15.52 -20.14
C ALA B 356 30.45 -16.04 -20.40
N ALA B 357 30.21 -17.31 -20.10
CA ALA B 357 28.91 -17.93 -20.38
C ALA B 357 27.77 -17.30 -19.58
N GLU B 358 28.09 -16.84 -18.39
CA GLU B 358 27.14 -16.13 -17.52
C GLU B 358 26.77 -14.78 -18.14
N ILE B 359 27.78 -14.11 -18.68
CA ILE B 359 27.58 -12.83 -19.34
C ILE B 359 26.61 -12.96 -20.50
N VAL B 360 26.77 -13.99 -21.31
CA VAL B 360 25.88 -14.16 -22.45
C VAL B 360 24.62 -14.98 -22.07
N ASN B 361 24.34 -15.05 -20.78
CA ASN B 361 23.16 -15.72 -20.22
C ASN B 361 23.03 -17.20 -20.54
N MET B 362 24.17 -17.86 -20.75
CA MET B 362 24.15 -19.28 -21.09
C MET B 362 24.73 -20.13 -19.97
N GLN B 363 24.62 -19.64 -18.73
CA GLN B 363 25.10 -20.36 -17.56
CA GLN B 363 25.11 -20.36 -17.57
C GLN B 363 24.59 -21.81 -17.58
N GLY B 364 25.51 -22.76 -17.61
CA GLY B 364 25.12 -24.18 -17.70
C GLY B 364 24.87 -24.68 -19.11
N GLN B 365 24.89 -23.77 -20.08
CA GLN B 365 24.72 -24.17 -21.48
C GLN B 365 26.05 -24.23 -22.20
N LEU B 366 26.92 -23.26 -21.89
CA LEU B 366 28.25 -23.13 -22.47
C LEU B 366 29.25 -22.93 -21.35
N GLY B 367 30.54 -23.00 -21.69
CA GLY B 367 31.61 -22.69 -20.74
C GLY B 367 31.78 -23.68 -19.59
N VAL B 368 31.16 -24.85 -19.72
CA VAL B 368 31.33 -25.90 -18.73
C VAL B 368 31.17 -27.26 -19.38
N ILE B 369 32.05 -28.18 -19.05
CA ILE B 369 31.87 -29.56 -19.42
C ILE B 369 31.10 -30.28 -18.33
N ALA B 370 29.83 -30.55 -18.62
CA ALA B 370 28.94 -31.19 -17.67
C ALA B 370 27.78 -31.81 -18.44
N VAL B 371 27.02 -32.65 -17.77
CA VAL B 371 25.90 -33.35 -18.40
C VAL B 371 24.78 -32.39 -18.75
N GLY B 372 24.45 -32.34 -20.04
CA GLY B 372 23.33 -31.54 -20.53
C GLY B 372 23.77 -30.28 -21.22
N ALA B 373 25.06 -29.96 -21.09
CA ALA B 373 25.64 -28.75 -21.68
C ALA B 373 25.85 -28.95 -23.17
N ILE B 374 25.87 -27.85 -23.92
CA ILE B 374 26.14 -27.92 -25.35
C ILE B 374 27.58 -28.35 -25.59
N ALA B 375 27.80 -29.16 -26.63
CA ALA B 375 29.10 -29.75 -26.93
C ALA B 375 30.03 -28.81 -27.72
N ASP B 376 30.59 -27.84 -27.00
CA ASP B 376 31.53 -26.88 -27.55
C ASP B 376 32.85 -27.10 -26.84
N LEU B 377 33.73 -27.88 -27.48
CA LEU B 377 34.92 -28.42 -26.82
C LEU B 377 36.20 -28.07 -27.54
N VAL B 378 37.22 -27.75 -26.77
CA VAL B 378 38.54 -27.60 -27.34
C VAL B 378 39.39 -28.72 -26.75
N VAL B 379 40.18 -29.37 -27.59
CA VAL B 379 41.19 -30.33 -27.11
C VAL B 379 42.61 -29.80 -27.25
N LEU B 380 43.30 -29.77 -26.11
CA LEU B 380 44.48 -28.95 -25.95
C LEU B 380 45.68 -29.83 -25.69
N ASP B 381 46.79 -29.53 -26.36
CA ASP B 381 48.04 -30.28 -26.20
C ASP B 381 48.93 -29.69 -25.10
N GLY B 382 48.70 -30.07 -23.86
CA GLY B 382 49.41 -29.47 -22.74
C GLY B 382 48.41 -29.08 -21.68
N ASN B 383 48.90 -28.52 -20.58
CA ASN B 383 48.03 -28.13 -19.48
C ASN B 383 48.07 -26.65 -19.18
N PRO B 384 46.99 -25.93 -19.53
CA PRO B 384 46.88 -24.48 -19.44
C PRO B 384 46.87 -24.02 -18.00
N LEU B 385 46.61 -24.94 -17.08
CA LEU B 385 46.59 -24.64 -15.67
C LEU B 385 47.99 -24.31 -15.15
N GLU B 386 49.01 -24.84 -15.82
CA GLU B 386 50.41 -24.57 -15.44
C GLU B 386 51.18 -23.74 -16.45
N ASP B 387 50.95 -24.00 -17.74
CA ASP B 387 51.50 -23.15 -18.78
C ASP B 387 50.36 -22.49 -19.53
N ILE B 388 50.18 -21.20 -19.29
CA ILE B 388 49.17 -20.42 -20.01
C ILE B 388 49.46 -20.34 -21.50
N GLY B 389 50.72 -20.56 -21.86
CA GLY B 389 51.16 -20.52 -23.25
C GLY B 389 50.45 -21.49 -24.18
N VAL B 390 49.90 -22.58 -23.64
CA VAL B 390 49.30 -23.63 -24.47
C VAL B 390 48.01 -23.18 -25.13
N VAL B 391 47.48 -22.06 -24.66
CA VAL B 391 46.28 -21.49 -25.25
C VAL B 391 46.49 -20.05 -25.75
N ALA B 392 47.50 -19.37 -25.21
CA ALA B 392 47.83 -18.00 -25.58
C ALA B 392 48.87 -17.87 -26.68
N ASP B 393 48.98 -18.85 -27.57
CA ASP B 393 50.06 -18.86 -28.56
C ASP B 393 49.61 -18.91 -30.03
N GLU B 394 48.72 -17.99 -30.41
CA GLU B 394 48.13 -17.96 -31.76
C GLU B 394 47.23 -19.17 -32.02
N GLY B 395 46.91 -19.90 -30.95
CA GLY B 395 46.59 -21.31 -31.05
C GLY B 395 47.85 -22.13 -30.88
N ALA B 396 48.46 -22.52 -32.00
CA ALA B 396 49.59 -23.45 -32.03
C ALA B 396 49.26 -24.83 -31.46
N ARG B 397 48.72 -24.87 -30.25
CA ARG B 397 48.66 -26.10 -29.47
C ARG B 397 47.23 -26.60 -29.29
N VAL B 398 46.33 -26.15 -30.16
CA VAL B 398 44.95 -26.64 -30.15
C VAL B 398 44.72 -27.50 -31.38
N GLU B 399 44.39 -28.76 -31.18
CA GLU B 399 44.34 -29.70 -32.30
C GLU B 399 42.96 -30.25 -32.58
N TYR B 400 42.04 -30.10 -31.62
CA TYR B 400 40.62 -30.37 -31.91
C TYR B 400 39.67 -29.27 -31.43
N VAL B 401 38.74 -28.88 -32.32
CA VAL B 401 37.64 -27.99 -31.93
C VAL B 401 36.29 -28.59 -32.29
N LEU B 402 35.47 -28.77 -31.27
CA LEU B 402 34.13 -29.29 -31.43
C LEU B 402 33.09 -28.21 -31.20
N GLN B 403 32.10 -28.16 -32.07
CA GLN B 403 31.09 -27.13 -32.01
C GLN B 403 29.75 -27.80 -32.16
N ARG B 404 28.87 -27.60 -31.18
CA ARG B 404 27.55 -28.24 -31.13
C ARG B 404 27.59 -29.70 -31.56
N GLY B 405 28.44 -30.47 -30.90
CA GLY B 405 28.56 -31.89 -31.20
C GLY B 405 29.64 -32.18 -32.22
N THR B 406 29.60 -31.49 -33.35
CA THR B 406 30.39 -31.90 -34.49
C THR B 406 31.81 -31.32 -34.51
N LEU B 407 32.73 -32.01 -35.18
CA LEU B 407 34.13 -31.64 -35.18
C LEU B 407 34.45 -30.68 -36.34
N VAL B 408 35.02 -29.53 -36.03
CA VAL B 408 35.13 -28.46 -37.01
C VAL B 408 36.57 -28.12 -37.36
N LYS B 409 37.50 -28.40 -36.45
CA LYS B 409 38.91 -28.21 -36.73
C LYS B 409 39.75 -29.41 -36.31
N ARG B 410 40.67 -29.80 -37.19
CA ARG B 410 41.63 -30.87 -36.92
C ARG B 410 43.03 -30.39 -37.29
N GLN B 411 43.88 -30.19 -36.29
CA GLN B 411 45.12 -29.42 -36.46
C GLN B 411 46.31 -30.17 -35.89
N THR C 4 41.87 62.87 -59.16
CA THR C 4 43.15 63.38 -59.71
C THR C 4 43.74 62.42 -60.76
N ILE C 5 45.05 62.41 -60.92
CA ILE C 5 45.66 62.11 -62.21
C ILE C 5 47.08 61.55 -62.06
N THR C 6 47.46 60.64 -62.95
CA THR C 6 48.77 59.98 -62.87
C THR C 6 49.44 59.89 -64.24
N VAL C 7 50.77 59.95 -64.26
CA VAL C 7 51.52 59.82 -65.48
C VAL C 7 52.66 58.83 -65.32
N LEU C 8 52.64 57.76 -66.11
CA LEU C 8 53.84 56.99 -66.36
C LEU C 8 54.62 57.66 -67.48
N GLN C 9 55.82 58.15 -67.17
CA GLN C 9 56.55 58.99 -68.10
C GLN C 9 57.80 58.34 -68.70
N GLY C 10 57.92 58.46 -70.03
CA GLY C 10 59.12 58.05 -70.76
C GLY C 10 59.24 56.54 -70.88
N GLY C 11 58.09 55.86 -70.83
CA GLY C 11 58.05 54.40 -70.93
C GLY C 11 58.12 53.92 -72.36
N ASN C 12 58.47 52.65 -72.55
CA ASN C 12 58.39 52.03 -73.86
C ASN C 12 57.09 51.23 -73.98
N VAL C 13 56.07 51.86 -74.53
CA VAL C 13 54.72 51.33 -74.51
C VAL C 13 54.55 50.21 -75.52
N LEU C 14 54.21 49.03 -75.04
CA LEU C 14 54.01 47.89 -75.90
C LEU C 14 52.70 48.04 -76.62
N ASP C 15 52.77 48.09 -77.95
CA ASP C 15 51.58 47.99 -78.76
C ASP C 15 51.56 46.63 -79.42
N LEU C 16 50.43 45.95 -79.29
CA LEU C 16 50.37 44.51 -79.50
C LEU C 16 49.88 44.10 -80.88
N GLU C 17 49.04 44.92 -81.49
CA GLU C 17 48.51 44.61 -82.82
C GLU C 17 49.53 44.92 -83.91
N ARG C 18 50.51 45.76 -83.57
CA ARG C 18 51.61 46.04 -84.47
C ARG C 18 52.86 45.26 -84.09
N GLY C 19 53.03 45.03 -82.79
CA GLY C 19 54.07 44.13 -82.31
C GLY C 19 55.39 44.84 -82.09
N VAL C 20 55.31 46.10 -81.69
CA VAL C 20 56.49 46.93 -81.50
C VAL C 20 56.40 47.74 -80.22
N LEU C 21 57.55 47.99 -79.59
CA LEU C 21 57.66 48.97 -78.51
C LEU C 21 57.58 50.37 -79.10
N LEU C 22 56.96 51.30 -78.37
CA LEU C 22 56.99 52.71 -78.73
C LEU C 22 57.77 53.51 -77.70
N GLU C 23 59.07 53.72 -77.93
CA GLU C 23 59.95 54.24 -76.88
C GLU C 23 59.58 55.65 -76.47
N HIS C 24 59.90 55.97 -75.23
CA HIS C 24 59.69 57.29 -74.64
C HIS C 24 58.29 57.88 -74.79
N HIS C 25 57.29 57.01 -74.85
CA HIS C 25 55.91 57.47 -74.79
C HIS C 25 55.42 57.54 -73.36
N HIS C 26 54.73 58.63 -73.05
CA HIS C 26 54.12 58.83 -71.76
C HIS C 26 52.69 58.28 -71.81
N VAL C 27 52.20 57.80 -70.69
CA VAL C 27 50.81 57.38 -70.60
C VAL C 27 50.10 58.03 -69.41
N VAL C 28 49.02 58.73 -69.71
CA VAL C 28 48.36 59.59 -68.74
C VAL C 28 47.04 59.01 -68.25
N ILE C 29 46.99 58.74 -66.95
CA ILE C 29 45.83 58.10 -66.34
C ILE C 29 45.01 59.18 -65.65
N ASP C 30 43.71 59.23 -65.95
CA ASP C 30 42.76 60.01 -65.14
C ASP C 30 41.64 59.16 -64.58
N GLY C 31 41.52 59.18 -63.25
CA GLY C 31 40.60 58.29 -62.56
C GLY C 31 41.08 56.87 -62.73
N GLU C 32 40.29 56.09 -63.44
CA GLU C 32 40.60 54.69 -63.65
C GLU C 32 40.88 54.41 -65.12
N ARG C 33 40.86 55.46 -65.94
CA ARG C 33 41.00 55.30 -67.38
C ARG C 33 42.28 55.90 -67.95
N ILE C 34 42.67 55.40 -69.11
CA ILE C 34 43.78 55.97 -69.87
C ILE C 34 43.25 57.09 -70.76
N VAL C 35 43.85 58.29 -70.66
CA VAL C 35 43.37 59.44 -71.42
C VAL C 35 44.30 59.84 -72.56
N GLU C 36 45.59 59.55 -72.42
CA GLU C 36 46.55 59.88 -73.47
C GLU C 36 47.73 58.93 -73.50
N VAL C 37 48.07 58.46 -74.69
CA VAL C 37 49.37 57.87 -74.93
C VAL C 37 50.10 58.68 -76.00
N THR C 38 51.25 59.24 -75.64
CA THR C 38 51.87 60.29 -76.42
C THR C 38 53.31 60.53 -75.98
N ASP C 39 54.04 61.32 -76.76
CA ASP C 39 55.37 61.76 -76.39
C ASP C 39 55.45 63.28 -76.31
N ARG C 40 54.45 63.95 -76.86
CA ARG C 40 54.09 65.30 -76.44
C ARG C 40 54.31 65.48 -74.94
N PRO C 41 55.44 66.08 -74.58
CA PRO C 41 55.64 66.60 -73.22
C PRO C 41 54.32 67.01 -72.57
N VAL C 42 54.03 66.44 -71.41
CA VAL C 42 52.78 66.71 -70.70
C VAL C 42 52.96 67.79 -69.64
N ASP C 43 52.09 68.79 -69.67
CA ASP C 43 52.10 69.84 -68.66
C ASP C 43 50.93 69.68 -67.69
N LEU C 44 51.13 68.87 -66.66
CA LEU C 44 50.31 68.96 -65.45
C LEU C 44 51.15 68.69 -64.20
N PRO C 45 51.35 69.73 -63.40
CA PRO C 45 52.02 69.59 -62.10
C PRO C 45 51.13 68.88 -61.07
N ASN C 46 49.82 69.00 -61.25
CA ASN C 46 48.87 68.47 -60.28
C ASN C 46 48.84 66.95 -60.28
N ALA C 47 49.58 66.35 -61.20
CA ALA C 47 49.48 64.91 -61.45
C ALA C 47 50.22 64.12 -60.37
N GLN C 48 50.27 62.80 -60.54
CA GLN C 48 51.05 61.95 -59.65
C GLN C 48 51.88 60.94 -60.45
N ALA C 49 53.19 61.15 -60.48
CA ALA C 49 53.99 60.75 -61.59
C ALA C 49 54.97 59.69 -61.21
N ILE C 50 55.39 58.89 -62.17
CA ILE C 50 56.20 57.73 -61.89
C ILE C 50 57.16 57.54 -63.06
N ASP C 51 58.47 57.59 -62.77
CA ASP C 51 59.48 57.59 -63.83
C ASP C 51 59.74 56.19 -64.34
N VAL C 52 59.36 55.97 -65.60
CA VAL C 52 59.46 54.66 -66.21
C VAL C 52 60.43 54.72 -67.39
N ARG C 53 61.65 55.21 -67.12
CA ARG C 53 62.64 55.36 -68.17
C ARG C 53 63.28 54.01 -68.50
N GLY C 54 63.35 53.70 -69.80
CA GLY C 54 63.97 52.47 -70.26
C GLY C 54 63.32 51.22 -69.69
N LYS C 55 62.01 51.27 -69.51
CA LYS C 55 61.23 50.17 -68.97
C LYS C 55 59.95 49.97 -69.76
N THR C 56 59.60 48.71 -69.99
CA THR C 56 58.45 48.39 -70.82
C THR C 56 57.15 48.50 -70.03
N VAL C 57 56.25 49.35 -70.51
CA VAL C 57 54.92 49.42 -69.90
C VAL C 57 53.88 48.78 -70.83
N MET C 58 53.24 47.74 -70.32
CA MET C 58 52.25 46.99 -71.11
C MET C 58 50.94 46.81 -70.34
N PRO C 59 49.88 46.34 -71.02
CA PRO C 59 48.66 46.08 -70.26
C PRO C 59 48.89 44.99 -69.23
N GLY C 60 48.16 45.06 -68.13
CA GLY C 60 48.23 44.03 -67.10
C GLY C 60 47.70 42.73 -67.66
N PHE C 61 48.24 41.62 -67.15
CA PHE C 61 47.94 40.32 -67.72
C PHE C 61 46.59 39.79 -67.26
N ILE C 62 45.95 39.03 -68.14
CA ILE C 62 44.70 38.35 -67.85
C ILE C 62 44.89 36.85 -67.99
N ASP C 63 44.53 36.12 -66.96
CA ASP C 63 44.62 34.66 -66.97
C ASP C 63 43.22 34.04 -67.11
N CYS C 64 43.04 33.23 -68.14
CA CYS C 64 41.72 32.83 -68.54
C CYS C 64 41.28 31.51 -67.95
N HIS C 65 42.16 30.89 -67.16
CA HIS C 65 41.79 29.69 -66.41
C HIS C 65 42.56 29.58 -65.10
N VAL C 66 41.98 30.04 -64.01
CA VAL C 66 42.51 29.79 -62.66
C VAL C 66 41.46 29.15 -61.75
N HIS C 67 41.92 28.49 -60.69
CA HIS C 67 41.07 28.18 -59.55
C HIS C 67 41.67 28.84 -58.33
N VAL C 68 41.25 30.07 -58.11
CA VAL C 68 41.73 30.90 -57.00
C VAL C 68 41.55 30.22 -55.66
N LEU C 69 40.49 29.43 -55.53
CA LEU C 69 40.20 28.75 -54.27
C LEU C 69 40.86 27.39 -54.08
N ALA C 70 41.51 26.89 -55.13
CA ALA C 70 42.22 25.62 -55.08
C ALA C 70 43.49 25.72 -54.24
N SER C 71 43.31 25.75 -52.92
CA SER C 71 44.44 25.95 -52.02
C SER C 71 45.20 24.67 -51.72
N ASN C 72 44.66 23.51 -52.11
CA ASN C 72 45.48 22.30 -52.24
C ASN C 72 45.14 21.35 -53.39
N ALA C 73 46.13 20.58 -53.82
CA ALA C 73 46.13 19.85 -55.09
C ALA C 73 45.10 18.72 -55.17
N ASN C 74 44.66 18.23 -54.03
CA ASN C 74 43.55 17.30 -53.98
C ASN C 74 42.22 18.08 -53.94
N LEU C 75 41.52 18.10 -55.07
CA LEU C 75 40.28 18.88 -55.16
C LEU C 75 39.14 18.27 -54.37
N GLY C 76 39.20 16.97 -54.16
CA GLY C 76 38.29 16.30 -53.22
C GLY C 76 38.41 16.89 -51.84
N VAL C 77 39.63 16.88 -51.30
CA VAL C 77 39.87 17.36 -49.95
C VAL C 77 39.82 18.89 -49.87
N ASN C 78 40.05 19.54 -51.00
CA ASN C 78 39.83 20.98 -51.10
C ASN C 78 38.36 21.34 -50.84
N ALA C 79 37.46 20.54 -51.38
CA ALA C 79 36.02 20.75 -51.22
C ALA C 79 35.56 20.56 -49.76
N THR C 80 36.25 19.70 -49.03
CA THR C 80 35.76 19.28 -47.72
C THR C 80 36.41 20.08 -46.57
N GLN C 81 37.29 21.03 -46.91
CA GLN C 81 37.86 21.90 -45.90
C GLN C 81 36.83 22.95 -45.43
N PRO C 82 36.90 23.36 -44.15
CA PRO C 82 35.90 24.25 -43.54
C PRO C 82 35.85 25.61 -44.25
N ASN C 83 34.65 26.17 -44.37
CA ASN C 83 34.40 27.33 -45.21
C ASN C 83 35.36 28.49 -44.98
N ILE C 84 35.42 28.93 -43.74
CA ILE C 84 36.20 30.10 -43.41
C ILE C 84 37.70 29.87 -43.65
N LEU C 85 38.16 28.64 -43.50
CA LEU C 85 39.55 28.29 -43.86
C LEU C 85 39.81 28.33 -45.38
N ALA C 86 38.89 27.75 -46.15
CA ALA C 86 38.89 27.82 -47.61
C ALA C 86 39.06 29.25 -48.10
N ALA C 87 38.37 30.18 -47.47
CA ALA C 87 38.44 31.58 -47.85
C ALA C 87 39.83 32.14 -47.54
N ILE C 88 40.24 32.00 -46.29
CA ILE C 88 41.51 32.53 -45.80
C ILE C 88 42.67 32.15 -46.73
N ARG C 89 42.74 30.87 -47.06
CA ARG C 89 43.86 30.31 -47.81
C ARG C 89 43.96 30.82 -49.24
N SER C 90 42.88 31.43 -49.75
CA SER C 90 42.87 31.91 -51.13
C SER C 90 43.45 33.33 -51.22
N LEU C 91 43.54 34.01 -50.09
CA LEU C 91 44.14 35.33 -50.03
C LEU C 91 45.61 35.41 -50.46
N PRO C 92 46.49 34.53 -49.94
CA PRO C 92 47.85 34.56 -50.48
C PRO C 92 47.93 34.19 -51.97
N ILE C 93 47.05 33.32 -52.42
CA ILE C 93 47.02 32.95 -53.83
C ILE C 93 46.73 34.16 -54.69
N LEU C 94 45.76 34.95 -54.25
CA LEU C 94 45.31 36.13 -55.00
C LEU C 94 46.39 37.20 -54.99
N ASP C 95 46.94 37.45 -53.83
CA ASP C 95 47.95 38.47 -53.66
C ASP C 95 49.16 38.18 -54.55
N ALA C 96 49.53 36.91 -54.65
CA ALA C 96 50.67 36.49 -55.44
C ALA C 96 50.42 36.61 -56.94
N MET C 97 49.22 36.26 -57.41
CA MET C 97 48.88 36.40 -58.82
C MET C 97 49.03 37.86 -59.27
N LEU C 98 48.65 38.77 -58.36
CA LEU C 98 48.67 40.19 -58.68
C LEU C 98 50.10 40.66 -58.80
N SER C 99 50.96 40.19 -57.90
CA SER C 99 52.37 40.60 -57.92
C SER C 99 53.10 40.11 -59.17
N ARG C 100 52.69 38.98 -59.71
CA ARG C 100 53.27 38.51 -60.95
C ARG C 100 52.79 39.31 -62.17
N GLY C 101 51.89 40.25 -61.97
CA GLY C 101 51.41 41.08 -63.09
C GLY C 101 50.03 40.76 -63.64
N PHE C 102 49.35 39.78 -63.04
CA PHE C 102 48.00 39.46 -63.45
C PHE C 102 47.00 40.37 -62.77
N THR C 103 46.26 41.13 -63.57
CA THR C 103 45.38 42.14 -63.03
C THR C 103 43.94 41.74 -63.22
N SER C 104 43.74 40.72 -64.04
CA SER C 104 42.43 40.13 -64.24
C SER C 104 42.62 38.63 -64.35
N VAL C 105 41.68 37.86 -63.78
CA VAL C 105 41.68 36.40 -63.92
C VAL C 105 40.26 35.94 -64.11
N ARG C 106 40.10 34.92 -64.95
CA ARG C 106 38.81 34.26 -65.11
C ARG C 106 38.84 32.96 -64.34
N ASP C 107 38.18 32.94 -63.18
CA ASP C 107 38.10 31.76 -62.33
C ASP C 107 37.19 30.70 -62.96
N ALA C 108 37.64 29.45 -62.93
CA ALA C 108 36.98 28.39 -63.66
C ALA C 108 36.24 27.49 -62.69
N GLY C 109 35.55 28.11 -61.74
CA GLY C 109 34.79 27.36 -60.74
C GLY C 109 35.48 27.38 -59.39
N GLY C 110 34.72 27.75 -58.36
CA GLY C 110 35.27 28.02 -57.05
C GLY C 110 34.85 29.41 -56.61
N ALA C 111 35.40 30.43 -57.27
CA ALA C 111 35.22 31.80 -56.83
C ALA C 111 33.85 32.27 -57.21
N ASP C 112 33.25 33.02 -56.30
CA ASP C 112 31.91 33.56 -56.46
C ASP C 112 31.92 35.10 -56.56
N TRP C 113 30.72 35.66 -56.56
CA TRP C 113 30.54 37.08 -56.67
C TRP C 113 31.12 37.79 -55.45
N SER C 114 31.01 37.18 -54.27
CA SER C 114 31.57 37.78 -53.04
C SER C 114 33.07 38.07 -53.15
N LEU C 115 33.82 37.15 -53.75
CA LEU C 115 35.26 37.33 -53.87
C LEU C 115 35.58 38.45 -54.85
N MET C 116 34.83 38.48 -55.95
CA MET C 116 34.94 39.54 -56.92
C MET C 116 34.75 40.89 -56.26
N GLN C 117 33.72 40.98 -55.42
CA GLN C 117 33.41 42.21 -54.69
C GLN C 117 34.50 42.61 -53.72
N ALA C 118 35.05 41.62 -53.02
CA ALA C 118 36.12 41.83 -52.07
C ALA C 118 37.33 42.52 -52.68
N VAL C 119 37.71 42.15 -53.90
CA VAL C 119 38.80 42.84 -54.56
C VAL C 119 38.39 44.20 -55.08
N GLU C 120 37.17 44.30 -55.64
CA GLU C 120 36.69 45.55 -56.23
C GLU C 120 36.47 46.68 -55.24
N THR C 121 36.08 46.34 -54.02
CA THR C 121 35.93 47.33 -52.99
C THR C 121 37.24 47.47 -52.23
N GLY C 122 38.23 46.68 -52.62
CA GLY C 122 39.56 46.81 -52.06
C GLY C 122 39.68 46.23 -50.67
N LEU C 123 38.82 45.27 -50.35
CA LEU C 123 38.87 44.64 -49.03
C LEU C 123 40.01 43.64 -49.00
N VAL C 124 40.45 43.25 -50.18
CA VAL C 124 41.37 42.15 -50.34
C VAL C 124 42.21 42.41 -51.58
N SER C 125 43.48 42.06 -51.50
CA SER C 125 44.41 42.36 -52.59
C SER C 125 44.47 41.22 -53.58
N GLY C 126 44.27 41.54 -54.86
CA GLY C 126 44.24 40.53 -55.91
C GLY C 126 43.72 41.07 -57.23
N PRO C 127 43.77 40.25 -58.29
CA PRO C 127 43.29 40.65 -59.61
C PRO C 127 41.79 40.79 -59.58
N ARG C 128 41.24 41.48 -60.58
CA ARG C 128 39.80 41.46 -60.83
C ARG C 128 39.45 40.04 -61.17
N ILE C 129 38.32 39.57 -60.62
CA ILE C 129 37.86 38.21 -60.85
C ILE C 129 36.63 38.20 -61.78
N PHE C 130 36.68 37.31 -62.78
CA PHE C 130 35.50 36.95 -63.55
C PHE C 130 35.01 35.58 -63.11
N PRO C 131 34.11 35.54 -62.12
CA PRO C 131 33.77 34.29 -61.46
C PRO C 131 32.84 33.42 -62.31
N SER C 132 33.05 32.12 -62.24
CA SER C 132 32.15 31.16 -62.87
C SER C 132 31.09 30.69 -61.87
N GLY C 133 31.33 30.98 -60.59
CA GLY C 133 30.58 30.37 -59.51
C GLY C 133 31.09 28.95 -59.40
N LYS C 134 30.26 27.97 -59.71
CA LYS C 134 30.70 26.59 -59.64
C LYS C 134 30.56 25.89 -60.97
N ALA C 135 31.57 25.10 -61.30
CA ALA C 135 31.55 24.34 -62.53
C ALA C 135 30.38 23.38 -62.49
N LEU C 136 29.66 23.29 -63.60
CA LEU C 136 28.64 22.26 -63.72
C LEU C 136 29.26 20.92 -64.11
N SER C 137 28.81 19.85 -63.48
CA SER C 137 29.30 18.51 -63.82
C SER C 137 28.16 17.53 -63.68
N GLN C 138 28.14 16.52 -64.56
CA GLN C 138 27.20 15.42 -64.43
C GLN C 138 27.68 14.50 -63.32
N THR C 139 26.85 13.55 -62.95
CA THR C 139 27.22 12.55 -61.96
C THR C 139 28.40 11.74 -62.47
N GLY C 140 29.38 11.54 -61.61
CA GLY C 140 30.56 10.77 -61.96
C GLY C 140 31.47 11.54 -62.89
N GLY C 141 31.18 12.83 -63.03
CA GLY C 141 31.83 13.67 -64.02
C GLY C 141 33.11 14.25 -63.47
N HIS C 142 33.73 15.14 -64.23
CA HIS C 142 35.05 15.64 -63.86
C HIS C 142 34.92 16.44 -62.58
N GLY C 143 33.70 16.90 -62.30
CA GLY C 143 33.43 17.65 -61.08
C GLY C 143 33.08 16.78 -59.89
N ASP C 144 32.80 15.50 -60.13
CA ASP C 144 32.28 14.61 -59.10
C ASP C 144 33.45 13.89 -58.43
N PHE C 145 33.73 14.23 -57.18
CA PHE C 145 34.93 13.74 -56.48
C PHE C 145 34.62 12.60 -55.54
N ARG C 146 33.46 11.98 -55.71
CA ARG C 146 33.09 10.84 -54.90
C ARG C 146 33.84 9.61 -55.33
N PRO C 147 34.37 8.85 -54.36
CA PRO C 147 35.12 7.65 -54.70
C PRO C 147 34.17 6.58 -55.25
N ARG C 148 34.71 5.65 -56.03
CA ARG C 148 33.94 4.54 -56.58
C ARG C 148 33.38 3.67 -55.44
N GLY C 149 32.18 3.97 -54.95
CA GLY C 149 31.65 3.26 -53.78
C GLY C 149 31.09 1.88 -54.10
N LEU C 152 27.88 3.65 -53.94
CA LEU C 152 28.01 4.73 -52.96
C LEU C 152 26.78 5.63 -52.97
N GLU C 153 26.97 6.83 -53.54
CA GLU C 153 25.88 7.73 -53.93
C GLU C 153 25.01 8.31 -52.83
N PRO C 154 25.63 8.99 -51.85
CA PRO C 154 24.80 9.74 -50.92
C PRO C 154 24.82 11.22 -51.26
N CYS C 155 24.23 12.03 -50.39
CA CYS C 155 24.85 13.30 -49.94
C CYS C 155 25.19 14.40 -50.95
N SER C 156 24.54 15.55 -50.78
CA SER C 156 25.22 16.81 -50.47
C SER C 156 24.22 17.95 -50.43
N CYS C 157 24.25 18.75 -49.37
CA CYS C 157 23.13 19.65 -49.09
C CYS C 157 23.42 21.06 -49.61
N CYS C 158 24.51 21.63 -49.14
CA CYS C 158 24.78 23.05 -49.29
C CYS C 158 26.09 23.22 -50.02
N PHE C 159 26.40 24.45 -50.36
CA PHE C 159 27.60 24.69 -51.12
C PHE C 159 28.78 25.03 -50.24
N ARG C 160 29.74 24.11 -50.21
CA ARG C 160 31.02 24.33 -49.57
C ARG C 160 31.80 25.37 -50.38
N THR C 161 32.36 26.38 -49.71
CA THR C 161 33.03 27.47 -50.44
C THR C 161 34.33 27.04 -51.09
N GLY C 162 34.80 25.84 -50.75
CA GLY C 162 36.02 25.29 -51.33
C GLY C 162 35.77 24.28 -52.44
N ALA C 163 34.51 24.11 -52.81
CA ALA C 163 34.16 23.20 -53.89
C ALA C 163 34.32 23.85 -55.26
N ILE C 164 35.06 23.19 -56.15
CA ILE C 164 35.21 23.64 -57.53
C ILE C 164 33.92 23.50 -58.35
N ALA C 165 33.20 22.40 -58.17
CA ALA C 165 32.05 22.09 -58.99
C ALA C 165 30.79 21.81 -58.19
N ARG C 166 29.68 21.68 -58.90
CA ARG C 166 28.46 21.03 -58.40
C ARG C 166 27.98 19.94 -59.39
N VAL C 167 27.35 18.90 -58.85
CA VAL C 167 26.78 17.88 -59.69
C VAL C 167 25.32 18.18 -60.00
N VAL C 168 25.01 18.30 -61.28
CA VAL C 168 23.64 18.43 -61.73
C VAL C 168 23.51 17.67 -63.02
N ASP C 169 22.39 16.99 -63.16
CA ASP C 169 22.11 16.21 -64.33
C ASP C 169 20.74 16.62 -64.84
N GLY C 170 20.55 16.47 -66.14
CA GLY C 170 19.23 16.62 -66.72
C GLY C 170 19.01 18.00 -67.29
N VAL C 171 18.14 18.08 -68.28
CA VAL C 171 17.95 19.31 -69.02
C VAL C 171 17.38 20.41 -68.17
N GLU C 172 16.36 20.09 -67.37
CA GLU C 172 15.81 21.09 -66.49
C GLU C 172 16.80 21.38 -65.36
N GLY C 173 17.51 20.35 -64.93
CA GLY C 173 18.41 20.48 -63.81
C GLY C 173 19.48 21.49 -64.13
N VAL C 174 20.08 21.35 -65.32
CA VAL C 174 21.16 22.24 -65.70
C VAL C 174 20.60 23.64 -65.93
N ARG C 175 19.36 23.70 -66.40
CA ARG C 175 18.76 24.98 -66.80
C ARG C 175 18.63 25.81 -65.54
N LEU C 176 17.97 25.22 -64.55
CA LEU C 176 17.89 25.76 -63.22
C LEU C 176 19.26 26.09 -62.63
N ALA C 177 20.20 25.15 -62.67
CA ALA C 177 21.55 25.48 -62.15
C ALA C 177 22.21 26.71 -62.80
N VAL C 178 22.07 26.85 -64.12
CA VAL C 178 22.59 28.03 -64.81
C VAL C 178 21.90 29.32 -64.29
N ARG C 179 20.57 29.36 -64.28
CA ARG C 179 19.85 30.50 -63.71
C ARG C 179 20.29 30.80 -62.26
N GLU C 180 20.46 29.76 -61.44
CA GLU C 180 20.94 29.95 -60.08
C GLU C 180 22.29 30.62 -60.09
N GLU C 181 23.17 30.16 -60.98
CA GLU C 181 24.57 30.61 -60.97
C GLU C 181 24.67 32.04 -61.43
N ILE C 182 23.86 32.38 -62.41
CA ILE C 182 23.78 33.75 -62.88
C ILE C 182 23.14 34.69 -61.88
N GLN C 183 22.06 34.25 -61.23
CA GLN C 183 21.51 35.04 -60.12
C GLN C 183 22.56 35.29 -59.04
N LYS C 184 23.33 34.27 -58.66
CA LYS C 184 24.38 34.44 -57.67
C LYS C 184 25.52 35.35 -58.16
N GLY C 185 25.57 35.59 -59.46
CA GLY C 185 26.47 36.61 -60.00
C GLY C 185 27.67 36.16 -60.81
N ALA C 186 27.61 34.94 -61.35
CA ALA C 186 28.60 34.45 -62.33
C ALA C 186 28.68 35.37 -63.54
N THR C 187 29.89 35.53 -64.09
CA THR C 187 30.06 36.31 -65.32
C THR C 187 30.02 35.40 -66.56
N GLN C 188 30.47 34.16 -66.41
CA GLN C 188 30.27 33.13 -67.43
C GLN C 188 29.95 31.78 -66.78
N ILE C 189 29.64 30.78 -67.60
CA ILE C 189 29.30 29.47 -67.07
C ILE C 189 30.34 28.46 -67.47
N LYS C 190 30.84 27.68 -66.50
CA LYS C 190 31.82 26.63 -66.74
C LYS C 190 31.15 25.28 -66.62
N ILE C 191 31.41 24.38 -67.56
CA ILE C 191 30.93 23.00 -67.51
C ILE C 191 32.07 22.03 -67.80
N MET C 192 31.92 20.79 -67.35
CA MET C 192 32.82 19.73 -67.76
C MET C 192 32.15 18.91 -68.88
N ALA C 193 32.75 18.94 -70.08
CA ALA C 193 32.21 18.22 -71.25
C ALA C 193 33.03 17.00 -71.64
N SER C 194 33.87 16.55 -70.71
CA SER C 194 34.83 15.48 -70.96
C SER C 194 35.37 14.94 -69.63
N GLY C 195 35.92 13.73 -69.67
CA GLY C 195 36.78 13.22 -68.61
C GLY C 195 37.96 14.12 -68.38
N GLY C 196 38.65 13.96 -67.26
CA GLY C 196 39.78 14.83 -66.95
C GLY C 196 40.95 14.14 -66.31
N VAL C 197 41.66 14.87 -65.45
CA VAL C 197 42.86 14.36 -64.80
C VAL C 197 42.69 14.30 -63.27
N ALA C 198 42.08 15.35 -62.70
CA ALA C 198 42.03 15.55 -61.24
C ALA C 198 40.80 14.93 -60.56
N SER C 199 40.00 14.20 -61.32
CA SER C 199 38.82 13.53 -60.76
C SER C 199 39.02 12.01 -60.70
N PRO C 200 38.40 11.33 -59.72
CA PRO C 200 38.64 9.89 -59.50
C PRO C 200 38.17 8.90 -60.60
N THR C 201 36.95 9.06 -61.11
CA THR C 201 36.25 7.97 -61.81
C THR C 201 36.23 8.02 -63.34
N ASP C 202 36.48 9.19 -63.92
CA ASP C 202 36.33 9.41 -65.36
C ASP C 202 37.63 9.36 -66.12
N PRO C 203 37.81 8.33 -66.98
CA PRO C 203 38.89 8.34 -67.96
C PRO C 203 38.74 9.48 -68.96
N ILE C 204 39.88 10.06 -69.34
CA ILE C 204 39.92 11.27 -70.16
C ILE C 204 39.30 11.11 -71.57
N ALA C 205 39.28 9.88 -72.08
CA ALA C 205 38.79 9.61 -73.43
C ALA C 205 37.31 9.89 -73.66
N ASN C 206 36.49 9.81 -72.62
CA ASN C 206 35.05 9.89 -72.85
C ASN C 206 34.33 11.18 -72.48
N THR C 207 33.15 11.35 -73.05
CA THR C 207 32.46 12.63 -73.12
C THR C 207 31.50 12.74 -71.97
N GLN C 208 31.05 13.94 -71.67
CA GLN C 208 30.20 14.16 -70.52
C GLN C 208 29.08 15.13 -70.87
N TYR C 209 27.87 14.83 -70.39
CA TYR C 209 26.67 15.61 -70.69
C TYR C 209 26.08 15.29 -72.06
N SER C 210 24.78 15.12 -72.11
CA SER C 210 24.09 14.95 -73.37
C SER C 210 24.09 16.28 -74.14
N GLU C 211 23.92 16.21 -75.46
CA GLU C 211 23.87 17.39 -76.30
C GLU C 211 22.70 18.27 -75.92
N ASP C 212 21.60 17.64 -75.51
CA ASP C 212 20.45 18.38 -74.97
C ASP C 212 20.81 19.20 -73.75
N GLU C 213 21.54 18.58 -72.81
CA GLU C 213 22.00 19.29 -71.64
C GLU C 213 22.90 20.48 -72.00
N ILE C 214 23.98 20.21 -72.74
CA ILE C 214 24.88 21.28 -73.14
C ILE C 214 24.16 22.43 -73.83
N ARG C 215 23.29 22.09 -74.76
CA ARG C 215 22.63 23.12 -75.54
C ARG C 215 21.67 23.93 -74.67
N ALA C 216 20.98 23.30 -73.72
CA ALA C 216 20.18 24.05 -72.73
C ALA C 216 21.03 25.04 -71.92
N ILE C 217 22.21 24.57 -71.49
CA ILE C 217 23.20 25.38 -70.75
C ILE C 217 23.66 26.60 -71.52
N VAL C 218 23.94 26.40 -72.81
CA VAL C 218 24.40 27.47 -73.69
C VAL C 218 23.31 28.51 -73.81
N ASP C 219 22.08 28.06 -74.07
CA ASP C 219 20.95 28.97 -74.19
C ASP C 219 20.77 29.84 -72.96
N GLU C 220 20.74 29.24 -71.78
CA GLU C 220 20.53 30.00 -70.55
C GLU C 220 21.64 31.01 -70.32
N ALA C 221 22.86 30.62 -70.64
CA ALA C 221 23.97 31.56 -70.62
C ALA C 221 23.79 32.72 -71.61
N GLU C 222 23.31 32.42 -72.82
CA GLU C 222 23.13 33.45 -73.82
C GLU C 222 21.97 34.36 -73.46
N ALA C 223 20.91 33.78 -72.93
CA ALA C 223 19.81 34.59 -72.43
C ALA C 223 20.30 35.63 -71.40
N ALA C 224 21.38 35.33 -70.67
CA ALA C 224 21.93 36.28 -69.71
C ALA C 224 23.12 37.06 -70.27
N ASN C 225 23.18 37.12 -71.60
CA ASN C 225 24.26 37.80 -72.31
C ASN C 225 25.64 37.45 -71.82
N THR C 226 25.88 36.16 -71.68
CA THR C 226 27.23 35.67 -71.55
C THR C 226 27.44 34.39 -72.41
N TYR C 227 28.44 33.58 -72.08
CA TYR C 227 28.81 32.39 -72.82
C TYR C 227 29.16 31.23 -71.87
N VAL C 228 29.37 30.06 -72.44
CA VAL C 228 29.79 28.87 -71.72
C VAL C 228 31.25 28.56 -72.06
N MET C 229 32.06 28.35 -71.04
CA MET C 229 33.39 27.76 -71.21
C MET C 229 33.30 26.29 -70.86
N ALA C 230 34.12 25.45 -71.50
CA ALA C 230 33.89 24.02 -71.45
C ALA C 230 35.17 23.21 -71.45
N HIS C 231 35.28 22.30 -70.49
CA HIS C 231 36.49 21.53 -70.30
C HIS C 231 36.39 20.30 -71.18
N ALA C 232 37.38 20.11 -72.06
CA ALA C 232 37.34 19.02 -73.04
C ALA C 232 38.74 18.72 -73.52
N TYR C 233 39.06 17.44 -73.64
CA TYR C 233 40.37 17.04 -74.12
C TYR C 233 40.38 16.62 -75.57
N THR C 234 39.60 15.59 -75.91
CA THR C 234 39.69 14.94 -77.23
C THR C 234 38.92 15.69 -78.32
N GLY C 235 39.25 15.44 -79.59
CA GLY C 235 38.59 16.11 -80.72
C GLY C 235 37.12 15.80 -80.77
N ARG C 236 36.78 14.60 -80.30
CA ARG C 236 35.39 14.13 -80.23
C ARG C 236 34.59 14.95 -79.25
N ALA C 237 35.10 15.03 -78.02
CA ALA C 237 34.49 15.82 -76.95
C ALA C 237 34.46 17.31 -77.28
N ILE C 238 35.49 17.78 -77.97
CA ILE C 238 35.55 19.19 -78.36
C ILE C 238 34.53 19.52 -79.43
N ALA C 239 34.48 18.69 -80.46
CA ALA C 239 33.65 19.00 -81.62
C ALA C 239 32.21 19.20 -81.17
N ARG C 240 31.68 18.22 -80.45
CA ARG C 240 30.26 18.25 -80.07
C ARG C 240 29.93 19.46 -79.17
N ALA C 241 30.85 19.79 -78.26
CA ALA C 241 30.71 20.99 -77.42
C ALA C 241 30.56 22.24 -78.28
N VAL C 242 31.42 22.36 -79.29
CA VAL C 242 31.38 23.51 -80.19
C VAL C 242 30.11 23.50 -81.05
N ARG C 243 29.71 22.33 -81.51
CA ARG C 243 28.46 22.18 -82.26
C ARG C 243 27.23 22.60 -81.45
N CYS C 244 27.33 22.49 -80.14
CA CYS C 244 26.27 22.86 -79.24
C CYS C 244 26.33 24.33 -78.88
N GLY C 245 27.44 24.96 -79.21
CA GLY C 245 27.55 26.41 -79.14
C GLY C 245 28.37 26.96 -77.99
N VAL C 246 29.28 26.17 -77.43
CA VAL C 246 30.15 26.69 -76.38
C VAL C 246 31.22 27.59 -77.00
N ARG C 247 31.56 28.66 -76.31
CA ARG C 247 32.39 29.70 -76.91
C ARG C 247 33.88 29.47 -76.69
N THR C 248 34.27 29.02 -75.50
CA THR C 248 35.67 28.74 -75.25
C THR C 248 35.85 27.31 -74.76
N ILE C 249 36.97 26.73 -75.14
CA ILE C 249 37.28 25.35 -74.81
C ILE C 249 38.51 25.38 -73.94
N GLU C 250 38.46 24.65 -72.83
CA GLU C 250 39.56 24.66 -71.87
C GLU C 250 40.46 23.45 -72.08
N HIS C 251 41.76 23.66 -71.94
CA HIS C 251 42.78 22.62 -72.17
C HIS C 251 42.87 22.24 -73.64
N GLY C 252 42.08 21.27 -74.04
CA GLY C 252 41.96 20.92 -75.47
C GLY C 252 43.18 20.22 -76.00
N ASN C 253 43.88 19.51 -75.12
CA ASN C 253 45.20 18.94 -75.41
C ASN C 253 45.19 17.92 -76.52
N LEU C 254 44.03 17.31 -76.77
CA LEU C 254 43.95 16.20 -77.72
C LEU C 254 43.06 16.50 -78.93
N VAL C 255 43.19 17.70 -79.50
CA VAL C 255 42.50 18.02 -80.75
C VAL C 255 43.05 17.25 -81.94
N ASP C 256 42.19 17.02 -82.93
CA ASP C 256 42.62 16.79 -84.31
C ASP C 256 42.34 18.06 -85.11
N GLU C 257 42.92 18.17 -86.30
CA GLU C 257 42.71 19.37 -87.10
C GLU C 257 41.28 19.47 -87.61
N ALA C 258 40.54 18.37 -87.50
CA ALA C 258 39.12 18.38 -87.82
C ALA C 258 38.35 19.27 -86.86
N ALA C 259 38.59 19.06 -85.57
CA ALA C 259 37.91 19.82 -84.54
C ALA C 259 38.39 21.26 -84.54
N ALA C 260 39.69 21.43 -84.71
CA ALA C 260 40.28 22.76 -84.78
C ALA C 260 39.63 23.58 -85.89
N LYS C 261 39.48 22.99 -87.07
CA LYS C 261 38.88 23.67 -88.20
C LYS C 261 37.45 24.06 -87.87
N LEU C 262 36.71 23.15 -87.22
CA LEU C 262 35.35 23.43 -86.77
C LEU C 262 35.29 24.55 -85.73
N MET C 263 36.28 24.58 -84.85
CA MET C 263 36.41 25.64 -83.87
C MET C 263 36.62 27.01 -84.52
N HIS C 264 37.53 27.08 -85.48
CA HIS C 264 37.80 28.33 -86.19
C HIS C 264 36.55 28.83 -86.91
N GLU C 265 35.80 27.89 -87.48
CA GLU C 265 34.60 28.22 -88.23
C GLU C 265 33.53 28.85 -87.35
N HIS C 266 33.31 28.27 -86.19
CA HIS C 266 32.30 28.77 -85.28
C HIS C 266 32.75 29.99 -84.49
N GLY C 267 34.04 30.30 -84.51
CA GLY C 267 34.54 31.47 -83.80
C GLY C 267 34.78 31.18 -82.32
N ALA C 268 35.07 29.91 -82.04
CA ALA C 268 35.34 29.45 -80.70
C ALA C 268 36.80 29.60 -80.30
N PHE C 269 37.05 29.97 -79.06
CA PHE C 269 38.41 30.15 -78.56
C PHE C 269 38.93 28.87 -77.89
N VAL C 270 40.23 28.83 -77.62
CA VAL C 270 40.83 27.76 -76.79
C VAL C 270 41.68 28.38 -75.69
N VAL C 271 41.73 27.75 -74.53
CA VAL C 271 42.62 28.20 -73.47
C VAL C 271 43.41 26.99 -73.02
N PRO C 272 44.57 26.76 -73.64
CA PRO C 272 45.46 25.69 -73.19
C PRO C 272 46.01 26.02 -71.81
N THR C 273 46.34 25.01 -71.03
CA THR C 273 46.88 25.26 -69.70
C THR C 273 48.11 24.41 -69.46
N LEU C 274 49.05 24.47 -70.41
CA LEU C 274 50.16 23.54 -70.47
C LEU C 274 50.99 23.45 -69.19
N VAL C 275 51.18 24.59 -68.52
CA VAL C 275 52.03 24.65 -67.35
C VAL C 275 51.61 23.65 -66.26
N THR C 276 50.31 23.42 -66.10
CA THR C 276 49.83 22.61 -64.99
C THR C 276 50.28 21.16 -65.10
N TYR C 277 50.45 20.69 -66.33
CA TYR C 277 50.83 19.31 -66.56
C TYR C 277 52.32 19.08 -66.31
N ASP C 278 53.13 20.11 -66.54
CA ASP C 278 54.54 20.07 -66.17
C ASP C 278 54.68 20.00 -64.66
N ALA C 279 53.88 20.81 -63.98
CA ALA C 279 53.89 20.88 -62.52
C ALA C 279 53.40 19.57 -61.92
N LEU C 280 52.34 19.01 -62.49
CA LEU C 280 51.81 17.75 -62.00
C LEU C 280 52.70 16.57 -62.40
N ALA C 281 53.56 16.78 -63.39
CA ALA C 281 54.60 15.80 -63.73
C ALA C 281 55.64 15.69 -62.62
N LYS C 282 56.23 16.82 -62.24
CA LYS C 282 57.26 16.82 -61.20
C LYS C 282 56.69 16.53 -59.80
N HIS C 283 55.70 17.30 -59.39
CA HIS C 283 55.24 17.27 -58.00
C HIS C 283 53.80 16.77 -57.87
N GLY C 284 53.48 15.70 -58.61
CA GLY C 284 52.10 15.21 -58.69
C GLY C 284 51.62 14.49 -57.45
N ALA C 285 52.07 13.25 -57.27
CA ALA C 285 51.75 12.47 -56.08
C ALA C 285 52.42 13.07 -54.84
N GLU C 286 53.42 13.90 -55.07
CA GLU C 286 54.18 14.54 -54.00
C GLU C 286 53.36 15.58 -53.23
N PHE C 287 52.52 16.32 -53.93
CA PHE C 287 51.68 17.35 -53.27
C PHE C 287 50.27 16.86 -52.93
N GLY C 288 50.09 15.56 -52.88
CA GLY C 288 48.89 14.98 -52.28
C GLY C 288 47.71 14.78 -53.22
N MET C 289 47.95 14.80 -54.53
CA MET C 289 46.92 14.40 -55.51
C MET C 289 46.95 12.87 -55.73
N PRO C 290 45.79 12.20 -55.56
CA PRO C 290 45.59 10.74 -55.61
C PRO C 290 46.38 10.03 -56.72
N PRO C 291 46.95 8.84 -56.42
CA PRO C 291 47.93 8.15 -57.27
C PRO C 291 47.43 7.78 -58.69
N GLU C 292 46.12 7.64 -58.87
CA GLU C 292 45.53 7.31 -60.18
C GLU C 292 45.12 8.53 -61.01
N SER C 293 45.30 9.72 -60.44
CA SER C 293 45.15 10.98 -61.17
C SER C 293 46.49 11.37 -61.84
N VAL C 294 47.59 11.02 -61.17
CA VAL C 294 48.93 11.22 -61.72
C VAL C 294 49.26 10.18 -62.77
N ALA C 295 48.51 9.08 -62.80
CA ALA C 295 48.61 8.12 -63.91
C ALA C 295 48.06 8.73 -65.20
N LYS C 296 47.03 9.55 -65.07
CA LYS C 296 46.35 10.17 -66.21
C LYS C 296 47.09 11.40 -66.78
N VAL C 297 47.97 11.98 -65.99
CA VAL C 297 48.68 13.20 -66.39
C VAL C 297 49.79 12.94 -67.43
N ALA C 298 50.26 11.70 -67.51
CA ALA C 298 51.34 11.32 -68.42
C ALA C 298 51.00 11.60 -69.89
N SER C 299 49.75 11.34 -70.25
CA SER C 299 49.34 11.31 -71.65
C SER C 299 49.05 12.69 -72.24
N VAL C 300 48.46 13.58 -71.45
CA VAL C 300 47.93 14.83 -71.98
C VAL C 300 48.99 15.87 -72.29
N GLN C 301 50.13 15.80 -71.59
CA GLN C 301 51.20 16.78 -71.76
C GLN C 301 51.98 16.53 -73.03
N GLN C 302 51.96 15.28 -73.49
CA GLN C 302 52.61 14.87 -74.73
C GLN C 302 52.12 15.74 -75.87
N LYS C 303 50.87 15.52 -76.25
CA LYS C 303 50.23 16.24 -77.34
C LYS C 303 50.02 17.72 -77.03
N GLY C 304 50.33 18.11 -75.80
CA GLY C 304 50.08 19.48 -75.35
C GLY C 304 50.75 20.52 -76.22
N ARG C 305 52.08 20.47 -76.26
CA ARG C 305 52.88 21.39 -77.07
CA ARG C 305 52.85 21.40 -77.07
C ARG C 305 52.45 21.30 -78.54
N GLU C 306 52.29 20.07 -79.02
CA GLU C 306 51.86 19.81 -80.40
C GLU C 306 50.56 20.52 -80.78
N SER C 307 49.60 20.53 -79.86
CA SER C 307 48.25 21.01 -80.15
C SER C 307 48.26 22.50 -80.47
N LEU C 308 49.15 23.22 -79.79
CA LEU C 308 49.36 24.64 -80.01
C LEU C 308 49.52 24.93 -81.50
N GLU C 309 50.34 24.12 -82.16
CA GLU C 309 50.59 24.29 -83.58
C GLU C 309 49.35 24.05 -84.41
N ILE C 310 48.61 23.01 -84.05
CA ILE C 310 47.35 22.72 -84.72
C ILE C 310 46.39 23.89 -84.63
N TYR C 311 46.25 24.44 -83.42
CA TYR C 311 45.41 25.61 -83.19
C TYR C 311 45.83 26.83 -84.01
N ALA C 312 47.13 27.09 -84.06
CA ALA C 312 47.68 28.16 -84.87
C ALA C 312 47.35 27.94 -86.34
N ASN C 313 47.56 26.71 -86.79
CA ASN C 313 47.34 26.37 -88.19
C ASN C 313 45.92 26.55 -88.64
N ALA C 314 44.97 26.07 -87.85
CA ALA C 314 43.56 26.25 -88.18
C ALA C 314 43.07 27.67 -87.87
N GLY C 315 43.93 28.48 -87.26
CA GLY C 315 43.59 29.85 -86.95
C GLY C 315 42.49 29.96 -85.91
N VAL C 316 42.69 29.25 -84.80
CA VAL C 316 41.78 29.34 -83.68
C VAL C 316 42.44 30.17 -82.59
N LYS C 317 41.80 31.27 -82.21
CA LYS C 317 42.34 32.14 -81.12
C LYS C 317 42.69 31.40 -79.81
N MET C 318 43.87 31.70 -79.27
CA MET C 318 44.36 31.07 -78.04
C MET C 318 44.52 32.06 -76.89
N GLY C 319 43.90 31.77 -75.76
CA GLY C 319 44.06 32.60 -74.56
C GLY C 319 45.02 31.97 -73.58
N PHE C 320 45.57 32.79 -72.71
CA PHE C 320 46.44 32.31 -71.64
C PHE C 320 45.61 31.58 -70.58
N GLY C 321 46.08 30.41 -70.15
CA GLY C 321 45.57 29.79 -68.93
C GLY C 321 46.62 29.00 -68.18
N SER C 322 46.46 28.86 -66.87
CA SER C 322 47.42 28.09 -66.10
C SER C 322 46.84 26.86 -65.40
N ASP C 323 45.76 27.05 -64.65
CA ASP C 323 45.02 25.96 -64.00
C ASP C 323 45.87 25.26 -62.96
N LEU C 324 46.68 26.00 -62.23
CA LEU C 324 47.52 25.39 -61.22
C LEU C 324 46.78 25.19 -59.88
N LEU C 325 47.15 24.13 -59.17
CA LEU C 325 46.51 23.80 -57.89
C LEU C 325 47.52 23.87 -56.77
N GLY C 326 47.05 24.31 -55.60
CA GLY C 326 47.85 24.25 -54.39
C GLY C 326 49.13 25.06 -54.47
N GLU C 327 50.22 24.51 -53.95
CA GLU C 327 51.46 25.25 -53.86
C GLU C 327 52.12 25.39 -55.23
N MET C 328 51.70 24.55 -56.17
CA MET C 328 52.09 24.70 -57.57
C MET C 328 51.57 26.00 -58.19
N HIS C 329 50.96 26.85 -57.37
CA HIS C 329 50.45 28.11 -57.86
C HIS C 329 51.55 29.06 -58.29
N ALA C 330 52.74 28.81 -57.76
CA ALA C 330 53.88 29.67 -57.98
C ALA C 330 54.36 29.66 -59.43
N PHE C 331 54.06 28.59 -60.16
CA PHE C 331 54.63 28.39 -61.49
C PHE C 331 53.85 29.13 -62.59
N GLN C 332 52.93 29.99 -62.18
CA GLN C 332 51.93 30.60 -63.07
C GLN C 332 52.52 31.22 -64.34
N SER C 333 53.63 31.93 -64.18
CA SER C 333 54.13 32.80 -65.23
C SER C 333 54.88 32.00 -66.27
N GLY C 334 55.33 30.82 -65.87
CA GLY C 334 56.03 29.89 -66.74
C GLY C 334 55.29 29.55 -68.02
N GLU C 335 53.97 29.69 -68.00
CA GLU C 335 53.15 29.41 -69.18
C GLU C 335 53.49 30.32 -70.36
N PHE C 336 53.97 31.52 -70.08
CA PHE C 336 54.52 32.40 -71.10
C PHE C 336 55.67 31.76 -71.87
N ARG C 337 56.64 31.19 -71.16
CA ARG C 337 57.79 30.58 -71.82
C ARG C 337 57.41 29.37 -72.68
N ILE C 338 56.56 28.51 -72.13
CA ILE C 338 56.07 27.33 -72.84
C ILE C 338 55.42 27.73 -74.15
N ARG C 339 54.62 28.78 -74.11
CA ARG C 339 53.93 29.22 -75.30
C ARG C 339 54.85 29.96 -76.27
N ALA C 340 55.81 30.69 -75.73
CA ALA C 340 56.77 31.41 -76.54
C ALA C 340 57.64 30.44 -77.32
N GLU C 341 57.93 29.28 -76.74
CA GLU C 341 58.85 28.34 -77.33
C GLU C 341 58.25 27.67 -78.56
N VAL C 342 56.95 27.78 -78.73
CA VAL C 342 56.33 27.11 -79.85
C VAL C 342 55.87 28.14 -80.85
N LEU C 343 55.07 29.11 -80.38
CA LEU C 343 54.65 30.24 -81.21
C LEU C 343 55.54 31.41 -80.78
N GLY C 344 55.62 32.47 -81.56
CA GLY C 344 56.49 33.58 -81.16
C GLY C 344 56.15 34.10 -79.77
N ASN C 345 57.08 34.79 -79.12
CA ASN C 345 56.71 35.46 -77.89
C ASN C 345 55.83 36.72 -78.04
N LEU C 346 55.61 37.17 -79.27
CA LEU C 346 54.52 38.11 -79.54
C LEU C 346 53.18 37.44 -79.27
N GLU C 347 53.01 36.26 -79.87
CA GLU C 347 51.83 35.46 -79.65
C GLU C 347 51.60 35.12 -78.17
N ALA C 348 52.66 34.75 -77.47
CA ALA C 348 52.59 34.46 -76.04
C ALA C 348 52.05 35.65 -75.25
N LEU C 349 52.50 36.85 -75.59
CA LEU C 349 52.01 38.03 -74.94
C LEU C 349 50.59 38.40 -75.38
N ARG C 350 50.21 38.02 -76.60
CA ARG C 350 48.87 38.33 -77.09
C ARG C 350 47.83 37.51 -76.37
N SER C 351 48.20 36.30 -75.99
CA SER C 351 47.27 35.36 -75.38
CA SER C 351 47.28 35.35 -75.37
C SER C 351 46.79 35.86 -74.03
N ALA C 352 47.67 36.57 -73.33
CA ALA C 352 47.38 37.09 -72.00
C ALA C 352 46.87 38.52 -72.02
N THR C 353 46.68 39.08 -73.21
CA THR C 353 46.28 40.47 -73.32
C THR C 353 45.13 40.64 -74.28
N THR C 354 45.44 40.82 -75.56
CA THR C 354 44.44 41.22 -76.53
C THR C 354 43.43 40.09 -76.74
N VAL C 355 43.93 38.87 -76.84
CA VAL C 355 43.08 37.70 -77.02
C VAL C 355 42.25 37.41 -75.77
N ALA C 356 42.91 37.45 -74.62
CA ALA C 356 42.25 37.24 -73.35
C ALA C 356 41.10 38.23 -73.15
N ALA C 357 41.36 39.51 -73.40
CA ALA C 357 40.33 40.52 -73.14
C ALA C 357 39.12 40.34 -74.04
N GLU C 358 39.34 39.78 -75.22
CA GLU C 358 38.26 39.38 -76.11
C GLU C 358 37.47 38.22 -75.52
N ILE C 359 38.19 37.25 -74.95
CA ILE C 359 37.57 36.11 -74.31
C ILE C 359 36.62 36.57 -73.19
N VAL C 360 37.11 37.44 -72.30
CA VAL C 360 36.27 37.98 -71.26
C VAL C 360 35.35 39.13 -71.70
N ASN C 361 35.16 39.28 -73.01
CA ASN C 361 34.27 40.33 -73.62
C ASN C 361 34.61 41.75 -73.23
N MET C 362 35.88 42.02 -72.99
CA MET C 362 36.30 43.35 -72.56
C MET C 362 37.19 43.97 -73.62
N GLN C 363 36.89 43.68 -74.89
CA GLN C 363 37.67 44.17 -76.03
C GLN C 363 37.67 45.69 -76.02
N GLY C 364 38.84 46.29 -75.91
CA GLY C 364 38.94 47.74 -75.82
C GLY C 364 38.93 48.25 -74.40
N GLN C 365 38.49 47.41 -73.47
CA GLN C 365 38.41 47.79 -72.06
C GLN C 365 39.64 47.35 -71.31
N LEU C 366 40.13 46.15 -71.61
CA LEU C 366 41.34 45.63 -71.00
C LEU C 366 42.25 45.11 -72.11
N GLY C 367 43.47 44.75 -71.75
CA GLY C 367 44.42 44.10 -72.67
C GLY C 367 44.98 45.00 -73.76
N VAL C 368 44.75 46.30 -73.64
CA VAL C 368 45.25 47.25 -74.63
C VAL C 368 45.55 48.61 -73.97
N ILE C 369 46.74 49.16 -74.25
CA ILE C 369 47.04 50.54 -73.86
C ILE C 369 46.56 51.51 -74.93
N ALA C 370 45.35 52.02 -74.75
CA ALA C 370 44.76 52.92 -75.70
C ALA C 370 43.90 53.90 -74.95
N VAL C 371 43.50 54.97 -75.62
CA VAL C 371 42.72 56.01 -74.96
C VAL C 371 41.32 55.47 -74.71
N GLY C 372 40.86 55.60 -73.47
CA GLY C 372 39.52 55.18 -73.13
C GLY C 372 39.50 53.85 -72.41
N ALA C 373 40.60 53.12 -72.48
CA ALA C 373 40.71 51.82 -71.81
C ALA C 373 40.93 51.94 -70.30
N ILE C 374 40.82 50.82 -69.59
CA ILE C 374 40.99 50.79 -68.14
C ILE C 374 42.46 50.67 -67.75
N ALA C 375 42.85 51.36 -66.68
CA ALA C 375 44.24 51.57 -66.38
C ALA C 375 44.84 50.39 -65.61
N ASP C 376 44.86 49.24 -66.27
CA ASP C 376 45.49 48.04 -65.73
C ASP C 376 46.82 47.85 -66.42
N LEU C 377 47.89 48.29 -65.76
CA LEU C 377 49.21 48.34 -66.37
C LEU C 377 50.23 47.55 -65.59
N VAL C 378 51.20 47.04 -66.32
CA VAL C 378 52.37 46.42 -65.72
C VAL C 378 53.58 47.20 -66.21
N VAL C 379 54.51 47.46 -65.30
CA VAL C 379 55.78 48.04 -65.68
C VAL C 379 56.92 47.05 -65.52
N LEU C 380 57.65 46.87 -66.62
CA LEU C 380 58.49 45.72 -66.82
C LEU C 380 59.93 46.20 -67.03
N ASP C 381 60.87 45.59 -66.32
CA ASP C 381 62.29 45.89 -66.44
C ASP C 381 62.95 45.04 -67.54
N GLY C 382 62.89 45.51 -68.78
CA GLY C 382 63.41 44.74 -69.88
C GLY C 382 62.36 44.64 -70.96
N ASN C 383 62.70 43.96 -72.04
CA ASN C 383 61.82 43.90 -73.19
C ASN C 383 61.37 42.47 -73.49
N PRO C 384 60.08 42.18 -73.25
CA PRO C 384 59.53 40.84 -73.39
C PRO C 384 59.52 40.39 -74.84
N LEU C 385 59.46 41.34 -75.75
CA LEU C 385 59.39 41.04 -77.16
C LEU C 385 60.65 40.33 -77.65
N GLU C 386 61.73 40.43 -76.87
CA GLU C 386 62.97 39.72 -77.20
C GLU C 386 63.42 38.71 -76.16
N ASP C 387 63.22 39.03 -74.89
CA ASP C 387 63.39 38.04 -73.85
C ASP C 387 62.07 37.75 -73.12
N ILE C 388 61.50 36.59 -73.39
CA ILE C 388 60.24 36.20 -72.78
C ILE C 388 60.40 35.98 -71.28
N GLY C 389 61.64 35.76 -70.85
CA GLY C 389 61.93 35.54 -69.45
C GLY C 389 61.65 36.72 -68.53
N VAL C 390 61.48 37.92 -69.08
CA VAL C 390 61.22 39.11 -68.25
C VAL C 390 59.80 39.08 -67.69
N VAL C 391 59.00 38.17 -68.23
CA VAL C 391 57.64 37.98 -67.81
C VAL C 391 57.48 36.61 -67.19
N ALA C 392 58.25 35.65 -67.66
CA ALA C 392 58.03 34.24 -67.31
C ALA C 392 58.96 33.75 -66.21
N ASP C 393 59.30 34.61 -65.26
CA ASP C 393 60.27 34.26 -64.23
C ASP C 393 59.80 34.46 -62.78
N GLU C 394 58.50 34.24 -62.55
CA GLU C 394 57.90 34.34 -61.21
C GLU C 394 58.11 35.70 -60.52
N GLY C 395 57.46 36.73 -61.04
CA GLY C 395 57.42 38.06 -60.41
C GLY C 395 58.75 38.79 -60.31
N ALA C 396 59.76 38.24 -60.97
CA ALA C 396 61.14 38.70 -60.81
C ALA C 396 61.35 40.10 -61.39
N ARG C 397 60.91 40.30 -62.63
CA ARG C 397 61.24 41.52 -63.37
C ARG C 397 60.08 42.51 -63.60
N VAL C 398 59.05 42.46 -62.77
CA VAL C 398 57.94 43.42 -62.82
C VAL C 398 57.96 44.26 -61.56
N GLU C 399 58.19 45.56 -61.71
CA GLU C 399 58.35 46.40 -60.53
C GLU C 399 57.20 47.33 -60.26
N TYR C 400 56.31 47.52 -61.23
CA TYR C 400 55.09 48.28 -60.99
C TYR C 400 53.86 47.56 -61.51
N VAL C 401 52.83 47.48 -60.68
CA VAL C 401 51.52 47.05 -61.16
C VAL C 401 50.45 48.10 -60.84
N LEU C 402 49.76 48.55 -61.87
CA LEU C 402 48.67 49.47 -61.69
C LEU C 402 47.34 48.79 -61.96
N GLN C 403 46.36 49.06 -61.11
CA GLN C 403 45.05 48.46 -61.28
C GLN C 403 43.97 49.52 -61.18
N ARG C 404 43.11 49.59 -62.19
CA ARG C 404 42.09 50.64 -62.28
C ARG C 404 42.59 52.01 -61.78
N GLY C 405 43.65 52.51 -62.40
CA GLY C 405 44.17 53.81 -62.05
C GLY C 405 45.22 53.76 -60.97
N THR C 406 44.95 53.06 -59.88
CA THR C 406 45.81 53.14 -58.71
C THR C 406 46.98 52.13 -58.70
N LEU C 407 48.05 52.49 -58.02
CA LEU C 407 49.25 51.67 -57.97
C LEU C 407 49.14 50.66 -56.83
N VAL C 408 49.39 49.38 -57.12
CA VAL C 408 49.11 48.34 -56.15
C VAL C 408 50.33 47.47 -55.82
N LYS C 409 51.34 47.50 -56.67
CA LYS C 409 52.59 46.78 -56.40
C LYS C 409 53.82 47.59 -56.76
N ARG C 410 54.72 47.76 -55.80
CA ARG C 410 56.00 48.40 -56.03
C ARG C 410 57.12 47.43 -55.66
N GLN C 411 57.89 47.02 -56.65
CA GLN C 411 58.82 45.91 -56.47
C GLN C 411 60.18 46.22 -57.07
N THR D 4 -44.70 1.55 -33.50
CA THR D 4 -45.46 0.39 -32.96
C THR D 4 -44.58 -0.49 -32.07
N ILE D 5 -44.96 -1.75 -31.93
CA ILE D 5 -44.78 -2.47 -30.66
C ILE D 5 -44.78 -3.99 -30.88
N THR D 6 -43.98 -4.71 -30.09
CA THR D 6 -43.77 -6.15 -30.30
C THR D 6 -43.80 -6.91 -28.97
N VAL D 7 -44.39 -8.09 -28.97
CA VAL D 7 -44.41 -8.92 -27.77
C VAL D 7 -43.87 -10.31 -28.08
N LEU D 8 -42.81 -10.70 -27.39
CA LEU D 8 -42.44 -12.11 -27.27
C LEU D 8 -43.26 -12.74 -26.16
N GLN D 9 -44.11 -13.69 -26.51
CA GLN D 9 -45.08 -14.22 -25.55
C GLN D 9 -44.78 -15.62 -25.02
N GLY D 10 -44.82 -15.75 -23.70
CA GLY D 10 -44.82 -17.04 -23.04
C GLY D 10 -43.46 -17.70 -22.97
N GLY D 11 -42.43 -16.92 -23.22
CA GLY D 11 -41.08 -17.45 -23.17
C GLY D 11 -40.58 -17.70 -21.76
N ASN D 12 -39.50 -18.44 -21.66
CA ASN D 12 -38.78 -18.56 -20.41
C ASN D 12 -37.64 -17.55 -20.39
N VAL D 13 -37.87 -16.44 -19.70
CA VAL D 13 -36.92 -15.33 -19.66
C VAL D 13 -35.73 -15.66 -18.75
N LEU D 14 -34.52 -15.55 -19.28
CA LEU D 14 -33.33 -15.79 -18.48
C LEU D 14 -33.03 -14.58 -17.63
N ASP D 15 -33.04 -14.77 -16.31
CA ASP D 15 -32.52 -13.76 -15.40
C ASP D 15 -31.16 -14.17 -14.86
N LEU D 16 -30.16 -13.34 -15.08
CA LEU D 16 -28.78 -13.75 -14.95
C LEU D 16 -28.18 -13.52 -13.56
N GLU D 17 -28.61 -12.46 -12.89
CA GLU D 17 -28.06 -12.13 -11.58
C GLU D 17 -28.64 -13.06 -10.53
N ARG D 18 -29.64 -13.79 -10.92
CA ARG D 18 -30.37 -14.66 -10.04
C ARG D 18 -30.04 -16.07 -10.44
N GLY D 19 -29.92 -16.29 -11.74
CA GLY D 19 -29.44 -17.55 -12.28
C GLY D 19 -30.54 -18.58 -12.42
N VAL D 20 -31.68 -18.13 -12.95
CA VAL D 20 -32.85 -18.99 -13.17
C VAL D 20 -33.65 -18.51 -14.38
N LEU D 21 -34.33 -19.45 -15.04
CA LEU D 21 -35.37 -19.11 -16.00
C LEU D 21 -36.63 -18.66 -15.30
N LEU D 22 -37.34 -17.72 -15.91
CA LEU D 22 -38.67 -17.38 -15.44
C LEU D 22 -39.67 -17.77 -16.52
N GLU D 23 -40.37 -18.87 -16.29
CA GLU D 23 -41.23 -19.49 -17.30
C GLU D 23 -42.47 -18.67 -17.61
N HIS D 24 -42.92 -18.76 -18.86
CA HIS D 24 -44.11 -18.07 -19.34
C HIS D 24 -44.13 -16.60 -18.94
N HIS D 25 -42.99 -15.94 -19.08
CA HIS D 25 -42.92 -14.50 -18.97
C HIS D 25 -42.89 -13.86 -20.35
N HIS D 26 -43.80 -12.92 -20.56
CA HIS D 26 -43.86 -12.19 -21.79
C HIS D 26 -42.83 -11.06 -21.69
N VAL D 27 -42.30 -10.62 -22.83
CA VAL D 27 -41.51 -9.40 -22.86
C VAL D 27 -42.00 -8.46 -23.95
N VAL D 28 -42.18 -7.19 -23.57
CA VAL D 28 -42.82 -6.22 -24.45
C VAL D 28 -41.85 -5.17 -24.97
N ILE D 29 -41.69 -5.14 -26.28
CA ILE D 29 -40.78 -4.21 -26.95
C ILE D 29 -41.58 -3.05 -27.53
N ASP D 30 -41.22 -1.83 -27.15
CA ASP D 30 -41.71 -0.64 -27.83
C ASP D 30 -40.55 0.16 -28.41
N GLY D 31 -40.59 0.40 -29.72
CA GLY D 31 -39.49 1.05 -30.40
C GLY D 31 -38.26 0.17 -30.32
N GLU D 32 -37.24 0.66 -29.61
CA GLU D 32 -35.97 -0.06 -29.49
C GLU D 32 -35.74 -0.57 -28.08
N ARG D 33 -36.70 -0.31 -27.18
CA ARG D 33 -36.52 -0.62 -25.77
C ARG D 33 -37.51 -1.62 -25.21
N ILE D 34 -37.08 -2.34 -24.18
CA ILE D 34 -37.94 -3.25 -23.45
C ILE D 34 -38.78 -2.45 -22.47
N VAL D 35 -40.10 -2.57 -22.58
CA VAL D 35 -41.02 -1.79 -21.74
C VAL D 35 -41.59 -2.57 -20.56
N GLU D 36 -41.74 -3.88 -20.73
CA GLU D 36 -42.34 -4.73 -19.70
C GLU D 36 -41.86 -6.19 -19.79
N VAL D 37 -41.63 -6.78 -18.64
CA VAL D 37 -41.37 -8.21 -18.53
C VAL D 37 -42.23 -8.78 -17.42
N THR D 38 -43.24 -9.56 -17.80
CA THR D 38 -44.27 -10.00 -16.87
C THR D 38 -44.84 -11.35 -17.27
N ASP D 39 -45.45 -12.05 -16.31
CA ASP D 39 -46.19 -13.27 -16.62
C ASP D 39 -47.69 -13.03 -16.63
N ARG D 40 -48.06 -11.76 -16.72
CA ARG D 40 -49.41 -11.36 -17.07
C ARG D 40 -49.84 -11.94 -18.39
N PRO D 41 -51.12 -12.34 -18.49
CA PRO D 41 -51.78 -12.19 -19.77
C PRO D 41 -51.65 -10.73 -20.18
N VAL D 42 -51.04 -10.49 -21.33
CA VAL D 42 -50.68 -9.12 -21.67
C VAL D 42 -51.60 -8.57 -22.75
N ASP D 43 -51.77 -7.26 -22.73
CA ASP D 43 -52.86 -6.60 -23.42
C ASP D 43 -52.45 -6.15 -24.82
N LEU D 44 -52.31 -7.11 -25.73
CA LEU D 44 -51.74 -6.83 -27.05
C LEU D 44 -52.78 -6.42 -28.09
N PRO D 45 -52.89 -5.11 -28.34
CA PRO D 45 -53.84 -4.70 -29.35
C PRO D 45 -53.20 -4.76 -30.72
N ASN D 46 -52.18 -3.95 -30.95
CA ASN D 46 -51.51 -3.84 -32.25
C ASN D 46 -50.07 -4.34 -32.23
N ALA D 47 -49.81 -5.34 -31.42
CA ALA D 47 -48.46 -5.84 -31.27
C ALA D 47 -48.19 -7.00 -32.23
N GLN D 48 -46.99 -7.01 -32.81
CA GLN D 48 -46.46 -8.21 -33.46
C GLN D 48 -46.19 -9.28 -32.43
N ALA D 49 -47.12 -10.23 -32.33
CA ALA D 49 -46.93 -11.37 -31.47
C ALA D 49 -45.95 -12.32 -32.13
N ILE D 50 -44.87 -12.64 -31.43
CA ILE D 50 -44.02 -13.76 -31.82
C ILE D 50 -44.10 -14.81 -30.72
N ASP D 51 -44.54 -16.02 -31.06
CA ASP D 51 -44.80 -17.05 -30.08
C ASP D 51 -43.55 -17.79 -29.68
N VAL D 52 -43.19 -17.69 -28.42
CA VAL D 52 -41.97 -18.24 -27.91
C VAL D 52 -42.31 -19.19 -26.77
N ARG D 53 -43.21 -20.13 -27.04
CA ARG D 53 -43.65 -21.05 -26.01
C ARG D 53 -42.57 -22.13 -25.81
N GLY D 54 -42.22 -22.38 -24.55
CA GLY D 54 -41.18 -23.36 -24.20
C GLY D 54 -39.83 -23.13 -24.87
N LYS D 55 -39.42 -21.87 -24.95
CA LYS D 55 -38.15 -21.50 -25.53
C LYS D 55 -37.52 -20.39 -24.70
N THR D 56 -36.22 -20.48 -24.51
CA THR D 56 -35.49 -19.53 -23.68
C THR D 56 -35.27 -18.21 -24.40
N VAL D 57 -35.64 -17.12 -23.75
CA VAL D 57 -35.35 -15.83 -24.31
C VAL D 57 -34.36 -15.12 -23.41
N MET D 58 -33.19 -14.79 -23.96
CA MET D 58 -32.11 -14.19 -23.20
C MET D 58 -31.52 -12.97 -23.93
N PRO D 59 -30.69 -12.17 -23.24
CA PRO D 59 -30.11 -11.00 -23.89
C PRO D 59 -29.19 -11.46 -24.99
N GLY D 60 -29.23 -10.77 -26.13
CA GLY D 60 -28.25 -10.99 -27.20
C GLY D 60 -26.83 -10.95 -26.70
N PHE D 61 -25.96 -11.76 -27.31
CA PHE D 61 -24.62 -11.95 -26.81
C PHE D 61 -23.71 -10.79 -27.22
N ILE D 62 -22.73 -10.50 -26.38
CA ILE D 62 -21.70 -9.54 -26.67
C ILE D 62 -20.33 -10.20 -26.65
N ASP D 63 -19.58 -10.07 -27.74
CA ASP D 63 -18.23 -10.60 -27.81
C ASP D 63 -17.23 -9.45 -27.68
N CYS D 64 -16.31 -9.57 -26.74
CA CYS D 64 -15.48 -8.45 -26.31
C CYS D 64 -14.13 -8.35 -26.98
N HIS D 65 -13.86 -9.25 -27.90
CA HIS D 65 -12.63 -9.22 -28.65
C HIS D 65 -12.87 -9.97 -29.94
N VAL D 66 -13.18 -9.25 -30.99
CA VAL D 66 -13.15 -9.85 -32.32
C VAL D 66 -12.29 -9.01 -33.24
N HIS D 67 -11.82 -9.61 -34.32
CA HIS D 67 -11.32 -8.85 -35.43
C HIS D 67 -12.20 -9.06 -36.64
N VAL D 68 -13.19 -8.18 -36.80
CA VAL D 68 -14.17 -8.30 -37.89
C VAL D 68 -13.55 -8.27 -39.29
N LEU D 69 -12.41 -7.63 -39.42
CA LEU D 69 -11.76 -7.46 -40.73
C LEU D 69 -10.67 -8.49 -41.03
N ALA D 70 -10.38 -9.36 -40.07
CA ALA D 70 -9.43 -10.45 -40.29
C ALA D 70 -10.04 -11.59 -41.13
N SER D 71 -10.09 -11.38 -42.44
CA SER D 71 -10.66 -12.36 -43.35
C SER D 71 -9.69 -13.46 -43.77
N ASN D 72 -8.43 -13.32 -43.41
CA ASN D 72 -7.53 -14.47 -43.44
C ASN D 72 -6.42 -14.46 -42.39
N ALA D 73 -5.94 -15.66 -42.07
CA ALA D 73 -5.21 -15.96 -40.84
C ALA D 73 -3.82 -15.36 -40.78
N ASN D 74 -3.26 -15.05 -41.94
CA ASN D 74 -2.02 -14.31 -42.00
C ASN D 74 -2.30 -12.80 -41.93
N LEU D 75 -2.16 -12.22 -40.76
CA LEU D 75 -2.52 -10.82 -40.55
C LEU D 75 -1.63 -9.86 -41.34
N GLY D 76 -0.39 -10.29 -41.61
CA GLY D 76 0.47 -9.59 -42.55
C GLY D 76 -0.16 -9.43 -43.91
N VAL D 77 -0.56 -10.55 -44.51
CA VAL D 77 -1.15 -10.52 -45.85
C VAL D 77 -2.56 -9.91 -45.83
N ASN D 78 -3.25 -10.02 -44.70
CA ASN D 78 -4.51 -9.35 -44.50
C ASN D 78 -4.39 -7.85 -44.65
N ALA D 79 -3.31 -7.32 -44.07
CA ALA D 79 -3.07 -5.88 -44.14
C ALA D 79 -2.75 -5.43 -45.57
N THR D 80 -2.23 -6.31 -46.39
CA THR D 80 -1.72 -5.91 -47.70
C THR D 80 -2.76 -6.12 -48.79
N GLN D 81 -3.89 -6.73 -48.44
CA GLN D 81 -4.95 -6.98 -49.39
C GLN D 81 -5.68 -5.69 -49.75
N PRO D 82 -6.11 -5.55 -51.02
CA PRO D 82 -6.66 -4.27 -51.50
C PRO D 82 -7.88 -3.85 -50.68
N ASN D 83 -7.99 -2.54 -50.43
CA ASN D 83 -8.97 -1.99 -49.51
C ASN D 83 -10.37 -2.49 -49.74
N ILE D 84 -10.84 -2.38 -50.98
CA ILE D 84 -12.22 -2.72 -51.27
C ILE D 84 -12.49 -4.22 -51.05
N LEU D 85 -11.49 -5.05 -51.35
CA LEU D 85 -11.56 -6.47 -51.03
C LEU D 85 -11.56 -6.79 -49.54
N ALA D 86 -10.69 -6.14 -48.79
CA ALA D 86 -10.73 -6.19 -47.35
C ALA D 86 -12.12 -5.87 -46.81
N ALA D 87 -12.78 -4.86 -47.37
CA ALA D 87 -14.10 -4.46 -46.92
C ALA D 87 -15.15 -5.51 -47.23
N ILE D 88 -15.22 -5.89 -48.49
CA ILE D 88 -16.14 -6.91 -48.98
C ILE D 88 -16.12 -8.16 -48.10
N ARG D 89 -14.92 -8.67 -47.82
CA ARG D 89 -14.75 -9.94 -47.13
C ARG D 89 -15.17 -9.93 -45.66
N SER D 90 -15.41 -8.74 -45.10
CA SER D 90 -15.86 -8.64 -43.73
C SER D 90 -17.37 -8.85 -43.61
N LEU D 91 -18.07 -8.73 -44.72
CA LEU D 91 -19.52 -8.79 -44.73
C LEU D 91 -20.09 -10.16 -44.33
N PRO D 92 -19.66 -11.22 -45.01
CA PRO D 92 -19.99 -12.55 -44.51
C PRO D 92 -19.67 -12.73 -43.03
N ILE D 93 -18.53 -12.22 -42.59
CA ILE D 93 -18.10 -12.38 -41.20
C ILE D 93 -19.10 -11.77 -40.23
N LEU D 94 -19.53 -10.55 -40.52
CA LEU D 94 -20.46 -9.84 -39.67
C LEU D 94 -21.81 -10.54 -39.65
N ASP D 95 -22.26 -10.97 -40.82
CA ASP D 95 -23.53 -11.64 -40.94
C ASP D 95 -23.58 -12.90 -40.10
N ALA D 96 -22.51 -13.68 -40.17
CA ALA D 96 -22.43 -14.97 -39.49
C ALA D 96 -22.41 -14.81 -37.97
N MET D 97 -21.75 -13.78 -37.47
CA MET D 97 -21.71 -13.50 -36.03
C MET D 97 -23.11 -13.23 -35.51
N LEU D 98 -23.89 -12.49 -36.29
CA LEU D 98 -25.18 -12.04 -35.86
C LEU D 98 -26.11 -13.24 -35.78
N SER D 99 -25.99 -14.14 -36.75
CA SER D 99 -26.81 -15.34 -36.79
C SER D 99 -26.51 -16.26 -35.63
N ARG D 100 -25.26 -16.27 -35.17
CA ARG D 100 -24.85 -17.06 -34.01
C ARG D 100 -25.39 -16.45 -32.71
N GLY D 101 -26.01 -15.27 -32.82
CA GLY D 101 -26.65 -14.66 -31.68
C GLY D 101 -25.91 -13.46 -31.11
N PHE D 102 -24.81 -13.08 -31.73
CA PHE D 102 -24.04 -11.96 -31.21
C PHE D 102 -24.59 -10.66 -31.73
N THR D 103 -25.11 -9.83 -30.82
CA THR D 103 -25.74 -8.59 -31.24
C THR D 103 -24.85 -7.36 -31.02
N SER D 104 -23.80 -7.55 -30.23
CA SER D 104 -22.76 -6.53 -30.10
C SER D 104 -21.38 -7.18 -30.12
N VAL D 105 -20.44 -6.54 -30.79
CA VAL D 105 -19.03 -6.97 -30.72
C VAL D 105 -18.11 -5.80 -30.43
N ARG D 106 -17.12 -6.05 -29.59
CA ARG D 106 -16.00 -5.13 -29.44
C ARG D 106 -14.90 -5.53 -30.42
N ASP D 107 -14.64 -4.67 -31.40
CA ASP D 107 -13.57 -4.92 -32.32
C ASP D 107 -12.24 -4.45 -31.78
N ALA D 108 -11.27 -5.36 -31.76
CA ALA D 108 -9.97 -5.13 -31.16
C ALA D 108 -8.93 -4.69 -32.19
N GLY D 109 -9.33 -3.81 -33.09
CA GLY D 109 -8.40 -3.33 -34.11
C GLY D 109 -8.73 -3.84 -35.50
N GLY D 110 -8.98 -2.90 -36.41
CA GLY D 110 -9.42 -3.20 -37.76
C GLY D 110 -10.65 -2.37 -38.12
N ALA D 111 -11.74 -2.60 -37.40
CA ALA D 111 -13.00 -1.93 -37.71
C ALA D 111 -12.95 -0.47 -37.31
N ASP D 112 -13.63 0.36 -38.08
CA ASP D 112 -13.65 1.79 -37.81
C ASP D 112 -15.06 2.28 -37.58
N TRP D 113 -15.20 3.60 -37.50
CA TRP D 113 -16.47 4.27 -37.34
C TRP D 113 -17.42 4.09 -38.54
N SER D 114 -16.87 4.05 -39.76
CA SER D 114 -17.69 3.81 -40.95
C SER D 114 -18.37 2.44 -40.93
N LEU D 115 -17.67 1.43 -40.41
CA LEU D 115 -18.25 0.10 -40.36
C LEU D 115 -19.32 0.11 -39.29
N MET D 116 -19.00 0.75 -38.17
CA MET D 116 -19.96 0.97 -37.11
C MET D 116 -21.22 1.60 -37.63
N GLN D 117 -21.07 2.56 -38.53
CA GLN D 117 -22.22 3.29 -39.09
C GLN D 117 -23.03 2.43 -40.04
N ALA D 118 -22.34 1.55 -40.77
CA ALA D 118 -22.98 0.71 -41.79
C ALA D 118 -24.03 -0.19 -41.18
N VAL D 119 -23.76 -0.73 -39.99
CA VAL D 119 -24.74 -1.59 -39.36
C VAL D 119 -25.84 -0.77 -38.71
N GLU D 120 -25.51 0.42 -38.22
CA GLU D 120 -26.48 1.21 -37.46
C GLU D 120 -27.47 1.86 -38.37
N THR D 121 -27.03 2.24 -39.57
CA THR D 121 -27.97 2.73 -40.57
C THR D 121 -28.68 1.58 -41.29
N GLY D 122 -28.21 0.37 -41.08
CA GLY D 122 -28.84 -0.78 -41.71
C GLY D 122 -28.36 -1.03 -43.12
N LEU D 123 -27.30 -0.36 -43.53
CA LEU D 123 -26.70 -0.62 -44.82
C LEU D 123 -26.13 -2.02 -44.91
N VAL D 124 -25.79 -2.59 -43.76
CA VAL D 124 -25.08 -3.84 -43.69
C VAL D 124 -25.51 -4.64 -42.47
N SER D 125 -25.67 -5.94 -42.64
CA SER D 125 -26.11 -6.77 -41.54
C SER D 125 -24.95 -7.19 -40.65
N GLY D 126 -25.11 -6.98 -39.35
CA GLY D 126 -24.15 -7.47 -38.38
C GLY D 126 -24.48 -6.97 -36.99
N PRO D 127 -23.67 -7.36 -36.01
CA PRO D 127 -23.78 -6.88 -34.64
C PRO D 127 -23.40 -5.42 -34.56
N ARG D 128 -23.86 -4.73 -33.52
CA ARG D 128 -23.35 -3.43 -33.17
C ARG D 128 -21.85 -3.55 -32.91
N ILE D 129 -21.08 -2.62 -33.48
CA ILE D 129 -19.64 -2.64 -33.36
C ILE D 129 -19.16 -1.55 -32.40
N PHE D 130 -18.23 -1.91 -31.52
CA PHE D 130 -17.55 -0.94 -30.70
C PHE D 130 -16.10 -0.88 -31.15
N PRO D 131 -15.82 0.01 -32.11
CA PRO D 131 -14.55 -0.07 -32.82
C PRO D 131 -13.37 0.47 -31.99
N SER D 132 -12.21 -0.19 -32.09
CA SER D 132 -11.00 0.31 -31.50
C SER D 132 -10.24 1.18 -32.48
N GLY D 133 -10.69 1.17 -33.73
CA GLY D 133 -9.93 1.80 -34.80
C GLY D 133 -8.77 0.89 -35.13
N LYS D 134 -7.56 1.39 -34.96
CA LYS D 134 -6.37 0.57 -35.15
C LYS D 134 -5.73 0.29 -33.82
N ALA D 135 -5.21 -0.92 -33.67
CA ALA D 135 -4.45 -1.26 -32.50
C ALA D 135 -3.13 -0.47 -32.49
N LEU D 136 -2.75 0.09 -31.34
CA LEU D 136 -1.41 0.67 -31.24
C LEU D 136 -0.36 -0.39 -30.93
N SER D 137 0.76 -0.34 -31.65
CA SER D 137 1.88 -1.21 -31.38
C SER D 137 3.21 -0.49 -31.53
N GLN D 138 4.14 -0.74 -30.60
CA GLN D 138 5.52 -0.29 -30.78
C GLN D 138 6.19 -0.98 -31.98
N THR D 139 7.32 -0.46 -32.43
CA THR D 139 8.15 -1.06 -33.48
C THR D 139 8.60 -2.48 -33.09
N GLY D 140 8.44 -3.42 -34.00
CA GLY D 140 8.79 -4.80 -33.73
C GLY D 140 7.83 -5.45 -32.76
N GLY D 141 6.67 -4.80 -32.57
CA GLY D 141 5.69 -5.23 -31.58
C GLY D 141 4.68 -6.17 -32.19
N HIS D 142 3.69 -6.59 -31.39
CA HIS D 142 2.66 -7.54 -31.82
C HIS D 142 1.83 -7.02 -33.00
N GLY D 143 2.01 -5.75 -33.36
CA GLY D 143 1.28 -5.17 -34.47
C GLY D 143 2.17 -4.91 -35.67
N ASP D 144 3.47 -5.04 -35.47
CA ASP D 144 4.44 -4.85 -36.55
C ASP D 144 4.60 -6.18 -37.27
N PHE D 145 4.22 -6.24 -38.54
CA PHE D 145 4.19 -7.52 -39.24
C PHE D 145 5.34 -7.62 -40.20
N ARG D 146 6.22 -6.64 -40.16
CA ARG D 146 7.43 -6.63 -40.98
C ARG D 146 8.34 -7.79 -40.60
N PRO D 147 8.80 -8.55 -41.60
CA PRO D 147 9.71 -9.68 -41.37
C PRO D 147 11.07 -9.22 -40.80
N ARG D 148 11.79 -10.14 -40.19
CA ARG D 148 13.06 -9.83 -39.52
C ARG D 148 14.09 -9.21 -40.44
N LEU D 152 14.66 -5.12 -42.93
CA LEU D 152 15.17 -3.79 -43.28
C LEU D 152 14.18 -2.70 -42.88
N GLU D 153 12.90 -3.00 -43.07
CA GLU D 153 11.78 -2.20 -42.54
C GLU D 153 11.83 -0.70 -42.85
N PRO D 154 11.32 -0.30 -44.03
CA PRO D 154 11.08 1.12 -44.30
C PRO D 154 9.88 1.66 -43.49
N CYS D 155 8.90 2.26 -44.14
CA CYS D 155 7.84 2.97 -43.42
C CYS D 155 6.44 2.47 -43.77
N SER D 156 5.48 3.40 -43.90
CA SER D 156 4.14 3.08 -44.44
C SER D 156 3.20 4.27 -44.67
N CYS D 157 2.68 4.89 -43.60
CA CYS D 157 2.03 6.21 -43.68
C CYS D 157 0.57 6.31 -44.20
N CYS D 158 0.07 5.28 -44.88
CA CYS D 158 -1.33 5.27 -45.30
C CYS D 158 -2.14 4.08 -44.80
N PHE D 159 -3.32 4.33 -44.22
CA PHE D 159 -4.04 3.30 -43.51
C PHE D 159 -4.81 2.34 -44.42
N ARG D 160 -4.26 1.14 -44.54
CA ARG D 160 -4.93 0.01 -45.19
C ARG D 160 -6.17 -0.36 -44.42
N THR D 161 -7.24 -0.71 -45.12
CA THR D 161 -8.51 -1.04 -44.46
C THR D 161 -8.45 -2.43 -43.90
N GLY D 162 -7.43 -3.19 -44.31
CA GLY D 162 -7.20 -4.54 -43.81
C GLY D 162 -6.19 -4.65 -42.68
N ALA D 163 -5.77 -3.52 -42.10
CA ALA D 163 -4.71 -3.52 -41.11
C ALA D 163 -5.29 -3.51 -39.70
N ILE D 164 -4.91 -4.50 -38.92
CA ILE D 164 -5.31 -4.60 -37.52
C ILE D 164 -4.71 -3.46 -36.66
N ALA D 165 -3.47 -3.10 -36.93
CA ALA D 165 -2.72 -2.23 -36.04
C ALA D 165 -2.02 -1.13 -36.81
N ARG D 166 -1.47 -0.17 -36.08
CA ARG D 166 -0.50 0.77 -36.59
C ARG D 166 0.72 0.79 -35.67
N VAL D 167 1.86 1.19 -36.21
CA VAL D 167 3.07 1.26 -35.45
C VAL D 167 3.43 2.68 -35.10
N VAL D 168 3.63 2.93 -33.82
CA VAL D 168 3.86 4.26 -33.27
C VAL D 168 4.61 4.10 -31.96
N ASP D 169 5.64 4.93 -31.80
CA ASP D 169 6.51 4.88 -30.64
C ASP D 169 6.63 6.28 -30.10
N GLY D 170 6.83 6.41 -28.80
CA GLY D 170 7.07 7.71 -28.21
C GLY D 170 5.87 8.27 -27.49
N VAL D 171 6.12 8.88 -26.34
CA VAL D 171 5.07 9.56 -25.57
C VAL D 171 4.24 10.50 -26.42
N GLU D 172 4.90 11.35 -27.19
CA GLU D 172 4.16 12.25 -28.10
C GLU D 172 3.49 11.54 -29.25
N GLY D 173 4.12 10.48 -29.74
CA GLY D 173 3.58 9.75 -30.89
C GLY D 173 2.31 9.02 -30.52
N VAL D 174 2.35 8.32 -29.39
CA VAL D 174 1.16 7.63 -28.89
C VAL D 174 0.04 8.59 -28.49
N ARG D 175 0.41 9.75 -27.95
CA ARG D 175 -0.59 10.74 -27.56
C ARG D 175 -1.33 11.21 -28.78
N LEU D 176 -0.57 11.57 -29.79
CA LEU D 176 -1.15 11.94 -31.07
C LEU D 176 -1.96 10.81 -31.67
N ALA D 177 -1.39 9.60 -31.67
CA ALA D 177 -2.13 8.47 -32.23
C ALA D 177 -3.49 8.24 -31.56
N VAL D 178 -3.56 8.31 -30.23
CA VAL D 178 -4.84 8.22 -29.52
C VAL D 178 -5.83 9.37 -29.89
N ARG D 179 -5.37 10.61 -29.83
CA ARG D 179 -6.15 11.73 -30.37
C ARG D 179 -6.69 11.47 -31.77
N GLU D 180 -5.86 10.91 -32.66
CA GLU D 180 -6.32 10.60 -33.99
C GLU D 180 -7.39 9.54 -33.99
N GLU D 181 -7.21 8.50 -33.18
CA GLU D 181 -8.13 7.38 -33.21
C GLU D 181 -9.49 7.75 -32.63
N ILE D 182 -9.48 8.66 -31.69
CA ILE D 182 -10.72 9.17 -31.14
C ILE D 182 -11.43 10.13 -32.11
N GLN D 183 -10.67 10.99 -32.77
CA GLN D 183 -11.25 11.85 -33.78
C GLN D 183 -11.89 11.04 -34.93
N LYS D 184 -11.25 9.94 -35.31
CA LYS D 184 -11.81 9.04 -36.31
C LYS D 184 -12.98 8.22 -35.79
N GLY D 185 -13.18 8.22 -34.48
CA GLY D 185 -14.43 7.74 -33.90
C GLY D 185 -14.36 6.37 -33.24
N ALA D 186 -13.17 5.96 -32.82
CA ALA D 186 -13.01 4.78 -31.97
C ALA D 186 -13.79 4.98 -30.70
N THR D 187 -14.25 3.89 -30.11
CA THR D 187 -15.01 3.95 -28.86
C THR D 187 -14.12 3.62 -27.67
N GLN D 188 -13.09 2.82 -27.89
CA GLN D 188 -12.07 2.61 -26.89
C GLN D 188 -10.72 2.42 -27.59
N ILE D 189 -9.65 2.26 -26.81
CA ILE D 189 -8.29 2.24 -27.32
C ILE D 189 -7.61 0.89 -27.07
N LYS D 190 -7.21 0.20 -28.14
CA LYS D 190 -6.49 -1.08 -28.03
C LYS D 190 -5.00 -0.86 -28.21
N ILE D 191 -4.20 -1.40 -27.28
CA ILE D 191 -2.75 -1.43 -27.42
C ILE D 191 -2.21 -2.84 -27.35
N MET D 192 -1.01 -3.04 -27.86
CA MET D 192 -0.27 -4.28 -27.65
C MET D 192 0.80 -4.04 -26.57
N ALA D 193 0.72 -4.78 -25.47
CA ALA D 193 1.53 -4.49 -24.29
C ALA D 193 2.42 -5.66 -23.94
N SER D 194 2.56 -6.58 -24.89
CA SER D 194 3.44 -7.72 -24.75
C SER D 194 3.55 -8.43 -26.09
N GLY D 195 4.44 -9.40 -26.16
CA GLY D 195 4.60 -10.21 -27.36
C GLY D 195 3.36 -11.03 -27.58
N GLY D 196 3.24 -11.62 -28.76
CA GLY D 196 2.07 -12.40 -29.06
C GLY D 196 2.37 -13.66 -29.81
N VAL D 197 1.40 -14.09 -30.60
CA VAL D 197 1.49 -15.34 -31.33
C VAL D 197 1.51 -15.01 -32.82
N ALA D 198 0.64 -14.09 -33.22
CA ALA D 198 0.35 -13.86 -34.62
C ALA D 198 1.33 -12.92 -35.31
N SER D 199 2.34 -12.42 -34.59
CA SER D 199 3.35 -11.54 -35.17
C SER D 199 4.71 -12.24 -35.33
N PRO D 200 5.50 -11.82 -36.33
CA PRO D 200 6.72 -12.58 -36.67
C PRO D 200 7.86 -12.49 -35.66
N THR D 201 8.13 -11.31 -35.11
CA THR D 201 9.43 -11.05 -34.49
C THR D 201 9.44 -11.04 -32.96
N ASP D 202 8.28 -11.00 -32.32
CA ASP D 202 8.21 -10.86 -30.87
C ASP D 202 7.85 -12.14 -30.12
N PRO D 203 8.80 -12.67 -29.35
CA PRO D 203 8.51 -13.74 -28.40
C PRO D 203 7.50 -13.29 -27.34
N ILE D 204 6.80 -14.25 -26.77
CA ILE D 204 5.61 -13.94 -26.02
C ILE D 204 5.93 -13.39 -24.64
N ALA D 205 7.10 -13.76 -24.10
CA ALA D 205 7.45 -13.40 -22.73
C ALA D 205 7.88 -11.93 -22.57
N ASN D 206 8.11 -11.27 -23.71
CA ASN D 206 8.51 -9.85 -23.77
C ASN D 206 7.40 -8.86 -23.40
N THR D 207 7.77 -7.66 -22.95
CA THR D 207 6.80 -6.61 -22.68
C THR D 207 6.95 -5.53 -23.73
N GLN D 208 5.86 -4.78 -23.98
CA GLN D 208 5.83 -3.79 -25.06
C GLN D 208 5.31 -2.44 -24.60
N TYR D 209 5.83 -1.38 -25.21
CA TYR D 209 5.65 -0.02 -24.67
C TYR D 209 6.30 0.25 -23.31
N SER D 210 6.84 1.44 -23.14
CA SER D 210 7.32 1.90 -21.82
C SER D 210 6.15 2.23 -20.90
N GLU D 211 6.42 2.38 -19.61
CA GLU D 211 5.38 2.78 -18.67
C GLU D 211 4.92 4.20 -18.93
N ASP D 212 5.82 5.02 -19.48
CA ASP D 212 5.49 6.36 -19.88
C ASP D 212 4.53 6.40 -21.06
N GLU D 213 4.78 5.56 -22.06
CA GLU D 213 3.91 5.51 -23.23
C GLU D 213 2.52 5.04 -22.84
N ILE D 214 2.44 4.03 -21.99
CA ILE D 214 1.16 3.47 -21.58
C ILE D 214 0.36 4.47 -20.76
N ARG D 215 0.99 5.13 -19.81
CA ARG D 215 0.29 6.14 -19.03
C ARG D 215 -0.18 7.26 -19.92
N ALA D 216 0.60 7.59 -20.95
CA ALA D 216 0.20 8.66 -21.88
C ALA D 216 -1.09 8.28 -22.59
N ILE D 217 -1.20 7.00 -22.92
CA ILE D 217 -2.26 6.47 -23.75
C ILE D 217 -3.53 6.39 -22.95
N VAL D 218 -3.38 5.88 -21.73
CA VAL D 218 -4.47 5.80 -20.77
C VAL D 218 -5.05 7.20 -20.60
N ASP D 219 -4.18 8.18 -20.46
CA ASP D 219 -4.62 9.52 -20.07
C ASP D 219 -5.46 10.10 -21.15
N GLU D 220 -5.04 9.86 -22.39
CA GLU D 220 -5.68 10.45 -23.55
C GLU D 220 -7.01 9.78 -23.81
N ALA D 221 -7.09 8.50 -23.48
CA ALA D 221 -8.35 7.78 -23.48
C ALA D 221 -9.31 8.29 -22.42
N GLU D 222 -8.82 8.45 -21.19
CA GLU D 222 -9.66 8.91 -20.09
C GLU D 222 -10.14 10.32 -20.38
N ALA D 223 -9.31 11.10 -21.06
CA ALA D 223 -9.70 12.45 -21.44
C ALA D 223 -10.88 12.48 -22.41
N ALA D 224 -11.03 11.45 -23.22
CA ALA D 224 -12.13 11.36 -24.17
C ALA D 224 -13.21 10.45 -23.60
N ASN D 225 -13.21 10.36 -22.26
CA ASN D 225 -14.20 9.61 -21.50
C ASN D 225 -14.34 8.15 -21.97
N THR D 226 -13.22 7.48 -22.16
CA THR D 226 -13.18 6.05 -22.46
C THR D 226 -11.97 5.41 -21.76
N TYR D 227 -11.57 4.21 -22.19
CA TYR D 227 -10.58 3.39 -21.46
C TYR D 227 -9.61 2.73 -22.45
N VAL D 228 -8.68 1.95 -21.90
CA VAL D 228 -7.75 1.18 -22.73
C VAL D 228 -7.89 -0.34 -22.54
N MET D 229 -8.07 -1.06 -23.64
CA MET D 229 -7.91 -2.50 -23.67
C MET D 229 -6.48 -2.85 -24.11
N ALA D 230 -5.86 -3.80 -23.42
CA ALA D 230 -4.43 -4.10 -23.62
C ALA D 230 -4.16 -5.59 -23.79
N HIS D 231 -3.49 -5.95 -24.88
CA HIS D 231 -3.12 -7.33 -25.15
C HIS D 231 -1.86 -7.70 -24.35
N ALA D 232 -1.94 -8.74 -23.52
CA ALA D 232 -0.87 -9.05 -22.55
C ALA D 232 -0.99 -10.49 -22.03
N TYR D 233 0.10 -11.26 -22.09
CA TYR D 233 0.08 -12.66 -21.69
C TYR D 233 0.61 -12.90 -20.28
N THR D 234 1.89 -12.62 -20.04
CA THR D 234 2.50 -12.98 -18.76
C THR D 234 2.04 -12.07 -17.61
N GLY D 235 2.21 -12.54 -16.39
CA GLY D 235 1.82 -11.79 -15.22
C GLY D 235 2.65 -10.53 -15.09
N ARG D 236 3.91 -10.59 -15.49
CA ARG D 236 4.75 -9.42 -15.49
C ARG D 236 4.21 -8.36 -16.44
N ALA D 237 3.81 -8.77 -17.65
CA ALA D 237 3.27 -7.83 -18.63
C ALA D 237 1.92 -7.27 -18.21
N ILE D 238 1.15 -8.08 -17.49
CA ILE D 238 -0.19 -7.71 -17.06
C ILE D 238 -0.10 -6.68 -15.97
N ALA D 239 0.73 -6.93 -14.96
CA ALA D 239 0.74 -6.13 -13.74
C ALA D 239 1.11 -4.69 -14.04
N ARG D 240 2.11 -4.49 -14.90
CA ARG D 240 2.55 -3.14 -15.21
C ARG D 240 1.49 -2.41 -15.99
N ALA D 241 0.89 -3.09 -16.95
CA ALA D 241 -0.19 -2.54 -17.77
C ALA D 241 -1.36 -2.08 -16.91
N VAL D 242 -1.72 -2.90 -15.92
CA VAL D 242 -2.78 -2.59 -14.96
C VAL D 242 -2.40 -1.43 -14.04
N ARG D 243 -1.16 -1.44 -13.54
CA ARG D 243 -0.71 -0.38 -12.65
CA ARG D 243 -0.67 -0.39 -12.65
C ARG D 243 -0.53 0.92 -13.41
N CYS D 244 -0.53 0.83 -14.74
CA CYS D 244 -0.55 2.02 -15.59
C CYS D 244 -1.96 2.48 -15.93
N GLY D 245 -2.95 1.68 -15.57
CA GLY D 245 -4.33 2.13 -15.58
C GLY D 245 -5.10 1.69 -16.82
N VAL D 246 -4.70 0.58 -17.42
CA VAL D 246 -5.55 -0.01 -18.42
C VAL D 246 -6.66 -0.76 -17.70
N ARG D 247 -7.78 -0.94 -18.38
CA ARG D 247 -9.01 -1.37 -17.73
C ARG D 247 -9.37 -2.80 -18.12
N THR D 248 -9.19 -3.17 -19.38
CA THR D 248 -9.36 -4.57 -19.76
C THR D 248 -8.06 -5.19 -20.31
N ILE D 249 -7.77 -6.41 -19.88
CA ILE D 249 -6.61 -7.16 -20.34
C ILE D 249 -7.11 -8.22 -21.29
N GLU D 250 -6.54 -8.27 -22.48
CA GLU D 250 -6.90 -9.26 -23.48
C GLU D 250 -6.00 -10.48 -23.43
N HIS D 251 -6.61 -11.65 -23.57
CA HIS D 251 -5.93 -12.94 -23.43
C HIS D 251 -5.57 -13.28 -21.99
N GLY D 252 -4.41 -12.84 -21.55
CA GLY D 252 -4.01 -13.02 -20.16
C GLY D 252 -3.75 -14.46 -19.76
N ASN D 253 -3.37 -15.29 -20.74
CA ASN D 253 -3.20 -16.73 -20.49
C ASN D 253 -2.20 -17.11 -19.42
N LEU D 254 -1.18 -16.25 -19.19
CA LEU D 254 -0.08 -16.61 -18.31
C LEU D 254 0.02 -15.80 -17.02
N VAL D 255 -1.12 -15.48 -16.42
CA VAL D 255 -1.16 -14.82 -15.11
C VAL D 255 -0.58 -15.68 -14.02
N ASP D 256 -0.02 -15.03 -13.00
CA ASP D 256 0.10 -15.62 -11.68
C ASP D 256 -1.00 -15.03 -10.80
N GLU D 257 -1.10 -15.50 -9.58
CA GLU D 257 -2.17 -15.03 -8.73
C GLU D 257 -1.82 -13.68 -8.12
N ALA D 258 -0.56 -13.30 -8.20
CA ALA D 258 -0.14 -12.00 -7.70
C ALA D 258 -0.74 -10.89 -8.56
N ALA D 259 -0.62 -11.07 -9.88
CA ALA D 259 -1.15 -10.13 -10.89
C ALA D 259 -2.67 -10.16 -10.92
N ALA D 260 -3.23 -11.36 -10.84
CA ALA D 260 -4.67 -11.52 -10.64
C ALA D 260 -5.20 -10.73 -9.45
N LYS D 261 -4.55 -10.91 -8.29
CA LYS D 261 -4.92 -10.19 -7.07
C LYS D 261 -4.90 -8.69 -7.33
N LEU D 262 -3.86 -8.23 -8.03
CA LEU D 262 -3.68 -6.83 -8.34
C LEU D 262 -4.78 -6.33 -9.25
N MET D 263 -5.19 -7.14 -10.22
CA MET D 263 -6.25 -6.80 -11.15
C MET D 263 -7.60 -6.62 -10.46
N HIS D 264 -7.94 -7.59 -9.63
CA HIS D 264 -9.10 -7.49 -8.75
C HIS D 264 -9.12 -6.19 -7.97
N GLU D 265 -8.00 -5.86 -7.36
CA GLU D 265 -7.85 -4.68 -6.53
C GLU D 265 -8.05 -3.39 -7.31
N HIS D 266 -7.56 -3.36 -8.55
CA HIS D 266 -7.65 -2.15 -9.35
C HIS D 266 -8.95 -2.09 -10.09
N GLY D 267 -9.66 -3.20 -10.11
CA GLY D 267 -10.99 -3.24 -10.71
C GLY D 267 -10.86 -3.37 -12.21
N ALA D 268 -9.84 -4.10 -12.63
CA ALA D 268 -9.61 -4.34 -14.05
C ALA D 268 -10.31 -5.63 -14.52
N PHE D 269 -10.77 -5.64 -15.76
CA PHE D 269 -11.42 -6.82 -16.34
C PHE D 269 -10.42 -7.69 -17.09
N VAL D 270 -10.78 -8.94 -17.35
CA VAL D 270 -10.05 -9.79 -18.30
C VAL D 270 -10.97 -10.26 -19.39
N VAL D 271 -10.42 -10.46 -20.58
CA VAL D 271 -11.11 -11.14 -21.65
C VAL D 271 -10.22 -12.27 -22.21
N PRO D 272 -10.35 -13.49 -21.67
CA PRO D 272 -9.72 -14.67 -22.27
C PRO D 272 -10.29 -14.96 -23.66
N THR D 273 -9.51 -15.62 -24.50
CA THR D 273 -9.94 -15.92 -25.87
C THR D 273 -9.47 -17.31 -26.21
N LEU D 274 -9.92 -18.29 -25.42
CA LEU D 274 -9.34 -19.61 -25.46
C LEU D 274 -9.58 -20.33 -26.77
N VAL D 275 -10.72 -20.08 -27.38
CA VAL D 275 -11.11 -20.79 -28.59
C VAL D 275 -10.12 -20.61 -29.73
N THR D 276 -9.46 -19.46 -29.78
CA THR D 276 -8.58 -19.17 -30.90
C THR D 276 -7.32 -20.02 -30.91
N TYR D 277 -6.92 -20.53 -29.74
CA TYR D 277 -5.70 -21.33 -29.66
C TYR D 277 -5.96 -22.77 -30.03
N ASP D 278 -7.16 -23.27 -29.72
CA ASP D 278 -7.60 -24.56 -30.22
C ASP D 278 -7.69 -24.57 -31.73
N ALA D 279 -8.26 -23.52 -32.29
CA ALA D 279 -8.38 -23.37 -33.73
C ALA D 279 -7.01 -23.27 -34.39
N LEU D 280 -6.11 -22.53 -33.77
CA LEU D 280 -4.79 -22.38 -34.33
C LEU D 280 -3.92 -23.61 -34.10
N ALA D 281 -4.24 -24.41 -33.08
CA ALA D 281 -3.61 -25.72 -32.94
C ALA D 281 -3.96 -26.65 -34.10
N LYS D 282 -5.24 -26.75 -34.43
CA LYS D 282 -5.71 -27.68 -35.45
C LYS D 282 -5.34 -27.19 -36.85
N HIS D 283 -5.77 -25.99 -37.20
CA HIS D 283 -5.71 -25.53 -38.58
C HIS D 283 -4.79 -24.32 -38.69
N GLY D 284 -3.65 -24.39 -38.01
CA GLY D 284 -2.79 -23.22 -37.89
C GLY D 284 -1.99 -22.94 -39.13
N ALA D 285 -0.97 -23.76 -39.37
CA ALA D 285 -0.17 -23.68 -40.57
C ALA D 285 -1.01 -23.99 -41.80
N GLU D 286 -2.06 -24.76 -41.59
CA GLU D 286 -3.00 -25.15 -42.64
C GLU D 286 -3.70 -23.97 -43.32
N PHE D 287 -4.12 -22.98 -42.53
CA PHE D 287 -4.85 -21.83 -43.07
C PHE D 287 -3.95 -20.64 -43.35
N GLY D 288 -2.65 -20.90 -43.48
CA GLY D 288 -1.73 -19.93 -44.05
C GLY D 288 -1.07 -18.98 -43.08
N MET D 289 -1.17 -19.26 -41.77
CA MET D 289 -0.42 -18.50 -40.77
C MET D 289 1.01 -19.02 -40.68
N PRO D 290 2.01 -18.13 -40.83
CA PRO D 290 3.45 -18.43 -40.88
C PRO D 290 3.90 -19.45 -39.84
N PRO D 291 4.78 -20.39 -40.25
CA PRO D 291 5.18 -21.56 -39.48
C PRO D 291 5.78 -21.28 -38.10
N GLU D 292 6.37 -20.10 -37.91
CA GLU D 292 6.97 -19.77 -36.61
C GLU D 292 5.99 -19.07 -35.66
N SER D 293 4.79 -18.78 -36.16
CA SER D 293 3.70 -18.31 -35.31
C SER D 293 2.96 -19.47 -34.65
N VAL D 294 2.75 -20.55 -35.40
CA VAL D 294 2.15 -21.77 -34.88
C VAL D 294 3.07 -22.46 -33.87
N ALA D 295 4.35 -22.10 -33.89
CA ALA D 295 5.30 -22.59 -32.90
C ALA D 295 4.95 -22.00 -31.54
N LYS D 296 4.50 -20.75 -31.53
CA LYS D 296 4.24 -20.02 -30.30
C LYS D 296 2.90 -20.36 -29.67
N VAL D 297 2.01 -20.93 -30.48
CA VAL D 297 0.64 -21.20 -30.04
C VAL D 297 0.55 -22.38 -29.09
N ALA D 298 1.56 -23.25 -29.16
CA ALA D 298 1.61 -24.44 -28.32
C ALA D 298 1.57 -24.08 -26.85
N SER D 299 2.30 -23.03 -26.48
CA SER D 299 2.59 -22.76 -25.08
C SER D 299 1.46 -22.09 -24.33
N VAL D 300 0.70 -21.24 -25.01
CA VAL D 300 -0.29 -20.40 -24.35
C VAL D 300 -1.61 -21.11 -24.06
N GLN D 301 -1.92 -22.13 -24.83
CA GLN D 301 -3.18 -22.85 -24.64
C GLN D 301 -3.13 -23.75 -23.42
N GLN D 302 -1.92 -24.18 -23.04
CA GLN D 302 -1.68 -24.98 -21.84
C GLN D 302 -2.28 -24.35 -20.59
N LYS D 303 -1.70 -23.22 -20.20
CA LYS D 303 -2.13 -22.51 -19.02
C LYS D 303 -3.49 -21.83 -19.24
N GLY D 304 -4.01 -21.93 -20.46
CA GLY D 304 -5.23 -21.22 -20.84
C GLY D 304 -6.39 -21.47 -19.92
N ARG D 305 -6.80 -22.73 -19.84
CA ARG D 305 -7.87 -23.14 -18.95
C ARG D 305 -7.50 -22.94 -17.48
N GLU D 306 -6.28 -23.27 -17.13
CA GLU D 306 -5.83 -23.07 -15.78
C GLU D 306 -6.02 -21.63 -15.33
N SER D 307 -5.82 -20.68 -16.24
CA SER D 307 -5.85 -19.26 -15.91
C SER D 307 -7.25 -18.82 -15.49
N LEU D 308 -8.25 -19.43 -16.11
CA LEU D 308 -9.65 -19.16 -15.79
C LEU D 308 -9.92 -19.33 -14.31
N GLU D 309 -9.35 -20.39 -13.74
CA GLU D 309 -9.46 -20.67 -12.33
C GLU D 309 -8.80 -19.62 -11.46
N ILE D 310 -7.60 -19.20 -11.85
CA ILE D 310 -6.88 -18.17 -11.12
C ILE D 310 -7.69 -16.87 -11.11
N TYR D 311 -8.23 -16.51 -12.27
CA TYR D 311 -9.09 -15.35 -12.39
C TYR D 311 -10.33 -15.44 -11.52
N ALA D 312 -11.00 -16.58 -11.55
CA ALA D 312 -12.15 -16.84 -10.69
C ALA D 312 -11.79 -16.73 -9.21
N ASN D 313 -10.66 -17.34 -8.82
CA ASN D 313 -10.19 -17.30 -7.45
C ASN D 313 -9.91 -15.92 -6.93
N ALA D 314 -9.26 -15.10 -7.75
CA ALA D 314 -8.91 -13.74 -7.33
C ALA D 314 -10.12 -12.80 -7.37
N GLY D 315 -11.17 -13.21 -8.07
CA GLY D 315 -12.38 -12.44 -8.14
C GLY D 315 -12.28 -11.36 -9.20
N VAL D 316 -11.77 -11.74 -10.37
CA VAL D 316 -11.58 -10.81 -11.46
C VAL D 316 -12.67 -11.05 -12.49
N LYS D 317 -13.41 -10.02 -12.85
CA LYS D 317 -14.51 -10.15 -13.81
C LYS D 317 -14.03 -10.56 -15.20
N MET D 318 -14.62 -11.63 -15.76
CA MET D 318 -14.18 -12.19 -17.04
C MET D 318 -15.21 -11.97 -18.12
N GLY D 319 -14.79 -11.43 -19.25
CA GLY D 319 -15.67 -11.25 -20.41
C GLY D 319 -15.43 -12.29 -21.48
N PHE D 320 -16.37 -12.40 -22.41
CA PHE D 320 -16.31 -13.35 -23.53
C PHE D 320 -15.51 -12.80 -24.71
N GLY D 321 -14.52 -13.55 -25.17
CA GLY D 321 -13.74 -13.16 -26.35
C GLY D 321 -13.42 -14.30 -27.29
N SER D 322 -13.48 -14.04 -28.57
CA SER D 322 -13.19 -15.05 -29.51
C SER D 322 -11.82 -14.97 -30.19
N ASP D 323 -11.50 -13.80 -30.72
CA ASP D 323 -10.23 -13.54 -31.39
C ASP D 323 -9.91 -14.53 -32.50
N LEU D 324 -10.95 -15.02 -33.19
CA LEU D 324 -10.73 -15.90 -34.33
C LEU D 324 -10.39 -15.17 -35.64
N LEU D 325 -9.58 -15.80 -36.49
CA LEU D 325 -9.14 -15.16 -37.73
C LEU D 325 -9.54 -16.01 -38.93
N GLY D 326 -9.75 -15.35 -40.06
CA GLY D 326 -10.11 -16.04 -41.30
C GLY D 326 -11.28 -17.00 -41.17
N GLU D 327 -11.16 -18.14 -41.81
CA GLU D 327 -12.26 -19.09 -41.86
C GLU D 327 -12.45 -19.82 -40.54
N MET D 328 -11.51 -19.60 -39.62
CA MET D 328 -11.64 -20.09 -38.24
C MET D 328 -12.71 -19.31 -37.44
N HIS D 329 -13.26 -18.26 -38.04
CA HIS D 329 -14.36 -17.49 -37.44
C HIS D 329 -15.59 -18.32 -37.09
N ALA D 330 -15.78 -19.42 -37.83
CA ALA D 330 -16.93 -20.30 -37.64
C ALA D 330 -17.05 -20.83 -36.21
N PHE D 331 -15.93 -20.92 -35.50
CA PHE D 331 -15.86 -21.59 -34.21
C PHE D 331 -16.21 -20.67 -33.05
N GLN D 332 -16.70 -19.49 -33.37
CA GLN D 332 -16.95 -18.44 -32.38
C GLN D 332 -17.72 -18.89 -31.14
N SER D 333 -18.78 -19.67 -31.33
CA SER D 333 -19.66 -20.03 -30.22
C SER D 333 -19.02 -21.01 -29.28
N GLY D 334 -18.05 -21.75 -29.81
CA GLY D 334 -17.35 -22.80 -29.07
C GLY D 334 -16.73 -22.34 -27.77
N GLU D 335 -16.44 -21.04 -27.67
CA GLU D 335 -15.88 -20.48 -26.44
C GLU D 335 -16.79 -20.69 -25.21
N PHE D 336 -18.10 -20.70 -25.42
CA PHE D 336 -19.07 -20.91 -24.35
C PHE D 336 -18.82 -22.24 -23.68
N ARG D 337 -18.63 -23.25 -24.52
CA ARG D 337 -18.38 -24.62 -24.06
CA ARG D 337 -18.37 -24.63 -24.09
C ARG D 337 -17.11 -24.71 -23.21
N ILE D 338 -16.02 -24.16 -23.74
CA ILE D 338 -14.73 -24.16 -23.03
C ILE D 338 -14.84 -23.51 -21.65
N ARG D 339 -15.58 -22.42 -21.58
CA ARG D 339 -15.73 -21.69 -20.34
C ARG D 339 -16.66 -22.38 -19.36
N ALA D 340 -17.77 -22.86 -19.88
CA ALA D 340 -18.72 -23.66 -19.13
C ALA D 340 -18.06 -24.86 -18.47
N GLU D 341 -17.11 -25.45 -19.18
CA GLU D 341 -16.44 -26.63 -18.69
C GLU D 341 -15.59 -26.31 -17.46
N VAL D 342 -15.07 -25.09 -17.38
CA VAL D 342 -14.18 -24.76 -16.28
C VAL D 342 -14.93 -24.10 -15.14
N LEU D 343 -15.74 -23.10 -15.47
CA LEU D 343 -16.62 -22.44 -14.50
C LEU D 343 -18.03 -22.87 -14.85
N GLY D 344 -18.98 -22.84 -13.92
CA GLY D 344 -20.35 -23.28 -14.28
C GLY D 344 -20.88 -22.55 -15.51
N ASN D 345 -21.79 -23.16 -16.27
CA ASN D 345 -22.35 -22.46 -17.44
C ASN D 345 -23.24 -21.25 -17.19
N LEU D 346 -23.58 -21.01 -15.94
CA LEU D 346 -24.03 -19.68 -15.51
C LEU D 346 -22.96 -18.65 -15.81
N GLU D 347 -21.76 -18.88 -15.31
CA GLU D 347 -20.62 -17.99 -15.58
C GLU D 347 -20.33 -17.77 -17.06
N ALA D 348 -20.39 -18.84 -17.86
CA ALA D 348 -20.15 -18.73 -19.29
C ALA D 348 -21.13 -17.76 -19.92
N LEU D 349 -22.40 -17.89 -19.55
CA LEU D 349 -23.42 -16.96 -20.01
C LEU D 349 -23.24 -15.52 -19.50
N ARG D 350 -22.87 -15.37 -18.24
CA ARG D 350 -22.65 -14.05 -17.66
C ARG D 350 -21.53 -13.31 -18.39
N SER D 351 -20.54 -14.06 -18.85
CA SER D 351 -19.41 -13.46 -19.54
CA SER D 351 -19.40 -13.48 -19.55
C SER D 351 -19.82 -12.79 -20.85
N ALA D 352 -20.82 -13.35 -21.52
CA ALA D 352 -21.25 -12.79 -22.82
C ALA D 352 -22.42 -11.83 -22.74
N THR D 353 -22.89 -11.57 -21.52
CA THR D 353 -24.04 -10.72 -21.29
C THR D 353 -23.76 -9.60 -20.29
N THR D 354 -23.86 -9.90 -18.99
CA THR D 354 -23.76 -8.89 -17.94
C THR D 354 -22.35 -8.34 -17.71
N VAL D 355 -21.38 -9.21 -17.48
CA VAL D 355 -19.99 -8.80 -17.43
C VAL D 355 -19.59 -8.03 -18.68
N ALA D 356 -19.94 -8.57 -19.85
CA ALA D 356 -19.68 -7.94 -21.14
C ALA D 356 -20.22 -6.52 -21.22
N ALA D 357 -21.52 -6.37 -21.00
CA ALA D 357 -22.13 -5.06 -21.03
C ALA D 357 -21.45 -4.01 -20.14
N GLU D 358 -20.97 -4.45 -18.98
CA GLU D 358 -20.19 -3.61 -18.10
C GLU D 358 -18.84 -3.18 -18.72
N ILE D 359 -18.13 -4.14 -19.31
CA ILE D 359 -16.89 -3.85 -20.04
C ILE D 359 -17.10 -2.76 -21.07
N VAL D 360 -18.16 -2.85 -21.86
CA VAL D 360 -18.43 -1.82 -22.88
C VAL D 360 -19.21 -0.62 -22.37
N ASN D 361 -19.31 -0.49 -21.05
CA ASN D 361 -19.93 0.65 -20.35
C ASN D 361 -21.43 0.81 -20.57
N MET D 362 -22.11 -0.30 -20.83
CA MET D 362 -23.54 -0.29 -21.16
C MET D 362 -24.31 -1.07 -20.13
N GLN D 363 -23.83 -1.03 -18.89
CA GLN D 363 -24.53 -1.62 -17.75
CA GLN D 363 -24.53 -1.63 -17.75
C GLN D 363 -25.95 -1.08 -17.70
N GLY D 364 -26.93 -1.97 -17.84
CA GLY D 364 -28.32 -1.54 -17.87
C GLY D 364 -28.87 -1.31 -19.27
N GLN D 365 -27.99 -1.04 -20.22
CA GLN D 365 -28.41 -0.82 -21.59
C GLN D 365 -28.48 -2.12 -22.37
N LEU D 366 -27.42 -2.92 -22.25
CA LEU D 366 -27.30 -4.19 -22.93
C LEU D 366 -27.06 -5.27 -21.88
N GLY D 367 -27.18 -6.53 -22.31
CA GLY D 367 -26.79 -7.66 -21.47
C GLY D 367 -27.75 -7.99 -20.35
N VAL D 368 -28.94 -7.42 -20.38
CA VAL D 368 -29.95 -7.73 -19.38
C VAL D 368 -31.35 -7.57 -19.95
N ILE D 369 -32.24 -8.51 -19.66
CA ILE D 369 -33.64 -8.33 -19.98
C ILE D 369 -34.37 -7.62 -18.84
N ALA D 370 -34.60 -6.33 -19.02
CA ALA D 370 -35.12 -5.49 -17.95
C ALA D 370 -35.78 -4.26 -18.56
N VAL D 371 -36.66 -3.66 -17.77
CA VAL D 371 -37.42 -2.50 -18.23
C VAL D 371 -36.44 -1.36 -18.47
N GLY D 372 -36.44 -0.83 -19.69
CA GLY D 372 -35.64 0.34 -20.02
C GLY D 372 -34.44 -0.03 -20.84
N ALA D 373 -34.14 -1.33 -20.89
CA ALA D 373 -32.97 -1.84 -21.61
C ALA D 373 -33.21 -1.93 -23.11
N ILE D 374 -32.13 -1.98 -23.88
CA ILE D 374 -32.24 -2.08 -25.33
C ILE D 374 -32.68 -3.47 -25.74
N ALA D 375 -33.54 -3.55 -26.74
CA ALA D 375 -34.12 -4.82 -27.14
C ALA D 375 -33.20 -5.60 -28.06
N ASP D 376 -32.10 -6.08 -27.50
CA ASP D 376 -31.22 -7.02 -28.17
C ASP D 376 -31.45 -8.38 -27.54
N LEU D 377 -32.26 -9.19 -28.21
CA LEU D 377 -32.70 -10.45 -27.65
C LEU D 377 -32.33 -11.61 -28.55
N VAL D 378 -32.08 -12.75 -27.90
CA VAL D 378 -31.93 -13.99 -28.59
C VAL D 378 -33.00 -14.96 -28.08
N VAL D 379 -33.60 -15.70 -29.01
CA VAL D 379 -34.59 -16.73 -28.69
C VAL D 379 -34.04 -18.11 -29.00
N LEU D 380 -33.99 -18.92 -27.96
CA LEU D 380 -33.13 -20.10 -27.92
C LEU D 380 -33.97 -21.36 -27.74
N ASP D 381 -33.71 -22.37 -28.55
CA ASP D 381 -34.42 -23.65 -28.45
C ASP D 381 -33.74 -24.63 -27.48
N GLY D 382 -34.07 -24.52 -26.20
CA GLY D 382 -33.36 -25.30 -25.20
C GLY D 382 -33.00 -24.42 -24.04
N ASN D 383 -32.54 -25.02 -22.95
CA ASN D 383 -32.16 -24.26 -21.78
C ASN D 383 -30.66 -24.33 -21.52
N PRO D 384 -29.95 -23.22 -21.77
CA PRO D 384 -28.50 -23.17 -21.73
C PRO D 384 -27.97 -23.34 -20.34
N LEU D 385 -28.83 -23.12 -19.36
CA LEU D 385 -28.41 -23.19 -17.98
C LEU D 385 -28.13 -24.65 -17.63
N GLU D 386 -28.68 -25.56 -18.42
CA GLU D 386 -28.43 -26.96 -18.19
C GLU D 386 -27.67 -27.63 -19.30
N ASP D 387 -28.00 -27.29 -20.54
CA ASP D 387 -27.18 -27.68 -21.68
C ASP D 387 -26.54 -26.46 -22.36
N ILE D 388 -25.23 -26.32 -22.17
CA ILE D 388 -24.46 -25.22 -22.75
C ILE D 388 -24.33 -25.36 -24.27
N GLY D 389 -24.59 -26.55 -24.78
CA GLY D 389 -24.57 -26.79 -26.21
C GLY D 389 -25.59 -25.98 -26.99
N VAL D 390 -26.67 -25.56 -26.34
CA VAL D 390 -27.75 -24.88 -27.05
C VAL D 390 -27.27 -23.52 -27.55
N VAL D 391 -26.18 -23.05 -26.97
CA VAL D 391 -25.56 -21.83 -27.42
C VAL D 391 -24.26 -22.10 -28.18
N ALA D 392 -23.49 -23.07 -27.70
CA ALA D 392 -22.13 -23.29 -28.16
C ALA D 392 -22.06 -24.13 -29.43
N ASP D 393 -23.18 -24.31 -30.09
CA ASP D 393 -23.21 -25.20 -31.24
C ASP D 393 -23.34 -24.43 -32.54
N GLU D 394 -22.78 -23.23 -32.56
CA GLU D 394 -22.54 -22.52 -33.81
C GLU D 394 -23.86 -22.12 -34.49
N GLY D 395 -24.73 -21.46 -33.75
CA GLY D 395 -26.01 -20.98 -34.29
C GLY D 395 -27.09 -22.03 -34.55
N ALA D 396 -26.78 -23.30 -34.31
CA ALA D 396 -27.70 -24.41 -34.59
C ALA D 396 -29.07 -24.21 -33.95
N ARG D 397 -29.07 -23.81 -32.69
CA ARG D 397 -30.28 -23.87 -31.89
C ARG D 397 -30.79 -22.48 -31.51
N VAL D 398 -30.46 -21.48 -32.31
CA VAL D 398 -31.02 -20.14 -32.12
C VAL D 398 -31.93 -19.76 -33.27
N GLU D 399 -33.21 -19.51 -32.98
CA GLU D 399 -34.14 -19.29 -34.06
C GLU D 399 -34.72 -17.89 -34.20
N TYR D 400 -34.54 -17.05 -33.18
CA TYR D 400 -34.78 -15.63 -33.39
C TYR D 400 -33.67 -14.77 -32.83
N VAL D 401 -33.29 -13.75 -33.60
CA VAL D 401 -32.42 -12.69 -33.08
C VAL D 401 -33.10 -11.33 -33.26
N LEU D 402 -33.24 -10.60 -32.16
CA LEU D 402 -33.76 -9.24 -32.21
C LEU D 402 -32.67 -8.24 -31.93
N GLN D 403 -32.66 -7.15 -32.68
CA GLN D 403 -31.64 -6.13 -32.54
C GLN D 403 -32.31 -4.76 -32.50
N ARG D 404 -32.17 -4.09 -31.35
CA ARG D 404 -32.76 -2.77 -31.15
C ARG D 404 -34.24 -2.78 -31.54
N GLY D 405 -34.98 -3.76 -31.02
CA GLY D 405 -36.39 -3.85 -31.34
C GLY D 405 -36.72 -4.73 -32.52
N THR D 406 -36.07 -4.51 -33.66
CA THR D 406 -36.47 -5.21 -34.87
C THR D 406 -35.90 -6.63 -35.00
N LEU D 407 -36.58 -7.46 -35.79
CA LEU D 407 -36.23 -8.87 -35.91
C LEU D 407 -35.29 -9.12 -37.09
N VAL D 408 -34.09 -9.64 -36.82
CA VAL D 408 -33.06 -9.70 -37.85
C VAL D 408 -32.75 -11.08 -38.37
N LYS D 409 -33.00 -12.10 -37.54
CA LYS D 409 -32.83 -13.47 -37.97
C LYS D 409 -34.03 -14.34 -37.60
N ARG D 410 -34.50 -15.11 -38.58
CA ARG D 410 -35.51 -16.14 -38.35
C ARG D 410 -35.02 -17.49 -38.89
N GLN D 411 -34.78 -18.43 -37.98
CA GLN D 411 -33.99 -19.62 -38.29
C GLN D 411 -34.66 -20.88 -37.81
N THR E 4 -3.21 69.74 -28.80
CA THR E 4 -4.35 70.48 -28.19
C THR E 4 -5.25 69.58 -27.34
N ILE E 5 -6.49 69.99 -27.12
CA ILE E 5 -7.20 69.70 -25.86
C ILE E 5 -8.74 69.74 -26.02
N THR E 6 -9.46 68.92 -25.25
CA THR E 6 -10.89 68.72 -25.44
C THR E 6 -11.61 68.66 -24.08
N VAL E 7 -12.83 69.20 -24.02
CA VAL E 7 -13.65 69.11 -22.82
C VAL E 7 -15.04 68.56 -23.08
N LEU E 8 -15.37 67.44 -22.43
CA LEU E 8 -16.76 67.00 -22.30
C LEU E 8 -17.38 67.69 -21.10
N GLN E 9 -18.38 68.53 -21.35
CA GLN E 9 -18.86 69.43 -20.32
C GLN E 9 -20.27 69.12 -19.87
N GLY E 10 -20.46 69.13 -18.56
CA GLY E 10 -21.79 69.06 -17.95
C GLY E 10 -22.38 67.66 -17.92
N GLY E 11 -21.55 66.65 -18.19
CA GLY E 11 -22.00 65.28 -18.21
C GLY E 11 -22.27 64.72 -16.84
N ASN E 12 -22.91 63.56 -16.79
CA ASN E 12 -23.01 62.77 -15.57
C ASN E 12 -22.03 61.59 -15.59
N VAL E 13 -20.87 61.79 -14.96
CA VAL E 13 -19.75 60.84 -15.06
C VAL E 13 -20.02 59.62 -14.21
N LEU E 14 -20.05 58.45 -14.84
CA LEU E 14 -20.26 57.19 -14.12
C LEU E 14 -19.01 56.79 -13.38
N ASP E 15 -19.12 56.70 -12.04
CA ASP E 15 -18.04 56.11 -11.25
C ASP E 15 -18.42 54.73 -10.75
N LEU E 16 -17.60 53.75 -11.10
CA LEU E 16 -18.02 52.36 -11.05
C LEU E 16 -17.72 51.68 -9.72
N GLU E 17 -16.70 52.16 -9.01
CA GLU E 17 -16.32 51.55 -7.73
C GLU E 17 -17.20 52.02 -6.58
N ARG E 18 -17.85 53.17 -6.78
CA ARG E 18 -18.80 53.70 -5.81
C ARG E 18 -20.22 53.48 -6.27
N GLY E 19 -20.41 53.38 -7.58
CA GLY E 19 -21.67 52.90 -8.13
C GLY E 19 -22.68 54.01 -8.26
N VAL E 20 -22.20 55.18 -8.66
CA VAL E 20 -23.06 56.36 -8.79
C VAL E 20 -22.67 57.21 -9.99
N LEU E 21 -23.66 57.89 -10.55
CA LEU E 21 -23.41 59.01 -11.44
C LEU E 21 -22.89 60.21 -10.65
N LEU E 22 -22.01 60.98 -11.25
CA LEU E 22 -21.61 62.27 -10.71
C LEU E 22 -22.02 63.35 -11.68
N GLU E 23 -23.15 64.00 -11.39
CA GLU E 23 -23.78 64.92 -12.32
C GLU E 23 -22.98 66.21 -12.52
N HIS E 24 -23.12 66.79 -13.70
CA HIS E 24 -22.45 68.03 -14.07
C HIS E 24 -20.98 68.07 -13.72
N HIS E 25 -20.33 66.91 -13.88
CA HIS E 25 -18.90 66.87 -13.90
C HIS E 25 -18.39 67.01 -15.33
N HIS E 26 -17.41 67.89 -15.49
CA HIS E 26 -16.69 68.05 -16.73
C HIS E 26 -15.53 67.08 -16.75
N VAL E 27 -15.19 66.58 -17.92
CA VAL E 27 -13.96 65.81 -18.07
C VAL E 27 -13.06 66.42 -19.14
N VAL E 28 -11.78 66.59 -18.79
CA VAL E 28 -10.84 67.31 -19.65
C VAL E 28 -9.79 66.37 -20.25
N ILE E 29 -9.77 66.34 -21.58
CA ILE E 29 -8.86 65.49 -22.32
C ILE E 29 -7.73 66.32 -22.88
N ASP E 30 -6.49 65.95 -22.58
CA ASP E 30 -5.35 66.45 -23.33
C ASP E 30 -4.62 65.31 -24.02
N GLY E 31 -4.41 65.47 -25.34
CA GLY E 31 -3.80 64.43 -26.15
C GLY E 31 -4.67 63.19 -26.12
N GLU E 32 -4.13 62.12 -25.53
CA GLU E 32 -4.83 60.85 -25.46
C GLU E 32 -5.28 60.54 -24.05
N ARG E 33 -4.96 61.41 -23.11
CA ARG E 33 -5.17 61.13 -21.69
C ARG E 33 -6.18 62.03 -21.02
N ILE E 34 -6.82 61.51 -19.98
CA ILE E 34 -7.74 62.28 -19.15
C ILE E 34 -6.96 63.08 -18.09
N VAL E 35 -7.09 64.40 -18.14
CA VAL E 35 -6.31 65.30 -17.27
C VAL E 35 -7.13 65.82 -16.08
N GLU E 36 -8.42 66.06 -16.29
CA GLU E 36 -9.28 66.50 -15.19
C GLU E 36 -10.70 65.96 -15.22
N VAL E 37 -11.17 65.48 -14.07
CA VAL E 37 -12.59 65.22 -13.85
C VAL E 37 -13.07 66.02 -12.64
N THR E 38 -13.98 66.96 -12.89
CA THR E 38 -14.38 67.93 -11.88
C THR E 38 -15.72 68.58 -12.24
N ASP E 39 -16.39 69.13 -11.23
CA ASP E 39 -17.64 69.88 -11.41
C ASP E 39 -17.41 71.39 -11.30
N ARG E 40 -16.14 71.79 -11.39
CA ARG E 40 -15.77 73.17 -11.62
C ARG E 40 -16.41 73.73 -12.89
N PRO E 41 -16.77 75.01 -12.85
CA PRO E 41 -16.67 75.79 -14.07
C PRO E 41 -15.22 75.71 -14.54
N VAL E 42 -15.01 75.20 -15.75
CA VAL E 42 -13.67 74.89 -16.19
C VAL E 42 -13.15 75.90 -17.21
N ASP E 43 -11.83 76.04 -17.25
CA ASP E 43 -11.18 77.21 -17.81
C ASP E 43 -10.79 77.03 -19.28
N LEU E 44 -11.79 76.92 -20.16
CA LEU E 44 -11.54 76.52 -21.54
C LEU E 44 -11.20 77.66 -22.49
N PRO E 45 -9.90 77.78 -22.86
CA PRO E 45 -9.52 78.73 -23.89
C PRO E 45 -9.69 78.13 -25.30
N ASN E 46 -8.84 77.16 -25.65
CA ASN E 46 -8.82 76.56 -26.98
C ASN E 46 -9.28 75.10 -26.97
N ALA E 47 -10.22 74.79 -26.09
CA ALA E 47 -10.71 73.43 -25.98
C ALA E 47 -11.88 73.19 -26.91
N GLN E 48 -11.85 72.06 -27.63
CA GLN E 48 -13.04 71.54 -28.27
C GLN E 48 -14.09 71.21 -27.21
N ALA E 49 -15.03 72.13 -27.02
CA ALA E 49 -16.17 71.86 -26.19
C ALA E 49 -17.14 70.95 -26.93
N ILE E 50 -17.44 69.79 -26.33
CA ILE E 50 -18.58 68.98 -26.73
C ILE E 50 -19.57 68.97 -25.58
N ASP E 51 -20.81 69.36 -25.86
CA ASP E 51 -21.78 69.59 -24.80
C ASP E 51 -22.51 68.32 -24.41
N VAL E 52 -22.27 67.84 -23.19
CA VAL E 52 -22.83 66.56 -22.78
C VAL E 52 -23.79 66.75 -21.61
N ARG E 53 -24.71 67.70 -21.76
CA ARG E 53 -25.64 68.01 -20.69
C ARG E 53 -26.67 66.88 -20.52
N GLY E 54 -26.88 66.46 -19.28
CA GLY E 54 -27.85 65.41 -18.96
C GLY E 54 -27.68 64.12 -19.74
N LYS E 55 -26.43 63.75 -20.00
CA LYS E 55 -26.14 62.48 -20.64
C LYS E 55 -25.01 61.81 -19.90
N THR E 56 -25.10 60.49 -19.76
CA THR E 56 -24.11 59.72 -19.02
C THR E 56 -22.83 59.57 -19.85
N VAL E 57 -21.71 59.90 -19.23
CA VAL E 57 -20.40 59.66 -19.83
C VAL E 57 -19.67 58.59 -19.01
N MET E 58 -19.36 57.47 -19.64
CA MET E 58 -18.70 56.35 -18.97
C MET E 58 -17.49 55.85 -19.80
N PRO E 59 -16.64 54.99 -19.20
CA PRO E 59 -15.49 54.47 -19.95
C PRO E 59 -15.94 53.62 -21.12
N GLY E 60 -15.20 53.64 -22.22
CA GLY E 60 -15.48 52.80 -23.38
C GLY E 60 -15.45 51.33 -23.01
N PHE E 61 -16.30 50.53 -23.66
CA PHE E 61 -16.51 49.17 -23.23
C PHE E 61 -15.39 48.27 -23.72
N ILE E 62 -15.12 47.22 -22.93
CA ILE E 62 -14.13 46.21 -23.29
C ILE E 62 -14.77 44.82 -23.38
N ASP E 63 -14.57 44.16 -24.50
CA ASP E 63 -15.12 42.85 -24.71
C ASP E 63 -13.98 41.85 -24.72
N CYS E 64 -14.03 40.92 -23.78
CA CYS E 64 -12.88 40.06 -23.52
C CYS E 64 -12.87 38.77 -24.33
N HIS E 65 -13.86 38.58 -25.20
CA HIS E 65 -13.90 37.39 -26.04
C HIS E 65 -14.65 37.68 -27.33
N VAL E 66 -13.93 38.12 -28.35
CA VAL E 66 -14.50 38.21 -29.68
C VAL E 66 -13.70 37.39 -30.68
N HIS E 67 -14.30 37.04 -31.80
CA HIS E 67 -13.54 36.65 -32.98
C HIS E 67 -13.88 37.60 -34.13
N VAL E 68 -13.10 38.67 -34.24
CA VAL E 68 -13.20 39.66 -35.30
C VAL E 68 -13.18 39.10 -36.74
N LEU E 69 -12.57 37.93 -36.91
CA LEU E 69 -12.44 37.36 -38.25
C LEU E 69 -13.47 36.28 -38.55
N ALA E 70 -14.24 35.90 -37.55
CA ALA E 70 -15.38 35.03 -37.77
C ALA E 70 -16.48 35.79 -38.53
N SER E 71 -16.34 35.82 -39.85
CA SER E 71 -17.28 36.52 -40.69
C SER E 71 -18.39 35.59 -41.16
N ASN E 72 -18.26 34.30 -40.88
CA ASN E 72 -19.40 33.38 -41.02
C ASN E 72 -19.41 32.18 -40.06
N ALA E 73 -20.61 31.77 -39.64
CA ALA E 73 -20.82 30.90 -38.46
C ALA E 73 -20.24 29.49 -38.56
N ASN E 74 -20.01 29.02 -39.77
CA ASN E 74 -19.28 27.77 -39.94
C ASN E 74 -17.78 28.04 -39.95
N LEU E 75 -17.15 27.82 -38.81
CA LEU E 75 -15.74 28.12 -38.60
C LEU E 75 -14.83 27.31 -39.53
N GLY E 76 -15.24 26.09 -39.83
CA GLY E 76 -14.60 25.28 -40.84
C GLY E 76 -14.53 25.95 -42.21
N VAL E 77 -15.65 26.49 -42.70
CA VAL E 77 -15.65 27.17 -43.98
C VAL E 77 -15.09 28.60 -43.85
N ASN E 78 -15.11 29.15 -42.65
CA ASN E 78 -14.45 30.41 -42.36
C ASN E 78 -12.93 30.33 -42.51
N ALA E 79 -12.38 29.18 -42.14
CA ALA E 79 -10.95 28.93 -42.29
C ALA E 79 -10.52 28.77 -43.74
N THR E 80 -11.40 28.27 -44.60
CA THR E 80 -11.05 27.95 -45.97
C THR E 80 -11.38 29.07 -46.96
N GLN E 81 -11.96 30.16 -46.47
CA GLN E 81 -12.18 31.30 -47.35
C GLN E 81 -10.84 31.93 -47.69
N PRO E 82 -10.70 32.46 -48.92
CA PRO E 82 -9.42 33.04 -49.36
C PRO E 82 -8.96 34.17 -48.45
N ASN E 83 -7.65 34.32 -48.31
CA ASN E 83 -7.07 35.25 -47.35
C ASN E 83 -7.59 36.67 -47.43
N ILE E 84 -7.37 37.32 -48.58
CA ILE E 84 -7.75 38.72 -48.75
C ILE E 84 -9.24 38.93 -48.41
N LEU E 85 -10.06 37.95 -48.78
CA LEU E 85 -11.50 37.99 -48.56
C LEU E 85 -11.89 37.86 -47.09
N ALA E 86 -11.11 37.08 -46.35
CA ALA E 86 -11.24 36.94 -44.90
C ALA E 86 -10.95 38.26 -44.21
N ALA E 87 -9.90 38.96 -44.68
CA ALA E 87 -9.51 40.25 -44.13
C ALA E 87 -10.55 41.31 -44.39
N ILE E 88 -11.01 41.41 -45.64
CA ILE E 88 -12.01 42.39 -46.03
C ILE E 88 -13.23 42.28 -45.12
N ARG E 89 -13.78 41.07 -45.03
CA ARG E 89 -15.06 40.84 -44.38
C ARG E 89 -15.04 41.15 -42.89
N SER E 90 -13.85 41.36 -42.33
CA SER E 90 -13.72 41.67 -40.91
C SER E 90 -13.87 43.18 -40.66
N LEU E 91 -13.71 43.95 -41.73
CA LEU E 91 -13.75 45.40 -41.62
C LEU E 91 -15.09 45.95 -41.15
N PRO E 92 -16.21 45.49 -41.73
CA PRO E 92 -17.53 45.84 -41.16
C PRO E 92 -17.70 45.43 -39.69
N ILE E 93 -17.28 44.22 -39.35
CA ILE E 93 -17.39 43.71 -37.97
C ILE E 93 -16.72 44.63 -36.95
N LEU E 94 -15.53 45.10 -37.29
CA LEU E 94 -14.78 45.99 -36.45
C LEU E 94 -15.45 47.34 -36.31
N ASP E 95 -16.02 47.83 -37.41
CA ASP E 95 -16.70 49.12 -37.40
C ASP E 95 -17.94 49.09 -36.50
N ALA E 96 -18.74 48.04 -36.64
CA ALA E 96 -19.99 47.91 -35.91
C ALA E 96 -19.75 47.83 -34.39
N MET E 97 -18.75 47.04 -33.98
CA MET E 97 -18.34 46.93 -32.57
C MET E 97 -18.07 48.30 -31.99
N LEU E 98 -17.30 49.11 -32.72
CA LEU E 98 -16.83 50.38 -32.20
C LEU E 98 -18.02 51.28 -32.03
N SER E 99 -18.91 51.29 -33.01
CA SER E 99 -20.08 52.12 -32.93
C SER E 99 -21.03 51.69 -31.80
N ARG E 100 -20.86 50.46 -31.30
CA ARG E 100 -21.69 49.94 -30.21
C ARG E 100 -21.10 50.33 -28.86
N GLY E 101 -20.01 51.08 -28.90
CA GLY E 101 -19.37 51.56 -27.69
C GLY E 101 -18.15 50.77 -27.29
N PHE E 102 -17.78 49.77 -28.08
CA PHE E 102 -16.66 48.92 -27.71
C PHE E 102 -15.35 49.51 -28.22
N THR E 103 -14.54 50.02 -27.31
CA THR E 103 -13.33 50.70 -27.73
C THR E 103 -12.12 49.79 -27.60
N SER E 104 -12.34 48.60 -27.06
CA SER E 104 -11.27 47.62 -26.90
C SER E 104 -11.88 46.23 -26.91
N VAL E 105 -11.19 45.31 -27.59
CA VAL E 105 -11.58 43.93 -27.59
C VAL E 105 -10.35 43.01 -27.45
N ARG E 106 -10.53 41.93 -26.70
CA ARG E 106 -9.60 40.82 -26.70
C ARG E 106 -10.09 39.75 -27.66
N ASP E 107 -9.36 39.59 -28.77
CA ASP E 107 -9.73 38.62 -29.79
C ASP E 107 -9.22 37.24 -29.41
N ALA E 108 -10.06 36.23 -29.54
CA ALA E 108 -9.79 34.94 -28.91
C ALA E 108 -9.27 33.93 -29.93
N GLY E 109 -8.69 34.41 -31.01
CA GLY E 109 -8.17 33.52 -32.03
C GLY E 109 -8.63 33.98 -33.39
N GLY E 110 -7.69 34.29 -34.27
CA GLY E 110 -8.00 34.93 -35.54
C GLY E 110 -7.21 36.19 -35.80
N ALA E 111 -7.53 37.26 -35.08
CA ALA E 111 -6.80 38.50 -35.27
C ALA E 111 -5.33 38.33 -34.90
N ASP E 112 -4.50 39.08 -35.61
CA ASP E 112 -3.07 39.05 -35.38
C ASP E 112 -2.58 40.46 -35.09
N TRP E 113 -1.26 40.60 -35.05
CA TRP E 113 -0.61 41.85 -34.73
C TRP E 113 -0.83 42.90 -35.82
N SER E 114 -0.96 42.45 -37.07
CA SER E 114 -1.18 43.37 -38.19
C SER E 114 -2.52 44.08 -38.06
N LEU E 115 -3.55 43.33 -37.70
CA LEU E 115 -4.86 43.91 -37.54
C LEU E 115 -4.85 44.93 -36.43
N MET E 116 -4.18 44.59 -35.33
CA MET E 116 -4.03 45.49 -34.21
C MET E 116 -3.30 46.77 -34.61
N GLN E 117 -2.31 46.64 -35.48
CA GLN E 117 -1.59 47.79 -36.03
C GLN E 117 -2.46 48.66 -36.94
N ALA E 118 -3.31 48.01 -37.71
CA ALA E 118 -4.16 48.70 -38.68
C ALA E 118 -5.16 49.62 -37.99
N VAL E 119 -5.65 49.24 -36.81
CA VAL E 119 -6.49 50.15 -36.06
C VAL E 119 -5.68 51.20 -35.32
N GLU E 120 -4.46 50.87 -34.92
CA GLU E 120 -3.67 51.78 -34.10
C GLU E 120 -3.04 52.89 -34.90
N THR E 121 -2.72 52.60 -36.15
CA THR E 121 -2.20 53.61 -37.05
C THR E 121 -3.35 54.34 -37.72
N GLY E 122 -4.56 53.81 -37.57
CA GLY E 122 -5.75 54.48 -38.07
C GLY E 122 -6.07 54.12 -39.51
N LEU E 123 -5.45 53.06 -40.00
CA LEU E 123 -5.68 52.58 -41.36
C LEU E 123 -7.07 51.94 -41.50
N VAL E 124 -7.66 51.63 -40.36
CA VAL E 124 -8.86 50.84 -40.29
C VAL E 124 -9.64 51.21 -39.02
N SER E 125 -10.95 51.38 -39.17
CA SER E 125 -11.75 51.84 -38.04
C SER E 125 -12.13 50.65 -37.18
N GLY E 126 -11.86 50.74 -35.88
CA GLY E 126 -12.24 49.66 -34.98
C GLY E 126 -11.81 49.92 -33.55
N PRO E 127 -12.11 48.97 -32.62
CA PRO E 127 -11.61 48.98 -31.27
C PRO E 127 -10.13 48.61 -31.26
N ARG E 128 -9.39 49.03 -30.21
CA ARG E 128 -8.07 48.49 -29.93
C ARG E 128 -8.18 46.99 -29.75
N ILE E 129 -7.31 46.25 -30.44
CA ILE E 129 -7.34 44.81 -30.40
C ILE E 129 -6.18 44.28 -29.54
N PHE E 130 -6.49 43.26 -28.74
CA PHE E 130 -5.50 42.53 -27.99
C PHE E 130 -5.44 41.09 -28.49
N PRO E 131 -4.62 40.84 -29.52
CA PRO E 131 -4.75 39.65 -30.34
C PRO E 131 -4.15 38.42 -29.68
N SER E 132 -4.83 37.29 -29.82
CA SER E 132 -4.36 36.03 -29.28
C SER E 132 -3.49 35.32 -30.29
N GLY E 133 -3.48 35.85 -31.51
CA GLY E 133 -2.96 35.12 -32.65
C GLY E 133 -3.93 34.01 -32.98
N LYS E 134 -3.45 32.78 -32.89
CA LYS E 134 -4.27 31.64 -33.21
C LYS E 134 -4.41 30.85 -31.95
N ALA E 135 -5.62 30.39 -31.68
CA ALA E 135 -5.89 29.56 -30.55
C ALA E 135 -5.06 28.30 -30.71
N LEU E 136 -4.51 27.76 -29.62
CA LEU E 136 -3.93 26.43 -29.73
C LEU E 136 -4.96 25.33 -29.46
N SER E 137 -4.97 24.34 -30.35
CA SER E 137 -5.84 23.22 -30.18
C SER E 137 -5.09 21.91 -30.40
N GLN E 138 -5.33 20.95 -29.51
CA GLN E 138 -4.91 19.57 -29.71
C GLN E 138 -5.66 18.95 -30.88
N THR E 139 -5.21 17.79 -31.33
CA THR E 139 -5.77 17.16 -32.51
C THR E 139 -7.12 16.59 -32.17
N GLY E 140 -8.10 16.84 -33.04
CA GLY E 140 -9.45 16.40 -32.82
C GLY E 140 -10.08 17.25 -31.75
N GLY E 141 -9.46 18.40 -31.49
CA GLY E 141 -9.93 19.31 -30.45
C GLY E 141 -10.88 20.34 -30.98
N HIS E 142 -11.30 21.25 -30.10
CA HIS E 142 -12.29 22.27 -30.42
C HIS E 142 -11.83 23.19 -31.56
N GLY E 143 -10.55 23.14 -31.91
CA GLY E 143 -10.02 23.97 -32.99
C GLY E 143 -9.70 23.19 -34.23
N ASP E 144 -9.85 21.86 -34.15
CA ASP E 144 -9.63 20.99 -35.30
C ASP E 144 -10.91 20.83 -36.12
N PHE E 145 -11.01 21.50 -37.26
CA PHE E 145 -12.26 21.49 -38.00
C PHE E 145 -12.37 20.44 -39.11
N ARG E 146 -11.50 19.43 -39.07
CA ARG E 146 -11.57 18.36 -40.04
C ARG E 146 -12.70 17.42 -39.68
N PRO E 147 -13.45 16.96 -40.70
CA PRO E 147 -14.58 16.05 -40.50
C PRO E 147 -14.13 14.66 -40.07
N ARG E 148 -15.05 13.84 -39.60
CA ARG E 148 -14.73 12.54 -39.00
C ARG E 148 -13.92 11.59 -39.88
N LEU E 152 -9.59 10.14 -42.87
CA LEU E 152 -8.30 10.55 -43.41
C LEU E 152 -8.03 12.02 -43.13
N GLU E 153 -6.86 12.33 -42.56
CA GLU E 153 -6.32 13.69 -42.54
C GLU E 153 -4.79 13.73 -42.54
N PRO E 154 -4.18 14.20 -43.65
CA PRO E 154 -2.86 14.82 -43.53
C PRO E 154 -3.02 16.32 -43.33
N CYS E 155 -2.19 16.91 -42.48
CA CYS E 155 -2.32 18.33 -42.20
C CYS E 155 -1.59 19.22 -43.21
N SER E 156 -1.22 20.42 -42.75
CA SER E 156 -1.52 21.64 -43.48
C SER E 156 -0.53 22.77 -43.16
N CYS E 157 0.52 22.97 -43.93
CA CYS E 157 1.61 23.81 -43.43
C CYS E 157 1.60 25.32 -43.75
N CYS E 158 0.41 25.92 -43.76
CA CYS E 158 0.29 27.37 -43.98
C CYS E 158 -0.89 28.05 -43.32
N PHE E 159 -0.63 29.19 -42.69
CA PHE E 159 -1.66 29.80 -41.88
C PHE E 159 -2.64 30.63 -42.71
N ARG E 160 -3.88 30.15 -42.75
CA ARG E 160 -4.99 30.85 -43.38
C ARG E 160 -5.43 31.98 -42.45
N THR E 161 -5.70 33.15 -43.02
CA THR E 161 -5.95 34.32 -42.19
C THR E 161 -7.34 34.27 -41.56
N GLY E 162 -8.12 33.27 -41.92
CA GLY E 162 -9.47 33.12 -41.38
C GLY E 162 -9.63 31.88 -40.52
N ALA E 163 -8.51 31.25 -40.21
CA ALA E 163 -8.52 30.19 -39.24
C ALA E 163 -8.50 30.79 -37.85
N ILE E 164 -9.41 30.31 -37.01
CA ILE E 164 -9.48 30.70 -35.61
C ILE E 164 -8.34 30.07 -34.82
N ALA E 165 -7.96 28.83 -35.17
CA ALA E 165 -7.06 28.00 -34.38
C ALA E 165 -5.93 27.41 -35.19
N ARG E 166 -4.99 26.78 -34.47
CA ARG E 166 -4.01 25.89 -35.10
C ARG E 166 -3.88 24.58 -34.30
N VAL E 167 -3.55 23.50 -34.97
CA VAL E 167 -3.47 22.21 -34.32
C VAL E 167 -2.02 21.93 -34.00
N VAL E 168 -1.76 21.71 -32.71
CA VAL E 168 -0.41 21.41 -32.23
C VAL E 168 -0.52 20.50 -31.04
N ASP E 169 0.27 19.44 -31.04
CA ASP E 169 0.25 18.48 -29.96
C ASP E 169 1.64 18.32 -29.38
N GLY E 170 1.68 17.97 -28.10
CA GLY E 170 2.94 17.63 -27.47
C GLY E 170 3.64 18.82 -26.87
N VAL E 171 4.39 18.53 -25.82
CA VAL E 171 5.05 19.56 -25.03
C VAL E 171 5.96 20.47 -25.86
N GLU E 172 6.86 19.89 -26.64
CA GLU E 172 7.73 20.74 -27.46
C GLU E 172 6.96 21.43 -28.58
N GLY E 173 5.97 20.74 -29.14
CA GLY E 173 5.10 21.34 -30.13
C GLY E 173 4.39 22.58 -29.63
N VAL E 174 3.76 22.49 -28.46
CA VAL E 174 3.06 23.63 -27.94
C VAL E 174 4.03 24.71 -27.46
N ARG E 175 5.19 24.30 -26.97
CA ARG E 175 6.19 25.25 -26.49
C ARG E 175 6.61 26.14 -27.61
N LEU E 176 6.86 25.51 -28.77
CA LEU E 176 7.31 26.20 -29.95
C LEU E 176 6.20 27.10 -30.49
N ALA E 177 4.99 26.55 -30.57
CA ALA E 177 3.81 27.37 -30.98
C ALA E 177 3.58 28.63 -30.17
N VAL E 178 3.77 28.57 -28.85
CA VAL E 178 3.62 29.77 -28.04
C VAL E 178 4.73 30.77 -28.39
N ARG E 179 5.97 30.28 -28.41
CA ARG E 179 7.10 31.10 -28.82
C ARG E 179 6.92 31.72 -30.21
N GLU E 180 6.40 30.95 -31.14
CA GLU E 180 5.95 31.54 -32.39
C GLU E 180 4.90 32.64 -32.22
N GLU E 181 3.79 32.34 -31.56
CA GLU E 181 2.70 33.30 -31.46
C GLU E 181 3.13 34.63 -30.83
N ILE E 182 3.91 34.53 -29.76
CA ILE E 182 4.48 35.70 -29.11
C ILE E 182 5.47 36.45 -30.00
N GLN E 183 6.26 35.74 -30.77
CA GLN E 183 7.09 36.41 -31.78
C GLN E 183 6.23 37.17 -32.81
N LYS E 184 5.22 36.52 -33.38
CA LYS E 184 4.32 37.23 -34.28
C LYS E 184 3.52 38.35 -33.60
N GLY E 185 3.64 38.48 -32.28
CA GLY E 185 3.07 39.60 -31.55
C GLY E 185 1.70 39.44 -30.91
N ALA E 186 1.33 38.23 -30.53
CA ALA E 186 0.22 38.01 -29.60
C ALA E 186 0.42 38.79 -28.29
N THR E 187 -0.67 39.26 -27.71
CA THR E 187 -0.61 39.89 -26.38
C THR E 187 -0.96 38.90 -25.28
N GLN E 188 -1.68 37.83 -25.64
CA GLN E 188 -1.91 36.73 -24.71
C GLN E 188 -2.13 35.46 -25.53
N ILE E 189 -2.22 34.31 -24.87
CA ILE E 189 -2.28 33.00 -25.53
C ILE E 189 -3.61 32.31 -25.24
N LYS E 190 -4.29 31.84 -26.30
CA LYS E 190 -5.58 31.15 -26.17
C LYS E 190 -5.40 29.66 -26.40
N ILE E 191 -5.93 28.83 -25.51
CA ILE E 191 -5.99 27.39 -25.76
C ILE E 191 -7.41 26.84 -25.61
N MET E 192 -7.61 25.62 -26.12
CA MET E 192 -8.88 24.92 -26.02
C MET E 192 -8.65 23.78 -25.05
N ALA E 193 -9.19 23.90 -23.83
CA ALA E 193 -8.90 22.95 -22.79
C ALA E 193 -10.05 21.98 -22.58
N SER E 194 -10.99 22.02 -23.50
CA SER E 194 -12.17 21.16 -23.45
CA SER E 194 -12.18 21.17 -23.45
C SER E 194 -12.86 21.09 -24.82
N GLY E 195 -13.74 20.12 -24.97
CA GLY E 195 -14.66 20.09 -26.09
C GLY E 195 -15.54 21.32 -26.13
N GLY E 196 -16.23 21.52 -27.26
CA GLY E 196 -17.05 22.70 -27.43
C GLY E 196 -18.32 22.47 -28.21
N VAL E 197 -18.77 23.50 -28.91
CA VAL E 197 -20.01 23.47 -29.66
C VAL E 197 -19.75 23.55 -31.15
N ALA E 198 -18.94 24.52 -31.56
CA ALA E 198 -18.76 24.84 -32.97
C ALA E 198 -17.81 23.91 -33.75
N SER E 199 -17.39 22.81 -33.14
CA SER E 199 -16.42 21.91 -33.77
C SER E 199 -17.04 20.54 -34.01
N PRO E 200 -16.62 19.84 -35.08
CA PRO E 200 -17.29 18.61 -35.52
C PRO E 200 -17.21 17.37 -34.60
N THR E 201 -16.05 17.13 -33.99
CA THR E 201 -15.75 15.80 -33.45
C THR E 201 -15.72 15.66 -31.93
N ASP E 202 -15.65 16.77 -31.21
CA ASP E 202 -15.49 16.71 -29.74
C ASP E 202 -16.76 16.95 -28.94
N PRO E 203 -17.26 15.89 -28.25
CA PRO E 203 -18.27 16.12 -27.21
C PRO E 203 -17.80 17.09 -26.15
N ILE E 204 -18.73 17.82 -25.57
CA ILE E 204 -18.40 18.97 -24.74
C ILE E 204 -17.81 18.57 -23.37
N ALA E 205 -18.15 17.37 -22.91
CA ALA E 205 -17.75 16.89 -21.60
C ALA E 205 -16.26 16.52 -21.49
N ASN E 206 -15.60 16.33 -22.63
CA ASN E 206 -14.22 15.85 -22.68
CA ASN E 206 -14.24 15.84 -22.66
C ASN E 206 -13.18 16.93 -22.41
N THR E 207 -12.07 16.57 -21.80
CA THR E 207 -10.97 17.51 -21.57
C THR E 207 -9.97 17.43 -22.72
N GLN E 208 -9.23 18.51 -22.94
CA GLN E 208 -8.30 18.58 -24.07
C GLN E 208 -6.93 19.05 -23.61
N TYR E 209 -5.89 18.53 -24.25
CA TYR E 209 -4.53 18.71 -23.78
C TYR E 209 -4.31 18.03 -22.44
N SER E 210 -3.21 17.29 -22.32
CA SER E 210 -2.73 16.84 -21.02
C SER E 210 -2.32 18.02 -20.14
N GLU E 211 -1.92 17.72 -18.91
CA GLU E 211 -1.50 18.76 -17.97
C GLU E 211 -0.08 19.23 -18.26
N ASP E 212 0.72 18.35 -18.85
CA ASP E 212 2.09 18.68 -19.25
C ASP E 212 2.09 19.72 -20.36
N GLU E 213 1.15 19.57 -21.29
CA GLU E 213 1.00 20.53 -22.38
C GLU E 213 0.57 21.89 -21.85
N ILE E 214 -0.50 21.91 -21.07
CA ILE E 214 -1.01 23.18 -20.55
C ILE E 214 0.02 23.90 -19.73
N ARG E 215 0.67 23.19 -18.81
CA ARG E 215 1.76 23.75 -18.00
C ARG E 215 2.87 24.38 -18.82
N ALA E 216 3.36 23.64 -19.82
CA ALA E 216 4.35 24.17 -20.77
C ALA E 216 3.91 25.49 -21.41
N ILE E 217 2.66 25.53 -21.87
CA ILE E 217 2.06 26.73 -22.45
C ILE E 217 2.02 27.93 -21.50
N VAL E 218 1.50 27.68 -20.29
CA VAL E 218 1.47 28.68 -19.23
C VAL E 218 2.89 29.24 -19.00
N ASP E 219 3.89 28.36 -18.99
CA ASP E 219 5.25 28.79 -18.68
C ASP E 219 5.79 29.72 -19.75
N GLU E 220 5.60 29.34 -21.01
CA GLU E 220 6.00 30.17 -22.15
C GLU E 220 5.28 31.53 -22.22
N ALA E 221 4.02 31.55 -21.85
CA ALA E 221 3.30 32.81 -21.72
C ALA E 221 3.89 33.68 -20.61
N GLU E 222 4.16 33.08 -19.45
CA GLU E 222 4.70 33.86 -18.33
C GLU E 222 6.10 34.35 -18.61
N ALA E 223 6.86 33.56 -19.36
CA ALA E 223 8.18 33.95 -19.81
C ALA E 223 8.14 35.20 -20.67
N ALA E 224 7.01 35.44 -21.32
CA ALA E 224 6.88 36.65 -22.12
C ALA E 224 5.98 37.65 -21.42
N ASN E 225 5.92 37.55 -20.10
CA ASN E 225 5.11 38.46 -19.27
C ASN E 225 3.70 38.63 -19.82
N THR E 226 3.06 37.52 -20.15
CA THR E 226 1.61 37.48 -20.37
C THR E 226 0.99 36.19 -19.79
N TYR E 227 -0.25 35.90 -20.14
CA TYR E 227 -1.01 34.86 -19.51
C TYR E 227 -1.70 34.01 -20.59
N VAL E 228 -2.28 32.91 -20.16
CA VAL E 228 -3.09 32.05 -21.00
C VAL E 228 -4.59 32.21 -20.67
N MET E 229 -5.41 32.41 -21.71
CA MET E 229 -6.87 32.25 -21.59
C MET E 229 -7.27 30.87 -22.11
N ALA E 230 -8.20 30.22 -21.43
CA ALA E 230 -8.56 28.83 -21.74
C ALA E 230 -10.06 28.63 -21.91
N HIS E 231 -10.43 27.99 -23.00
CA HIS E 231 -11.80 27.63 -23.28
C HIS E 231 -12.10 26.37 -22.50
N ALA E 232 -13.13 26.40 -21.67
CA ALA E 232 -13.52 25.23 -20.86
C ALA E 232 -14.96 25.32 -20.39
N TYR E 233 -15.67 24.18 -20.46
CA TYR E 233 -17.05 24.13 -19.97
C TYR E 233 -17.21 23.51 -18.58
N THR E 234 -16.92 22.22 -18.44
CA THR E 234 -17.27 21.51 -17.22
C THR E 234 -16.34 21.88 -16.08
N GLY E 235 -16.74 21.57 -14.86
CA GLY E 235 -15.95 21.89 -13.69
C GLY E 235 -14.62 21.17 -13.68
N ARG E 236 -14.65 19.94 -14.19
CA ARG E 236 -13.47 19.08 -14.31
C ARG E 236 -12.44 19.70 -15.24
N ALA E 237 -12.89 20.16 -16.40
CA ALA E 237 -12.03 20.79 -17.40
C ALA E 237 -11.55 22.15 -16.93
N ILE E 238 -12.34 22.79 -16.08
CA ILE E 238 -11.95 24.07 -15.52
C ILE E 238 -10.91 23.89 -14.43
N ALA E 239 -11.12 22.92 -13.55
CA ALA E 239 -10.29 22.76 -12.36
C ALA E 239 -8.84 22.52 -12.73
N ARG E 240 -8.60 21.64 -13.68
CA ARG E 240 -7.25 21.24 -14.05
C ARG E 240 -6.54 22.32 -14.84
N ALA E 241 -7.29 23.07 -15.64
CA ALA E 241 -6.75 24.24 -16.33
C ALA E 241 -6.23 25.26 -15.32
N VAL E 242 -7.02 25.51 -14.28
CA VAL E 242 -6.65 26.48 -13.27
C VAL E 242 -5.48 26.00 -12.41
N ARG E 243 -5.48 24.70 -12.09
CA ARG E 243 -4.36 24.10 -11.37
C ARG E 243 -3.06 24.17 -12.18
N CYS E 244 -3.17 24.18 -13.50
CA CYS E 244 -1.99 24.29 -14.33
C CYS E 244 -1.53 25.71 -14.48
N GLY E 245 -2.43 26.65 -14.25
CA GLY E 245 -2.02 28.03 -14.10
C GLY E 245 -2.60 28.97 -15.14
N VAL E 246 -3.79 28.66 -15.64
CA VAL E 246 -4.36 29.56 -16.60
C VAL E 246 -5.05 30.69 -15.86
N ARG E 247 -5.05 31.86 -16.46
CA ARG E 247 -5.50 33.06 -15.78
C ARG E 247 -6.98 33.34 -16.00
N THR E 248 -7.42 33.32 -17.24
CA THR E 248 -8.83 33.50 -17.51
C THR E 248 -9.45 32.26 -18.13
N ILE E 249 -10.65 31.91 -17.67
CA ILE E 249 -11.44 30.81 -18.24
C ILE E 249 -12.55 31.37 -19.11
N GLU E 250 -12.61 30.89 -20.36
CA GLU E 250 -13.68 31.27 -21.30
C GLU E 250 -14.91 30.37 -21.25
N HIS E 251 -16.09 31.00 -21.36
CA HIS E 251 -17.37 30.32 -21.26
C HIS E 251 -17.62 29.85 -19.84
N GLY E 252 -17.23 28.64 -19.52
CA GLY E 252 -17.36 28.16 -18.15
C GLY E 252 -18.76 27.82 -17.73
N ASN E 253 -19.61 27.48 -18.69
CA ASN E 253 -21.05 27.32 -18.43
C ASN E 253 -21.41 26.20 -17.46
N LEU E 254 -20.52 25.23 -17.27
CA LEU E 254 -20.88 24.04 -16.51
C LEU E 254 -20.05 23.86 -15.26
N VAL E 255 -19.75 24.96 -14.56
CA VAL E 255 -19.03 24.89 -13.28
C VAL E 255 -19.82 24.16 -12.21
N ASP E 256 -19.11 23.53 -11.29
CA ASP E 256 -19.65 23.28 -9.95
C ASP E 256 -19.07 24.31 -9.01
N GLU E 257 -19.59 24.39 -7.79
CA GLU E 257 -19.08 25.39 -6.84
C GLU E 257 -17.71 25.03 -6.31
N ALA E 258 -17.38 23.74 -6.32
CA ALA E 258 -16.03 23.30 -6.05
C ALA E 258 -14.98 23.99 -6.94
N ALA E 259 -15.24 24.03 -8.25
CA ALA E 259 -14.28 24.54 -9.22
C ALA E 259 -14.21 26.05 -9.13
N ALA E 260 -15.36 26.65 -8.89
CA ALA E 260 -15.47 28.09 -8.66
C ALA E 260 -14.70 28.54 -7.43
N LYS E 261 -14.79 27.77 -6.34
CA LYS E 261 -14.02 28.03 -5.15
C LYS E 261 -12.53 27.97 -5.47
N LEU E 262 -12.13 26.95 -6.22
CA LEU E 262 -10.75 26.83 -6.66
C LEU E 262 -10.32 28.02 -7.49
N MET E 263 -11.16 28.39 -8.45
CA MET E 263 -10.92 29.58 -9.26
C MET E 263 -10.69 30.85 -8.42
N HIS E 264 -11.59 31.11 -7.48
CA HIS E 264 -11.47 32.25 -6.62
C HIS E 264 -10.14 32.22 -5.87
N GLU E 265 -9.79 31.05 -5.35
CA GLU E 265 -8.57 30.86 -4.57
C GLU E 265 -7.31 31.15 -5.35
N HIS E 266 -7.29 30.75 -6.62
CA HIS E 266 -6.14 30.98 -7.49
C HIS E 266 -6.11 32.38 -8.08
N GLY E 267 -7.23 33.09 -8.03
CA GLY E 267 -7.31 34.46 -8.49
C GLY E 267 -7.50 34.46 -10.00
N ALA E 268 -8.29 33.50 -10.47
CA ALA E 268 -8.55 33.31 -11.90
C ALA E 268 -9.87 34.00 -12.30
N PHE E 269 -9.92 34.53 -13.53
CA PHE E 269 -11.11 35.21 -14.03
C PHE E 269 -11.97 34.28 -14.86
N VAL E 270 -13.25 34.64 -15.03
CA VAL E 270 -14.12 33.99 -16.02
C VAL E 270 -14.59 35.02 -17.02
N VAL E 271 -14.74 34.60 -18.26
CA VAL E 271 -15.39 35.42 -19.26
C VAL E 271 -16.50 34.59 -19.84
N PRO E 272 -17.72 34.68 -19.27
CA PRO E 272 -18.86 33.99 -19.86
C PRO E 272 -19.27 34.62 -21.19
N THR E 273 -19.91 33.84 -22.07
CA THR E 273 -20.37 34.36 -23.36
C THR E 273 -21.81 33.91 -23.66
N LEU E 274 -22.72 34.16 -22.72
CA LEU E 274 -24.10 33.65 -22.80
C LEU E 274 -24.86 34.06 -24.06
N VAL E 275 -24.62 35.27 -24.56
CA VAL E 275 -25.34 35.78 -25.72
C VAL E 275 -25.11 34.98 -27.01
N THR E 276 -24.01 34.26 -27.10
CA THR E 276 -23.74 33.46 -28.29
C THR E 276 -24.59 32.19 -28.37
N TYR E 277 -25.08 31.73 -27.23
CA TYR E 277 -25.87 30.51 -27.21
C TYR E 277 -27.31 30.83 -27.53
N ASP E 278 -27.76 32.01 -27.13
CA ASP E 278 -29.09 32.48 -27.43
C ASP E 278 -29.25 32.73 -28.91
N ALA E 279 -28.19 33.27 -29.52
CA ALA E 279 -28.13 33.51 -30.95
C ALA E 279 -28.02 32.21 -31.73
N LEU E 280 -27.23 31.27 -31.22
CA LEU E 280 -27.08 30.00 -31.89
C LEU E 280 -28.31 29.12 -31.75
N ALA E 281 -29.08 29.36 -30.70
CA ALA E 281 -30.39 28.74 -30.57
C ALA E 281 -31.34 29.18 -31.69
N LYS E 282 -31.60 30.49 -31.79
CA LYS E 282 -32.51 31.01 -32.81
C LYS E 282 -32.05 30.71 -34.23
N HIS E 283 -30.84 31.15 -34.56
CA HIS E 283 -30.42 31.15 -35.95
C HIS E 283 -29.23 30.20 -36.16
N GLY E 284 -29.29 29.05 -35.52
CA GLY E 284 -28.18 28.12 -35.51
C GLY E 284 -27.98 27.50 -36.87
N ALA E 285 -28.77 26.45 -37.15
CA ALA E 285 -28.70 25.75 -38.42
C ALA E 285 -29.07 26.69 -39.55
N GLU E 286 -29.76 27.77 -39.20
CA GLU E 286 -30.20 28.78 -40.15
C GLU E 286 -29.05 29.54 -40.81
N PHE E 287 -28.03 29.88 -40.03
CA PHE E 287 -26.90 30.66 -40.56
C PHE E 287 -25.72 29.80 -41.02
N GLY E 288 -25.96 28.49 -41.16
CA GLY E 288 -25.03 27.62 -41.86
C GLY E 288 -24.00 26.95 -40.99
N MET E 289 -24.25 26.90 -39.68
CA MET E 289 -23.44 26.08 -38.79
C MET E 289 -23.96 24.64 -38.79
N PRO E 290 -23.08 23.67 -39.06
CA PRO E 290 -23.36 22.23 -39.17
C PRO E 290 -24.34 21.67 -38.15
N PRO E 291 -25.26 20.78 -38.59
CA PRO E 291 -26.42 20.35 -37.81
C PRO E 291 -26.10 19.68 -36.48
N GLU E 292 -24.96 19.02 -36.39
CA GLU E 292 -24.58 18.33 -35.15
C GLU E 292 -23.84 19.23 -34.17
N SER E 293 -23.54 20.46 -34.59
CA SER E 293 -23.04 21.48 -33.68
C SER E 293 -24.19 22.23 -32.99
N VAL E 294 -25.30 22.40 -33.69
CA VAL E 294 -26.50 22.98 -33.10
C VAL E 294 -27.15 21.97 -32.14
N ALA E 295 -26.76 20.71 -32.26
CA ALA E 295 -27.23 19.68 -31.33
C ALA E 295 -26.63 19.93 -29.95
N LYS E 296 -25.38 20.36 -29.93
CA LYS E 296 -24.63 20.53 -28.69
C LYS E 296 -24.97 21.83 -27.98
N VAL E 297 -25.63 22.76 -28.68
CA VAL E 297 -25.86 24.11 -28.17
C VAL E 297 -27.03 24.16 -27.19
N ALA E 298 -27.87 23.14 -27.24
CA ALA E 298 -29.03 23.03 -26.36
C ALA E 298 -28.61 22.97 -24.89
N SER E 299 -27.53 22.27 -24.60
CA SER E 299 -27.20 21.88 -23.22
C SER E 299 -26.50 22.98 -22.42
N VAL E 300 -25.60 23.71 -23.07
CA VAL E 300 -24.76 24.68 -22.37
C VAL E 300 -25.50 25.93 -21.91
N GLN E 301 -26.54 26.32 -22.64
CA GLN E 301 -27.27 27.54 -22.33
C GLN E 301 -28.18 27.40 -21.12
N GLN E 302 -28.61 26.17 -20.85
CA GLN E 302 -29.36 25.85 -19.65
C GLN E 302 -28.69 26.40 -18.41
N LYS E 303 -27.56 25.79 -18.06
CA LYS E 303 -26.81 26.18 -16.87
C LYS E 303 -26.14 27.55 -17.02
N GLY E 304 -26.28 28.14 -18.20
CA GLY E 304 -25.62 29.39 -18.54
C GLY E 304 -25.87 30.51 -17.55
N ARG E 305 -27.12 30.85 -17.34
CA ARG E 305 -27.48 31.86 -16.36
C ARG E 305 -27.21 31.39 -14.93
N GLU E 306 -27.38 30.11 -14.68
CA GLU E 306 -27.21 29.55 -13.36
C GLU E 306 -25.76 29.65 -12.91
N SER E 307 -24.85 29.49 -13.87
CA SER E 307 -23.41 29.56 -13.62
C SER E 307 -22.98 30.92 -13.11
N LEU E 308 -23.58 31.97 -13.68
CA LEU E 308 -23.32 33.33 -13.25
C LEU E 308 -23.46 33.52 -11.73
N GLU E 309 -24.48 32.85 -11.16
CA GLU E 309 -24.73 32.93 -9.72
C GLU E 309 -23.66 32.22 -8.92
N ILE E 310 -23.30 30.99 -9.32
CA ILE E 310 -22.19 30.25 -8.74
C ILE E 310 -20.89 31.06 -8.71
N TYR E 311 -20.61 31.74 -9.82
CA TYR E 311 -19.43 32.60 -9.88
C TYR E 311 -19.49 33.75 -8.89
N ALA E 312 -20.63 34.39 -8.78
CA ALA E 312 -20.77 35.53 -7.87
C ALA E 312 -20.67 35.07 -6.43
N ASN E 313 -21.27 33.92 -6.13
CA ASN E 313 -21.22 33.32 -4.81
C ASN E 313 -19.82 32.93 -4.37
N ALA E 314 -19.02 32.43 -5.30
CA ALA E 314 -17.66 32.03 -4.98
C ALA E 314 -16.73 33.25 -4.98
N GLY E 315 -17.20 34.33 -5.58
CA GLY E 315 -16.43 35.57 -5.63
C GLY E 315 -15.37 35.56 -6.71
N VAL E 316 -15.72 35.01 -7.87
CA VAL E 316 -14.82 34.94 -9.02
C VAL E 316 -15.10 36.08 -9.98
N LYS E 317 -14.10 36.92 -10.24
CA LYS E 317 -14.27 38.05 -11.15
C LYS E 317 -14.75 37.63 -12.55
N MET E 318 -15.68 38.39 -13.12
CA MET E 318 -16.36 38.02 -14.36
C MET E 318 -16.20 39.15 -15.35
N GLY E 319 -15.60 38.86 -16.51
CA GLY E 319 -15.48 39.86 -17.56
C GLY E 319 -16.53 39.67 -18.64
N PHE E 320 -16.77 40.70 -19.43
CA PHE E 320 -17.76 40.69 -20.50
C PHE E 320 -17.23 39.91 -21.69
N GLY E 321 -18.05 39.08 -22.31
CA GLY E 321 -17.67 38.43 -23.58
C GLY E 321 -18.83 38.04 -24.48
N SER E 322 -18.71 38.29 -25.78
CA SER E 322 -19.75 37.92 -26.72
C SER E 322 -19.51 36.53 -27.31
N ASP E 323 -18.42 36.41 -28.08
CA ASP E 323 -18.14 35.20 -28.88
C ASP E 323 -19.15 34.96 -30.04
N LEU E 324 -19.69 36.03 -30.61
CA LEU E 324 -20.66 35.87 -31.67
C LEU E 324 -19.97 35.66 -33.00
N LEU E 325 -20.57 34.86 -33.87
CA LEU E 325 -19.96 34.53 -35.17
C LEU E 325 -20.85 35.05 -36.26
N GLY E 326 -20.25 35.47 -37.37
CA GLY E 326 -21.01 35.79 -38.58
C GLY E 326 -22.00 36.92 -38.37
N GLU E 327 -23.18 36.82 -38.98
CA GLU E 327 -24.17 37.90 -38.91
C GLU E 327 -24.80 38.02 -37.53
N MET E 328 -24.65 36.99 -36.71
CA MET E 328 -25.04 37.05 -35.31
C MET E 328 -24.18 38.02 -34.49
N HIS E 329 -23.25 38.69 -35.16
CA HIS E 329 -22.36 39.65 -34.52
C HIS E 329 -23.12 40.87 -34.04
N ALA E 330 -24.28 41.12 -34.65
CA ALA E 330 -25.11 42.25 -34.30
C ALA E 330 -25.59 42.21 -32.82
N PHE E 331 -25.78 41.03 -32.27
CA PHE E 331 -26.38 40.90 -30.95
C PHE E 331 -25.41 41.20 -29.82
N GLN E 332 -24.28 41.81 -30.15
CA GLN E 332 -23.18 41.93 -29.22
C GLN E 332 -23.57 42.60 -27.91
N SER E 333 -24.44 43.61 -27.98
CA SER E 333 -24.72 44.39 -26.79
C SER E 333 -25.73 43.74 -25.86
N GLY E 334 -26.43 42.73 -26.37
CA GLY E 334 -27.48 42.05 -25.62
C GLY E 334 -26.98 41.30 -24.40
N GLU E 335 -25.68 40.99 -24.38
CA GLU E 335 -25.05 40.32 -23.23
C GLU E 335 -25.12 41.15 -21.95
N PHE E 336 -25.12 42.47 -22.10
CA PHE E 336 -25.34 43.39 -20.98
C PHE E 336 -26.64 43.09 -20.27
N ARG E 337 -27.71 43.00 -21.05
CA ARG E 337 -29.04 42.68 -20.52
CA ARG E 337 -29.03 42.68 -20.51
C ARG E 337 -29.01 41.35 -19.78
N ILE E 338 -28.47 40.32 -20.44
CA ILE E 338 -28.47 38.94 -19.91
C ILE E 338 -27.86 38.91 -18.52
N ARG E 339 -26.78 39.67 -18.38
CA ARG E 339 -26.03 39.68 -17.16
C ARG E 339 -26.68 40.55 -16.11
N ALA E 340 -27.31 41.64 -16.54
CA ALA E 340 -28.05 42.53 -15.65
C ALA E 340 -29.27 41.83 -15.03
N GLU E 341 -29.87 40.93 -15.80
CA GLU E 341 -31.01 40.16 -15.30
C GLU E 341 -30.65 39.24 -14.15
N VAL E 342 -29.40 38.79 -14.10
CA VAL E 342 -28.97 37.88 -13.04
C VAL E 342 -28.26 38.57 -11.88
N LEU E 343 -27.30 39.44 -12.19
CA LEU E 343 -26.63 40.25 -11.17
C LEU E 343 -27.05 41.70 -11.45
N GLY E 344 -26.90 42.62 -10.51
CA GLY E 344 -27.37 43.98 -10.79
C GLY E 344 -26.73 44.56 -12.04
N ASN E 345 -27.36 45.54 -12.68
CA ASN E 345 -26.71 46.19 -13.84
C ASN E 345 -25.53 47.10 -13.53
N LEU E 346 -25.23 47.29 -12.25
CA LEU E 346 -23.93 47.80 -11.85
C LEU E 346 -22.87 46.76 -12.24
N GLU E 347 -23.13 45.51 -11.87
CA GLU E 347 -22.21 44.42 -12.18
C GLU E 347 -22.02 44.25 -13.69
N ALA E 348 -23.12 44.26 -14.43
CA ALA E 348 -23.06 44.13 -15.88
C ALA E 348 -22.08 45.14 -16.46
N LEU E 349 -22.17 46.38 -16.00
CA LEU E 349 -21.31 47.43 -16.50
C LEU E 349 -19.88 47.29 -15.98
N ARG E 350 -19.73 46.78 -14.76
CA ARG E 350 -18.41 46.55 -14.20
C ARG E 350 -17.66 45.49 -14.99
N SER E 351 -18.40 44.51 -15.49
CA SER E 351 -17.81 43.40 -16.24
CA SER E 351 -17.81 43.40 -16.24
C SER E 351 -17.12 43.89 -17.49
N ALA E 352 -17.63 44.95 -18.09
CA ALA E 352 -17.13 45.41 -19.37
C ALA E 352 -16.17 46.57 -19.22
N THR E 353 -15.87 46.92 -17.98
CA THR E 353 -15.06 48.08 -17.72
C THR E 353 -13.91 47.75 -16.78
N THR E 354 -14.19 47.78 -15.48
CA THR E 354 -13.14 47.67 -14.45
C THR E 354 -12.55 46.26 -14.39
N VAL E 355 -13.44 45.26 -14.39
CA VAL E 355 -13.00 43.87 -14.36
C VAL E 355 -12.31 43.53 -15.67
N ALA E 356 -12.88 44.03 -16.77
CA ALA E 356 -12.30 43.83 -18.08
C ALA E 356 -10.89 44.40 -18.13
N ALA E 357 -10.76 45.67 -17.75
CA ALA E 357 -9.48 46.35 -17.84
C ALA E 357 -8.39 45.57 -17.11
N GLU E 358 -8.78 44.96 -15.99
CA GLU E 358 -7.91 44.12 -15.20
C GLU E 358 -7.51 42.86 -15.95
N ILE E 359 -8.48 42.21 -16.60
CA ILE E 359 -8.20 41.02 -17.39
C ILE E 359 -7.11 41.27 -18.42
N VAL E 360 -7.19 42.41 -19.11
CA VAL E 360 -6.22 42.74 -20.13
C VAL E 360 -5.02 43.53 -19.59
N ASN E 361 -4.83 43.49 -18.27
CA ASN E 361 -3.71 44.14 -17.58
C ASN E 361 -3.57 45.62 -17.86
N MET E 362 -4.68 46.33 -17.89
CA MET E 362 -4.62 47.76 -18.11
C MET E 362 -5.33 48.47 -16.98
N GLN E 363 -5.35 47.84 -15.80
CA GLN E 363 -5.99 48.46 -14.64
C GLN E 363 -5.43 49.85 -14.46
N GLY E 364 -6.32 50.83 -14.45
CA GLY E 364 -5.92 52.23 -14.33
C GLY E 364 -5.73 52.90 -15.68
N GLN E 365 -5.47 52.10 -16.71
CA GLN E 365 -5.29 52.62 -18.07
C GLN E 365 -6.62 52.73 -18.83
N LEU E 366 -7.43 51.68 -18.78
CA LEU E 366 -8.76 51.69 -19.38
C LEU E 366 -9.82 51.34 -18.34
N GLY E 367 -11.09 51.46 -18.74
CA GLY E 367 -12.21 51.00 -17.92
C GLY E 367 -12.47 51.83 -16.69
N VAL E 368 -11.95 53.06 -16.69
CA VAL E 368 -12.15 53.99 -15.59
C VAL E 368 -11.90 55.43 -16.04
N ILE E 369 -12.84 56.31 -15.71
CA ILE E 369 -12.66 57.75 -15.91
C ILE E 369 -11.98 58.37 -14.69
N ALA E 370 -10.67 58.56 -14.81
CA ALA E 370 -9.86 59.10 -13.73
C ALA E 370 -8.70 59.82 -14.36
N VAL E 371 -8.00 60.63 -13.57
CA VAL E 371 -6.88 61.39 -14.09
C VAL E 371 -5.73 60.44 -14.41
N GLY E 372 -5.17 60.58 -15.60
CA GLY E 372 -4.05 59.77 -16.03
C GLY E 372 -4.48 58.65 -16.96
N ALA E 373 -5.76 58.32 -16.95
CA ALA E 373 -6.30 57.21 -17.73
C ALA E 373 -6.41 57.56 -19.21
N ILE E 374 -6.48 56.54 -20.06
CA ILE E 374 -6.63 56.79 -21.49
C ILE E 374 -8.06 57.25 -21.75
N ALA E 375 -8.21 58.18 -22.70
CA ALA E 375 -9.50 58.78 -23.02
C ALA E 375 -10.30 57.92 -23.99
N ASP E 376 -10.74 56.77 -23.51
CA ASP E 376 -11.65 55.90 -24.23
C ASP E 376 -13.03 56.04 -23.61
N LEU E 377 -13.82 56.96 -24.13
CA LEU E 377 -15.08 57.31 -23.49
C LEU E 377 -16.28 57.01 -24.38
N VAL E 378 -17.40 56.69 -23.73
CA VAL E 378 -18.68 56.56 -24.40
C VAL E 378 -19.66 57.58 -23.80
N VAL E 379 -20.37 58.30 -24.67
CA VAL E 379 -21.41 59.21 -24.21
C VAL E 379 -22.80 58.65 -24.49
N LEU E 380 -23.58 58.53 -23.43
CA LEU E 380 -24.75 57.67 -23.41
C LEU E 380 -26.00 58.49 -23.10
N ASP E 381 -26.99 58.38 -23.98
CA ASP E 381 -28.29 59.04 -23.79
C ASP E 381 -29.18 58.27 -22.81
N GLY E 382 -29.08 58.61 -21.53
CA GLY E 382 -29.89 57.97 -20.53
C GLY E 382 -28.98 57.43 -19.45
N ASN E 383 -29.57 56.79 -18.46
CA ASN E 383 -28.81 56.26 -17.35
C ASN E 383 -28.83 54.74 -17.34
N PRO E 384 -27.65 54.12 -17.56
CA PRO E 384 -27.54 52.66 -17.61
C PRO E 384 -27.74 52.03 -16.24
N LEU E 385 -27.42 52.78 -15.17
CA LEU E 385 -27.53 52.30 -13.80
C LEU E 385 -28.97 51.96 -13.37
N GLU E 386 -29.95 52.55 -14.03
CA GLU E 386 -31.35 52.21 -13.80
C GLU E 386 -32.02 51.49 -14.97
N ASP E 387 -31.75 51.95 -16.19
CA ASP E 387 -32.16 51.20 -17.38
C ASP E 387 -30.98 50.60 -18.15
N ILE E 388 -30.84 49.29 -18.09
CA ILE E 388 -29.74 48.60 -18.75
C ILE E 388 -29.90 48.64 -20.27
N GLY E 389 -31.13 48.86 -20.72
CA GLY E 389 -31.44 48.96 -22.13
C GLY E 389 -30.70 50.05 -22.87
N VAL E 390 -30.21 51.09 -22.17
CA VAL E 390 -29.51 52.19 -22.85
C VAL E 390 -28.16 51.77 -23.43
N VAL E 391 -27.70 50.60 -23.02
CA VAL E 391 -26.46 50.05 -23.55
C VAL E 391 -26.75 48.78 -24.32
N ALA E 392 -27.80 48.06 -23.92
CA ALA E 392 -28.05 46.72 -24.41
C ALA E 392 -29.04 46.64 -25.58
N ASP E 393 -29.13 47.71 -26.36
CA ASP E 393 -30.11 47.76 -27.44
C ASP E 393 -29.51 47.84 -28.84
N GLU E 394 -28.56 46.94 -29.12
CA GLU E 394 -27.92 46.82 -30.45
C GLU E 394 -27.00 48.01 -30.79
N GLY E 395 -27.09 49.08 -30.01
CA GLY E 395 -26.49 50.37 -30.37
C GLY E 395 -27.38 51.49 -29.88
N ALA E 396 -28.26 51.96 -30.77
CA ALA E 396 -29.38 52.83 -30.41
C ALA E 396 -29.02 54.12 -29.65
N ARG E 397 -28.62 53.99 -28.39
CA ARG E 397 -28.60 55.12 -27.46
C ARG E 397 -27.21 55.67 -27.09
N VAL E 398 -26.21 55.38 -27.92
CA VAL E 398 -24.86 55.91 -27.73
C VAL E 398 -24.55 56.87 -28.87
N GLU E 399 -24.26 58.14 -28.54
CA GLU E 399 -24.13 59.13 -29.60
C GLU E 399 -22.75 59.73 -29.74
N TYR E 400 -21.91 59.51 -28.74
CA TYR E 400 -20.50 59.80 -28.91
C TYR E 400 -19.62 58.64 -28.49
N VAL E 401 -18.58 58.38 -29.29
CA VAL E 401 -17.52 57.45 -28.89
C VAL E 401 -16.15 58.09 -29.06
N LEU E 402 -15.44 58.23 -27.95
CA LEU E 402 -14.11 58.79 -27.96
C LEU E 402 -13.11 57.68 -27.78
N GLN E 403 -12.00 57.76 -28.52
CA GLN E 403 -10.95 56.74 -28.50
C GLN E 403 -9.58 57.38 -28.49
N ARG E 404 -8.83 57.14 -27.41
CA ARG E 404 -7.49 57.69 -27.25
C ARG E 404 -7.50 59.18 -27.55
N GLY E 405 -8.36 59.90 -26.84
CA GLY E 405 -8.48 61.33 -27.06
C GLY E 405 -9.47 61.71 -28.14
N THR E 406 -9.31 61.16 -29.33
CA THR E 406 -10.09 61.62 -30.48
C THR E 406 -11.52 61.05 -30.58
N LEU E 407 -12.39 61.79 -31.26
CA LEU E 407 -13.80 61.42 -31.40
C LEU E 407 -13.98 60.62 -32.67
N VAL E 408 -14.55 59.42 -32.55
CA VAL E 408 -14.57 58.47 -33.67
C VAL E 408 -15.98 58.15 -34.15
N LYS E 409 -16.98 58.44 -33.33
CA LYS E 409 -18.37 58.23 -33.73
C LYS E 409 -19.29 59.33 -33.24
N ARG E 410 -20.13 59.83 -34.15
CA ARG E 410 -21.15 60.82 -33.81
C ARG E 410 -22.50 60.32 -34.28
N GLN E 411 -23.38 60.01 -33.33
CA GLN E 411 -24.61 59.28 -33.63
C GLN E 411 -25.82 59.95 -33.03
N THR F 4 -35.19 48.19 -62.27
CA THR F 4 -35.53 49.53 -62.84
C THR F 4 -34.41 50.08 -63.73
N ILE F 5 -34.39 51.40 -63.90
CA ILE F 5 -33.95 52.03 -65.15
C ILE F 5 -33.41 53.46 -64.92
N THR F 6 -32.39 53.84 -65.70
CA THR F 6 -31.71 55.13 -65.51
C THR F 6 -31.42 55.83 -66.85
N VAL F 7 -31.53 57.17 -66.85
CA VAL F 7 -31.23 57.97 -68.03
C VAL F 7 -30.23 59.07 -67.76
N LEU F 8 -29.09 59.01 -68.44
CA LEU F 8 -28.22 60.18 -68.57
C LEU F 8 -28.73 61.01 -69.72
N GLN F 9 -29.28 62.17 -69.42
CA GLN F 9 -29.97 62.97 -70.42
C GLN F 9 -29.14 64.14 -70.92
N GLY F 10 -29.12 64.31 -72.24
CA GLY F 10 -28.58 65.51 -72.87
C GLY F 10 -27.06 65.62 -72.90
N GLY F 11 -26.38 64.50 -72.68
CA GLY F 11 -24.93 64.46 -72.72
C GLY F 11 -24.38 64.52 -74.14
N ASN F 12 -23.09 64.76 -74.24
CA ASN F 12 -22.40 64.64 -75.51
C ASN F 12 -21.63 63.32 -75.55
N VAL F 13 -22.25 62.32 -76.19
CA VAL F 13 -21.76 60.95 -76.15
C VAL F 13 -20.55 60.82 -77.06
N LEU F 14 -19.45 60.35 -76.51
CA LEU F 14 -18.25 60.13 -77.28
C LEU F 14 -18.36 58.86 -78.11
N ASP F 15 -18.38 59.01 -79.43
CA ASP F 15 -18.25 57.85 -80.29
C ASP F 15 -16.85 57.76 -80.86
N LEU F 16 -16.21 56.62 -80.58
CA LEU F 16 -14.75 56.53 -80.70
C LEU F 16 -14.26 56.07 -82.06
N GLU F 17 -15.09 55.32 -82.79
CA GLU F 17 -14.68 54.79 -84.08
C GLU F 17 -14.87 55.84 -85.18
N ARG F 18 -15.68 56.84 -84.90
CA ARG F 18 -15.85 57.95 -85.83
C ARG F 18 -15.05 59.15 -85.34
N GLY F 19 -14.94 59.30 -84.02
CA GLY F 19 -14.05 60.28 -83.43
C GLY F 19 -14.72 61.61 -83.22
N VAL F 20 -16.01 61.57 -82.90
CA VAL F 20 -16.81 62.78 -82.73
C VAL F 20 -17.70 62.69 -81.51
N LEU F 21 -17.98 63.83 -80.90
CA LEU F 21 -19.02 63.90 -79.90
C LEU F 21 -20.37 63.91 -80.57
N LEU F 22 -21.37 63.32 -79.92
CA LEU F 22 -22.74 63.39 -80.38
C LEU F 22 -23.55 64.19 -79.38
N GLU F 23 -23.83 65.45 -79.69
CA GLU F 23 -24.40 66.35 -78.71
C GLU F 23 -25.85 66.04 -78.39
N HIS F 24 -26.21 66.26 -77.12
CA HIS F 24 -27.56 66.06 -76.62
C HIS F 24 -28.15 64.72 -77.00
N HIS F 25 -27.30 63.69 -76.96
CA HIS F 25 -27.77 62.32 -76.99
C HIS F 25 -28.00 61.77 -75.60
N HIS F 26 -29.22 61.33 -75.36
CA HIS F 26 -29.56 60.69 -74.10
C HIS F 26 -29.04 59.27 -74.15
N VAL F 27 -28.63 58.73 -73.01
CA VAL F 27 -28.29 57.31 -72.91
C VAL F 27 -29.13 56.60 -71.83
N VAL F 28 -29.73 55.47 -72.21
CA VAL F 28 -30.71 54.77 -71.40
C VAL F 28 -30.18 53.44 -70.85
N ILE F 29 -30.14 53.35 -69.53
CA ILE F 29 -29.59 52.20 -68.83
C ILE F 29 -30.73 51.40 -68.21
N ASP F 30 -30.83 50.14 -68.57
CA ASP F 30 -31.73 49.23 -67.88
C ASP F 30 -30.92 48.11 -67.24
N GLY F 31 -30.99 48.00 -65.93
CA GLY F 31 -30.21 47.00 -65.23
C GLY F 31 -28.75 47.34 -65.31
N GLU F 32 -27.98 46.51 -66.01
CA GLU F 32 -26.53 46.71 -66.14
C GLU F 32 -26.15 47.04 -67.57
N ARG F 33 -27.15 47.15 -68.43
CA ARG F 33 -26.91 47.28 -69.86
C ARG F 33 -27.42 48.57 -70.46
N ILE F 34 -26.71 49.06 -71.47
CA ILE F 34 -27.15 50.20 -72.23
C ILE F 34 -28.21 49.76 -73.22
N VAL F 35 -29.41 50.35 -73.13
CA VAL F 35 -30.53 49.98 -73.99
C VAL F 35 -30.74 50.92 -75.17
N GLU F 36 -30.61 52.22 -74.95
CA GLU F 36 -30.75 53.19 -76.03
C GLU F 36 -29.70 54.28 -75.99
N VAL F 37 -29.22 54.67 -77.18
CA VAL F 37 -28.48 55.91 -77.33
C VAL F 37 -29.11 56.76 -78.43
N THR F 38 -29.75 57.87 -78.04
CA THR F 38 -30.57 58.63 -78.95
C THR F 38 -30.68 60.10 -78.58
N ASP F 39 -30.95 60.94 -79.58
CA ASP F 39 -31.26 62.35 -79.36
C ASP F 39 -32.76 62.60 -79.41
N ARG F 40 -33.53 61.53 -79.31
CA ARG F 40 -34.96 61.61 -79.02
C ARG F 40 -35.21 62.34 -77.71
N PRO F 41 -36.27 63.16 -77.68
CA PRO F 41 -36.93 63.39 -76.40
C PRO F 41 -37.35 62.04 -75.91
N VAL F 42 -36.88 61.68 -74.72
CA VAL F 42 -36.99 60.30 -74.29
C VAL F 42 -38.05 60.11 -73.20
N ASP F 43 -38.77 59.00 -73.29
CA ASP F 43 -40.04 58.77 -72.59
C ASP F 43 -39.79 58.31 -71.15
N LEU F 44 -39.64 59.27 -70.23
CA LEU F 44 -39.18 58.99 -68.85
C LEU F 44 -40.33 58.81 -67.89
N PRO F 45 -40.74 57.57 -67.58
CA PRO F 45 -41.69 57.56 -66.49
C PRO F 45 -41.09 57.45 -65.10
N ASN F 46 -40.41 56.34 -64.82
CA ASN F 46 -39.85 56.06 -63.51
C ASN F 46 -38.33 55.97 -63.49
N ALA F 47 -37.70 56.59 -64.48
CA ALA F 47 -36.26 56.52 -64.64
C ALA F 47 -35.58 57.46 -63.65
N GLN F 48 -34.41 57.07 -63.16
CA GLN F 48 -33.49 58.01 -62.53
C GLN F 48 -32.88 58.91 -63.59
N ALA F 49 -33.37 60.13 -63.68
CA ALA F 49 -32.78 61.10 -64.57
C ALA F 49 -31.57 61.70 -63.87
N ILE F 50 -30.44 61.62 -64.54
CA ILE F 50 -29.29 62.43 -64.15
C ILE F 50 -28.99 63.39 -65.29
N ASP F 51 -28.98 64.69 -64.97
CA ASP F 51 -28.82 65.71 -65.98
C ASP F 51 -27.37 65.89 -66.38
N VAL F 52 -27.07 65.66 -67.64
CA VAL F 52 -25.70 65.70 -68.13
C VAL F 52 -25.56 66.71 -69.27
N ARG F 53 -26.21 67.85 -69.14
CA ARG F 53 -26.14 68.85 -70.21
C ARG F 53 -24.75 69.45 -70.29
N GLY F 54 -24.23 69.51 -71.50
CA GLY F 54 -22.95 70.16 -71.77
C GLY F 54 -21.74 69.42 -71.20
N LYS F 55 -21.90 68.12 -70.97
CA LYS F 55 -20.82 67.35 -70.39
C LYS F 55 -20.61 66.07 -71.17
N THR F 56 -19.36 65.66 -71.31
CA THR F 56 -19.03 64.51 -72.14
C THR F 56 -19.30 63.22 -71.39
N VAL F 57 -20.05 62.32 -72.03
CA VAL F 57 -20.26 61.01 -71.49
C VAL F 57 -19.56 59.98 -72.39
N MET F 58 -18.62 59.25 -71.78
CA MET F 58 -17.80 58.29 -72.51
C MET F 58 -17.71 56.96 -71.75
N PRO F 59 -17.26 55.89 -72.43
CA PRO F 59 -17.08 54.61 -71.73
C PRO F 59 -16.09 54.73 -70.56
N GLY F 60 -16.32 53.96 -69.51
CA GLY F 60 -15.35 53.80 -68.43
C GLY F 60 -13.97 53.36 -68.94
N PHE F 61 -12.91 53.91 -68.34
CA PHE F 61 -11.59 53.61 -68.83
C PHE F 61 -11.14 52.24 -68.35
N ILE F 62 -10.34 51.58 -69.17
CA ILE F 62 -9.78 50.29 -68.85
C ILE F 62 -8.26 50.39 -68.86
N ASP F 63 -7.64 50.25 -67.70
CA ASP F 63 -6.19 50.20 -67.58
C ASP F 63 -5.67 48.78 -67.75
N CYS F 64 -4.76 48.58 -68.70
CA CYS F 64 -4.36 47.23 -69.07
C CYS F 64 -3.17 46.67 -68.30
N HIS F 65 -2.52 47.51 -67.50
CA HIS F 65 -1.42 47.06 -66.70
C HIS F 65 -1.42 47.79 -65.36
N VAL F 66 -2.08 47.24 -64.36
CA VAL F 66 -1.90 47.70 -62.97
C VAL F 66 -1.34 46.60 -62.07
N HIS F 67 -0.76 47.00 -60.95
CA HIS F 67 -0.53 46.10 -59.83
C HIS F 67 -1.30 46.62 -58.64
N VAL F 68 -2.55 46.20 -58.51
CA VAL F 68 -3.44 46.71 -57.48
C VAL F 68 -2.87 46.53 -56.06
N LEU F 69 -2.02 45.53 -55.89
CA LEU F 69 -1.52 45.21 -54.57
C LEU F 69 -0.15 45.83 -54.26
N ALA F 70 0.46 46.42 -55.27
CA ALA F 70 1.71 47.14 -55.08
C ALA F 70 1.46 48.39 -54.25
N SER F 71 1.46 48.20 -52.93
CA SER F 71 1.18 49.29 -52.01
C SER F 71 2.45 50.00 -51.55
N ASN F 72 3.62 49.44 -51.86
CA ASN F 72 4.84 50.23 -51.83
C ASN F 72 5.85 49.85 -52.91
N ALA F 73 6.70 50.82 -53.27
CA ALA F 73 7.52 50.76 -54.49
C ALA F 73 8.58 49.66 -54.48
N ASN F 74 9.04 49.26 -53.30
CA ASN F 74 9.93 48.12 -53.18
C ASN F 74 9.12 46.84 -53.24
N LEU F 75 9.08 46.23 -54.41
CA LEU F 75 8.25 45.06 -54.63
C LEU F 75 8.70 43.87 -53.81
N GLY F 76 9.99 43.85 -53.49
CA GLY F 76 10.54 42.89 -52.55
C GLY F 76 9.89 43.01 -51.19
N VAL F 77 9.93 44.20 -50.61
CA VAL F 77 9.40 44.39 -49.25
C VAL F 77 7.88 44.33 -49.28
N ASN F 78 7.30 44.65 -50.44
CA ASN F 78 5.88 44.46 -50.66
C ASN F 78 5.49 43.01 -50.47
N ALA F 79 6.31 42.11 -50.99
CA ALA F 79 6.04 40.67 -50.91
C ALA F 79 6.03 40.20 -49.47
N THR F 80 6.84 40.84 -48.63
CA THR F 80 7.14 40.30 -47.31
C THR F 80 6.30 40.95 -46.22
N GLN F 81 5.42 41.87 -46.61
CA GLN F 81 4.46 42.45 -45.68
C GLN F 81 3.36 41.43 -45.36
N PRO F 82 2.81 41.50 -44.14
CA PRO F 82 1.80 40.52 -43.68
C PRO F 82 0.56 40.50 -44.55
N ASN F 83 -0.06 39.33 -44.66
CA ASN F 83 -1.14 39.12 -45.62
C ASN F 83 -2.30 40.10 -45.45
N ILE F 84 -2.85 40.16 -44.26
CA ILE F 84 -4.00 41.02 -44.01
C ILE F 84 -3.70 42.51 -44.21
N LEU F 85 -2.47 42.93 -43.93
CA LEU F 85 -2.03 44.29 -44.27
C LEU F 85 -1.90 44.56 -45.76
N ALA F 86 -1.38 43.61 -46.51
CA ALA F 86 -1.24 43.74 -47.95
C ALA F 86 -2.62 43.99 -48.54
N ALA F 87 -3.59 43.18 -48.10
CA ALA F 87 -4.98 43.30 -48.50
C ALA F 87 -5.62 44.65 -48.13
N ILE F 88 -5.52 45.02 -46.86
CA ILE F 88 -6.04 46.31 -46.41
C ILE F 88 -5.49 47.45 -47.29
N ARG F 89 -4.18 47.46 -47.52
CA ARG F 89 -3.53 48.61 -48.14
C ARG F 89 -3.91 48.82 -49.60
N SER F 90 -4.54 47.82 -50.21
CA SER F 90 -4.93 47.88 -51.61
C SER F 90 -6.31 48.54 -51.74
N LEU F 91 -7.00 48.69 -50.62
CA LEU F 91 -8.34 49.22 -50.66
C LEU F 91 -8.44 50.68 -51.12
N PRO F 92 -7.62 51.57 -50.56
CA PRO F 92 -7.46 52.94 -51.07
C PRO F 92 -7.03 52.98 -52.54
N ILE F 93 -6.13 52.10 -52.92
CA ILE F 93 -5.63 52.03 -54.28
C ILE F 93 -6.76 51.75 -55.28
N LEU F 94 -7.61 50.78 -54.94
CA LEU F 94 -8.72 50.40 -55.78
C LEU F 94 -9.76 51.51 -55.86
N ASP F 95 -10.04 52.12 -54.71
CA ASP F 95 -11.01 53.19 -54.59
C ASP F 95 -10.64 54.38 -55.46
N ALA F 96 -9.36 54.73 -55.43
CA ALA F 96 -8.86 55.90 -56.10
C ALA F 96 -8.89 55.70 -57.61
N MET F 97 -8.51 54.51 -58.07
CA MET F 97 -8.53 54.18 -59.52
C MET F 97 -9.92 54.41 -60.09
N LEU F 98 -10.93 53.97 -59.36
CA LEU F 98 -12.30 54.06 -59.81
C LEU F 98 -12.72 55.51 -59.88
N SER F 99 -12.38 56.29 -58.85
CA SER F 99 -12.78 57.68 -58.83
C SER F 99 -12.03 58.52 -59.87
N ARG F 100 -10.96 57.96 -60.44
CA ARG F 100 -10.31 58.56 -61.60
C ARG F 100 -11.01 58.15 -62.89
N GLY F 101 -12.02 57.30 -62.79
CA GLY F 101 -12.83 56.93 -63.96
C GLY F 101 -12.50 55.58 -64.56
N PHE F 102 -11.62 54.85 -63.90
CA PHE F 102 -11.25 53.54 -64.38
C PHE F 102 -12.23 52.49 -63.86
N THR F 103 -13.08 51.96 -64.73
CA THR F 103 -14.06 51.00 -64.29
C THR F 103 -13.59 49.54 -64.42
N SER F 104 -12.53 49.32 -65.21
CA SER F 104 -11.93 48.01 -65.32
C SER F 104 -10.43 48.10 -65.34
N VAL F 105 -9.78 47.18 -64.64
CA VAL F 105 -8.32 47.03 -64.73
C VAL F 105 -7.95 45.59 -65.00
N ARG F 106 -6.92 45.39 -65.82
CA ARG F 106 -6.25 44.11 -65.96
C ARG F 106 -5.03 44.14 -65.04
N ASP F 107 -4.97 43.22 -64.08
CA ASP F 107 -3.94 43.28 -63.06
C ASP F 107 -2.80 42.43 -63.50
N ALA F 108 -1.58 42.92 -63.37
CA ALA F 108 -0.44 42.27 -63.99
C ALA F 108 0.37 41.40 -63.01
N GLY F 109 -0.33 40.71 -62.13
CA GLY F 109 0.34 39.91 -61.11
C GLY F 109 0.14 40.55 -59.76
N GLY F 110 -0.39 39.77 -58.81
CA GLY F 110 -0.73 40.25 -57.46
C GLY F 110 -2.17 39.93 -57.09
N ALA F 111 -3.11 40.48 -57.85
CA ALA F 111 -4.51 40.29 -57.53
C ALA F 111 -5.03 38.95 -58.02
N ASP F 112 -6.00 38.43 -57.29
CA ASP F 112 -6.54 37.11 -57.53
C ASP F 112 -8.05 37.15 -57.72
N TRP F 113 -8.61 35.97 -57.87
CA TRP F 113 -10.05 35.79 -58.01
C TRP F 113 -10.84 36.33 -56.80
N SER F 114 -10.28 36.25 -55.59
CA SER F 114 -10.98 36.74 -54.39
C SER F 114 -11.16 38.24 -54.40
N LEU F 115 -10.16 38.96 -54.89
CA LEU F 115 -10.28 40.41 -55.03
C LEU F 115 -11.34 40.75 -56.09
N MET F 116 -11.23 40.09 -57.24
CA MET F 116 -12.23 40.19 -58.28
C MET F 116 -13.63 40.08 -57.70
N GLN F 117 -13.82 39.11 -56.81
CA GLN F 117 -15.14 38.80 -56.28
C GLN F 117 -15.57 39.87 -55.30
N ALA F 118 -14.61 40.37 -54.53
CA ALA F 118 -14.88 41.40 -53.57
C ALA F 118 -15.53 42.63 -54.23
N VAL F 119 -15.07 42.99 -55.42
CA VAL F 119 -15.64 44.15 -56.09
C VAL F 119 -16.94 43.80 -56.78
N GLU F 120 -17.03 42.57 -57.28
CA GLU F 120 -18.21 42.16 -58.03
C GLU F 120 -19.44 41.98 -57.14
N THR F 121 -19.21 41.51 -55.93
CA THR F 121 -20.30 41.37 -54.98
C THR F 121 -20.51 42.69 -54.27
N GLY F 122 -19.66 43.67 -54.57
CA GLY F 122 -19.79 45.00 -53.97
C GLY F 122 -19.34 45.07 -52.52
N LEU F 123 -18.58 44.08 -52.10
CA LEU F 123 -17.98 44.10 -50.76
C LEU F 123 -16.93 45.21 -50.66
N VAL F 124 -16.40 45.63 -51.79
CA VAL F 124 -15.28 46.54 -51.82
C VAL F 124 -15.39 47.43 -53.05
N SER F 125 -15.00 48.70 -52.89
CA SER F 125 -15.10 49.66 -53.98
C SER F 125 -13.88 49.65 -54.90
N GLY F 126 -14.13 49.57 -56.21
CA GLY F 126 -13.07 49.73 -57.19
C GLY F 126 -13.46 49.14 -58.52
N PRO F 127 -12.51 49.12 -59.47
CA PRO F 127 -12.75 48.64 -60.83
C PRO F 127 -13.04 47.14 -60.83
N ARG F 128 -13.72 46.66 -61.87
CA ARG F 128 -13.68 45.26 -62.24
C ARG F 128 -12.23 44.88 -62.52
N ILE F 129 -11.84 43.70 -62.04
CA ILE F 129 -10.47 43.24 -62.12
C ILE F 129 -10.39 42.04 -63.07
N PHE F 130 -9.36 42.00 -63.89
CA PHE F 130 -9.11 40.84 -64.70
C PHE F 130 -7.79 40.26 -64.25
N PRO F 131 -7.83 39.36 -63.27
CA PRO F 131 -6.64 39.07 -62.49
C PRO F 131 -5.73 38.08 -63.21
N SER F 132 -4.42 38.27 -63.04
CA SER F 132 -3.43 37.38 -63.62
C SER F 132 -3.06 36.27 -62.64
N GLY F 133 -3.53 36.42 -61.41
CA GLY F 133 -3.03 35.67 -60.29
C GLY F 133 -1.63 36.14 -60.00
N LYS F 134 -0.65 35.28 -60.25
CA LYS F 134 0.73 35.63 -59.96
C LYS F 134 1.55 35.58 -61.21
N ALA F 135 2.44 36.56 -61.35
CA ALA F 135 3.28 36.66 -62.52
C ALA F 135 4.22 35.46 -62.51
N LEU F 136 4.34 34.76 -63.64
CA LEU F 136 5.35 33.72 -63.73
C LEU F 136 6.70 34.34 -63.98
N SER F 137 7.73 33.80 -63.32
CA SER F 137 9.11 34.30 -63.47
C SER F 137 10.11 33.18 -63.23
N GLN F 138 11.13 33.11 -64.09
CA GLN F 138 12.20 32.12 -63.95
C GLN F 138 13.07 32.56 -62.80
N THR F 139 14.01 31.71 -62.41
CA THR F 139 14.88 32.01 -61.30
C THR F 139 15.83 33.13 -61.70
N GLY F 140 15.95 34.13 -60.83
CA GLY F 140 16.82 35.25 -61.11
C GLY F 140 16.19 36.14 -62.15
N GLY F 141 14.89 35.95 -62.33
CA GLY F 141 14.16 36.69 -63.33
C GLY F 141 13.56 37.94 -62.73
N HIS F 142 12.70 38.59 -63.51
CA HIS F 142 12.18 39.90 -63.16
C HIS F 142 11.23 39.84 -61.95
N GLY F 143 10.76 38.64 -61.61
CA GLY F 143 9.88 38.47 -60.48
C GLY F 143 10.55 37.79 -59.31
N ASP F 144 11.84 37.50 -59.45
CA ASP F 144 12.64 36.92 -58.38
C ASP F 144 13.23 38.09 -57.60
N PHE F 145 12.89 38.21 -56.32
CA PHE F 145 13.32 39.39 -55.56
C PHE F 145 14.38 39.10 -54.51
N ARG F 146 15.00 37.94 -54.60
CA ARG F 146 16.09 37.59 -53.71
C ARG F 146 17.37 38.33 -54.08
N PRO F 147 18.12 38.79 -53.08
CA PRO F 147 19.35 39.52 -53.35
C PRO F 147 20.47 38.60 -53.82
N ARG F 148 21.55 39.18 -54.33
CA ARG F 148 22.59 38.44 -55.03
C ARG F 148 23.31 37.43 -54.14
N LEU F 152 22.41 33.02 -52.95
CA LEU F 152 22.63 31.74 -52.28
C LEU F 152 21.35 31.41 -51.53
N GLU F 153 20.36 30.87 -52.25
CA GLU F 153 18.93 31.16 -52.01
C GLU F 153 18.10 29.92 -51.66
N PRO F 154 17.33 29.99 -50.56
CA PRO F 154 16.74 28.81 -49.92
C PRO F 154 15.38 28.40 -50.49
N CYS F 155 14.57 29.40 -50.85
CA CYS F 155 13.25 29.23 -51.47
C CYS F 155 12.09 28.86 -50.54
N SER F 156 10.90 29.33 -50.91
CA SER F 156 9.71 29.42 -50.05
C SER F 156 8.66 28.46 -50.60
N CYS F 157 7.47 28.36 -50.02
CA CYS F 157 6.48 27.48 -50.63
C CYS F 157 5.04 27.88 -50.38
N CYS F 158 4.87 29.05 -49.79
CA CYS F 158 3.53 29.58 -49.60
C CYS F 158 3.34 30.96 -50.17
N PHE F 159 2.16 31.17 -50.72
CA PHE F 159 1.90 32.38 -51.47
C PHE F 159 1.52 33.55 -50.57
N ARG F 160 2.45 34.49 -50.45
CA ARG F 160 2.19 35.75 -49.80
C ARG F 160 1.23 36.54 -50.68
N THR F 161 0.25 37.21 -50.07
CA THR F 161 -0.71 37.95 -50.88
C THR F 161 -0.24 39.32 -51.34
N GLY F 162 0.97 39.70 -50.95
CA GLY F 162 1.59 40.90 -51.49
C GLY F 162 2.56 40.59 -52.61
N ALA F 163 2.73 39.31 -52.93
CA ALA F 163 3.73 38.89 -53.90
C ALA F 163 3.20 39.12 -55.33
N ILE F 164 3.98 39.82 -56.15
CA ILE F 164 3.61 40.08 -57.54
C ILE F 164 3.77 38.82 -58.39
N ALA F 165 4.87 38.11 -58.17
CA ALA F 165 5.24 36.94 -58.98
C ALA F 165 5.38 35.67 -58.17
N ARG F 166 5.59 34.56 -58.86
CA ARG F 166 6.12 33.32 -58.28
C ARG F 166 7.25 32.79 -59.17
N VAL F 167 8.16 32.02 -58.59
CA VAL F 167 9.29 31.53 -59.34
C VAL F 167 9.09 30.08 -59.77
N VAL F 168 9.03 29.86 -61.08
CA VAL F 168 8.88 28.52 -61.64
C VAL F 168 9.80 28.35 -62.83
N ASP F 169 10.47 27.21 -62.89
CA ASP F 169 11.35 26.90 -64.01
C ASP F 169 10.98 25.57 -64.62
N GLY F 170 11.25 25.44 -65.92
CA GLY F 170 11.07 24.17 -66.62
C GLY F 170 9.74 24.07 -67.32
N VAL F 171 9.71 23.27 -68.38
CA VAL F 171 8.53 23.11 -69.23
C VAL F 171 7.37 22.56 -68.43
N GLU F 172 7.61 21.48 -67.69
CA GLU F 172 6.59 20.92 -66.81
C GLU F 172 6.20 21.85 -65.67
N GLY F 173 7.18 22.61 -65.17
CA GLY F 173 6.96 23.42 -63.98
C GLY F 173 6.01 24.54 -64.31
N VAL F 174 6.24 25.14 -65.48
CA VAL F 174 5.40 26.24 -65.93
C VAL F 174 4.02 25.76 -66.38
N ARG F 175 3.97 24.51 -66.85
CA ARG F 175 2.71 23.90 -67.27
C ARG F 175 1.80 23.74 -66.11
N LEU F 176 2.34 23.13 -65.05
CA LEU F 176 1.64 23.01 -63.79
C LEU F 176 1.25 24.39 -63.26
N ALA F 177 2.17 25.35 -63.34
CA ALA F 177 1.90 26.66 -62.75
C ALA F 177 0.74 27.38 -63.42
N VAL F 178 0.64 27.22 -64.74
CA VAL F 178 -0.46 27.80 -65.52
C VAL F 178 -1.78 27.11 -65.13
N ARG F 179 -1.78 25.78 -65.20
CA ARG F 179 -2.92 25.02 -64.75
C ARG F 179 -3.38 25.45 -63.35
N GLU F 180 -2.44 25.65 -62.44
CA GLU F 180 -2.76 26.09 -61.09
C GLU F 180 -3.41 27.48 -61.10
N GLU F 181 -2.80 28.40 -61.86
CA GLU F 181 -3.26 29.79 -61.86
C GLU F 181 -4.69 29.93 -62.38
N ILE F 182 -4.99 29.16 -63.41
CA ILE F 182 -6.31 29.12 -64.01
C ILE F 182 -7.34 28.41 -63.14
N GLN F 183 -6.90 27.37 -62.43
CA GLN F 183 -7.74 26.75 -61.40
C GLN F 183 -8.16 27.78 -60.36
N LYS F 184 -7.22 28.60 -59.89
CA LYS F 184 -7.50 29.62 -58.89
C LYS F 184 -8.30 30.78 -59.49
N GLY F 185 -8.46 30.76 -60.80
CA GLY F 185 -9.37 31.70 -61.46
C GLY F 185 -8.77 32.90 -62.17
N ALA F 186 -7.50 32.83 -62.55
CA ALA F 186 -6.88 33.83 -63.44
C ALA F 186 -7.71 34.03 -64.70
N THR F 187 -7.73 35.26 -65.23
CA THR F 187 -8.43 35.47 -66.49
C THR F 187 -7.43 35.43 -67.63
N GLN F 188 -6.19 35.80 -67.33
CA GLN F 188 -5.10 35.62 -68.30
C GLN F 188 -3.79 35.38 -67.58
N ILE F 189 -2.76 35.01 -68.35
CA ILE F 189 -1.47 34.60 -67.79
C ILE F 189 -0.37 35.64 -68.04
N LYS F 190 0.28 36.11 -66.96
CA LYS F 190 1.41 37.05 -67.03
C LYS F 190 2.74 36.30 -66.93
N ILE F 191 3.69 36.64 -67.78
CA ILE F 191 5.04 36.09 -67.64
C ILE F 191 6.07 37.19 -67.78
N MET F 192 7.24 36.99 -67.20
CA MET F 192 8.34 37.89 -67.43
C MET F 192 9.26 37.27 -68.47
N ALA F 193 9.39 37.93 -69.62
CA ALA F 193 10.12 37.37 -70.74
C ALA F 193 11.43 38.12 -71.00
N SER F 194 11.81 38.95 -70.03
CA SER F 194 12.98 39.79 -70.17
C SER F 194 13.37 40.43 -68.83
N GLY F 195 14.63 40.84 -68.72
CA GLY F 195 15.08 41.70 -67.63
C GLY F 195 14.17 42.89 -67.44
N GLY F 196 14.17 43.46 -66.24
CA GLY F 196 13.36 44.62 -65.98
C GLY F 196 14.05 45.74 -65.23
N VAL F 197 13.28 46.45 -64.42
CA VAL F 197 13.79 47.60 -63.69
C VAL F 197 13.66 47.34 -62.18
N ALA F 198 12.49 46.87 -61.76
CA ALA F 198 12.15 46.74 -60.33
C ALA F 198 12.72 45.49 -59.63
N SER F 199 13.55 44.73 -60.34
CA SER F 199 14.17 43.51 -59.79
C SER F 199 15.68 43.69 -59.64
N PRO F 200 16.29 43.00 -58.66
CA PRO F 200 17.70 43.24 -58.31
C PRO F 200 18.77 42.72 -59.30
N THR F 201 18.61 41.50 -59.81
CA THR F 201 19.72 40.77 -60.42
C THR F 201 19.77 40.74 -61.96
N ASP F 202 18.65 41.06 -62.61
CA ASP F 202 18.56 40.98 -64.07
C ASP F 202 18.70 42.34 -64.79
N PRO F 203 19.80 42.51 -65.56
CA PRO F 203 19.89 43.63 -66.51
C PRO F 203 18.74 43.59 -67.51
N ILE F 204 18.37 44.76 -68.00
CA ILE F 204 17.20 44.88 -68.86
C ILE F 204 17.38 44.23 -70.25
N ALA F 205 18.64 44.14 -70.71
CA ALA F 205 18.94 43.69 -72.07
C ALA F 205 18.71 42.20 -72.32
N ASN F 206 18.66 41.39 -71.26
CA ASN F 206 18.60 39.95 -71.43
C ASN F 206 17.24 39.27 -71.34
N THR F 207 17.10 38.15 -72.04
CA THR F 207 15.82 37.45 -72.15
C THR F 207 15.60 36.46 -71.00
N GLN F 208 14.35 36.10 -70.78
CA GLN F 208 14.00 35.15 -69.74
C GLN F 208 13.07 34.07 -70.28
N TYR F 209 13.21 32.86 -69.73
CA TYR F 209 12.47 31.66 -70.16
C TYR F 209 12.92 31.13 -71.53
N SER F 210 13.03 29.81 -71.63
CA SER F 210 13.35 29.19 -72.89
C SER F 210 12.14 29.29 -73.84
N GLU F 211 12.37 29.11 -75.13
CA GLU F 211 11.25 29.13 -76.07
C GLU F 211 10.33 27.95 -75.79
N ASP F 212 10.95 26.86 -75.36
CA ASP F 212 10.19 25.71 -74.90
C ASP F 212 9.23 26.04 -73.78
N GLU F 213 9.69 26.81 -72.80
CA GLU F 213 8.88 27.09 -71.63
C GLU F 213 7.72 28.00 -72.02
N ILE F 214 8.04 29.08 -72.72
CA ILE F 214 7.02 30.00 -73.21
C ILE F 214 5.94 29.35 -74.07
N ARG F 215 6.35 28.47 -75.01
CA ARG F 215 5.39 27.80 -75.88
C ARG F 215 4.42 26.93 -75.09
N ALA F 216 4.94 26.30 -74.05
CA ALA F 216 4.14 25.45 -73.19
C ALA F 216 3.10 26.28 -72.43
N ILE F 217 3.53 27.47 -72.01
CA ILE F 217 2.72 28.40 -71.22
C ILE F 217 1.57 28.94 -72.04
N VAL F 218 1.90 29.38 -73.25
CA VAL F 218 0.94 29.87 -74.23
C VAL F 218 -0.09 28.82 -74.49
N ASP F 219 0.37 27.57 -74.62
CA ASP F 219 -0.51 26.45 -74.91
C ASP F 219 -1.47 26.20 -73.77
N GLU F 220 -0.95 26.22 -72.55
CA GLU F 220 -1.80 25.95 -71.41
C GLU F 220 -2.81 27.08 -71.23
N ALA F 221 -2.39 28.29 -71.62
CA ALA F 221 -3.32 29.43 -71.67
C ALA F 221 -4.42 29.18 -72.69
N GLU F 222 -4.02 28.94 -73.94
CA GLU F 222 -4.97 28.75 -75.02
C GLU F 222 -5.93 27.60 -74.73
N ALA F 223 -5.42 26.60 -74.04
CA ALA F 223 -6.25 25.46 -73.65
C ALA F 223 -7.37 25.88 -72.71
N ALA F 224 -7.15 26.94 -71.93
CA ALA F 224 -8.21 27.48 -71.09
C ALA F 224 -8.93 28.67 -71.75
N ASN F 225 -8.80 28.76 -73.07
CA ASN F 225 -9.37 29.83 -73.88
C ASN F 225 -9.09 31.20 -73.31
N THR F 226 -7.81 31.45 -73.06
CA THR F 226 -7.31 32.77 -72.72
C THR F 226 -5.95 32.91 -73.41
N TYR F 227 -5.18 33.92 -73.03
CA TYR F 227 -3.93 34.28 -73.70
C TYR F 227 -2.81 34.59 -72.68
N VAL F 228 -1.62 34.86 -73.19
CA VAL F 228 -0.50 35.24 -72.34
C VAL F 228 -0.13 36.71 -72.55
N MET F 229 0.08 37.43 -71.46
CA MET F 229 0.70 38.73 -71.52
C MET F 229 2.16 38.62 -71.09
N ALA F 230 3.05 39.33 -71.79
CA ALA F 230 4.49 39.15 -71.58
C ALA F 230 5.21 40.47 -71.35
N HIS F 231 5.98 40.54 -70.26
CA HIS F 231 6.79 41.71 -69.96
C HIS F 231 8.11 41.59 -70.72
N ALA F 232 8.51 42.64 -71.44
CA ALA F 232 9.61 42.56 -72.43
C ALA F 232 10.00 43.92 -72.98
N TYR F 233 11.30 44.19 -73.04
CA TYR F 233 11.77 45.51 -73.45
C TYR F 233 12.36 45.53 -74.85
N THR F 234 13.47 44.83 -75.06
CA THR F 234 14.21 44.95 -76.31
C THR F 234 13.53 44.19 -77.43
N GLY F 235 13.82 44.59 -78.67
CA GLY F 235 13.27 43.95 -79.88
C GLY F 235 13.53 42.46 -80.00
N ARG F 236 14.67 42.03 -79.46
CA ARG F 236 15.05 40.61 -79.41
C ARG F 236 14.15 39.81 -78.48
N ALA F 237 13.89 40.34 -77.29
CA ALA F 237 13.09 39.66 -76.29
C ALA F 237 11.66 39.63 -76.74
N ILE F 238 11.25 40.72 -77.37
CA ILE F 238 9.90 40.81 -77.91
C ILE F 238 9.66 39.79 -79.01
N ALA F 239 10.49 39.81 -80.05
CA ALA F 239 10.32 38.97 -81.23
C ALA F 239 10.11 37.49 -80.88
N ARG F 240 10.93 36.97 -79.98
CA ARG F 240 10.84 35.56 -79.61
C ARG F 240 9.59 35.23 -78.82
N ALA F 241 9.17 36.13 -77.94
CA ALA F 241 7.87 35.98 -77.26
C ALA F 241 6.68 35.98 -78.24
N VAL F 242 6.73 36.84 -79.25
CA VAL F 242 5.66 36.88 -80.23
C VAL F 242 5.66 35.61 -81.06
N ARG F 243 6.85 35.13 -81.37
CA ARG F 243 7.01 33.93 -82.17
C ARG F 243 6.56 32.69 -81.41
N CYS F 244 6.52 32.77 -80.09
CA CYS F 244 5.99 31.69 -79.28
C CYS F 244 4.49 31.78 -79.17
N GLY F 245 3.95 32.95 -79.51
CA GLY F 245 2.51 33.13 -79.58
C GLY F 245 1.92 33.87 -78.39
N VAL F 246 2.68 34.77 -77.78
CA VAL F 246 2.11 35.62 -76.74
C VAL F 246 1.33 36.75 -77.40
N ARG F 247 0.24 37.16 -76.78
CA ARG F 247 -0.78 37.98 -77.44
C ARG F 247 -0.62 39.46 -77.10
N THR F 248 -0.39 39.79 -75.84
CA THR F 248 -0.02 41.15 -75.50
C THR F 248 1.44 41.26 -75.00
N ILE F 249 2.05 42.43 -75.21
CA ILE F 249 3.43 42.67 -74.82
C ILE F 249 3.45 43.90 -73.94
N GLU F 250 3.90 43.75 -72.70
CA GLU F 250 3.90 44.86 -71.76
C GLU F 250 5.20 45.69 -71.85
N HIS F 251 5.06 47.00 -71.69
CA HIS F 251 6.16 47.96 -71.80
C HIS F 251 6.67 48.14 -73.21
N GLY F 252 7.59 47.28 -73.63
CA GLY F 252 7.98 47.23 -75.03
C GLY F 252 8.79 48.43 -75.47
N ASN F 253 9.42 49.10 -74.50
CA ASN F 253 10.12 50.36 -74.71
C ASN F 253 11.23 50.33 -75.74
N LEU F 254 11.85 49.18 -75.96
CA LEU F 254 13.02 49.15 -76.82
C LEU F 254 12.84 48.34 -78.10
N VAL F 255 11.68 48.45 -78.74
CA VAL F 255 11.46 47.81 -80.05
C VAL F 255 12.28 48.43 -81.16
N ASP F 256 12.70 47.60 -82.10
CA ASP F 256 13.02 48.09 -83.45
C ASP F 256 11.81 47.83 -84.35
N GLU F 257 11.87 48.31 -85.58
CA GLU F 257 10.73 48.16 -86.47
C GLU F 257 10.57 46.75 -87.04
N ALA F 258 11.63 45.95 -86.95
CA ALA F 258 11.54 44.57 -87.40
C ALA F 258 10.66 43.78 -86.44
N ALA F 259 10.78 44.09 -85.15
CA ALA F 259 9.96 43.45 -84.13
C ALA F 259 8.53 43.98 -84.16
N ALA F 260 8.39 45.29 -84.31
CA ALA F 260 7.07 45.87 -84.50
C ALA F 260 6.33 45.29 -85.71
N LYS F 261 7.03 45.10 -86.81
CA LYS F 261 6.42 44.56 -88.02
C LYS F 261 5.88 43.18 -87.73
N LEU F 262 6.72 42.36 -87.10
CA LEU F 262 6.34 40.99 -86.74
C LEU F 262 5.10 41.01 -85.87
N MET F 263 5.13 41.84 -84.83
CA MET F 263 3.99 42.00 -83.94
C MET F 263 2.70 42.31 -84.70
N HIS F 264 2.79 43.23 -85.66
CA HIS F 264 1.67 43.57 -86.51
C HIS F 264 1.19 42.35 -87.25
N GLU F 265 2.14 41.60 -87.80
CA GLU F 265 1.84 40.42 -88.58
C GLU F 265 1.14 39.33 -87.79
N HIS F 266 1.57 39.13 -86.55
CA HIS F 266 0.97 38.10 -85.71
C HIS F 266 -0.34 38.51 -85.09
N GLY F 267 -0.58 39.81 -84.97
CA GLY F 267 -1.84 40.30 -84.40
C GLY F 267 -1.66 40.49 -82.91
N ALA F 268 -0.45 40.86 -82.52
CA ALA F 268 -0.09 41.05 -81.12
C ALA F 268 -0.17 42.51 -80.70
N PHE F 269 -0.84 42.76 -79.57
CA PHE F 269 -0.95 44.12 -79.02
C PHE F 269 0.33 44.56 -78.28
N VAL F 270 0.38 45.85 -77.94
CA VAL F 270 1.34 46.36 -76.96
C VAL F 270 0.63 47.13 -75.88
N VAL F 271 1.20 47.14 -74.68
CA VAL F 271 0.71 48.01 -73.63
C VAL F 271 1.90 48.71 -73.02
N PRO F 272 2.26 49.87 -73.59
CA PRO F 272 3.30 50.73 -73.02
C PRO F 272 2.85 51.33 -71.70
N THR F 273 3.80 51.66 -70.84
CA THR F 273 3.49 52.12 -69.50
C THR F 273 4.40 53.27 -69.17
N LEU F 274 4.37 54.31 -70.00
CA LEU F 274 5.37 55.37 -69.97
C LEU F 274 5.38 56.21 -68.69
N VAL F 275 4.20 56.40 -68.09
CA VAL F 275 4.06 57.26 -66.92
C VAL F 275 4.94 56.80 -65.77
N THR F 276 5.09 55.48 -65.65
CA THR F 276 5.79 54.88 -64.52
C THR F 276 7.28 55.20 -64.52
N TYR F 277 7.83 55.50 -65.68
CA TYR F 277 9.23 55.83 -65.75
C TYR F 277 9.49 57.28 -65.36
N ASP F 278 8.57 58.17 -65.71
CA ASP F 278 8.63 59.58 -65.29
C ASP F 278 8.52 59.70 -63.78
N ALA F 279 7.55 59.00 -63.20
CA ALA F 279 7.37 58.95 -61.76
C ALA F 279 8.59 58.35 -61.09
N LEU F 280 9.13 57.28 -61.65
CA LEU F 280 10.34 56.67 -61.09
C LEU F 280 11.59 57.54 -61.32
N ALA F 281 11.52 58.43 -62.31
CA ALA F 281 12.55 59.43 -62.51
C ALA F 281 12.61 60.42 -61.36
N LYS F 282 11.47 60.99 -60.99
CA LYS F 282 11.40 62.00 -59.93
C LYS F 282 11.56 61.42 -58.51
N HIS F 283 10.78 60.39 -58.18
CA HIS F 283 10.69 59.92 -56.80
C HIS F 283 11.13 58.47 -56.65
N GLY F 284 12.17 58.08 -57.37
CA GLY F 284 12.59 56.68 -57.44
C GLY F 284 13.22 56.19 -56.16
N ALA F 285 14.47 56.58 -55.93
CA ALA F 285 15.19 56.28 -54.70
C ALA F 285 14.52 56.95 -53.48
N GLU F 286 13.65 57.91 -53.76
CA GLU F 286 12.95 58.66 -52.74
C GLU F 286 11.82 57.88 -52.06
N PHE F 287 11.15 57.01 -52.82
CA PHE F 287 10.03 56.24 -52.29
C PHE F 287 10.37 54.79 -51.91
N GLY F 288 11.66 54.50 -51.76
CA GLY F 288 12.11 53.25 -51.16
C GLY F 288 12.45 52.11 -52.12
N MET F 289 12.56 52.42 -53.40
CA MET F 289 13.03 51.45 -54.39
C MET F 289 14.56 51.44 -54.46
N PRO F 290 15.18 50.25 -54.29
CA PRO F 290 16.64 50.04 -54.23
C PRO F 290 17.44 50.85 -55.25
N PRO F 291 18.58 51.41 -54.83
CA PRO F 291 19.43 52.32 -55.62
C PRO F 291 19.82 51.82 -57.02
N GLU F 292 20.04 50.52 -57.19
CA GLU F 292 20.48 49.96 -58.47
C GLU F 292 19.33 49.62 -59.43
N SER F 293 18.11 49.80 -58.95
CA SER F 293 16.91 49.72 -59.80
C SER F 293 16.63 51.07 -60.48
N VAL F 294 16.88 52.16 -59.75
CA VAL F 294 16.75 53.51 -60.30
C VAL F 294 17.90 53.87 -61.23
N ALA F 295 18.98 53.09 -61.18
CA ALA F 295 20.04 53.17 -62.18
C ALA F 295 19.52 52.66 -63.52
N LYS F 296 18.61 51.69 -63.45
CA LYS F 296 18.06 51.00 -64.64
C LYS F 296 16.87 51.73 -65.28
N VAL F 297 16.37 52.75 -64.60
CA VAL F 297 15.20 53.51 -65.07
C VAL F 297 15.55 54.66 -66.02
N ALA F 298 16.83 55.06 -66.02
CA ALA F 298 17.33 56.14 -66.88
C ALA F 298 17.16 55.80 -68.38
N SER F 299 17.47 54.55 -68.73
CA SER F 299 17.60 54.13 -70.12
C SER F 299 16.28 53.91 -70.86
N VAL F 300 15.27 53.39 -70.16
CA VAL F 300 14.04 52.94 -70.81
C VAL F 300 13.06 54.05 -71.16
N GLN F 301 13.13 55.18 -70.45
CA GLN F 301 12.22 56.29 -70.69
C GLN F 301 12.62 57.10 -71.93
N GLN F 302 13.89 57.02 -72.29
CA GLN F 302 14.43 57.69 -73.46
C GLN F 302 13.64 57.31 -74.71
N LYS F 303 13.86 56.08 -75.16
CA LYS F 303 13.16 55.51 -76.32
C LYS F 303 11.66 55.34 -76.06
N GLY F 304 11.21 55.66 -74.84
CA GLY F 304 9.85 55.40 -74.42
C GLY F 304 8.84 56.05 -75.34
N ARG F 305 8.98 57.37 -75.50
CA ARG F 305 8.08 58.11 -76.36
C ARG F 305 8.29 57.71 -77.81
N GLU F 306 9.56 57.54 -78.19
CA GLU F 306 9.94 57.18 -79.55
C GLU F 306 9.28 55.88 -80.04
N SER F 307 9.19 54.90 -79.15
CA SER F 307 8.60 53.60 -79.46
C SER F 307 7.15 53.69 -79.94
N LEU F 308 6.37 54.56 -79.30
CA LEU F 308 4.98 54.76 -79.68
C LEU F 308 4.83 55.03 -81.16
N GLU F 309 5.70 55.89 -81.68
CA GLU F 309 5.76 56.14 -83.12
C GLU F 309 6.08 54.90 -83.92
N ILE F 310 7.03 54.10 -83.45
CA ILE F 310 7.39 52.85 -84.10
C ILE F 310 6.18 51.90 -84.18
N TYR F 311 5.50 51.75 -83.04
CA TYR F 311 4.30 50.96 -82.98
C TYR F 311 3.21 51.47 -83.91
N ALA F 312 2.86 52.75 -83.79
CA ALA F 312 1.93 53.39 -84.74
C ALA F 312 2.30 53.15 -86.20
N ASN F 313 3.58 53.28 -86.56
CA ASN F 313 4.04 53.12 -87.93
C ASN F 313 3.85 51.71 -88.49
N ALA F 314 4.19 50.70 -87.69
CA ALA F 314 4.02 49.33 -88.13
C ALA F 314 2.59 48.82 -87.95
N GLY F 315 1.78 49.60 -87.24
CA GLY F 315 0.34 49.35 -87.15
C GLY F 315 0.04 48.34 -86.07
N VAL F 316 0.59 48.58 -84.89
CA VAL F 316 0.42 47.67 -83.77
C VAL F 316 -0.55 48.28 -82.79
N LYS F 317 -1.65 47.59 -82.50
CA LYS F 317 -2.63 48.08 -81.56
C LYS F 317 -2.04 48.34 -80.15
N MET F 318 -2.33 49.51 -79.59
CA MET F 318 -1.73 49.94 -78.31
C MET F 318 -2.79 50.09 -77.21
N GLY F 319 -2.57 49.45 -76.07
CA GLY F 319 -3.47 49.59 -74.95
C GLY F 319 -2.95 50.57 -73.92
N PHE F 320 -3.82 51.00 -73.02
CA PHE F 320 -3.45 51.89 -71.94
C PHE F 320 -2.85 51.09 -70.79
N GLY F 321 -1.70 51.50 -70.29
CA GLY F 321 -1.18 50.92 -69.04
C GLY F 321 -0.38 51.87 -68.19
N SER F 322 -0.59 51.82 -66.88
CA SER F 322 0.17 52.69 -65.99
CA SER F 322 0.16 52.69 -65.98
C SER F 322 1.36 51.99 -65.33
N ASP F 323 1.10 50.88 -64.65
CA ASP F 323 2.14 50.10 -63.94
C ASP F 323 2.84 50.89 -62.83
N LEU F 324 2.05 51.62 -62.05
CA LEU F 324 2.62 52.48 -61.02
C LEU F 324 2.63 51.74 -59.70
N LEU F 325 3.61 52.04 -58.85
CA LEU F 325 3.78 51.33 -57.59
C LEU F 325 3.71 52.30 -56.43
N GLY F 326 3.21 51.84 -55.30
CA GLY F 326 3.22 52.64 -54.10
C GLY F 326 2.46 53.93 -54.25
N GLU F 327 2.94 54.99 -53.62
CA GLU F 327 2.20 56.25 -53.56
C GLU F 327 2.20 56.95 -54.92
N MET F 328 3.07 56.47 -55.82
CA MET F 328 3.07 56.93 -57.21
C MET F 328 1.81 56.52 -57.99
N HIS F 329 0.88 55.85 -57.31
CA HIS F 329 -0.37 55.43 -57.94
C HIS F 329 -1.22 56.60 -58.38
N ALA F 330 -1.04 57.74 -57.72
CA ALA F 330 -1.81 58.95 -58.02
C ALA F 330 -1.67 59.42 -59.47
N PHE F 331 -0.49 59.18 -60.07
CA PHE F 331 -0.17 59.74 -61.38
C PHE F 331 -0.79 59.00 -62.54
N GLN F 332 -1.78 58.15 -62.24
CA GLN F 332 -2.29 57.15 -63.18
C GLN F 332 -2.80 57.75 -64.48
N SER F 333 -3.57 58.84 -64.38
CA SER F 333 -4.23 59.42 -65.54
C SER F 333 -3.25 60.15 -66.44
N GLY F 334 -2.10 60.50 -65.87
CA GLY F 334 -1.07 61.23 -66.58
C GLY F 334 -0.64 60.54 -67.85
N GLU F 335 -0.82 59.23 -67.91
CA GLU F 335 -0.47 58.46 -69.11
C GLU F 335 -1.28 58.92 -70.32
N PHE F 336 -2.47 59.47 -70.09
CA PHE F 336 -3.27 60.09 -71.15
C PHE F 336 -2.52 61.23 -71.85
N ARG F 337 -2.00 62.17 -71.06
CA ARG F 337 -1.16 63.24 -71.59
C ARG F 337 0.00 62.74 -72.44
N ILE F 338 0.75 61.82 -71.87
CA ILE F 338 2.00 61.36 -72.48
C ILE F 338 1.74 60.74 -73.85
N ARG F 339 0.63 60.03 -73.95
CA ARG F 339 0.26 59.44 -75.21
C ARG F 339 -0.33 60.45 -76.17
N ALA F 340 -1.12 61.37 -75.66
CA ALA F 340 -1.76 62.38 -76.47
C ALA F 340 -0.74 63.32 -77.10
N GLU F 341 0.38 63.52 -76.42
CA GLU F 341 1.44 64.37 -76.95
C GLU F 341 2.13 63.76 -78.15
N VAL F 342 2.11 62.44 -78.28
CA VAL F 342 2.80 61.79 -79.40
C VAL F 342 1.86 61.40 -80.53
N LEU F 343 0.80 60.68 -80.20
CA LEU F 343 -0.26 60.40 -81.17
C LEU F 343 -1.42 61.30 -80.77
N GLY F 344 -2.44 61.47 -81.60
CA GLY F 344 -3.55 62.39 -81.25
C GLY F 344 -4.25 62.02 -79.95
N ASN F 345 -4.97 62.96 -79.33
CA ASN F 345 -5.78 62.54 -78.18
C ASN F 345 -7.00 61.68 -78.45
N LEU F 346 -7.32 61.48 -79.73
CA LEU F 346 -8.24 60.41 -80.12
C LEU F 346 -7.62 59.08 -79.75
N GLU F 347 -6.47 58.80 -80.36
CA GLU F 347 -5.71 57.59 -80.10
C GLU F 347 -5.52 57.35 -78.62
N ALA F 348 -5.19 58.41 -77.89
CA ALA F 348 -4.99 58.32 -76.47
C ALA F 348 -6.22 57.76 -75.78
N LEU F 349 -7.39 58.20 -76.23
CA LEU F 349 -8.64 57.75 -75.62
C LEU F 349 -9.02 56.36 -76.12
N ARG F 350 -8.63 56.05 -77.35
CA ARG F 350 -8.87 54.74 -77.94
C ARG F 350 -8.14 53.64 -77.18
N SER F 351 -6.94 53.95 -76.71
CA SER F 351 -6.10 52.98 -76.00
CA SER F 351 -6.10 52.99 -75.99
C SER F 351 -6.74 52.48 -74.71
N ALA F 352 -7.56 53.32 -74.07
CA ALA F 352 -8.15 53.02 -72.77
C ALA F 352 -9.60 52.60 -72.87
N THR F 353 -10.09 52.48 -74.11
CA THR F 353 -11.49 52.13 -74.34
C THR F 353 -11.64 51.01 -75.37
N THR F 354 -11.59 51.34 -76.66
CA THR F 354 -11.89 50.35 -77.70
C THR F 354 -10.78 49.30 -77.84
N VAL F 355 -9.53 49.72 -77.94
CA VAL F 355 -8.40 48.78 -77.96
C VAL F 355 -8.27 47.99 -76.63
N ALA F 356 -8.34 48.67 -75.50
CA ALA F 356 -8.30 48.01 -74.20
C ALA F 356 -9.32 46.88 -74.07
N ALA F 357 -10.56 47.15 -74.44
CA ALA F 357 -11.62 46.14 -74.32
C ALA F 357 -11.35 44.95 -75.22
N GLU F 358 -10.71 45.21 -76.36
CA GLU F 358 -10.30 44.14 -77.27
C GLU F 358 -9.21 43.28 -76.65
N ILE F 359 -8.29 43.92 -75.95
CA ILE F 359 -7.24 43.21 -75.23
C ILE F 359 -7.85 42.22 -74.24
N VAL F 360 -8.82 42.68 -73.48
CA VAL F 360 -9.44 41.84 -72.45
C VAL F 360 -10.60 41.01 -73.00
N ASN F 361 -10.71 40.95 -74.33
CA ASN F 361 -11.71 40.13 -75.02
C ASN F 361 -13.17 40.49 -74.70
N MET F 362 -13.42 41.77 -74.46
CA MET F 362 -14.76 42.24 -74.15
C MET F 362 -15.21 43.19 -75.25
N GLN F 363 -14.68 42.94 -76.45
CA GLN F 363 -15.17 43.52 -77.70
C GLN F 363 -16.68 43.68 -77.71
N GLY F 364 -17.16 44.92 -77.67
CA GLY F 364 -18.60 45.16 -77.75
C GLY F 364 -19.28 45.05 -76.40
N GLN F 365 -18.52 44.63 -75.39
CA GLN F 365 -19.09 44.50 -74.06
C GLN F 365 -18.70 45.71 -73.24
N LEU F 366 -17.42 46.04 -73.28
CA LEU F 366 -16.88 47.23 -72.64
C LEU F 366 -16.24 48.19 -73.67
N GLY F 367 -15.90 49.39 -73.22
CA GLY F 367 -15.18 50.35 -74.06
C GLY F 367 -15.92 50.94 -75.24
N VAL F 368 -17.24 50.81 -75.25
CA VAL F 368 -18.07 51.43 -76.30
C VAL F 368 -19.46 51.75 -75.76
N ILE F 369 -19.93 52.97 -76.01
CA ILE F 369 -21.31 53.31 -75.70
C ILE F 369 -22.23 52.94 -76.86
N ALA F 370 -22.88 51.80 -76.70
CA ALA F 370 -23.72 51.24 -77.73
C ALA F 370 -24.83 50.45 -77.07
N VAL F 371 -25.82 50.05 -77.86
CA VAL F 371 -26.93 49.26 -77.35
C VAL F 371 -26.49 47.84 -77.11
N GLY F 372 -26.69 47.37 -75.88
CA GLY F 372 -26.43 45.99 -75.52
C GLY F 372 -25.14 45.84 -74.73
N ALA F 373 -24.36 46.92 -74.64
CA ALA F 373 -23.07 46.93 -73.94
C ALA F 373 -23.24 47.20 -72.45
N ILE F 374 -22.20 46.98 -71.69
CA ILE F 374 -22.30 47.07 -70.25
C ILE F 374 -22.22 48.53 -69.82
N ALA F 375 -23.10 48.94 -68.90
CA ALA F 375 -23.16 50.33 -68.48
C ALA F 375 -21.99 50.75 -67.59
N ASP F 376 -20.81 50.82 -68.19
CA ASP F 376 -19.63 51.40 -67.55
C ASP F 376 -19.34 52.77 -68.16
N LEU F 377 -19.83 53.82 -67.50
CA LEU F 377 -19.78 55.15 -68.07
C LEU F 377 -18.99 56.09 -67.18
N VAL F 378 -18.33 57.03 -67.84
CA VAL F 378 -17.72 58.17 -67.19
C VAL F 378 -18.40 59.46 -67.66
N VAL F 379 -18.72 60.35 -66.73
CA VAL F 379 -19.25 61.65 -67.11
C VAL F 379 -18.21 62.73 -66.86
N LEU F 380 -17.93 63.51 -67.92
CA LEU F 380 -16.73 64.32 -67.98
C LEU F 380 -17.05 65.81 -68.19
N ASP F 381 -16.48 66.65 -67.36
CA ASP F 381 -16.68 68.10 -67.44
C ASP F 381 -15.71 68.71 -68.42
N GLY F 382 -16.05 68.65 -69.70
CA GLY F 382 -15.19 69.22 -70.71
C GLY F 382 -15.10 68.25 -71.86
N ASN F 383 -14.41 68.64 -72.93
CA ASN F 383 -14.25 67.78 -74.07
C ASN F 383 -12.80 67.30 -74.27
N PRO F 384 -12.55 66.00 -74.01
CA PRO F 384 -11.24 65.39 -74.06
C PRO F 384 -10.67 65.33 -75.47
N LEU F 385 -11.54 65.44 -76.46
CA LEU F 385 -11.11 65.35 -77.84
C LEU F 385 -10.29 66.59 -78.23
N GLU F 386 -10.44 67.66 -77.47
CA GLU F 386 -9.66 68.87 -77.70
C GLU F 386 -8.72 69.22 -76.55
N ASP F 387 -9.20 69.05 -75.33
CA ASP F 387 -8.35 69.18 -74.16
C ASP F 387 -8.21 67.82 -73.47
N ILE F 388 -7.07 67.17 -73.69
CA ILE F 388 -6.73 65.91 -73.02
C ILE F 388 -6.62 66.03 -71.49
N GLY F 389 -6.41 67.24 -71.01
CA GLY F 389 -6.33 67.49 -69.59
C GLY F 389 -7.59 67.18 -68.81
N VAL F 390 -8.73 67.08 -69.48
CA VAL F 390 -9.98 66.84 -68.75
C VAL F 390 -10.04 65.41 -68.24
N VAL F 391 -9.12 64.59 -68.74
CA VAL F 391 -8.97 63.21 -68.30
C VAL F 391 -7.69 63.04 -67.50
N ALA F 392 -6.63 63.71 -67.95
CA ALA F 392 -5.30 63.45 -67.47
C ALA F 392 -4.89 64.31 -66.26
N ASP F 393 -5.85 64.67 -65.43
CA ASP F 393 -5.56 65.59 -64.33
C ASP F 393 -5.84 64.98 -62.95
N GLU F 394 -5.57 63.67 -62.83
CA GLU F 394 -5.72 62.92 -61.58
C GLU F 394 -7.15 62.79 -61.04
N GLY F 395 -8.15 63.01 -61.89
CA GLY F 395 -9.55 62.83 -61.51
C GLY F 395 -10.32 64.14 -61.37
N ALA F 396 -9.64 65.25 -61.64
CA ALA F 396 -10.18 66.59 -61.37
C ALA F 396 -11.55 66.85 -61.99
N ARG F 397 -11.72 66.44 -63.24
CA ARG F 397 -12.88 66.86 -64.02
C ARG F 397 -13.83 65.72 -64.39
N VAL F 398 -13.83 64.66 -63.58
CA VAL F 398 -14.79 63.57 -63.75
C VAL F 398 -15.77 63.56 -62.59
N GLU F 399 -17.05 63.82 -62.86
CA GLU F 399 -17.98 64.00 -61.77
C GLU F 399 -18.99 62.89 -61.61
N TYR F 400 -19.11 62.03 -62.62
CA TYR F 400 -19.89 60.82 -62.46
C TYR F 400 -19.17 59.58 -62.98
N VAL F 401 -19.22 58.51 -62.18
CA VAL F 401 -18.73 57.20 -62.61
C VAL F 401 -19.82 56.16 -62.43
N LEU F 402 -20.21 55.54 -63.53
CA LEU F 402 -21.22 54.50 -63.51
C LEU F 402 -20.56 53.17 -63.81
N GLN F 403 -20.94 52.16 -63.03
CA GLN F 403 -20.35 50.84 -63.16
C GLN F 403 -21.48 49.83 -63.14
N ARG F 404 -21.50 48.98 -64.15
CA ARG F 404 -22.57 48.01 -64.34
C ARG F 404 -23.91 48.58 -63.95
N GLY F 405 -24.26 49.72 -64.55
CA GLY F 405 -25.57 50.31 -64.36
C GLY F 405 -25.66 51.28 -63.22
N THR F 406 -25.10 50.92 -62.07
CA THR F 406 -25.28 51.73 -60.87
C THR F 406 -24.25 52.87 -60.75
N LEU F 407 -24.64 53.93 -60.04
CA LEU F 407 -23.78 55.10 -59.90
C LEU F 407 -22.85 54.90 -58.71
N VAL F 408 -21.54 55.03 -58.94
CA VAL F 408 -20.55 54.72 -57.90
C VAL F 408 -19.73 55.91 -57.41
N LYS F 409 -19.58 56.92 -58.26
CA LYS F 409 -18.92 58.15 -57.86
C LYS F 409 -19.73 59.40 -58.21
N ARG F 410 -19.88 60.28 -57.22
CA ARG F 410 -20.46 61.61 -57.43
C ARG F 410 -19.48 62.67 -56.90
N GLN F 411 -18.89 63.43 -57.82
CA GLN F 411 -17.76 64.33 -57.50
C GLN F 411 -17.98 65.71 -58.11
N THR G 4 -20.58 -30.21 -66.70
CA THR G 4 -21.86 -30.53 -67.40
C THR G 4 -22.32 -29.38 -68.30
N ILE G 5 -23.63 -29.32 -68.55
CA ILE G 5 -24.17 -28.83 -69.82
C ILE G 5 -25.61 -28.30 -69.67
N THR G 6 -25.97 -27.30 -70.47
CA THR G 6 -27.26 -26.63 -70.36
C THR G 6 -27.84 -26.29 -71.73
N VAL G 7 -29.16 -26.39 -71.85
CA VAL G 7 -29.84 -26.07 -73.10
C VAL G 7 -30.98 -25.06 -72.91
N LEU G 8 -30.85 -23.91 -73.54
CA LEU G 8 -31.99 -23.03 -73.74
C LEU G 8 -32.75 -23.53 -74.95
N GLN G 9 -33.98 -23.99 -74.74
CA GLN G 9 -34.68 -24.67 -75.83
C GLN G 9 -35.86 -23.88 -76.37
N GLY G 10 -35.90 -23.78 -77.71
CA GLY G 10 -37.05 -23.20 -78.39
C GLY G 10 -37.09 -21.69 -78.32
N GLY G 11 -35.94 -21.06 -78.08
CA GLY G 11 -35.85 -19.61 -78.09
C GLY G 11 -35.86 -18.99 -79.48
N ASN G 12 -36.22 -17.71 -79.55
CA ASN G 12 -36.04 -16.95 -80.77
C ASN G 12 -34.71 -16.21 -80.69
N VAL G 13 -33.68 -16.81 -81.27
CA VAL G 13 -32.32 -16.31 -81.11
C VAL G 13 -32.09 -15.09 -81.98
N LEU G 14 -31.71 -13.98 -81.36
CA LEU G 14 -31.41 -12.75 -82.10
C LEU G 14 -30.05 -12.86 -82.77
N ASP G 15 -30.04 -12.80 -84.10
CA ASP G 15 -28.80 -12.60 -84.84
C ASP G 15 -28.70 -11.15 -85.29
N LEU G 16 -27.60 -10.51 -84.91
CA LEU G 16 -27.51 -9.05 -85.00
C LEU G 16 -26.95 -8.55 -86.33
N GLU G 17 -26.07 -9.33 -86.95
CA GLU G 17 -25.44 -8.90 -88.19
C GLU G 17 -26.38 -9.05 -89.37
N ARG G 18 -27.42 -9.87 -89.19
CA ARG G 18 -28.45 -10.03 -90.21
C ARG G 18 -29.72 -9.29 -89.83
N GLY G 19 -29.90 -9.04 -88.53
CA GLY G 19 -31.00 -8.21 -88.05
C GLY G 19 -32.35 -8.90 -88.01
N VAL G 20 -32.37 -10.16 -87.59
CA VAL G 20 -33.58 -10.95 -87.55
C VAL G 20 -33.56 -11.86 -86.32
N LEU G 21 -34.74 -12.22 -85.83
CA LEU G 21 -34.87 -13.34 -84.91
C LEU G 21 -34.82 -14.66 -85.66
N LEU G 22 -34.27 -15.68 -85.05
CA LEU G 22 -34.35 -17.03 -85.60
C LEU G 22 -35.17 -17.87 -84.63
N GLU G 23 -36.41 -18.17 -85.01
CA GLU G 23 -37.36 -18.82 -84.12
C GLU G 23 -37.08 -20.29 -83.87
N HIS G 24 -37.49 -20.77 -82.69
CA HIS G 24 -37.29 -22.14 -82.27
C HIS G 24 -35.90 -22.67 -82.54
N HIS G 25 -34.90 -21.81 -82.37
CA HIS G 25 -33.53 -22.25 -82.30
C HIS G 25 -33.14 -22.56 -80.87
N HIS G 26 -32.60 -23.75 -80.66
CA HIS G 26 -32.04 -24.13 -79.39
C HIS G 26 -30.63 -23.58 -79.32
N VAL G 27 -30.16 -23.31 -78.11
CA VAL G 27 -28.76 -22.95 -77.88
C VAL G 27 -28.14 -23.81 -76.78
N VAL G 28 -26.97 -24.37 -77.06
CA VAL G 28 -26.35 -25.38 -76.20
C VAL G 28 -25.10 -24.86 -75.51
N ILE G 29 -25.15 -24.83 -74.18
CA ILE G 29 -24.04 -24.34 -73.38
C ILE G 29 -23.27 -25.52 -72.79
N ASP G 30 -21.96 -25.53 -72.97
CA ASP G 30 -21.09 -26.42 -72.23
C ASP G 30 -20.00 -25.62 -71.51
N GLY G 31 -19.93 -25.79 -70.20
CA GLY G 31 -19.01 -25.04 -69.36
C GLY G 31 -19.40 -23.59 -69.34
N GLU G 32 -18.55 -22.74 -69.89
CA GLU G 32 -18.84 -21.31 -70.01
C GLU G 32 -19.03 -20.89 -71.47
N ARG G 33 -19.07 -21.86 -72.39
CA ARG G 33 -19.04 -21.58 -73.82
C ARG G 33 -20.26 -22.11 -74.57
N ILE G 34 -20.62 -21.40 -75.63
CA ILE G 34 -21.73 -21.82 -76.49
C ILE G 34 -21.24 -22.84 -77.51
N VAL G 35 -21.83 -24.03 -77.51
CA VAL G 35 -21.38 -25.13 -78.39
C VAL G 35 -22.24 -25.33 -79.63
N GLU G 36 -23.54 -25.11 -79.50
CA GLU G 36 -24.42 -25.25 -80.65
C GLU G 36 -25.53 -24.22 -80.65
N VAL G 37 -25.79 -23.64 -81.82
CA VAL G 37 -27.01 -22.87 -82.05
C VAL G 37 -27.73 -23.46 -83.26
N THR G 38 -28.89 -24.06 -83.00
CA THR G 38 -29.57 -24.85 -84.02
C THR G 38 -31.07 -25.00 -83.74
N ASP G 39 -31.83 -25.25 -84.80
CA ASP G 39 -33.27 -25.55 -84.70
C ASP G 39 -33.54 -27.04 -84.88
N ARG G 40 -32.53 -27.86 -84.62
CA ARG G 40 -32.71 -29.29 -84.42
C ARG G 40 -33.62 -29.59 -83.25
N PRO G 41 -34.35 -30.71 -83.32
CA PRO G 41 -34.59 -31.45 -82.10
C PRO G 41 -33.24 -31.83 -81.54
N VAL G 42 -32.96 -31.41 -80.31
CA VAL G 42 -31.60 -31.52 -79.79
C VAL G 42 -31.51 -32.61 -78.73
N ASP G 43 -30.33 -33.24 -78.65
CA ASP G 43 -30.16 -34.54 -78.03
C ASP G 43 -29.74 -34.43 -76.58
N LEU G 44 -30.66 -34.02 -75.71
CA LEU G 44 -30.31 -33.69 -74.33
C LEU G 44 -30.46 -34.84 -73.34
N PRO G 45 -29.33 -35.48 -72.97
CA PRO G 45 -29.39 -36.50 -71.93
C PRO G 45 -29.42 -35.84 -70.55
N ASN G 46 -28.31 -35.25 -70.14
CA ASN G 46 -28.15 -34.67 -68.81
C ASN G 46 -28.04 -33.15 -68.84
N ALA G 47 -28.77 -32.52 -69.75
CA ALA G 47 -28.72 -31.07 -69.86
C ALA G 47 -29.79 -30.47 -68.97
N GLN G 48 -29.43 -29.40 -68.26
CA GLN G 48 -30.42 -28.48 -67.71
C GLN G 48 -31.22 -27.85 -68.85
N ALA G 49 -32.44 -28.33 -69.06
CA ALA G 49 -33.35 -27.68 -69.98
C ALA G 49 -34.00 -26.49 -69.29
N ILE G 50 -33.77 -25.31 -69.83
CA ILE G 50 -34.57 -24.16 -69.48
C ILE G 50 -35.43 -23.82 -70.68
N ASP G 51 -36.75 -23.81 -70.46
CA ASP G 51 -37.69 -23.65 -71.56
C ASP G 51 -37.94 -22.19 -71.91
N VAL G 52 -37.54 -21.83 -73.13
CA VAL G 52 -37.55 -20.44 -73.56
C VAL G 52 -38.46 -20.32 -74.78
N ARG G 53 -39.69 -20.80 -74.65
CA ARG G 53 -40.62 -20.81 -75.78
C ARG G 53 -41.23 -19.42 -76.00
N GLY G 54 -41.22 -18.97 -77.24
CA GLY G 54 -41.74 -17.65 -77.59
C GLY G 54 -41.09 -16.49 -76.85
N LYS G 55 -39.80 -16.63 -76.58
CA LYS G 55 -39.02 -15.62 -75.86
C LYS G 55 -37.66 -15.36 -76.50
N THR G 56 -37.31 -14.08 -76.63
CA THR G 56 -36.10 -13.67 -77.31
C THR G 56 -34.86 -13.97 -76.49
N VAL G 57 -33.97 -14.78 -77.03
CA VAL G 57 -32.68 -14.96 -76.41
C VAL G 57 -31.57 -14.25 -77.21
N MET G 58 -30.95 -13.26 -76.58
CA MET G 58 -29.94 -12.43 -77.20
C MET G 58 -28.70 -12.37 -76.31
N PRO G 59 -27.56 -11.85 -76.83
CA PRO G 59 -26.38 -11.81 -75.97
C PRO G 59 -26.58 -10.78 -74.87
N GLY G 60 -25.95 -10.99 -73.73
CA GLY G 60 -26.07 -10.07 -72.60
C GLY G 60 -25.41 -8.76 -72.93
N PHE G 61 -25.97 -7.68 -72.40
CA PHE G 61 -25.55 -6.34 -72.79
C PHE G 61 -24.20 -5.94 -72.21
N ILE G 62 -23.51 -5.07 -72.93
CA ILE G 62 -22.24 -4.49 -72.51
C ILE G 62 -22.35 -2.97 -72.51
N ASP G 63 -22.20 -2.37 -71.32
CA ASP G 63 -22.20 -0.92 -71.18
C ASP G 63 -20.78 -0.39 -71.17
N CYS G 64 -20.47 0.47 -72.12
CA CYS G 64 -19.09 0.91 -72.32
C CYS G 64 -18.62 2.12 -71.50
N HIS G 65 -19.46 2.62 -70.60
CA HIS G 65 -19.10 3.76 -69.78
C HIS G 65 -19.96 3.84 -68.51
N VAL G 66 -19.50 3.20 -67.45
CA VAL G 66 -20.18 3.24 -66.18
C VAL G 66 -19.20 3.73 -65.12
N HIS G 67 -19.74 4.24 -64.01
CA HIS G 67 -18.93 4.45 -62.82
C HIS G 67 -19.57 3.67 -61.68
N VAL G 68 -19.15 2.41 -61.54
CA VAL G 68 -19.70 1.53 -60.54
C VAL G 68 -19.58 2.09 -59.10
N LEU G 69 -18.50 2.85 -58.86
CA LEU G 69 -18.26 3.38 -57.53
C LEU G 69 -18.91 4.73 -57.27
N ALA G 70 -19.64 5.23 -58.26
CA ALA G 70 -20.34 6.50 -58.09
C ALA G 70 -21.65 6.29 -57.35
N SER G 71 -21.56 6.23 -56.02
CA SER G 71 -22.72 5.94 -55.18
C SER G 71 -23.50 7.18 -54.81
N ASN G 72 -22.90 8.36 -54.97
CA ASN G 72 -23.68 9.58 -54.98
C ASN G 72 -23.22 10.66 -55.97
N ALA G 73 -24.15 11.54 -56.33
CA ALA G 73 -24.03 12.37 -57.54
C ALA G 73 -22.92 13.40 -57.48
N ASN G 74 -22.58 13.83 -56.27
CA ASN G 74 -21.46 14.73 -56.10
C ASN G 74 -20.18 13.90 -56.05
N LEU G 75 -19.45 13.90 -57.16
CA LEU G 75 -18.24 13.09 -57.27
C LEU G 75 -17.12 13.63 -56.40
N GLY G 76 -17.23 14.88 -55.99
CA GLY G 76 -16.32 15.43 -55.00
C GLY G 76 -16.50 14.71 -53.68
N VAL G 77 -17.74 14.67 -53.19
CA VAL G 77 -18.03 14.07 -51.90
C VAL G 77 -17.99 12.56 -51.99
N ASN G 78 -18.13 12.04 -53.21
CA ASN G 78 -18.02 10.61 -53.45
C ASN G 78 -16.59 10.17 -53.22
N ALA G 79 -15.65 11.03 -53.59
CA ALA G 79 -14.24 10.77 -53.35
C ALA G 79 -13.87 10.83 -51.87
N THR G 80 -14.49 11.74 -51.14
CA THR G 80 -14.13 11.94 -49.73
C THR G 80 -14.77 10.92 -48.77
N GLN G 81 -15.59 10.03 -49.31
CA GLN G 81 -16.30 9.09 -48.47
C GLN G 81 -15.37 7.96 -48.01
N PRO G 82 -15.58 7.44 -46.78
CA PRO G 82 -14.68 6.41 -46.25
C PRO G 82 -14.59 5.24 -47.19
N ASN G 83 -13.39 4.68 -47.34
CA ASN G 83 -13.10 3.59 -48.28
C ASN G 83 -14.06 2.40 -48.16
N ILE G 84 -14.18 1.86 -46.96
CA ILE G 84 -15.06 0.72 -46.73
C ILE G 84 -16.51 1.02 -47.08
N LEU G 85 -16.96 2.24 -46.81
CA LEU G 85 -18.30 2.64 -47.20
C LEU G 85 -18.51 2.82 -48.69
N ALA G 86 -17.49 3.32 -49.40
CA ALA G 86 -17.53 3.44 -50.87
C ALA G 86 -17.63 2.07 -51.53
N ALA G 87 -16.89 1.10 -50.99
CA ALA G 87 -16.93 -0.26 -51.51
C ALA G 87 -18.30 -0.90 -51.35
N ILE G 88 -18.81 -0.87 -50.11
CA ILE G 88 -20.14 -1.39 -49.76
C ILE G 88 -21.22 -0.85 -50.70
N ARG G 89 -21.22 0.46 -50.89
CA ARG G 89 -22.28 1.16 -51.60
C ARG G 89 -22.35 0.87 -53.10
N SER G 90 -21.26 0.35 -53.64
CA SER G 90 -21.18 -0.05 -55.03
C SER G 90 -21.86 -1.41 -55.24
N LEU G 91 -22.08 -2.16 -54.16
CA LEU G 91 -22.60 -3.52 -54.26
C LEU G 91 -24.02 -3.61 -54.82
N PRO G 92 -24.98 -2.86 -54.26
CA PRO G 92 -26.29 -2.81 -54.90
C PRO G 92 -26.22 -2.34 -56.37
N ILE G 93 -25.39 -1.34 -56.65
CA ILE G 93 -25.25 -0.81 -57.99
C ILE G 93 -24.86 -1.91 -58.97
N LEU G 94 -23.95 -2.76 -58.56
CA LEU G 94 -23.46 -3.81 -59.41
C LEU G 94 -24.54 -4.83 -59.66
N ASP G 95 -25.31 -5.12 -58.61
CA ASP G 95 -26.33 -6.16 -58.66
C ASP G 95 -27.47 -5.73 -59.58
N ALA G 96 -27.90 -4.48 -59.44
CA ALA G 96 -28.98 -3.94 -60.20
C ALA G 96 -28.65 -3.86 -61.70
N MET G 97 -27.38 -3.58 -62.02
CA MET G 97 -26.89 -3.55 -63.41
C MET G 97 -27.04 -4.92 -64.07
N LEU G 98 -26.67 -5.95 -63.31
CA LEU G 98 -26.68 -7.31 -63.80
C LEU G 98 -28.11 -7.75 -64.07
N SER G 99 -29.00 -7.40 -63.16
CA SER G 99 -30.39 -7.79 -63.29
C SER G 99 -31.10 -7.05 -64.45
N ARG G 100 -30.50 -5.98 -64.96
CA ARG G 100 -31.05 -5.25 -66.08
C ARG G 100 -30.59 -5.83 -67.42
N GLY G 101 -29.80 -6.90 -67.36
CA GLY G 101 -29.29 -7.51 -68.57
C GLY G 101 -27.80 -7.33 -68.80
N PHE G 102 -27.19 -6.40 -68.07
CA PHE G 102 -25.81 -6.05 -68.33
C PHE G 102 -24.84 -7.06 -67.73
N THR G 103 -24.17 -7.80 -68.60
CA THR G 103 -23.30 -8.88 -68.15
C THR G 103 -21.84 -8.47 -68.17
N SER G 104 -21.53 -7.37 -68.86
CA SER G 104 -20.20 -6.79 -68.86
C SER G 104 -20.27 -5.28 -68.87
N VAL G 105 -19.40 -4.65 -68.09
CA VAL G 105 -19.32 -3.18 -68.09
C VAL G 105 -17.86 -2.73 -68.14
N ARG G 106 -17.63 -1.59 -68.78
CA ARG G 106 -16.30 -1.03 -68.92
C ARG G 106 -16.27 0.21 -68.07
N ASP G 107 -15.66 0.12 -66.89
CA ASP G 107 -15.74 1.21 -65.91
C ASP G 107 -14.81 2.33 -66.34
N ALA G 108 -15.28 3.57 -66.28
CA ALA G 108 -14.50 4.71 -66.73
C ALA G 108 -13.86 5.48 -65.58
N GLY G 109 -13.36 4.78 -64.57
CA GLY G 109 -12.67 5.41 -63.46
C GLY G 109 -13.33 5.12 -62.13
N GLY G 110 -12.56 4.60 -61.19
CA GLY G 110 -13.13 4.15 -59.94
C GLY G 110 -12.85 2.70 -59.68
N ALA G 111 -13.53 1.82 -60.41
CA ALA G 111 -13.34 0.38 -60.20
C ALA G 111 -11.92 -0.08 -60.52
N ASP G 112 -11.46 -1.06 -59.75
CA ASP G 112 -10.11 -1.56 -59.85
C ASP G 112 -10.10 -3.07 -60.03
N TRP G 113 -8.90 -3.61 -60.17
CA TRP G 113 -8.67 -5.02 -60.38
C TRP G 113 -9.30 -5.91 -59.30
N SER G 114 -9.37 -5.41 -58.07
CA SER G 114 -9.98 -6.13 -56.95
C SER G 114 -11.48 -6.37 -57.11
N LEU G 115 -12.20 -5.34 -57.57
CA LEU G 115 -13.63 -5.47 -57.89
C LEU G 115 -13.87 -6.44 -59.05
N MET G 116 -13.02 -6.36 -60.06
CA MET G 116 -13.08 -7.29 -61.17
C MET G 116 -12.91 -8.72 -60.67
N GLN G 117 -11.99 -8.92 -59.74
CA GLN G 117 -11.74 -10.24 -59.14
C GLN G 117 -12.91 -10.71 -58.29
N ALA G 118 -13.52 -9.78 -57.57
CA ALA G 118 -14.66 -10.07 -56.71
C ALA G 118 -15.82 -10.67 -57.50
N VAL G 119 -16.09 -10.12 -58.68
CA VAL G 119 -17.15 -10.68 -59.50
C VAL G 119 -16.73 -11.97 -60.17
N GLU G 120 -15.47 -12.06 -60.59
CA GLU G 120 -15.00 -13.22 -61.34
C GLU G 120 -14.81 -14.45 -60.49
N THR G 121 -14.55 -14.28 -59.19
CA THR G 121 -14.50 -15.40 -58.28
C THR G 121 -15.83 -15.64 -57.61
N GLY G 122 -16.85 -14.90 -58.03
CA GLY G 122 -18.21 -15.13 -57.52
C GLY G 122 -18.41 -14.65 -56.09
N LEU G 123 -17.48 -13.83 -55.60
CA LEU G 123 -17.59 -13.27 -54.27
C LEU G 123 -18.64 -12.18 -54.21
N VAL G 124 -18.94 -11.60 -55.36
CA VAL G 124 -19.84 -10.47 -55.45
C VAL G 124 -20.63 -10.54 -56.75
N SER G 125 -21.92 -10.25 -56.66
CA SER G 125 -22.80 -10.31 -57.82
C SER G 125 -22.78 -9.03 -58.63
N GLY G 126 -22.54 -9.16 -59.93
CA GLY G 126 -22.47 -8.02 -60.85
C GLY G 126 -21.91 -8.46 -62.19
N PRO G 127 -21.79 -7.52 -63.14
CA PRO G 127 -21.25 -7.78 -64.48
C PRO G 127 -19.75 -8.03 -64.41
N ARG G 128 -19.18 -8.64 -65.47
CA ARG G 128 -17.72 -8.62 -65.65
C ARG G 128 -17.27 -7.19 -65.81
N ILE G 129 -16.17 -6.85 -65.15
CA ILE G 129 -15.72 -5.47 -65.15
C ILE G 129 -14.45 -5.34 -65.99
N PHE G 130 -14.38 -4.26 -66.76
CA PHE G 130 -13.20 -3.90 -67.50
C PHE G 130 -12.66 -2.61 -66.92
N PRO G 131 -11.80 -2.70 -65.89
CA PRO G 131 -11.53 -1.54 -65.05
C PRO G 131 -10.54 -0.61 -65.71
N SER G 132 -10.76 0.69 -65.52
CA SER G 132 -9.83 1.69 -65.98
C SER G 132 -8.85 2.04 -64.89
N GLY G 133 -9.12 1.54 -63.69
CA GLY G 133 -8.38 1.97 -62.50
C GLY G 133 -8.89 3.33 -62.11
N LYS G 134 -8.05 4.33 -62.30
CA LYS G 134 -8.48 5.72 -62.13
C LYS G 134 -8.28 6.49 -63.40
N ALA G 135 -9.23 7.35 -63.72
CA ALA G 135 -9.11 8.26 -64.84
C ALA G 135 -7.92 9.19 -64.59
N LEU G 136 -7.18 9.49 -65.65
CA LEU G 136 -6.18 10.55 -65.57
C LEU G 136 -6.80 11.92 -65.84
N SER G 137 -6.47 12.89 -65.00
CA SER G 137 -6.88 14.26 -65.23
C SER G 137 -5.74 15.19 -64.89
N GLN G 138 -5.58 16.26 -65.69
CA GLN G 138 -4.65 17.34 -65.35
C GLN G 138 -5.18 18.12 -64.16
N THR G 139 -4.34 18.99 -63.61
CA THR G 139 -4.71 19.89 -62.51
C THR G 139 -5.77 20.87 -62.99
N GLY G 140 -6.83 21.00 -62.20
CA GLY G 140 -7.94 21.87 -62.53
C GLY G 140 -8.79 21.27 -63.60
N GLY G 141 -8.58 19.98 -63.85
CA GLY G 141 -9.25 19.26 -64.93
C GLY G 141 -10.57 18.63 -64.53
N HIS G 142 -11.14 17.83 -65.42
CA HIS G 142 -12.47 17.29 -65.21
C HIS G 142 -12.47 16.26 -64.07
N GLY G 143 -11.27 15.83 -63.67
CA GLY G 143 -11.11 14.95 -62.52
C GLY G 143 -10.54 15.64 -61.30
N ASP G 144 -10.28 16.95 -61.41
CA ASP G 144 -9.87 17.74 -60.25
C ASP G 144 -11.11 18.32 -59.58
N PHE G 145 -11.41 17.88 -58.36
CA PHE G 145 -12.62 18.31 -57.67
C PHE G 145 -12.38 19.35 -56.59
N ARG G 146 -11.20 19.94 -56.57
CA ARG G 146 -10.90 20.99 -55.59
C ARG G 146 -11.65 22.27 -55.94
N PRO G 147 -12.22 22.94 -54.93
CA PRO G 147 -12.87 24.22 -55.17
C PRO G 147 -11.86 25.31 -55.56
N ARG G 148 -12.37 26.39 -56.16
CA ARG G 148 -11.54 27.47 -56.70
C ARG G 148 -10.73 28.23 -55.65
N LEU G 152 -7.01 27.18 -52.15
CA LEU G 152 -6.83 25.75 -52.30
C LEU G 152 -5.50 25.43 -52.96
N GLU G 153 -4.80 24.41 -52.46
CA GLU G 153 -4.11 23.36 -53.24
C GLU G 153 -3.62 22.18 -52.37
N PRO G 154 -2.35 22.24 -51.88
CA PRO G 154 -1.38 21.13 -51.75
C PRO G 154 -1.97 19.74 -51.81
N CYS G 155 -1.61 18.98 -52.85
CA CYS G 155 -2.31 17.73 -53.15
C CYS G 155 -1.89 16.49 -52.34
N SER G 156 -2.28 15.32 -52.83
CA SER G 156 -2.91 14.27 -52.01
C SER G 156 -2.20 12.92 -51.87
N CYS G 157 -2.03 12.21 -52.97
CA CYS G 157 -1.24 10.97 -53.01
C CYS G 157 -1.51 9.89 -51.94
N CYS G 158 -2.78 9.65 -51.65
CA CYS G 158 -3.24 8.34 -51.23
C CYS G 158 -4.62 8.03 -51.75
N PHE G 159 -4.73 6.92 -52.49
CA PHE G 159 -5.88 6.73 -53.33
C PHE G 159 -7.12 6.31 -52.56
N ARG G 160 -8.05 7.24 -52.42
CA ARG G 160 -9.40 6.99 -51.94
C ARG G 160 -10.14 6.04 -52.88
N THR G 161 -10.79 5.01 -52.34
CA THR G 161 -11.40 4.03 -53.22
C THR G 161 -12.69 4.55 -53.85
N GLY G 162 -13.17 5.69 -53.40
CA GLY G 162 -14.32 6.34 -54.01
C GLY G 162 -13.94 7.41 -55.01
N ALA G 163 -12.64 7.60 -55.23
CA ALA G 163 -12.18 8.59 -56.17
C ALA G 163 -12.27 8.07 -57.60
N ILE G 164 -12.93 8.84 -58.46
CA ILE G 164 -13.09 8.50 -59.87
C ILE G 164 -11.77 8.67 -60.65
N ALA G 165 -10.97 9.66 -60.23
CA ALA G 165 -9.81 10.06 -61.00
C ALA G 165 -8.58 10.34 -60.13
N ARG G 166 -7.47 10.65 -60.79
CA ARG G 166 -6.27 11.14 -60.14
C ARG G 166 -5.71 12.31 -60.94
N VAL G 167 -5.02 13.20 -60.23
CA VAL G 167 -4.47 14.40 -60.86
C VAL G 167 -2.97 14.24 -61.16
N VAL G 168 -2.62 14.35 -62.44
CA VAL G 168 -1.25 14.11 -62.90
C VAL G 168 -1.00 14.94 -64.14
N ASP G 169 0.17 15.58 -64.17
CA ASP G 169 0.52 16.52 -65.22
C ASP G 169 1.92 16.15 -65.63
N GLY G 170 2.26 16.43 -66.89
CA GLY G 170 3.62 16.26 -67.33
C GLY G 170 3.83 14.96 -68.04
N VAL G 171 4.76 14.96 -68.99
CA VAL G 171 4.96 13.80 -69.85
C VAL G 171 5.47 12.64 -69.02
N GLU G 172 6.38 12.93 -68.09
CA GLU G 172 6.87 11.87 -67.23
C GLU G 172 5.83 11.47 -66.18
N GLY G 173 5.08 12.45 -65.68
CA GLY G 173 4.03 12.15 -64.72
C GLY G 173 2.99 11.19 -65.28
N VAL G 174 2.52 11.50 -66.49
CA VAL G 174 1.47 10.71 -67.11
C VAL G 174 1.98 9.35 -67.54
N ARG G 175 3.24 9.30 -67.94
CA ARG G 175 3.84 8.08 -68.40
C ARG G 175 3.89 7.11 -67.26
N LEU G 176 4.43 7.59 -66.14
CA LEU G 176 4.49 6.82 -64.90
C LEU G 176 3.09 6.38 -64.49
N ALA G 177 2.13 7.32 -64.56
CA ALA G 177 0.78 7.06 -64.09
C ALA G 177 0.13 5.88 -64.81
N VAL G 178 0.27 5.86 -66.13
CA VAL G 178 -0.18 4.72 -66.95
C VAL G 178 0.52 3.41 -66.52
N ARG G 179 1.85 3.41 -66.47
CA ARG G 179 2.58 2.26 -65.91
C ARG G 179 2.04 1.78 -64.56
N GLU G 180 1.76 2.71 -63.64
CA GLU G 180 1.19 2.32 -62.37
C GLU G 180 -0.19 1.72 -62.54
N GLU G 181 -1.01 2.35 -63.39
CA GLU G 181 -2.39 1.87 -63.58
C GLU G 181 -2.42 0.50 -64.24
N ILE G 182 -1.49 0.26 -65.15
CA ILE G 182 -1.38 -1.05 -65.75
C ILE G 182 -0.85 -2.10 -64.79
N GLN G 183 0.20 -1.78 -64.08
CA GLN G 183 0.65 -2.66 -63.01
C GLN G 183 -0.49 -3.06 -62.07
N LYS G 184 -1.27 -2.08 -61.57
CA LYS G 184 -2.37 -2.40 -60.65
C LYS G 184 -3.49 -3.24 -61.28
N GLY G 185 -3.51 -3.33 -62.60
CA GLY G 185 -4.45 -4.20 -63.27
C GLY G 185 -5.57 -3.56 -64.08
N ALA G 186 -5.47 -2.29 -64.43
CA ALA G 186 -6.33 -1.73 -65.47
C ALA G 186 -6.36 -2.53 -66.79
N THR G 187 -7.50 -2.55 -67.46
CA THR G 187 -7.60 -3.18 -68.79
C THR G 187 -7.54 -2.16 -69.94
N GLN G 188 -7.84 -0.90 -69.64
CA GLN G 188 -7.60 0.21 -70.55
C GLN G 188 -7.40 1.50 -69.74
N ILE G 189 -6.99 2.57 -70.39
CA ILE G 189 -6.71 3.82 -69.70
C ILE G 189 -7.73 4.92 -70.06
N LYS G 190 -8.32 5.55 -69.04
CA LYS G 190 -9.24 6.66 -69.25
C LYS G 190 -8.53 7.96 -68.96
N ILE G 191 -8.71 8.95 -69.83
CA ILE G 191 -8.22 10.29 -69.53
C ILE G 191 -9.33 11.30 -69.75
N MET G 192 -9.19 12.48 -69.14
CA MET G 192 -10.08 13.63 -69.36
C MET G 192 -9.39 14.62 -70.32
N ALA G 193 -9.94 14.77 -71.53
CA ALA G 193 -9.30 15.56 -72.61
C ALA G 193 -10.02 16.85 -72.94
N SER G 194 -10.87 17.28 -72.02
CA SER G 194 -11.77 18.40 -72.22
C SER G 194 -12.45 18.72 -70.90
N GLY G 195 -12.88 19.96 -70.75
CA GLY G 195 -13.85 20.33 -69.74
C GLY G 195 -15.08 19.43 -69.71
N GLY G 196 -15.87 19.54 -68.66
CA GLY G 196 -16.99 18.62 -68.49
C GLY G 196 -18.21 19.24 -67.84
N VAL G 197 -18.97 18.41 -67.12
CA VAL G 197 -20.15 18.89 -66.44
C VAL G 197 -20.00 18.72 -64.93
N ALA G 198 -19.42 17.58 -64.54
CA ALA G 198 -19.45 17.17 -63.13
C ALA G 198 -18.30 17.71 -62.27
N SER G 199 -17.43 18.53 -62.84
CA SER G 199 -16.32 19.12 -62.08
C SER G 199 -16.53 20.62 -61.81
N PRO G 200 -15.92 21.15 -60.73
CA PRO G 200 -16.16 22.55 -60.35
C PRO G 200 -15.65 23.64 -61.32
N THR G 201 -14.40 23.53 -61.75
CA THR G 201 -13.67 24.70 -62.27
C THR G 201 -13.56 24.83 -63.79
N ASP G 202 -13.79 23.74 -64.53
CA ASP G 202 -13.50 23.71 -65.97
C ASP G 202 -14.72 23.89 -66.87
N PRO G 203 -14.75 24.99 -67.63
CA PRO G 203 -15.74 25.14 -68.70
C PRO G 203 -15.63 24.02 -69.74
N ILE G 204 -16.77 23.62 -70.28
CA ILE G 204 -16.83 22.48 -71.19
C ILE G 204 -16.09 22.74 -72.50
N ALA G 205 -16.05 24.01 -72.91
CA ALA G 205 -15.49 24.39 -74.20
C ALA G 205 -13.98 24.15 -74.36
N ASN G 206 -13.25 24.22 -73.25
CA ASN G 206 -11.80 24.13 -73.32
C ASN G 206 -11.18 22.73 -73.21
N THR G 207 -9.97 22.59 -73.74
CA THR G 207 -9.33 21.30 -73.85
C THR G 207 -8.47 21.01 -72.62
N GLN G 208 -8.04 19.76 -72.46
CA GLN G 208 -7.18 19.36 -71.34
C GLN G 208 -6.03 18.45 -71.78
N TYR G 209 -4.89 18.55 -71.11
CA TYR G 209 -3.63 17.89 -71.53
C TYR G 209 -2.99 18.44 -72.82
N SER G 210 -1.67 18.51 -72.82
CA SER G 210 -0.93 18.83 -74.04
C SER G 210 -0.93 17.64 -74.96
N GLU G 211 -0.76 17.88 -76.26
CA GLU G 211 -0.64 16.80 -77.24
C GLU G 211 0.52 15.84 -76.89
N ASP G 212 1.59 16.41 -76.35
CA ASP G 212 2.67 15.62 -75.76
C ASP G 212 2.23 14.63 -74.67
N GLU G 213 1.43 15.08 -73.73
CA GLU G 213 0.98 14.16 -72.66
C GLU G 213 0.07 13.07 -73.21
N ILE G 214 -0.90 13.45 -74.02
CA ILE G 214 -1.79 12.46 -74.63
C ILE G 214 -1.03 11.40 -75.42
N ARG G 215 -0.09 11.83 -76.25
CA ARG G 215 0.72 10.89 -76.99
CA ARG G 215 0.76 10.90 -77.00
C ARG G 215 1.48 9.95 -76.08
N ALA G 216 2.05 10.50 -75.00
CA ALA G 216 2.81 9.67 -74.08
C ALA G 216 1.90 8.60 -73.49
N ILE G 217 0.65 9.00 -73.19
CA ILE G 217 -0.32 8.09 -72.56
C ILE G 217 -0.79 6.99 -73.52
N VAL G 218 -1.20 7.40 -74.71
CA VAL G 218 -1.48 6.46 -75.79
C VAL G 218 -0.33 5.45 -75.96
N ASP G 219 0.89 5.95 -76.10
CA ASP G 219 2.07 5.08 -76.25
C ASP G 219 2.22 4.02 -75.17
N GLU G 220 2.14 4.46 -73.91
CA GLU G 220 2.24 3.55 -72.77
C GLU G 220 1.11 2.52 -72.76
N ALA G 221 -0.09 2.97 -73.10
CA ALA G 221 -1.23 2.06 -73.20
C ALA G 221 -1.05 1.03 -74.31
N GLU G 222 -0.57 1.47 -75.48
CA GLU G 222 -0.29 0.55 -76.57
C GLU G 222 0.79 -0.43 -76.16
N ALA G 223 1.84 0.07 -75.52
CA ALA G 223 2.91 -0.78 -74.99
C ALA G 223 2.43 -1.90 -74.09
N ALA G 224 1.26 -1.74 -73.49
CA ALA G 224 0.67 -2.81 -72.69
C ALA G 224 -0.43 -3.50 -73.48
N ASN G 225 -0.39 -3.35 -74.80
CA ASN G 225 -1.40 -3.93 -75.68
C ASN G 225 -2.79 -3.64 -75.18
N THR G 226 -3.04 -2.37 -74.86
CA THR G 226 -4.39 -1.86 -74.66
C THR G 226 -4.51 -0.48 -75.35
N TYR G 227 -5.58 0.25 -75.07
CA TYR G 227 -5.89 1.50 -75.76
C TYR G 227 -6.27 2.59 -74.73
N VAL G 228 -6.63 3.75 -75.24
CA VAL G 228 -7.06 4.84 -74.38
C VAL G 228 -8.48 5.32 -74.71
N MET G 229 -9.34 5.34 -73.70
CA MET G 229 -10.67 5.96 -73.79
C MET G 229 -10.58 7.39 -73.27
N ALA G 230 -11.20 8.33 -73.99
CA ALA G 230 -10.97 9.76 -73.71
C ALA G 230 -12.25 10.58 -73.64
N HIS G 231 -12.41 11.34 -72.56
CA HIS G 231 -13.61 12.15 -72.34
C HIS G 231 -13.46 13.51 -73.03
N ALA G 232 -14.38 13.84 -73.95
CA ALA G 232 -14.24 15.02 -74.84
C ALA G 232 -15.55 15.48 -75.49
N TYR G 233 -15.88 16.75 -75.30
CA TYR G 233 -17.12 17.26 -75.85
C TYR G 233 -17.02 17.88 -77.25
N THR G 234 -16.26 18.97 -77.38
CA THR G 234 -16.24 19.73 -78.64
C THR G 234 -15.42 19.08 -79.74
N GLY G 235 -15.74 19.40 -80.99
CA GLY G 235 -15.02 18.87 -82.14
C GLY G 235 -13.54 19.19 -82.14
N ARG G 236 -13.19 20.35 -81.62
CA ARG G 236 -11.79 20.75 -81.46
C ARG G 236 -11.07 19.80 -80.52
N ALA G 237 -11.70 19.51 -79.39
CA ALA G 237 -11.09 18.70 -78.33
C ALA G 237 -11.03 17.24 -78.74
N ILE G 238 -12.02 16.83 -79.52
CA ILE G 238 -12.09 15.48 -80.09
C ILE G 238 -11.01 15.27 -81.14
N ALA G 239 -10.84 16.22 -82.03
CA ALA G 239 -9.94 16.03 -83.17
C ALA G 239 -8.53 15.74 -82.70
N ARG G 240 -8.02 16.59 -81.81
CA ARG G 240 -6.66 16.45 -81.32
C ARG G 240 -6.43 15.16 -80.54
N ALA G 241 -7.43 14.73 -79.77
CA ALA G 241 -7.34 13.46 -79.05
C ALA G 241 -7.20 12.31 -80.02
N VAL G 242 -7.96 12.39 -81.11
CA VAL G 242 -7.94 11.37 -82.14
C VAL G 242 -6.63 11.42 -82.91
N ARG G 243 -6.10 12.62 -83.11
CA ARG G 243 -4.87 12.79 -83.87
C ARG G 243 -3.69 12.27 -83.08
N CYS G 244 -3.85 12.22 -81.76
CA CYS G 244 -2.81 11.67 -80.90
C CYS G 244 -2.91 10.17 -80.81
N GLY G 245 -4.12 9.65 -81.05
CA GLY G 245 -4.27 8.23 -81.25
C GLY G 245 -5.09 7.57 -80.16
N VAL G 246 -6.03 8.29 -79.57
CA VAL G 246 -6.95 7.66 -78.65
C VAL G 246 -7.99 6.89 -79.46
N ARG G 247 -8.53 5.84 -78.87
CA ARG G 247 -9.25 4.83 -79.62
C ARG G 247 -10.75 5.01 -79.50
N THR G 248 -11.22 5.30 -78.28
CA THR G 248 -12.64 5.59 -78.07
C THR G 248 -12.83 6.97 -77.46
N ILE G 249 -13.90 7.64 -77.88
CA ILE G 249 -14.22 9.00 -77.43
C ILE G 249 -15.48 8.91 -76.61
N GLU G 250 -15.45 9.45 -75.39
CA GLU G 250 -16.61 9.35 -74.51
C GLU G 250 -17.46 10.59 -74.64
N HIS G 251 -18.79 10.42 -74.60
CA HIS G 251 -19.75 11.50 -74.77
C HIS G 251 -19.72 12.08 -76.17
N GLY G 252 -18.91 13.10 -76.40
CA GLY G 252 -18.71 13.59 -77.76
C GLY G 252 -19.85 14.41 -78.31
N ASN G 253 -20.65 14.97 -77.42
CA ASN G 253 -21.94 15.59 -77.77
C ASN G 253 -21.86 16.74 -78.75
N LEU G 254 -20.70 17.38 -78.83
CA LEU G 254 -20.57 18.59 -79.65
C LEU G 254 -19.59 18.43 -80.80
N VAL G 255 -19.62 17.28 -81.47
CA VAL G 255 -18.90 17.10 -82.73
C VAL G 255 -19.43 17.99 -83.84
N ASP G 256 -18.52 18.48 -84.67
CA ASP G 256 -18.82 18.84 -86.05
C ASP G 256 -18.54 17.63 -86.95
N GLU G 257 -18.92 17.71 -88.22
CA GLU G 257 -18.73 16.57 -89.13
C GLU G 257 -17.28 16.41 -89.56
N ALA G 258 -16.52 17.51 -89.55
CA ALA G 258 -15.10 17.46 -89.85
C ALA G 258 -14.39 16.48 -88.91
N ALA G 259 -14.71 16.57 -87.62
CA ALA G 259 -14.13 15.73 -86.57
C ALA G 259 -14.62 14.30 -86.68
N ALA G 260 -15.92 14.14 -86.93
CA ALA G 260 -16.51 12.83 -87.16
C ALA G 260 -15.88 12.11 -88.35
N LYS G 261 -15.58 12.86 -89.41
CA LYS G 261 -14.92 12.32 -90.59
C LYS G 261 -13.54 11.79 -90.25
N LEU G 262 -12.81 12.54 -89.44
CA LEU G 262 -11.47 12.18 -88.97
C LEU G 262 -11.50 10.96 -88.05
N MET G 263 -12.54 10.85 -87.24
CA MET G 263 -12.74 9.67 -86.42
C MET G 263 -12.95 8.43 -87.28
N HIS G 264 -13.87 8.54 -88.24
CA HIS G 264 -14.11 7.44 -89.17
C HIS G 264 -12.83 6.98 -89.83
N GLU G 265 -11.99 7.95 -90.19
CA GLU G 265 -10.74 7.68 -90.93
C GLU G 265 -9.73 6.94 -90.07
N HIS G 266 -9.61 7.38 -88.83
CA HIS G 266 -8.66 6.79 -87.89
C HIS G 266 -9.15 5.47 -87.31
N GLY G 267 -10.46 5.23 -87.34
CA GLY G 267 -10.98 3.99 -86.82
C GLY G 267 -11.25 4.15 -85.34
N ALA G 268 -11.68 5.36 -84.98
CA ALA G 268 -12.03 5.66 -83.61
C ALA G 268 -13.52 5.46 -83.32
N PHE G 269 -13.84 4.86 -82.19
CA PHE G 269 -15.22 4.63 -81.80
C PHE G 269 -15.72 5.84 -81.03
N VAL G 270 -17.04 5.90 -80.81
CA VAL G 270 -17.66 6.85 -79.86
C VAL G 270 -18.55 6.14 -78.84
N VAL G 271 -18.58 6.64 -77.61
CA VAL G 271 -19.57 6.18 -76.65
C VAL G 271 -20.42 7.33 -76.11
N PRO G 272 -21.52 7.65 -76.81
CA PRO G 272 -22.42 8.67 -76.29
C PRO G 272 -23.07 8.21 -75.00
N THR G 273 -23.43 9.16 -74.14
CA THR G 273 -24.01 8.80 -72.85
C THR G 273 -25.22 9.66 -72.58
N LEU G 274 -26.11 9.73 -73.57
CA LEU G 274 -27.20 10.71 -73.58
C LEU G 274 -28.11 10.67 -72.34
N VAL G 275 -28.36 9.47 -71.82
CA VAL G 275 -29.27 9.26 -70.70
C VAL G 275 -28.89 9.99 -69.41
N THR G 276 -27.61 10.29 -69.23
CA THR G 276 -27.16 10.93 -68.02
C THR G 276 -27.52 12.40 -67.96
N TYR G 277 -27.71 13.00 -69.13
CA TYR G 277 -28.02 14.42 -69.19
C TYR G 277 -29.51 14.66 -68.92
N ASP G 278 -30.36 13.79 -69.46
CA ASP G 278 -31.79 13.79 -69.15
C ASP G 278 -32.02 13.61 -67.66
N ALA G 279 -31.26 12.69 -67.09
CA ALA G 279 -31.34 12.41 -65.67
C ALA G 279 -30.91 13.63 -64.88
N LEU G 280 -29.83 14.27 -65.29
CA LEU G 280 -29.30 15.41 -64.55
C LEU G 280 -30.12 16.67 -64.78
N ALA G 281 -30.91 16.67 -65.86
CA ALA G 281 -31.88 17.74 -66.11
C ALA G 281 -33.00 17.70 -65.08
N LYS G 282 -33.56 16.52 -64.86
CA LYS G 282 -34.66 16.35 -63.91
C LYS G 282 -34.20 16.49 -62.45
N HIS G 283 -33.27 15.63 -62.04
CA HIS G 283 -32.93 15.48 -60.63
C HIS G 283 -31.49 15.91 -60.34
N GLY G 284 -31.07 17.01 -60.96
CA GLY G 284 -29.69 17.47 -60.88
C GLY G 284 -29.31 18.04 -59.52
N ALA G 285 -29.64 19.32 -59.30
CA ALA G 285 -29.42 19.98 -58.01
C ALA G 285 -30.20 19.29 -56.89
N GLU G 286 -31.21 18.51 -57.29
CA GLU G 286 -32.02 17.72 -56.39
C GLU G 286 -31.22 16.60 -55.69
N PHE G 287 -30.38 15.90 -56.44
CA PHE G 287 -29.62 14.77 -55.88
C PHE G 287 -28.22 15.11 -55.39
N GLY G 288 -27.95 16.40 -55.20
CA GLY G 288 -26.75 16.84 -54.48
C GLY G 288 -25.52 17.18 -55.30
N MET G 289 -25.69 17.29 -56.61
CA MET G 289 -24.62 17.81 -57.47
C MET G 289 -24.66 19.34 -57.48
N PRO G 290 -23.52 19.98 -57.16
CA PRO G 290 -23.32 21.43 -57.03
C PRO G 290 -24.04 22.26 -58.11
N PRO G 291 -24.62 23.42 -57.71
CA PRO G 291 -25.50 24.24 -58.55
C PRO G 291 -24.91 24.73 -59.89
N GLU G 292 -23.59 24.91 -59.94
CA GLU G 292 -22.93 25.43 -61.16
C GLU G 292 -22.52 24.31 -62.13
N SER G 293 -22.70 23.07 -61.70
CA SER G 293 -22.52 21.91 -62.58
C SER G 293 -23.81 21.61 -63.33
N VAL G 294 -24.96 21.89 -62.69
CA VAL G 294 -26.26 21.78 -63.35
C VAL G 294 -26.53 22.94 -64.31
N ALA G 295 -25.74 24.01 -64.17
CA ALA G 295 -25.72 25.10 -65.14
C ALA G 295 -25.16 24.59 -66.47
N LYS G 296 -24.12 23.77 -66.39
CA LYS G 296 -23.39 23.28 -67.56
C LYS G 296 -24.09 22.15 -68.33
N VAL G 297 -25.09 21.53 -67.72
CA VAL G 297 -25.78 20.37 -68.29
C VAL G 297 -26.86 20.77 -69.30
N ALA G 298 -27.30 22.04 -69.25
CA ALA G 298 -28.34 22.53 -70.14
C ALA G 298 -27.89 22.45 -71.59
N SER G 299 -26.59 22.68 -71.81
CA SER G 299 -26.04 22.85 -73.16
C SER G 299 -25.75 21.55 -73.92
N VAL G 300 -25.26 20.53 -73.22
CA VAL G 300 -24.78 19.31 -73.87
C VAL G 300 -25.89 18.37 -74.35
N GLN G 301 -27.06 18.46 -73.74
CA GLN G 301 -28.15 17.54 -74.07
C GLN G 301 -28.86 17.95 -75.36
N GLN G 302 -28.76 19.23 -75.68
CA GLN G 302 -29.32 19.78 -76.92
C GLN G 302 -28.77 19.05 -78.14
N LYS G 303 -27.49 19.27 -78.40
CA LYS G 303 -26.81 18.67 -79.54
C LYS G 303 -26.62 17.16 -79.37
N GLY G 304 -26.98 16.65 -78.19
CA GLY G 304 -26.76 15.26 -77.86
C GLY G 304 -27.39 14.30 -78.85
N ARG G 305 -28.69 14.49 -79.08
CA ARG G 305 -29.45 13.66 -80.02
C ARG G 305 -28.93 13.91 -81.41
N GLU G 306 -28.68 15.18 -81.70
CA GLU G 306 -28.24 15.59 -83.01
C GLU G 306 -26.92 14.94 -83.43
N SER G 307 -26.00 14.79 -82.48
CA SER G 307 -24.67 14.24 -82.77
C SER G 307 -24.75 12.79 -83.25
N LEU G 308 -25.67 12.02 -82.68
CA LEU G 308 -25.90 10.65 -83.13
C LEU G 308 -25.99 10.57 -84.65
N GLU G 309 -26.77 11.46 -85.23
CA GLU G 309 -26.93 11.51 -86.68
C GLU G 309 -25.61 11.77 -87.38
N ILE G 310 -24.91 12.80 -86.96
CA ILE G 310 -23.58 13.10 -87.49
C ILE G 310 -22.68 11.87 -87.45
N TYR G 311 -22.63 11.20 -86.29
CA TYR G 311 -21.79 10.03 -86.14
C TYR G 311 -22.16 8.93 -87.11
N ALA G 312 -23.47 8.66 -87.23
CA ALA G 312 -23.97 7.70 -88.18
C ALA G 312 -23.59 8.08 -89.61
N ASN G 313 -23.84 9.34 -89.98
CA ASN G 313 -23.48 9.89 -91.30
C ASN G 313 -22.03 9.69 -91.67
N ALA G 314 -21.11 10.01 -90.76
CA ALA G 314 -19.68 9.87 -91.05
C ALA G 314 -19.26 8.42 -91.03
N GLY G 315 -20.11 7.57 -90.46
CA GLY G 315 -19.83 6.14 -90.32
C GLY G 315 -18.86 5.88 -89.19
N VAL G 316 -19.12 6.48 -88.04
CA VAL G 316 -18.32 6.25 -86.85
C VAL G 316 -19.03 5.25 -85.95
N LYS G 317 -18.36 4.16 -85.60
CA LYS G 317 -18.94 3.15 -84.70
C LYS G 317 -19.39 3.75 -83.33
N MET G 318 -20.53 3.28 -82.84
CA MET G 318 -21.17 3.84 -81.64
C MET G 318 -21.42 2.75 -80.59
N GLY G 319 -20.88 2.94 -79.39
CA GLY G 319 -21.08 1.99 -78.30
C GLY G 319 -22.07 2.54 -77.29
N PHE G 320 -22.62 1.64 -76.49
CA PHE G 320 -23.62 2.00 -75.49
C PHE G 320 -22.95 2.61 -74.25
N GLY G 321 -23.51 3.69 -73.72
CA GLY G 321 -23.02 4.24 -72.45
C GLY G 321 -24.07 4.90 -71.56
N SER G 322 -24.01 4.64 -70.25
CA SER G 322 -24.91 5.30 -69.31
C SER G 322 -24.27 6.54 -68.69
N ASP G 323 -23.18 6.32 -67.97
CA ASP G 323 -22.50 7.35 -67.19
C ASP G 323 -23.39 7.94 -66.10
N LEU G 324 -24.32 7.16 -65.56
CA LEU G 324 -25.19 7.66 -64.49
C LEU G 324 -24.49 7.64 -63.13
N LEU G 325 -24.78 8.64 -62.30
CA LEU G 325 -24.22 8.70 -60.95
C LEU G 325 -25.30 8.60 -59.91
N GLY G 326 -24.98 8.02 -58.76
CA GLY G 326 -25.91 8.00 -57.64
C GLY G 326 -27.17 7.21 -57.88
N GLU G 327 -28.27 7.69 -57.34
CA GLU G 327 -29.55 6.98 -57.42
C GLU G 327 -30.09 7.00 -58.84
N MET G 328 -29.62 7.95 -59.64
CA MET G 328 -29.90 7.99 -61.07
C MET G 328 -29.38 6.76 -61.82
N HIS G 329 -28.83 5.80 -61.09
CA HIS G 329 -28.33 4.57 -61.68
C HIS G 329 -29.44 3.71 -62.24
N ALA G 330 -30.63 3.88 -61.69
CA ALA G 330 -31.79 3.11 -62.12
C ALA G 330 -32.15 3.34 -63.59
N PHE G 331 -31.76 4.48 -64.14
CA PHE G 331 -32.23 4.91 -65.46
C PHE G 331 -31.44 4.31 -66.61
N GLN G 332 -30.57 3.37 -66.29
CA GLN G 332 -29.53 2.88 -67.20
C GLN G 332 -30.07 2.36 -68.54
N SER G 333 -31.17 1.62 -68.50
CA SER G 333 -31.68 0.96 -69.69
C SER G 333 -32.30 1.96 -70.64
N GLY G 334 -32.77 3.07 -70.08
CA GLY G 334 -33.42 4.13 -70.83
C GLY G 334 -32.63 4.64 -72.02
N GLU G 335 -31.32 4.41 -72.02
CA GLU G 335 -30.45 4.82 -73.12
C GLU G 335 -30.77 4.08 -74.42
N PHE G 336 -31.21 2.82 -74.30
CA PHE G 336 -31.68 2.05 -75.44
C PHE G 336 -32.76 2.80 -76.22
N ARG G 337 -33.79 3.24 -75.51
CA ARG G 337 -34.90 3.93 -76.13
C ARG G 337 -34.44 5.22 -76.78
N ILE G 338 -33.50 5.92 -76.15
CA ILE G 338 -33.05 7.23 -76.61
C ILE G 338 -32.33 7.08 -77.95
N ARG G 339 -31.56 5.99 -78.05
CA ARG G 339 -30.85 5.69 -79.28
C ARG G 339 -31.75 5.10 -80.36
N ALA G 340 -32.74 4.32 -79.95
CA ALA G 340 -33.73 3.77 -80.86
C ALA G 340 -34.55 4.87 -81.53
N GLU G 341 -34.84 5.93 -80.80
CA GLU G 341 -35.63 7.02 -81.34
C GLU G 341 -34.94 7.76 -82.47
N VAL G 342 -33.61 7.63 -82.57
CA VAL G 342 -32.87 8.42 -83.56
C VAL G 342 -32.38 7.55 -84.70
N LEU G 343 -31.81 6.40 -84.35
CA LEU G 343 -31.34 5.41 -85.31
C LEU G 343 -32.22 4.21 -85.04
N GLY G 344 -32.30 3.26 -85.96
CA GLY G 344 -33.21 2.13 -85.74
C GLY G 344 -32.95 1.37 -84.46
N ASN G 345 -33.94 0.67 -83.92
CA ASN G 345 -33.66 -0.12 -82.72
C ASN G 345 -32.79 -1.35 -82.95
N LEU G 346 -32.49 -1.64 -84.21
CA LEU G 346 -31.42 -2.58 -84.53
C LEU G 346 -30.08 -1.99 -84.08
N GLU G 347 -29.83 -0.77 -84.52
CA GLU G 347 -28.60 -0.07 -84.18
C GLU G 347 -28.43 0.05 -82.67
N ALA G 348 -29.50 0.43 -81.98
CA ALA G 348 -29.49 0.54 -80.53
C ALA G 348 -29.08 -0.77 -79.86
N LEU G 349 -29.55 -1.89 -80.38
CA LEU G 349 -29.16 -3.19 -79.86
C LEU G 349 -27.72 -3.56 -80.24
N ARG G 350 -27.26 -3.08 -81.39
CA ARG G 350 -25.88 -3.32 -81.85
C ARG G 350 -24.86 -2.61 -80.98
N SER G 351 -25.24 -1.43 -80.49
CA SER G 351 -24.37 -0.59 -79.68
CA SER G 351 -24.37 -0.59 -79.68
C SER G 351 -24.02 -1.26 -78.35
N ALA G 352 -24.89 -2.14 -77.87
CA ALA G 352 -24.69 -2.79 -76.58
C ALA G 352 -24.19 -4.20 -76.74
N THR G 353 -24.02 -4.63 -77.97
CA THR G 353 -23.62 -6.01 -78.21
C THR G 353 -22.41 -6.08 -79.10
N THR G 354 -22.62 -6.01 -80.41
CA THR G 354 -21.57 -6.30 -81.37
C THR G 354 -20.50 -5.20 -81.37
N VAL G 355 -20.93 -3.96 -81.52
CA VAL G 355 -20.02 -2.80 -81.48
C VAL G 355 -19.32 -2.67 -80.13
N ALA G 356 -20.07 -2.91 -79.06
CA ALA G 356 -19.55 -2.90 -77.70
C ALA G 356 -18.44 -3.93 -77.50
N ALA G 357 -18.70 -5.17 -77.92
CA ALA G 357 -17.73 -6.24 -77.81
C ALA G 357 -16.41 -5.89 -78.49
N GLU G 358 -16.50 -5.12 -79.57
CA GLU G 358 -15.34 -4.76 -80.35
C GLU G 358 -14.53 -3.72 -79.59
N ILE G 359 -15.24 -2.83 -78.90
CA ILE G 359 -14.62 -1.74 -78.13
C ILE G 359 -13.73 -2.31 -77.05
N VAL G 360 -14.20 -3.36 -76.41
CA VAL G 360 -13.46 -4.00 -75.34
C VAL G 360 -12.57 -5.13 -75.85
N ASN G 361 -12.42 -5.19 -77.17
CA ASN G 361 -11.53 -6.15 -77.85
C ASN G 361 -11.91 -7.60 -77.70
N MET G 362 -13.20 -7.85 -77.51
CA MET G 362 -13.71 -9.20 -77.30
C MET G 362 -14.63 -9.63 -78.43
N GLN G 363 -14.31 -9.21 -79.65
CA GLN G 363 -15.06 -9.61 -80.85
C GLN G 363 -15.01 -11.12 -81.07
N GLY G 364 -16.19 -11.72 -81.19
CA GLY G 364 -16.32 -13.18 -81.20
C GLY G 364 -16.43 -13.79 -79.81
N GLN G 365 -16.03 -13.06 -78.78
CA GLN G 365 -16.04 -13.58 -77.42
C GLN G 365 -17.31 -13.21 -76.68
N LEU G 366 -17.68 -11.94 -76.76
CA LEU G 366 -18.94 -11.47 -76.19
C LEU G 366 -19.79 -10.82 -77.26
N GLY G 367 -21.05 -10.54 -76.93
CA GLY G 367 -21.91 -9.74 -77.80
C GLY G 367 -22.41 -10.42 -79.06
N VAL G 368 -22.31 -11.73 -79.11
CA VAL G 368 -22.80 -12.49 -80.26
C VAL G 368 -23.12 -13.90 -79.81
N ILE G 369 -24.24 -14.44 -80.29
CA ILE G 369 -24.57 -15.84 -80.02
C ILE G 369 -24.09 -16.73 -81.16
N ALA G 370 -22.90 -17.27 -81.00
CA ALA G 370 -22.31 -18.09 -82.03
C ALA G 370 -21.56 -19.22 -81.33
N VAL G 371 -21.20 -20.24 -82.09
CA VAL G 371 -20.43 -21.34 -81.55
C VAL G 371 -19.05 -20.81 -81.14
N GLY G 372 -18.62 -21.17 -79.93
CA GLY G 372 -17.29 -20.81 -79.43
C GLY G 372 -17.27 -19.60 -78.53
N ALA G 373 -18.33 -18.78 -78.60
CA ALA G 373 -18.46 -17.54 -77.82
C ALA G 373 -18.84 -17.79 -76.36
N ILE G 374 -18.52 -16.83 -75.50
CA ILE G 374 -18.85 -16.95 -74.08
C ILE G 374 -20.36 -16.89 -73.88
N ALA G 375 -20.86 -17.79 -73.04
CA ALA G 375 -22.29 -17.89 -72.74
C ALA G 375 -22.74 -16.76 -71.81
N ASP G 376 -22.85 -15.57 -72.38
CA ASP G 376 -23.39 -14.43 -71.66
C ASP G 376 -24.72 -14.06 -72.30
N LEU G 377 -25.82 -14.54 -71.72
CA LEU G 377 -27.11 -14.45 -72.39
C LEU G 377 -28.18 -13.69 -71.62
N VAL G 378 -29.00 -12.96 -72.36
CA VAL G 378 -30.26 -12.45 -71.82
C VAL G 378 -31.50 -13.12 -72.44
N VAL G 379 -32.45 -13.52 -71.59
CA VAL G 379 -33.72 -14.05 -72.07
C VAL G 379 -34.83 -13.07 -71.80
N LEU G 380 -35.52 -12.71 -72.88
CA LEU G 380 -36.28 -11.49 -72.99
C LEU G 380 -37.73 -11.82 -73.35
N ASP G 381 -38.67 -11.33 -72.56
CA ASP G 381 -40.09 -11.50 -72.84
C ASP G 381 -40.59 -10.47 -73.83
N GLY G 382 -40.63 -10.83 -75.11
CA GLY G 382 -41.01 -9.90 -76.14
C GLY G 382 -39.91 -9.80 -77.18
N ASN G 383 -40.17 -9.03 -78.23
CA ASN G 383 -39.19 -8.84 -79.28
C ASN G 383 -38.72 -7.39 -79.38
N PRO G 384 -37.43 -7.17 -79.06
CA PRO G 384 -36.81 -5.84 -78.99
C PRO G 384 -36.64 -5.22 -80.36
N LEU G 385 -36.61 -6.04 -81.40
CA LEU G 385 -36.43 -5.57 -82.74
C LEU G 385 -37.65 -4.73 -83.17
N GLU G 386 -38.78 -4.96 -82.53
CA GLU G 386 -39.98 -4.20 -82.85
C GLU G 386 -40.42 -3.28 -81.72
N ASP G 387 -40.37 -3.79 -80.50
CA ASP G 387 -40.61 -2.97 -79.33
C ASP G 387 -39.35 -2.79 -78.52
N ILE G 388 -38.74 -1.61 -78.63
CA ILE G 388 -37.55 -1.29 -77.89
C ILE G 388 -37.80 -1.23 -76.39
N GLY G 389 -39.07 -1.09 -76.02
CA GLY G 389 -39.48 -1.03 -74.63
C GLY G 389 -39.19 -2.28 -73.83
N VAL G 390 -39.09 -3.43 -74.49
CA VAL G 390 -38.86 -4.71 -73.78
C VAL G 390 -37.49 -4.80 -73.14
N VAL G 391 -36.59 -3.90 -73.56
CA VAL G 391 -35.24 -3.80 -73.01
C VAL G 391 -35.11 -2.54 -72.15
N ALA G 392 -35.80 -1.48 -72.54
CA ALA G 392 -35.54 -0.14 -72.03
C ALA G 392 -36.45 0.27 -70.89
N ASP G 393 -36.97 -0.68 -70.12
CA ASP G 393 -38.04 -0.37 -69.17
C ASP G 393 -37.66 -0.60 -67.71
N GLU G 394 -36.50 -0.06 -67.30
CA GLU G 394 -35.83 -0.45 -66.07
C GLU G 394 -35.44 -1.95 -66.03
N GLY G 395 -35.52 -2.60 -67.18
CA GLY G 395 -35.56 -4.07 -67.25
C GLY G 395 -36.98 -4.55 -67.49
N ALA G 396 -37.69 -4.81 -66.38
CA ALA G 396 -39.09 -5.24 -66.38
C ALA G 396 -39.31 -6.56 -67.10
N ARG G 397 -38.88 -6.65 -68.36
CA ARG G 397 -39.20 -7.80 -69.20
C ARG G 397 -38.05 -8.77 -69.45
N VAL G 398 -37.04 -8.76 -68.57
CA VAL G 398 -35.93 -9.71 -68.64
C VAL G 398 -36.01 -10.73 -67.50
N GLU G 399 -36.17 -12.01 -67.82
CA GLU G 399 -36.43 -13.00 -66.79
C GLU G 399 -35.32 -13.99 -66.59
N TYR G 400 -34.40 -14.06 -67.53
CA TYR G 400 -33.22 -14.88 -67.33
C TYR G 400 -31.97 -14.13 -67.73
N VAL G 401 -30.95 -14.22 -66.89
CA VAL G 401 -29.62 -13.72 -67.25
C VAL G 401 -28.62 -14.82 -67.00
N LEU G 402 -27.91 -15.20 -68.05
CA LEU G 402 -26.84 -16.17 -67.93
C LEU G 402 -25.49 -15.48 -68.03
N GLN G 403 -24.56 -15.93 -67.18
CA GLN G 403 -23.23 -15.34 -67.16
C GLN G 403 -22.21 -16.46 -67.12
N ARG G 404 -21.30 -16.44 -68.08
CA ARG G 404 -20.27 -17.47 -68.24
C ARG G 404 -20.80 -18.88 -67.99
N GLY G 405 -21.77 -19.29 -68.79
CA GLY G 405 -22.43 -20.56 -68.58
C GLY G 405 -23.58 -20.49 -67.60
N THR G 406 -23.30 -20.12 -66.36
CA THR G 406 -24.27 -20.30 -65.28
C THR G 406 -25.36 -19.24 -65.22
N LEU G 407 -26.47 -19.59 -64.57
CA LEU G 407 -27.67 -18.75 -64.50
C LEU G 407 -27.63 -17.89 -63.24
N VAL G 408 -27.70 -16.57 -63.41
CA VAL G 408 -27.47 -15.66 -62.30
C VAL G 408 -28.69 -14.86 -61.87
N LYS G 409 -29.67 -14.74 -62.77
CA LYS G 409 -30.93 -14.09 -62.42
C LYS G 409 -32.13 -14.91 -62.90
N ARG G 410 -33.14 -15.05 -62.04
CA ARG G 410 -34.43 -15.60 -62.44
C ARG G 410 -35.55 -14.65 -62.03
N GLN G 411 -36.23 -14.06 -63.01
CA GLN G 411 -37.12 -12.92 -62.72
C GLN G 411 -38.49 -13.11 -63.34
N THR H 4 65.01 28.10 -28.94
CA THR H 4 65.78 29.10 -28.14
C THR H 4 64.88 29.86 -27.16
N ILE H 5 65.27 31.08 -26.83
CA ILE H 5 65.01 31.63 -25.52
C ILE H 5 65.05 33.16 -25.55
N THR H 6 64.21 33.82 -24.77
CA THR H 6 64.04 35.28 -24.82
C THR H 6 64.00 35.87 -23.41
N VAL H 7 64.54 37.07 -23.25
CA VAL H 7 64.52 37.76 -21.96
C VAL H 7 64.01 39.19 -22.10
N LEU H 8 62.87 39.48 -21.48
CA LEU H 8 62.50 40.88 -21.24
C LEU H 8 63.27 41.35 -20.02
N GLN H 9 64.15 42.33 -20.19
CA GLN H 9 65.06 42.69 -19.10
C GLN H 9 64.77 44.04 -18.45
N GLY H 10 64.66 44.03 -17.12
CA GLY H 10 64.60 45.26 -16.35
C GLY H 10 63.26 45.96 -16.35
N GLY H 11 62.20 45.21 -16.65
CA GLY H 11 60.85 45.73 -16.56
C GLY H 11 60.36 45.86 -15.14
N ASN H 12 59.23 46.53 -14.96
CA ASN H 12 58.49 46.47 -13.73
C ASN H 12 57.32 45.52 -13.86
N VAL H 13 57.54 44.28 -13.43
CA VAL H 13 56.56 43.19 -13.55
C VAL H 13 55.35 43.45 -12.66
N LEU H 14 54.16 43.42 -13.26
CA LEU H 14 52.93 43.51 -12.48
C LEU H 14 52.56 42.16 -11.88
N ASP H 15 52.49 42.11 -10.55
CA ASP H 15 51.95 40.95 -9.86
C ASP H 15 50.60 41.31 -9.30
N LEU H 16 49.58 40.56 -9.71
CA LEU H 16 48.20 40.99 -9.52
C LEU H 16 47.53 40.58 -8.19
N GLU H 17 47.99 39.50 -7.57
CA GLU H 17 47.37 39.05 -6.33
C GLU H 17 47.89 39.81 -5.12
N ARG H 18 49.02 40.50 -5.29
CA ARG H 18 49.53 41.37 -4.25
C ARG H 18 49.27 42.81 -4.63
N GLY H 19 49.19 43.08 -5.92
CA GLY H 19 48.76 44.39 -6.40
C GLY H 19 49.87 45.42 -6.41
N VAL H 20 51.06 45.00 -6.81
CA VAL H 20 52.21 45.89 -6.82
C VAL H 20 53.06 45.63 -8.06
N LEU H 21 53.67 46.69 -8.58
CA LEU H 21 54.77 46.56 -9.53
C LEU H 21 56.01 45.96 -8.84
N LEU H 22 56.71 45.08 -9.55
CA LEU H 22 58.02 44.63 -9.09
C LEU H 22 59.08 45.19 -10.03
N GLU H 23 59.75 46.26 -9.61
CA GLU H 23 60.66 46.97 -10.50
C GLU H 23 61.95 46.21 -10.78
N HIS H 24 62.49 46.44 -11.96
CA HIS H 24 63.74 45.83 -12.42
C HIS H 24 63.76 44.31 -12.26
N HIS H 25 62.61 43.70 -12.52
CA HIS H 25 62.56 42.26 -12.61
C HIS H 25 62.63 41.83 -14.06
N HIS H 26 63.50 40.88 -14.33
CA HIS H 26 63.62 40.26 -15.63
C HIS H 26 62.61 39.14 -15.71
N VAL H 27 62.14 38.84 -16.91
CA VAL H 27 61.33 37.64 -17.10
C VAL H 27 61.87 36.84 -18.27
N VAL H 28 62.02 35.53 -18.07
CA VAL H 28 62.73 34.66 -18.99
C VAL H 28 61.82 33.66 -19.69
N ILE H 29 61.74 33.78 -21.01
CA ILE H 29 60.87 32.92 -21.79
C ILE H 29 61.71 31.85 -22.45
N ASP H 30 61.34 30.59 -22.23
CA ASP H 30 61.86 29.49 -23.04
C ASP H 30 60.73 28.78 -23.77
N GLY H 31 60.79 28.79 -25.10
CA GLY H 31 59.76 28.21 -25.91
C GLY H 31 58.55 29.09 -25.83
N GLU H 32 57.44 28.53 -25.36
CA GLU H 32 56.20 29.29 -25.21
C GLU H 32 55.92 29.65 -23.76
N ARG H 33 56.82 29.26 -22.85
CA ARG H 33 56.53 29.39 -21.41
C ARG H 33 57.51 30.27 -20.63
N ILE H 34 57.03 30.79 -19.52
CA ILE H 34 57.84 31.59 -18.65
C ILE H 34 58.59 30.69 -17.69
N VAL H 35 59.92 30.77 -17.71
CA VAL H 35 60.76 29.87 -16.91
C VAL H 35 61.30 30.54 -15.64
N GLU H 36 61.44 31.86 -15.67
CA GLU H 36 61.99 32.58 -14.53
C GLU H 36 61.51 34.00 -14.46
N VAL H 37 61.17 34.45 -13.24
CA VAL H 37 60.94 35.87 -12.99
C VAL H 37 61.77 36.27 -11.80
N THR H 38 62.71 37.18 -12.01
CA THR H 38 63.69 37.54 -11.00
C THR H 38 64.29 38.90 -11.23
N ASP H 39 64.87 39.46 -10.19
CA ASP H 39 65.64 40.68 -10.31
C ASP H 39 67.14 40.39 -10.23
N ARG H 40 67.51 39.15 -10.53
CA ARG H 40 68.89 38.79 -10.75
C ARG H 40 69.45 39.50 -11.96
N PRO H 41 70.72 39.85 -11.91
CA PRO H 41 71.47 39.87 -13.15
C PRO H 41 71.35 38.48 -13.73
N VAL H 42 70.82 38.39 -14.94
CA VAL H 42 70.46 37.09 -15.49
C VAL H 42 71.45 36.66 -16.57
N ASP H 43 71.61 35.35 -16.68
CA ASP H 43 72.72 34.76 -17.37
C ASP H 43 72.36 34.47 -18.83
N LEU H 44 72.25 35.52 -19.64
CA LEU H 44 71.74 35.41 -21.02
C LEU H 44 72.80 35.08 -22.06
N PRO H 45 72.90 33.80 -22.42
CA PRO H 45 73.90 33.42 -23.39
C PRO H 45 73.37 33.65 -24.79
N ASN H 46 72.31 32.94 -25.18
CA ASN H 46 71.75 33.05 -26.52
C ASN H 46 70.36 33.63 -26.51
N ALA H 47 70.09 34.53 -25.57
CA ALA H 47 68.74 35.03 -25.41
C ALA H 47 68.53 36.28 -26.23
N GLN H 48 67.39 36.35 -26.92
CA GLN H 48 66.92 37.61 -27.47
C GLN H 48 66.62 38.53 -26.30
N ALA H 49 67.49 39.51 -26.11
CA ALA H 49 67.25 40.54 -25.11
C ALA H 49 66.38 41.63 -25.71
N ILE H 50 65.21 41.86 -25.11
CA ILE H 50 64.41 43.04 -25.39
C ILE H 50 64.43 43.93 -24.15
N ASP H 51 64.87 45.17 -24.33
CA ASP H 51 65.11 46.04 -23.21
C ASP H 51 63.84 46.71 -22.78
N VAL H 52 63.43 46.47 -21.55
CA VAL H 52 62.15 46.94 -21.06
C VAL H 52 62.38 47.79 -19.81
N ARG H 53 63.34 48.71 -19.88
CA ARG H 53 63.67 49.49 -18.70
C ARG H 53 62.59 50.56 -18.48
N GLY H 54 62.18 50.70 -17.23
CA GLY H 54 61.17 51.70 -16.84
C GLY H 54 59.81 51.54 -17.46
N LYS H 55 59.46 50.30 -17.84
CA LYS H 55 58.20 50.01 -18.49
C LYS H 55 57.50 48.82 -17.83
N THR H 56 56.18 48.84 -17.85
CA THR H 56 55.41 47.81 -17.18
C THR H 56 55.23 46.60 -18.07
N VAL H 57 55.56 45.43 -17.55
CA VAL H 57 55.27 44.20 -18.25
C VAL H 57 54.24 43.39 -17.43
N MET H 58 53.11 43.12 -18.07
CA MET H 58 51.99 42.44 -17.42
C MET H 58 51.45 41.36 -18.37
N PRO H 59 50.60 40.45 -17.87
CA PRO H 59 50.05 39.38 -18.70
C PRO H 59 49.13 39.96 -19.77
N GLY H 60 49.16 39.37 -20.96
CA GLY H 60 48.32 39.83 -22.07
C GLY H 60 46.86 39.68 -21.73
N PHE H 61 46.04 40.64 -22.15
CA PHE H 61 44.67 40.74 -21.64
C PHE H 61 43.77 39.70 -22.24
N ILE H 62 42.72 39.35 -21.50
CA ILE H 62 41.75 38.40 -21.95
C ILE H 62 40.38 39.07 -21.99
N ASP H 63 39.74 39.07 -23.16
CA ASP H 63 38.38 39.57 -23.31
C ASP H 63 37.42 38.40 -23.35
N CYS H 64 36.46 38.38 -22.42
CA CYS H 64 35.66 37.21 -22.18
C CYS H 64 34.34 37.23 -22.96
N HIS H 65 34.07 38.33 -23.65
CA HIS H 65 32.86 38.45 -24.47
C HIS H 65 33.08 39.29 -25.72
N VAL H 66 33.47 38.67 -26.83
CA VAL H 66 33.56 39.39 -28.11
C VAL H 66 32.75 38.70 -29.19
N HIS H 67 32.47 39.41 -30.26
CA HIS H 67 31.94 38.76 -31.46
C HIS H 67 32.84 39.10 -32.61
N VAL H 68 33.85 38.26 -32.80
CA VAL H 68 34.87 38.50 -33.82
C VAL H 68 34.29 38.69 -35.20
N LEU H 69 33.16 38.03 -35.48
CA LEU H 69 32.59 38.00 -36.82
C LEU H 69 31.55 39.08 -37.03
N ALA H 70 31.25 39.81 -35.95
CA ALA H 70 30.32 40.91 -36.03
C ALA H 70 30.97 42.11 -36.72
N SER H 71 30.99 42.07 -38.04
CA SER H 71 31.68 43.11 -38.80
C SER H 71 30.77 44.30 -39.12
N ASN H 72 29.47 44.14 -38.90
CA ASN H 72 28.60 45.31 -38.84
C ASN H 72 27.46 45.20 -37.83
N ALA H 73 26.94 46.36 -37.42
CA ALA H 73 26.19 46.48 -36.16
C ALA H 73 24.77 45.95 -36.22
N ASN H 74 24.27 45.76 -37.43
CA ASN H 74 23.01 45.06 -37.60
C ASN H 74 23.30 43.59 -37.69
N LEU H 75 23.02 42.86 -36.62
CA LEU H 75 23.40 41.45 -36.55
C LEU H 75 22.54 40.59 -37.47
N GLY H 76 21.34 41.09 -37.79
CA GLY H 76 20.53 40.51 -38.84
C GLY H 76 21.27 40.48 -40.16
N VAL H 77 21.73 41.64 -40.59
CA VAL H 77 22.32 41.75 -41.91
C VAL H 77 23.71 41.18 -41.91
N ASN H 78 24.35 41.16 -40.75
CA ASN H 78 25.62 40.47 -40.57
C ASN H 78 25.47 39.00 -40.90
N ALA H 79 24.35 38.42 -40.47
CA ALA H 79 24.11 37.00 -40.68
C ALA H 79 23.88 36.65 -42.16
N THR H 80 23.38 37.61 -42.95
CA THR H 80 22.99 37.35 -44.32
C THR H 80 24.04 37.73 -45.35
N GLN H 81 25.16 38.30 -44.91
CA GLN H 81 26.30 38.53 -45.79
C GLN H 81 26.95 37.21 -46.22
N PRO H 82 27.48 37.16 -47.46
CA PRO H 82 28.04 35.92 -48.00
C PRO H 82 29.21 35.42 -47.16
N ASN H 83 29.40 34.11 -47.12
CA ASN H 83 30.33 33.48 -46.19
C ASN H 83 31.76 33.98 -46.27
N ILE H 84 32.29 34.00 -47.48
CA ILE H 84 33.68 34.39 -47.67
C ILE H 84 33.94 35.84 -47.25
N LEU H 85 32.97 36.73 -47.50
CA LEU H 85 33.01 38.13 -47.06
C LEU H 85 32.92 38.30 -45.55
N ALA H 86 32.03 37.56 -44.93
CA ALA H 86 31.93 37.47 -43.49
C ALA H 86 33.28 37.14 -42.84
N ALA H 87 34.01 36.19 -43.43
CA ALA H 87 35.29 35.74 -42.90
C ALA H 87 36.35 36.80 -43.07
N ILE H 88 36.52 37.24 -44.32
CA ILE H 88 37.44 38.32 -44.67
C ILE H 88 37.36 39.45 -43.66
N ARG H 89 36.16 39.98 -43.45
CA ARG H 89 35.93 41.18 -42.64
C ARG H 89 36.26 41.05 -41.16
N SER H 90 36.38 39.82 -40.67
CA SER H 90 36.77 39.56 -39.29
C SER H 90 38.28 39.72 -39.08
N LEU H 91 39.05 39.65 -40.16
CA LEU H 91 40.50 39.69 -40.07
C LEU H 91 41.05 41.00 -39.47
N PRO H 92 40.64 42.15 -40.00
CA PRO H 92 41.01 43.42 -39.37
C PRO H 92 40.62 43.50 -37.91
N ILE H 93 39.38 43.09 -37.61
CA ILE H 93 38.90 43.01 -36.23
C ILE H 93 39.86 42.22 -35.35
N LEU H 94 40.32 41.07 -35.84
CA LEU H 94 41.18 40.22 -35.03
C LEU H 94 42.53 40.89 -34.80
N ASP H 95 43.09 41.39 -35.90
CA ASP H 95 44.36 42.09 -35.86
C ASP H 95 44.39 43.26 -34.89
N ALA H 96 43.37 44.12 -34.99
CA ALA H 96 43.23 45.25 -34.10
C ALA H 96 43.04 44.90 -32.60
N MET H 97 42.35 43.80 -32.30
CA MET H 97 42.23 43.33 -30.91
C MET H 97 43.61 43.02 -30.35
N LEU H 98 44.43 42.34 -31.13
CA LEU H 98 45.71 41.87 -30.66
C LEU H 98 46.63 43.03 -30.36
N SER H 99 46.57 44.05 -31.21
CA SER H 99 47.45 45.17 -31.04
C SER H 99 47.00 46.09 -29.91
N ARG H 100 45.77 45.92 -29.44
CA ARG H 100 45.32 46.61 -28.23
C ARG H 100 45.75 45.87 -26.97
N GLY H 101 46.43 44.73 -27.12
CA GLY H 101 46.95 43.99 -25.97
C GLY H 101 46.19 42.72 -25.63
N PHE H 102 45.16 42.41 -26.40
CA PHE H 102 44.34 41.26 -26.10
C PHE H 102 44.94 40.02 -26.73
N THR H 103 45.44 39.13 -25.89
CA THR H 103 46.08 37.93 -26.40
C THR H 103 45.17 36.71 -26.37
N SER H 104 44.04 36.83 -25.69
CA SER H 104 43.02 35.79 -25.78
C SER H 104 41.64 36.39 -25.77
N VAL H 105 40.74 35.83 -26.57
CA VAL H 105 39.33 36.23 -26.48
C VAL H 105 38.39 35.05 -26.37
N ARG H 106 37.37 35.19 -25.53
CA ARG H 106 36.24 34.27 -25.55
C ARG H 106 35.18 34.85 -26.46
N ASP H 107 35.01 34.22 -27.60
CA ASP H 107 34.03 34.70 -28.55
C ASP H 107 32.67 34.15 -28.17
N ALA H 108 31.66 35.00 -28.17
CA ALA H 108 30.35 34.65 -27.63
C ALA H 108 29.34 34.30 -28.71
N GLY H 109 29.79 33.73 -29.81
CA GLY H 109 28.89 33.33 -30.87
C GLY H 109 29.33 33.91 -32.19
N GLY H 110 29.50 33.04 -33.18
CA GLY H 110 30.10 33.45 -34.44
C GLY H 110 31.37 32.69 -34.81
N ALA H 111 32.45 32.95 -34.08
CA ALA H 111 33.69 32.24 -34.31
C ALA H 111 33.57 30.75 -34.10
N ASP H 112 34.24 29.98 -34.94
CA ASP H 112 34.27 28.53 -34.83
C ASP H 112 35.68 28.00 -34.63
N TRP H 113 35.82 26.68 -34.74
CA TRP H 113 37.08 26.02 -34.49
C TRP H 113 38.10 26.32 -35.59
N SER H 114 37.63 26.48 -36.83
CA SER H 114 38.51 26.85 -37.97
C SER H 114 39.26 28.17 -37.78
N LEU H 115 38.54 29.18 -37.29
CA LEU H 115 39.14 30.45 -36.92
C LEU H 115 40.13 30.30 -35.77
N MET H 116 39.80 29.43 -34.84
CA MET H 116 40.66 29.19 -33.70
C MET H 116 41.98 28.55 -34.18
N GLN H 117 41.87 27.69 -35.20
CA GLN H 117 43.03 27.05 -35.82
C GLN H 117 43.84 28.03 -36.65
N ALA H 118 43.14 28.91 -37.36
CA ALA H 118 43.80 29.89 -38.20
C ALA H 118 44.82 30.75 -37.44
N VAL H 119 44.48 31.15 -36.21
CA VAL H 119 45.41 31.92 -35.41
C VAL H 119 46.49 31.02 -34.84
N GLU H 120 46.12 29.80 -34.45
CA GLU H 120 47.05 28.93 -33.73
C GLU H 120 48.11 28.35 -34.65
N THR H 121 47.79 28.23 -35.93
CA THR H 121 48.74 27.78 -36.92
C THR H 121 49.48 28.97 -37.53
N GLY H 122 49.05 30.19 -37.22
CA GLY H 122 49.76 31.36 -37.70
C GLY H 122 49.27 31.85 -39.05
N LEU H 123 48.29 31.15 -39.61
CA LEU H 123 47.67 31.55 -40.86
C LEU H 123 47.09 32.96 -40.82
N VAL H 124 46.76 33.43 -39.63
CA VAL H 124 46.06 34.68 -39.45
C VAL H 124 46.50 35.32 -38.13
N SER H 125 46.59 36.64 -38.12
CA SER H 125 47.04 37.32 -36.94
C SER H 125 45.83 37.67 -36.06
N GLY H 126 45.90 37.29 -34.79
CA GLY H 126 44.88 37.66 -33.80
C GLY H 126 45.10 37.00 -32.46
N PRO H 127 44.18 37.21 -31.52
CA PRO H 127 44.22 36.53 -30.23
C PRO H 127 43.85 35.07 -30.36
N ARG H 128 44.29 34.26 -29.40
CA ARG H 128 43.73 32.92 -29.22
C ARG H 128 42.22 33.03 -28.95
N ILE H 129 41.45 32.26 -29.71
CA ILE H 129 40.01 32.28 -29.59
C ILE H 129 39.51 31.09 -28.78
N PHE H 130 38.60 31.36 -27.86
CA PHE H 130 37.86 30.31 -27.21
C PHE H 130 36.46 30.37 -27.77
N PRO H 131 36.18 29.51 -28.77
CA PRO H 131 34.97 29.65 -29.56
C PRO H 131 33.74 29.05 -28.88
N SER H 132 32.59 29.71 -29.06
CA SER H 132 31.31 29.18 -28.63
C SER H 132 30.63 28.42 -29.75
N GLY H 133 31.17 28.54 -30.96
CA GLY H 133 30.48 28.10 -32.18
C GLY H 133 29.35 29.05 -32.43
N LYS H 134 28.13 28.58 -32.24
CA LYS H 134 26.98 29.45 -32.40
C LYS H 134 26.22 29.54 -31.09
N ALA H 135 25.77 30.74 -30.75
CA ALA H 135 24.87 30.93 -29.59
C ALA H 135 23.55 30.20 -29.81
N LEU H 136 23.08 29.51 -28.78
CA LEU H 136 21.73 28.92 -28.82
C LEU H 136 20.67 29.93 -28.46
N SER H 137 19.66 30.02 -29.32
CA SER H 137 18.51 30.87 -29.04
C SER H 137 17.20 30.15 -29.33
N GLN H 138 16.20 30.40 -28.50
CA GLN H 138 14.87 29.81 -28.69
C GLN H 138 14.19 30.65 -29.74
N THR H 139 13.08 30.19 -30.29
CA THR H 139 12.39 30.89 -31.37
C THR H 139 11.94 32.24 -30.88
N GLY H 140 12.11 33.27 -31.71
CA GLY H 140 11.80 34.65 -31.34
C GLY H 140 12.62 35.12 -30.16
N GLY H 141 13.78 34.51 -29.98
CA GLY H 141 14.68 34.85 -28.87
C GLY H 141 15.69 35.89 -29.27
N HIS H 142 16.66 36.11 -28.39
CA HIS H 142 17.64 37.16 -28.60
C HIS H 142 18.53 36.90 -29.84
N GLY H 143 18.57 35.64 -30.28
CA GLY H 143 19.30 35.28 -31.48
C GLY H 143 18.46 35.11 -32.72
N ASP H 144 17.14 35.18 -32.57
CA ASP H 144 16.25 35.08 -33.73
C ASP H 144 16.14 36.45 -34.37
N PHE H 145 16.68 36.61 -35.58
CA PHE H 145 16.67 37.93 -36.24
C PHE H 145 15.60 38.10 -37.30
N ARG H 146 14.57 37.28 -37.21
CA ARG H 146 13.46 37.37 -38.13
C ARG H 146 12.50 38.45 -37.70
N PRO H 147 12.05 39.28 -38.66
CA PRO H 147 11.19 40.41 -38.34
C PRO H 147 9.80 39.92 -37.99
N ARG H 148 9.05 40.75 -37.27
CA ARG H 148 7.75 40.37 -36.74
C ARG H 148 6.82 39.76 -37.78
N LEU H 152 6.72 35.46 -40.87
CA LEU H 152 6.02 34.24 -41.29
C LEU H 152 6.64 32.95 -40.73
N GLU H 153 7.96 32.85 -40.75
CA GLU H 153 8.74 31.66 -40.30
C GLU H 153 9.54 30.92 -41.39
N PRO H 154 9.24 29.61 -41.62
CA PRO H 154 10.22 28.51 -41.66
C PRO H 154 11.61 28.93 -42.10
N CYS H 155 12.60 28.76 -41.22
CA CYS H 155 13.93 29.26 -41.54
C CYS H 155 14.71 28.36 -42.49
N SER H 156 15.81 27.79 -42.01
CA SER H 156 17.03 27.79 -42.82
C SER H 156 17.99 26.61 -42.63
N CYS H 157 17.78 25.51 -43.34
CA CYS H 157 18.77 24.44 -43.53
C CYS H 157 20.20 24.57 -42.94
N CYS H 158 21.00 25.56 -43.39
CA CYS H 158 22.42 25.55 -43.07
C CYS H 158 23.12 26.84 -42.72
N PHE H 159 24.31 26.71 -42.13
CA PHE H 159 24.85 27.74 -41.27
C PHE H 159 25.68 28.71 -42.05
N ARG H 160 25.27 29.98 -41.98
CA ARG H 160 25.99 31.11 -42.53
C ARG H 160 27.13 31.50 -41.59
N THR H 161 28.31 31.74 -42.13
CA THR H 161 29.45 31.98 -41.26
C THR H 161 29.34 33.34 -40.58
N GLY H 162 28.40 34.15 -41.05
CA GLY H 162 28.15 35.45 -40.43
C GLY H 162 27.13 35.46 -39.30
N ALA H 163 26.57 34.29 -38.99
CA ALA H 163 25.47 34.19 -38.05
C ALA H 163 25.99 34.02 -36.63
N ILE H 164 25.51 34.86 -35.72
CA ILE H 164 25.94 34.84 -34.30
C ILE H 164 25.33 33.65 -33.58
N ALA H 165 24.08 33.34 -33.91
CA ALA H 165 23.25 32.42 -33.14
C ALA H 165 22.64 31.38 -34.07
N ARG H 166 22.06 30.34 -33.50
CA ARG H 166 21.14 29.45 -34.22
C ARG H 166 19.88 29.32 -33.37
N VAL H 167 18.79 28.92 -34.00
CA VAL H 167 17.55 28.81 -33.29
C VAL H 167 17.20 27.35 -33.09
N VAL H 168 17.07 26.95 -31.83
CA VAL H 168 16.71 25.60 -31.49
C VAL H 168 15.80 25.62 -30.27
N ASP H 169 14.73 24.85 -30.35
CA ASP H 169 13.80 24.72 -29.23
C ASP H 169 13.67 23.28 -28.82
N GLY H 170 13.33 23.07 -27.55
CA GLY H 170 13.00 21.75 -27.07
C GLY H 170 14.17 21.07 -26.41
N VAL H 171 13.88 20.14 -25.52
CA VAL H 171 14.94 19.49 -24.79
C VAL H 171 15.83 18.67 -25.72
N GLU H 172 15.24 17.79 -26.53
CA GLU H 172 16.03 17.03 -27.49
C GLU H 172 16.72 17.91 -28.53
N GLY H 173 16.11 19.04 -28.85
CA GLY H 173 16.65 19.96 -29.83
C GLY H 173 17.90 20.64 -29.34
N VAL H 174 17.82 21.22 -28.15
CA VAL H 174 19.01 21.79 -27.55
C VAL H 174 20.11 20.77 -27.26
N ARG H 175 19.72 19.56 -26.86
CA ARG H 175 20.67 18.51 -26.44
C ARG H 175 21.54 18.15 -27.60
N LEU H 176 20.89 17.84 -28.72
CA LEU H 176 21.55 17.68 -30.01
C LEU H 176 22.41 18.86 -30.36
N ALA H 177 21.84 20.05 -30.34
CA ALA H 177 22.61 21.21 -30.77
C ALA H 177 23.91 21.39 -30.00
N VAL H 178 23.87 21.14 -28.69
CA VAL H 178 25.08 21.22 -27.88
C VAL H 178 26.10 20.15 -28.30
N ARG H 179 25.63 18.92 -28.48
CA ARG H 179 26.49 17.85 -28.98
C ARG H 179 27.07 18.20 -30.35
N GLU H 180 26.27 18.78 -31.25
CA GLU H 180 26.78 19.24 -32.53
C GLU H 180 27.84 20.31 -32.37
N GLU H 181 27.61 21.24 -31.47
CA GLU H 181 28.56 22.34 -31.32
C GLU H 181 29.88 21.88 -30.71
N ILE H 182 29.82 20.84 -29.91
CA ILE H 182 31.00 20.37 -29.23
C ILE H 182 31.80 19.49 -30.16
N GLN H 183 31.12 18.67 -30.93
CA GLN H 183 31.74 18.00 -32.07
C GLN H 183 32.48 18.96 -33.00
N LYS H 184 31.84 20.07 -33.36
CA LYS H 184 32.47 21.06 -34.22
C LYS H 184 33.56 21.85 -33.51
N GLY H 185 33.78 21.51 -32.23
CA GLY H 185 34.95 22.00 -31.48
C GLY H 185 34.84 23.30 -30.71
N ALA H 186 33.62 23.76 -30.41
CA ALA H 186 33.43 24.78 -29.38
C ALA H 186 34.19 24.44 -28.08
N THR H 187 34.59 25.47 -27.35
CA THR H 187 35.24 25.26 -26.06
C THR H 187 34.27 25.47 -24.92
N GLN H 188 33.19 26.18 -25.18
CA GLN H 188 32.14 26.37 -24.19
C GLN H 188 30.85 26.65 -24.92
N ILE H 189 29.75 26.73 -24.18
CA ILE H 189 28.44 26.89 -24.79
C ILE H 189 27.80 28.20 -24.40
N LYS H 190 27.35 28.96 -25.38
CA LYS H 190 26.63 30.20 -25.13
C LYS H 190 25.14 29.99 -25.38
N ILE H 191 24.32 30.44 -24.44
CA ILE H 191 22.89 30.52 -24.65
C ILE H 191 22.33 31.92 -24.36
N MET H 192 21.20 32.23 -24.97
CA MET H 192 20.44 33.44 -24.62
C MET H 192 19.29 33.07 -23.68
N ALA H 193 19.32 33.63 -22.47
CA ALA H 193 18.38 33.24 -21.43
C ALA H 193 17.50 34.41 -21.01
N SER H 194 17.55 35.48 -21.80
CA SER H 194 16.62 36.59 -21.64
C SER H 194 16.58 37.42 -22.92
N GLY H 195 15.58 38.29 -23.02
CA GLY H 195 15.53 39.26 -24.10
C GLY H 195 16.74 40.17 -24.10
N GLY H 196 16.93 40.88 -25.21
CA GLY H 196 18.13 41.70 -25.34
C GLY H 196 17.88 43.04 -25.99
N VAL H 197 18.94 43.57 -26.59
CA VAL H 197 18.91 44.88 -27.20
C VAL H 197 18.95 44.78 -28.73
N ALA H 198 19.83 43.91 -29.23
CA ALA H 198 20.15 43.82 -30.67
C ALA H 198 19.20 42.97 -31.52
N SER H 199 18.20 42.36 -30.89
CA SER H 199 17.24 41.52 -31.60
C SER H 199 15.91 42.24 -31.76
N PRO H 200 15.15 41.93 -32.83
CA PRO H 200 13.92 42.67 -33.16
C PRO H 200 12.72 42.50 -32.20
N THR H 201 12.42 41.26 -31.80
CA THR H 201 11.08 40.95 -31.26
C THR H 201 10.98 40.77 -29.75
N ASP H 202 12.11 40.64 -29.06
CA ASP H 202 12.10 40.39 -27.62
C ASP H 202 12.37 41.65 -26.80
N PRO H 203 11.38 42.07 -25.98
CA PRO H 203 11.66 42.99 -24.88
C PRO H 203 12.62 42.39 -23.87
N ILE H 204 13.38 43.25 -23.19
CA ILE H 204 14.50 42.82 -22.35
C ILE H 204 14.09 42.15 -21.02
N ALA H 205 12.92 42.49 -20.51
CA ALA H 205 12.48 42.01 -19.20
C ALA H 205 12.11 40.52 -19.17
N ASN H 206 11.76 39.94 -20.32
CA ASN H 206 11.27 38.58 -20.31
C ASN H 206 12.34 37.51 -20.44
N THR H 207 12.00 36.28 -20.04
CA THR H 207 12.99 35.23 -19.96
C THR H 207 12.97 34.32 -21.18
N GLN H 208 14.07 33.62 -21.41
CA GLN H 208 14.17 32.73 -22.57
C GLN H 208 14.64 31.34 -22.18
N TYR H 209 14.10 30.33 -22.86
CA TYR H 209 14.29 28.92 -22.54
C TYR H 209 13.57 28.45 -21.26
N SER H 210 12.93 27.29 -21.32
CA SER H 210 12.42 26.63 -20.13
C SER H 210 13.57 26.17 -19.25
N GLU H 211 13.29 25.85 -18.00
CA GLU H 211 14.34 25.37 -17.12
C GLU H 211 14.80 23.98 -17.53
N ASP H 212 13.91 23.23 -18.15
CA ASP H 212 14.25 21.91 -18.64
C ASP H 212 15.28 21.96 -19.75
N GLU H 213 15.15 22.97 -20.60
CA GLU H 213 16.03 23.12 -21.73
C GLU H 213 17.38 23.53 -21.21
N ILE H 214 17.42 24.54 -20.33
CA ILE H 214 18.68 25.05 -19.83
C ILE H 214 19.44 23.98 -19.05
N ARG H 215 18.72 23.28 -18.18
CA ARG H 215 19.31 22.14 -17.51
C ARG H 215 19.88 21.10 -18.47
N ALA H 216 19.22 20.85 -19.59
CA ALA H 216 19.72 19.84 -20.53
C ALA H 216 21.03 20.30 -21.11
N ILE H 217 21.11 21.60 -21.39
CA ILE H 217 22.25 22.21 -22.04
C ILE H 217 23.45 22.22 -21.11
N VAL H 218 23.21 22.58 -19.86
CA VAL H 218 24.24 22.60 -18.82
C VAL H 218 24.80 21.20 -18.61
N ASP H 219 23.94 20.19 -18.66
CA ASP H 219 24.38 18.80 -18.55
C ASP H 219 25.23 18.36 -19.73
N GLU H 220 24.83 18.69 -20.94
CA GLU H 220 25.58 18.29 -22.12
C GLU H 220 26.94 18.98 -22.22
N ALA H 221 27.01 20.21 -21.77
CA ALA H 221 28.26 20.92 -21.64
C ALA H 221 29.17 20.30 -20.58
N GLU H 222 28.61 19.97 -19.43
CA GLU H 222 29.40 19.37 -18.35
C GLU H 222 29.90 18.00 -18.79
N ALA H 223 29.06 17.29 -19.53
CA ALA H 223 29.42 15.99 -20.10
C ALA H 223 30.66 16.05 -21.00
N ALA H 224 30.90 17.19 -21.63
CA ALA H 224 32.09 17.41 -22.43
C ALA H 224 33.12 18.24 -21.65
N ASN H 225 33.01 18.21 -20.32
CA ASN H 225 33.94 18.89 -19.41
C ASN H 225 34.15 20.36 -19.71
N THR H 226 33.04 21.05 -19.99
CA THR H 226 33.04 22.50 -20.17
C THR H 226 31.77 23.06 -19.48
N TYR H 227 31.43 24.31 -19.76
CA TYR H 227 30.39 25.02 -19.04
C TYR H 227 29.47 25.83 -19.99
N VAL H 228 28.38 26.35 -19.44
CA VAL H 228 27.50 27.23 -20.19
C VAL H 228 27.70 28.68 -19.79
N MET H 229 27.79 29.56 -20.79
CA MET H 229 27.68 31.01 -20.57
C MET H 229 26.32 31.48 -21.04
N ALA H 230 25.74 32.47 -20.36
CA ALA H 230 24.34 32.81 -20.55
C ALA H 230 24.09 34.31 -20.58
N HIS H 231 23.43 34.77 -21.63
CA HIS H 231 23.10 36.16 -21.77
C HIS H 231 21.81 36.40 -20.99
N ALA H 232 21.80 37.41 -20.13
CA ALA H 232 20.74 37.58 -19.12
C ALA H 232 20.82 38.93 -18.36
N TYR H 233 19.74 39.70 -18.38
CA TYR H 233 19.74 41.05 -17.83
C TYR H 233 19.14 41.13 -16.43
N THR H 234 17.85 40.82 -16.30
CA THR H 234 17.17 41.07 -15.03
C THR H 234 17.60 40.03 -13.98
N GLY H 235 17.41 40.36 -12.72
CA GLY H 235 17.66 39.41 -11.63
C GLY H 235 16.81 38.15 -11.67
N ARG H 236 15.58 38.28 -12.18
CA ARG H 236 14.72 37.13 -12.39
C ARG H 236 15.31 36.17 -13.43
N ALA H 237 15.78 36.73 -14.55
CA ALA H 237 16.38 35.95 -15.61
C ALA H 237 17.72 35.33 -15.16
N ILE H 238 18.49 36.09 -14.41
CA ILE H 238 19.76 35.60 -13.89
C ILE H 238 19.55 34.46 -12.90
N ALA H 239 18.62 34.64 -11.97
CA ALA H 239 18.54 33.73 -10.85
C ALA H 239 18.24 32.32 -11.35
N ARG H 240 17.25 32.23 -12.21
CA ARG H 240 16.87 30.96 -12.78
C ARG H 240 18.02 30.31 -13.48
N ALA H 241 18.66 31.05 -14.35
CA ALA H 241 19.80 30.56 -15.15
C ALA H 241 20.89 30.00 -14.24
N VAL H 242 21.20 30.72 -13.17
CA VAL H 242 22.24 30.27 -12.27
C VAL H 242 21.83 28.98 -11.57
N ARG H 243 20.57 28.90 -11.16
CA ARG H 243 20.12 27.72 -10.43
C ARG H 243 19.95 26.52 -11.34
N CYS H 244 19.88 26.77 -12.65
CA CYS H 244 19.92 25.66 -13.61
C CYS H 244 21.34 25.19 -13.86
N GLY H 245 22.32 26.01 -13.51
CA GLY H 245 23.68 25.53 -13.43
C GLY H 245 24.61 26.20 -14.40
N VAL H 246 24.28 27.42 -14.81
CA VAL H 246 25.17 28.10 -15.72
C VAL H 246 26.25 28.80 -14.92
N ARG H 247 27.41 28.95 -15.53
CA ARG H 247 28.63 29.26 -14.80
C ARG H 247 28.97 30.73 -14.95
N THR H 248 28.84 31.25 -16.16
CA THR H 248 29.03 32.67 -16.33
C THR H 248 27.77 33.38 -16.86
N ILE H 249 27.51 34.58 -16.33
CA ILE H 249 26.37 35.37 -16.74
C ILE H 249 26.90 36.52 -17.57
N GLU H 250 26.38 36.70 -18.78
CA GLU H 250 26.78 37.81 -19.63
C GLU H 250 25.92 39.03 -19.41
N HIS H 251 26.54 40.21 -19.47
CA HIS H 251 25.87 41.49 -19.23
C HIS H 251 25.43 41.65 -17.79
N GLY H 252 24.24 41.17 -17.46
CA GLY H 252 23.77 41.17 -16.09
C GLY H 252 23.53 42.57 -15.55
N ASN H 253 23.07 43.48 -16.41
CA ASN H 253 22.97 44.88 -16.08
C ASN H 253 21.91 45.19 -15.03
N LEU H 254 20.90 44.34 -14.92
CA LEU H 254 19.77 44.60 -14.04
C LEU H 254 19.63 43.59 -12.91
N VAL H 255 20.71 43.37 -12.16
CA VAL H 255 20.66 42.49 -11.00
C VAL H 255 20.06 43.20 -9.81
N ASP H 256 19.37 42.45 -8.96
CA ASP H 256 19.14 42.83 -7.57
C ASP H 256 20.15 42.10 -6.70
N GLU H 257 20.27 42.48 -5.44
CA GLU H 257 21.26 41.86 -4.58
C GLU H 257 20.92 40.42 -4.21
N ALA H 258 19.63 40.11 -4.18
CA ALA H 258 19.18 38.73 -4.01
C ALA H 258 19.79 37.76 -5.05
N ALA H 259 19.77 38.15 -6.33
CA ALA H 259 20.37 37.38 -7.42
C ALA H 259 21.90 37.40 -7.34
N ALA H 260 22.44 38.55 -6.97
CA ALA H 260 23.86 38.67 -6.73
C ALA H 260 24.33 37.71 -5.64
N LYS H 261 23.56 37.63 -4.55
CA LYS H 261 23.91 36.73 -3.46
C LYS H 261 23.90 35.29 -3.93
N LEU H 262 22.91 34.95 -4.75
CA LEU H 262 22.75 33.59 -5.27
C LEU H 262 23.92 33.23 -6.18
N MET H 263 24.37 34.20 -6.95
CA MET H 263 25.53 34.02 -7.81
C MET H 263 26.78 33.71 -7.01
N HIS H 264 27.06 34.55 -6.03
CA HIS H 264 28.23 34.37 -5.18
C HIS H 264 28.22 32.98 -4.59
N GLU H 265 27.11 32.64 -3.96
CA GLU H 265 26.90 31.34 -3.35
C GLU H 265 27.14 30.16 -4.29
N HIS H 266 26.61 30.23 -5.51
CA HIS H 266 26.80 29.15 -6.47
C HIS H 266 28.18 29.15 -7.11
N GLY H 267 28.90 30.25 -6.96
CA GLY H 267 30.23 30.42 -7.55
C GLY H 267 30.16 30.73 -9.02
N ALA H 268 29.18 31.53 -9.41
CA ALA H 268 29.01 31.89 -10.81
C ALA H 268 29.67 33.24 -11.11
N PHE H 269 30.18 33.39 -12.33
CA PHE H 269 30.91 34.61 -12.70
C PHE H 269 29.98 35.52 -13.49
N VAL H 270 30.38 36.79 -13.61
CA VAL H 270 29.66 37.78 -14.41
C VAL H 270 30.59 38.47 -15.35
N VAL H 271 30.11 38.70 -16.57
CA VAL H 271 30.91 39.43 -17.50
C VAL H 271 30.10 40.62 -17.98
N PRO H 272 30.22 41.74 -17.24
CA PRO H 272 29.62 42.99 -17.69
C PRO H 272 30.22 43.46 -19.01
N THR H 273 29.44 44.18 -19.80
CA THR H 273 29.93 44.67 -21.10
C THR H 273 29.53 46.11 -21.29
N LEU H 274 29.83 46.95 -20.29
CA LEU H 274 29.31 48.31 -20.24
C LEU H 274 29.64 49.16 -21.45
N VAL H 275 30.82 48.95 -22.04
CA VAL H 275 31.32 49.83 -23.07
C VAL H 275 30.45 49.81 -24.32
N THR H 276 29.79 48.68 -24.58
CA THR H 276 28.95 48.54 -25.76
C THR H 276 27.72 49.43 -25.70
N TYR H 277 27.28 49.77 -24.50
CA TYR H 277 26.07 50.55 -24.35
C TYR H 277 26.33 52.03 -24.57
N ASP H 278 27.50 52.49 -24.15
CA ASP H 278 27.92 53.86 -24.42
C ASP H 278 28.13 54.08 -25.92
N ALA H 279 28.70 53.09 -26.59
CA ALA H 279 28.95 53.15 -28.02
C ALA H 279 27.64 53.14 -28.80
N LEU H 280 26.70 52.29 -28.40
CA LEU H 280 25.37 52.26 -29.00
C LEU H 280 24.49 53.44 -28.60
N ALA H 281 24.87 54.16 -27.52
CA ALA H 281 24.24 55.44 -27.21
C ALA H 281 24.62 56.47 -28.27
N LYS H 282 25.91 56.71 -28.42
CA LYS H 282 26.40 57.69 -29.39
C LYS H 282 26.05 57.33 -30.84
N HIS H 283 26.48 56.15 -31.27
CA HIS H 283 26.49 55.84 -32.70
C HIS H 283 25.57 54.67 -33.05
N GLY H 284 24.38 54.68 -32.46
CA GLY H 284 23.49 53.53 -32.51
C GLY H 284 22.77 53.40 -33.83
N ALA H 285 21.75 54.24 -34.02
CA ALA H 285 21.00 54.30 -35.27
C ALA H 285 21.90 54.78 -36.41
N GLU H 286 23.03 55.37 -36.04
CA GLU H 286 24.02 55.92 -36.96
C GLU H 286 24.83 54.85 -37.71
N PHE H 287 25.12 53.73 -37.05
CA PHE H 287 25.90 52.64 -37.67
C PHE H 287 25.07 51.46 -38.18
N GLY H 288 23.76 51.68 -38.34
CA GLY H 288 22.91 50.76 -39.11
C GLY H 288 22.13 49.74 -38.29
N MET H 289 22.09 49.93 -36.97
CA MET H 289 21.27 49.07 -36.09
C MET H 289 19.85 49.60 -35.99
N PRO H 290 18.85 48.72 -36.26
CA PRO H 290 17.41 49.02 -36.33
C PRO H 290 16.91 49.98 -35.24
N PRO H 291 16.01 50.91 -35.62
CA PRO H 291 15.58 52.03 -34.75
C PRO H 291 14.95 51.61 -33.42
N GLU H 292 14.33 50.43 -33.38
CA GLU H 292 13.67 49.94 -32.16
C GLU H 292 14.59 49.08 -31.29
N SER H 293 15.84 48.90 -31.73
CA SER H 293 16.90 48.31 -30.90
C SER H 293 17.64 49.39 -30.10
N VAL H 294 17.79 50.57 -30.71
CA VAL H 294 18.37 51.74 -30.03
C VAL H 294 17.40 52.31 -28.98
N ALA H 295 16.12 52.00 -29.14
CA ALA H 295 15.12 52.34 -28.13
C ALA H 295 15.38 51.57 -26.84
N LYS H 296 15.85 50.33 -26.98
CA LYS H 296 16.08 49.41 -25.86
C LYS H 296 17.40 49.63 -25.11
N VAL H 297 18.30 50.41 -25.70
CA VAL H 297 19.64 50.60 -25.17
C VAL H 297 19.69 51.69 -24.09
N ALA H 298 18.69 52.56 -24.10
CA ALA H 298 18.62 53.65 -23.12
C ALA H 298 18.53 53.13 -21.68
N SER H 299 17.84 52.00 -21.50
CA SER H 299 17.45 51.54 -20.16
C SER H 299 18.52 50.71 -19.45
N VAL H 300 19.35 50.01 -20.21
CA VAL H 300 20.32 49.09 -19.62
C VAL H 300 21.60 49.76 -19.13
N GLN H 301 21.95 50.90 -19.70
CA GLN H 301 23.20 51.57 -19.37
C GLN H 301 23.07 52.35 -18.08
N GLN H 302 21.83 52.67 -17.72
CA GLN H 302 21.52 53.35 -16.46
C GLN H 302 22.08 52.59 -15.27
N LYS H 303 21.44 51.48 -14.93
CA LYS H 303 21.85 50.62 -13.83
C LYS H 303 23.19 49.92 -14.07
N GLY H 304 23.80 50.16 -15.23
CA GLY H 304 24.96 49.40 -15.66
C GLY H 304 26.16 49.59 -14.75
N ARG H 305 26.51 50.85 -14.54
CA ARG H 305 27.53 51.24 -13.57
C ARG H 305 27.14 50.78 -12.17
N GLU H 306 25.87 50.98 -11.83
CA GLU H 306 25.37 50.67 -10.50
C GLU H 306 25.50 49.18 -10.17
N SER H 307 25.29 48.33 -11.15
CA SER H 307 25.33 46.88 -10.96
C SER H 307 26.70 46.41 -10.50
N LEU H 308 27.75 47.02 -11.05
CA LEU H 308 29.14 46.68 -10.70
C LEU H 308 29.37 46.70 -9.20
N GLU H 309 28.80 47.70 -8.53
CA GLU H 309 28.89 47.82 -7.09
C GLU H 309 28.19 46.66 -6.40
N ILE H 310 26.97 46.37 -6.84
CA ILE H 310 26.21 45.25 -6.30
C ILE H 310 27.00 43.95 -6.40
N TYR H 311 27.63 43.71 -7.54
CA TYR H 311 28.41 42.48 -7.75
C TYR H 311 29.60 42.44 -6.82
N ALA H 312 30.24 43.60 -6.65
CA ALA H 312 31.39 43.73 -5.77
C ALA H 312 30.97 43.53 -4.32
N ASN H 313 29.84 44.10 -3.94
CA ASN H 313 29.28 43.92 -2.61
C ASN H 313 28.97 42.47 -2.25
N ALA H 314 28.35 41.75 -3.17
CA ALA H 314 28.02 40.35 -2.94
C ALA H 314 29.24 39.42 -3.04
N GLY H 315 30.31 39.94 -3.59
CA GLY H 315 31.53 39.17 -3.78
C GLY H 315 31.42 38.25 -4.99
N VAL H 316 30.91 38.79 -6.10
CA VAL H 316 30.82 38.02 -7.35
C VAL H 316 31.94 38.38 -8.29
N LYS H 317 32.72 37.38 -8.69
CA LYS H 317 33.77 37.58 -9.68
C LYS H 317 33.29 38.18 -11.02
N MET H 318 34.00 39.21 -11.48
CA MET H 318 33.65 39.93 -12.70
C MET H 318 34.77 39.86 -13.72
N GLY H 319 34.46 39.34 -14.91
CA GLY H 319 35.43 39.25 -15.99
C GLY H 319 35.35 40.46 -16.89
N PHE H 320 36.37 40.65 -17.72
CA PHE H 320 36.37 41.70 -18.72
C PHE H 320 35.50 41.31 -19.92
N GLY H 321 34.66 42.22 -20.40
CA GLY H 321 33.89 42.00 -21.63
C GLY H 321 33.60 43.28 -22.39
N SER H 322 33.61 43.21 -23.73
CA SER H 322 33.29 44.37 -24.55
CA SER H 322 33.35 44.37 -24.58
C SER H 322 31.96 44.25 -25.28
N ASP H 323 31.85 43.24 -26.12
CA ASP H 323 30.63 42.98 -26.88
C ASP H 323 30.35 44.08 -27.92
N LEU H 324 31.41 44.59 -28.52
CA LEU H 324 31.24 45.66 -29.50
C LEU H 324 30.96 45.12 -30.88
N LEU H 325 30.10 45.79 -31.64
CA LEU H 325 29.72 45.35 -32.98
C LEU H 325 30.18 46.35 -34.02
N GLY H 326 30.56 45.84 -35.20
CA GLY H 326 30.91 46.69 -36.32
C GLY H 326 32.08 47.60 -36.05
N GLU H 327 31.97 48.84 -36.49
CA GLU H 327 33.08 49.78 -36.41
C GLU H 327 33.26 50.33 -35.00
N MET H 328 32.28 50.08 -34.14
CA MET H 328 32.37 50.38 -32.71
C MET H 328 33.37 49.45 -32.02
N HIS H 329 34.02 48.62 -32.83
CA HIS H 329 35.00 47.68 -32.33
C HIS H 329 36.25 48.34 -31.78
N ALA H 330 36.49 49.58 -32.19
CA ALA H 330 37.69 50.32 -31.80
C ALA H 330 37.66 50.71 -30.33
N PHE H 331 36.46 50.74 -29.75
CA PHE H 331 36.31 51.26 -28.41
C PHE H 331 36.62 50.20 -27.37
N GLN H 332 37.19 49.09 -27.84
CA GLN H 332 37.33 47.91 -27.00
C GLN H 332 37.97 48.20 -25.65
N SER H 333 39.03 49.01 -25.63
CA SER H 333 39.86 49.19 -24.44
C SER H 333 39.22 50.08 -23.41
N GLY H 334 38.20 50.82 -23.84
CA GLY H 334 37.52 51.80 -23.00
C GLY H 334 36.84 51.18 -21.80
N GLU H 335 36.58 49.87 -21.86
CA GLU H 335 35.93 49.17 -20.77
C GLU H 335 36.76 49.18 -19.48
N PHE H 336 38.07 49.13 -19.63
CA PHE H 336 39.01 49.32 -18.53
C PHE H 336 38.73 50.59 -17.74
N ARG H 337 38.52 51.68 -18.48
CA ARG H 337 38.30 53.00 -17.90
C ARG H 337 37.01 53.00 -17.09
N ILE H 338 35.93 52.57 -17.72
CA ILE H 338 34.62 52.51 -17.08
C ILE H 338 34.64 51.71 -15.78
N ARG H 339 35.36 50.59 -15.78
CA ARG H 339 35.41 49.76 -14.60
C ARG H 339 36.32 50.36 -13.55
N ALA H 340 37.38 51.02 -14.00
CA ALA H 340 38.31 51.66 -13.11
C ALA H 340 37.61 52.78 -12.33
N GLU H 341 36.66 53.44 -12.99
CA GLU H 341 35.93 54.52 -12.34
C GLU H 341 35.08 54.06 -11.16
N VAL H 342 34.62 52.83 -11.19
CA VAL H 342 33.69 52.34 -10.18
C VAL H 342 34.39 51.51 -9.12
N LEU H 343 35.19 50.54 -9.57
CA LEU H 343 36.05 49.77 -8.67
C LEU H 343 37.48 50.24 -8.89
N GLY H 344 38.41 49.94 -8.01
CA GLY H 344 39.77 50.46 -8.19
C GLY H 344 40.39 49.89 -9.44
N ASN H 345 41.32 50.60 -10.08
CA ASN H 345 41.93 50.07 -11.30
C ASN H 345 42.83 48.85 -11.13
N LEU H 346 43.07 48.40 -9.90
CA LEU H 346 43.60 47.07 -9.66
C LEU H 346 42.58 46.04 -10.10
N GLU H 347 41.33 46.27 -9.69
CA GLU H 347 40.24 45.39 -10.06
C GLU H 347 40.01 45.36 -11.57
N ALA H 348 40.00 46.53 -12.18
CA ALA H 348 39.79 46.64 -13.61
C ALA H 348 40.76 45.76 -14.34
N LEU H 349 42.02 45.76 -13.89
CA LEU H 349 43.07 44.94 -14.49
C LEU H 349 42.90 43.47 -14.16
N ARG H 350 42.56 43.17 -12.91
CA ARG H 350 42.24 41.82 -12.49
C ARG H 350 41.17 41.14 -13.35
N SER H 351 40.19 41.91 -13.80
CA SER H 351 39.09 41.37 -14.59
CA SER H 351 39.09 41.37 -14.59
C SER H 351 39.56 40.83 -15.94
N ALA H 352 40.64 41.40 -16.46
CA ALA H 352 41.09 41.05 -17.79
C ALA H 352 42.24 40.05 -17.74
N THR H 353 42.57 39.60 -16.54
CA THR H 353 43.76 38.78 -16.35
C THR H 353 43.46 37.56 -15.50
N THR H 354 43.60 37.71 -14.18
CA THR H 354 43.41 36.61 -13.23
C THR H 354 41.98 36.03 -13.25
N VAL H 355 40.97 36.89 -13.23
CA VAL H 355 39.59 36.44 -13.13
C VAL H 355 39.14 35.89 -14.47
N ALA H 356 39.57 36.56 -15.53
CA ALA H 356 39.34 36.11 -16.87
C ALA H 356 39.95 34.74 -17.07
N ALA H 357 41.23 34.59 -16.72
CA ALA H 357 41.90 33.32 -16.87
C ALA H 357 41.15 32.17 -16.20
N GLU H 358 40.52 32.45 -15.06
CA GLU H 358 39.70 31.47 -14.35
C GLU H 358 38.41 31.16 -15.12
N ILE H 359 37.75 32.19 -15.62
CA ILE H 359 36.57 31.99 -16.46
C ILE H 359 36.82 30.99 -17.60
N VAL H 360 37.94 31.16 -18.31
CA VAL H 360 38.26 30.26 -19.41
C VAL H 360 39.04 29.01 -18.98
N ASN H 361 39.10 28.76 -17.68
CA ASN H 361 39.67 27.53 -17.13
C ASN H 361 41.18 27.37 -17.35
N MET H 362 41.88 28.49 -17.39
CA MET H 362 43.31 28.46 -17.61
C MET H 362 44.00 29.14 -16.45
N GLN H 363 43.46 28.92 -15.25
CA GLN H 363 44.09 29.38 -14.01
C GLN H 363 45.49 28.79 -13.89
N GLY H 364 46.48 29.65 -13.73
CA GLY H 364 47.87 29.23 -13.76
C GLY H 364 48.48 29.25 -15.14
N GLN H 365 47.66 29.05 -16.18
CA GLN H 365 48.12 29.04 -17.57
C GLN H 365 48.21 30.42 -18.23
N LEU H 366 47.15 31.22 -18.09
CA LEU H 366 47.12 32.59 -18.57
C LEU H 366 46.82 33.58 -17.43
N GLY H 367 46.90 34.87 -17.74
CA GLY H 367 46.56 35.96 -16.83
C GLY H 367 47.47 36.13 -15.64
N VAL H 368 48.61 35.46 -15.66
CA VAL H 368 49.59 35.63 -14.59
C VAL H 368 51.01 35.52 -15.15
N ILE H 369 51.88 36.42 -14.71
CA ILE H 369 53.32 36.22 -14.90
C ILE H 369 53.89 35.38 -13.74
N ALA H 370 54.11 34.11 -14.00
CA ALA H 370 54.63 33.19 -13.00
C ALA H 370 55.34 32.06 -13.72
N VAL H 371 56.13 31.30 -12.99
CA VAL H 371 56.90 30.22 -13.60
C VAL H 371 55.99 29.07 -13.99
N GLY H 372 56.06 28.66 -15.24
CA GLY H 372 55.22 27.57 -15.72
C GLY H 372 54.16 28.07 -16.67
N ALA H 373 53.80 29.34 -16.54
CA ALA H 373 52.70 29.97 -17.30
C ALA H 373 53.05 30.21 -18.74
N ILE H 374 52.03 30.33 -19.59
CA ILE H 374 52.23 30.63 -21.00
C ILE H 374 52.73 32.07 -21.19
N ALA H 375 53.65 32.27 -22.12
CA ALA H 375 54.25 33.59 -22.31
C ALA H 375 53.36 34.50 -23.16
N ASP H 376 52.26 34.96 -22.56
CA ASP H 376 51.38 35.95 -23.18
C ASP H 376 51.51 37.26 -22.45
N LEU H 377 52.35 38.14 -22.98
CA LEU H 377 52.79 39.33 -22.28
C LEU H 377 52.46 40.56 -23.08
N VAL H 378 52.25 41.65 -22.35
CA VAL H 378 52.10 42.95 -22.95
C VAL H 378 53.14 43.82 -22.26
N VAL H 379 53.79 44.70 -23.02
CA VAL H 379 54.73 45.66 -22.47
C VAL H 379 54.21 47.08 -22.64
N LEU H 380 54.12 47.78 -21.52
CA LEU H 380 53.26 48.93 -21.36
C LEU H 380 54.09 50.15 -21.00
N ASP H 381 53.94 51.22 -21.75
CA ASP H 381 54.62 52.47 -21.45
C ASP H 381 53.93 53.28 -20.34
N GLY H 382 54.27 53.00 -19.10
CA GLY H 382 53.66 53.70 -17.98
C GLY H 382 53.11 52.71 -16.99
N ASN H 383 52.48 53.22 -15.94
CA ASN H 383 51.95 52.36 -14.89
C ASN H 383 50.42 52.41 -14.81
N PRO H 384 49.77 51.31 -15.21
CA PRO H 384 48.31 51.22 -15.24
C PRO H 384 47.71 51.25 -13.85
N LEU H 385 48.51 50.86 -12.87
CA LEU H 385 48.06 50.82 -11.49
C LEU H 385 47.73 52.21 -10.94
N GLU H 386 48.31 53.24 -11.55
CA GLU H 386 48.04 54.62 -11.13
C GLU H 386 47.36 55.47 -12.18
N ASP H 387 47.72 55.27 -13.44
CA ASP H 387 46.93 55.78 -14.54
C ASP H 387 46.36 54.65 -15.38
N ILE H 388 45.04 54.45 -15.27
CA ILE H 388 44.35 53.42 -16.04
C ILE H 388 44.36 53.75 -17.53
N GLY H 389 44.61 55.01 -17.87
CA GLY H 389 44.67 55.44 -19.24
C GLY H 389 45.74 54.78 -20.10
N VAL H 390 46.77 54.22 -19.48
CA VAL H 390 47.86 53.63 -20.27
C VAL H 390 47.37 52.38 -20.98
N VAL H 391 46.27 51.83 -20.49
CA VAL H 391 45.64 50.64 -21.05
C VAL H 391 44.38 50.98 -21.83
N ALA H 392 43.64 51.99 -21.37
CA ALA H 392 42.31 52.25 -21.85
C ALA H 392 42.23 53.26 -22.99
N ASP H 393 43.35 53.50 -23.66
CA ASP H 393 43.42 54.57 -24.65
C ASP H 393 43.56 54.04 -26.08
N GLU H 394 43.13 52.79 -26.27
CA GLU H 394 43.14 52.14 -27.59
C GLU H 394 44.54 52.00 -28.18
N GLY H 395 45.28 51.00 -27.71
CA GLY H 395 46.58 50.65 -28.28
C GLY H 395 47.66 51.71 -28.17
N ALA H 396 47.30 52.87 -27.64
CA ALA H 396 48.16 54.04 -27.64
C ALA H 396 49.51 53.72 -27.01
N ARG H 397 49.47 53.13 -25.82
CA ARG H 397 50.65 53.06 -24.97
C ARG H 397 51.21 51.64 -24.77
N VAL H 398 50.84 50.73 -25.66
CA VAL H 398 51.35 49.35 -25.62
C VAL H 398 52.29 49.14 -26.76
N GLU H 399 53.55 48.87 -26.47
CA GLU H 399 54.54 48.84 -27.52
C GLU H 399 55.13 47.47 -27.80
N TYR H 400 54.89 46.51 -26.92
CA TYR H 400 55.22 45.13 -27.27
C TYR H 400 54.08 44.21 -26.91
N VAL H 401 53.83 43.22 -27.76
CA VAL H 401 52.88 42.15 -27.46
C VAL H 401 53.50 40.79 -27.76
N LEU H 402 53.56 39.94 -26.75
CA LEU H 402 54.08 38.60 -26.90
C LEU H 402 52.96 37.59 -26.79
N GLN H 403 53.00 36.58 -27.65
CA GLN H 403 52.00 35.54 -27.68
C GLN H 403 52.72 34.20 -27.78
N ARG H 404 52.49 33.34 -26.80
CA ARG H 404 53.10 32.02 -26.72
C ARG H 404 54.58 32.05 -27.03
N GLY H 405 55.31 32.89 -26.32
CA GLY H 405 56.73 33.04 -26.56
C GLY H 405 57.07 34.12 -27.57
N THR H 406 56.51 34.00 -28.77
CA THR H 406 56.94 34.86 -29.87
C THR H 406 56.37 36.29 -29.79
N LEU H 407 57.17 37.25 -30.24
CA LEU H 407 56.76 38.66 -30.30
C LEU H 407 55.91 38.89 -31.54
N VAL H 408 54.77 39.56 -31.38
CA VAL H 408 53.80 39.69 -32.46
C VAL H 408 53.47 41.13 -32.83
N LYS H 409 53.71 42.06 -31.92
CA LYS H 409 53.52 43.48 -32.20
C LYS H 409 54.66 44.32 -31.67
N ARG H 410 55.15 45.25 -32.48
CA ARG H 410 56.15 46.22 -32.04
C ARG H 410 55.69 47.62 -32.44
N GLN H 411 55.38 48.45 -31.45
CA GLN H 411 54.66 49.68 -31.71
C GLN H 411 55.31 50.84 -30.98
N THR I 4 -18.90 -31.20 103.60
CA THR I 4 -19.67 -32.12 104.49
C THR I 4 -20.11 -33.42 103.77
N ILE I 5 -21.21 -33.99 104.22
CA ILE I 5 -21.44 -35.44 104.14
C ILE I 5 -22.95 -35.80 104.15
N THR I 6 -23.32 -36.81 103.36
CA THR I 6 -24.73 -37.21 103.14
C THR I 6 -24.91 -38.74 103.26
N VAL I 7 -26.04 -39.16 103.84
CA VAL I 7 -26.37 -40.59 103.95
C VAL I 7 -27.77 -40.92 103.43
N LEU I 8 -27.84 -41.73 102.38
CA LEU I 8 -29.06 -42.47 102.04
C LEU I 8 -29.14 -43.73 102.90
N GLN I 9 -30.20 -43.83 103.69
CA GLN I 9 -30.25 -44.84 104.73
C GLN I 9 -31.37 -45.87 104.55
N GLY I 10 -31.00 -47.14 104.63
CA GLY I 10 -31.97 -48.24 104.63
C GLY I 10 -32.42 -48.64 103.22
N GLY I 11 -31.67 -48.19 102.22
CA GLY I 11 -32.04 -48.40 100.83
C GLY I 11 -31.74 -49.81 100.35
N ASN I 12 -32.43 -50.23 99.31
CA ASN I 12 -32.08 -51.47 98.59
C ASN I 12 -31.10 -51.23 97.43
N VAL I 13 -29.80 -51.25 97.77
CA VAL I 13 -28.72 -50.96 96.84
C VAL I 13 -28.61 -52.03 95.75
N LEU I 14 -28.91 -51.65 94.50
CA LEU I 14 -28.75 -52.54 93.36
C LEU I 14 -27.28 -52.75 93.00
N ASP I 15 -26.81 -53.99 93.16
CA ASP I 15 -25.52 -54.39 92.62
C ASP I 15 -25.74 -55.17 91.31
N LEU I 16 -25.08 -54.72 90.26
CA LEU I 16 -25.41 -55.14 88.90
C LEU I 16 -24.59 -56.34 88.39
N GLU I 17 -23.36 -56.49 88.89
CA GLU I 17 -22.49 -57.61 88.51
C GLU I 17 -22.87 -58.94 89.19
N ARG I 18 -23.69 -58.87 90.24
CA ARG I 18 -24.28 -60.07 90.84
C ARG I 18 -25.78 -60.18 90.57
N GLY I 19 -26.41 -59.06 90.23
CA GLY I 19 -27.80 -59.04 89.76
C GLY I 19 -28.85 -59.10 90.87
N VAL I 20 -28.52 -58.53 92.03
CA VAL I 20 -29.36 -58.64 93.22
C VAL I 20 -29.44 -57.32 93.99
N LEU I 21 -30.63 -57.00 94.50
CA LEU I 21 -30.78 -55.94 95.52
C LEU I 21 -30.07 -56.30 96.83
N LEU I 22 -29.44 -55.31 97.46
CA LEU I 22 -28.91 -55.48 98.80
C LEU I 22 -29.72 -54.60 99.76
N GLU I 23 -30.75 -55.22 100.36
CA GLU I 23 -31.72 -54.50 101.20
C GLU I 23 -31.10 -53.89 102.45
N HIS I 24 -31.66 -52.75 102.87
CA HIS I 24 -31.26 -52.03 104.08
C HIS I 24 -29.76 -51.76 104.12
N HIS I 25 -29.18 -51.51 102.96
CA HIS I 25 -27.80 -51.04 102.85
C HIS I 25 -27.79 -49.53 102.78
N HIS I 26 -27.09 -48.91 103.74
CA HIS I 26 -26.84 -47.47 103.74
C HIS I 26 -25.73 -47.11 102.74
N VAL I 27 -25.83 -45.93 102.14
CA VAL I 27 -24.75 -45.42 101.29
C VAL I 27 -24.30 -44.02 101.67
N VAL I 28 -23.01 -43.89 101.99
CA VAL I 28 -22.46 -42.70 102.61
C VAL I 28 -21.63 -41.88 101.63
N ILE I 29 -22.11 -40.67 101.35
CA ILE I 29 -21.48 -39.75 100.40
C ILE I 29 -20.61 -38.74 101.14
N ASP I 30 -19.38 -38.56 100.69
CA ASP I 30 -18.59 -37.42 101.14
C ASP I 30 -18.05 -36.65 99.93
N GLY I 31 -18.44 -35.38 99.83
CA GLY I 31 -18.15 -34.56 98.65
C GLY I 31 -18.96 -34.99 97.43
N GLU I 32 -18.25 -35.49 96.41
CA GLU I 32 -18.89 -35.97 95.20
C GLU I 32 -18.77 -37.48 95.07
N ARG I 33 -18.11 -38.10 96.06
CA ARG I 33 -17.76 -39.52 96.00
C ARG I 33 -18.51 -40.36 97.04
N ILE I 34 -18.75 -41.63 96.69
CA ILE I 34 -19.30 -42.62 97.63
C ILE I 34 -18.18 -43.19 98.51
N VAL I 35 -18.35 -43.11 99.84
CA VAL I 35 -17.30 -43.53 100.78
C VAL I 35 -17.61 -44.84 101.48
N GLU I 36 -18.90 -45.13 101.67
CA GLU I 36 -19.29 -46.40 102.24
C GLU I 36 -20.60 -46.92 101.70
N VAL I 37 -20.64 -48.22 101.38
CA VAL I 37 -21.89 -48.97 101.20
C VAL I 37 -21.94 -50.17 102.16
N THR I 38 -22.91 -50.16 103.06
CA THR I 38 -22.87 -51.07 104.21
C THR I 38 -24.26 -51.19 104.84
N ASP I 39 -24.55 -52.35 105.44
CA ASP I 39 -25.80 -52.55 106.18
C ASP I 39 -25.62 -52.35 107.68
N ARG I 40 -24.51 -51.72 108.04
CA ARG I 40 -24.28 -51.23 109.40
C ARG I 40 -25.36 -50.25 109.82
N PRO I 41 -25.74 -50.29 111.10
CA PRO I 41 -26.09 -49.02 111.73
C PRO I 41 -24.89 -48.09 111.59
N VAL I 42 -25.09 -47.00 110.85
CA VAL I 42 -23.99 -46.16 110.44
C VAL I 42 -23.89 -44.89 111.30
N ASP I 43 -22.66 -44.40 111.45
CA ASP I 43 -22.31 -43.44 112.50
C ASP I 43 -22.51 -42.00 112.01
N LEU I 44 -23.76 -41.58 111.86
CA LEU I 44 -24.08 -40.29 111.21
C LEU I 44 -24.23 -39.13 112.19
N PRO I 45 -23.19 -38.29 112.27
CA PRO I 45 -23.29 -37.16 113.17
C PRO I 45 -23.86 -35.91 112.46
N ASN I 46 -23.14 -35.38 111.46
CA ASN I 46 -23.58 -34.18 110.70
C ASN I 46 -24.01 -34.53 109.28
N ALA I 47 -24.44 -35.77 109.07
CA ALA I 47 -24.84 -36.22 107.74
C ALA I 47 -26.27 -35.81 107.44
N GLN I 48 -26.49 -35.26 106.24
CA GLN I 48 -27.83 -35.13 105.69
C GLN I 48 -28.44 -36.50 105.49
N ALA I 49 -29.23 -36.93 106.47
CA ALA I 49 -29.96 -38.17 106.38
C ALA I 49 -31.17 -38.00 105.46
N ILE I 50 -31.12 -38.63 104.29
CA ILE I 50 -32.31 -38.83 103.47
C ILE I 50 -32.79 -40.28 103.60
N ASP I 51 -34.06 -40.44 103.98
CA ASP I 51 -34.62 -41.75 104.28
C ASP I 51 -35.10 -42.49 103.03
N VAL I 52 -34.46 -43.62 102.75
CA VAL I 52 -34.74 -44.40 101.55
C VAL I 52 -35.17 -45.81 101.95
N ARG I 53 -36.13 -45.90 102.86
CA ARG I 53 -36.63 -47.20 103.33
C ARG I 53 -37.53 -47.90 102.29
N GLY I 54 -37.25 -49.17 102.02
CA GLY I 54 -38.00 -49.96 101.05
C GLY I 54 -38.06 -49.38 99.64
N LYS I 55 -36.98 -48.72 99.23
CA LYS I 55 -36.86 -48.17 97.88
C LYS I 55 -35.49 -48.49 97.28
N THR I 56 -35.48 -48.75 95.98
CA THR I 56 -34.25 -49.09 95.28
C THR I 56 -33.38 -47.84 95.09
N VAL I 57 -32.14 -47.91 95.56
CA VAL I 57 -31.12 -46.94 95.17
C VAL I 57 -30.09 -47.60 94.23
N MET I 58 -30.01 -47.07 93.01
CA MET I 58 -29.10 -47.59 91.98
C MET I 58 -28.22 -46.47 91.38
N PRO I 59 -27.18 -46.85 90.59
CA PRO I 59 -26.46 -45.78 89.86
C PRO I 59 -27.38 -45.05 88.85
N GLY I 60 -27.17 -43.73 88.71
CA GLY I 60 -27.87 -42.91 87.72
C GLY I 60 -27.63 -43.36 86.29
N PHE I 61 -28.61 -43.10 85.42
CA PHE I 61 -28.59 -43.68 84.08
C PHE I 61 -27.71 -42.92 83.11
N ILE I 62 -26.97 -43.68 82.31
CA ILE I 62 -26.18 -43.15 81.22
C ILE I 62 -26.82 -43.50 79.87
N ASP I 63 -27.15 -42.47 79.08
CA ASP I 63 -27.60 -42.65 77.71
C ASP I 63 -26.46 -42.34 76.73
N CYS I 64 -26.05 -43.34 75.95
CA CYS I 64 -24.82 -43.25 75.15
C CYS I 64 -25.02 -42.66 73.74
N HIS I 65 -26.25 -42.24 73.44
CA HIS I 65 -26.57 -41.63 72.15
C HIS I 65 -27.78 -40.71 72.25
N VAL I 66 -27.50 -39.43 72.48
CA VAL I 66 -28.53 -38.39 72.41
C VAL I 66 -28.09 -37.19 71.55
N HIS I 67 -29.08 -36.40 71.16
CA HIS I 67 -28.85 -35.12 70.53
C HIS I 67 -29.56 -34.06 71.34
N VAL I 68 -28.86 -33.59 72.38
CA VAL I 68 -29.40 -32.57 73.29
C VAL I 68 -30.00 -31.37 72.55
N LEU I 69 -29.28 -30.89 71.54
CA LEU I 69 -29.73 -29.74 70.76
C LEU I 69 -30.85 -30.01 69.77
N ALA I 70 -31.15 -31.27 69.48
CA ALA I 70 -32.28 -31.61 68.59
C ALA I 70 -33.63 -31.23 69.20
N SER I 71 -34.08 -30.01 68.92
CA SER I 71 -35.31 -29.47 69.51
C SER I 71 -36.50 -29.45 68.53
N ASN I 72 -36.25 -29.84 67.29
CA ASN I 72 -37.32 -30.37 66.47
C ASN I 72 -36.83 -31.45 65.51
N ALA I 73 -37.78 -32.24 64.98
CA ALA I 73 -37.51 -33.54 64.38
C ALA I 73 -36.96 -33.49 62.93
N ASN I 74 -37.10 -32.32 62.29
CA ASN I 74 -36.40 -32.03 61.04
C ASN I 74 -35.04 -31.41 61.36
N LEU I 75 -34.01 -32.25 61.36
CA LEU I 75 -32.65 -31.80 61.67
C LEU I 75 -32.09 -30.82 60.63
N GLY I 76 -32.75 -30.74 59.47
CA GLY I 76 -32.40 -29.75 58.46
C GLY I 76 -32.80 -28.37 58.94
N VAL I 77 -34.05 -28.26 59.41
CA VAL I 77 -34.55 -27.00 59.93
C VAL I 77 -34.01 -26.70 61.35
N ASN I 78 -33.66 -27.74 62.10
CA ASN I 78 -32.95 -27.58 63.38
C ASN I 78 -31.63 -26.87 63.20
N ALA I 79 -30.94 -27.15 62.09
CA ALA I 79 -29.65 -26.53 61.79
C ALA I 79 -29.78 -25.08 61.33
N THR I 80 -30.93 -24.73 60.78
CA THR I 80 -31.14 -23.36 60.29
C THR I 80 -31.75 -22.43 61.33
N GLN I 81 -32.04 -22.94 62.52
CA GLN I 81 -32.61 -22.11 63.58
C GLN I 81 -31.55 -21.22 64.22
N PRO I 82 -31.92 -19.97 64.58
CA PRO I 82 -30.97 -18.99 65.14
C PRO I 82 -30.22 -19.56 66.34
N ASN I 83 -28.97 -19.14 66.49
CA ASN I 83 -28.03 -19.79 67.40
C ASN I 83 -28.51 -19.78 68.83
N ILE I 84 -28.85 -18.59 69.32
CA ILE I 84 -29.30 -18.42 70.69
C ILE I 84 -30.59 -19.23 71.00
N LEU I 85 -31.59 -19.15 70.12
CA LEU I 85 -32.82 -19.98 70.23
C LEU I 85 -32.53 -21.49 70.31
N ALA I 86 -31.56 -21.95 69.53
CA ALA I 86 -31.11 -23.34 69.55
C ALA I 86 -30.59 -23.69 70.92
N ALA I 87 -29.73 -22.82 71.45
CA ALA I 87 -29.17 -23.03 72.78
C ALA I 87 -30.24 -22.97 73.86
N ILE I 88 -31.21 -22.06 73.68
CA ILE I 88 -32.32 -21.94 74.63
C ILE I 88 -33.17 -23.22 74.69
N ARG I 89 -33.59 -23.67 73.51
CA ARG I 89 -34.52 -24.79 73.40
C ARG I 89 -33.94 -26.10 73.93
N SER I 90 -32.63 -26.13 74.15
CA SER I 90 -31.97 -27.32 74.62
C SER I 90 -32.04 -27.43 76.13
N LEU I 91 -32.53 -26.37 76.78
CA LEU I 91 -32.58 -26.32 78.25
C LEU I 91 -33.67 -27.17 78.96
N PRO I 92 -34.95 -27.08 78.48
CA PRO I 92 -36.01 -28.02 78.90
C PRO I 92 -35.65 -29.48 78.65
N ILE I 93 -35.07 -29.76 77.47
CA ILE I 93 -34.56 -31.08 77.08
C ILE I 93 -33.55 -31.65 78.08
N LEU I 94 -32.57 -30.84 78.44
CA LEU I 94 -31.54 -31.24 79.37
C LEU I 94 -32.11 -31.51 80.74
N ASP I 95 -33.09 -30.68 81.11
CA ASP I 95 -33.76 -30.80 82.39
C ASP I 95 -34.59 -32.07 82.46
N ALA I 96 -35.39 -32.30 81.42
CA ALA I 96 -36.30 -33.45 81.38
C ALA I 96 -35.54 -34.78 81.42
N MET I 97 -34.42 -34.83 80.70
CA MET I 97 -33.53 -35.98 80.79
C MET I 97 -33.08 -36.25 82.23
N LEU I 98 -32.74 -35.19 82.97
CA LEU I 98 -32.18 -35.35 84.29
C LEU I 98 -33.22 -35.89 85.26
N SER I 99 -34.45 -35.37 85.14
CA SER I 99 -35.56 -35.80 85.98
C SER I 99 -36.01 -37.23 85.66
N ARG I 100 -35.65 -37.73 84.49
CA ARG I 100 -35.82 -39.15 84.16
C ARG I 100 -34.66 -40.01 84.69
N GLY I 101 -33.84 -39.42 85.58
CA GLY I 101 -32.79 -40.18 86.26
C GLY I 101 -31.50 -40.34 85.48
N PHE I 102 -31.44 -39.69 84.31
CA PHE I 102 -30.23 -39.71 83.49
C PHE I 102 -29.27 -38.66 83.99
N THR I 103 -28.14 -39.12 84.54
CA THR I 103 -27.13 -38.24 85.11
C THR I 103 -25.92 -38.00 84.18
N SER I 104 -25.65 -38.94 83.28
CA SER I 104 -24.68 -38.70 82.20
C SER I 104 -25.32 -38.97 80.83
N VAL I 105 -24.96 -38.16 79.84
CA VAL I 105 -25.33 -38.43 78.44
C VAL I 105 -24.05 -38.37 77.60
N ARG I 106 -24.00 -39.17 76.53
CA ARG I 106 -23.01 -39.02 75.44
C ARG I 106 -23.75 -38.42 74.27
N ASP I 107 -23.32 -37.24 73.83
CA ASP I 107 -24.05 -36.53 72.79
C ASP I 107 -23.48 -36.90 71.42
N ALA I 108 -24.37 -37.26 70.50
CA ALA I 108 -23.92 -37.86 69.24
C ALA I 108 -23.64 -36.84 68.13
N GLY I 109 -23.34 -35.61 68.52
CA GLY I 109 -23.16 -34.52 67.55
C GLY I 109 -24.19 -33.43 67.78
N GLY I 110 -23.70 -32.22 68.05
CA GLY I 110 -24.56 -31.12 68.47
C GLY I 110 -23.96 -30.39 69.67
N ALA I 111 -23.96 -31.05 70.82
CA ALA I 111 -23.43 -30.45 72.04
C ALA I 111 -21.94 -30.24 71.96
N ASP I 112 -21.47 -29.15 72.54
CA ASP I 112 -20.05 -28.83 72.57
C ASP I 112 -19.49 -28.73 73.99
N TRP I 113 -18.22 -28.37 74.07
CA TRP I 113 -17.53 -28.21 75.32
C TRP I 113 -18.19 -27.15 76.24
N SER I 114 -18.72 -26.07 75.67
CA SER I 114 -19.43 -25.05 76.45
C SER I 114 -20.69 -25.57 77.15
N LEU I 115 -21.43 -26.46 76.48
CA LEU I 115 -22.62 -27.04 77.08
C LEU I 115 -22.22 -27.94 78.23
N MET I 116 -21.04 -28.57 78.08
CA MET I 116 -20.47 -29.43 79.11
C MET I 116 -20.15 -28.64 80.36
N GLN I 117 -19.58 -27.46 80.14
CA GLN I 117 -19.27 -26.53 81.22
C GLN I 117 -20.47 -25.98 82.00
N ALA I 118 -21.52 -25.57 81.28
CA ALA I 118 -22.75 -24.99 81.88
C ALA I 118 -23.53 -25.94 82.82
N VAL I 119 -23.48 -27.23 82.50
CA VAL I 119 -23.93 -28.22 83.45
C VAL I 119 -22.93 -28.39 84.61
N GLU I 120 -21.62 -28.48 84.29
CA GLU I 120 -20.58 -28.73 85.30
C GLU I 120 -20.32 -27.58 86.28
N THR I 121 -20.55 -26.36 85.86
CA THR I 121 -20.51 -25.23 86.77
C THR I 121 -21.88 -24.97 87.43
N GLY I 122 -22.92 -25.62 86.93
CA GLY I 122 -24.24 -25.55 87.54
C GLY I 122 -25.01 -24.35 87.05
N LEU I 123 -24.48 -23.73 86.00
CA LEU I 123 -25.17 -22.67 85.31
C LEU I 123 -26.47 -23.22 84.72
N VAL I 124 -26.46 -24.52 84.43
CA VAL I 124 -27.59 -25.17 83.77
C VAL I 124 -27.91 -26.55 84.36
N SER I 125 -29.21 -26.82 84.45
CA SER I 125 -29.71 -28.11 84.93
C SER I 125 -29.79 -29.23 83.85
N GLY I 126 -29.10 -30.33 84.09
CA GLY I 126 -29.13 -31.48 83.19
C GLY I 126 -27.99 -32.45 83.49
N PRO I 127 -27.88 -33.52 82.70
CA PRO I 127 -26.81 -34.53 82.85
C PRO I 127 -25.43 -34.02 82.46
N ARG I 128 -24.38 -34.54 83.08
CA ARG I 128 -23.01 -34.34 82.57
C ARG I 128 -22.96 -34.78 81.12
N ILE I 129 -22.34 -33.96 80.27
CA ILE I 129 -22.30 -34.22 78.83
C ILE I 129 -20.92 -34.73 78.38
N PHE I 130 -20.93 -35.76 77.54
CA PHE I 130 -19.75 -36.24 76.81
C PHE I 130 -19.90 -35.89 75.34
N PRO I 131 -19.42 -34.69 74.95
CA PRO I 131 -19.76 -34.09 73.67
C PRO I 131 -18.87 -34.58 72.53
N SER I 132 -19.50 -34.69 71.36
CA SER I 132 -18.83 -35.17 70.15
C SER I 132 -18.33 -33.99 69.36
N GLY I 133 -18.80 -32.81 69.76
CA GLY I 133 -18.77 -31.65 68.90
C GLY I 133 -19.74 -31.88 67.76
N LYS I 134 -19.19 -31.92 66.55
CA LYS I 134 -20.04 -32.11 65.39
C LYS I 134 -19.73 -33.47 64.74
N ALA I 135 -20.78 -34.18 64.35
CA ALA I 135 -20.62 -35.46 63.63
C ALA I 135 -19.99 -35.21 62.25
N LEU I 136 -18.94 -35.96 61.93
CA LEU I 136 -18.31 -35.90 60.61
C LEU I 136 -19.15 -36.64 59.59
N SER I 137 -19.48 -35.98 58.48
CA SER I 137 -20.24 -36.61 57.40
C SER I 137 -19.64 -36.24 56.05
N GLN I 138 -19.62 -37.18 55.12
CA GLN I 138 -19.16 -36.88 53.78
C GLN I 138 -20.25 -36.09 53.06
N THR I 139 -19.92 -35.56 51.88
CA THR I 139 -20.89 -34.85 51.05
C THR I 139 -21.98 -35.82 50.59
N GLY I 140 -23.22 -35.38 50.73
CA GLY I 140 -24.37 -36.22 50.44
C GLY I 140 -24.58 -37.25 51.52
N GLY I 141 -23.89 -37.08 52.64
CA GLY I 141 -23.93 -38.06 53.71
C GLY I 141 -25.17 -37.98 54.58
N HIS I 142 -25.20 -38.83 55.61
CA HIS I 142 -26.23 -38.78 56.63
C HIS I 142 -26.21 -37.46 57.44
N GLY I 143 -25.17 -36.65 57.24
CA GLY I 143 -25.04 -35.37 57.93
C GLY I 143 -25.26 -34.20 57.01
N ASP I 144 -25.34 -34.47 55.71
CA ASP I 144 -25.52 -33.40 54.73
C ASP I 144 -27.00 -33.23 54.46
N PHE I 145 -27.56 -32.12 54.93
CA PHE I 145 -29.01 -31.92 54.87
C PHE I 145 -29.47 -31.08 53.67
N ARG I 146 -28.63 -30.98 52.66
CA ARG I 146 -28.99 -30.26 51.45
C ARG I 146 -29.91 -31.09 50.54
N PRO I 147 -30.98 -30.45 50.03
CA PRO I 147 -31.93 -31.13 49.13
C PRO I 147 -31.28 -31.53 47.80
N ARG I 148 -31.92 -32.45 47.08
CA ARG I 148 -31.41 -32.96 45.80
C ARG I 148 -31.11 -31.89 44.74
N LEU I 152 -27.42 -27.14 43.05
CA LEU I 152 -26.95 -26.58 44.32
C LEU I 152 -25.69 -27.30 44.80
N GLU I 153 -24.81 -26.58 45.51
CA GLU I 153 -23.68 -27.20 46.22
C GLU I 153 -22.82 -26.30 47.12
N PRO I 154 -21.54 -26.04 46.74
CA PRO I 154 -20.43 -26.09 47.71
C PRO I 154 -20.16 -24.79 48.48
N CYS I 155 -20.34 -24.81 49.81
CA CYS I 155 -20.16 -23.60 50.67
C CYS I 155 -20.02 -23.81 52.19
N SER I 156 -21.01 -23.32 52.94
CA SER I 156 -21.08 -23.36 54.42
C SER I 156 -20.25 -22.38 55.25
N CYS I 157 -18.99 -22.72 55.53
CA CYS I 157 -18.17 -21.98 56.53
C CYS I 157 -18.60 -22.19 57.97
N CYS I 158 -19.60 -21.42 58.41
CA CYS I 158 -19.77 -21.16 59.84
C CYS I 158 -20.72 -22.07 60.61
N PHE I 159 -20.31 -22.41 61.83
CA PHE I 159 -20.94 -23.49 62.55
C PHE I 159 -22.16 -23.01 63.32
N ARG I 160 -23.33 -23.30 62.76
CA ARG I 160 -24.58 -23.14 63.46
C ARG I 160 -24.56 -24.03 64.71
N THR I 161 -24.91 -23.47 65.86
CA THR I 161 -25.04 -24.27 67.09
C THR I 161 -26.24 -25.22 67.05
N GLY I 162 -27.15 -25.03 66.09
CA GLY I 162 -28.25 -25.96 65.82
C GLY I 162 -27.96 -27.08 64.83
N ALA I 163 -26.68 -27.26 64.48
CA ALA I 163 -26.29 -28.24 63.49
C ALA I 163 -25.67 -29.46 64.15
N ILE I 164 -26.17 -30.64 63.78
CA ILE I 164 -25.74 -31.93 64.33
C ILE I 164 -24.35 -32.33 63.81
N ALA I 165 -24.13 -32.09 62.52
CA ALA I 165 -22.97 -32.64 61.83
C ALA I 165 -22.17 -31.55 61.15
N ARG I 166 -21.05 -31.93 60.55
CA ARG I 166 -20.39 -31.08 59.57
C ARG I 166 -19.93 -31.88 58.36
N VAL I 167 -19.93 -31.26 57.19
CA VAL I 167 -19.56 -31.97 55.96
C VAL I 167 -18.08 -31.78 55.61
N VAL I 168 -17.31 -32.86 55.66
CA VAL I 168 -15.87 -32.79 55.33
C VAL I 168 -15.49 -34.02 54.54
N ASP I 169 -14.66 -33.83 53.52
CA ASP I 169 -14.22 -34.97 52.71
C ASP I 169 -12.70 -35.05 52.58
N GLY I 170 -12.20 -36.26 52.28
CA GLY I 170 -10.78 -36.44 52.00
C GLY I 170 -9.94 -36.65 53.23
N VAL I 171 -8.78 -37.30 53.01
CA VAL I 171 -7.94 -37.75 54.13
C VAL I 171 -7.54 -36.57 54.99
N GLU I 172 -6.87 -35.60 54.37
CA GLU I 172 -6.47 -34.38 55.06
C GLU I 172 -7.63 -33.57 55.64
N GLY I 173 -8.76 -33.60 54.93
CA GLY I 173 -9.97 -32.93 55.38
C GLY I 173 -10.46 -33.46 56.71
N VAL I 174 -10.61 -34.78 56.81
CA VAL I 174 -11.15 -35.36 58.04
C VAL I 174 -10.11 -35.34 59.14
N ARG I 175 -8.84 -35.42 58.75
CA ARG I 175 -7.72 -35.28 59.68
C ARG I 175 -7.78 -33.91 60.40
N LEU I 176 -7.92 -32.86 59.60
CA LEU I 176 -8.01 -31.52 60.13
C LEU I 176 -9.25 -31.42 61.01
N ALA I 177 -10.35 -32.01 60.53
CA ALA I 177 -11.63 -31.85 61.20
C ALA I 177 -11.62 -32.47 62.61
N VAL I 178 -10.96 -33.61 62.73
CA VAL I 178 -10.74 -34.28 64.01
C VAL I 178 -9.93 -33.40 64.97
N ARG I 179 -8.73 -33.04 64.51
CA ARG I 179 -7.87 -32.09 65.21
C ARG I 179 -8.62 -30.85 65.69
N GLU I 180 -9.47 -30.30 64.82
CA GLU I 180 -10.28 -29.16 65.20
C GLU I 180 -11.24 -29.47 66.32
N GLU I 181 -11.96 -30.60 66.19
CA GLU I 181 -13.05 -30.92 67.10
C GLU I 181 -12.52 -31.25 68.48
N ILE I 182 -11.33 -31.85 68.51
CA ILE I 182 -10.64 -32.15 69.78
C ILE I 182 -10.16 -30.88 70.50
N GLN I 183 -9.48 -30.00 69.76
CA GLN I 183 -9.05 -28.73 70.28
C GLN I 183 -10.26 -28.00 70.86
N LYS I 184 -11.40 -28.10 70.19
CA LYS I 184 -12.64 -27.48 70.64
C LYS I 184 -13.18 -28.15 71.90
N GLY I 185 -12.69 -29.35 72.21
CA GLY I 185 -13.02 -30.02 73.47
C GLY I 185 -13.94 -31.24 73.39
N ALA I 186 -13.97 -31.92 72.23
CA ALA I 186 -14.76 -33.13 72.09
C ALA I 186 -14.15 -34.26 72.92
N THR I 187 -15.01 -35.08 73.52
CA THR I 187 -14.56 -36.21 74.36
C THR I 187 -14.36 -37.45 73.49
N GLN I 188 -15.23 -37.60 72.50
CA GLN I 188 -15.09 -38.61 71.45
C GLN I 188 -15.52 -38.04 70.07
N ILE I 189 -15.21 -38.77 69.01
CA ILE I 189 -15.49 -38.37 67.62
C ILE I 189 -16.60 -39.21 66.94
N LYS I 190 -17.69 -38.56 66.54
CA LYS I 190 -18.80 -39.25 65.84
C LYS I 190 -18.66 -39.10 64.32
N ILE I 191 -18.77 -40.22 63.59
CA ILE I 191 -18.80 -40.16 62.14
C ILE I 191 -20.03 -40.87 61.61
N MET I 192 -20.53 -40.41 60.47
CA MET I 192 -21.56 -41.14 59.74
C MET I 192 -20.91 -42.07 58.73
N ALA I 193 -21.00 -43.38 58.97
CA ALA I 193 -20.34 -44.40 58.13
C ALA I 193 -21.32 -45.17 57.22
N SER I 194 -22.59 -44.81 57.26
CA SER I 194 -23.58 -45.44 56.41
C SER I 194 -24.71 -44.46 56.18
N GLY I 195 -25.55 -44.75 55.19
CA GLY I 195 -26.79 -44.02 54.97
C GLY I 195 -27.70 -44.16 56.19
N GLY I 196 -28.74 -43.35 56.27
CA GLY I 196 -29.55 -43.31 57.47
C GLY I 196 -31.03 -43.16 57.20
N VAL I 197 -31.71 -42.49 58.12
CA VAL I 197 -33.15 -42.25 58.02
C VAL I 197 -33.48 -40.75 57.98
N ALA I 198 -32.71 -39.97 58.74
CA ALA I 198 -32.99 -38.55 59.00
C ALA I 198 -32.45 -37.57 57.94
N SER I 199 -31.71 -38.09 56.96
CA SER I 199 -31.13 -37.26 55.91
C SER I 199 -31.85 -37.48 54.58
N PRO I 200 -31.87 -36.45 53.70
CA PRO I 200 -32.66 -36.49 52.46
C PRO I 200 -32.19 -37.50 51.39
N THR I 201 -30.89 -37.56 51.12
CA THR I 201 -30.36 -38.07 49.84
C THR I 201 -29.78 -39.48 49.84
N ASP I 202 -29.52 -40.02 51.04
CA ASP I 202 -28.81 -41.30 51.17
C ASP I 202 -29.71 -42.48 51.57
N PRO I 203 -29.88 -43.44 50.64
CA PRO I 203 -30.49 -44.71 51.03
C PRO I 203 -29.65 -45.40 52.11
N ILE I 204 -30.29 -46.28 52.85
CA ILE I 204 -29.72 -46.79 54.09
C ILE I 204 -28.71 -47.89 53.79
N ALA I 205 -28.92 -48.56 52.67
CA ALA I 205 -28.07 -49.69 52.28
C ALA I 205 -26.61 -49.32 52.00
N ASN I 206 -26.35 -48.11 51.52
CA ASN I 206 -25.00 -47.73 51.09
C ASN I 206 -24.05 -47.09 52.11
N THR I 207 -22.75 -47.31 51.90
CA THR I 207 -21.73 -46.95 52.87
C THR I 207 -21.26 -45.51 52.72
N GLN I 208 -20.58 -44.99 53.73
CA GLN I 208 -20.09 -43.64 53.65
C GLN I 208 -18.64 -43.53 54.10
N TYR I 209 -17.89 -42.66 53.42
CA TYR I 209 -16.45 -42.49 53.66
C TYR I 209 -15.66 -43.66 53.13
N SER I 210 -14.48 -43.38 52.58
CA SER I 210 -13.51 -44.40 52.22
C SER I 210 -12.85 -44.99 53.47
N GLU I 211 -12.14 -46.10 53.29
CA GLU I 211 -11.42 -46.69 54.39
C GLU I 211 -10.21 -45.84 54.83
N ASP I 212 -9.55 -45.19 53.87
CA ASP I 212 -8.48 -44.23 54.19
C ASP I 212 -8.96 -43.08 55.08
N GLU I 213 -10.11 -42.53 54.74
CA GLU I 213 -10.73 -41.50 55.55
C GLU I 213 -10.99 -42.00 56.96
N ILE I 214 -11.66 -43.16 57.07
CA ILE I 214 -12.04 -43.71 58.38
C ILE I 214 -10.84 -44.07 59.24
N ARG I 215 -9.78 -44.57 58.61
CA ARG I 215 -8.55 -44.85 59.32
C ARG I 215 -7.88 -43.59 59.83
N ALA I 216 -7.87 -42.54 59.01
CA ALA I 216 -7.25 -41.28 59.44
C ALA I 216 -7.98 -40.74 60.66
N ILE I 217 -9.31 -40.80 60.61
CA ILE I 217 -10.16 -40.34 61.72
C ILE I 217 -9.84 -41.11 62.99
N VAL I 218 -9.75 -42.43 62.87
CA VAL I 218 -9.49 -43.26 64.05
C VAL I 218 -8.13 -42.97 64.66
N ASP I 219 -7.10 -42.95 63.82
CA ASP I 219 -5.76 -42.55 64.25
C ASP I 219 -5.73 -41.26 65.05
N GLU I 220 -6.32 -40.20 64.49
CA GLU I 220 -6.39 -38.89 65.15
C GLU I 220 -7.11 -38.92 66.50
N ALA I 221 -8.20 -39.68 66.60
CA ALA I 221 -8.92 -39.87 67.86
C ALA I 221 -8.04 -40.63 68.85
N GLU I 222 -7.27 -41.58 68.34
CA GLU I 222 -6.39 -42.35 69.20
C GLU I 222 -5.21 -41.52 69.66
N ALA I 223 -4.68 -40.68 68.78
CA ALA I 223 -3.57 -39.79 69.14
C ALA I 223 -3.99 -38.86 70.26
N ALA I 224 -5.30 -38.67 70.43
CA ALA I 224 -5.86 -37.81 71.49
C ALA I 224 -6.41 -38.65 72.63
N ASN I 225 -5.92 -39.89 72.72
CA ASN I 225 -6.45 -40.91 73.60
C ASN I 225 -7.97 -40.85 73.85
N THR I 226 -8.69 -40.83 72.75
CA THR I 226 -10.11 -41.13 72.71
C THR I 226 -10.36 -42.08 71.50
N TYR I 227 -11.63 -42.28 71.14
CA TYR I 227 -12.05 -43.32 70.21
C TYR I 227 -13.05 -42.74 69.19
N VAL I 228 -13.54 -43.58 68.28
CA VAL I 228 -14.57 -43.14 67.34
C VAL I 228 -15.88 -43.91 67.56
N MET I 229 -16.99 -43.20 67.71
CA MET I 229 -18.31 -43.81 67.51
C MET I 229 -18.75 -43.66 66.04
N ALA I 230 -19.46 -44.67 65.50
CA ALA I 230 -19.90 -44.66 64.09
C ALA I 230 -21.37 -45.08 63.88
N HIS I 231 -22.11 -44.23 63.19
CA HIS I 231 -23.46 -44.58 62.74
C HIS I 231 -23.38 -45.52 61.52
N ALA I 232 -23.95 -46.70 61.65
CA ALA I 232 -23.89 -47.75 60.60
C ALA I 232 -25.02 -48.76 60.74
N TYR I 233 -25.75 -49.03 59.66
CA TYR I 233 -26.86 -49.99 59.72
C TYR I 233 -26.49 -51.39 59.26
N THR I 234 -26.15 -51.54 57.98
CA THR I 234 -25.93 -52.86 57.39
C THR I 234 -24.64 -53.47 57.93
N GLY I 235 -24.62 -54.81 57.98
CA GLY I 235 -23.42 -55.55 58.35
C GLY I 235 -22.20 -55.22 57.48
N ARG I 236 -22.44 -54.95 56.21
CA ARG I 236 -21.36 -54.55 55.29
C ARG I 236 -20.70 -53.25 55.79
N ALA I 237 -21.51 -52.24 56.05
CA ALA I 237 -21.06 -50.96 56.59
C ALA I 237 -20.39 -51.12 57.94
N ILE I 238 -20.99 -51.91 58.81
CA ILE I 238 -20.45 -52.14 60.16
C ILE I 238 -19.06 -52.78 60.10
N ALA I 239 -18.94 -53.86 59.33
CA ALA I 239 -17.69 -54.60 59.23
C ALA I 239 -16.53 -53.68 58.90
N ARG I 240 -16.67 -52.85 57.87
CA ARG I 240 -15.52 -52.06 57.41
C ARG I 240 -15.16 -50.96 58.39
N ALA I 241 -16.17 -50.37 59.02
CA ALA I 241 -15.97 -49.42 60.11
C ALA I 241 -15.14 -50.04 61.26
N VAL I 242 -15.55 -51.23 61.69
CA VAL I 242 -14.82 -51.95 62.73
C VAL I 242 -13.45 -52.40 62.23
N ARG I 243 -13.38 -52.86 60.99
CA ARG I 243 -12.12 -53.23 60.36
C ARG I 243 -11.15 -52.07 60.34
N CYS I 244 -11.70 -50.85 60.30
CA CYS I 244 -10.91 -49.61 60.34
C CYS I 244 -10.58 -49.12 61.75
N GLY I 245 -11.37 -49.57 62.73
CA GLY I 245 -10.95 -49.43 64.11
C GLY I 245 -11.87 -48.55 64.92
N VAL I 246 -13.11 -48.41 64.48
CA VAL I 246 -14.10 -47.72 65.30
C VAL I 246 -14.45 -48.59 66.51
N ARG I 247 -14.67 -47.95 67.65
CA ARG I 247 -14.82 -48.66 68.91
C ARG I 247 -16.29 -48.90 69.22
N THR I 248 -17.15 -47.95 68.93
CA THR I 248 -18.59 -48.20 69.11
C THR I 248 -19.33 -48.07 67.80
N ILE I 249 -20.47 -48.76 67.70
CA ILE I 249 -21.33 -48.68 66.53
C ILE I 249 -22.72 -48.24 66.96
N GLU I 250 -23.22 -47.19 66.34
CA GLU I 250 -24.52 -46.64 66.72
C GLU I 250 -25.60 -47.23 65.85
N HIS I 251 -26.74 -47.56 66.46
CA HIS I 251 -27.88 -48.22 65.79
C HIS I 251 -27.61 -49.70 65.46
N GLY I 252 -27.03 -49.97 64.29
CA GLY I 252 -26.61 -51.33 63.94
C GLY I 252 -27.75 -52.29 63.66
N ASN I 253 -28.88 -51.75 63.22
CA ASN I 253 -30.12 -52.52 63.06
C ASN I 253 -30.03 -53.73 62.14
N LEU I 254 -29.13 -53.68 61.17
CA LEU I 254 -29.12 -54.69 60.12
C LEU I 254 -27.81 -55.47 60.05
N VAL I 255 -27.32 -55.87 61.22
CA VAL I 255 -26.19 -56.80 61.28
C VAL I 255 -26.58 -58.18 60.77
N ASP I 256 -25.58 -58.88 60.24
CA ASP I 256 -25.59 -60.33 60.22
C ASP I 256 -24.64 -60.81 61.32
N GLU I 257 -24.66 -62.11 61.57
CA GLU I 257 -23.81 -62.67 62.62
C GLU I 257 -22.32 -62.66 62.25
N ALA I 258 -22.00 -62.63 60.96
CA ALA I 258 -20.61 -62.56 60.55
C ALA I 258 -19.96 -61.25 61.03
N ALA I 259 -20.70 -60.16 60.87
CA ALA I 259 -20.26 -58.84 61.32
C ALA I 259 -20.26 -58.76 62.85
N ALA I 260 -21.34 -59.23 63.47
CA ALA I 260 -21.44 -59.31 64.92
C ALA I 260 -20.27 -60.09 65.51
N LYS I 261 -19.93 -61.22 64.89
CA LYS I 261 -18.76 -62.02 65.27
C LYS I 261 -17.53 -61.15 65.28
N LEU I 262 -17.32 -60.43 64.17
CA LEU I 262 -16.13 -59.61 63.95
C LEU I 262 -16.03 -58.44 64.94
N MET I 263 -17.18 -57.85 65.26
CA MET I 263 -17.30 -56.91 66.37
C MET I 263 -16.76 -57.49 67.68
N HIS I 264 -17.40 -58.56 68.18
CA HIS I 264 -16.96 -59.23 69.42
C HIS I 264 -15.47 -59.53 69.42
N GLU I 265 -14.97 -60.02 68.29
CA GLU I 265 -13.56 -60.28 68.10
C GLU I 265 -12.68 -59.05 68.30
N HIS I 266 -13.19 -57.89 67.88
CA HIS I 266 -12.41 -56.64 67.95
C HIS I 266 -12.56 -55.85 69.24
N GLY I 267 -13.61 -56.13 70.02
CA GLY I 267 -13.83 -55.41 71.27
C GLY I 267 -14.72 -54.19 71.06
N ALA I 268 -15.49 -54.21 69.98
CA ALA I 268 -16.32 -53.08 69.60
C ALA I 268 -17.75 -53.15 70.19
N PHE I 269 -18.22 -52.03 70.75
CA PHE I 269 -19.53 -51.98 71.38
C PHE I 269 -20.62 -51.69 70.35
N VAL I 270 -21.87 -51.74 70.79
CA VAL I 270 -22.99 -51.29 69.97
C VAL I 270 -23.93 -50.51 70.85
N VAL I 271 -24.50 -49.46 70.31
CA VAL I 271 -25.57 -48.78 71.01
C VAL I 271 -26.80 -48.75 70.12
N PRO I 272 -27.68 -49.73 70.28
CA PRO I 272 -28.95 -49.71 69.56
C PRO I 272 -29.80 -48.55 70.07
N THR I 273 -30.78 -48.12 69.28
CA THR I 273 -31.61 -46.98 69.66
C THR I 273 -33.05 -47.22 69.27
N LEU I 274 -33.62 -48.34 69.71
CA LEU I 274 -34.87 -48.84 69.12
C LEU I 274 -36.06 -47.92 69.35
N VAL I 275 -36.07 -47.22 70.48
CA VAL I 275 -37.20 -46.40 70.89
C VAL I 275 -37.50 -45.31 69.85
N THR I 276 -36.46 -44.86 69.16
CA THR I 276 -36.60 -43.77 68.20
C THR I 276 -37.42 -44.17 66.96
N TYR I 277 -37.35 -45.44 66.59
CA TYR I 277 -38.04 -45.90 65.39
C TYR I 277 -39.52 -46.11 65.65
N ASP I 278 -39.85 -46.44 66.90
CA ASP I 278 -41.25 -46.57 67.33
C ASP I 278 -41.93 -45.20 67.41
N ALA I 279 -41.19 -44.23 67.94
CA ALA I 279 -41.66 -42.86 68.01
C ALA I 279 -41.87 -42.31 66.61
N LEU I 280 -40.87 -42.49 65.73
CA LEU I 280 -40.98 -42.04 64.34
C LEU I 280 -42.03 -42.82 63.55
N ALA I 281 -42.35 -44.04 64.00
CA ALA I 281 -43.44 -44.80 63.41
C ALA I 281 -44.78 -44.11 63.64
N LYS I 282 -45.04 -43.68 64.88
CA LYS I 282 -46.31 -43.03 65.21
C LYS I 282 -46.40 -41.57 64.72
N HIS I 283 -45.43 -40.75 65.09
CA HIS I 283 -45.58 -39.30 64.93
C HIS I 283 -44.51 -38.74 63.98
N GLY I 284 -44.31 -39.44 62.86
CA GLY I 284 -43.15 -39.18 62.00
C GLY I 284 -43.32 -37.97 61.09
N ALA I 285 -44.08 -38.16 60.02
CA ALA I 285 -44.49 -37.04 59.16
C ALA I 285 -45.37 -36.06 59.94
N GLU I 286 -45.86 -36.49 61.09
CA GLU I 286 -46.71 -35.69 61.98
C GLU I 286 -45.92 -34.60 62.75
N PHE I 287 -44.68 -34.91 63.15
CA PHE I 287 -43.81 -33.95 63.83
C PHE I 287 -42.77 -33.26 62.94
N GLY I 288 -43.09 -33.15 61.65
CA GLY I 288 -42.40 -32.22 60.76
C GLY I 288 -41.16 -32.77 60.07
N MET I 289 -40.96 -34.09 60.19
CA MET I 289 -39.88 -34.77 59.49
C MET I 289 -40.32 -35.14 58.06
N PRO I 290 -39.53 -34.71 57.05
CA PRO I 290 -39.82 -34.87 55.61
C PRO I 290 -40.38 -36.25 55.22
N PRO I 291 -41.40 -36.28 54.33
CA PRO I 291 -42.15 -37.49 53.98
C PRO I 291 -41.33 -38.67 53.44
N GLU I 292 -40.18 -38.41 52.80
CA GLU I 292 -39.30 -39.48 52.28
C GLU I 292 -38.27 -40.00 53.31
N SER I 293 -38.21 -39.35 54.47
CA SER I 293 -37.47 -39.87 55.61
C SER I 293 -38.30 -40.83 56.46
N VAL I 294 -39.63 -40.65 56.47
CA VAL I 294 -40.57 -41.57 57.15
C VAL I 294 -40.85 -42.85 56.34
N ALA I 295 -40.50 -42.81 55.05
CA ALA I 295 -40.50 -43.99 54.19
C ALA I 295 -39.37 -44.98 54.56
N LYS I 296 -38.22 -44.43 54.98
CA LYS I 296 -37.02 -45.20 55.37
C LYS I 296 -37.06 -45.77 56.79
N VAL I 297 -38.06 -45.36 57.58
CA VAL I 297 -38.19 -45.80 58.98
C VAL I 297 -39.02 -47.10 59.12
N ALA I 298 -39.84 -47.38 58.11
CA ALA I 298 -40.62 -48.62 58.08
C ALA I 298 -39.69 -49.81 58.21
N SER I 299 -38.49 -49.66 57.64
CA SER I 299 -37.62 -50.80 57.39
C SER I 299 -36.74 -51.20 58.59
N VAL I 300 -36.09 -50.22 59.21
CA VAL I 300 -35.05 -50.52 60.19
C VAL I 300 -35.58 -51.08 61.51
N GLN I 301 -36.87 -50.85 61.78
CA GLN I 301 -37.45 -51.20 63.08
C GLN I 301 -37.81 -52.68 63.14
N GLN I 302 -38.08 -53.27 61.99
CA GLN I 302 -38.29 -54.72 61.86
C GLN I 302 -37.17 -55.51 62.56
N LYS I 303 -36.00 -55.50 61.90
CA LYS I 303 -34.82 -56.21 62.37
C LYS I 303 -34.27 -55.59 63.64
N GLY I 304 -34.87 -54.48 64.08
CA GLY I 304 -34.34 -53.74 65.21
C GLY I 304 -34.37 -54.59 66.46
N ARG I 305 -35.54 -55.16 66.73
CA ARG I 305 -35.75 -56.07 67.83
C ARG I 305 -34.85 -57.30 67.69
N GLU I 306 -34.88 -57.87 66.49
CA GLU I 306 -34.11 -59.08 66.13
C GLU I 306 -32.61 -58.95 66.44
N SER I 307 -32.04 -57.82 66.03
CA SER I 307 -30.60 -57.59 66.08
C SER I 307 -30.06 -57.76 67.49
N LEU I 308 -30.87 -57.37 68.48
CA LEU I 308 -30.49 -57.45 69.89
C LEU I 308 -30.01 -58.86 70.28
N GLU I 309 -30.73 -59.86 69.79
CA GLU I 309 -30.39 -61.28 69.97
C GLU I 309 -29.07 -61.64 69.29
N ILE I 310 -28.90 -61.20 68.05
CA ILE I 310 -27.67 -61.50 67.30
C ILE I 310 -26.43 -60.93 68.01
N TYR I 311 -26.54 -59.73 68.55
CA TYR I 311 -25.48 -59.15 69.35
C TYR I 311 -25.23 -59.98 70.60
N ALA I 312 -26.31 -60.29 71.32
CA ALA I 312 -26.23 -61.14 72.52
C ALA I 312 -25.50 -62.45 72.22
N ASN I 313 -25.93 -63.13 71.16
CA ASN I 313 -25.37 -64.43 70.76
C ASN I 313 -23.87 -64.37 70.49
N ALA I 314 -23.46 -63.37 69.72
CA ALA I 314 -22.04 -63.22 69.37
C ALA I 314 -21.24 -62.66 70.54
N GLY I 315 -21.93 -62.14 71.56
CA GLY I 315 -21.27 -61.62 72.74
C GLY I 315 -20.67 -60.25 72.49
N VAL I 316 -21.51 -59.35 71.98
CA VAL I 316 -21.11 -57.96 71.76
C VAL I 316 -21.80 -57.06 72.80
N LYS I 317 -21.01 -56.27 73.53
CA LYS I 317 -21.57 -55.40 74.58
C LYS I 317 -22.57 -54.37 74.03
N MET I 318 -23.66 -54.17 74.75
CA MET I 318 -24.73 -53.27 74.29
C MET I 318 -24.96 -52.10 75.26
N GLY I 319 -24.79 -50.88 74.76
CA GLY I 319 -25.06 -49.70 75.56
C GLY I 319 -26.46 -49.16 75.32
N PHE I 320 -26.96 -48.36 76.26
CA PHE I 320 -28.27 -47.75 76.14
C PHE I 320 -28.22 -46.54 75.20
N GLY I 321 -29.27 -46.32 74.43
CA GLY I 321 -29.35 -45.13 73.57
C GLY I 321 -30.77 -44.75 73.17
N SER I 322 -31.05 -43.44 73.15
CA SER I 322 -32.39 -42.95 72.78
C SER I 322 -32.46 -42.41 71.35
N ASP I 323 -31.53 -41.50 71.00
CA ASP I 323 -31.53 -40.85 69.69
C ASP I 323 -32.91 -40.29 69.35
N LEU I 324 -33.55 -39.63 70.32
CA LEU I 324 -34.86 -39.02 70.08
C LEU I 324 -34.77 -37.55 69.69
N LEU I 325 -35.65 -37.13 68.79
CA LEU I 325 -35.59 -35.79 68.21
C LEU I 325 -36.84 -35.03 68.62
N GLY I 326 -36.68 -33.75 68.94
CA GLY I 326 -37.81 -32.88 69.22
C GLY I 326 -38.65 -33.31 70.42
N GLU I 327 -39.95 -33.12 70.31
CA GLU I 327 -40.92 -33.42 71.37
C GLU I 327 -40.99 -34.91 71.71
N MET I 328 -40.68 -35.76 70.73
CA MET I 328 -40.48 -37.21 70.98
C MET I 328 -39.34 -37.50 71.95
N HIS I 329 -38.79 -36.47 72.58
CA HIS I 329 -37.77 -36.65 73.60
C HIS I 329 -38.32 -37.29 74.85
N ALA I 330 -39.63 -37.11 75.04
CA ALA I 330 -40.40 -37.63 76.17
C ALA I 330 -40.29 -39.15 76.39
N PHE I 331 -40.28 -39.90 75.28
CA PHE I 331 -40.33 -41.35 75.30
C PHE I 331 -39.01 -42.00 75.71
N GLN I 332 -38.06 -41.18 76.17
CA GLN I 332 -36.66 -41.59 76.37
C GLN I 332 -36.46 -42.87 77.20
N SER I 333 -37.27 -43.02 78.25
CA SER I 333 -37.12 -44.14 79.17
C SER I 333 -37.74 -45.44 78.63
N GLY I 334 -38.64 -45.31 77.65
CA GLY I 334 -39.25 -46.45 76.93
C GLY I 334 -38.31 -47.48 76.29
N GLU I 335 -37.03 -47.09 76.12
CA GLU I 335 -35.97 -48.00 75.62
C GLU I 335 -35.54 -49.05 76.66
N PHE I 336 -35.83 -48.79 77.93
CA PHE I 336 -35.64 -49.80 78.98
C PHE I 336 -36.48 -51.05 78.78
N ARG I 337 -37.78 -50.81 78.58
CA ARG I 337 -38.76 -51.89 78.38
C ARG I 337 -38.59 -52.63 77.06
N ILE I 338 -38.38 -51.90 75.95
CA ILE I 338 -38.07 -52.51 74.66
C ILE I 338 -36.86 -53.46 74.74
N ARG I 339 -35.88 -53.12 75.56
CA ARG I 339 -34.72 -53.99 75.76
C ARG I 339 -34.95 -55.07 76.81
N ALA I 340 -35.83 -54.80 77.76
CA ALA I 340 -36.25 -55.79 78.75
C ALA I 340 -37.07 -56.92 78.13
N GLU I 341 -37.84 -56.57 77.10
CA GLU I 341 -38.71 -57.53 76.44
C GLU I 341 -37.96 -58.55 75.59
N VAL I 342 -36.68 -58.29 75.32
CA VAL I 342 -35.89 -59.19 74.50
C VAL I 342 -34.82 -59.91 75.31
N LEU I 343 -33.97 -59.16 75.99
CA LEU I 343 -33.04 -59.77 76.94
C LEU I 343 -33.60 -59.46 78.33
N GLY I 344 -33.06 -60.09 79.37
CA GLY I 344 -33.60 -59.88 80.71
C GLY I 344 -33.59 -58.40 81.08
N ASN I 345 -34.49 -57.97 81.95
CA ASN I 345 -34.36 -56.62 82.52
C ASN I 345 -33.24 -56.40 83.55
N LEU I 346 -32.43 -57.43 83.82
CA LEU I 346 -31.10 -57.23 84.39
C LEU I 346 -30.20 -56.60 83.34
N GLU I 347 -30.20 -57.21 82.15
CA GLU I 347 -29.41 -56.73 81.04
C GLU I 347 -29.79 -55.31 80.59
N ALA I 348 -31.10 -55.01 80.56
CA ALA I 348 -31.61 -53.67 80.23
C ALA I 348 -31.11 -52.57 81.19
N LEU I 349 -30.87 -52.96 82.43
CA LEU I 349 -30.31 -52.04 83.40
C LEU I 349 -28.79 -51.99 83.34
N ARG I 350 -28.17 -53.11 82.93
CA ARG I 350 -26.74 -53.13 82.66
C ARG I 350 -26.28 -52.22 81.51
N SER I 351 -27.16 -52.08 80.49
CA SER I 351 -26.85 -51.29 79.28
CA SER I 351 -26.86 -51.30 79.28
C SER I 351 -26.76 -49.80 79.57
N ALA I 352 -27.56 -49.34 80.53
CA ALA I 352 -27.58 -47.93 80.93
C ALA I 352 -26.71 -47.60 82.16
N THR I 353 -25.82 -48.54 82.53
CA THR I 353 -24.99 -48.40 83.73
C THR I 353 -23.58 -48.90 83.51
N THR I 354 -23.36 -50.18 83.80
CA THR I 354 -22.03 -50.76 83.78
C THR I 354 -21.46 -50.83 82.37
N VAL I 355 -22.31 -51.18 81.39
CA VAL I 355 -21.87 -51.23 79.98
C VAL I 355 -21.61 -49.81 79.49
N ALA I 356 -22.61 -48.96 79.75
CA ALA I 356 -22.54 -47.51 79.51
C ALA I 356 -21.21 -46.87 79.97
N ALA I 357 -21.00 -46.78 81.27
CA ALA I 357 -19.74 -46.31 81.84
C ALA I 357 -18.49 -46.83 81.10
N GLU I 358 -18.54 -48.07 80.63
CA GLU I 358 -17.37 -48.68 80.03
C GLU I 358 -17.15 -48.16 78.61
N ILE I 359 -18.25 -47.80 77.96
CA ILE I 359 -18.24 -47.18 76.65
C ILE I 359 -17.53 -45.84 76.76
N VAL I 360 -17.95 -45.03 77.74
CA VAL I 360 -17.43 -43.67 77.93
C VAL I 360 -16.17 -43.59 78.81
N ASN I 361 -15.44 -44.70 78.92
CA ASN I 361 -14.21 -44.80 79.74
C ASN I 361 -14.24 -44.33 81.22
N MET I 362 -15.38 -44.58 81.86
CA MET I 362 -15.59 -44.29 83.29
C MET I 362 -15.98 -45.56 84.08
N GLN I 363 -15.40 -46.69 83.68
CA GLN I 363 -15.61 -47.96 84.40
C GLN I 363 -15.08 -47.82 85.82
N GLY I 364 -15.99 -48.02 86.78
CA GLY I 364 -15.67 -47.82 88.19
C GLY I 364 -15.85 -46.38 88.65
N GLN I 365 -16.02 -45.45 87.69
CA GLN I 365 -16.24 -44.06 88.03
C GLN I 365 -17.74 -43.77 88.05
N LEU I 366 -18.44 -44.24 87.03
CA LEU I 366 -19.91 -44.16 86.96
C LEU I 366 -20.52 -45.55 86.78
N GLY I 367 -21.86 -45.62 86.86
CA GLY I 367 -22.60 -46.87 86.60
C GLY I 367 -22.45 -48.00 87.63
N VAL I 368 -21.69 -47.75 88.70
CA VAL I 368 -21.55 -48.71 89.81
C VAL I 368 -21.70 -47.99 91.14
N ILE I 369 -22.45 -48.58 92.08
CA ILE I 369 -22.40 -48.14 93.48
C ILE I 369 -21.28 -48.85 94.25
N ALA I 370 -20.09 -48.26 94.24
CA ALA I 370 -18.93 -48.82 94.92
C ALA I 370 -18.18 -47.72 95.68
N VAL I 371 -17.29 -48.10 96.59
CA VAL I 371 -16.46 -47.12 97.30
C VAL I 371 -15.42 -46.46 96.36
N GLY I 372 -15.41 -45.13 96.32
CA GLY I 372 -14.49 -44.39 95.46
C GLY I 372 -15.09 -43.94 94.13
N ALA I 373 -16.33 -44.38 93.86
CA ALA I 373 -17.06 -44.00 92.64
C ALA I 373 -17.76 -42.66 92.81
N ILE I 374 -18.11 -42.04 91.69
CA ILE I 374 -18.84 -40.76 91.71
C ILE I 374 -20.29 -40.91 92.16
N ALA I 375 -20.73 -40.04 93.07
CA ALA I 375 -22.07 -40.11 93.67
C ALA I 375 -23.22 -39.71 92.74
N ASP I 376 -23.37 -40.47 91.66
CA ASP I 376 -24.46 -40.29 90.70
C ASP I 376 -25.52 -41.36 90.96
N LEU I 377 -26.53 -41.02 91.77
CA LEU I 377 -27.46 -42.03 92.21
C LEU I 377 -28.88 -41.70 91.81
N VAL I 378 -29.66 -42.75 91.57
CA VAL I 378 -31.11 -42.64 91.43
C VAL I 378 -31.83 -43.40 92.55
N VAL I 379 -32.84 -42.75 93.11
CA VAL I 379 -33.70 -43.37 94.10
C VAL I 379 -35.05 -43.69 93.48
N LEU I 380 -35.43 -44.95 93.59
CA LEU I 380 -36.46 -45.56 92.75
C LEU I 380 -37.55 -46.22 93.61
N ASP I 381 -38.80 -45.92 93.29
CA ASP I 381 -39.95 -46.47 94.00
C ASP I 381 -40.44 -47.80 93.40
N GLY I 382 -39.88 -48.91 93.87
CA GLY I 382 -40.17 -50.21 93.28
C GLY I 382 -38.88 -50.91 92.89
N ASN I 383 -38.97 -52.19 92.53
CA ASN I 383 -37.80 -52.95 92.10
C ASN I 383 -37.79 -53.22 90.58
N PRO I 384 -36.86 -52.56 89.87
CA PRO I 384 -36.71 -52.62 88.41
C PRO I 384 -36.32 -54.01 87.90
N LEU I 385 -35.61 -54.77 88.76
CA LEU I 385 -35.24 -56.15 88.50
C LEU I 385 -36.45 -57.03 88.20
N GLU I 386 -37.60 -56.69 88.76
CA GLU I 386 -38.81 -57.50 88.54
C GLU I 386 -39.87 -56.77 87.73
N ASP I 387 -40.06 -55.49 88.01
CA ASP I 387 -40.89 -54.64 87.17
C ASP I 387 -40.03 -53.57 86.48
N ILE I 388 -39.78 -53.77 85.19
CA ILE I 388 -39.03 -52.80 84.38
C ILE I 388 -39.80 -51.47 84.21
N GLY I 389 -41.12 -51.51 84.42
CA GLY I 389 -41.96 -50.31 84.39
C GLY I 389 -41.59 -49.21 85.37
N VAL I 390 -40.92 -49.57 86.48
CA VAL I 390 -40.48 -48.57 87.48
C VAL I 390 -39.35 -47.64 86.99
N VAL I 391 -38.71 -48.02 85.88
CA VAL I 391 -37.70 -47.19 85.22
C VAL I 391 -38.20 -46.72 83.87
N ALA I 392 -39.01 -47.55 83.21
CA ALA I 392 -39.44 -47.31 81.83
C ALA I 392 -40.77 -46.56 81.68
N ASP I 393 -41.15 -45.76 82.67
CA ASP I 393 -42.43 -45.07 82.61
C ASP I 393 -42.30 -43.55 82.45
N GLU I 394 -41.33 -43.14 81.62
CA GLU I 394 -41.04 -41.74 81.32
C GLU I 394 -40.86 -40.89 82.58
N GLY I 395 -40.06 -41.41 83.51
CA GLY I 395 -40.02 -40.92 84.88
C GLY I 395 -41.02 -41.69 85.74
N ALA I 396 -42.03 -40.98 86.25
CA ALA I 396 -43.09 -41.52 87.12
C ALA I 396 -42.69 -42.03 88.51
N ARG I 397 -41.73 -42.95 88.58
CA ARG I 397 -41.41 -43.64 89.83
C ARG I 397 -39.98 -43.41 90.34
N VAL I 398 -39.42 -42.25 90.01
CA VAL I 398 -38.09 -41.83 90.48
C VAL I 398 -38.20 -40.54 91.29
N GLU I 399 -37.90 -40.61 92.59
CA GLU I 399 -38.20 -39.49 93.48
C GLU I 399 -36.97 -38.76 94.00
N TYR I 400 -35.79 -39.35 93.81
CA TYR I 400 -34.55 -38.64 94.06
C TYR I 400 -33.55 -38.86 92.94
N VAL I 401 -32.92 -37.77 92.51
CA VAL I 401 -31.73 -37.85 91.66
C VAL I 401 -30.55 -37.14 92.35
N LEU I 402 -29.47 -37.89 92.58
CA LEU I 402 -28.22 -37.32 93.08
C LEU I 402 -27.12 -37.27 92.02
N GLN I 403 -26.47 -36.11 91.93
CA GLN I 403 -25.45 -35.85 90.92
C GLN I 403 -24.20 -35.28 91.60
N ARG I 404 -23.08 -36.01 91.49
CA ARG I 404 -21.80 -35.64 92.13
C ARG I 404 -21.98 -35.20 93.59
N GLY I 405 -22.69 -36.02 94.36
CA GLY I 405 -22.92 -35.74 95.77
C GLY I 405 -24.25 -35.07 96.01
N THR I 406 -24.48 -33.97 95.33
CA THR I 406 -25.62 -33.13 95.67
C THR I 406 -26.94 -33.57 95.01
N LEU I 407 -28.03 -33.39 95.76
CA LEU I 407 -29.38 -33.75 95.32
C LEU I 407 -29.94 -32.74 94.34
N VAL I 408 -30.33 -33.22 93.15
CA VAL I 408 -30.78 -32.33 92.08
C VAL I 408 -32.26 -32.43 91.76
N LYS I 409 -32.88 -33.57 92.08
CA LYS I 409 -34.32 -33.72 91.92
C LYS I 409 -35.00 -34.28 93.18
N ARG I 410 -36.16 -33.71 93.50
CA ARG I 410 -37.05 -34.26 94.54
C ARG I 410 -38.50 -34.37 94.03
N GLN I 411 -38.96 -35.59 93.79
CA GLN I 411 -40.18 -35.83 93.01
C GLN I 411 -41.13 -36.77 93.72
N THR J 4 -59.77 -14.28 80.47
CA THR J 4 -60.30 -13.71 81.74
C THR J 4 -59.57 -12.41 82.07
N ILE J 5 -59.46 -12.13 83.36
CA ILE J 5 -59.48 -10.76 83.84
C ILE J 5 -58.86 -10.65 85.26
N THR J 6 -58.21 -9.53 85.53
CA THR J 6 -57.47 -9.35 86.77
C THR J 6 -57.60 -7.91 87.33
N VAL J 7 -57.81 -7.81 88.64
CA VAL J 7 -57.97 -6.50 89.29
C VAL J 7 -56.95 -6.28 90.41
N LEU J 8 -56.10 -5.28 90.22
CA LEU J 8 -55.29 -4.73 91.31
C LEU J 8 -56.10 -3.72 92.11
N GLN J 9 -56.44 -4.08 93.34
CA GLN J 9 -57.46 -3.34 94.06
C GLN J 9 -56.90 -2.46 95.18
N GLY J 10 -57.41 -1.22 95.25
CA GLY J 10 -57.15 -0.33 96.38
C GLY J 10 -55.72 0.16 96.42
N GLY J 11 -55.11 0.27 95.25
CA GLY J 11 -53.73 0.72 95.13
C GLY J 11 -53.63 2.23 94.99
N ASN J 12 -52.42 2.74 95.21
CA ASN J 12 -52.15 4.15 94.98
C ASN J 12 -51.48 4.32 93.62
N VAL J 13 -52.32 4.45 92.60
CA VAL J 13 -51.90 4.57 91.20
C VAL J 13 -51.08 5.84 90.97
N LEU J 14 -49.80 5.67 90.65
CA LEU J 14 -48.94 6.78 90.25
C LEU J 14 -49.27 7.24 88.83
N ASP J 15 -49.77 8.47 88.74
CA ASP J 15 -49.88 9.14 87.45
C ASP J 15 -48.71 10.12 87.32
N LEU J 16 -48.09 10.13 86.14
CA LEU J 16 -46.76 10.71 86.00
C LEU J 16 -46.72 12.10 85.36
N GLU J 17 -47.74 12.43 84.57
CA GLU J 17 -47.84 13.75 83.95
C GLU J 17 -48.47 14.80 84.88
N ARG J 18 -49.04 14.35 85.99
CA ARG J 18 -49.52 15.25 87.03
C ARG J 18 -48.67 15.12 88.28
N GLY J 19 -48.01 13.99 88.42
CA GLY J 19 -46.96 13.83 89.43
C GLY J 19 -47.51 13.57 90.81
N VAL J 20 -48.55 12.74 90.87
CA VAL J 20 -49.27 12.45 92.12
C VAL J 20 -49.74 11.00 92.23
N LEU J 21 -49.75 10.49 93.46
CA LEU J 21 -50.45 9.25 93.77
C LEU J 21 -51.97 9.44 93.70
N LEU J 22 -52.65 8.47 93.12
CA LEU J 22 -54.09 8.40 93.21
C LEU J 22 -54.46 7.21 94.10
N GLU J 23 -54.70 7.51 95.38
CA GLU J 23 -54.96 6.49 96.40
C GLU J 23 -56.27 5.73 96.16
N HIS J 24 -56.25 4.45 96.53
CA HIS J 24 -57.42 3.55 96.47
C HIS J 24 -58.12 3.56 95.12
N HIS J 25 -57.33 3.78 94.08
CA HIS J 25 -57.76 3.52 92.72
C HIS J 25 -57.52 2.05 92.38
N HIS J 26 -58.57 1.43 91.85
CA HIS J 26 -58.50 0.07 91.33
C HIS J 26 -58.08 0.11 89.84
N VAL J 27 -57.32 -0.90 89.42
CA VAL J 27 -56.94 -1.05 88.02
C VAL J 27 -57.34 -2.42 87.45
N VAL J 28 -58.02 -2.38 86.31
CA VAL J 28 -58.65 -3.56 85.74
C VAL J 28 -57.98 -4.01 84.45
N ILE J 29 -57.37 -5.21 84.52
CA ILE J 29 -56.70 -5.85 83.39
C ILE J 29 -57.58 -6.89 82.70
N ASP J 30 -57.82 -6.72 81.40
CA ASP J 30 -58.37 -7.78 80.57
C ASP J 30 -57.44 -8.21 79.42
N GLY J 31 -57.01 -9.47 79.48
CA GLY J 31 -55.94 -9.95 78.61
C GLY J 31 -54.60 -9.35 79.00
N GLU J 32 -54.05 -8.55 78.08
CA GLU J 32 -52.75 -7.91 78.29
C GLU J 32 -52.90 -6.40 78.44
N ARG J 33 -54.14 -5.93 78.40
CA ARG J 33 -54.42 -4.51 78.36
C ARG J 33 -55.13 -4.01 79.64
N ILE J 34 -54.90 -2.74 79.98
CA ILE J 34 -55.60 -2.06 81.08
C ILE J 34 -56.93 -1.47 80.59
N VAL J 35 -58.03 -1.92 81.19
CA VAL J 35 -59.38 -1.61 80.71
C VAL J 35 -60.07 -0.56 81.60
N GLU J 36 -59.69 -0.51 82.87
CA GLU J 36 -60.18 0.53 83.75
C GLU J 36 -59.20 0.89 84.85
N VAL J 37 -59.01 2.19 85.05
CA VAL J 37 -58.45 2.74 86.29
C VAL J 37 -59.50 3.64 86.93
N THR J 38 -59.85 3.34 88.18
CA THR J 38 -60.98 3.97 88.84
C THR J 38 -60.94 3.74 90.36
N ASP J 39 -61.48 4.68 91.12
CA ASP J 39 -61.66 4.50 92.58
C ASP J 39 -63.05 3.98 92.96
N ARG J 40 -63.81 3.50 91.96
CA ARG J 40 -65.06 2.77 92.17
C ARG J 40 -64.86 1.57 93.07
N PRO J 41 -65.88 1.25 93.87
CA PRO J 41 -66.13 -0.15 94.16
C PRO J 41 -66.34 -0.87 92.84
N VAL J 42 -65.49 -1.85 92.56
CA VAL J 42 -65.43 -2.38 91.21
C VAL J 42 -66.05 -3.78 91.14
N ASP J 43 -66.68 -4.07 90.02
CA ASP J 43 -67.68 -5.13 89.90
C ASP J 43 -67.05 -6.48 89.50
N LEU J 44 -66.26 -7.09 90.39
CA LEU J 44 -65.49 -8.30 90.05
C LEU J 44 -66.23 -9.64 90.24
N PRO J 45 -66.68 -10.26 89.14
CA PRO J 45 -67.28 -11.61 89.20
C PRO J 45 -66.22 -12.72 89.15
N ASN J 46 -65.45 -12.79 88.07
CA ASN J 46 -64.40 -13.80 87.90
C ASN J 46 -62.98 -13.24 87.72
N ALA J 47 -62.68 -12.15 88.43
CA ALA J 47 -61.37 -11.49 88.35
C ALA J 47 -60.43 -11.99 89.44
N GLN J 48 -59.19 -12.29 89.05
CA GLN J 48 -58.10 -12.47 90.01
C GLN J 48 -57.87 -11.16 90.77
N ALA J 49 -58.51 -11.04 91.92
CA ALA J 49 -58.27 -9.93 92.82
C ALA J 49 -56.90 -10.08 93.47
N ILE J 50 -56.02 -9.11 93.21
CA ILE J 50 -54.78 -8.99 93.97
C ILE J 50 -54.85 -7.73 94.83
N ASP J 51 -54.70 -7.93 96.14
CA ASP J 51 -54.95 -6.88 97.12
C ASP J 51 -53.75 -5.97 97.28
N VAL J 52 -53.89 -4.73 96.79
CA VAL J 52 -52.79 -3.77 96.78
C VAL J 52 -53.10 -2.57 97.66
N ARG J 53 -53.48 -2.85 98.91
CA ARG J 53 -53.83 -1.80 99.87
C ARG J 53 -52.58 -1.06 100.40
N GLY J 54 -52.62 0.27 100.32
CA GLY J 54 -51.53 1.12 100.82
C GLY J 54 -50.16 0.81 100.23
N LYS J 55 -50.15 0.47 98.93
CA LYS J 55 -48.91 0.24 98.18
C LYS J 55 -49.03 0.86 96.79
N THR J 56 -47.90 1.38 96.30
CA THR J 56 -47.87 2.11 95.01
C THR J 56 -47.92 1.14 93.83
N VAL J 57 -48.82 1.42 92.90
CA VAL J 57 -48.83 0.72 91.61
C VAL J 57 -48.49 1.71 90.47
N MET J 58 -47.32 1.50 89.86
CA MET J 58 -46.80 2.34 88.76
C MET J 58 -46.52 1.50 87.51
N PRO J 59 -46.33 2.15 86.34
CA PRO J 59 -45.96 1.33 85.17
C PRO J 59 -44.57 0.69 85.34
N GLY J 60 -44.35 -0.43 84.64
CA GLY J 60 -43.08 -1.16 84.70
C GLY J 60 -41.92 -0.38 84.11
N PHE J 61 -40.72 -0.65 84.62
CA PHE J 61 -39.57 0.19 84.28
C PHE J 61 -38.94 -0.18 82.94
N ILE J 62 -38.56 0.86 82.20
CA ILE J 62 -37.96 0.72 80.88
C ILE J 62 -36.55 1.26 80.89
N ASP J 63 -35.57 0.38 80.77
CA ASP J 63 -34.17 0.77 80.71
C ASP J 63 -33.67 0.88 79.28
N CYS J 64 -33.34 2.09 78.84
CA CYS J 64 -33.08 2.36 77.43
C CYS J 64 -31.67 2.05 76.95
N HIS J 65 -30.82 1.59 77.86
CA HIS J 65 -29.46 1.19 77.50
C HIS J 65 -28.93 0.09 78.41
N VAL J 66 -29.11 -1.15 77.96
CA VAL J 66 -28.48 -2.31 78.60
C VAL J 66 -27.66 -3.11 77.59
N HIS J 67 -26.79 -3.96 78.12
CA HIS J 67 -26.20 -5.03 77.36
C HIS J 67 -26.45 -6.36 78.08
N VAL J 68 -27.58 -6.97 77.73
CA VAL J 68 -28.02 -8.23 78.33
C VAL J 68 -26.99 -9.38 78.20
N LEU J 69 -26.23 -9.37 77.11
CA LEU J 69 -25.25 -10.42 76.84
C LEU J 69 -23.91 -10.13 77.47
N ALA J 70 -23.76 -8.93 78.03
CA ALA J 70 -22.50 -8.55 78.65
C ALA J 70 -22.31 -9.26 79.98
N SER J 71 -21.77 -10.47 79.92
CA SER J 71 -21.76 -11.37 81.07
C SER J 71 -20.44 -11.34 81.83
N ASN J 72 -19.48 -10.60 81.29
CA ASN J 72 -18.31 -10.16 82.06
C ASN J 72 -17.72 -8.85 81.53
N ALA J 73 -17.00 -8.14 82.40
CA ALA J 73 -16.71 -6.71 82.19
C ALA J 73 -15.76 -6.42 81.03
N ASN J 74 -14.85 -7.36 80.75
CA ASN J 74 -13.99 -7.28 79.58
C ASN J 74 -14.77 -7.65 78.31
N LEU J 75 -15.23 -6.63 77.58
CA LEU J 75 -16.05 -6.85 76.38
C LEU J 75 -15.30 -7.55 75.23
N GLY J 76 -13.97 -7.49 75.28
CA GLY J 76 -13.12 -8.28 74.38
C GLY J 76 -13.34 -9.77 74.61
N VAL J 77 -13.07 -10.20 75.84
CA VAL J 77 -13.18 -11.61 76.19
C VAL J 77 -14.65 -12.09 76.22
N ASN J 78 -15.57 -11.15 76.36
CA ASN J 78 -16.99 -11.44 76.28
C ASN J 78 -17.39 -11.85 74.87
N ALA J 79 -16.71 -11.28 73.89
CA ALA J 79 -16.98 -11.58 72.49
C ALA J 79 -16.39 -12.93 72.12
N THR J 80 -15.30 -13.31 72.79
CA THR J 80 -14.54 -14.51 72.41
C THR J 80 -14.98 -15.74 73.21
N GLN J 81 -15.97 -15.56 74.07
CA GLN J 81 -16.55 -16.69 74.77
C GLN J 81 -17.45 -17.50 73.81
N PRO J 82 -17.44 -18.85 73.97
CA PRO J 82 -18.25 -19.76 73.13
C PRO J 82 -19.73 -19.37 73.07
N ASN J 83 -20.31 -19.49 71.88
CA ASN J 83 -21.67 -19.00 71.61
C ASN J 83 -22.73 -19.37 72.63
N ILE J 84 -22.86 -20.67 72.87
CA ILE J 84 -23.93 -21.17 73.72
C ILE J 84 -23.73 -20.70 75.17
N LEU J 85 -22.48 -20.66 75.64
CA LEU J 85 -22.14 -20.17 76.98
C LEU J 85 -22.51 -18.71 77.15
N ALA J 86 -22.36 -17.96 76.06
CA ALA J 86 -22.75 -16.58 76.05
C ALA J 86 -24.26 -16.44 76.17
N ALA J 87 -25.00 -17.35 75.54
CA ALA J 87 -26.46 -17.34 75.65
C ALA J 87 -26.88 -17.71 77.06
N ILE J 88 -26.27 -18.75 77.60
CA ILE J 88 -26.60 -19.26 78.93
C ILE J 88 -26.45 -18.15 79.97
N ARG J 89 -25.28 -17.53 80.00
CA ARG J 89 -24.95 -16.53 81.02
C ARG J 89 -25.79 -15.26 80.93
N SER J 90 -26.59 -15.12 79.88
CA SER J 90 -27.48 -13.97 79.75
C SER J 90 -28.77 -14.18 80.55
N LEU J 91 -29.04 -15.42 80.92
CA LEU J 91 -30.34 -15.77 81.49
C LEU J 91 -30.55 -15.27 82.93
N PRO J 92 -29.55 -15.48 83.82
CA PRO J 92 -29.59 -14.80 85.13
C PRO J 92 -29.72 -13.27 85.02
N ILE J 93 -28.96 -12.68 84.10
CA ILE J 93 -29.01 -11.25 83.84
C ILE J 93 -30.43 -10.74 83.48
N LEU J 94 -31.11 -11.47 82.60
CA LEU J 94 -32.46 -11.09 82.21
C LEU J 94 -33.50 -11.23 83.32
N ASP J 95 -33.35 -12.29 84.13
CA ASP J 95 -34.29 -12.59 85.22
C ASP J 95 -34.22 -11.51 86.31
N ALA J 96 -33.00 -11.26 86.79
CA ALA J 96 -32.72 -10.24 87.80
C ALA J 96 -33.25 -8.86 87.39
N MET J 97 -33.09 -8.51 86.11
CA MET J 97 -33.63 -7.27 85.55
C MET J 97 -35.15 -7.16 85.75
N LEU J 98 -35.84 -8.28 85.52
CA LEU J 98 -37.29 -8.31 85.61
C LEU J 98 -37.71 -8.25 87.07
N SER J 99 -36.97 -8.97 87.91
CA SER J 99 -37.18 -8.96 89.35
C SER J 99 -36.99 -7.56 89.96
N ARG J 100 -36.11 -6.75 89.35
CA ARG J 100 -35.93 -5.34 89.74
C ARG J 100 -37.02 -4.42 89.19
N GLY J 101 -38.02 -5.00 88.53
CA GLY J 101 -39.17 -4.23 88.06
C GLY J 101 -39.03 -3.68 86.66
N PHE J 102 -37.94 -4.03 85.99
CA PHE J 102 -37.77 -3.62 84.60
C PHE J 102 -38.52 -4.57 83.68
N THR J 103 -39.53 -4.05 82.98
CA THR J 103 -40.36 -4.90 82.14
C THR J 103 -40.04 -4.77 80.66
N SER J 104 -39.47 -3.63 80.26
CA SER J 104 -38.86 -3.50 78.94
C SER J 104 -37.39 -3.03 79.03
N VAL J 105 -36.55 -3.58 78.17
CA VAL J 105 -35.22 -3.03 77.97
C VAL J 105 -34.94 -2.71 76.49
N ARG J 106 -34.11 -1.70 76.25
CA ARG J 106 -33.55 -1.43 74.93
C ARG J 106 -32.10 -1.85 74.96
N ASP J 107 -31.81 -2.94 74.25
CA ASP J 107 -30.46 -3.48 74.26
C ASP J 107 -29.60 -2.69 73.28
N ALA J 108 -28.43 -2.29 73.75
CA ALA J 108 -27.55 -1.43 72.97
C ALA J 108 -26.44 -2.21 72.29
N GLY J 109 -26.77 -3.36 71.69
CA GLY J 109 -25.81 -4.11 70.88
C GLY J 109 -25.41 -5.40 71.56
N GLY J 110 -25.76 -6.50 70.93
CA GLY J 110 -25.64 -7.80 71.59
C GLY J 110 -26.89 -8.61 71.33
N ALA J 111 -27.99 -8.24 71.98
CA ALA J 111 -29.21 -9.02 71.91
C ALA J 111 -29.80 -8.91 70.51
N ASP J 112 -30.46 -9.99 70.11
CA ASP J 112 -31.00 -10.10 68.76
C ASP J 112 -32.49 -10.42 68.80
N TRP J 113 -33.04 -10.68 67.62
CA TRP J 113 -34.44 -10.98 67.47
C TRP J 113 -34.83 -12.32 68.13
N SER J 114 -33.88 -13.25 68.22
CA SER J 114 -34.15 -14.55 68.79
C SER J 114 -34.40 -14.43 70.28
N LEU J 115 -33.58 -13.62 70.95
CA LEU J 115 -33.74 -13.37 72.39
C LEU J 115 -35.05 -12.68 72.65
N MET J 116 -35.39 -11.73 71.78
CA MET J 116 -36.65 -11.03 71.85
C MET J 116 -37.82 -12.04 71.81
N GLN J 117 -37.71 -13.00 70.91
CA GLN J 117 -38.73 -14.03 70.77
C GLN J 117 -38.79 -14.97 71.98
N ALA J 118 -37.62 -15.27 72.54
CA ALA J 118 -37.51 -16.15 73.70
C ALA J 118 -38.31 -15.64 74.89
N VAL J 119 -38.27 -14.34 75.13
CA VAL J 119 -39.04 -13.78 76.22
C VAL J 119 -40.53 -13.70 75.86
N GLU J 120 -40.81 -13.32 74.61
CA GLU J 120 -42.18 -13.11 74.14
C GLU J 120 -43.00 -14.39 74.02
N THR J 121 -42.34 -15.50 73.70
CA THR J 121 -43.03 -16.80 73.67
C THR J 121 -42.97 -17.48 75.03
N GLY J 122 -42.32 -16.83 75.99
CA GLY J 122 -42.35 -17.29 77.38
C GLY J 122 -41.37 -18.41 77.60
N LEU J 123 -40.52 -18.63 76.60
CA LEU J 123 -39.49 -19.64 76.65
C LEU J 123 -38.42 -19.25 77.67
N VAL J 124 -38.34 -17.94 77.94
CA VAL J 124 -37.35 -17.38 78.86
C VAL J 124 -37.89 -16.16 79.63
N SER J 125 -37.49 -16.08 80.90
CA SER J 125 -37.96 -15.04 81.81
C SER J 125 -37.08 -13.79 81.74
N GLY J 126 -37.71 -12.66 81.40
CA GLY J 126 -37.04 -11.35 81.41
C GLY J 126 -37.90 -10.24 80.81
N PRO J 127 -37.35 -9.00 80.75
CA PRO J 127 -38.03 -7.88 80.08
C PRO J 127 -38.29 -8.13 78.59
N ARG J 128 -39.32 -7.51 78.03
CA ARG J 128 -39.43 -7.42 76.57
C ARG J 128 -38.22 -6.69 76.05
N ILE J 129 -37.53 -7.29 75.09
CA ILE J 129 -36.33 -6.70 74.52
C ILE J 129 -36.60 -5.90 73.25
N PHE J 130 -35.94 -4.74 73.16
CA PHE J 130 -35.87 -3.93 71.95
C PHE J 130 -34.45 -3.96 71.37
N PRO J 131 -34.18 -4.92 70.45
CA PRO J 131 -32.79 -5.26 70.13
C PRO J 131 -32.24 -4.36 69.02
N SER J 132 -30.98 -3.96 69.20
CA SER J 132 -30.24 -3.25 68.16
C SER J 132 -29.54 -4.23 67.19
N GLY J 133 -29.51 -5.50 67.59
CA GLY J 133 -28.64 -6.48 66.95
C GLY J 133 -27.22 -6.28 67.41
N LYS J 134 -26.39 -5.79 66.51
CA LYS J 134 -25.01 -5.46 66.87
C LYS J 134 -24.80 -3.98 66.63
N ALA J 135 -24.02 -3.37 67.52
CA ALA J 135 -23.58 -1.99 67.33
C ALA J 135 -22.71 -1.89 66.07
N LEU J 136 -22.92 -0.84 65.28
CA LEU J 136 -21.98 -0.48 64.22
C LEU J 136 -20.79 0.35 64.73
N SER J 137 -19.58 -0.12 64.46
CA SER J 137 -18.39 0.58 64.85
C SER J 137 -17.37 0.59 63.72
N GLN J 138 -16.73 1.74 63.52
CA GLN J 138 -15.65 1.87 62.56
C GLN J 138 -14.43 1.10 63.04
N THR J 139 -13.51 0.80 62.12
CA THR J 139 -12.22 0.19 62.46
C THR J 139 -11.47 0.98 63.54
N GLY J 140 -10.95 0.27 64.53
CA GLY J 140 -10.31 0.91 65.67
C GLY J 140 -11.26 1.72 66.55
N GLY J 141 -12.55 1.65 66.27
CA GLY J 141 -13.56 2.41 67.00
C GLY J 141 -13.87 1.87 68.40
N HIS J 142 -14.98 2.36 68.96
CA HIS J 142 -15.40 1.93 70.29
C HIS J 142 -15.81 0.45 70.32
N GLY J 143 -16.16 -0.08 69.15
CA GLY J 143 -16.59 -1.46 69.04
C GLY J 143 -15.47 -2.39 68.63
N ASP J 144 -14.38 -1.83 68.12
CA ASP J 144 -13.24 -2.64 67.75
C ASP J 144 -12.38 -2.95 68.99
N PHE J 145 -12.34 -4.23 69.35
CA PHE J 145 -11.63 -4.64 70.56
C PHE J 145 -10.26 -5.28 70.29
N ARG J 146 -9.74 -5.12 69.08
CA ARG J 146 -8.43 -5.67 68.77
C ARG J 146 -7.37 -4.82 69.44
N PRO J 147 -6.39 -5.47 70.09
CA PRO J 147 -5.29 -4.73 70.72
C PRO J 147 -4.44 -3.96 69.69
N ARG J 148 -3.62 -3.03 70.17
CA ARG J 148 -2.81 -2.17 69.31
C ARG J 148 -1.97 -2.89 68.22
N LEU J 152 -3.24 -5.66 65.65
CA LEU J 152 -2.34 -6.12 64.62
C LEU J 152 -3.02 -6.47 63.28
N GLU J 153 -4.01 -7.38 63.31
CA GLU J 153 -5.10 -7.47 62.28
C GLU J 153 -6.05 -8.69 62.18
N PRO J 154 -5.82 -9.61 61.20
CA PRO J 154 -6.75 -10.03 60.15
C PRO J 154 -8.13 -9.34 60.13
N CYS J 155 -9.18 -10.06 60.53
CA CYS J 155 -10.42 -9.47 61.11
C CYS J 155 -11.44 -10.49 61.65
N SER J 156 -12.33 -10.99 60.79
CA SER J 156 -13.39 -11.90 61.24
C SER J 156 -14.00 -12.70 60.10
N CYS J 158 -17.57 -13.87 61.04
CA CYS J 158 -18.72 -14.59 61.57
C CYS J 158 -19.17 -14.11 62.93
N PHE J 159 -20.47 -14.01 63.12
CA PHE J 159 -20.97 -13.28 64.26
C PHE J 159 -21.02 -14.13 65.51
N ARG J 160 -20.06 -13.90 66.39
CA ARG J 160 -20.11 -14.44 67.75
C ARG J 160 -21.34 -13.86 68.44
N THR J 161 -22.07 -14.70 69.16
CA THR J 161 -23.27 -14.22 69.85
C THR J 161 -22.95 -13.41 71.11
N GLY J 162 -21.69 -13.48 71.56
CA GLY J 162 -21.24 -12.64 72.68
C GLY J 162 -20.58 -11.33 72.28
N ALA J 163 -20.73 -10.94 71.02
CA ALA J 163 -20.10 -9.70 70.53
C ALA J 163 -21.07 -8.53 70.51
N ILE J 164 -20.69 -7.45 71.19
CA ILE J 164 -21.51 -6.25 71.36
C ILE J 164 -21.67 -5.51 70.03
N ALA J 165 -20.61 -5.50 69.24
CA ALA J 165 -20.57 -4.71 68.03
C ALA J 165 -20.05 -5.50 66.83
N ARG J 166 -20.20 -4.91 65.64
CA ARG J 166 -19.50 -5.37 64.44
C ARG J 166 -18.73 -4.21 63.80
N VAL J 167 -17.62 -4.54 63.15
CA VAL J 167 -16.81 -3.51 62.52
C VAL J 167 -17.19 -3.36 61.05
N VAL J 168 -17.66 -2.17 60.68
CA VAL J 168 -17.99 -1.87 59.30
C VAL J 168 -17.57 -0.44 58.97
N ASP J 169 -16.96 -0.25 57.82
CA ASP J 169 -16.54 1.08 57.38
C ASP J 169 -17.05 1.32 55.98
N GLY J 170 -17.34 2.59 55.67
CA GLY J 170 -17.62 2.99 54.30
C GLY J 170 -19.09 3.16 54.07
N VAL J 171 -19.46 4.08 53.19
CA VAL J 171 -20.86 4.41 52.96
C VAL J 171 -21.67 3.19 52.51
N GLU J 172 -21.11 2.42 51.58
CA GLU J 172 -21.79 1.20 51.15
C GLU J 172 -21.75 0.13 52.22
N GLY J 173 -20.60 0.01 52.87
CA GLY J 173 -20.42 -0.90 54.02
C GLY J 173 -21.37 -0.72 55.20
N VAL J 174 -21.72 0.53 55.52
CA VAL J 174 -22.68 0.77 56.61
C VAL J 174 -24.12 0.66 56.15
N ARG J 175 -24.38 1.07 54.91
CA ARG J 175 -25.69 0.88 54.30
C ARG J 175 -26.10 -0.59 54.35
N LEU J 176 -25.24 -1.44 53.77
CA LEU J 176 -25.48 -2.86 53.74
C LEU J 176 -25.64 -3.42 55.16
N ALA J 177 -24.72 -3.06 56.07
CA ALA J 177 -24.80 -3.46 57.50
C ALA J 177 -26.17 -3.20 58.15
N VAL J 178 -26.73 -2.01 57.94
CA VAL J 178 -28.05 -1.69 58.46
C VAL J 178 -29.15 -2.60 57.86
N ARG J 179 -29.23 -2.63 56.53
CA ARG J 179 -30.17 -3.52 55.82
C ARG J 179 -30.09 -4.95 56.32
N GLU J 180 -28.88 -5.38 56.67
CA GLU J 180 -28.67 -6.72 57.25
C GLU J 180 -29.26 -6.80 58.64
N GLU J 181 -28.97 -5.79 59.47
CA GLU J 181 -29.40 -5.82 60.86
C GLU J 181 -30.93 -5.78 60.96
N ILE J 182 -31.55 -4.94 60.14
CA ILE J 182 -32.99 -4.80 60.09
C ILE J 182 -33.66 -6.08 59.61
N GLN J 183 -33.13 -6.65 58.54
CA GLN J 183 -33.59 -7.96 58.09
C GLN J 183 -33.50 -9.01 59.20
N LYS J 184 -32.35 -9.11 59.86
CA LYS J 184 -32.21 -9.96 61.07
C LYS J 184 -33.16 -9.57 62.23
N GLY J 185 -33.80 -8.42 62.13
CA GLY J 185 -34.97 -8.07 62.96
C GLY J 185 -34.70 -7.07 64.07
N ALA J 186 -33.82 -6.10 63.80
CA ALA J 186 -33.49 -5.10 64.81
C ALA J 186 -34.64 -4.09 64.91
N THR J 187 -34.90 -3.62 66.13
CA THR J 187 -35.95 -2.62 66.34
C THR J 187 -35.40 -1.21 66.18
N GLN J 188 -34.13 -1.02 66.49
CA GLN J 188 -33.43 0.21 66.13
C GLN J 188 -31.93 -0.07 65.85
N ILE J 189 -31.20 0.96 65.44
CA ILE J 189 -29.80 0.83 65.03
C ILE J 189 -28.88 1.55 66.03
N LYS J 190 -27.87 0.86 66.54
CA LYS J 190 -26.88 1.48 67.43
C LYS J 190 -25.56 1.72 66.67
N ILE J 191 -25.02 2.93 66.77
CA ILE J 191 -23.66 3.18 66.30
C ILE J 191 -22.79 3.79 67.39
N MET J 192 -21.49 3.54 67.30
CA MET J 192 -20.53 4.34 68.04
C MET J 192 -20.10 5.53 67.19
N ALA J 193 -20.34 6.75 67.70
CA ALA J 193 -19.96 7.97 66.98
C ALA J 193 -18.84 8.74 67.68
N SER J 194 -18.20 8.12 68.66
CA SER J 194 -17.11 8.76 69.39
C SER J 194 -16.26 7.70 70.09
N GLY J 195 -15.06 8.07 70.52
CA GLY J 195 -14.32 7.26 71.50
C GLY J 195 -15.10 6.91 72.76
N GLY J 196 -14.58 5.98 73.54
CA GLY J 196 -15.31 5.47 74.70
C GLY J 196 -14.40 5.12 75.86
N VAL J 197 -14.89 4.22 76.71
CA VAL J 197 -14.16 3.81 77.91
C VAL J 197 -13.75 2.34 77.83
N ALA J 198 -14.66 1.50 77.33
CA ALA J 198 -14.49 0.06 77.34
C ALA J 198 -13.83 -0.55 76.09
N SER J 199 -13.23 0.28 75.25
CA SER J 199 -12.44 -0.19 74.10
C SER J 199 -10.95 0.14 74.25
N PRO J 200 -10.07 -0.62 73.56
CA PRO J 200 -8.61 -0.48 73.81
C PRO J 200 -7.93 0.77 73.21
N THR J 201 -8.26 1.13 71.96
CA THR J 201 -7.40 2.02 71.18
C THR J 201 -7.85 3.48 71.05
N ASP J 202 -9.12 3.74 71.34
CA ASP J 202 -9.71 5.07 71.12
C ASP J 202 -9.82 5.90 72.38
N PRO J 203 -9.04 7.00 72.44
CA PRO J 203 -9.30 8.04 73.43
C PRO J 203 -10.67 8.70 73.22
N ILE J 204 -11.25 9.15 74.32
CA ILE J 204 -12.67 9.49 74.38
C ILE J 204 -13.00 10.80 73.65
N ALA J 205 -11.98 11.64 73.49
CA ALA J 205 -12.08 12.97 72.86
C ALA J 205 -12.47 12.92 71.40
N ASN J 206 -12.00 11.90 70.68
CA ASN J 206 -12.14 11.87 69.23
C ASN J 206 -13.43 11.25 68.71
N THR J 207 -13.94 11.82 67.61
CA THR J 207 -15.20 11.40 66.98
C THR J 207 -15.01 10.14 66.17
N GLN J 208 -16.11 9.50 65.76
CA GLN J 208 -16.04 8.28 64.96
C GLN J 208 -17.08 8.29 63.86
N TYR J 209 -16.74 7.67 62.73
CA TYR J 209 -17.55 7.66 61.51
C TYR J 209 -17.57 8.98 60.79
N SER J 210 -17.53 8.95 59.46
CA SER J 210 -17.66 10.15 58.66
C SER J 210 -19.11 10.58 58.64
N GLU J 211 -19.35 11.87 58.38
CA GLU J 211 -20.72 12.37 58.27
C GLU J 211 -21.49 11.66 57.17
N ASP J 212 -20.81 11.35 56.06
CA ASP J 212 -21.45 10.60 54.99
C ASP J 212 -21.92 9.23 55.48
N GLU J 213 -21.10 8.58 56.30
CA GLU J 213 -21.48 7.30 56.86
C GLU J 213 -22.71 7.43 57.75
N ILE J 214 -22.67 8.38 58.67
CA ILE J 214 -23.77 8.57 59.64
C ILE J 214 -25.08 8.94 58.95
N ARG J 215 -25.01 9.79 57.95
CA ARG J 215 -26.21 10.13 57.20
C ARG J 215 -26.76 8.91 56.43
N ALA J 216 -25.88 8.06 55.91
CA ALA J 216 -26.33 6.86 55.19
C ALA J 216 -26.99 5.84 56.11
N ILE J 217 -26.41 5.64 57.30
CA ILE J 217 -27.06 4.89 58.38
C ILE J 217 -28.43 5.45 58.79
N VAL J 218 -28.50 6.77 58.97
CA VAL J 218 -29.73 7.42 59.45
C VAL J 218 -30.89 7.21 58.48
N ASP J 219 -30.60 7.34 57.19
CA ASP J 219 -31.57 7.09 56.12
C ASP J 219 -32.04 5.65 56.08
N GLU J 220 -31.11 4.71 56.18
CA GLU J 220 -31.49 3.30 56.15
C GLU J 220 -32.39 2.95 57.32
N ALA J 221 -32.06 3.46 58.51
CA ALA J 221 -32.93 3.31 59.69
C ALA J 221 -34.33 3.93 59.46
N GLU J 222 -34.33 5.12 58.87
CA GLU J 222 -35.59 5.82 58.57
C GLU J 222 -36.40 5.11 57.48
N ALA J 223 -35.72 4.58 56.46
CA ALA J 223 -36.40 3.84 55.39
C ALA J 223 -37.13 2.61 55.94
N ALA J 224 -36.66 2.10 57.08
CA ALA J 224 -37.30 0.99 57.76
C ALA J 224 -38.16 1.50 58.91
N ASN J 225 -38.47 2.79 58.87
CA ASN J 225 -39.29 3.43 59.89
C ASN J 225 -38.82 3.12 61.31
N THR J 226 -37.50 3.24 61.51
CA THR J 226 -36.94 3.32 62.85
C THR J 226 -35.88 4.45 62.90
N TYR J 227 -35.05 4.45 63.93
CA TYR J 227 -34.17 5.58 64.20
C TYR J 227 -32.76 5.07 64.50
N VAL J 228 -31.80 5.99 64.62
CA VAL J 228 -30.48 5.62 65.12
C VAL J 228 -30.26 6.07 66.58
N MET J 229 -29.75 5.16 67.41
CA MET J 229 -29.12 5.57 68.67
C MET J 229 -27.58 5.63 68.54
N ALA J 230 -26.96 6.63 69.17
CA ALA J 230 -25.54 6.90 68.96
C ALA J 230 -24.73 7.16 70.23
N HIS J 231 -23.71 6.36 70.44
CA HIS J 231 -22.77 6.56 71.55
C HIS J 231 -21.89 7.80 71.28
N ALA J 232 -21.97 8.78 72.17
CA ALA J 232 -21.18 10.02 72.08
C ALA J 232 -20.91 10.67 73.44
N TYR J 233 -19.67 11.10 73.68
CA TYR J 233 -19.34 11.89 74.88
C TYR J 233 -19.27 13.42 74.67
N THR J 234 -18.28 13.90 73.91
CA THR J 234 -18.02 15.34 73.80
C THR J 234 -19.11 16.06 72.99
N GLY J 235 -19.30 17.34 73.29
CA GLY J 235 -20.30 18.16 72.60
C GLY J 235 -20.08 18.27 71.10
N ARG J 236 -18.81 18.27 70.69
CA ARG J 236 -18.43 18.23 69.28
C ARG J 236 -18.97 16.96 68.63
N ALA J 237 -18.64 15.82 69.23
CA ALA J 237 -19.12 14.52 68.76
C ALA J 237 -20.65 14.43 68.77
N ILE J 238 -21.28 15.05 69.76
CA ILE J 238 -22.75 15.04 69.88
C ILE J 238 -23.41 15.89 68.79
N ALA J 239 -22.82 17.04 68.48
CA ALA J 239 -23.42 17.99 67.56
C ALA J 239 -23.53 17.41 66.13
N ARG J 240 -22.41 16.87 65.64
CA ARG J 240 -22.39 16.33 64.29
C ARG J 240 -23.24 15.08 64.17
N ALA J 241 -23.28 14.27 65.23
CA ALA J 241 -24.20 13.14 65.28
C ALA J 241 -25.64 13.63 65.10
N VAL J 242 -26.02 14.61 65.92
CA VAL J 242 -27.35 15.14 65.91
C VAL J 242 -27.66 15.83 64.59
N ARG J 243 -26.67 16.56 64.06
CA ARG J 243 -26.83 17.23 62.78
C ARG J 243 -27.02 16.25 61.63
N CYS J 244 -26.57 15.01 61.82
CA CYS J 244 -26.69 13.99 60.79
C CYS J 244 -28.00 13.25 60.87
N GLY J 245 -28.66 13.38 62.01
CA GLY J 245 -30.05 12.93 62.14
C GLY J 245 -30.21 11.76 63.07
N VAL J 246 -29.30 11.60 64.03
CA VAL J 246 -29.51 10.58 65.06
C VAL J 246 -30.56 11.05 66.06
N ARG J 247 -31.34 10.12 66.59
CA ARG J 247 -32.51 10.48 67.38
C ARG J 247 -32.19 10.44 68.87
N THR J 248 -31.32 9.53 69.28
CA THR J 248 -30.98 9.42 70.70
C THR J 248 -29.47 9.36 70.96
N ILE J 249 -29.03 10.05 72.01
CA ILE J 249 -27.61 10.08 72.33
C ILE J 249 -27.33 9.33 73.61
N GLU J 250 -26.42 8.37 73.55
CA GLU J 250 -26.10 7.55 74.70
C GLU J 250 -24.91 8.15 75.42
N HIS J 251 -24.96 8.11 76.74
CA HIS J 251 -23.94 8.68 77.61
C HIS J 251 -23.98 10.22 77.69
N GLY J 252 -23.50 10.89 76.65
CA GLY J 252 -23.51 12.36 76.58
C GLY J 252 -22.84 13.13 77.72
N ASN J 253 -21.92 12.49 78.44
CA ASN J 253 -21.30 13.06 79.65
C ASN J 253 -20.65 14.44 79.48
N LEU J 254 -20.13 14.72 78.29
CA LEU J 254 -19.35 15.94 78.11
C LEU J 254 -20.00 16.87 77.09
N VAL J 255 -21.28 17.15 77.29
CA VAL J 255 -21.95 18.24 76.55
C VAL J 255 -21.49 19.61 77.00
N ASP J 256 -21.47 20.54 76.05
CA ASP J 256 -21.66 21.96 76.35
C ASP J 256 -23.12 22.32 76.08
N GLU J 257 -23.51 23.53 76.49
CA GLU J 257 -24.90 23.97 76.32
C GLU J 257 -25.20 24.33 74.88
N ALA J 258 -24.16 24.53 74.08
CA ALA J 258 -24.33 24.75 72.64
C ALA J 258 -24.92 23.50 72.00
N ALA J 259 -24.29 22.36 72.30
CA ALA J 259 -24.76 21.06 71.83
C ALA J 259 -26.16 20.76 72.37
N ALA J 260 -26.32 20.84 73.68
CA ALA J 260 -27.62 20.66 74.33
C ALA J 260 -28.74 21.48 73.67
N LYS J 261 -28.41 22.71 73.27
CA LYS J 261 -29.38 23.58 72.62
C LYS J 261 -29.76 22.99 71.27
N LEU J 262 -28.75 22.45 70.58
CA LEU J 262 -28.93 21.87 69.25
C LEU J 262 -29.76 20.59 69.34
N MET J 263 -29.51 19.82 70.41
CA MET J 263 -30.31 18.62 70.69
C MET J 263 -31.79 18.99 70.87
N HIS J 264 -32.06 19.86 71.85
CA HIS J 264 -33.42 20.32 72.12
C HIS J 264 -34.11 20.75 70.82
N GLU J 265 -33.37 21.50 70.03
CA GLU J 265 -33.85 22.06 68.78
C GLU J 265 -34.20 20.96 67.79
N HIS J 266 -33.47 19.85 67.82
CA HIS J 266 -33.70 18.78 66.84
C HIS J 266 -34.72 17.75 67.29
N GLY J 267 -35.02 17.75 68.59
CA GLY J 267 -35.93 16.78 69.17
C GLY J 267 -35.22 15.48 69.56
N ALA J 268 -33.92 15.56 69.73
CA ALA J 268 -33.12 14.39 70.08
C ALA J 268 -33.11 14.15 71.58
N PHE J 269 -33.20 12.87 71.95
CA PHE J 269 -33.20 12.46 73.34
C PHE J 269 -31.78 12.23 73.84
N VAL J 270 -31.65 11.97 75.14
CA VAL J 270 -30.36 11.55 75.72
C VAL J 270 -30.62 10.44 76.70
N VAL J 271 -29.77 9.42 76.67
CA VAL J 271 -29.79 8.43 77.71
C VAL J 271 -28.45 8.41 78.48
N PRO J 272 -28.34 9.22 79.55
CA PRO J 272 -27.17 9.16 80.42
C PRO J 272 -27.06 7.81 81.09
N THR J 273 -25.86 7.42 81.48
CA THR J 273 -25.68 6.10 82.09
C THR J 273 -24.75 6.18 83.30
N LEU J 274 -25.08 7.09 84.21
CA LEU J 274 -24.14 7.53 85.24
C LEU J 274 -23.68 6.44 86.23
N VAL J 275 -24.57 5.48 86.48
CA VAL J 275 -24.31 4.45 87.48
C VAL J 275 -23.08 3.62 87.11
N THR J 276 -22.95 3.27 85.83
CA THR J 276 -21.88 2.38 85.35
C THR J 276 -20.49 2.92 85.65
N TYR J 277 -20.36 4.24 85.73
CA TYR J 277 -19.08 4.87 86.00
C TYR J 277 -18.71 4.80 87.47
N ASP J 278 -19.72 4.87 88.33
CA ASP J 278 -19.51 4.68 89.77
C ASP J 278 -19.09 3.24 90.03
N ALA J 279 -19.71 2.33 89.28
CA ALA J 279 -19.42 0.91 89.39
C ALA J 279 -18.00 0.63 88.88
N LEU J 280 -17.66 1.22 87.75
CA LEU J 280 -16.32 1.02 87.17
C LEU J 280 -15.25 1.79 87.92
N ALA J 281 -15.66 2.75 88.74
CA ALA J 281 -14.75 3.38 89.70
C ALA J 281 -14.33 2.39 90.78
N LYS J 282 -15.31 1.79 91.46
CA LYS J 282 -15.03 0.88 92.58
C LYS J 282 -14.37 -0.42 92.14
N HIS J 283 -15.01 -1.12 91.21
CA HIS J 283 -14.63 -2.50 90.89
C HIS J 283 -14.17 -2.66 89.44
N GLY J 284 -13.42 -1.67 88.94
CA GLY J 284 -13.08 -1.60 87.52
C GLY J 284 -12.06 -2.64 87.08
N ALA J 285 -10.79 -2.40 87.42
CA ALA J 285 -9.71 -3.36 87.15
C ALA J 285 -9.89 -4.64 87.98
N GLU J 286 -10.72 -4.54 89.03
CA GLU J 286 -11.02 -5.65 89.92
C GLU J 286 -11.86 -6.74 89.25
N PHE J 287 -12.82 -6.33 88.41
CA PHE J 287 -13.67 -7.28 87.66
C PHE J 287 -13.19 -7.56 86.23
N GLY J 288 -11.89 -7.36 86.00
CA GLY J 288 -11.24 -7.89 84.81
C GLY J 288 -11.33 -7.01 83.58
N MET J 289 -11.69 -5.74 83.76
CA MET J 289 -11.62 -4.77 82.67
C MET J 289 -10.23 -4.15 82.59
N PRO J 290 -9.59 -4.24 81.40
CA PRO J 290 -8.21 -3.83 81.12
C PRO J 290 -7.76 -2.52 81.80
N PRO J 291 -6.51 -2.49 82.32
CA PRO J 291 -5.98 -1.39 83.14
C PRO J 291 -6.05 0.01 82.50
N GLU J 292 -5.94 0.10 81.19
CA GLU J 292 -5.98 1.40 80.49
C GLU J 292 -7.41 1.85 80.10
N SER J 293 -8.39 0.99 80.36
CA SER J 293 -9.79 1.36 80.23
C SER J 293 -10.32 1.99 81.52
N VAL J 294 -9.80 1.53 82.65
CA VAL J 294 -10.14 2.11 83.95
C VAL J 294 -9.44 3.47 84.14
N ALA J 295 -8.42 3.73 83.32
CA ALA J 295 -7.78 5.04 83.28
C ALA J 295 -8.70 6.10 82.67
N LYS J 296 -9.51 5.67 81.70
CA LYS J 296 -10.43 6.56 80.98
C LYS J 296 -11.74 6.84 81.72
N VAL J 297 -12.00 6.06 82.76
CA VAL J 297 -13.27 6.17 83.50
C VAL J 297 -13.25 7.30 84.52
N ALA J 298 -12.05 7.69 84.96
CA ALA J 298 -11.89 8.79 85.90
C ALA J 298 -12.56 10.08 85.41
N SER J 299 -12.44 10.37 84.11
CA SER J 299 -12.78 11.68 83.55
C SER J 299 -14.28 11.92 83.30
N VAL J 300 -14.99 10.89 82.87
CA VAL J 300 -16.38 11.04 82.41
C VAL J 300 -17.41 11.17 83.53
N GLN J 301 -17.10 10.60 84.70
CA GLN J 301 -18.03 10.60 85.83
C GLN J 301 -18.09 11.97 86.51
N GLN J 302 -17.00 12.72 86.38
CA GLN J 302 -16.91 14.10 86.84
C GLN J 302 -18.07 14.94 86.30
N LYS J 303 -17.98 15.27 85.01
CA LYS J 303 -19.01 16.06 84.35
C LYS J 303 -20.33 15.32 84.24
N GLY J 304 -20.34 14.06 84.66
CA GLY J 304 -21.54 13.23 84.59
C GLY J 304 -22.75 13.88 85.24
N ARG J 305 -22.64 14.11 86.55
CA ARG J 305 -23.73 14.66 87.34
C ARG J 305 -24.08 16.06 86.84
N GLU J 306 -23.04 16.82 86.53
CA GLU J 306 -23.16 18.19 86.01
C GLU J 306 -23.92 18.26 84.68
N SER J 307 -23.70 17.28 83.81
CA SER J 307 -24.32 17.25 82.48
C SER J 307 -25.84 17.19 82.57
N LEU J 308 -26.33 16.43 83.56
CA LEU J 308 -27.76 16.29 83.85
C LEU J 308 -28.46 17.64 83.94
N GLU J 309 -27.80 18.59 84.59
CA GLU J 309 -28.34 19.93 84.75
C GLU J 309 -28.40 20.65 83.42
N ILE J 310 -27.35 20.54 82.62
CA ILE J 310 -27.29 21.20 81.31
C ILE J 310 -28.40 20.68 80.40
N TYR J 311 -28.67 19.38 80.49
CA TYR J 311 -29.72 18.77 79.70
C TYR J 311 -31.09 19.26 80.13
N ALA J 312 -31.28 19.33 81.45
CA ALA J 312 -32.46 19.95 82.01
C ALA J 312 -32.66 21.39 81.51
N ASN J 313 -31.61 22.22 81.66
CA ASN J 313 -31.65 23.64 81.30
C ASN J 313 -32.00 23.89 79.85
N ALA J 314 -31.39 23.10 78.95
CA ALA J 314 -31.65 23.20 77.52
C ALA J 314 -33.01 22.60 77.17
N GLY J 315 -33.50 21.74 78.05
CA GLY J 315 -34.82 21.14 77.88
C GLY J 315 -34.73 19.95 76.94
N VAL J 316 -33.79 19.06 77.23
CA VAL J 316 -33.58 17.85 76.44
C VAL J 316 -34.10 16.64 77.22
N LYS J 317 -35.06 15.91 76.63
CA LYS J 317 -35.68 14.75 77.29
C LYS J 317 -34.64 13.71 77.69
N MET J 318 -34.70 13.27 78.95
CA MET J 318 -33.73 12.33 79.49
C MET J 318 -34.36 10.96 79.75
N GLY J 319 -33.75 9.90 79.23
CA GLY J 319 -34.24 8.54 79.41
C GLY J 319 -33.32 7.79 80.35
N PHE J 320 -33.81 6.66 80.87
CA PHE J 320 -33.06 5.88 81.87
C PHE J 320 -32.11 4.85 81.22
N GLY J 321 -30.87 4.80 81.69
CA GLY J 321 -29.92 3.80 81.21
C GLY J 321 -28.99 3.27 82.29
N SER J 322 -28.68 1.98 82.25
CA SER J 322 -27.69 1.43 83.17
C SER J 322 -26.32 1.27 82.49
N ASP J 323 -26.32 0.49 81.41
CA ASP J 323 -25.11 0.15 80.68
C ASP J 323 -24.12 -0.60 81.56
N LEU J 324 -24.63 -1.44 82.44
CA LEU J 324 -23.75 -2.17 83.34
C LEU J 324 -23.21 -3.42 82.67
N LEU J 325 -22.01 -3.82 83.08
CA LEU J 325 -21.32 -4.96 82.51
C LEU J 325 -20.94 -5.96 83.60
N GLY J 326 -21.20 -7.23 83.33
CA GLY J 326 -20.79 -8.31 84.23
C GLY J 326 -21.59 -8.29 85.51
N GLU J 327 -20.92 -8.68 86.60
CA GLU J 327 -21.52 -8.80 87.93
C GLU J 327 -21.89 -7.45 88.55
N MET J 328 -21.42 -6.36 87.94
CA MET J 328 -21.90 -5.01 88.23
C MET J 328 -23.32 -4.79 87.70
N HIS J 329 -23.93 -5.83 87.13
CA HIS J 329 -25.29 -5.72 86.62
C HIS J 329 -26.29 -5.52 87.76
N ALA J 330 -25.86 -5.89 88.98
CA ALA J 330 -26.66 -5.79 90.21
C ALA J 330 -27.11 -4.37 90.56
N PHE J 331 -26.18 -3.43 90.42
CA PHE J 331 -26.39 -2.02 90.79
C PHE J 331 -27.41 -1.29 89.94
N GLN J 332 -28.18 -2.01 89.13
CA GLN J 332 -28.95 -1.40 88.04
C GLN J 332 -29.92 -0.32 88.50
N SER J 333 -30.58 -0.54 89.63
CA SER J 333 -31.60 0.38 90.13
C SER J 333 -31.03 1.64 90.80
N GLY J 334 -29.72 1.62 91.07
CA GLY J 334 -29.02 2.75 91.71
C GLY J 334 -28.99 4.05 90.92
N GLU J 335 -29.15 3.96 89.60
CA GLU J 335 -29.26 5.14 88.73
C GLU J 335 -30.48 6.03 89.04
N PHE J 336 -31.56 5.42 89.55
CA PHE J 336 -32.73 6.18 90.05
C PHE J 336 -32.32 7.22 91.08
N ARG J 337 -31.55 6.76 92.06
CA ARG J 337 -31.07 7.63 93.14
C ARG J 337 -30.07 8.67 92.65
N ILE J 338 -29.11 8.26 91.83
CA ILE J 338 -28.16 9.20 91.23
C ILE J 338 -28.85 10.30 90.44
N ARG J 339 -29.94 9.96 89.75
CA ARG J 339 -30.74 10.95 89.05
C ARG J 339 -31.64 11.78 89.97
N ALA J 340 -32.21 11.14 90.99
CA ALA J 340 -33.01 11.82 92.02
C ALA J 340 -32.27 12.93 92.77
N GLU J 341 -31.00 12.71 93.05
CA GLU J 341 -30.15 13.66 93.74
C GLU J 341 -29.83 14.92 92.94
N VAL J 342 -30.14 14.94 91.65
CA VAL J 342 -29.87 16.12 90.82
C VAL J 342 -31.17 16.78 90.38
N LEU J 343 -32.04 16.02 89.76
CA LEU J 343 -33.37 16.51 89.40
C LEU J 343 -34.36 15.81 90.33
N GLY J 344 -35.54 16.37 90.54
CA GLY J 344 -36.49 15.76 91.46
C GLY J 344 -36.70 14.30 91.18
N ASN J 345 -37.04 13.51 92.21
CA ASN J 345 -37.36 12.11 91.96
C ASN J 345 -38.70 11.82 91.24
N LEU J 346 -39.44 12.87 90.89
CA LEU J 346 -40.50 12.76 89.89
C LEU J 346 -39.83 12.62 88.53
N GLU J 347 -38.80 13.44 88.31
CA GLU J 347 -38.04 13.42 87.05
C GLU J 347 -37.32 12.08 86.86
N ALA J 348 -36.73 11.56 87.93
CA ALA J 348 -36.02 10.29 87.90
C ALA J 348 -36.97 9.16 87.47
N LEU J 349 -38.22 9.23 87.91
CA LEU J 349 -39.20 8.19 87.55
C LEU J 349 -39.76 8.40 86.14
N ARG J 350 -39.83 9.65 85.70
CA ARG J 350 -40.28 9.97 84.34
C ARG J 350 -39.36 9.37 83.27
N SER J 351 -38.06 9.40 83.57
CA SER J 351 -37.04 8.92 82.65
CA SER J 351 -37.04 8.91 82.65
C SER J 351 -37.24 7.43 82.33
N ALA J 352 -37.65 6.66 83.33
CA ALA J 352 -37.78 5.21 83.19
C ALA J 352 -39.18 4.77 82.77
N THR J 353 -40.03 5.74 82.42
CA THR J 353 -41.44 5.45 82.16
C THR J 353 -41.95 6.20 80.93
N THR J 354 -42.42 7.44 81.13
CA THR J 354 -43.11 8.19 80.07
C THR J 354 -42.12 8.63 78.98
N VAL J 355 -40.96 9.12 79.42
CA VAL J 355 -39.91 9.53 78.50
C VAL J 355 -39.33 8.32 77.80
N ALA J 356 -39.01 7.28 78.59
CA ALA J 356 -38.58 5.99 78.04
C ALA J 356 -39.50 5.46 76.93
N ALA J 357 -40.80 5.31 77.23
CA ALA J 357 -41.77 4.79 76.27
C ALA J 357 -41.75 5.55 74.94
N GLU J 358 -41.54 6.86 75.03
CA GLU J 358 -41.50 7.72 73.86
C GLU J 358 -40.27 7.37 73.00
N ILE J 359 -39.15 7.12 73.67
CA ILE J 359 -37.89 6.79 73.02
C ILE J 359 -38.05 5.54 72.15
N VAL J 360 -38.68 4.50 72.71
CA VAL J 360 -38.90 3.23 72.01
C VAL J 360 -40.21 3.26 71.23
N ASN J 361 -40.72 4.47 70.97
CA ASN J 361 -41.93 4.68 70.17
C ASN J 361 -43.21 3.96 70.65
N MET J 362 -43.27 3.75 71.95
CA MET J 362 -44.41 3.10 72.59
C MET J 362 -45.13 4.04 73.58
N GLN J 363 -45.19 5.34 73.26
CA GLN J 363 -45.97 6.26 74.09
C GLN J 363 -47.48 6.02 73.91
N GLY J 364 -48.17 5.86 75.05
CA GLY J 364 -49.55 5.42 75.07
C GLY J 364 -49.64 3.91 75.25
N GLN J 365 -48.53 3.22 75.01
CA GLN J 365 -48.54 1.76 75.03
C GLN J 365 -47.86 1.25 76.29
N LEU J 366 -46.71 1.83 76.61
CA LEU J 366 -46.02 1.51 77.86
C LEU J 366 -45.79 2.78 78.64
N GLY J 367 -45.24 2.62 79.85
CA GLY J 367 -44.79 3.73 80.68
C GLY J 367 -45.89 4.62 81.25
N VAL J 368 -47.13 4.22 81.03
CA VAL J 368 -48.28 4.97 81.52
C VAL J 368 -49.42 4.00 81.88
N ILE J 369 -49.92 4.13 83.11
CA ILE J 369 -51.14 3.40 83.52
C ILE J 369 -52.40 4.12 83.01
N ALA J 370 -52.97 3.61 81.91
CA ALA J 370 -54.11 4.27 81.27
C ALA J 370 -54.98 3.22 80.61
N VAL J 371 -56.17 3.62 80.18
CA VAL J 371 -57.08 2.70 79.52
C VAL J 371 -56.58 2.41 78.11
N GLY J 372 -56.42 1.13 77.79
CA GLY J 372 -55.93 0.71 76.48
C GLY J 372 -54.46 0.35 76.44
N ALA J 373 -53.71 0.78 77.47
CA ALA J 373 -52.26 0.58 77.50
C ALA J 373 -51.92 -0.86 77.91
N ILE J 374 -50.69 -1.28 77.63
CA ILE J 374 -50.21 -2.63 77.96
C ILE J 374 -50.01 -2.84 79.47
N ALA J 375 -50.49 -3.96 79.99
CA ALA J 375 -50.48 -4.20 81.43
C ALA J 375 -49.09 -4.48 82.01
N ASP J 376 -48.20 -3.50 81.92
CA ASP J 376 -46.84 -3.63 82.46
C ASP J 376 -46.72 -2.87 83.78
N LEU J 377 -47.05 -3.54 84.88
CA LEU J 377 -47.16 -2.86 86.17
C LEU J 377 -46.12 -3.30 87.16
N VAL J 378 -45.70 -2.33 87.99
CA VAL J 378 -44.94 -2.61 89.19
C VAL J 378 -45.76 -2.27 90.45
N VAL J 379 -45.81 -3.20 91.39
CA VAL J 379 -46.38 -2.96 92.71
C VAL J 379 -45.29 -2.80 93.77
N LEU J 380 -45.38 -1.67 94.46
CA LEU J 380 -44.25 -1.06 95.16
C LEU J 380 -44.61 -0.78 96.61
N ASP J 381 -43.77 -1.28 97.51
CA ASP J 381 -43.97 -1.13 98.95
C ASP J 381 -43.41 0.20 99.45
N GLY J 382 -44.23 1.24 99.38
CA GLY J 382 -43.80 2.57 99.77
C GLY J 382 -44.11 3.57 98.68
N ASN J 383 -43.67 4.81 98.89
CA ASN J 383 -43.86 5.88 97.92
C ASN J 383 -42.53 6.43 97.38
N PRO J 384 -42.28 6.20 96.07
CA PRO J 384 -41.05 6.63 95.39
C PRO J 384 -41.00 8.14 95.27
N LEU J 385 -42.18 8.75 95.28
CA LEU J 385 -42.34 10.19 95.09
C LEU J 385 -41.73 10.96 96.26
N GLU J 386 -41.64 10.34 97.43
CA GLU J 386 -40.99 10.99 98.54
C GLU J 386 -39.72 10.30 98.96
N ASP J 387 -39.75 8.96 98.94
CA ASP J 387 -38.52 8.19 99.11
C ASP J 387 -38.17 7.43 97.83
N ILE J 388 -37.15 7.93 97.14
CA ILE J 388 -36.65 7.27 95.93
C ILE J 388 -36.04 5.90 96.23
N GLY J 389 -35.61 5.68 97.48
CA GLY J 389 -35.02 4.39 97.89
C GLY J 389 -35.89 3.15 97.73
N VAL J 390 -37.22 3.36 97.61
CA VAL J 390 -38.18 2.26 97.44
C VAL J 390 -38.09 1.62 96.05
N VAL J 391 -37.42 2.32 95.15
CA VAL J 391 -37.08 1.79 93.84
C VAL J 391 -35.58 1.45 93.79
N ALA J 392 -34.77 2.38 94.24
CA ALA J 392 -33.34 2.36 93.95
C ALA J 392 -32.51 1.47 94.89
N ASP J 393 -33.12 0.40 95.37
CA ASP J 393 -32.44 -0.45 96.34
C ASP J 393 -32.26 -1.88 95.84
N ALA J 396 -35.46 -4.75 96.46
CA ALA J 396 -35.78 -4.87 97.87
C ALA J 396 -37.28 -4.71 98.13
N ARG J 397 -37.87 -3.66 97.55
CA ARG J 397 -39.19 -3.18 97.97
C ARG J 397 -40.25 -3.24 96.87
N VAL J 398 -40.03 -4.11 95.88
CA VAL J 398 -41.01 -4.39 94.84
C VAL J 398 -41.48 -5.83 95.01
N GLU J 399 -42.79 -6.04 95.13
CA GLU J 399 -43.30 -7.38 95.48
C GLU J 399 -44.18 -8.00 94.42
N TYR J 400 -44.64 -7.18 93.45
CA TYR J 400 -45.37 -7.70 92.30
C TYR J 400 -44.93 -7.07 90.98
N VAL J 401 -44.60 -7.93 90.01
CA VAL J 401 -44.33 -7.48 88.65
C VAL J 401 -45.32 -8.11 87.69
N LEU J 402 -46.04 -7.27 86.95
CA LEU J 402 -46.96 -7.74 85.91
C LEU J 402 -46.40 -7.46 84.53
N GLN J 403 -46.53 -8.44 83.63
CA GLN J 403 -46.05 -8.32 82.26
C GLN J 403 -47.13 -8.76 81.28
N ARG J 404 -47.52 -7.84 80.40
CA ARG J 404 -48.58 -8.12 79.41
C ARG J 404 -49.75 -8.91 80.01
N GLY J 405 -50.33 -8.36 81.07
CA GLY J 405 -51.39 -9.02 81.80
C GLY J 405 -50.85 -9.82 82.97
N THR J 406 -50.05 -10.83 82.67
CA THR J 406 -49.81 -11.89 83.63
C THR J 406 -48.85 -11.48 84.74
N LEU J 407 -49.02 -12.09 85.90
CA LEU J 407 -48.11 -11.90 87.01
C LEU J 407 -46.85 -12.72 86.76
N VAL J 408 -45.69 -12.09 86.94
CA VAL J 408 -44.39 -12.73 86.72
C VAL J 408 -43.47 -12.78 87.94
N LYS J 409 -43.67 -11.87 88.89
CA LYS J 409 -42.89 -11.93 90.13
C LYS J 409 -43.78 -11.72 91.34
N ARG J 410 -43.53 -12.50 92.39
CA ARG J 410 -44.16 -12.32 93.70
C ARG J 410 -43.10 -12.35 94.80
N GLN J 411 -42.84 -11.19 95.40
CA GLN J 411 -41.67 -10.99 96.25
C GLN J 411 -42.04 -10.40 97.59
N THR K 4 46.20 -11.38 60.67
CA THR K 4 47.26 -11.70 61.67
C THR K 4 46.82 -12.84 62.59
N ILE K 5 47.31 -12.81 63.83
CA ILE K 5 47.53 -14.03 64.60
C ILE K 5 47.52 -13.81 66.13
N THR K 6 47.07 -14.82 66.88
CA THR K 6 46.90 -14.70 68.34
C THR K 6 47.39 -15.97 69.07
N VAL K 7 47.91 -15.79 70.28
CA VAL K 7 48.27 -16.92 71.13
C VAL K 7 47.64 -16.79 72.52
N LEU K 8 46.85 -17.80 72.91
CA LEU K 8 46.56 -18.04 74.33
C LEU K 8 47.71 -18.85 74.92
N GLN K 9 48.40 -18.31 75.91
CA GLN K 9 49.65 -18.91 76.39
C GLN K 9 49.58 -19.48 77.80
N GLY K 10 50.15 -20.67 77.95
CA GLY K 10 50.32 -21.31 79.25
C GLY K 10 49.03 -21.82 79.86
N GLY K 11 48.02 -22.05 79.02
CA GLY K 11 46.71 -22.49 79.49
C GLY K 11 46.70 -23.97 79.83
N ASN K 12 45.71 -24.38 80.64
CA ASN K 12 45.38 -25.79 80.76
C ASN K 12 44.26 -26.16 79.78
N VAL K 13 44.66 -26.67 78.61
CA VAL K 13 43.75 -27.05 77.53
C VAL K 13 42.95 -28.31 77.88
N LEU K 14 41.62 -28.20 77.94
CA LEU K 14 40.76 -29.35 78.15
C LEU K 14 40.67 -30.20 76.87
N ASP K 15 41.11 -31.44 76.97
CA ASP K 15 40.88 -32.44 75.94
C ASP K 15 39.82 -33.45 76.38
N LEU K 16 38.74 -33.53 75.62
CA LEU K 16 37.49 -34.10 76.14
C LEU K 16 37.34 -35.60 75.91
N GLU K 17 37.93 -36.13 74.83
CA GLU K 17 37.85 -37.55 74.51
C GLU K 17 38.72 -38.40 75.44
N ARG K 18 39.75 -37.78 76.00
CA ARG K 18 40.60 -38.40 77.02
C ARG K 18 40.16 -38.05 78.44
N GLY K 19 39.59 -36.85 78.60
CA GLY K 19 38.99 -36.44 79.87
C GLY K 19 40.00 -35.86 80.85
N VAL K 20 41.02 -35.18 80.31
CA VAL K 20 42.10 -34.58 81.11
C VAL K 20 42.46 -33.17 80.67
N LEU K 21 42.83 -32.32 81.64
CA LEU K 21 43.50 -31.04 81.36
C LEU K 21 44.93 -31.29 80.85
N LEU K 22 45.39 -30.43 79.94
CA LEU K 22 46.77 -30.48 79.48
C LEU K 22 47.47 -29.19 79.85
N GLU K 23 48.13 -29.18 81.01
CA GLU K 23 48.71 -27.97 81.59
C GLU K 23 49.83 -27.34 80.77
N HIS K 24 49.91 -26.02 80.82
CA HIS K 24 50.93 -25.24 80.11
C HIS K 24 51.04 -25.58 78.63
N HIS K 25 49.89 -25.89 78.05
CA HIS K 25 49.72 -25.92 76.61
C HIS K 25 49.28 -24.54 76.07
N HIS K 26 50.06 -24.07 75.11
CA HIS K 26 49.75 -22.87 74.33
C HIS K 26 48.81 -23.23 73.17
N VAL K 27 47.89 -22.32 72.83
CA VAL K 27 47.06 -22.49 71.65
C VAL K 27 47.16 -21.29 70.69
N VAL K 28 47.50 -21.60 69.45
CA VAL K 28 47.80 -20.58 68.45
C VAL K 28 46.65 -20.46 67.44
N ILE K 29 46.05 -19.27 67.38
CA ILE K 29 44.99 -18.95 66.42
C ILE K 29 45.56 -18.16 65.24
N ASP K 30 45.26 -18.61 64.03
CA ASP K 30 45.44 -17.77 62.84
C ASP K 30 44.13 -17.62 62.10
N GLY K 31 43.74 -16.37 61.87
CA GLY K 31 42.42 -16.06 61.31
C GLY K 31 41.33 -16.54 62.26
N GLU K 32 40.49 -17.46 61.78
CA GLU K 32 39.37 -17.96 62.57
C GLU K 32 39.63 -19.37 63.08
N ARG K 33 40.80 -19.91 62.74
CA ARG K 33 41.11 -21.33 62.98
C ARG K 33 42.29 -21.54 63.93
N ILE K 34 42.21 -22.60 64.73
CA ILE K 34 43.32 -23.08 65.55
C ILE K 34 44.38 -23.75 64.65
N VAL K 35 45.63 -23.30 64.79
CA VAL K 35 46.75 -23.81 63.97
C VAL K 35 47.73 -24.71 64.76
N GLU K 36 47.90 -24.41 66.05
CA GLU K 36 48.72 -25.25 66.93
C GLU K 36 48.17 -25.34 68.35
N VAL K 37 48.18 -26.55 68.90
CA VAL K 37 48.06 -26.75 70.34
C VAL K 37 49.29 -27.51 70.84
N THR K 38 50.13 -26.82 71.62
CA THR K 38 51.44 -27.37 72.01
C THR K 38 51.87 -26.84 73.39
N ASP K 39 52.72 -27.60 74.08
CA ASP K 39 53.41 -27.09 75.27
C ASP K 39 54.83 -26.57 74.99
N ARG K 40 55.11 -26.33 73.70
CA ARG K 40 56.32 -25.63 73.27
C ARG K 40 56.43 -24.24 73.88
N PRO K 41 57.66 -23.81 74.20
CA PRO K 41 57.93 -22.38 74.06
C PRO K 41 57.62 -21.99 72.63
N VAL K 42 56.69 -21.06 72.45
CA VAL K 42 56.14 -20.84 71.13
C VAL K 42 56.64 -19.53 70.52
N ASP K 43 56.80 -19.54 69.21
CA ASP K 43 57.62 -18.56 68.51
C ASP K 43 56.79 -17.34 68.07
N LEU K 44 56.38 -16.50 69.03
CA LEU K 44 55.45 -15.41 68.74
C LEU K 44 56.12 -14.08 68.35
N PRO K 45 56.12 -13.75 67.05
CA PRO K 45 56.65 -12.46 66.63
C PRO K 45 55.60 -11.36 66.79
N ASN K 46 54.51 -11.46 66.02
CA ASN K 46 53.48 -10.42 66.00
C ASN K 46 52.15 -10.87 66.59
N ALA K 47 52.19 -11.86 67.47
CA ALA K 47 50.95 -12.45 68.02
C ALA K 47 50.42 -11.64 69.19
N GLN K 48 49.09 -11.49 69.23
CA GLN K 48 48.40 -11.04 70.44
C GLN K 48 48.53 -12.08 71.53
N ALA K 49 49.56 -11.95 72.36
CA ALA K 49 49.71 -12.80 73.53
C ALA K 49 48.63 -12.47 74.56
N ILE K 50 47.74 -13.42 74.81
CA ILE K 50 46.83 -13.33 75.96
C ILE K 50 47.23 -14.39 76.99
N ASP K 51 47.68 -13.91 78.15
CA ASP K 51 48.24 -14.80 79.15
C ASP K 51 47.14 -15.57 79.85
N VAL K 52 47.19 -16.90 79.73
CA VAL K 52 46.19 -17.76 80.35
C VAL K 52 46.84 -18.74 81.35
N ARG K 53 47.72 -18.21 82.19
CA ARG K 53 48.43 -19.03 83.16
C ARG K 53 47.44 -19.56 84.22
N GLY K 54 47.51 -20.87 84.48
CA GLY K 54 46.72 -21.50 85.54
C GLY K 54 45.21 -21.37 85.40
N LYS K 55 44.74 -21.26 84.16
CA LYS K 55 43.30 -21.20 83.88
C LYS K 55 42.94 -22.15 82.74
N THR K 56 41.77 -22.78 82.85
CA THR K 56 41.30 -23.74 81.85
C THR K 56 40.87 -23.06 80.55
N VAL K 57 41.53 -23.43 79.45
CA VAL K 57 41.04 -23.06 78.12
C VAL K 57 40.33 -24.26 77.50
N MET K 58 39.02 -24.11 77.24
CA MET K 58 38.21 -25.17 76.64
C MET K 58 37.41 -24.67 75.43
N PRO K 59 36.71 -25.58 74.72
CA PRO K 59 35.90 -25.09 73.59
C PRO K 59 34.64 -24.31 74.07
N GLY K 60 34.21 -23.35 73.25
CA GLY K 60 33.00 -22.56 73.53
C GLY K 60 31.74 -23.40 73.49
N PHE K 61 30.87 -23.20 74.47
CA PHE K 61 29.73 -24.09 74.67
C PHE K 61 28.67 -23.97 73.58
N ILE K 62 28.01 -25.10 73.32
CA ILE K 62 26.94 -25.15 72.33
C ILE K 62 25.70 -25.63 73.06
N ASP K 63 24.65 -24.81 72.99
CA ASP K 63 23.36 -25.16 73.58
C ASP K 63 22.40 -25.56 72.47
N CYS K 64 21.87 -26.77 72.59
CA CYS K 64 21.19 -27.42 71.47
C CYS K 64 19.68 -27.20 71.48
N HIS K 65 19.21 -26.39 72.42
CA HIS K 65 17.79 -26.09 72.46
C HIS K 65 17.46 -24.76 73.15
N VAL K 66 17.56 -23.68 72.38
CA VAL K 66 17.12 -22.36 72.83
C VAL K 66 15.98 -21.81 71.98
N HIS K 67 15.25 -20.84 72.54
CA HIS K 67 14.44 -19.94 71.74
C HIS K 67 14.86 -18.51 72.03
N VAL K 68 15.84 -18.04 71.26
CA VAL K 68 16.33 -16.68 71.37
C VAL K 68 15.22 -15.60 71.44
N LEU K 69 14.10 -15.87 70.77
CA LEU K 69 13.02 -14.88 70.65
C LEU K 69 11.93 -15.05 71.72
N ALA K 70 12.06 -16.09 72.54
CA ALA K 70 11.20 -16.19 73.71
C ALA K 70 11.63 -15.14 74.72
N SER K 71 11.07 -13.95 74.58
CA SER K 71 11.44 -12.84 75.46
C SER K 71 10.52 -12.76 76.68
N ASN K 72 9.35 -13.37 76.60
CA ASN K 72 8.52 -13.59 77.80
C ASN K 72 7.84 -14.96 77.85
N ALA K 73 7.52 -15.41 79.06
CA ALA K 73 7.24 -16.82 79.35
C ALA K 73 5.94 -17.32 78.73
N ASN K 74 5.00 -16.42 78.49
CA ASN K 74 3.77 -16.77 77.79
C ASN K 74 4.01 -16.71 76.28
N LEU K 75 4.22 -17.88 75.67
CA LEU K 75 4.57 -17.93 74.25
C LEU K 75 3.43 -17.46 73.35
N GLY K 76 2.21 -17.55 73.86
CA GLY K 76 1.04 -16.98 73.19
C GLY K 76 1.18 -15.48 72.97
N VAL K 77 1.55 -14.78 74.03
CA VAL K 77 1.64 -13.33 73.99
C VAL K 77 2.99 -12.90 73.40
N ASN K 78 3.98 -13.78 73.50
CA ASN K 78 5.24 -13.61 72.80
C ASN K 78 5.01 -13.58 71.29
N ALA K 79 4.05 -14.38 70.83
CA ALA K 79 3.70 -14.43 69.43
C ALA K 79 3.01 -13.15 68.98
N THR K 80 2.24 -12.53 69.88
CA THR K 80 1.43 -11.37 69.50
C THR K 80 2.11 -10.01 69.75
N GLN K 81 3.34 -10.03 70.24
CA GLN K 81 4.08 -8.80 70.40
C GLN K 81 4.52 -8.24 69.04
N PRO K 82 4.49 -6.92 68.87
CA PRO K 82 4.84 -6.31 67.59
C PRO K 82 6.22 -6.74 67.12
N ASN K 83 6.38 -6.88 65.80
CA ASN K 83 7.60 -7.41 65.20
C ASN K 83 8.88 -6.78 65.71
N ILE K 84 9.00 -5.47 65.56
CA ILE K 84 10.23 -4.79 65.86
C ILE K 84 10.60 -4.91 67.36
N LEU K 85 9.59 -4.88 68.22
CA LEU K 85 9.80 -5.12 69.65
C LEU K 85 10.29 -6.53 69.94
N ALA K 86 9.74 -7.49 69.20
CA ALA K 86 10.16 -8.90 69.32
C ALA K 86 11.64 -9.06 69.01
N ALA K 87 12.12 -8.45 67.94
CA ALA K 87 13.53 -8.53 67.58
C ALA K 87 14.39 -7.82 68.61
N ILE K 88 14.00 -6.61 69.00
CA ILE K 88 14.77 -5.81 69.95
C ILE K 88 15.04 -6.61 71.23
N ARG K 89 14.00 -7.24 71.76
CA ARG K 89 14.08 -7.86 73.07
C ARG K 89 14.97 -9.10 73.10
N SER K 90 15.32 -9.59 71.92
CA SER K 90 16.16 -10.76 71.82
C SER K 90 17.63 -10.37 71.99
N LEU K 91 17.93 -9.09 71.78
CA LEU K 91 19.32 -8.65 71.74
C LEU K 91 20.05 -8.88 73.06
N PRO K 92 19.46 -8.45 74.19
CA PRO K 92 19.98 -8.79 75.50
C PRO K 92 20.20 -10.30 75.65
N ILE K 93 19.15 -11.07 75.39
CA ILE K 93 19.19 -12.53 75.46
C ILE K 93 20.40 -13.10 74.72
N LEU K 94 20.63 -12.65 73.48
CA LEU K 94 21.75 -13.12 72.67
C LEU K 94 23.11 -12.79 73.25
N ASP K 95 23.25 -11.54 73.71
CA ASP K 95 24.40 -11.09 74.47
C ASP K 95 24.65 -11.91 75.77
N ALA K 96 23.58 -12.13 76.54
CA ALA K 96 23.69 -12.82 77.84
C ALA K 96 24.14 -14.28 77.72
N MET K 97 23.71 -14.94 76.65
CA MET K 97 24.19 -16.28 76.32
C MET K 97 25.69 -16.28 76.00
N LEU K 98 26.12 -15.33 75.19
CA LEU K 98 27.48 -15.32 74.66
C LEU K 98 28.46 -15.04 75.78
N SER K 99 28.03 -14.21 76.73
CA SER K 99 28.86 -13.92 77.89
C SER K 99 29.00 -15.15 78.78
N ARG K 100 27.98 -16.01 78.78
CA ARG K 100 28.00 -17.23 79.60
C ARG K 100 28.85 -18.33 78.96
N GLY K 101 29.54 -17.98 77.88
CA GLY K 101 30.47 -18.89 77.23
C GLY K 101 29.88 -19.67 76.06
N PHE K 102 28.60 -19.45 75.78
CA PHE K 102 27.93 -20.14 74.68
C PHE K 102 28.23 -19.49 73.34
N THR K 103 29.11 -20.10 72.56
CA THR K 103 29.54 -19.52 71.28
C THR K 103 28.71 -20.00 70.10
N SER K 104 27.94 -21.06 70.31
CA SER K 104 26.92 -21.44 69.33
C SER K 104 25.62 -21.86 69.99
N VAL K 105 24.51 -21.54 69.33
CA VAL K 105 23.21 -22.12 69.70
C VAL K 105 22.47 -22.73 68.49
N ARG K 106 21.58 -23.67 68.79
CA ARG K 106 20.64 -24.23 67.83
C ARG K 106 19.26 -23.76 68.27
N ASP K 107 18.68 -22.84 67.51
CA ASP K 107 17.37 -22.30 67.89
C ASP K 107 16.29 -23.29 67.51
N ALA K 108 15.32 -23.46 68.41
CA ALA K 108 14.34 -24.52 68.27
C ALA K 108 12.99 -23.97 67.79
N GLY K 109 13.03 -22.94 66.94
CA GLY K 109 11.82 -22.29 66.46
C GLY K 109 11.75 -20.84 66.92
N GLY K 110 11.88 -19.93 65.96
CA GLY K 110 11.87 -18.52 66.27
C GLY K 110 12.87 -17.77 65.42
N ALA K 111 14.13 -17.92 65.77
CA ALA K 111 15.20 -17.27 65.02
C ALA K 111 15.25 -17.73 63.57
N ASP K 112 15.56 -16.81 62.67
CA ASP K 112 15.59 -17.11 61.25
C ASP K 112 16.97 -16.86 60.69
N TRP K 113 17.07 -16.87 59.37
CA TRP K 113 18.31 -16.66 58.66
C TRP K 113 18.87 -15.22 58.79
N SER K 114 18.00 -14.25 59.02
CA SER K 114 18.43 -12.86 59.23
C SER K 114 19.11 -12.64 60.58
N LEU K 115 18.61 -13.28 61.63
CA LEU K 115 19.25 -13.20 62.93
C LEU K 115 20.63 -13.84 62.87
N MET K 116 20.71 -15.00 62.24
CA MET K 116 21.97 -15.67 62.00
C MET K 116 22.96 -14.78 61.23
N GLN K 117 22.47 -14.06 60.22
CA GLN K 117 23.31 -13.10 59.48
C GLN K 117 23.76 -11.91 60.31
N ALA K 118 22.91 -11.50 61.25
CA ALA K 118 23.20 -10.36 62.09
C ALA K 118 24.45 -10.65 62.90
N VAL K 119 24.48 -11.82 63.54
CA VAL K 119 25.64 -12.19 64.34
C VAL K 119 26.86 -12.44 63.46
N GLU K 120 26.65 -13.05 62.30
CA GLU K 120 27.76 -13.40 61.41
C GLU K 120 28.43 -12.21 60.73
N THR K 121 27.70 -11.12 60.54
CA THR K 121 28.30 -9.94 59.93
C THR K 121 28.71 -8.96 61.03
N GLY K 122 28.54 -9.39 62.28
CA GLY K 122 28.91 -8.58 63.42
C GLY K 122 28.03 -7.36 63.60
N LEU K 123 26.80 -7.45 63.11
CA LEU K 123 25.82 -6.41 63.32
C LEU K 123 25.21 -6.50 64.71
N VAL K 124 25.40 -7.64 65.36
CA VAL K 124 24.74 -7.98 66.63
C VAL K 124 25.60 -8.95 67.46
N SER K 125 25.60 -8.77 68.76
CA SER K 125 26.48 -9.58 69.60
C SER K 125 25.74 -10.78 70.17
N GLY K 126 26.21 -11.97 69.80
CA GLY K 126 25.64 -13.24 70.29
C GLY K 126 26.37 -14.47 69.77
N PRO K 127 25.87 -15.68 70.11
CA PRO K 127 26.38 -16.96 69.58
C PRO K 127 26.09 -17.05 68.10
N ARG K 128 26.81 -17.92 67.38
CA ARG K 128 26.37 -18.33 66.05
C ARG K 128 25.07 -19.12 66.17
N ILE K 129 24.09 -18.75 65.36
CA ILE K 129 22.78 -19.38 65.42
C ILE K 129 22.60 -20.43 64.33
N PHE K 130 22.09 -21.59 64.74
CA PHE K 130 21.58 -22.62 63.86
C PHE K 130 20.06 -22.60 63.88
N PRO K 131 19.46 -21.85 62.93
CA PRO K 131 18.05 -21.52 62.98
C PRO K 131 17.17 -22.64 62.44
N SER K 132 16.11 -22.93 63.18
CA SER K 132 15.07 -23.84 62.72
C SER K 132 14.12 -23.17 61.72
N GLY K 133 14.12 -21.84 61.69
CA GLY K 133 12.96 -21.09 61.24
C GLY K 133 11.84 -21.17 62.27
N LYS K 134 10.68 -21.64 61.84
CA LYS K 134 9.58 -21.86 62.77
C LYS K 134 9.38 -23.35 62.98
N ALA K 135 9.00 -23.73 64.20
CA ALA K 135 8.66 -25.09 64.47
C ALA K 135 7.38 -25.45 63.72
N LEU K 136 7.29 -26.69 63.24
CA LEU K 136 6.06 -27.20 62.63
C LEU K 136 5.16 -27.87 63.65
N SER K 137 3.89 -27.45 63.69
CA SER K 137 2.95 -28.03 64.63
C SER K 137 1.64 -28.30 63.92
N GLN K 138 1.02 -29.43 64.23
CA GLN K 138 -0.35 -29.66 63.80
C GLN K 138 -1.31 -28.73 64.52
N THR K 139 -2.54 -28.69 64.04
CA THR K 139 -3.63 -27.95 64.66
C THR K 139 -3.88 -28.50 66.06
N GLY K 140 -4.25 -27.63 67.00
CA GLY K 140 -4.39 -27.97 68.41
C GLY K 140 -3.13 -28.52 69.07
N GLY K 141 -2.01 -28.45 68.36
CA GLY K 141 -0.75 -29.02 68.83
C GLY K 141 0.06 -28.13 69.76
N HIS K 142 1.30 -28.56 70.05
CA HIS K 142 2.18 -27.88 71.00
C HIS K 142 2.61 -26.48 70.55
N GLY K 143 2.47 -26.19 69.26
CA GLY K 143 2.78 -24.86 68.73
C GLY K 143 1.54 -24.06 68.39
N ASP K 144 0.36 -24.65 68.59
CA ASP K 144 -0.87 -23.91 68.39
C ASP K 144 -1.32 -23.31 69.74
N PHE K 145 -1.32 -21.98 69.82
CA PHE K 145 -1.54 -21.29 71.08
C PHE K 145 -2.95 -20.75 71.22
N ARG K 146 -3.85 -21.19 70.34
CA ARG K 146 -5.21 -20.67 70.34
C ARG K 146 -6.06 -21.27 71.46
N PRO K 147 -6.82 -20.40 72.17
CA PRO K 147 -7.63 -20.88 73.29
C PRO K 147 -8.75 -21.82 72.86
N ARG K 148 -9.19 -22.68 73.78
CA ARG K 148 -10.18 -23.69 73.46
C ARG K 148 -11.44 -23.12 72.81
N LEU K 152 -14.15 -22.12 67.84
CA LEU K 152 -13.23 -21.02 68.13
C LEU K 152 -12.16 -20.80 67.05
N GLU K 153 -12.37 -21.31 65.84
CA GLU K 153 -11.29 -21.51 64.86
C GLU K 153 -11.11 -20.45 63.75
N PRO K 154 -10.10 -19.56 63.89
CA PRO K 154 -9.92 -18.43 62.97
C PRO K 154 -9.07 -18.69 61.71
N CYS K 155 -7.74 -18.59 61.84
CA CYS K 155 -6.95 -17.99 60.78
C CYS K 155 -5.44 -18.08 60.99
N SER K 156 -4.73 -17.08 60.42
CA SER K 156 -3.38 -16.62 60.86
C SER K 156 -2.61 -15.87 59.76
N CYS K 157 -2.18 -16.54 58.69
CA CYS K 157 -1.80 -15.81 57.47
C CYS K 157 -0.35 -15.33 57.34
N CYS K 158 0.12 -14.52 58.30
CA CYS K 158 1.45 -13.88 58.20
C CYS K 158 2.37 -14.11 59.39
N PHE K 159 3.68 -14.20 59.13
CA PHE K 159 4.60 -14.67 60.18
C PHE K 159 5.13 -13.58 61.12
N ARG K 160 4.55 -13.55 62.33
CA ARG K 160 5.01 -12.71 63.42
C ARG K 160 6.39 -13.17 63.84
N THR K 161 7.32 -12.24 63.96
CA THR K 161 8.70 -12.61 64.25
C THR K 161 8.83 -13.07 65.68
N GLY K 162 7.76 -12.93 66.46
CA GLY K 162 7.76 -13.40 67.84
C GLY K 162 7.06 -14.73 67.99
N ALA K 163 6.78 -15.39 66.87
CA ALA K 163 6.09 -16.68 66.88
C ALA K 163 7.10 -17.82 66.84
N ILE K 164 6.98 -18.74 67.80
CA ILE K 164 7.88 -19.90 67.92
C ILE K 164 7.61 -20.90 66.81
N ALA K 165 6.31 -21.19 66.60
CA ALA K 165 5.86 -22.26 65.71
C ALA K 165 4.91 -21.75 64.62
N ARG K 166 4.67 -22.59 63.63
CA ARG K 166 3.59 -22.39 62.67
C ARG K 166 2.71 -23.63 62.59
N VAL K 167 1.41 -23.42 62.39
CA VAL K 167 0.45 -24.52 62.26
C VAL K 167 0.28 -25.01 60.81
N VAL K 168 0.79 -26.21 60.52
CA VAL K 168 0.54 -26.87 59.23
C VAL K 168 0.07 -28.29 59.45
N ASP K 169 -0.94 -28.68 58.70
CA ASP K 169 -1.44 -30.04 58.74
C ASP K 169 -1.32 -30.67 57.35
N GLY K 170 -1.39 -32.01 57.30
CA GLY K 170 -1.40 -32.71 56.03
C GLY K 170 -0.02 -32.92 55.43
N VAL K 171 0.11 -34.00 54.63
CA VAL K 171 1.39 -34.40 54.05
C VAL K 171 1.91 -33.31 53.13
N GLU K 172 1.05 -32.81 52.25
CA GLU K 172 1.45 -31.79 51.29
C GLU K 172 1.70 -30.45 51.97
N GLY K 173 0.89 -30.15 52.97
CA GLY K 173 1.08 -28.93 53.75
C GLY K 173 2.42 -28.92 54.46
N VAL K 174 2.75 -30.02 55.12
CA VAL K 174 4.03 -30.09 55.82
C VAL K 174 5.22 -30.17 54.86
N ARG K 175 5.04 -30.91 53.76
CA ARG K 175 6.04 -30.97 52.69
C ARG K 175 6.35 -29.55 52.20
N LEU K 176 5.29 -28.78 51.94
CA LEU K 176 5.45 -27.41 51.50
C LEU K 176 6.16 -26.56 52.54
N ALA K 177 5.65 -26.60 53.78
CA ALA K 177 6.23 -25.85 54.90
C ALA K 177 7.73 -26.02 54.98
N VAL K 178 8.18 -27.27 54.88
CA VAL K 178 9.60 -27.56 54.94
C VAL K 178 10.34 -26.87 53.79
N ARG K 179 9.82 -27.03 52.57
CA ARG K 179 10.51 -26.46 51.41
C ARG K 179 10.59 -24.96 51.54
N GLU K 180 9.64 -24.39 52.27
CA GLU K 180 9.64 -22.94 52.55
C GLU K 180 10.74 -22.58 53.55
N GLU K 181 10.71 -23.22 54.72
CA GLU K 181 11.70 -22.99 55.78
C GLU K 181 13.13 -23.21 55.29
N ILE K 182 13.34 -24.27 54.52
CA ILE K 182 14.64 -24.44 53.92
C ILE K 182 15.01 -23.28 52.99
N GLN K 183 14.12 -22.92 52.08
CA GLN K 183 14.36 -21.78 51.18
C GLN K 183 14.68 -20.51 51.98
N LYS K 184 13.88 -20.23 53.02
CA LYS K 184 14.11 -19.09 53.90
C LYS K 184 15.47 -19.16 54.62
N GLY K 185 16.01 -20.36 54.78
CA GLY K 185 17.38 -20.54 55.20
C GLY K 185 17.56 -21.20 56.57
N ALA K 186 16.63 -22.08 56.94
CA ALA K 186 16.81 -22.92 58.12
C ALA K 186 17.97 -23.90 57.93
N THR K 187 18.58 -24.32 59.04
CA THR K 187 19.67 -25.28 59.00
C THR K 187 19.21 -26.71 59.36
N GLN K 188 18.14 -26.80 60.18
CA GLN K 188 17.45 -28.05 60.44
C GLN K 188 15.95 -27.76 60.58
N ILE K 189 15.15 -28.79 60.84
CA ILE K 189 13.71 -28.60 60.95
C ILE K 189 13.22 -29.03 62.33
N LYS K 190 12.45 -28.18 63.00
CA LYS K 190 11.93 -28.53 64.31
C LYS K 190 10.45 -28.83 64.20
N ILE K 191 10.03 -29.97 64.75
CA ILE K 191 8.62 -30.33 64.77
C ILE K 191 8.14 -30.64 66.19
N MET K 192 6.85 -30.43 66.45
CA MET K 192 6.18 -30.91 67.68
C MET K 192 5.48 -32.25 67.45
N ALA K 193 6.02 -33.30 68.06
CA ALA K 193 5.55 -34.67 67.82
C ALA K 193 4.68 -35.18 68.97
N SER K 194 4.47 -34.34 69.98
CA SER K 194 3.76 -34.76 71.19
C SER K 194 3.19 -33.54 71.90
N GLY K 195 2.27 -33.79 72.82
CA GLY K 195 1.76 -32.78 73.73
C GLY K 195 2.86 -32.20 74.59
N GLY K 196 2.60 -31.04 75.20
CA GLY K 196 3.66 -30.30 75.84
C GLY K 196 3.25 -29.64 77.13
N VAL K 197 3.98 -28.61 77.51
CA VAL K 197 3.72 -27.89 78.75
C VAL K 197 3.25 -26.47 78.44
N ALA K 198 3.95 -25.79 77.53
CA ALA K 198 3.76 -24.36 77.25
C ALA K 198 2.59 -24.03 76.31
N SER K 199 1.83 -25.05 75.90
CA SER K 199 0.68 -24.86 75.01
C SER K 199 -0.64 -25.16 75.74
N PRO K 200 -1.74 -24.47 75.35
CA PRO K 200 -3.00 -24.51 76.12
C PRO K 200 -3.78 -25.84 76.09
N THR K 201 -3.96 -26.40 74.89
CA THR K 201 -4.99 -27.41 74.63
C THR K 201 -4.56 -28.88 74.70
N ASP K 202 -3.27 -29.13 74.49
CA ASP K 202 -2.75 -30.51 74.46
C ASP K 202 -2.17 -30.97 75.79
N PRO K 203 -2.78 -32.02 76.38
CA PRO K 203 -2.13 -32.84 77.40
C PRO K 203 -0.85 -33.49 76.87
N ILE K 204 0.06 -33.83 77.78
CA ILE K 204 1.42 -34.21 77.42
C ILE K 204 1.50 -35.66 76.89
N ALA K 205 0.52 -36.47 77.31
CA ALA K 205 0.47 -37.91 77.01
C ALA K 205 0.24 -38.27 75.54
N ASN K 206 -0.58 -37.48 74.84
CA ASN K 206 -0.90 -37.77 73.45
C ASN K 206 0.10 -37.30 72.38
N THR K 207 0.19 -38.07 71.29
CA THR K 207 1.14 -37.81 70.19
C THR K 207 0.61 -36.75 69.24
N GLN K 208 1.51 -36.25 68.40
CA GLN K 208 1.14 -35.26 67.39
C GLN K 208 1.76 -35.56 66.04
N TYR K 209 0.99 -35.28 64.98
CA TYR K 209 1.34 -35.63 63.56
C TYR K 209 1.24 -37.12 63.19
N SER K 210 0.56 -37.41 62.08
CA SER K 210 0.54 -38.76 61.53
C SER K 210 1.94 -39.16 61.10
N GLU K 211 2.18 -40.46 61.06
CA GLU K 211 3.47 -40.98 60.61
C GLU K 211 3.78 -40.56 59.19
N ASP K 212 2.76 -40.43 58.37
CA ASP K 212 2.93 -40.00 56.99
C ASP K 212 3.47 -38.60 56.95
N GLU K 213 2.84 -37.73 57.72
CA GLU K 213 3.30 -36.36 57.88
C GLU K 213 4.75 -36.33 58.31
N ILE K 214 5.07 -36.99 59.43
CA ILE K 214 6.44 -37.02 59.91
C ILE K 214 7.43 -37.58 58.87
N ARG K 215 7.03 -38.63 58.18
CA ARG K 215 7.93 -39.20 57.18
C ARG K 215 8.17 -38.26 56.00
N ALA K 216 7.14 -37.52 55.61
CA ALA K 216 7.28 -36.54 54.53
C ALA K 216 8.27 -35.44 54.91
N ILE K 217 8.10 -34.91 56.13
CA ILE K 217 8.99 -33.90 56.71
C ILE K 217 10.44 -34.35 56.75
N VAL K 218 10.65 -35.60 57.17
CA VAL K 218 12.00 -36.14 57.32
C VAL K 218 12.63 -36.24 55.94
N ASP K 219 11.83 -36.70 54.98
CA ASP K 219 12.30 -36.86 53.63
C ASP K 219 12.74 -35.54 53.04
N GLU K 220 11.97 -34.49 53.30
CA GLU K 220 12.32 -33.15 52.78
C GLU K 220 13.57 -32.59 53.44
N ALA K 221 13.69 -32.78 54.76
CA ALA K 221 14.90 -32.39 55.49
C ALA K 221 16.14 -33.09 54.91
N GLU K 222 16.03 -34.40 54.71
CA GLU K 222 17.12 -35.17 54.13
C GLU K 222 17.42 -34.81 52.68
N ALA K 223 16.39 -34.42 51.93
CA ALA K 223 16.57 -33.99 50.56
C ALA K 223 17.43 -32.72 50.52
N ALA K 224 17.41 -31.98 51.64
CA ALA K 224 18.09 -30.70 51.74
C ALA K 224 19.42 -30.82 52.48
N ASN K 225 19.91 -32.05 52.61
CA ASN K 225 21.12 -32.33 53.36
C ASN K 225 21.03 -31.77 54.78
N THR K 226 19.93 -32.07 55.47
CA THR K 226 19.81 -31.79 56.91
C THR K 226 18.90 -32.82 57.59
N TYR K 227 18.46 -32.52 58.79
CA TYR K 227 17.75 -33.49 59.62
C TYR K 227 16.56 -32.84 60.31
N VAL K 228 15.74 -33.65 60.96
CA VAL K 228 14.66 -33.16 61.82
C VAL K 228 14.97 -33.29 63.33
N MET K 229 14.76 -32.22 64.07
CA MET K 229 14.61 -32.32 65.53
C MET K 229 13.15 -32.39 65.92
N ALA K 230 12.86 -33.14 66.98
CA ALA K 230 11.46 -33.37 67.31
C ALA K 230 11.16 -33.33 68.81
N HIS K 231 10.14 -32.59 69.18
CA HIS K 231 9.75 -32.49 70.57
C HIS K 231 8.86 -33.68 70.92
N ALA K 232 9.27 -34.44 71.94
CA ALA K 232 8.55 -35.66 72.37
C ALA K 232 8.80 -35.99 73.85
N TYR K 233 7.73 -36.31 74.59
CA TYR K 233 7.89 -36.71 76.00
C TYR K 233 7.84 -38.22 76.21
N THR K 234 6.65 -38.80 76.08
CA THR K 234 6.45 -40.23 76.34
C THR K 234 7.27 -41.14 75.43
N GLY K 235 7.52 -42.36 75.91
CA GLY K 235 8.23 -43.37 75.10
C GLY K 235 7.48 -43.71 73.81
N ARG K 236 6.15 -43.76 73.90
CA ARG K 236 5.29 -44.00 72.74
C ARG K 236 5.55 -42.99 71.63
N ALA K 237 5.41 -41.70 71.98
CA ALA K 237 5.66 -40.58 71.06
C ALA K 237 7.09 -40.53 70.53
N ILE K 238 8.06 -40.96 71.35
CA ILE K 238 9.46 -40.96 70.95
C ILE K 238 9.74 -42.08 69.96
N ALA K 239 9.11 -43.23 70.21
CA ALA K 239 9.33 -44.43 69.40
C ALA K 239 8.97 -44.12 67.94
N ARG K 240 7.72 -43.73 67.73
CA ARG K 240 7.20 -43.50 66.38
C ARG K 240 7.96 -42.40 65.67
N ALA K 241 8.28 -41.32 66.38
CA ALA K 241 9.13 -40.26 65.84
C ALA K 241 10.48 -40.76 65.32
N VAL K 242 11.08 -41.70 66.07
CA VAL K 242 12.41 -42.19 65.73
C VAL K 242 12.31 -43.22 64.62
N ARG K 243 11.27 -44.04 64.67
CA ARG K 243 11.00 -45.00 63.63
C ARG K 243 10.77 -44.30 62.30
N CYS K 244 10.27 -43.06 62.37
CA CYS K 244 10.00 -42.21 61.20
C CYS K 244 11.23 -41.50 60.65
N GLY K 245 12.28 -41.42 61.45
CA GLY K 245 13.58 -41.00 60.93
C GLY K 245 14.04 -39.66 61.46
N VAL K 246 13.43 -39.17 62.53
CA VAL K 246 13.93 -37.96 63.20
C VAL K 246 15.29 -38.24 63.86
N ARG K 247 16.21 -37.29 63.75
CA ARG K 247 17.57 -37.52 64.20
C ARG K 247 17.77 -37.14 65.67
N THR K 248 17.17 -36.03 66.10
CA THR K 248 17.32 -35.62 67.49
C THR K 248 15.98 -35.49 68.22
N ILE K 249 15.94 -35.91 69.47
CA ILE K 249 14.74 -35.80 70.29
C ILE K 249 14.91 -34.74 71.35
N GLU K 250 13.98 -33.80 71.42
CA GLU K 250 14.06 -32.73 72.41
C GLU K 250 13.29 -33.15 73.64
N HIS K 251 13.80 -32.75 74.80
CA HIS K 251 13.25 -33.15 76.09
C HIS K 251 13.40 -34.66 76.34
N GLY K 252 12.34 -35.44 76.13
CA GLY K 252 12.43 -36.90 76.23
C GLY K 252 12.23 -37.40 77.66
N ASN K 253 11.53 -36.61 78.46
CA ASN K 253 11.46 -36.82 79.90
C ASN K 253 10.77 -38.11 80.36
N LEU K 254 9.88 -38.63 79.53
CA LEU K 254 9.10 -39.81 79.89
C LEU K 254 9.41 -41.08 79.07
N VAL K 255 10.68 -41.27 78.69
CA VAL K 255 11.15 -42.54 78.08
C VAL K 255 10.96 -43.77 78.97
N ASP K 256 10.68 -44.90 78.32
CA ASP K 256 11.05 -46.22 78.86
C ASP K 256 12.35 -46.68 78.19
N GLU K 257 12.93 -47.78 78.69
CA GLU K 257 14.18 -48.30 78.12
C GLU K 257 13.99 -49.03 76.79
N ALA K 258 12.76 -49.49 76.55
CA ALA K 258 12.33 -49.95 75.23
C ALA K 258 12.65 -48.90 74.15
N ALA K 259 12.06 -47.71 74.31
CA ALA K 259 12.30 -46.55 73.42
C ALA K 259 13.77 -46.14 73.36
N ALA K 260 14.40 -46.04 74.53
CA ALA K 260 15.83 -45.72 74.63
C ALA K 260 16.68 -46.68 73.80
N LYS K 261 16.36 -47.97 73.89
CA LYS K 261 17.05 -49.01 73.11
C LYS K 261 16.92 -48.72 71.60
N LEU K 262 15.68 -48.48 71.20
CA LEU K 262 15.35 -48.09 69.84
C LEU K 262 16.10 -46.82 69.39
N MET K 263 16.23 -45.84 70.30
CA MET K 263 16.98 -44.63 70.01
C MET K 263 18.43 -44.95 69.68
N HIS K 264 19.06 -45.71 70.58
CA HIS K 264 20.48 -46.07 70.44
C HIS K 264 20.74 -46.83 69.15
N GLU K 265 19.82 -47.73 68.83
CA GLU K 265 19.90 -48.54 67.64
C GLU K 265 19.91 -47.68 66.37
N HIS K 266 19.03 -46.70 66.32
CA HIS K 266 18.88 -45.87 65.14
C HIS K 266 19.98 -44.83 64.99
N GLY K 267 20.64 -44.51 66.10
CA GLY K 267 21.65 -43.44 66.12
C GLY K 267 21.03 -42.07 66.35
N ALA K 268 19.87 -42.06 67.00
CA ALA K 268 19.17 -40.82 67.35
C ALA K 268 19.61 -40.21 68.68
N PHE K 269 19.94 -38.91 68.66
CA PHE K 269 20.36 -38.17 69.86
C PHE K 269 19.18 -37.77 70.73
N VAL K 270 19.48 -37.34 71.96
CA VAL K 270 18.51 -36.67 72.82
C VAL K 270 19.09 -35.32 73.23
N VAL K 271 18.20 -34.36 73.44
CA VAL K 271 18.56 -33.13 74.13
C VAL K 271 17.54 -32.92 75.25
N PRO K 272 17.87 -33.39 76.46
CA PRO K 272 17.06 -33.08 77.64
C PRO K 272 17.22 -31.61 78.01
N THR K 273 16.24 -31.07 78.73
CA THR K 273 16.21 -29.64 78.99
C THR K 273 15.76 -29.40 80.42
N LEU K 274 16.46 -30.01 81.37
CA LEU K 274 15.92 -30.19 82.72
C LEU K 274 15.79 -28.90 83.52
N VAL K 275 16.75 -28.00 83.35
CA VAL K 275 16.75 -26.72 84.04
C VAL K 275 15.43 -25.97 83.91
N THR K 276 14.82 -26.03 82.72
CA THR K 276 13.62 -25.24 82.42
C THR K 276 12.43 -25.61 83.32
N TYR K 277 12.41 -26.86 83.77
CA TYR K 277 11.30 -27.34 84.60
C TYR K 277 11.47 -26.90 86.05
N ASP K 278 12.72 -26.80 86.49
CA ASP K 278 13.06 -26.24 87.80
C ASP K 278 12.66 -24.76 87.86
N ALA K 279 12.93 -24.05 86.77
CA ALA K 279 12.59 -22.64 86.64
C ALA K 279 11.07 -22.45 86.62
N LEU K 280 10.37 -23.31 85.89
CA LEU K 280 8.91 -23.20 85.76
C LEU K 280 8.22 -23.69 87.01
N ALA K 281 8.94 -24.43 87.84
CA ALA K 281 8.48 -24.82 89.17
C ALA K 281 8.47 -23.64 90.13
N LYS K 282 9.61 -22.95 90.23
CA LYS K 282 9.74 -21.81 91.13
C LYS K 282 8.92 -20.58 90.69
N HIS K 283 9.15 -20.12 89.46
CA HIS K 283 8.60 -18.85 88.99
C HIS K 283 7.61 -19.02 87.83
N GLY K 284 6.80 -20.07 87.87
CA GLY K 284 5.93 -20.45 86.75
C GLY K 284 4.78 -19.50 86.49
N ALA K 285 3.75 -19.58 87.33
CA ALA K 285 2.59 -18.68 87.27
C ALA K 285 2.99 -17.24 87.62
N GLU K 286 4.19 -17.11 88.17
CA GLU K 286 4.74 -15.84 88.61
C GLU K 286 5.23 -14.98 87.43
N PHE K 287 5.83 -15.61 86.43
CA PHE K 287 6.32 -14.89 85.24
C PHE K 287 5.35 -14.90 84.04
N GLY K 288 4.07 -15.11 84.33
CA GLY K 288 3.00 -14.84 83.38
C GLY K 288 2.64 -15.98 82.44
N MET K 289 3.12 -17.19 82.72
CA MET K 289 2.70 -18.38 81.98
C MET K 289 1.40 -18.94 82.56
N PRO K 290 0.36 -19.10 81.70
CA PRO K 290 -1.00 -19.52 82.06
C PRO K 290 -1.10 -20.61 83.14
N PRO K 291 -2.06 -20.48 84.08
CA PRO K 291 -2.23 -21.36 85.25
C PRO K 291 -2.29 -22.88 84.97
N GLU K 292 -2.87 -23.28 83.83
CA GLU K 292 -3.01 -24.70 83.47
C GLU K 292 -1.80 -25.27 82.71
N SER K 293 -0.85 -24.41 82.37
CA SER K 293 0.46 -24.83 81.85
C SER K 293 1.42 -25.16 82.99
N VAL K 294 1.30 -24.45 84.12
CA VAL K 294 2.08 -24.74 85.35
C VAL K 294 1.57 -26.01 86.08
N ALA K 295 0.33 -26.39 85.81
CA ALA K 295 -0.22 -27.68 86.26
C ALA K 295 0.48 -28.84 85.56
N LYS K 296 0.85 -28.63 84.29
CA LYS K 296 1.54 -29.66 83.50
C LYS K 296 3.04 -29.82 83.76
N VAL K 297 3.62 -28.88 84.50
CA VAL K 297 5.07 -28.90 84.75
C VAL K 297 5.48 -29.73 85.98
N ALA K 298 4.51 -30.04 86.84
CA ALA K 298 4.76 -30.85 88.04
C ALA K 298 5.26 -32.25 87.69
N SER K 299 4.70 -32.83 86.64
CA SER K 299 4.92 -34.25 86.32
C SER K 299 6.23 -34.56 85.58
N VAL K 300 6.65 -33.66 84.70
CA VAL K 300 7.75 -33.98 83.77
C VAL K 300 9.14 -33.92 84.41
N GLN K 301 9.26 -33.09 85.45
CA GLN K 301 10.55 -32.88 86.11
C GLN K 301 10.90 -34.06 87.00
N GLN K 302 9.87 -34.80 87.42
CA GLN K 302 10.02 -36.00 88.25
C GLN K 302 10.98 -37.00 87.61
N LYS K 303 10.51 -37.61 86.51
CA LYS K 303 11.31 -38.58 85.74
C LYS K 303 12.49 -37.93 85.03
N GLY K 304 12.60 -36.61 85.16
CA GLY K 304 13.55 -35.82 84.38
C GLY K 304 14.97 -36.27 84.66
N ARG K 305 15.32 -36.27 85.95
CA ARG K 305 16.63 -36.69 86.40
C ARG K 305 16.84 -38.18 86.10
N GLU K 306 15.81 -38.95 86.41
CA GLU K 306 15.80 -40.41 86.19
C GLU K 306 16.12 -40.82 84.74
N SER K 307 15.55 -40.07 83.78
CA SER K 307 15.64 -40.36 82.35
C SER K 307 17.08 -40.25 81.82
N LEU K 308 17.85 -39.38 82.44
CA LEU K 308 19.26 -39.24 82.09
C LEU K 308 19.97 -40.57 82.23
N GLU K 309 19.61 -41.29 83.29
CA GLU K 309 20.20 -42.57 83.59
C GLU K 309 19.84 -43.57 82.51
N ILE K 310 18.54 -43.66 82.22
CA ILE K 310 18.02 -44.56 81.20
C ILE K 310 18.74 -44.36 79.87
N TYR K 311 19.05 -43.10 79.58
CA TYR K 311 19.70 -42.71 78.33
C TYR K 311 21.15 -43.15 78.32
N ALA K 312 21.80 -42.95 79.47
CA ALA K 312 23.17 -43.39 79.64
C ALA K 312 23.28 -44.90 79.45
N ASN K 313 22.35 -45.63 80.10
CA ASN K 313 22.30 -47.10 80.08
C ASN K 313 22.17 -47.68 78.68
N ALA K 314 21.24 -47.14 77.90
CA ALA K 314 20.98 -47.60 76.53
C ALA K 314 22.06 -47.11 75.56
N GLY K 315 22.92 -46.20 76.04
CA GLY K 315 24.04 -45.70 75.27
C GLY K 315 23.60 -44.66 74.24
N VAL K 316 22.67 -43.79 74.64
CA VAL K 316 22.13 -42.76 73.74
C VAL K 316 22.82 -41.41 73.99
N LYS K 317 23.51 -40.89 72.96
CA LYS K 317 24.20 -39.59 73.05
C LYS K 317 23.29 -38.46 73.52
N MET K 318 23.81 -37.67 74.46
CA MET K 318 23.02 -36.62 75.10
C MET K 318 23.64 -35.25 74.81
N GLY K 319 22.81 -34.29 74.41
CA GLY K 319 23.28 -32.93 74.16
C GLY K 319 22.77 -31.97 75.21
N PHE K 320 23.50 -30.87 75.39
CA PHE K 320 23.08 -29.78 76.26
C PHE K 320 21.84 -29.04 75.72
N GLY K 321 20.88 -28.75 76.60
CA GLY K 321 19.69 -28.00 76.20
C GLY K 321 19.03 -27.29 77.37
N SER K 322 18.77 -26.00 77.20
CA SER K 322 18.15 -25.20 78.25
C SER K 322 16.65 -25.04 78.02
N ASP K 323 16.29 -24.51 76.85
CA ASP K 323 14.89 -24.25 76.52
C ASP K 323 14.28 -23.27 77.53
N LEU K 324 15.00 -22.21 77.86
CA LEU K 324 14.50 -21.25 78.86
C LEU K 324 13.70 -20.11 78.23
N LEU K 325 12.66 -19.69 78.92
CA LEU K 325 11.78 -18.66 78.39
C LEU K 325 11.80 -17.41 79.26
N GLY K 326 11.77 -16.24 78.62
CA GLY K 326 11.66 -14.97 79.32
C GLY K 326 12.83 -14.72 80.23
N GLU K 327 12.55 -14.13 81.38
CA GLU K 327 13.60 -13.73 82.32
C GLU K 327 14.37 -14.91 82.92
N MET K 328 13.72 -16.07 82.94
CA MET K 328 14.34 -17.35 83.32
C MET K 328 15.55 -17.71 82.46
N HIS K 329 15.79 -16.93 81.40
CA HIS K 329 16.94 -17.12 80.51
C HIS K 329 18.27 -17.05 81.26
N ALA K 330 18.26 -16.44 82.45
CA ALA K 330 19.47 -16.25 83.26
C ALA K 330 20.03 -17.57 83.78
N PHE K 331 19.15 -18.53 84.03
CA PHE K 331 19.50 -19.80 84.67
C PHE K 331 20.18 -20.80 83.72
N GLN K 332 20.65 -20.30 82.58
CA GLN K 332 21.05 -21.14 81.45
C GLN K 332 22.19 -22.09 81.79
N SER K 333 23.11 -21.66 82.64
CA SER K 333 24.28 -22.48 82.94
C SER K 333 23.98 -23.56 83.99
N GLY K 334 22.88 -23.37 84.73
CA GLY K 334 22.44 -24.31 85.76
C GLY K 334 22.22 -25.75 85.32
N GLU K 335 21.92 -25.93 84.04
CA GLU K 335 21.81 -27.27 83.41
C GLU K 335 23.11 -28.11 83.46
N PHE K 336 24.28 -27.46 83.39
CA PHE K 336 25.55 -28.16 83.64
C PHE K 336 25.57 -28.95 84.95
N ARG K 337 25.13 -28.29 86.02
CA ARG K 337 25.19 -28.84 87.37
C ARG K 337 24.20 -29.97 87.54
N ILE K 338 22.98 -29.75 87.05
CA ILE K 338 21.92 -30.76 87.09
C ILE K 338 22.38 -32.05 86.40
N ARG K 339 23.15 -31.88 85.32
CA ARG K 339 23.72 -33.01 84.57
C ARG K 339 24.91 -33.66 85.24
N ALA K 340 25.83 -32.85 85.75
CA ALA K 340 26.98 -33.34 86.51
C ALA K 340 26.52 -34.21 87.67
N GLU K 341 25.47 -33.74 88.35
CA GLU K 341 24.90 -34.42 89.51
C GLU K 341 24.44 -35.85 89.25
N VAL K 342 24.02 -36.13 88.03
CA VAL K 342 23.57 -37.46 87.68
C VAL K 342 24.70 -38.24 87.00
N LEU K 343 25.42 -37.58 86.10
CA LEU K 343 26.32 -38.33 85.23
C LEU K 343 27.77 -37.93 85.29
N GLY K 344 28.27 -37.38 86.39
CA GLY K 344 29.66 -36.91 86.40
C GLY K 344 29.90 -35.76 85.45
N ASN K 345 30.71 -34.82 85.88
CA ASN K 345 30.88 -33.59 85.11
C ASN K 345 31.78 -33.66 83.87
N LEU K 346 32.45 -34.78 83.63
CA LEU K 346 33.05 -35.01 82.30
C LEU K 346 31.94 -35.11 81.24
N GLU K 347 30.88 -35.86 81.59
CA GLU K 347 29.74 -36.07 80.71
C GLU K 347 28.93 -34.78 80.49
N ALA K 348 28.71 -34.03 81.57
CA ALA K 348 28.07 -32.71 81.48
C ALA K 348 28.80 -31.77 80.49
N LEU K 349 30.13 -31.78 80.53
CA LEU K 349 30.93 -30.95 79.64
C LEU K 349 30.99 -31.51 78.22
N ARG K 350 30.82 -32.82 78.08
CA ARG K 350 30.75 -33.46 76.78
C ARG K 350 29.48 -33.08 76.00
N SER K 351 28.37 -32.97 76.73
CA SER K 351 27.06 -32.68 76.15
CA SER K 351 27.05 -32.68 76.16
C SER K 351 27.02 -31.32 75.46
N ALA K 352 27.81 -30.38 75.97
CA ALA K 352 27.85 -29.01 75.47
C ALA K 352 29.10 -28.75 74.62
N THR K 353 29.77 -29.81 74.22
CA THR K 353 30.96 -29.65 73.39
C THR K 353 30.97 -30.67 72.26
N THR K 354 31.51 -31.85 72.54
CA THR K 354 31.78 -32.84 71.50
C THR K 354 30.48 -33.42 70.94
N VAL K 355 29.59 -33.85 71.85
CA VAL K 355 28.30 -34.42 71.46
C VAL K 355 27.46 -33.36 70.75
N ALA K 356 27.45 -32.16 71.30
CA ALA K 356 26.71 -31.04 70.71
C ALA K 356 27.17 -30.71 69.27
N ALA K 357 28.48 -30.68 69.02
CA ALA K 357 29.01 -30.35 67.69
C ALA K 357 28.57 -31.38 66.67
N GLU K 358 28.49 -32.64 67.10
CA GLU K 358 28.04 -33.72 66.25
C GLU K 358 26.56 -33.51 65.86
N ILE K 359 25.72 -33.20 66.84
CA ILE K 359 24.32 -32.88 66.59
C ILE K 359 24.17 -31.87 65.45
N VAL K 360 24.88 -30.74 65.55
CA VAL K 360 24.76 -29.68 64.56
C VAL K 360 25.67 -29.91 63.37
N ASN K 361 26.08 -31.17 63.17
CA ASN K 361 26.93 -31.58 62.04
C ASN K 361 28.19 -30.73 61.86
N MET K 362 28.86 -30.47 62.98
CA MET K 362 30.07 -29.67 62.99
C MET K 362 31.15 -30.37 63.81
N GLN K 363 31.09 -31.71 63.87
CA GLN K 363 32.16 -32.52 64.48
C GLN K 363 33.51 -32.30 63.78
N GLY K 364 34.52 -31.99 64.60
CA GLY K 364 35.82 -31.55 64.09
C GLY K 364 35.93 -30.06 63.86
N GLN K 365 34.78 -29.39 63.70
CA GLN K 365 34.74 -27.96 63.41
C GLN K 365 34.59 -27.15 64.69
N LEU K 366 33.72 -27.62 65.59
CA LEU K 366 33.45 -26.94 66.85
C LEU K 366 33.48 -27.99 67.95
N GLY K 367 33.39 -27.55 69.20
CA GLY K 367 33.30 -28.46 70.34
C GLY K 367 34.59 -29.18 70.70
N VAL K 368 35.66 -28.88 69.97
CA VAL K 368 36.98 -29.50 70.20
C VAL K 368 38.11 -28.52 69.91
N ILE K 369 39.06 -28.44 70.85
CA ILE K 369 40.30 -27.71 70.61
C ILE K 369 41.28 -28.62 69.87
N ALA K 370 41.43 -28.37 68.58
CA ALA K 370 42.25 -29.20 67.72
C ALA K 370 42.82 -28.32 66.63
N VAL K 371 43.89 -28.77 65.97
CA VAL K 371 44.40 -28.09 64.80
C VAL K 371 43.40 -28.17 63.62
N GLY K 372 43.11 -27.01 63.02
CA GLY K 372 42.16 -26.92 61.91
C GLY K 372 40.77 -26.49 62.33
N ALA K 373 40.44 -26.73 63.60
CA ALA K 373 39.11 -26.43 64.18
C ALA K 373 38.85 -24.92 64.30
N ILE K 374 37.58 -24.55 64.43
CA ILE K 374 37.20 -23.13 64.51
C ILE K 374 37.44 -22.58 65.92
N ALA K 375 38.04 -21.39 65.98
CA ALA K 375 38.49 -20.80 67.23
C ALA K 375 37.36 -20.25 68.09
N ASP K 376 36.53 -21.16 68.61
CA ASP K 376 35.49 -20.83 69.57
C ASP K 376 35.91 -21.30 70.95
N LEU K 377 36.56 -20.42 71.71
CA LEU K 377 37.20 -20.79 72.96
C LEU K 377 36.60 -20.10 74.17
N VAL K 378 36.49 -20.85 75.27
CA VAL K 378 36.21 -20.26 76.56
C VAL K 378 37.44 -20.38 77.47
N VAL K 379 37.82 -19.27 78.12
CA VAL K 379 38.81 -19.29 79.20
C VAL K 379 38.17 -19.18 80.59
N LEU K 380 38.51 -20.16 81.42
CA LEU K 380 37.74 -20.46 82.60
C LEU K 380 38.65 -20.34 83.84
N ASP K 381 38.17 -19.57 84.82
CA ASP K 381 38.86 -19.47 86.10
C ASP K 381 38.50 -20.66 87.00
N GLY K 382 39.24 -21.75 86.86
CA GLY K 382 38.96 -22.93 87.65
C GLY K 382 39.07 -24.15 86.78
N ASN K 383 38.93 -25.32 87.40
CA ASN K 383 38.84 -26.58 86.69
C ASN K 383 37.44 -27.18 86.83
N PRO K 384 36.71 -27.25 85.71
CA PRO K 384 35.34 -27.76 85.64
C PRO K 384 35.29 -29.27 85.82
N LEU K 385 36.40 -29.94 85.54
CA LEU K 385 36.56 -31.39 85.72
C LEU K 385 36.36 -31.83 87.18
N GLU K 386 36.72 -30.97 88.12
CA GLU K 386 36.48 -31.25 89.54
C GLU K 386 35.38 -30.39 90.16
N ASP K 387 35.39 -29.10 89.86
CA ASP K 387 34.28 -28.23 90.25
C ASP K 387 33.44 -27.79 89.04
N ILE K 388 32.26 -28.38 88.94
CA ILE K 388 31.29 -28.03 87.89
C ILE K 388 30.74 -26.59 88.02
N GLY K 389 30.71 -26.08 89.25
CA GLY K 389 30.27 -24.71 89.52
C GLY K 389 31.05 -23.60 88.81
N VAL K 390 32.26 -23.92 88.29
CA VAL K 390 33.06 -22.94 87.54
C VAL K 390 32.45 -22.63 86.18
N VAL K 391 31.53 -23.48 85.76
CA VAL K 391 30.79 -23.25 84.54
C VAL K 391 29.33 -22.98 84.84
N ALA K 392 28.78 -23.65 85.85
CA ALA K 392 27.35 -23.61 86.11
C ALA K 392 26.90 -22.49 87.06
N ASP K 393 27.65 -21.39 87.09
CA ASP K 393 27.34 -20.27 87.99
C ASP K 393 26.98 -18.99 87.22
N ALA K 396 29.79 -16.29 85.96
CA ALA K 396 30.59 -15.81 87.07
C ALA K 396 32.09 -16.01 86.86
N ARG K 397 32.48 -17.19 86.36
CA ARG K 397 33.89 -17.59 86.40
C ARG K 397 34.53 -17.76 85.01
N VAL K 398 33.96 -17.10 84.01
CA VAL K 398 34.51 -17.08 82.65
C VAL K 398 34.99 -15.67 82.32
N GLU K 399 36.27 -15.51 82.01
CA GLU K 399 36.81 -14.16 81.84
C GLU K 399 37.29 -13.84 80.43
N TYR K 400 37.36 -14.86 79.58
CA TYR K 400 37.52 -14.63 78.15
C TYR K 400 36.56 -15.49 77.33
N VAL K 401 36.08 -14.93 76.22
CA VAL K 401 35.33 -15.67 75.20
C VAL K 401 35.81 -15.30 73.79
N LEU K 402 36.33 -16.29 73.09
CA LEU K 402 36.77 -16.10 71.71
C LEU K 402 35.79 -16.71 70.72
N GLN K 403 35.59 -16.02 69.59
CA GLN K 403 34.60 -16.44 68.62
C GLN K 403 35.19 -16.24 67.23
N ARG K 404 35.22 -17.32 66.46
CA ARG K 404 35.91 -17.34 65.17
C ARG K 404 37.18 -16.49 65.14
N GLY K 405 38.12 -16.81 66.02
CA GLY K 405 39.38 -16.10 66.06
C GLY K 405 39.38 -14.94 67.04
N THR K 406 38.41 -14.04 66.90
CA THR K 406 38.43 -12.78 67.65
C THR K 406 37.91 -12.89 69.08
N LEU K 407 38.35 -11.95 69.93
CA LEU K 407 37.97 -11.93 71.34
C LEU K 407 36.71 -11.08 71.54
N VAL K 408 35.71 -11.65 72.20
CA VAL K 408 34.39 -11.01 72.26
C VAL K 408 33.95 -10.63 73.67
N LYS K 409 34.48 -11.32 74.68
CA LYS K 409 34.23 -10.90 76.05
C LYS K 409 35.52 -10.85 76.87
N ARG K 410 35.61 -9.84 77.73
CA ARG K 410 36.68 -9.74 78.72
C ARG K 410 36.05 -9.43 80.07
N GLN K 411 36.12 -10.38 81.00
CA GLN K 411 35.32 -10.31 82.21
C GLN K 411 36.17 -10.59 83.44
N THR L 4 -46.43 -14.46 1.10
CA THR L 4 -47.87 -14.26 0.73
C THR L 4 -48.65 -13.41 1.74
N ILE L 5 -49.95 -13.65 1.83
CA ILE L 5 -50.91 -12.61 2.21
C ILE L 5 -52.21 -13.20 2.77
N THR L 6 -52.85 -12.48 3.69
CA THR L 6 -54.01 -12.99 4.42
C THR L 6 -55.07 -11.89 4.59
N VAL L 7 -56.35 -12.29 4.59
CA VAL L 7 -57.45 -11.35 4.82
C VAL L 7 -58.42 -11.85 5.89
N LEU L 8 -58.55 -11.07 6.97
CA LEU L 8 -59.72 -11.22 7.83
C LEU L 8 -60.86 -10.41 7.22
N GLN L 9 -61.95 -11.08 6.86
CA GLN L 9 -63.01 -10.42 6.08
C GLN L 9 -64.34 -10.16 6.82
N GLY L 10 -64.83 -8.92 6.69
CA GLY L 10 -66.12 -8.54 7.21
C GLY L 10 -66.17 -8.46 8.73
N GLY L 11 -65.01 -8.19 9.33
CA GLY L 11 -64.91 -8.06 10.79
C GLY L 11 -65.45 -6.72 11.27
N ASN L 12 -65.83 -6.66 12.55
CA ASN L 12 -66.12 -5.38 13.20
C ASN L 12 -64.88 -4.85 13.91
N VAL L 13 -64.00 -4.19 13.14
CA VAL L 13 -62.69 -3.75 13.61
C VAL L 13 -62.79 -2.70 14.72
N LEU L 14 -62.34 -3.05 15.92
CA LEU L 14 -62.34 -2.12 17.04
C LEU L 14 -61.27 -1.05 16.82
N ASP L 15 -61.72 0.21 16.76
CA ASP L 15 -60.82 1.37 16.82
C ASP L 15 -60.93 2.06 18.19
N LEU L 16 -59.79 2.22 18.87
CA LEU L 16 -59.78 2.47 20.31
C LEU L 16 -59.68 3.93 20.73
N GLU L 17 -59.08 4.76 19.88
CA GLU L 17 -58.99 6.20 20.14
C GLU L 17 -60.33 6.92 19.87
N ARG L 18 -61.19 6.30 19.09
CA ARG L 18 -62.54 6.83 18.85
C ARG L 18 -63.60 6.11 19.70
N GLY L 19 -63.36 4.84 20.00
CA GLY L 19 -64.17 4.09 20.97
C GLY L 19 -65.34 3.36 20.34
N VAL L 20 -65.21 3.00 19.05
CA VAL L 20 -66.30 2.45 18.26
C VAL L 20 -65.89 1.26 17.39
N LEU L 21 -66.79 0.27 17.29
CA LEU L 21 -66.70 -0.77 16.26
C LEU L 21 -66.85 -0.20 14.85
N LEU L 22 -66.09 -0.73 13.91
CA LEU L 22 -66.28 -0.42 12.49
C LEU L 22 -66.65 -1.69 11.74
N GLU L 23 -67.95 -1.89 11.60
CA GLU L 23 -68.52 -3.15 11.10
C GLU L 23 -68.17 -3.42 9.65
N HIS L 24 -68.08 -4.72 9.30
CA HIS L 24 -67.80 -5.18 7.93
C HIS L 24 -66.58 -4.53 7.27
N HIS L 25 -65.60 -4.19 8.10
CA HIS L 25 -64.29 -3.80 7.61
C HIS L 25 -63.41 -5.03 7.50
N HIS L 26 -62.80 -5.16 6.32
CA HIS L 26 -61.80 -6.16 6.05
C HIS L 26 -60.43 -5.67 6.54
N VAL L 27 -59.57 -6.60 6.97
CA VAL L 27 -58.18 -6.27 7.31
C VAL L 27 -57.17 -7.16 6.59
N VAL L 28 -56.26 -6.54 5.85
CA VAL L 28 -55.38 -7.26 4.93
C VAL L 28 -53.94 -7.35 5.45
N ILE L 29 -53.48 -8.58 5.65
CA ILE L 29 -52.14 -8.85 6.19
C ILE L 29 -51.19 -9.30 5.09
N ASP L 30 -50.04 -8.65 5.01
CA ASP L 30 -48.96 -9.13 4.18
C ASP L 30 -47.66 -9.20 4.96
N GLY L 31 -47.05 -10.38 4.96
CA GLY L 31 -45.93 -10.68 5.86
C GLY L 31 -46.37 -10.68 7.32
N GLU L 32 -45.80 -9.77 8.10
CA GLU L 32 -46.16 -9.63 9.52
C GLU L 32 -46.92 -8.33 9.79
N ARG L 33 -47.25 -7.60 8.73
CA ARG L 33 -47.77 -6.23 8.83
C ARG L 33 -49.16 -6.02 8.19
N ILE L 34 -49.97 -5.18 8.83
CA ILE L 34 -51.29 -4.77 8.34
C ILE L 34 -51.18 -3.73 7.22
N VAL L 35 -51.61 -4.11 6.01
CA VAL L 35 -51.46 -3.27 4.80
C VAL L 35 -52.72 -2.42 4.54
N GLU L 36 -53.89 -2.94 4.90
CA GLU L 36 -55.14 -2.22 4.68
C GLU L 36 -56.20 -2.59 5.68
N VAL L 37 -56.88 -1.58 6.21
CA VAL L 37 -58.16 -1.75 6.90
C VAL L 37 -59.25 -0.92 6.20
N THR L 38 -60.26 -1.61 5.67
CA THR L 38 -61.22 -1.03 4.74
C THR L 38 -62.53 -1.84 4.70
N ASP L 39 -63.64 -1.15 4.46
CA ASP L 39 -64.93 -1.80 4.20
C ASP L 39 -65.22 -2.01 2.71
N ARG L 40 -64.19 -1.87 1.88
CA ARG L 40 -64.24 -2.29 0.48
C ARG L 40 -64.63 -3.76 0.32
N PRO L 41 -65.33 -4.08 -0.77
CA PRO L 41 -65.10 -5.40 -1.38
C PRO L 41 -63.62 -5.47 -1.79
N VAL L 42 -62.91 -6.43 -1.21
CA VAL L 42 -61.47 -6.41 -1.31
C VAL L 42 -60.96 -7.45 -2.30
N ASP L 43 -59.84 -7.13 -2.94
CA ASP L 43 -59.44 -7.76 -4.18
C ASP L 43 -58.52 -8.97 -3.93
N LEU L 44 -59.05 -10.04 -3.34
CA LEU L 44 -58.22 -11.18 -2.89
C LEU L 44 -58.01 -12.28 -3.95
N PRO L 45 -56.79 -12.34 -4.52
CA PRO L 45 -56.44 -13.40 -5.45
C PRO L 45 -55.92 -14.66 -4.73
N ASN L 46 -54.78 -14.53 -4.05
CA ASN L 46 -54.15 -15.66 -3.35
C ASN L 46 -54.14 -15.52 -1.82
N ALA L 47 -55.11 -14.77 -1.30
CA ALA L 47 -55.17 -14.48 0.13
C ALA L 47 -55.87 -15.61 0.88
N GLN L 48 -55.27 -16.05 1.99
CA GLN L 48 -55.98 -16.88 2.96
C GLN L 48 -57.13 -16.10 3.56
N ALA L 49 -58.32 -16.31 3.02
CA ALA L 49 -59.52 -15.70 3.58
C ALA L 49 -59.88 -16.43 4.86
N ILE L 50 -59.94 -15.68 5.96
CA ILE L 50 -60.58 -16.17 7.17
C ILE L 50 -61.84 -15.33 7.46
N ASP L 51 -62.97 -16.01 7.54
CA ASP L 51 -64.27 -15.33 7.59
C ASP L 51 -64.59 -14.86 9.00
N VAL L 52 -64.64 -13.55 9.17
CA VAL L 52 -64.89 -12.97 10.49
C VAL L 52 -66.18 -12.16 10.46
N ARG L 53 -67.24 -12.77 9.93
CA ARG L 53 -68.54 -12.14 9.87
C ARG L 53 -69.13 -11.99 11.28
N GLY L 54 -69.57 -10.78 11.61
CA GLY L 54 -70.22 -10.48 12.89
C GLY L 54 -69.42 -10.86 14.13
N LYS L 55 -68.09 -10.71 14.05
CA LYS L 55 -67.21 -10.94 15.18
C LYS L 55 -66.16 -9.83 15.29
N THR L 56 -65.93 -9.37 16.53
CA THR L 56 -65.00 -8.27 16.81
C THR L 56 -63.55 -8.69 16.57
N VAL L 57 -62.87 -7.97 15.67
CA VAL L 57 -61.43 -8.12 15.52
C VAL L 57 -60.70 -6.92 16.16
N MET L 58 -59.86 -7.21 17.15
CA MET L 58 -59.12 -6.15 17.85
C MET L 58 -57.62 -6.46 17.95
N PRO L 59 -56.81 -5.49 18.43
CA PRO L 59 -55.39 -5.76 18.68
C PRO L 59 -55.16 -6.80 19.80
N GLY L 60 -54.20 -7.69 19.56
CA GLY L 60 -53.75 -8.67 20.57
C GLY L 60 -53.34 -7.99 21.86
N PHE L 61 -53.79 -8.53 22.99
CA PHE L 61 -53.58 -7.89 24.28
C PHE L 61 -52.12 -7.93 24.74
N ILE L 62 -51.77 -6.91 25.51
CA ILE L 62 -50.46 -6.78 26.12
C ILE L 62 -50.63 -6.72 27.64
N ASP L 63 -49.97 -7.63 28.33
CA ASP L 63 -49.98 -7.65 29.80
C ASP L 63 -48.67 -7.12 30.36
N CYS L 64 -48.74 -5.99 31.06
CA CYS L 64 -47.56 -5.20 31.36
C CYS L 64 -46.77 -5.68 32.56
N HIS L 65 -47.31 -6.65 33.29
CA HIS L 65 -46.64 -7.15 34.48
C HIS L 65 -46.96 -8.63 34.73
N VAL L 66 -46.15 -9.49 34.12
CA VAL L 66 -46.24 -10.93 34.37
C VAL L 66 -44.95 -11.52 34.92
N HIS L 67 -45.06 -12.69 35.52
CA HIS L 67 -43.90 -13.51 35.85
C HIS L 67 -44.06 -14.89 35.24
N VAL L 68 -43.66 -15.00 33.98
CA VAL L 68 -43.76 -16.21 33.20
C VAL L 68 -43.15 -17.42 33.92
N LEU L 69 -42.05 -17.20 34.63
CA LEU L 69 -41.36 -18.29 35.35
C LEU L 69 -41.88 -18.57 36.76
N ALA L 70 -42.94 -17.86 37.17
CA ALA L 70 -43.54 -18.08 38.49
C ALA L 70 -44.50 -19.26 38.45
N SER L 71 -43.92 -20.45 38.49
CA SER L 71 -44.66 -21.68 38.28
C SER L 71 -45.08 -22.32 39.60
N ASN L 72 -44.80 -21.63 40.71
CA ASN L 72 -45.57 -21.80 41.94
C ASN L 72 -45.51 -20.58 42.86
N ALA L 73 -46.44 -20.54 43.82
CA ALA L 73 -46.82 -19.29 44.50
C ALA L 73 -45.88 -18.89 45.62
N ASN L 74 -45.05 -19.82 46.06
CA ASN L 74 -43.94 -19.47 46.94
C ASN L 74 -42.67 -19.17 46.13
N LEU L 75 -42.32 -17.90 46.06
CA LEU L 75 -41.25 -17.46 45.16
C LEU L 75 -39.89 -17.84 45.73
N GLY L 76 -39.83 -18.05 47.03
CA GLY L 76 -38.63 -18.61 47.65
C GLY L 76 -38.31 -19.98 47.06
N VAL L 77 -39.33 -20.83 47.00
CA VAL L 77 -39.16 -22.19 46.57
C VAL L 77 -39.14 -22.26 45.03
N ASN L 78 -39.73 -21.26 44.41
CA ASN L 78 -39.70 -21.15 42.97
C ASN L 78 -38.27 -20.96 42.50
N ALA L 79 -37.54 -20.11 43.22
CA ALA L 79 -36.16 -19.84 42.88
C ALA L 79 -35.26 -21.05 43.10
N THR L 80 -35.59 -21.88 44.08
CA THR L 80 -34.72 -23.00 44.47
C THR L 80 -34.98 -24.26 43.67
N GLN L 81 -35.97 -24.20 42.78
CA GLN L 81 -36.24 -25.35 41.93
C GLN L 81 -35.13 -25.51 40.88
N PRO L 82 -34.87 -26.76 40.46
CA PRO L 82 -33.84 -27.04 39.46
C PRO L 82 -34.07 -26.24 38.18
N ASN L 83 -32.97 -25.86 37.53
CA ASN L 83 -33.03 -24.99 36.37
C ASN L 83 -33.89 -25.51 35.24
N ILE L 84 -33.65 -26.75 34.84
CA ILE L 84 -34.38 -27.30 33.73
C ILE L 84 -35.89 -27.40 34.03
N LEU L 85 -36.22 -27.75 35.27
CA LEU L 85 -37.62 -27.84 35.70
C LEU L 85 -38.32 -26.48 35.78
N ALA L 86 -37.62 -25.46 36.23
CA ALA L 86 -38.13 -24.11 36.21
C ALA L 86 -38.54 -23.76 34.78
N ALA L 87 -37.65 -24.07 33.84
CA ALA L 87 -37.85 -23.72 32.44
C ALA L 87 -39.02 -24.49 31.82
N ILE L 88 -39.07 -25.79 32.10
CA ILE L 88 -40.12 -26.66 31.55
C ILE L 88 -41.48 -26.12 31.95
N ARG L 89 -41.64 -25.83 33.24
CA ARG L 89 -42.91 -25.47 33.84
C ARG L 89 -43.49 -24.14 33.35
N SER L 90 -42.63 -23.28 32.80
CA SER L 90 -43.10 -22.00 32.25
C SER L 90 -43.84 -22.18 30.93
N LEU L 91 -43.57 -23.28 30.22
CA LEU L 91 -44.15 -23.53 28.88
C LEU L 91 -45.68 -23.60 28.79
N PRO L 92 -46.34 -24.36 29.71
CA PRO L 92 -47.81 -24.28 29.85
C PRO L 92 -48.28 -22.84 30.06
N ILE L 93 -47.58 -22.12 30.95
CA ILE L 93 -47.95 -20.77 31.33
C ILE L 93 -47.91 -19.85 30.12
N LEU L 94 -46.85 -19.99 29.32
CA LEU L 94 -46.72 -19.19 28.10
C LEU L 94 -47.84 -19.49 27.12
N ASP L 95 -48.15 -20.78 26.98
CA ASP L 95 -49.19 -21.24 26.08
C ASP L 95 -50.61 -20.74 26.44
N ALA L 96 -50.92 -20.82 27.74
CA ALA L 96 -52.21 -20.40 28.27
C ALA L 96 -52.46 -18.90 28.10
N MET L 97 -51.43 -18.11 28.35
CA MET L 97 -51.49 -16.66 28.15
C MET L 97 -51.83 -16.31 26.71
N LEU L 98 -51.18 -16.99 25.76
CA LEU L 98 -51.37 -16.73 24.34
C LEU L 98 -52.79 -17.05 23.95
N SER L 99 -53.28 -18.18 24.46
CA SER L 99 -54.62 -18.65 24.14
C SER L 99 -55.71 -17.76 24.79
N ARG L 100 -55.29 -16.93 25.75
CA ARG L 100 -56.19 -15.94 26.34
C ARG L 100 -56.13 -14.59 25.61
N GLY L 101 -55.56 -14.61 24.41
CA GLY L 101 -55.50 -13.41 23.57
C GLY L 101 -54.34 -12.47 23.86
N PHE L 102 -53.43 -12.87 24.76
CA PHE L 102 -52.22 -12.09 25.02
C PHE L 102 -51.10 -12.41 24.03
N THR L 103 -50.76 -11.43 23.19
CA THR L 103 -49.73 -11.58 22.12
C THR L 103 -48.37 -10.96 22.49
N SER L 104 -48.35 -10.15 23.56
CA SER L 104 -47.11 -9.56 24.05
C SER L 104 -47.18 -9.40 25.56
N VAL L 105 -46.13 -9.81 26.24
CA VAL L 105 -46.01 -9.60 27.69
C VAL L 105 -44.68 -8.92 28.09
N ARG L 106 -44.78 -8.05 29.08
CA ARG L 106 -43.61 -7.48 29.73
C ARG L 106 -43.38 -8.31 30.98
N ASP L 107 -42.29 -9.06 31.00
CA ASP L 107 -41.97 -9.91 32.16
C ASP L 107 -41.28 -9.10 33.24
N ALA L 108 -41.82 -9.17 34.46
CA ALA L 108 -41.40 -8.26 35.52
C ALA L 108 -40.31 -8.89 36.36
N GLY L 109 -39.54 -9.77 35.75
CA GLY L 109 -38.46 -10.45 36.45
C GLY L 109 -38.62 -11.96 36.37
N GLY L 110 -37.57 -12.61 35.86
CA GLY L 110 -37.58 -14.04 35.70
C GLY L 110 -37.14 -14.38 34.29
N ALA L 111 -37.96 -14.00 33.32
CA ALA L 111 -37.68 -14.38 31.93
C ALA L 111 -36.47 -13.62 31.39
N ASP L 112 -35.73 -14.26 30.49
CA ASP L 112 -34.54 -13.64 29.94
C ASP L 112 -34.63 -13.51 28.43
N TRP L 113 -33.53 -13.08 27.83
CA TRP L 113 -33.39 -13.01 26.38
C TRP L 113 -33.60 -14.35 25.68
N SER L 114 -33.07 -15.44 26.24
CA SER L 114 -33.26 -16.78 25.67
C SER L 114 -34.73 -17.13 25.47
N LEU L 115 -35.55 -16.86 26.49
CA LEU L 115 -36.98 -17.14 26.41
C LEU L 115 -37.64 -16.30 25.33
N MET L 116 -37.27 -15.02 25.27
CA MET L 116 -37.74 -14.10 24.24
C MET L 116 -37.36 -14.63 22.86
N GLN L 117 -36.15 -15.19 22.75
CA GLN L 117 -35.71 -15.82 21.51
C GLN L 117 -36.53 -17.06 21.16
N ALA L 118 -36.82 -17.87 22.17
CA ALA L 118 -37.55 -19.14 21.96
C ALA L 118 -38.90 -18.90 21.26
N VAL L 119 -39.61 -17.85 21.69
CA VAL L 119 -40.88 -17.52 21.06
C VAL L 119 -40.67 -16.88 19.69
N GLU L 120 -39.65 -16.07 19.55
CA GLU L 120 -39.47 -15.33 18.30
C GLU L 120 -38.96 -16.19 17.16
N THR L 121 -38.31 -17.30 17.50
CA THR L 121 -37.89 -18.29 16.51
C THR L 121 -38.93 -19.41 16.46
N GLY L 122 -39.99 -19.25 17.25
CA GLY L 122 -41.13 -20.17 17.24
C GLY L 122 -40.81 -21.54 17.81
N LEU L 123 -39.66 -21.65 18.48
CA LEU L 123 -39.26 -22.89 19.16
C LEU L 123 -40.22 -23.21 20.30
N VAL L 124 -40.95 -22.20 20.74
CA VAL L 124 -41.90 -22.35 21.83
C VAL L 124 -43.10 -21.43 21.60
N SER L 125 -44.27 -21.88 22.02
CA SER L 125 -45.49 -21.11 21.82
C SER L 125 -45.79 -20.18 23.00
N GLY L 126 -45.89 -18.89 22.70
CA GLY L 126 -46.40 -17.92 23.66
C GLY L 126 -46.33 -16.49 23.13
N PRO L 127 -46.59 -15.49 24.02
CA PRO L 127 -46.52 -14.07 23.68
C PRO L 127 -45.09 -13.68 23.31
N ARG L 128 -44.93 -12.54 22.65
CA ARG L 128 -43.62 -11.91 22.55
C ARG L 128 -43.23 -11.39 23.93
N ILE L 129 -41.99 -11.65 24.32
CA ILE L 129 -41.54 -11.30 25.66
C ILE L 129 -40.67 -10.04 25.65
N PHE L 130 -41.06 -9.08 26.51
CA PHE L 130 -40.21 -7.96 26.91
C PHE L 130 -39.61 -8.24 28.28
N PRO L 131 -38.39 -8.80 28.30
CA PRO L 131 -37.79 -9.29 29.55
C PRO L 131 -37.17 -8.19 30.38
N SER L 132 -37.32 -8.30 31.69
CA SER L 132 -36.59 -7.45 32.64
C SER L 132 -35.30 -8.09 33.10
N GLY L 133 -35.09 -9.35 32.72
CA GLY L 133 -34.01 -10.16 33.24
C GLY L 133 -34.37 -10.50 34.66
N LYS L 134 -33.66 -9.90 35.62
CA LYS L 134 -34.00 -10.06 37.02
C LYS L 134 -34.33 -8.71 37.66
N ALA L 135 -35.34 -8.70 38.52
CA ALA L 135 -35.61 -7.51 39.31
C ALA L 135 -34.41 -7.24 40.18
N LEU L 136 -34.02 -5.97 40.28
CA LEU L 136 -33.03 -5.57 41.25
C LEU L 136 -33.73 -5.34 42.59
N SER L 137 -33.17 -5.93 43.64
CA SER L 137 -33.69 -5.78 44.98
C SER L 137 -32.52 -5.48 45.88
N GLN L 138 -32.70 -4.56 46.82
CA GLN L 138 -31.76 -4.39 47.91
C GLN L 138 -31.81 -5.60 48.85
N THR L 139 -30.77 -5.76 49.68
CA THR L 139 -30.72 -6.77 50.75
C THR L 139 -31.87 -6.58 51.75
N GLY L 140 -32.55 -7.69 52.06
CA GLY L 140 -33.76 -7.68 52.89
C GLY L 140 -34.96 -7.12 52.15
N GLY L 141 -34.79 -6.85 50.86
CA GLY L 141 -35.82 -6.22 50.05
C GLY L 141 -36.90 -7.19 49.57
N HIS L 142 -37.81 -6.66 48.75
CA HIS L 142 -38.92 -7.43 48.20
C HIS L 142 -38.45 -8.61 47.35
N GLY L 143 -37.19 -8.57 46.90
CA GLY L 143 -36.61 -9.68 46.13
C GLY L 143 -35.75 -10.62 46.96
N ASP L 144 -35.49 -10.25 48.21
CA ASP L 144 -34.72 -11.12 49.11
C ASP L 144 -35.68 -12.08 49.80
N PHE L 145 -35.59 -13.37 49.46
CA PHE L 145 -36.46 -14.40 50.04
C PHE L 145 -35.81 -15.18 51.17
N ARG L 146 -34.75 -14.61 51.75
CA ARG L 146 -34.07 -15.27 52.83
C ARG L 146 -34.85 -15.09 54.12
N PRO L 147 -34.99 -16.17 54.90
CA PRO L 147 -35.72 -16.11 56.18
C PRO L 147 -34.96 -15.31 57.24
N ARG L 148 -35.67 -14.84 58.26
CA ARG L 148 -35.15 -13.92 59.27
C ARG L 148 -33.98 -14.44 60.10
N GLU L 153 -27.28 -16.76 56.24
CA GLU L 153 -26.94 -15.66 55.35
C GLU L 153 -26.30 -16.03 53.99
N PRO L 154 -25.06 -16.57 54.02
CA PRO L 154 -23.89 -16.15 53.24
C PRO L 154 -24.14 -15.18 52.09
N CYS L 155 -24.05 -15.67 50.86
CA CYS L 155 -24.11 -14.81 49.67
C CYS L 155 -25.03 -15.37 48.59
N SER L 156 -24.45 -15.83 47.48
CA SER L 156 -25.23 -16.37 46.37
C SER L 156 -24.45 -16.99 45.21
N CYS L 157 -23.61 -16.24 44.51
CA CYS L 157 -22.85 -16.82 43.38
C CYS L 157 -23.56 -16.76 42.03
N CYS L 158 -24.57 -17.62 41.88
CA CYS L 158 -25.05 -18.06 40.57
C CYS L 158 -26.54 -17.89 40.32
N PHE L 159 -26.89 -17.60 39.06
CA PHE L 159 -28.27 -17.25 38.75
C PHE L 159 -29.14 -18.47 38.46
N ARG L 160 -30.05 -18.73 39.39
CA ARG L 160 -31.10 -19.72 39.21
C ARG L 160 -32.11 -19.20 38.19
N THR L 161 -32.44 -20.02 37.21
CA THR L 161 -33.41 -19.58 36.20
C THR L 161 -34.81 -19.56 36.78
N GLY L 162 -34.93 -19.98 38.03
CA GLY L 162 -36.20 -19.91 38.73
C GLY L 162 -36.33 -18.65 39.55
N ALA L 163 -35.28 -17.84 39.56
CA ALA L 163 -35.27 -16.64 40.40
C ALA L 163 -35.86 -15.40 39.72
N ILE L 164 -36.73 -14.69 40.45
CA ILE L 164 -37.40 -13.49 39.95
C ILE L 164 -36.43 -12.31 40.00
N ALA L 165 -35.68 -12.23 41.09
CA ALA L 165 -34.88 -11.05 41.42
C ALA L 165 -33.40 -11.41 41.68
N ARG L 166 -32.55 -10.38 41.75
CA ARG L 166 -31.23 -10.56 42.31
C ARG L 166 -31.03 -9.54 43.40
N VAL L 167 -30.21 -9.86 44.40
CA VAL L 167 -29.88 -8.89 45.45
C VAL L 167 -28.61 -8.11 45.08
N VAL L 168 -28.74 -6.80 44.90
CA VAL L 168 -27.59 -5.90 44.72
C VAL L 168 -27.75 -4.64 45.56
N ASP L 169 -26.66 -4.20 46.17
CA ASP L 169 -26.68 -2.96 46.95
C ASP L 169 -25.59 -2.00 46.47
N GLY L 170 -25.78 -0.72 46.74
CA GLY L 170 -24.75 0.26 46.50
C GLY L 170 -24.84 0.84 45.12
N VAL L 171 -24.25 2.00 44.92
CA VAL L 171 -24.37 2.73 43.67
C VAL L 171 -23.62 2.01 42.55
N GLU L 172 -22.39 1.62 42.83
CA GLU L 172 -21.62 0.87 41.86
C GLU L 172 -22.23 -0.52 41.70
N GLY L 173 -22.63 -1.13 42.82
CA GLY L 173 -23.35 -2.42 42.79
C GLY L 173 -24.48 -2.43 41.76
N VAL L 174 -25.38 -1.46 41.86
CA VAL L 174 -26.54 -1.41 40.99
C VAL L 174 -26.19 -0.97 39.55
N ARG L 175 -25.23 -0.06 39.41
CA ARG L 175 -24.71 0.30 38.11
C ARG L 175 -24.25 -0.92 37.34
N LEU L 176 -23.47 -1.77 38.01
CA LEU L 176 -22.96 -2.97 37.35
C LEU L 176 -24.11 -3.90 36.99
N ALA L 177 -24.95 -4.19 37.97
CA ALA L 177 -26.14 -5.02 37.76
C ALA L 177 -26.89 -4.64 36.49
N VAL L 178 -27.11 -3.35 36.29
CA VAL L 178 -27.92 -2.92 35.18
C VAL L 178 -27.17 -3.19 33.88
N ARG L 179 -25.90 -2.80 33.81
CA ARG L 179 -25.07 -3.01 32.62
C ARG L 179 -25.02 -4.49 32.30
N GLU L 180 -25.02 -5.31 33.36
CA GLU L 180 -25.05 -6.77 33.22
C GLU L 180 -26.34 -7.24 32.58
N GLU L 181 -27.48 -6.82 33.13
CA GLU L 181 -28.78 -7.28 32.63
C GLU L 181 -29.05 -6.82 31.20
N ILE L 182 -28.62 -5.60 30.89
CA ILE L 182 -28.74 -5.09 29.53
C ILE L 182 -27.85 -5.84 28.53
N GLN L 183 -26.63 -6.18 28.94
CA GLN L 183 -25.75 -6.99 28.10
C GLN L 183 -26.40 -8.36 27.83
N LYS L 184 -26.95 -8.96 28.89
CA LYS L 184 -27.68 -10.23 28.77
C LYS L 184 -28.91 -10.06 27.88
N GLY L 185 -29.40 -8.83 27.75
CA GLY L 185 -30.38 -8.49 26.73
C GLY L 185 -31.77 -8.20 27.26
N ALA L 186 -31.85 -7.58 28.44
CA ALA L 186 -33.15 -7.09 28.92
C ALA L 186 -33.61 -5.94 28.00
N THR L 187 -34.92 -5.72 27.93
CA THR L 187 -35.45 -4.56 27.21
C THR L 187 -35.79 -3.43 28.15
N GLN L 188 -36.09 -3.76 29.41
CA GLN L 188 -36.18 -2.76 30.46
C GLN L 188 -35.67 -3.30 31.79
N ILE L 189 -35.67 -2.45 32.81
CA ILE L 189 -35.07 -2.75 34.10
C ILE L 189 -36.15 -2.64 35.17
N LYS L 190 -36.30 -3.70 35.98
CA LYS L 190 -37.26 -3.70 37.08
C LYS L 190 -36.53 -3.59 38.41
N ILE L 191 -37.04 -2.77 39.31
CA ILE L 191 -36.47 -2.69 40.66
C ILE L 191 -37.57 -2.78 41.71
N MET L 192 -37.18 -3.16 42.92
CA MET L 192 -38.09 -3.14 44.06
C MET L 192 -37.85 -1.86 44.84
N ALA L 193 -38.84 -0.98 44.84
CA ALA L 193 -38.70 0.36 45.42
C ALA L 193 -39.35 0.49 46.81
N SER L 194 -40.09 -0.53 47.23
CA SER L 194 -40.72 -0.52 48.56
C SER L 194 -40.97 -1.95 48.99
N GLY L 195 -41.37 -2.12 50.25
CA GLY L 195 -41.86 -3.42 50.74
C GLY L 195 -42.99 -4.00 49.90
N GLY L 196 -43.25 -5.29 50.08
CA GLY L 196 -44.23 -5.96 49.23
C GLY L 196 -45.00 -7.03 49.97
N VAL L 197 -45.58 -7.94 49.19
CA VAL L 197 -46.45 -8.97 49.76
C VAL L 197 -45.75 -10.33 49.80
N ALA L 198 -45.11 -10.69 48.68
CA ALA L 198 -44.58 -12.03 48.49
C ALA L 198 -43.21 -12.29 49.13
N SER L 199 -42.68 -11.34 49.89
CA SER L 199 -41.38 -11.53 50.54
C SER L 199 -41.50 -11.66 52.06
N PRO L 200 -40.55 -12.37 52.70
CA PRO L 200 -40.66 -12.66 54.13
C PRO L 200 -40.50 -11.47 55.10
N THR L 201 -39.52 -10.60 54.84
CA THR L 201 -39.02 -9.75 55.91
C THR L 201 -39.47 -8.28 55.87
N ASP L 202 -39.95 -7.82 54.71
CA ASP L 202 -40.28 -6.39 54.52
C ASP L 202 -41.76 -6.06 54.67
N PRO L 203 -42.14 -5.34 55.75
CA PRO L 203 -43.45 -4.67 55.75
C PRO L 203 -43.61 -3.73 54.55
N ILE L 204 -44.83 -3.60 54.07
CA ILE L 204 -45.13 -2.91 52.82
C ILE L 204 -44.94 -1.39 52.94
N ALA L 205 -45.10 -0.88 54.17
CA ALA L 205 -45.01 0.55 54.47
C ALA L 205 -43.65 1.21 54.15
N ASN L 206 -42.57 0.47 54.33
CA ASN L 206 -41.26 1.07 54.16
C ASN L 206 -40.65 1.02 52.75
N THR L 207 -39.68 1.90 52.53
CA THR L 207 -39.11 2.14 51.21
C THR L 207 -37.84 1.28 51.02
N GLN L 208 -37.39 1.18 49.77
CA GLN L 208 -36.22 0.38 49.41
C GLN L 208 -35.32 1.06 48.38
N TYR L 209 -34.01 0.94 48.58
CA TYR L 209 -33.00 1.63 47.78
C TYR L 209 -32.93 3.13 48.08
N SER L 210 -31.71 3.61 48.36
CA SER L 210 -31.46 5.03 48.43
C SER L 210 -31.77 5.72 47.10
N GLU L 211 -31.90 7.05 47.16
CA GLU L 211 -32.18 7.83 45.98
C GLU L 211 -31.01 7.79 45.00
N ASP L 212 -29.80 7.85 45.56
CA ASP L 212 -28.57 7.68 44.78
C ASP L 212 -28.60 6.39 43.94
N GLU L 213 -28.93 5.28 44.58
CA GLU L 213 -29.03 4.00 43.89
C GLU L 213 -30.04 4.05 42.73
N ILE L 214 -31.26 4.51 43.04
CA ILE L 214 -32.34 4.60 42.06
C ILE L 214 -31.95 5.50 40.87
N ARG L 215 -31.35 6.65 41.19
CA ARG L 215 -30.83 7.58 40.17
C ARG L 215 -29.83 6.90 39.23
N ALA L 216 -28.83 6.24 39.82
CA ALA L 216 -27.84 5.52 39.04
C ALA L 216 -28.50 4.48 38.12
N ILE L 217 -29.43 3.70 38.68
CA ILE L 217 -30.16 2.70 37.91
C ILE L 217 -30.87 3.33 36.71
N VAL L 218 -31.53 4.46 36.97
CA VAL L 218 -32.27 5.17 35.94
C VAL L 218 -31.33 5.62 34.82
N ASP L 219 -30.21 6.21 35.23
CA ASP L 219 -29.22 6.70 34.28
C ASP L 219 -28.73 5.58 33.40
N GLU L 220 -28.37 4.46 34.02
CA GLU L 220 -27.80 3.33 33.28
C GLU L 220 -28.80 2.84 32.24
N ALA L 221 -30.06 2.75 32.66
CA ALA L 221 -31.15 2.37 31.77
C ALA L 221 -31.22 3.31 30.57
N GLU L 222 -31.30 4.62 30.85
CA GLU L 222 -31.45 5.61 29.79
C GLU L 222 -30.24 5.64 28.87
N ALA L 223 -29.06 5.45 29.46
CA ALA L 223 -27.82 5.28 28.70
C ALA L 223 -27.90 4.17 27.63
N ALA L 224 -28.75 3.16 27.85
CA ALA L 224 -28.97 2.07 26.90
C ALA L 224 -30.30 2.26 26.17
N ASN L 225 -30.82 3.48 26.19
CA ASN L 225 -32.09 3.81 25.55
C ASN L 225 -33.27 2.92 25.93
N THR L 226 -33.44 2.69 27.22
CA THR L 226 -34.68 2.13 27.75
C THR L 226 -35.04 2.80 29.08
N TYR L 227 -35.86 2.15 29.92
CA TYR L 227 -36.40 2.81 31.12
C TYR L 227 -36.40 1.91 32.36
N VAL L 228 -36.80 2.47 33.50
CA VAL L 228 -36.97 1.67 34.72
C VAL L 228 -38.43 1.51 35.14
N MET L 229 -38.84 0.27 35.38
CA MET L 229 -40.08 -0.03 36.06
C MET L 229 -39.84 -0.36 37.54
N ALA L 230 -40.76 0.08 38.40
CA ALA L 230 -40.51 0.05 39.85
C ALA L 230 -41.72 -0.43 40.64
N HIS L 231 -41.47 -1.38 41.52
CA HIS L 231 -42.48 -1.91 42.41
C HIS L 231 -42.65 -0.97 43.62
N ALA L 232 -43.83 -0.35 43.74
CA ALA L 232 -44.05 0.70 44.74
C ALA L 232 -45.49 0.76 45.25
N TYR L 233 -45.67 0.68 46.57
CA TYR L 233 -47.02 0.73 47.16
C TYR L 233 -47.44 2.11 47.64
N THR L 234 -46.85 2.57 48.74
CA THR L 234 -47.29 3.83 49.36
C THR L 234 -46.92 5.04 48.52
N GLY L 235 -47.58 6.17 48.79
CA GLY L 235 -47.40 7.38 47.99
C GLY L 235 -46.04 7.97 48.26
N ARG L 236 -45.58 7.76 49.49
CA ARG L 236 -44.23 8.14 49.88
C ARG L 236 -43.22 7.47 48.94
N ALA L 237 -43.30 6.15 48.86
CA ALA L 237 -42.41 5.34 48.01
C ALA L 237 -42.53 5.73 46.54
N ILE L 238 -43.76 5.98 46.09
CA ILE L 238 -44.02 6.29 44.69
C ILE L 238 -43.38 7.61 44.28
N ALA L 239 -43.54 8.61 45.14
CA ALA L 239 -43.01 9.97 44.90
C ALA L 239 -41.51 9.96 44.61
N ARG L 240 -40.73 9.46 45.58
CA ARG L 240 -39.28 9.45 45.46
C ARG L 240 -38.78 8.63 44.26
N ALA L 241 -39.45 7.53 43.96
CA ALA L 241 -39.19 6.76 42.73
C ALA L 241 -39.42 7.60 41.46
N VAL L 242 -40.51 8.34 41.43
CA VAL L 242 -40.84 9.16 40.26
C VAL L 242 -39.89 10.35 40.17
N ARG L 243 -39.59 10.92 41.34
CA ARG L 243 -38.62 12.01 41.48
C ARG L 243 -37.23 11.63 40.96
N CYS L 244 -36.90 10.34 41.05
CA CYS L 244 -35.60 9.83 40.62
C CYS L 244 -35.55 9.46 39.14
N GLY L 245 -36.72 9.34 38.52
CA GLY L 245 -36.78 9.21 37.08
C GLY L 245 -37.33 7.89 36.58
N VAL L 246 -37.98 7.13 37.46
CA VAL L 246 -38.59 5.87 37.00
C VAL L 246 -39.80 6.19 36.12
N ARG L 247 -40.02 5.38 35.08
CA ARG L 247 -41.00 5.73 34.06
C ARG L 247 -42.33 5.06 34.37
N THR L 248 -42.28 3.82 34.82
CA THR L 248 -43.51 3.10 35.11
C THR L 248 -43.51 2.64 36.56
N ILE L 249 -44.64 2.83 37.23
CA ILE L 249 -44.81 2.28 38.57
C ILE L 249 -45.61 1.00 38.45
N GLU L 250 -45.23 0.00 39.25
CA GLU L 250 -46.02 -1.21 39.34
C GLU L 250 -46.84 -1.19 40.63
N HIS L 251 -48.01 -1.84 40.55
CA HIS L 251 -48.99 -1.90 41.64
C HIS L 251 -49.50 -0.50 41.95
N GLY L 252 -48.95 0.12 42.99
CA GLY L 252 -49.30 1.50 43.34
C GLY L 252 -50.58 1.65 44.18
N ASN L 253 -50.92 0.58 44.88
CA ASN L 253 -52.21 0.45 45.54
C ASN L 253 -52.52 1.58 46.53
N LEU L 254 -51.50 2.09 47.20
CA LEU L 254 -51.71 3.05 48.28
C LEU L 254 -51.29 4.49 47.97
N VAL L 255 -51.59 4.95 46.75
CA VAL L 255 -51.36 6.36 46.36
C VAL L 255 -52.20 7.32 47.20
N ASP L 256 -51.68 8.53 47.40
CA ASP L 256 -52.51 9.71 47.58
C ASP L 256 -52.54 10.45 46.24
N GLU L 257 -53.35 11.51 46.19
CA GLU L 257 -53.45 12.31 44.97
C GLU L 257 -52.27 13.25 44.78
N ALA L 258 -51.58 13.58 45.88
CA ALA L 258 -50.34 14.34 45.84
C ALA L 258 -49.28 13.63 44.98
N ALA L 259 -49.06 12.34 45.28
CA ALA L 259 -48.18 11.49 44.47
C ALA L 259 -48.71 11.31 43.05
N ALA L 260 -49.99 10.97 42.94
CA ALA L 260 -50.68 10.87 41.65
C ALA L 260 -50.49 12.11 40.77
N LYS L 261 -50.63 13.29 41.38
CA LYS L 261 -50.40 14.56 40.69
C LYS L 261 -49.00 14.60 40.10
N LEU L 262 -48.03 14.26 40.94
CA LEU L 262 -46.62 14.29 40.57
C LEU L 262 -46.33 13.32 39.42
N MET L 263 -47.01 12.17 39.44
CA MET L 263 -46.86 11.14 38.42
C MET L 263 -47.30 11.68 37.07
N HIS L 264 -48.52 12.23 37.03
CA HIS L 264 -49.08 12.86 35.83
C HIS L 264 -48.14 13.92 35.28
N GLU L 265 -47.69 14.79 36.18
CA GLU L 265 -46.77 15.86 35.82
C GLU L 265 -45.54 15.32 35.09
N HIS L 266 -44.96 14.23 35.62
CA HIS L 266 -43.69 13.72 35.13
C HIS L 266 -43.80 12.91 33.84
N GLY L 267 -44.99 12.36 33.58
CA GLY L 267 -45.21 11.55 32.38
C GLY L 267 -45.10 10.07 32.73
N ALA L 268 -45.30 9.77 34.01
CA ALA L 268 -45.09 8.43 34.54
C ALA L 268 -46.36 7.59 34.60
N PHE L 269 -46.33 6.43 33.93
CA PHE L 269 -47.44 5.47 33.88
C PHE L 269 -47.69 4.76 35.22
N VAL L 270 -48.78 3.99 35.28
CA VAL L 270 -48.99 3.01 36.35
C VAL L 270 -49.42 1.69 35.73
N VAL L 271 -48.97 0.59 36.33
CA VAL L 271 -49.54 -0.72 36.06
C VAL L 271 -50.05 -1.32 37.39
N PRO L 272 -51.34 -1.11 37.69
CA PRO L 272 -52.01 -1.79 38.80
C PRO L 272 -52.14 -3.27 38.50
N THR L 273 -52.19 -4.08 39.56
CA THR L 273 -52.31 -5.54 39.38
C THR L 273 -53.37 -6.11 40.32
N LEU L 274 -54.61 -5.65 40.15
CA LEU L 274 -55.65 -5.88 41.14
C LEU L 274 -56.06 -7.35 41.22
N VAL L 275 -56.09 -8.01 40.06
CA VAL L 275 -56.47 -9.42 39.97
C VAL L 275 -55.69 -10.36 40.89
N THR L 276 -54.40 -10.07 41.10
CA THR L 276 -53.55 -10.95 41.88
C THR L 276 -53.96 -11.00 43.36
N TYR L 277 -54.55 -9.90 43.85
CA TYR L 277 -54.83 -9.76 45.28
C TYR L 277 -56.11 -10.48 45.65
N ASP L 278 -57.03 -10.53 44.69
CA ASP L 278 -58.27 -11.29 44.85
C ASP L 278 -57.96 -12.78 44.89
N ALA L 279 -57.06 -13.20 44.00
CA ALA L 279 -56.61 -14.59 43.93
C ALA L 279 -55.91 -15.00 45.22
N LEU L 280 -55.03 -14.13 45.70
CA LEU L 280 -54.28 -14.41 46.93
C LEU L 280 -55.18 -14.26 48.16
N ALA L 281 -56.34 -13.61 47.98
CA ALA L 281 -57.36 -13.59 49.02
C ALA L 281 -57.95 -14.99 49.19
N LYS L 282 -58.44 -15.56 48.09
CA LYS L 282 -59.08 -16.87 48.12
C LYS L 282 -58.07 -17.99 48.39
N HIS L 283 -57.08 -18.13 47.50
CA HIS L 283 -56.24 -19.32 47.47
C HIS L 283 -54.81 -18.98 47.89
N GLY L 284 -54.69 -18.23 48.97
CA GLY L 284 -53.40 -17.69 49.40
C GLY L 284 -52.54 -18.71 50.10
N ALA L 285 -52.81 -18.92 51.39
CA ALA L 285 -52.12 -19.95 52.17
C ALA L 285 -52.43 -21.34 51.62
N GLU L 286 -53.43 -21.41 50.76
CA GLU L 286 -53.85 -22.64 50.11
C GLU L 286 -52.86 -23.15 49.06
N PHE L 287 -52.32 -22.23 48.25
CA PHE L 287 -51.40 -22.61 47.17
C PHE L 287 -49.92 -22.48 47.55
N GLY L 288 -49.65 -22.47 48.85
CA GLY L 288 -48.30 -22.65 49.36
C GLY L 288 -47.49 -21.39 49.55
N MET L 289 -48.14 -20.23 49.57
CA MET L 289 -47.48 -18.98 49.93
C MET L 289 -47.50 -18.75 51.43
N PRO L 290 -46.32 -18.54 52.04
CA PRO L 290 -46.06 -18.42 53.49
C PRO L 290 -47.12 -17.63 54.27
N PRO L 291 -47.49 -18.10 55.48
CA PRO L 291 -48.61 -17.57 56.29
C PRO L 291 -48.57 -16.07 56.60
N GLU L 292 -47.37 -15.50 56.72
CA GLU L 292 -47.24 -14.08 57.02
C GLU L 292 -47.22 -13.20 55.78
N SER L 293 -47.19 -13.82 54.60
CA SER L 293 -47.33 -13.08 53.34
C SER L 293 -48.81 -12.87 53.01
N VAL L 294 -49.64 -13.83 53.39
CA VAL L 294 -51.09 -13.70 53.24
C VAL L 294 -51.66 -12.72 54.28
N ALA L 295 -50.95 -12.57 55.39
CA ALA L 295 -51.26 -11.55 56.38
C ALA L 295 -51.21 -10.16 55.73
N LYS L 296 -50.25 -9.96 54.84
CA LYS L 296 -50.01 -8.66 54.23
C LYS L 296 -50.93 -8.35 53.05
N VAL L 297 -51.60 -9.38 52.52
CA VAL L 297 -52.41 -9.21 51.31
C VAL L 297 -53.78 -8.56 51.59
N ALA L 298 -54.23 -8.68 52.85
CA ALA L 298 -55.50 -8.10 53.28
C ALA L 298 -55.59 -6.58 53.03
N SER L 299 -54.50 -5.88 53.32
CA SER L 299 -54.49 -4.41 53.35
C SER L 299 -54.46 -3.76 51.96
N VAL L 300 -53.75 -4.37 51.03
CA VAL L 300 -53.47 -3.74 49.73
C VAL L 300 -54.61 -3.79 48.71
N GLN L 301 -55.52 -4.76 48.85
CA GLN L 301 -56.67 -4.88 47.94
C GLN L 301 -57.77 -3.85 48.23
N GLN L 302 -57.86 -3.44 49.50
CA GLN L 302 -58.82 -2.45 49.97
C GLN L 302 -58.80 -1.20 49.08
N LYS L 303 -57.73 -0.43 49.22
CA LYS L 303 -57.53 0.79 48.46
C LYS L 303 -57.29 0.52 46.97
N GLY L 304 -57.27 -0.76 46.59
CA GLY L 304 -56.87 -1.18 45.25
C GLY L 304 -57.86 -0.76 44.18
N ARG L 305 -59.13 -1.01 44.48
CA ARG L 305 -60.26 -0.51 43.67
C ARG L 305 -60.22 1.03 43.62
N GLU L 306 -60.18 1.63 44.81
CA GLU L 306 -60.17 3.07 45.01
C GLU L 306 -59.10 3.83 44.19
N SER L 307 -57.88 3.28 44.22
CA SER L 307 -56.70 3.93 43.63
C SER L 307 -56.87 4.21 42.13
N LEU L 308 -57.54 3.28 41.44
CA LEU L 308 -57.81 3.41 40.02
C LEU L 308 -58.48 4.74 39.70
N GLU L 309 -59.39 5.14 40.58
CA GLU L 309 -60.10 6.43 40.48
C GLU L 309 -59.13 7.59 40.66
N ILE L 310 -58.31 7.52 41.69
CA ILE L 310 -57.32 8.56 41.93
C ILE L 310 -56.42 8.76 40.71
N TYR L 311 -56.01 7.65 40.09
CA TYR L 311 -55.17 7.69 38.88
C TYR L 311 -55.90 8.32 37.70
N ALA L 312 -57.14 7.88 37.49
CA ALA L 312 -58.03 8.48 36.51
C ALA L 312 -58.17 9.99 36.74
N ASN L 313 -58.39 10.37 38.01
CA ASN L 313 -58.53 11.78 38.42
C ASN L 313 -57.33 12.68 38.13
N ALA L 314 -56.15 12.22 38.51
CA ALA L 314 -54.94 13.01 38.24
C ALA L 314 -54.49 12.93 36.76
N GLY L 315 -55.10 12.02 36.00
CA GLY L 315 -54.81 11.87 34.57
C GLY L 315 -53.53 11.08 34.28
N VAL L 316 -53.31 10.01 35.05
CA VAL L 316 -52.12 9.17 34.92
C VAL L 316 -52.40 7.89 34.14
N LYS L 317 -51.75 7.75 32.98
CA LYS L 317 -51.97 6.59 32.10
C LYS L 317 -51.83 5.25 32.84
N MET L 318 -52.78 4.35 32.59
CA MET L 318 -52.86 3.07 33.30
C MET L 318 -52.71 1.92 32.32
N GLY L 319 -51.75 1.03 32.61
CA GLY L 319 -51.54 -0.15 31.79
C GLY L 319 -52.07 -1.38 32.50
N PHE L 320 -52.33 -2.43 31.71
CA PHE L 320 -52.84 -3.72 32.21
C PHE L 320 -51.77 -4.57 32.89
N GLY L 321 -52.04 -5.06 34.10
CA GLY L 321 -51.12 -5.95 34.77
C GLY L 321 -51.80 -7.01 35.59
N SER L 322 -51.32 -8.26 35.49
CA SER L 322 -51.86 -9.33 36.32
C SER L 322 -51.03 -9.56 37.58
N ASP L 323 -49.77 -9.91 37.39
CA ASP L 323 -48.88 -10.36 38.48
C ASP L 323 -49.33 -11.65 39.19
N LEU L 324 -49.75 -12.64 38.41
CA LEU L 324 -50.26 -13.89 38.99
C LEU L 324 -49.17 -14.94 39.15
N LEU L 325 -49.17 -15.62 40.29
CA LEU L 325 -48.20 -16.67 40.59
C LEU L 325 -48.85 -18.05 40.65
N GLY L 326 -48.07 -19.08 40.32
CA GLY L 326 -48.55 -20.46 40.39
C GLY L 326 -49.74 -20.77 39.50
N GLU L 327 -50.57 -21.70 39.96
CA GLU L 327 -51.82 -22.06 39.28
C GLU L 327 -52.86 -20.93 39.19
N MET L 328 -52.71 -19.91 40.03
CA MET L 328 -53.48 -18.67 39.92
C MET L 328 -53.32 -17.95 38.58
N HIS L 329 -52.46 -18.49 37.72
CA HIS L 329 -52.22 -17.95 36.37
C HIS L 329 -53.44 -17.99 35.49
N ALA L 330 -54.39 -18.84 35.87
CA ALA L 330 -55.66 -18.99 35.18
C ALA L 330 -56.45 -17.67 35.15
N PHE L 331 -56.49 -16.98 36.29
CA PHE L 331 -57.38 -15.83 36.47
C PHE L 331 -56.91 -14.57 35.74
N GLN L 332 -56.03 -14.72 34.76
CA GLN L 332 -55.38 -13.57 34.13
C GLN L 332 -56.34 -12.56 33.49
N SER L 333 -57.38 -13.06 32.82
CA SER L 333 -58.32 -12.19 32.10
C SER L 333 -59.29 -11.43 33.01
N GLY L 334 -59.44 -11.91 34.25
CA GLY L 334 -60.31 -11.32 35.27
C GLY L 334 -60.00 -9.88 35.64
N GLU L 335 -58.77 -9.44 35.36
CA GLU L 335 -58.37 -8.04 35.55
C GLU L 335 -59.17 -7.08 34.64
N PHE L 336 -59.44 -7.51 33.40
CA PHE L 336 -60.31 -6.74 32.49
C PHE L 336 -61.62 -6.29 33.17
N ARG L 337 -62.31 -7.27 33.77
CA ARG L 337 -63.57 -7.04 34.47
C ARG L 337 -63.43 -6.14 35.69
N ILE L 338 -62.38 -6.36 36.48
CA ILE L 338 -62.15 -5.53 37.68
C ILE L 338 -61.93 -4.06 37.30
N ARG L 339 -61.28 -3.84 36.16
CA ARG L 339 -61.03 -2.47 35.64
C ARG L 339 -62.22 -1.84 34.92
N ALA L 340 -62.98 -2.67 34.21
CA ALA L 340 -64.25 -2.22 33.61
C ALA L 340 -65.24 -1.72 34.67
N GLU L 341 -65.25 -2.40 35.82
CA GLU L 341 -66.16 -2.08 36.91
C GLU L 341 -65.91 -0.71 37.51
N VAL L 342 -64.65 -0.28 37.49
CA VAL L 342 -64.33 1.04 38.02
C VAL L 342 -64.31 2.11 36.93
N LEU L 343 -63.74 1.79 35.76
CA LEU L 343 -63.47 2.82 34.76
C LEU L 343 -64.10 2.59 33.41
N GLY L 344 -65.22 1.90 33.33
CA GLY L 344 -65.80 1.65 32.00
C GLY L 344 -64.93 0.75 31.15
N ASN L 345 -65.56 -0.04 30.30
CA ASN L 345 -64.81 -1.04 29.53
C ASN L 345 -64.14 -0.58 28.24
N LEU L 346 -64.27 0.70 27.88
CA LEU L 346 -63.39 1.30 26.88
C LEU L 346 -62.00 1.47 27.48
N GLU L 347 -61.97 2.00 28.69
CA GLU L 347 -60.71 2.18 29.42
C GLU L 347 -60.01 0.85 29.69
N ALA L 348 -60.75 -0.09 30.27
CA ALA L 348 -60.24 -1.44 30.46
C ALA L 348 -59.53 -1.99 29.21
N LEU L 349 -60.15 -1.86 28.03
CA LEU L 349 -59.51 -2.33 26.80
C LEU L 349 -58.31 -1.50 26.35
N ARG L 350 -58.34 -0.19 26.62
CA ARG L 350 -57.22 0.68 26.27
C ARG L 350 -55.96 0.29 27.04
N SER L 351 -56.16 -0.08 28.32
CA SER L 351 -55.07 -0.39 29.24
CA SER L 351 -55.05 -0.37 29.22
C SER L 351 -54.20 -1.52 28.72
N ALA L 352 -54.83 -2.43 27.96
CA ALA L 352 -54.13 -3.60 27.42
C ALA L 352 -53.87 -3.48 25.91
N THR L 353 -53.96 -2.28 25.37
CA THR L 353 -53.74 -2.09 23.93
C THR L 353 -52.92 -0.83 23.64
N THR L 354 -53.61 0.30 23.63
CA THR L 354 -52.98 1.55 23.21
C THR L 354 -52.03 2.06 24.29
N VAL L 355 -52.50 2.07 25.55
CA VAL L 355 -51.68 2.53 26.68
C VAL L 355 -50.52 1.57 26.85
N ALA L 356 -50.85 0.28 26.81
CA ALA L 356 -49.84 -0.78 26.86
C ALA L 356 -48.71 -0.56 25.85
N ALA L 357 -49.06 -0.44 24.56
CA ALA L 357 -48.04 -0.38 23.49
C ALA L 357 -47.10 0.80 23.64
N GLU L 358 -47.59 1.85 24.29
CA GLU L 358 -46.80 3.02 24.63
C GLU L 358 -45.76 2.71 25.73
N ILE L 359 -46.21 2.02 26.78
CA ILE L 359 -45.35 1.60 27.88
C ILE L 359 -44.16 0.80 27.35
N VAL L 360 -44.44 -0.18 26.52
CA VAL L 360 -43.37 -0.98 25.94
C VAL L 360 -42.74 -0.31 24.72
N ASN L 361 -42.91 1.01 24.60
CA ASN L 361 -42.37 1.83 23.49
C ASN L 361 -42.60 1.26 22.09
N MET L 362 -43.84 0.84 21.86
CA MET L 362 -44.25 0.21 20.61
C MET L 362 -45.57 0.85 20.12
N GLN L 363 -45.81 2.09 20.52
CA GLN L 363 -46.95 2.86 20.02
C GLN L 363 -46.85 3.04 18.49
N GLY L 364 -47.91 2.67 17.79
CA GLY L 364 -47.89 2.63 16.33
C GLY L 364 -47.53 1.25 15.79
N GLN L 365 -46.75 0.50 16.58
CA GLN L 365 -46.36 -0.86 16.22
C GLN L 365 -47.36 -1.90 16.68
N LEU L 366 -47.69 -1.87 17.97
CA LEU L 366 -48.67 -2.78 18.54
C LEU L 366 -49.82 -1.96 19.11
N GLY L 367 -50.85 -2.66 19.59
CA GLY L 367 -51.94 -2.05 20.38
C GLY L 367 -52.94 -1.28 19.54
N VAL L 368 -52.75 -1.36 18.22
CA VAL L 368 -53.59 -0.66 17.26
C VAL L 368 -53.62 -1.41 15.92
N ILE L 369 -54.82 -1.58 15.40
CA ILE L 369 -55.03 -2.04 14.02
C ILE L 369 -55.01 -0.84 13.08
N ALA L 370 -53.93 -0.74 12.30
CA ALA L 370 -53.72 0.37 11.39
C ALA L 370 -52.73 -0.10 10.35
N VAL L 371 -52.64 0.64 9.24
CA VAL L 371 -51.70 0.33 8.15
C VAL L 371 -50.26 0.52 8.62
N GLY L 372 -49.41 -0.48 8.37
CA GLY L 372 -48.01 -0.44 8.81
C GLY L 372 -47.75 -1.08 10.17
N ALA L 373 -48.80 -1.24 10.98
CA ALA L 373 -48.70 -1.85 12.32
C ALA L 373 -48.50 -3.38 12.26
N ILE L 374 -48.01 -3.96 13.36
CA ILE L 374 -47.71 -5.39 13.42
C ILE L 374 -49.01 -6.21 13.55
N ALA L 375 -49.16 -7.21 12.69
CA ALA L 375 -50.33 -8.09 12.68
C ALA L 375 -50.52 -8.95 13.95
N ASP L 376 -50.85 -8.30 15.08
CA ASP L 376 -51.13 -8.97 16.36
C ASP L 376 -52.62 -8.85 16.73
N LEU L 377 -53.41 -9.82 16.27
CA LEU L 377 -54.88 -9.70 16.23
C LEU L 377 -55.61 -10.73 17.10
N VAL L 378 -56.67 -10.28 17.75
CA VAL L 378 -57.58 -11.17 18.46
C VAL L 378 -58.99 -11.08 17.84
N VAL L 379 -59.50 -12.22 17.39
CA VAL L 379 -60.84 -12.32 16.81
C VAL L 379 -61.82 -12.80 17.88
N LEU L 380 -62.80 -11.95 18.17
CA LEU L 380 -63.61 -12.07 19.38
C LEU L 380 -65.09 -12.32 19.05
N ASP L 381 -65.64 -13.37 19.65
CA ASP L 381 -67.06 -13.70 19.52
C ASP L 381 -67.92 -12.85 20.48
N GLY L 382 -68.24 -11.64 20.03
CA GLY L 382 -68.97 -10.72 20.87
C GLY L 382 -68.38 -9.34 20.80
N ASN L 383 -69.06 -8.40 21.44
CA ASN L 383 -68.56 -7.04 21.57
C ASN L 383 -68.22 -6.71 23.02
N PRO L 384 -66.92 -6.56 23.27
CA PRO L 384 -66.31 -6.22 24.57
C PRO L 384 -66.69 -4.82 25.04
N LEU L 385 -67.03 -3.95 24.09
CA LEU L 385 -67.38 -2.55 24.34
C LEU L 385 -68.69 -2.42 25.13
N GLU L 386 -69.54 -3.44 25.04
CA GLU L 386 -70.76 -3.51 25.84
C GLU L 386 -70.72 -4.64 26.86
N ASP L 387 -70.29 -5.82 26.43
CA ASP L 387 -70.01 -6.89 27.36
C ASP L 387 -68.50 -7.10 27.54
N ILE L 388 -68.01 -6.68 28.72
CA ILE L 388 -66.63 -6.93 29.11
C ILE L 388 -66.32 -8.42 29.33
N GLY L 389 -67.36 -9.20 29.70
CA GLY L 389 -67.23 -10.64 29.87
C GLY L 389 -66.69 -11.41 28.67
N VAL L 390 -66.77 -10.84 27.45
CA VAL L 390 -66.32 -11.58 26.25
C VAL L 390 -64.79 -11.71 26.19
N VAL L 391 -64.11 -10.90 27.00
CA VAL L 391 -62.65 -10.94 27.11
C VAL L 391 -62.25 -11.48 28.49
N ALA L 392 -63.02 -11.12 29.52
CA ALA L 392 -62.65 -11.42 30.90
C ALA L 392 -63.29 -12.70 31.41
N ASP L 393 -63.49 -13.66 30.50
CA ASP L 393 -64.00 -14.96 30.90
C ASP L 393 -62.96 -16.04 30.72
N GLU L 394 -61.72 -15.68 31.01
CA GLU L 394 -60.60 -16.62 31.01
C GLU L 394 -60.37 -17.11 29.58
N GLY L 395 -60.42 -16.18 28.62
CA GLY L 395 -60.59 -16.52 27.21
C GLY L 395 -62.03 -16.83 26.90
N ALA L 396 -62.35 -18.13 26.82
CA ALA L 396 -63.67 -18.65 26.43
C ALA L 396 -64.13 -18.19 25.04
N ARG L 397 -64.20 -16.88 24.85
CA ARG L 397 -64.88 -16.29 23.69
C ARG L 397 -63.90 -15.69 22.67
N VAL L 398 -62.67 -16.21 22.66
CA VAL L 398 -61.69 -15.83 21.65
C VAL L 398 -61.38 -17.03 20.77
N GLU L 399 -61.66 -16.92 19.48
CA GLU L 399 -61.53 -18.08 18.60
C GLU L 399 -60.39 -18.00 17.60
N TYR L 400 -59.85 -16.81 17.39
CA TYR L 400 -58.61 -16.69 16.62
C TYR L 400 -57.58 -15.79 17.29
N VAL L 401 -56.32 -16.20 17.21
CA VAL L 401 -55.19 -15.35 17.58
C VAL L 401 -54.15 -15.32 16.47
N LEU L 402 -53.91 -14.12 15.95
CA LEU L 402 -52.82 -13.90 14.99
C LEU L 402 -51.60 -13.25 15.63
N GLN L 403 -50.42 -13.76 15.29
CA GLN L 403 -49.16 -13.25 15.83
C GLN L 403 -48.15 -13.01 14.71
N ARG L 404 -47.66 -11.77 14.63
CA ARG L 404 -46.81 -11.34 13.50
C ARG L 404 -47.20 -11.97 12.16
N GLY L 405 -48.45 -11.73 11.76
CA GLY L 405 -48.98 -12.26 10.51
C GLY L 405 -49.69 -13.59 10.68
N THR L 406 -48.96 -14.58 11.19
CA THR L 406 -49.44 -15.96 11.20
C THR L 406 -50.49 -16.25 12.28
N LEU L 407 -51.34 -17.24 12.01
CA LEU L 407 -52.38 -17.69 12.94
C LEU L 407 -51.80 -18.74 13.87
N VAL L 408 -52.03 -18.55 15.18
CA VAL L 408 -51.42 -19.42 16.18
C VAL L 408 -52.45 -20.15 17.05
N LYS L 409 -53.68 -19.65 17.07
CA LYS L 409 -54.75 -20.32 17.81
C LYS L 409 -56.06 -20.41 17.01
N ARG L 410 -56.67 -21.59 17.02
CA ARG L 410 -58.02 -21.78 16.48
C ARG L 410 -58.92 -22.48 17.52
N GLN L 411 -59.88 -21.73 18.07
CA GLN L 411 -60.63 -22.17 19.26
C GLN L 411 -62.12 -22.03 19.05
N THR M 4 27.95 12.45 14.31
CA THR M 4 28.08 13.21 13.04
C THR M 4 26.74 13.78 12.52
N ILE M 5 26.61 13.86 11.20
CA ILE M 5 25.80 14.91 10.58
C ILE M 5 25.34 14.55 9.15
N THR M 6 24.16 15.02 8.75
CA THR M 6 23.52 14.63 7.47
C THR M 6 22.80 15.82 6.82
N VAL M 7 22.87 15.88 5.49
CA VAL M 7 22.13 16.90 4.74
C VAL M 7 21.28 16.30 3.62
N LEU M 8 19.98 16.61 3.66
CA LEU M 8 19.10 16.48 2.50
C LEU M 8 19.24 17.75 1.68
N GLN M 9 19.67 17.60 0.43
CA GLN M 9 20.08 18.76 -0.36
C GLN M 9 19.19 19.04 -1.58
N GLY M 10 18.82 20.31 -1.73
CA GLY M 10 18.12 20.81 -2.92
C GLY M 10 16.68 20.34 -2.99
N GLY M 11 16.15 19.96 -1.83
CA GLY M 11 14.77 19.50 -1.73
C GLY M 11 13.75 20.63 -1.83
N ASN M 12 12.52 20.28 -2.17
CA ASN M 12 11.40 21.22 -2.11
C ASN M 12 10.63 21.06 -0.78
N VAL M 13 11.15 21.74 0.24
CA VAL M 13 10.69 21.60 1.64
C VAL M 13 9.26 22.15 1.83
N LEU M 14 8.35 21.26 2.24
CA LEU M 14 6.97 21.64 2.47
C LEU M 14 6.85 22.44 3.75
N ASP M 15 6.35 23.67 3.65
CA ASP M 15 5.95 24.40 4.85
C ASP M 15 4.43 24.48 4.94
N LEU M 16 3.91 24.03 6.08
CA LEU M 16 2.50 23.68 6.20
C LEU M 16 1.60 24.83 6.66
N GLU M 17 2.15 25.72 7.49
CA GLU M 17 1.39 26.86 8.01
C GLU M 17 1.25 27.97 6.97
N ARG M 18 2.14 27.97 5.98
CA ARG M 18 2.03 28.89 4.85
C ARG M 18 1.46 28.18 3.61
N GLY M 19 1.65 26.87 3.53
CA GLY M 19 0.99 26.07 2.51
C GLY M 19 1.66 26.17 1.15
N VAL M 20 2.99 26.15 1.16
CA VAL M 20 3.76 26.24 -0.07
C VAL M 20 5.01 25.33 0.00
N LEU M 21 5.43 24.83 -1.16
CA LEU M 21 6.79 24.28 -1.28
C LEU M 21 7.84 25.40 -1.20
N LEU M 22 9.03 25.05 -0.68
CA LEU M 22 10.20 25.94 -0.74
C LEU M 22 11.35 25.26 -1.50
N GLU M 23 11.41 25.51 -2.81
CA GLU M 23 12.27 24.73 -3.72
C GLU M 23 13.76 24.96 -3.50
N HIS M 24 14.53 23.89 -3.68
CA HIS M 24 15.98 23.92 -3.51
C HIS M 24 16.44 24.44 -2.15
N HIS M 25 15.65 24.12 -1.13
CA HIS M 25 16.11 24.29 0.25
C HIS M 25 16.76 23.01 0.75
N HIS M 26 17.93 23.20 1.35
CA HIS M 26 18.64 22.12 2.01
C HIS M 26 18.16 22.01 3.45
N VAL M 27 18.21 20.78 3.98
CA VAL M 27 17.92 20.55 5.38
C VAL M 27 19.05 19.78 6.05
N VAL M 28 19.51 20.29 7.19
CA VAL M 28 20.68 19.78 7.86
C VAL M 28 20.36 19.14 9.21
N ILE M 29 20.61 17.83 9.28
CA ILE M 29 20.36 17.02 10.47
C ILE M 29 21.66 16.80 11.23
N ASP M 30 21.70 17.23 12.49
CA ASP M 30 22.75 16.80 13.40
C ASP M 30 22.17 16.01 14.57
N GLY M 31 22.72 14.81 14.77
CA GLY M 31 22.16 13.84 15.71
C GLY M 31 20.75 13.43 15.29
N GLU M 32 19.78 13.82 16.10
CA GLU M 32 18.40 13.47 15.84
C GLU M 32 17.58 14.71 15.49
N ARG M 33 18.23 15.86 15.53
CA ARG M 33 17.54 17.13 15.43
C ARG M 33 17.84 17.88 14.14
N ILE M 34 16.88 18.69 13.70
CA ILE M 34 17.06 19.56 12.55
C ILE M 34 17.71 20.88 12.99
N VAL M 35 18.87 21.18 12.41
CA VAL M 35 19.68 22.35 12.80
C VAL M 35 19.57 23.51 11.80
N GLU M 36 19.38 23.19 10.53
CA GLU M 36 19.25 24.21 9.49
C GLU M 36 18.31 23.83 8.37
N VAL M 37 17.37 24.72 8.08
CA VAL M 37 16.66 24.72 6.81
C VAL M 37 16.96 26.00 6.04
N THR M 38 17.56 25.86 4.85
CA THR M 38 18.06 26.98 4.08
C THR M 38 18.25 26.64 2.59
N ASP M 39 18.21 27.67 1.75
CA ASP M 39 18.54 27.55 0.32
C ASP M 39 19.98 28.01 0.00
N ARG M 40 20.80 28.11 1.05
CA ARG M 40 22.26 28.18 0.91
C ARG M 40 22.80 26.98 0.13
N PRO M 41 23.76 27.21 -0.78
CA PRO M 41 24.80 26.21 -0.91
C PRO M 41 25.43 26.01 0.46
N VAL M 42 25.37 24.78 0.95
CA VAL M 42 25.63 24.54 2.34
C VAL M 42 26.99 23.89 2.54
N ASP M 43 27.60 24.18 3.68
CA ASP M 43 29.02 23.93 3.88
C ASP M 43 29.25 22.52 4.42
N LEU M 44 29.10 21.50 3.56
CA LEU M 44 29.13 20.10 4.00
C LEU M 44 30.52 19.45 3.94
N PRO M 45 31.19 19.32 5.11
CA PRO M 45 32.49 18.65 5.14
C PRO M 45 32.35 17.13 5.24
N ASN M 46 31.82 16.66 6.37
CA ASN M 46 31.64 15.22 6.62
C ASN M 46 30.17 14.79 6.71
N ALA M 47 29.31 15.47 5.94
CA ALA M 47 27.88 15.18 5.95
C ALA M 47 27.53 14.06 4.97
N GLN M 48 26.68 13.15 5.41
CA GLN M 48 25.97 12.25 4.50
C GLN M 48 25.02 13.05 3.64
N ALA M 49 25.51 13.44 2.48
CA ALA M 49 24.67 14.10 1.48
C ALA M 49 23.71 13.06 0.91
N ILE M 50 22.42 13.32 1.07
CA ILE M 50 21.42 12.58 0.30
C ILE M 50 20.72 13.54 -0.66
N ASP M 51 20.84 13.24 -1.95
CA ASP M 51 20.42 14.17 -2.99
C ASP M 51 18.92 14.13 -3.20
N VAL M 52 18.27 15.23 -2.86
CA VAL M 52 16.82 15.33 -2.94
C VAL M 52 16.45 16.42 -3.95
N ARG M 53 17.04 16.32 -5.14
CA ARG M 53 16.71 17.26 -6.21
C ARG M 53 15.28 17.00 -6.71
N GLY M 54 14.49 18.08 -6.80
CA GLY M 54 13.14 18.03 -7.40
C GLY M 54 12.19 17.03 -6.76
N LYS M 55 12.37 16.79 -5.46
CA LYS M 55 11.50 15.90 -4.71
C LYS M 55 11.09 16.57 -3.40
N THR M 56 9.81 16.40 -3.05
CA THR M 56 9.25 16.99 -1.83
C THR M 56 9.82 16.31 -0.57
N VAL M 57 10.32 17.13 0.34
CA VAL M 57 10.69 16.66 1.66
C VAL M 57 9.78 17.32 2.72
N MET M 58 9.07 16.47 3.47
CA MET M 58 8.08 16.94 4.45
C MET M 58 8.24 16.18 5.78
N PRO M 59 7.55 16.66 6.86
CA PRO M 59 7.61 15.92 8.12
C PRO M 59 6.95 14.55 7.96
N GLY M 60 7.57 13.52 8.54
CA GLY M 60 6.99 12.19 8.65
C GLY M 60 5.58 12.18 9.26
N PHE M 61 4.76 11.25 8.78
CA PHE M 61 3.34 11.29 9.12
C PHE M 61 3.05 10.74 10.51
N ILE M 62 2.00 11.29 11.11
CA ILE M 62 1.54 10.89 12.42
C ILE M 62 0.07 10.43 12.38
N ASP M 63 -0.13 9.13 12.55
CA ASP M 63 -1.45 8.53 12.55
C ASP M 63 -2.00 8.48 13.99
N CYS M 64 -3.09 9.21 14.24
CA CYS M 64 -3.62 9.43 15.60
C CYS M 64 -4.50 8.29 16.14
N HIS M 65 -4.85 7.34 15.27
CA HIS M 65 -5.70 6.23 15.64
C HIS M 65 -5.33 4.95 14.90
N VAL M 66 -4.57 4.09 15.57
CA VAL M 66 -4.22 2.76 15.04
C VAL M 66 -4.30 1.67 16.12
N HIS M 67 -4.50 0.42 15.70
CA HIS M 67 -4.42 -0.70 16.62
C HIS M 67 -3.35 -1.62 16.09
N VAL M 68 -2.11 -1.27 16.38
CA VAL M 68 -0.93 -2.00 15.93
C VAL M 68 -1.05 -3.50 16.19
N LEU M 69 -1.83 -3.87 17.20
CA LEU M 69 -1.94 -5.27 17.60
C LEU M 69 -3.13 -5.97 16.99
N ALA M 70 -4.00 -5.20 16.35
CA ALA M 70 -5.14 -5.77 15.61
C ALA M 70 -4.70 -6.55 14.36
N SER M 71 -4.34 -7.82 14.56
CA SER M 71 -3.72 -8.61 13.51
C SER M 71 -4.76 -9.46 12.77
N ASN M 72 -5.97 -9.52 13.31
CA ASN M 72 -7.13 -9.95 12.52
C ASN M 72 -8.45 -9.25 12.89
N ALA M 73 -9.34 -9.15 11.91
CA ALA M 73 -10.49 -8.25 11.96
C ALA M 73 -11.49 -8.62 13.03
N ASN M 74 -11.38 -9.83 13.55
CA ASN M 74 -12.22 -10.19 14.67
C ASN M 74 -11.53 -9.89 16.00
N LEU M 75 -11.84 -8.74 16.58
CA LEU M 75 -11.21 -8.29 17.83
C LEU M 75 -11.48 -9.21 19.02
N GLY M 76 -12.60 -9.93 18.96
CA GLY M 76 -12.89 -10.98 19.93
C GLY M 76 -11.81 -12.03 19.85
N VAL M 77 -11.67 -12.63 18.68
CA VAL M 77 -10.72 -13.71 18.50
C VAL M 77 -9.29 -13.19 18.55
N ASN M 78 -9.10 -11.93 18.16
CA ASN M 78 -7.79 -11.29 18.27
C ASN M 78 -7.32 -11.31 19.72
N ALA M 79 -8.27 -11.07 20.61
CA ALA M 79 -7.99 -10.97 22.05
C ALA M 79 -7.64 -12.34 22.64
N THR M 80 -8.12 -13.40 22.03
CA THR M 80 -7.95 -14.74 22.59
C THR M 80 -6.71 -15.49 22.04
N GLN M 81 -6.01 -14.86 21.10
CA GLN M 81 -4.85 -15.48 20.47
C GLN M 81 -3.64 -15.50 21.44
N PRO M 82 -2.80 -16.54 21.37
CA PRO M 82 -1.69 -16.70 22.29
C PRO M 82 -0.76 -15.49 22.30
N ASN M 83 -0.16 -15.22 23.47
CA ASN M 83 0.54 -13.96 23.69
C ASN M 83 1.69 -13.70 22.74
N ILE M 84 2.55 -14.69 22.60
CA ILE M 84 3.71 -14.55 21.76
C ILE M 84 3.29 -14.39 20.29
N LEU M 85 2.25 -15.09 19.87
CA LEU M 85 1.74 -14.90 18.52
C LEU M 85 1.16 -13.51 18.32
N ALA M 86 0.53 -12.97 19.35
CA ALA M 86 -0.10 -11.66 19.23
C ALA M 86 0.97 -10.63 18.96
N ALA M 87 2.11 -10.80 19.63
CA ALA M 87 3.29 -9.93 19.45
C ALA M 87 3.89 -10.06 18.04
N ILE M 88 4.28 -11.28 17.69
CA ILE M 88 4.89 -11.57 16.40
C ILE M 88 4.09 -10.93 15.23
N ARG M 89 2.77 -11.07 15.26
CA ARG M 89 1.95 -10.66 14.12
C ARG M 89 1.82 -9.15 13.98
N SER M 90 2.15 -8.42 15.04
CA SER M 90 2.15 -6.96 14.98
C SER M 90 3.38 -6.41 14.23
N LEU M 91 4.41 -7.25 14.08
CA LEU M 91 5.69 -6.83 13.49
C LEU M 91 5.63 -6.43 11.99
N PRO M 92 5.11 -7.32 11.11
CA PRO M 92 4.70 -6.90 9.75
C PRO M 92 3.93 -5.59 9.73
N ILE M 93 2.88 -5.50 10.54
CA ILE M 93 2.04 -4.30 10.60
C ILE M 93 2.88 -3.06 10.88
N LEU M 94 3.81 -3.17 11.84
CA LEU M 94 4.62 -2.02 12.27
C LEU M 94 5.62 -1.59 11.21
N ASP M 95 6.16 -2.56 10.48
CA ASP M 95 7.09 -2.28 9.39
C ASP M 95 6.41 -1.61 8.22
N ALA M 96 5.23 -2.12 7.86
CA ALA M 96 4.46 -1.57 6.75
C ALA M 96 4.07 -0.12 7.00
N MET M 97 3.74 0.20 8.25
CA MET M 97 3.28 1.53 8.63
C MET M 97 4.40 2.53 8.36
N LEU M 98 5.60 2.11 8.73
CA LEU M 98 6.79 2.94 8.65
C LEU M 98 7.14 3.26 7.20
N SER M 99 7.16 2.24 6.34
CA SER M 99 7.49 2.42 4.93
C SER M 99 6.40 3.17 4.14
N ARG M 100 5.19 3.27 4.69
CA ARG M 100 4.18 4.19 4.13
C ARG M 100 4.43 5.64 4.57
N GLY M 101 5.52 5.87 5.29
CA GLY M 101 5.89 7.23 5.70
C GLY M 101 5.37 7.70 7.06
N PHE M 102 4.76 6.78 7.83
CA PHE M 102 4.31 7.11 9.17
C PHE M 102 5.45 6.92 10.17
N THR M 103 5.86 8.02 10.79
CA THR M 103 6.99 7.95 11.70
C THR M 103 6.53 7.95 13.15
N SER M 104 5.30 8.39 13.37
CA SER M 104 4.68 8.27 14.68
C SER M 104 3.26 7.76 14.58
N VAL M 105 2.86 6.96 15.57
CA VAL M 105 1.48 6.51 15.69
C VAL M 105 0.99 6.60 17.14
N ARG M 106 -0.27 7.03 17.30
CA ARG M 106 -0.95 7.00 18.59
C ARG M 106 -1.84 5.78 18.66
N ASP M 107 -1.39 4.74 19.37
CA ASP M 107 -2.13 3.48 19.45
C ASP M 107 -3.37 3.62 20.33
N ALA M 108 -4.50 3.15 19.83
CA ALA M 108 -5.79 3.39 20.45
C ALA M 108 -6.26 2.21 21.30
N GLY M 109 -5.32 1.43 21.80
CA GLY M 109 -5.67 0.29 22.66
C GLY M 109 -5.05 -0.98 22.11
N GLY M 110 -4.24 -1.64 22.94
CA GLY M 110 -3.48 -2.80 22.53
C GLY M 110 -2.00 -2.61 22.87
N ALA M 111 -1.34 -1.68 22.21
CA ALA M 111 0.09 -1.52 22.38
C ALA M 111 0.44 -0.97 23.76
N ASP M 112 1.59 -1.37 24.26
CA ASP M 112 2.03 -1.01 25.59
C ASP M 112 3.43 -0.42 25.54
N TRP M 113 3.89 -0.02 26.72
CA TRP M 113 5.22 0.56 26.88
C TRP M 113 6.35 -0.31 26.34
N SER M 114 6.19 -1.64 26.37
CA SER M 114 7.26 -2.54 25.91
C SER M 114 7.40 -2.45 24.41
N LEU M 115 6.29 -2.24 23.71
CA LEU M 115 6.34 -2.11 22.27
C LEU M 115 6.98 -0.79 21.87
N MET M 116 6.55 0.27 22.56
CA MET M 116 7.17 1.57 22.46
C MET M 116 8.68 1.45 22.62
N GLN M 117 9.13 0.66 23.59
CA GLN M 117 10.55 0.48 23.89
C GLN M 117 11.30 -0.27 22.80
N ALA M 118 10.65 -1.28 22.22
CA ALA M 118 11.22 -2.09 21.15
C ALA M 118 11.58 -1.29 19.90
N VAL M 119 10.77 -0.30 19.54
CA VAL M 119 11.13 0.55 18.41
C VAL M 119 12.16 1.60 18.78
N GLU M 120 12.11 2.08 20.02
CA GLU M 120 12.94 3.19 20.44
C GLU M 120 14.35 2.72 20.67
N THR M 121 14.50 1.46 21.06
CA THR M 121 15.82 0.88 21.20
C THR M 121 16.18 0.15 19.91
N GLY M 122 15.38 0.37 18.88
CA GLY M 122 15.62 -0.20 17.56
C GLY M 122 15.75 -1.71 17.55
N LEU M 123 15.04 -2.38 18.46
CA LEU M 123 14.96 -3.84 18.48
C LEU M 123 13.96 -4.32 17.43
N VAL M 124 13.17 -3.37 16.92
CA VAL M 124 12.03 -3.65 16.04
C VAL M 124 11.81 -2.43 15.16
N SER M 125 11.42 -2.68 13.91
CA SER M 125 11.26 -1.62 12.95
C SER M 125 9.81 -1.14 12.85
N GLY M 126 9.60 0.16 13.09
CA GLY M 126 8.25 0.75 13.07
C GLY M 126 8.26 2.20 13.54
N PRO M 127 7.09 2.86 13.52
CA PRO M 127 6.98 4.25 13.97
C PRO M 127 7.18 4.34 15.48
N ARG M 128 7.48 5.53 15.99
CA ARG M 128 7.38 5.81 17.42
C ARG M 128 5.92 5.62 17.87
N ILE M 129 5.71 4.83 18.92
CA ILE M 129 4.36 4.57 19.40
C ILE M 129 4.04 5.45 20.60
N PHE M 130 2.85 6.04 20.57
CA PHE M 130 2.27 6.64 21.76
C PHE M 130 1.17 5.74 22.32
N PRO M 131 1.54 4.91 23.31
CA PRO M 131 0.67 3.82 23.73
C PRO M 131 -0.47 4.28 24.62
N SER M 132 -1.61 3.62 24.49
CA SER M 132 -2.75 3.83 25.37
C SER M 132 -2.80 2.77 26.46
N GLY M 133 -1.98 1.73 26.33
CA GLY M 133 -2.15 0.54 27.14
C GLY M 133 -3.35 -0.25 26.66
N LYS M 134 -4.40 -0.33 27.48
CA LYS M 134 -5.68 -0.89 26.99
C LYS M 134 -6.82 0.11 27.15
N ALA M 135 -7.66 0.21 26.12
CA ALA M 135 -8.89 0.99 26.20
C ALA M 135 -9.75 0.63 27.42
N LEU M 136 -10.32 1.63 28.08
CA LEU M 136 -11.24 1.36 29.19
C LEU M 136 -12.66 1.25 28.69
N SER M 137 -13.25 0.08 28.83
CA SER M 137 -14.64 -0.12 28.48
C SER M 137 -15.47 -0.57 29.69
N GLN M 138 -16.67 -0.02 29.80
CA GLN M 138 -17.68 -0.54 30.73
C GLN M 138 -18.16 -1.93 30.36
N THR M 139 -18.97 -2.53 31.23
CA THR M 139 -19.47 -3.88 31.02
C THR M 139 -20.55 -3.86 29.95
N GLY M 140 -20.38 -4.73 28.96
CA GLY M 140 -21.24 -4.74 27.78
C GLY M 140 -21.00 -3.53 26.91
N GLY M 141 -19.83 -2.95 27.01
CA GLY M 141 -19.46 -1.80 26.19
C GLY M 141 -18.76 -2.17 24.88
N HIS M 142 -18.27 -1.15 24.17
CA HIS M 142 -17.61 -1.35 22.90
C HIS M 142 -16.34 -2.21 23.04
N GLY M 143 -15.89 -2.41 24.27
CA GLY M 143 -14.66 -3.18 24.53
C GLY M 143 -14.88 -4.56 25.16
N ASP M 144 -16.11 -4.82 25.60
CA ASP M 144 -16.51 -6.12 26.09
C ASP M 144 -16.90 -6.99 24.89
N PHE M 145 -16.11 -8.03 24.60
CA PHE M 145 -16.35 -8.86 23.42
C PHE M 145 -17.06 -10.15 23.77
N ARG M 146 -17.61 -10.21 24.98
CA ARG M 146 -18.37 -11.38 25.40
C ARG M 146 -19.71 -11.45 24.69
N PRO M 147 -20.07 -12.64 24.15
CA PRO M 147 -21.32 -12.82 23.42
C PRO M 147 -22.53 -12.73 24.34
N ARG M 148 -23.69 -12.43 23.78
CA ARG M 148 -24.92 -12.33 24.56
C ARG M 148 -25.14 -13.64 25.32
N GLY M 149 -24.77 -13.67 26.60
CA GLY M 149 -24.58 -14.93 27.33
C GLY M 149 -25.87 -15.62 27.74
N LEU M 152 -24.53 -15.96 32.44
CA LEU M 152 -23.29 -16.07 33.22
C LEU M 152 -22.28 -14.99 32.79
N GLU M 153 -21.55 -14.46 33.79
CA GLU M 153 -20.56 -13.40 33.56
C GLU M 153 -19.16 -13.80 34.05
N PRO M 154 -18.43 -14.59 33.25
CA PRO M 154 -17.11 -15.05 33.69
C PRO M 154 -16.09 -13.93 33.54
N CYS M 155 -15.38 -13.61 34.62
CA CYS M 155 -14.69 -12.32 34.72
C CYS M 155 -13.43 -12.16 33.88
N SER M 156 -12.33 -12.82 34.29
CA SER M 156 -11.04 -12.89 33.57
C SER M 156 -9.92 -12.19 34.35
N CYS M 157 -8.81 -12.87 34.63
CA CYS M 157 -7.83 -12.29 35.57
C CYS M 157 -6.66 -11.52 34.95
N CYS M 158 -6.32 -11.82 33.70
CA CYS M 158 -5.00 -11.52 33.15
C CYS M 158 -5.00 -10.90 31.76
N PHE M 159 -4.04 -10.03 31.52
CA PHE M 159 -4.09 -9.20 30.32
C PHE M 159 -3.48 -9.90 29.12
N ARG M 160 -4.35 -10.29 28.19
CA ARG M 160 -3.95 -10.91 26.93
C ARG M 160 -3.33 -9.84 26.06
N THR M 161 -2.12 -10.08 25.57
CA THR M 161 -1.42 -9.04 24.82
C THR M 161 -2.10 -8.78 23.48
N GLY M 162 -3.02 -9.66 23.08
CA GLY M 162 -3.91 -9.39 21.96
C GLY M 162 -5.16 -8.55 22.23
N ALA M 163 -5.43 -8.23 23.49
CA ALA M 163 -6.70 -7.61 23.86
C ALA M 163 -6.67 -6.11 23.69
N ILE M 164 -7.65 -5.57 22.97
CA ILE M 164 -7.69 -4.13 22.70
C ILE M 164 -8.02 -3.36 23.98
N ALA M 165 -8.89 -3.93 24.79
CA ALA M 165 -9.51 -3.16 25.85
C ALA M 165 -9.54 -3.95 27.15
N ARG M 166 -10.03 -3.30 28.22
CA ARG M 166 -10.26 -3.97 29.50
C ARG M 166 -11.59 -3.54 30.08
N VAL M 167 -12.26 -4.43 30.79
CA VAL M 167 -13.60 -4.11 31.27
C VAL M 167 -13.49 -3.63 32.71
N VAL M 168 -13.85 -2.37 32.94
CA VAL M 168 -13.86 -1.83 34.30
C VAL M 168 -15.06 -0.93 34.47
N ASP M 169 -15.67 -1.01 35.65
CA ASP M 169 -16.82 -0.18 36.00
C ASP M 169 -16.63 0.49 37.35
N GLY M 170 -17.43 1.49 37.63
CA GLY M 170 -17.32 2.19 38.89
C GLY M 170 -16.28 3.30 38.89
N VAL M 171 -16.57 4.34 39.65
CA VAL M 171 -15.66 5.47 39.82
C VAL M 171 -14.32 5.01 40.38
N GLU M 172 -14.33 4.15 41.39
CA GLU M 172 -13.08 3.68 41.97
C GLU M 172 -12.38 2.68 41.05
N GLY M 173 -13.16 1.75 40.47
CA GLY M 173 -12.69 0.89 39.41
C GLY M 173 -11.96 1.59 38.26
N VAL M 174 -12.56 2.65 37.71
CA VAL M 174 -11.91 3.38 36.63
C VAL M 174 -10.73 4.25 37.09
N ARG M 175 -10.86 4.87 38.26
CA ARG M 175 -9.71 5.54 38.89
C ARG M 175 -8.49 4.61 38.97
N LEU M 176 -8.67 3.44 39.57
CA LEU M 176 -7.58 2.50 39.74
C LEU M 176 -7.05 2.05 38.37
N ALA M 177 -7.95 1.75 37.44
CA ALA M 177 -7.58 1.39 36.08
C ALA M 177 -6.61 2.39 35.43
N VAL M 178 -6.93 3.68 35.52
CA VAL M 178 -6.06 4.69 34.96
C VAL M 178 -4.69 4.74 35.63
N ARG M 179 -4.68 4.82 36.97
CA ARG M 179 -3.43 4.80 37.72
C ARG M 179 -2.57 3.61 37.32
N GLU M 180 -3.22 2.47 37.06
CA GLU M 180 -2.55 1.27 36.55
C GLU M 180 -1.94 1.47 35.17
N GLU M 181 -2.77 1.95 34.23
CA GLU M 181 -2.32 2.13 32.85
C GLU M 181 -1.20 3.16 32.70
N ILE M 182 -1.28 4.20 33.52
CA ILE M 182 -0.19 5.16 33.64
C ILE M 182 1.09 4.57 34.25
N GLN M 183 0.95 3.72 35.26
CA GLN M 183 2.11 3.11 35.87
C GLN M 183 2.80 2.18 34.86
N LYS M 184 2.00 1.48 34.07
CA LYS M 184 2.56 0.57 33.08
C LYS M 184 3.17 1.37 31.93
N GLY M 185 2.88 2.67 31.90
CA GLY M 185 3.59 3.58 31.01
C GLY M 185 2.82 4.03 29.80
N ALA M 186 1.50 4.16 29.93
CA ALA M 186 0.69 4.74 28.87
C ALA M 186 1.09 6.21 28.72
N THR M 187 0.93 6.75 27.51
CA THR M 187 1.12 8.20 27.26
C THR M 187 -0.21 8.93 27.25
N GLN M 188 -1.30 8.22 27.04
CA GLN M 188 -2.64 8.80 27.16
C GLN M 188 -3.64 7.69 27.41
N ILE M 189 -4.89 8.09 27.62
CA ILE M 189 -5.90 7.14 28.10
C ILE M 189 -7.04 7.07 27.09
N LYS M 190 -7.38 5.83 26.70
CA LYS M 190 -8.46 5.60 25.76
C LYS M 190 -9.72 5.04 26.45
N ILE M 191 -10.86 5.68 26.25
CA ILE M 191 -12.12 5.14 26.75
C ILE M 191 -13.17 4.95 25.66
N MET M 192 -14.05 3.97 25.85
CA MET M 192 -15.21 3.79 25.00
C MET M 192 -16.38 4.52 25.64
N ALA M 193 -16.83 5.59 24.97
CA ALA M 193 -17.86 6.46 25.53
C ALA M 193 -19.21 6.22 24.87
N SER M 194 -19.21 5.42 23.81
CA SER M 194 -20.42 5.15 23.03
C SER M 194 -20.44 3.70 22.58
N GLY M 195 -21.62 3.21 22.19
CA GLY M 195 -21.71 2.00 21.36
C GLY M 195 -20.91 2.10 20.06
N GLY M 196 -20.64 0.97 19.43
CA GLY M 196 -19.73 0.99 18.30
C GLY M 196 -20.15 0.14 17.12
N VAL M 197 -19.15 -0.44 16.46
CA VAL M 197 -19.36 -1.31 15.30
C VAL M 197 -18.77 -2.69 15.60
N ALA M 198 -17.55 -2.71 16.14
CA ALA M 198 -16.75 -3.93 16.22
C ALA M 198 -16.98 -4.77 17.49
N SER M 199 -18.04 -4.47 18.23
CA SER M 199 -18.39 -5.21 19.46
C SER M 199 -19.79 -5.84 19.37
N PRO M 200 -19.98 -7.02 20.01
CA PRO M 200 -21.21 -7.82 19.84
C PRO M 200 -22.54 -7.21 20.34
N THR M 201 -22.54 -6.64 21.54
CA THR M 201 -23.80 -6.35 22.22
C THR M 201 -24.36 -4.92 22.10
N ASP M 202 -23.50 -3.94 21.82
CA ASP M 202 -23.89 -2.53 21.88
C ASP M 202 -24.29 -1.91 20.52
N PRO M 203 -25.55 -1.44 20.44
CA PRO M 203 -25.98 -0.54 19.36
C PRO M 203 -25.28 0.81 19.45
N ILE M 204 -24.97 1.37 18.28
CA ILE M 204 -24.12 2.54 18.14
C ILE M 204 -24.75 3.82 18.75
N ALA M 205 -26.08 3.85 18.80
CA ALA M 205 -26.83 5.02 19.27
C ALA M 205 -26.63 5.31 20.76
N ASN M 206 -26.32 4.29 21.57
CA ASN M 206 -26.22 4.51 23.03
C ASN M 206 -24.88 4.93 23.66
N THR M 207 -24.99 5.64 24.78
CA THR M 207 -23.84 6.18 25.52
C THR M 207 -23.27 5.18 26.53
N GLN M 208 -21.96 5.25 26.74
CA GLN M 208 -21.30 4.39 27.72
C GLN M 208 -20.57 5.15 28.83
N TYR M 209 -20.46 4.54 30.02
CA TYR M 209 -19.91 5.18 31.24
C TYR M 209 -20.77 6.33 31.78
N SER M 210 -20.82 6.44 33.11
CA SER M 210 -21.51 7.55 33.75
C SER M 210 -20.62 8.77 33.72
N GLU M 211 -21.22 9.95 33.79
CA GLU M 211 -20.45 11.19 33.84
C GLU M 211 -19.47 11.21 35.01
N ASP M 212 -19.88 10.68 36.16
CA ASP M 212 -18.96 10.52 37.27
C ASP M 212 -17.71 9.71 36.90
N GLU M 213 -17.94 8.56 36.26
CA GLU M 213 -16.85 7.69 35.78
C GLU M 213 -15.92 8.43 34.84
N ILE M 214 -16.48 9.12 33.84
CA ILE M 214 -15.66 9.89 32.90
C ILE M 214 -14.89 11.02 33.57
N ARG M 215 -15.56 11.75 34.45
CA ARG M 215 -14.89 12.82 35.20
C ARG M 215 -13.68 12.28 35.92
N ALA M 216 -13.89 11.19 36.68
CA ALA M 216 -12.81 10.59 37.46
C ALA M 216 -11.63 10.22 36.58
N ILE M 217 -11.93 9.69 35.39
CA ILE M 217 -10.91 9.24 34.46
C ILE M 217 -10.14 10.44 33.94
N VAL M 218 -10.86 11.51 33.63
CA VAL M 218 -10.26 12.68 33.01
C VAL M 218 -9.33 13.34 34.01
N ASP M 219 -9.82 13.44 35.26
CA ASP M 219 -9.04 13.84 36.41
C ASP M 219 -7.73 13.07 36.57
N GLU M 220 -7.77 11.75 36.40
CA GLU M 220 -6.58 10.94 36.70
C GLU M 220 -5.53 11.12 35.62
N ALA M 221 -5.98 11.21 34.37
CA ALA M 221 -5.11 11.51 33.23
C ALA M 221 -4.41 12.85 33.40
N GLU M 222 -5.18 13.86 33.78
CA GLU M 222 -4.64 15.19 34.02
C GLU M 222 -3.65 15.18 35.16
N ALA M 223 -4.00 14.51 36.26
CA ALA M 223 -3.08 14.34 37.37
C ALA M 223 -1.74 13.81 36.91
N ALA M 224 -1.72 13.09 35.79
CA ALA M 224 -0.46 12.55 35.27
C ALA M 224 0.03 13.30 34.04
N ASN M 225 -0.41 14.55 33.91
CA ASN M 225 -0.02 15.44 32.80
C ASN M 225 -0.26 14.80 31.44
N THR M 226 -1.44 14.22 31.28
CA THR M 226 -1.89 13.74 29.97
C THR M 226 -3.42 13.86 29.84
N TYR M 227 -3.96 13.42 28.72
CA TYR M 227 -5.38 13.69 28.41
C TYR M 227 -6.11 12.37 28.19
N VAL M 228 -7.42 12.45 27.90
CA VAL M 228 -8.20 11.27 27.50
C VAL M 228 -8.63 11.36 26.04
N MET M 229 -8.41 10.27 25.29
CA MET M 229 -9.07 10.11 23.99
C MET M 229 -10.34 9.26 24.18
N ALA M 230 -11.43 9.66 23.55
CA ALA M 230 -12.70 8.93 23.68
C ALA M 230 -13.29 8.50 22.34
N HIS M 231 -13.77 7.26 22.29
CA HIS M 231 -14.52 6.74 21.15
C HIS M 231 -16.00 7.15 21.27
N ALA M 232 -16.49 7.91 20.29
CA ALA M 232 -17.90 8.33 20.29
C ALA M 232 -18.48 8.65 18.91
N TYR M 233 -19.73 8.25 18.68
CA TYR M 233 -20.41 8.48 17.40
C TYR M 233 -21.40 9.64 17.39
N THR M 234 -22.51 9.51 18.12
CA THR M 234 -23.60 10.50 18.08
C THR M 234 -23.25 11.81 18.80
N GLY M 235 -23.96 12.87 18.44
CA GLY M 235 -23.76 14.17 19.03
C GLY M 235 -23.96 14.10 20.53
N ARG M 236 -24.97 13.34 20.94
CA ARG M 236 -25.37 13.24 22.34
C ARG M 236 -24.23 12.70 23.14
N ALA M 237 -23.64 11.62 22.64
CA ALA M 237 -22.51 10.95 23.28
C ALA M 237 -21.30 11.87 23.29
N ILE M 238 -21.07 12.56 22.17
CA ILE M 238 -19.89 13.43 22.03
C ILE M 238 -19.95 14.61 22.99
N ALA M 239 -21.14 15.18 23.15
CA ALA M 239 -21.32 16.35 24.00
C ALA M 239 -20.95 16.06 25.45
N ARG M 240 -21.46 14.97 25.99
CA ARG M 240 -21.28 14.71 27.39
C ARG M 240 -19.88 14.27 27.72
N ALA M 241 -19.23 13.62 26.78
CA ALA M 241 -17.79 13.38 26.86
C ALA M 241 -17.03 14.69 27.02
N VAL M 242 -17.24 15.61 26.08
CA VAL M 242 -16.47 16.84 26.02
C VAL M 242 -16.75 17.69 27.26
N ARG M 243 -17.99 17.67 27.72
CA ARG M 243 -18.37 18.36 28.96
C ARG M 243 -17.64 17.78 30.15
N CYS M 244 -17.36 16.47 30.11
CA CYS M 244 -16.63 15.82 31.19
C CYS M 244 -15.13 16.07 31.12
N GLY M 245 -14.66 16.47 29.95
CA GLY M 245 -13.34 17.05 29.83
C GLY M 245 -12.38 16.24 29.00
N VAL M 246 -12.90 15.35 28.14
CA VAL M 246 -12.04 14.63 27.19
C VAL M 246 -11.52 15.53 26.08
N ARG M 247 -10.30 15.27 25.63
CA ARG M 247 -9.58 16.23 24.81
C ARG M 247 -9.64 15.83 23.36
N THR M 248 -9.62 14.54 23.09
CA THR M 248 -9.79 14.09 21.69
C THR M 248 -10.95 13.11 21.53
N ILE M 249 -11.69 13.30 20.45
CA ILE M 249 -12.83 12.46 20.13
C ILE M 249 -12.47 11.60 18.94
N GLU M 250 -12.64 10.30 19.09
CA GLU M 250 -12.32 9.35 18.03
C GLU M 250 -13.57 9.02 17.24
N HIS M 251 -13.39 8.90 15.93
CA HIS M 251 -14.47 8.68 14.96
C HIS M 251 -15.37 9.91 14.77
N GLY M 252 -16.40 10.04 15.59
CA GLY M 252 -17.23 11.25 15.62
C GLY M 252 -18.25 11.38 14.49
N ASN M 253 -18.53 10.29 13.80
CA ASN M 253 -19.27 10.28 12.52
C ASN M 253 -20.67 10.90 12.53
N LEU M 254 -21.32 10.92 13.68
CA LEU M 254 -22.69 11.40 13.74
C LEU M 254 -22.85 12.66 14.60
N VAL M 255 -21.94 13.62 14.43
CA VAL M 255 -22.10 14.94 15.06
C VAL M 255 -23.27 15.74 14.49
N ASP M 256 -23.94 16.48 15.38
CA ASP M 256 -24.65 17.69 14.97
C ASP M 256 -23.73 18.89 15.21
N GLU M 257 -24.09 20.03 14.64
CA GLU M 257 -23.30 21.24 14.78
C GLU M 257 -23.36 21.83 16.20
N ALA M 258 -24.42 21.51 16.95
CA ALA M 258 -24.49 21.90 18.36
C ALA M 258 -23.32 21.31 19.15
N ALA M 259 -23.02 20.05 18.85
CA ALA M 259 -21.91 19.32 19.47
C ALA M 259 -20.56 19.86 19.00
N ALA M 260 -20.41 20.04 17.68
CA ALA M 260 -19.18 20.57 17.13
C ALA M 260 -18.84 21.97 17.71
N LYS M 261 -19.86 22.81 17.87
CA LYS M 261 -19.71 24.13 18.50
C LYS M 261 -19.09 23.97 19.90
N LEU M 262 -19.69 23.10 20.69
CA LEU M 262 -19.23 22.80 22.04
C LEU M 262 -17.79 22.29 22.04
N MET M 263 -17.50 21.36 21.13
CA MET M 263 -16.14 20.89 20.88
C MET M 263 -15.20 22.07 20.59
N HIS M 264 -15.54 22.89 19.60
CA HIS M 264 -14.71 24.05 19.26
C HIS M 264 -14.49 24.91 20.49
N GLU M 265 -15.58 25.26 21.16
CA GLU M 265 -15.54 26.02 22.42
C GLU M 265 -14.62 25.46 23.51
N HIS M 266 -14.60 24.14 23.67
CA HIS M 266 -13.78 23.52 24.73
C HIS M 266 -12.34 23.24 24.34
N GLY M 267 -12.03 23.43 23.06
CA GLY M 267 -10.68 23.17 22.55
C GLY M 267 -10.40 21.68 22.41
N ALA M 268 -11.44 20.91 22.09
CA ALA M 268 -11.28 19.48 21.86
C ALA M 268 -11.11 19.10 20.37
N PHE M 269 -10.12 18.26 20.08
CA PHE M 269 -9.88 17.78 18.72
C PHE M 269 -10.85 16.66 18.33
N VAL M 270 -10.79 16.23 17.07
CA VAL M 270 -11.44 15.02 16.60
C VAL M 270 -10.45 14.27 15.76
N VAL M 271 -10.56 12.95 15.77
CA VAL M 271 -9.87 12.13 14.81
C VAL M 271 -10.90 11.25 14.14
N PRO M 272 -11.42 11.69 12.97
CA PRO M 272 -12.20 10.82 12.07
C PRO M 272 -11.38 9.63 11.55
N THR M 273 -12.07 8.56 11.18
CA THR M 273 -11.41 7.35 10.71
C THR M 273 -12.14 6.75 9.50
N LEU M 274 -12.37 7.57 8.47
CA LEU M 274 -13.27 7.22 7.36
C LEU M 274 -12.84 6.04 6.48
N VAL M 275 -11.54 5.82 6.37
CA VAL M 275 -11.03 4.72 5.56
C VAL M 275 -11.48 3.36 6.09
N THR M 276 -11.61 3.24 7.41
CA THR M 276 -11.92 1.94 8.03
C THR M 276 -13.34 1.44 7.71
N TYR M 277 -14.23 2.37 7.38
CA TYR M 277 -15.61 2.02 7.07
C TYR M 277 -15.78 1.62 5.60
N ASP M 278 -14.96 2.21 4.72
CA ASP M 278 -14.89 1.79 3.31
C ASP M 278 -14.28 0.41 3.17
N ALA M 279 -13.29 0.13 4.01
CA ALA M 279 -12.64 -1.19 4.07
C ALA M 279 -13.59 -2.26 4.61
N LEU M 280 -14.31 -1.93 5.67
CA LEU M 280 -15.29 -2.86 6.26
C LEU M 280 -16.57 -2.94 5.42
N ALA M 281 -16.72 -2.03 4.45
CA ALA M 281 -17.77 -2.12 3.46
C ALA M 281 -17.49 -3.22 2.42
N LYS M 282 -16.29 -3.20 1.83
CA LYS M 282 -15.93 -4.19 0.82
C LYS M 282 -15.64 -5.55 1.42
N HIS M 283 -14.81 -5.59 2.45
CA HIS M 283 -14.27 -6.85 2.94
C HIS M 283 -14.63 -7.11 4.41
N GLY M 284 -15.87 -6.78 4.79
CA GLY M 284 -16.30 -6.84 6.18
C GLY M 284 -16.51 -8.24 6.73
N ALA M 285 -17.62 -8.86 6.31
CA ALA M 285 -17.91 -10.26 6.64
C ALA M 285 -16.90 -11.21 5.98
N GLU M 286 -16.22 -10.70 4.95
CA GLU M 286 -15.24 -11.46 4.18
C GLU M 286 -13.95 -11.79 4.97
N PHE M 287 -13.48 -10.84 5.77
CA PHE M 287 -12.25 -11.04 6.55
C PHE M 287 -12.49 -11.53 7.98
N GLY M 288 -13.71 -12.01 8.26
CA GLY M 288 -13.98 -12.76 9.48
C GLY M 288 -14.52 -11.95 10.65
N MET M 289 -14.98 -10.73 10.39
CA MET M 289 -15.70 -9.95 11.40
C MET M 289 -17.17 -10.38 11.45
N PRO M 290 -17.69 -10.68 12.66
CA PRO M 290 -19.04 -11.18 12.94
C PRO M 290 -20.14 -10.48 12.13
N PRO M 291 -21.10 -11.26 11.58
CA PRO M 291 -22.11 -10.78 10.63
C PRO M 291 -22.96 -9.60 11.09
N GLU M 292 -23.18 -9.46 12.41
CA GLU M 292 -24.01 -8.38 12.97
C GLU M 292 -23.21 -7.09 13.28
N SER M 293 -21.89 -7.19 13.18
CA SER M 293 -21.01 -6.02 13.20
C SER M 293 -20.96 -5.31 11.84
N VAL M 294 -21.01 -6.11 10.75
CA VAL M 294 -21.10 -5.58 9.39
C VAL M 294 -22.49 -5.00 9.09
N ALA M 295 -23.47 -5.36 9.92
CA ALA M 295 -24.78 -4.73 9.89
C ALA M 295 -24.73 -3.27 10.37
N LYS M 296 -23.89 -3.00 11.38
CA LYS M 296 -23.74 -1.66 11.94
C LYS M 296 -22.87 -0.68 11.12
N VAL M 297 -22.12 -1.20 10.16
CA VAL M 297 -21.15 -0.41 9.36
C VAL M 297 -21.77 0.35 8.19
N ALA M 298 -22.98 -0.06 7.79
CA ALA M 298 -23.71 0.60 6.71
C ALA M 298 -24.03 2.06 7.05
N SER M 299 -24.39 2.31 8.31
CA SER M 299 -24.94 3.60 8.74
C SER M 299 -23.90 4.71 8.98
N VAL M 300 -22.72 4.34 9.49
CA VAL M 300 -21.71 5.33 9.94
C VAL M 300 -20.90 5.98 8.82
N GLN M 301 -20.73 5.27 7.70
CA GLN M 301 -19.97 5.78 6.56
C GLN M 301 -20.74 6.85 5.76
N GLN M 302 -22.07 6.81 5.90
CA GLN M 302 -22.97 7.81 5.30
C GLN M 302 -22.60 9.22 5.69
N LYS M 303 -22.95 9.56 6.94
CA LYS M 303 -22.66 10.88 7.53
C LYS M 303 -21.16 11.12 7.72
N GLY M 304 -20.35 10.11 7.40
CA GLY M 304 -18.92 10.13 7.66
C GLY M 304 -18.22 11.21 6.87
N ARG M 305 -18.54 11.28 5.59
CA ARG M 305 -18.02 12.32 4.70
C ARG M 305 -18.64 13.65 5.09
N GLU M 306 -19.94 13.63 5.35
CA GLU M 306 -20.67 14.81 5.75
C GLU M 306 -20.18 15.52 7.03
N SER M 307 -19.69 14.74 7.99
CA SER M 307 -19.28 15.29 9.30
C SER M 307 -18.03 16.15 9.19
N LEU M 308 -17.07 15.70 8.37
CA LEU M 308 -15.86 16.47 8.03
C LEU M 308 -16.12 17.95 7.79
N GLU M 309 -17.14 18.25 6.99
CA GLU M 309 -17.57 19.62 6.76
C GLU M 309 -18.06 20.29 8.04
N ILE M 310 -18.90 19.60 8.82
CA ILE M 310 -19.46 20.16 10.07
C ILE M 310 -18.38 20.54 11.08
N TYR M 311 -17.31 19.75 11.11
CA TYR M 311 -16.12 20.03 11.91
C TYR M 311 -15.36 21.25 11.41
N ALA M 312 -15.04 21.25 10.11
CA ALA M 312 -14.46 22.41 9.44
C ALA M 312 -15.24 23.70 9.75
N ASN M 313 -16.57 23.64 9.59
CA ASN M 313 -17.48 24.78 9.81
C ASN M 313 -17.49 25.35 11.23
N ALA M 314 -17.54 24.47 12.23
CA ALA M 314 -17.46 24.89 13.64
C ALA M 314 -16.01 25.22 14.05
N GLY M 315 -15.07 24.92 13.16
CA GLY M 315 -13.65 25.18 13.41
C GLY M 315 -13.13 24.29 14.52
N VAL M 316 -13.26 22.97 14.31
CA VAL M 316 -12.76 21.95 15.26
C VAL M 316 -11.58 21.18 14.64
N LYS M 317 -10.40 21.29 15.25
CA LYS M 317 -9.17 20.72 14.69
C LYS M 317 -9.34 19.24 14.38
N MET M 318 -8.77 18.78 13.28
CA MET M 318 -8.99 17.42 12.80
C MET M 318 -7.66 16.71 12.58
N GLY M 319 -7.50 15.57 13.24
CA GLY M 319 -6.32 14.74 13.06
C GLY M 319 -6.59 13.56 12.15
N PHE M 320 -5.51 12.94 11.68
CA PHE M 320 -5.55 11.78 10.78
C PHE M 320 -5.65 10.48 11.59
N GLY M 321 -6.64 9.65 11.28
CA GLY M 321 -6.74 8.31 11.88
C GLY M 321 -7.15 7.22 10.90
N SER M 322 -6.50 6.06 10.99
CA SER M 322 -6.85 4.89 10.18
C SER M 322 -7.92 4.00 10.83
N ASP M 323 -7.53 3.37 11.95
CA ASP M 323 -8.35 2.40 12.69
C ASP M 323 -8.65 1.13 11.89
N LEU M 324 -7.68 0.68 11.11
CA LEU M 324 -7.83 -0.50 10.27
C LEU M 324 -7.40 -1.78 10.96
N LEU M 325 -8.21 -2.82 10.79
CA LEU M 325 -7.99 -4.08 11.50
C LEU M 325 -7.59 -5.15 10.50
N GLY M 326 -6.72 -6.06 10.94
CA GLY M 326 -6.32 -7.20 10.13
C GLY M 326 -5.63 -6.79 8.84
N GLU M 327 -5.86 -7.56 7.80
CA GLU M 327 -5.19 -7.35 6.51
C GLU M 327 -5.61 -6.04 5.83
N MET M 328 -6.75 -5.48 6.26
CA MET M 328 -7.17 -4.14 5.83
C MET M 328 -6.19 -3.04 6.28
N HIS M 329 -5.12 -3.42 6.98
CA HIS M 329 -4.09 -2.48 7.44
C HIS M 329 -3.39 -1.81 6.26
N ALA M 330 -3.40 -2.49 5.11
CA ALA M 330 -2.79 -1.95 3.88
C ALA M 330 -3.36 -0.58 3.52
N PHE M 331 -4.68 -0.43 3.61
CA PHE M 331 -5.39 0.75 3.09
C PHE M 331 -5.13 2.04 3.85
N GLN M 332 -4.03 2.05 4.61
CA GLN M 332 -3.80 3.06 5.63
C GLN M 332 -3.69 4.47 5.04
N SER M 333 -3.05 4.57 3.89
CA SER M 333 -2.75 5.88 3.30
C SER M 333 -4.01 6.48 2.66
N GLY M 334 -4.94 5.60 2.32
CA GLY M 334 -6.17 5.96 1.61
C GLY M 334 -6.99 7.05 2.29
N GLU M 335 -6.83 7.19 3.60
CA GLU M 335 -7.51 8.25 4.33
C GLU M 335 -7.13 9.66 3.83
N PHE M 336 -5.91 9.79 3.30
CA PHE M 336 -5.41 11.06 2.78
C PHE M 336 -6.29 11.61 1.66
N ARG M 337 -6.56 10.76 0.67
CA ARG M 337 -7.43 11.12 -0.44
C ARG M 337 -8.84 11.41 0.06
N ILE M 338 -9.38 10.51 0.88
CA ILE M 338 -10.75 10.66 1.35
C ILE M 338 -10.96 12.05 1.95
N ARG M 339 -9.97 12.52 2.71
CA ARG M 339 -10.06 13.81 3.38
C ARG M 339 -9.79 14.99 2.45
N ALA M 340 -8.86 14.79 1.50
CA ALA M 340 -8.54 15.76 0.46
C ALA M 340 -9.80 16.09 -0.33
N GLU M 341 -10.48 15.03 -0.80
CA GLU M 341 -11.72 15.17 -1.55
C GLU M 341 -12.74 16.09 -0.89
N VAL M 342 -12.75 16.11 0.44
CA VAL M 342 -13.73 16.95 1.15
C VAL M 342 -13.14 18.32 1.48
N LEU M 343 -11.90 18.36 1.92
CA LEU M 343 -11.36 19.62 2.42
C LEU M 343 -10.03 20.10 1.85
N GLY M 344 -9.72 19.87 0.59
CA GLY M 344 -8.44 20.35 0.07
C GLY M 344 -7.22 19.70 0.70
N ASN M 345 -6.30 19.21 -0.13
CA ASN M 345 -5.20 18.38 0.37
C ASN M 345 -4.08 19.08 1.16
N LEU M 346 -4.19 20.39 1.34
CA LEU M 346 -3.39 21.09 2.35
C LEU M 346 -3.88 20.66 3.74
N GLU M 347 -5.18 20.82 3.96
CA GLU M 347 -5.79 20.45 5.22
C GLU M 347 -5.61 18.95 5.53
N ALA M 348 -5.69 18.11 4.49
CA ALA M 348 -5.43 16.68 4.63
C ALA M 348 -4.01 16.40 5.13
N LEU M 349 -3.05 17.20 4.68
CA LEU M 349 -1.65 17.01 5.10
C LEU M 349 -1.42 17.58 6.50
N ARG M 350 -2.17 18.63 6.83
CA ARG M 350 -2.12 19.27 8.14
C ARG M 350 -2.55 18.33 9.26
N SER M 351 -3.61 17.57 8.97
CA SER M 351 -4.15 16.58 9.89
CA SER M 351 -4.16 16.56 9.88
C SER M 351 -3.11 15.54 10.31
N ALA M 352 -2.33 15.06 9.34
CA ALA M 352 -1.32 14.04 9.62
C ALA M 352 0.01 14.59 10.12
N THR M 353 0.08 15.91 10.35
CA THR M 353 1.36 16.55 10.67
C THR M 353 1.22 17.57 11.78
N THR M 354 0.87 18.80 11.42
CA THR M 354 0.88 19.90 12.39
C THR M 354 -0.22 19.75 13.47
N VAL M 355 -1.42 19.34 13.04
CA VAL M 355 -2.52 19.13 13.99
C VAL M 355 -2.27 17.88 14.80
N ALA M 356 -1.88 16.81 14.10
CA ALA M 356 -1.47 15.56 14.73
C ALA M 356 -0.48 15.82 15.87
N ALA M 357 0.60 16.56 15.57
CA ALA M 357 1.66 16.80 16.55
C ALA M 357 1.14 17.54 17.77
N GLU M 358 0.14 18.39 17.56
CA GLU M 358 -0.48 19.10 18.66
C GLU M 358 -1.29 18.15 19.53
N ILE M 359 -1.93 17.17 18.90
CA ILE M 359 -2.74 16.17 19.57
C ILE M 359 -1.91 15.33 20.53
N VAL M 360 -0.74 14.86 20.07
CA VAL M 360 0.19 14.15 20.94
C VAL M 360 1.13 15.06 21.74
N ASN M 361 0.75 16.33 21.91
CA ASN M 361 1.56 17.33 22.65
C ASN M 361 3.03 17.33 22.28
N MET M 362 3.30 17.36 20.98
CA MET M 362 4.66 17.45 20.45
C MET M 362 4.71 18.54 19.38
N GLN M 363 3.91 19.60 19.54
CA GLN M 363 3.96 20.72 18.61
C GLN M 363 5.33 21.38 18.73
N GLY M 364 6.02 21.46 17.60
CA GLY M 364 7.38 21.99 17.58
C GLY M 364 8.44 20.91 17.68
N GLN M 365 8.03 19.71 18.07
CA GLN M 365 8.94 18.58 18.15
C GLN M 365 8.83 17.73 16.90
N LEU M 366 7.58 17.49 16.48
CA LEU M 366 7.29 16.75 15.27
C LEU M 366 6.26 17.51 14.44
N GLY M 367 6.01 17.03 13.22
CA GLY M 367 4.98 17.58 12.35
C GLY M 367 5.36 18.88 11.65
N VAL M 368 6.57 19.36 11.92
CA VAL M 368 7.05 20.61 11.33
C VAL M 368 8.56 20.57 11.05
N ILE M 369 8.95 20.79 9.80
CA ILE M 369 10.37 20.94 9.49
C ILE M 369 10.83 22.33 9.89
N ALA M 370 11.54 22.43 11.01
CA ALA M 370 12.07 23.70 11.49
C ALA M 370 13.38 23.45 12.23
N VAL M 371 14.02 24.52 12.72
CA VAL M 371 15.23 24.35 13.54
C VAL M 371 14.87 24.03 14.99
N GLY M 372 15.42 22.93 15.48
CA GLY M 372 15.13 22.45 16.85
C GLY M 372 14.14 21.31 16.92
N ALA M 373 13.49 21.00 15.79
CA ALA M 373 12.53 19.89 15.71
C ALA M 373 13.25 18.56 15.49
N ILE M 374 12.54 17.46 15.72
CA ILE M 374 13.11 16.11 15.57
C ILE M 374 13.10 15.69 14.09
N ALA M 375 14.19 15.07 13.66
CA ALA M 375 14.39 14.74 12.25
C ALA M 375 13.54 13.57 11.76
N ASP M 376 12.23 13.76 11.78
CA ASP M 376 11.29 12.72 11.32
C ASP M 376 10.79 13.08 9.93
N LEU M 377 11.47 12.56 8.90
CA LEU M 377 11.33 13.09 7.54
C LEU M 377 10.81 12.09 6.53
N VAL M 378 9.93 12.59 5.66
CA VAL M 378 9.51 11.85 4.48
C VAL M 378 9.96 12.53 3.16
N VAL M 379 10.68 11.76 2.34
CA VAL M 379 11.07 12.21 0.99
C VAL M 379 10.13 11.66 -0.08
N LEU M 380 9.55 12.59 -0.83
CA LEU M 380 8.36 12.33 -1.62
C LEU M 380 8.57 12.64 -3.11
N ASP M 381 8.27 11.65 -3.95
CA ASP M 381 8.45 11.75 -5.40
C ASP M 381 7.26 12.43 -6.09
N GLY M 382 7.22 13.75 -6.03
CA GLY M 382 6.09 14.50 -6.56
C GLY M 382 5.63 15.53 -5.54
N ASN M 383 4.52 16.20 -5.85
CA ASN M 383 4.02 17.28 -5.00
C ASN M 383 2.60 17.04 -4.45
N PRO M 384 2.52 16.75 -3.13
CA PRO M 384 1.26 16.41 -2.43
C PRO M 384 0.25 17.57 -2.37
N LEU M 385 0.76 18.79 -2.49
CA LEU M 385 -0.10 19.96 -2.50
C LEU M 385 -1.02 20.04 -3.74
N GLU M 386 -0.65 19.33 -4.81
CA GLU M 386 -1.46 19.34 -6.04
C GLU M 386 -1.99 17.96 -6.43
N ASP M 387 -1.14 16.96 -6.34
CA ASP M 387 -1.61 15.59 -6.39
C ASP M 387 -1.55 14.95 -5.00
N ILE M 388 -2.73 14.76 -4.39
CA ILE M 388 -2.82 14.01 -3.15
C ILE M 388 -2.38 12.53 -3.29
N GLY M 389 -2.56 11.98 -4.49
CA GLY M 389 -2.21 10.58 -4.78
C GLY M 389 -0.73 10.22 -4.68
N VAL M 390 0.13 11.22 -4.43
CA VAL M 390 1.57 10.96 -4.18
C VAL M 390 1.83 10.38 -2.78
N VAL M 391 0.87 10.63 -1.88
CA VAL M 391 0.90 10.13 -0.51
C VAL M 391 -0.14 9.03 -0.32
N ALA M 392 -1.30 9.18 -0.94
CA ALA M 392 -2.45 8.31 -0.68
C ALA M 392 -2.47 7.02 -1.50
N ASP M 393 -1.35 6.68 -2.13
CA ASP M 393 -1.28 5.49 -2.97
C ASP M 393 -0.57 4.35 -2.26
N GLU M 394 -0.61 4.42 -0.93
CA GLU M 394 -0.09 3.36 -0.07
C GLU M 394 1.40 3.07 -0.33
N GLY M 395 2.26 4.04 0.01
CA GLY M 395 3.71 3.83 -0.01
C GLY M 395 4.42 3.81 -1.36
N ALA M 396 3.65 3.97 -2.44
CA ALA M 396 4.17 3.87 -3.81
C ALA M 396 5.24 4.92 -4.13
N ARG M 397 5.00 6.15 -3.70
CA ARG M 397 5.79 7.29 -4.16
C ARG M 397 6.64 7.94 -3.06
N VAL M 398 6.94 7.19 -2.01
CA VAL M 398 7.86 7.64 -0.98
C VAL M 398 9.13 6.77 -1.02
N GLU M 399 10.27 7.40 -1.26
CA GLU M 399 11.51 6.64 -1.44
C GLU M 399 12.51 6.80 -0.29
N TYR M 400 12.28 7.80 0.58
CA TYR M 400 13.09 7.95 1.80
C TYR M 400 12.29 8.24 3.08
N VAL M 401 12.66 7.55 4.15
CA VAL M 401 12.09 7.78 5.49
C VAL M 401 13.18 7.95 6.55
N LEU M 402 13.20 9.13 7.15
CA LEU M 402 14.18 9.44 8.21
C LEU M 402 13.49 9.53 9.55
N GLN M 403 14.07 8.83 10.52
CA GLN M 403 13.49 8.75 11.86
C GLN M 403 14.55 9.11 12.89
N ARG M 404 14.26 10.14 13.69
CA ARG M 404 15.21 10.62 14.70
C ARG M 404 16.65 10.62 14.16
N GLY M 405 16.87 11.45 13.14
CA GLY M 405 18.16 11.51 12.47
C GLY M 405 18.29 10.48 11.37
N THR M 406 18.29 9.22 11.74
CA THR M 406 18.77 8.17 10.87
C THR M 406 17.78 7.72 9.78
N LEU M 407 18.31 7.11 8.73
CA LEU M 407 17.53 6.71 7.56
C LEU M 407 17.05 5.27 7.71
N VAL M 408 15.74 5.07 7.63
CA VAL M 408 15.14 3.78 7.95
C VAL M 408 14.57 3.07 6.73
N LYS M 409 14.15 3.83 5.73
CA LYS M 409 13.62 3.25 4.49
C LYS M 409 14.27 3.81 3.24
N ARG M 410 14.73 2.92 2.37
CA ARG M 410 15.21 3.28 1.03
C ARG M 410 14.42 2.54 -0.06
N GLN M 411 13.59 3.29 -0.80
CA GLN M 411 12.60 2.69 -1.71
C GLN M 411 12.70 3.24 -3.13
N THR N 4 7.21 -28.91 -6.47
CA THR N 4 8.40 -29.30 -7.28
C THR N 4 9.51 -29.91 -6.41
N ILE N 5 10.76 -29.77 -6.86
CA ILE N 5 11.81 -30.76 -6.59
C ILE N 5 13.22 -30.14 -6.63
N THR N 6 14.14 -30.69 -5.83
CA THR N 6 15.48 -30.09 -5.65
C THR N 6 16.60 -31.15 -5.57
N VAL N 7 17.75 -30.84 -6.18
CA VAL N 7 18.92 -31.73 -6.13
C VAL N 7 20.21 -31.05 -5.66
N LEU N 8 20.71 -31.51 -4.52
CA LEU N 8 22.08 -31.25 -4.10
C LEU N 8 22.98 -32.24 -4.83
N GLN N 9 23.85 -31.74 -5.70
CA GLN N 9 24.62 -32.59 -6.61
C GLN N 9 26.12 -32.67 -6.31
N GLY N 10 26.66 -33.88 -6.30
CA GLY N 10 28.08 -34.11 -6.14
C GLY N 10 28.62 -33.92 -4.73
N GLY N 11 27.72 -33.86 -3.76
CA GLY N 11 28.09 -33.70 -2.37
C GLY N 11 28.75 -34.95 -1.82
N ASN N 12 29.48 -34.78 -0.72
CA ASN N 12 30.01 -35.92 0.01
C ASN N 12 29.14 -36.21 1.23
N VAL N 13 28.13 -37.05 1.01
CA VAL N 13 27.08 -37.33 1.98
C VAL N 13 27.65 -38.04 3.22
N LEU N 14 27.46 -37.44 4.40
CA LEU N 14 27.89 -38.06 5.66
C LEU N 14 26.88 -39.13 6.11
N ASP N 15 27.36 -40.37 6.22
CA ASP N 15 26.55 -41.43 6.82
C ASP N 15 27.11 -41.85 8.19
N LEU N 16 26.26 -41.73 9.21
CA LEU N 16 26.73 -41.64 10.60
C LEU N 16 26.82 -42.97 11.32
N GLU N 17 26.00 -43.93 10.92
CA GLU N 17 26.02 -45.26 11.52
C GLU N 17 27.22 -46.08 11.03
N ARG N 18 27.74 -45.70 9.88
CA ARG N 18 28.96 -46.31 9.38
C ARG N 18 30.18 -45.42 9.70
N GLY N 19 29.99 -44.11 9.62
CA GLY N 19 31.06 -43.17 9.96
C GLY N 19 32.01 -42.90 8.79
N VAL N 20 31.44 -42.66 7.61
CA VAL N 20 32.22 -42.28 6.43
C VAL N 20 31.49 -41.27 5.56
N LEU N 21 32.27 -40.47 4.85
CA LEU N 21 31.73 -39.70 3.74
C LEU N 21 31.41 -40.60 2.56
N LEU N 22 30.40 -40.21 1.79
CA LEU N 22 30.08 -40.86 0.52
C LEU N 22 30.19 -39.84 -0.59
N GLU N 23 31.36 -39.82 -1.23
CA GLU N 23 31.71 -38.77 -2.18
C GLU N 23 30.87 -38.82 -3.45
N HIS N 24 30.60 -37.64 -4.00
CA HIS N 24 29.88 -37.47 -5.26
C HIS N 24 28.52 -38.16 -5.29
N HIS N 25 27.93 -38.32 -4.10
CA HIS N 25 26.54 -38.74 -4.00
C HIS N 25 25.63 -37.54 -4.14
N HIS N 26 24.69 -37.63 -5.07
CA HIS N 26 23.60 -36.67 -5.18
C HIS N 26 22.54 -36.96 -4.11
N VAL N 27 21.77 -35.94 -3.74
CA VAL N 27 20.60 -36.13 -2.89
C VAL N 27 19.40 -35.37 -3.45
N VAL N 28 18.29 -36.07 -3.61
CA VAL N 28 17.13 -35.51 -4.30
C VAL N 28 16.01 -35.19 -3.32
N ILE N 29 15.57 -33.94 -3.37
CA ILE N 29 14.52 -33.47 -2.48
C ILE N 29 13.22 -33.27 -3.24
N ASP N 30 12.16 -33.94 -2.80
CA ASP N 30 10.81 -33.62 -3.27
C ASP N 30 9.93 -33.18 -2.10
N GLY N 31 9.24 -32.07 -2.28
CA GLY N 31 8.41 -31.50 -1.22
C GLY N 31 9.26 -31.19 -0.01
N GLU N 32 9.11 -32.00 1.04
CA GLU N 32 9.82 -31.79 2.30
C GLU N 32 10.67 -32.99 2.65
N ARG N 33 10.70 -33.97 1.75
CA ARG N 33 11.34 -35.24 2.07
C ARG N 33 12.46 -35.60 1.10
N ILE N 34 13.40 -36.40 1.59
CA ILE N 34 14.47 -36.94 0.75
C ILE N 34 13.97 -38.20 0.04
N VAL N 35 14.04 -38.17 -1.30
CA VAL N 35 13.56 -39.26 -2.15
C VAL N 35 14.69 -40.20 -2.59
N GLU N 36 15.88 -39.64 -2.81
CA GLU N 36 17.01 -40.43 -3.28
C GLU N 36 18.37 -39.94 -2.76
N VAL N 37 19.19 -40.90 -2.36
CA VAL N 37 20.62 -40.65 -2.13
C VAL N 37 21.47 -41.61 -2.98
N THR N 38 22.10 -41.06 -4.02
CA THR N 38 22.75 -41.88 -5.05
C THR N 38 23.95 -41.18 -5.71
N ASP N 39 24.92 -41.99 -6.15
CA ASP N 39 26.02 -41.50 -6.99
C ASP N 39 25.77 -41.71 -8.48
N ARG N 40 24.50 -41.85 -8.83
CA ARG N 40 24.06 -41.80 -10.22
C ARG N 40 24.29 -40.42 -10.78
N PRO N 41 24.69 -40.36 -12.07
CA PRO N 41 24.22 -39.24 -12.87
C PRO N 41 22.70 -39.19 -12.78
N VAL N 42 22.16 -38.10 -12.25
CA VAL N 42 20.77 -38.08 -11.87
C VAL N 42 19.92 -37.27 -12.86
N ASP N 43 18.68 -37.69 -13.02
CA ASP N 43 17.87 -37.32 -14.18
C ASP N 43 17.08 -36.04 -13.91
N LEU N 44 17.76 -34.89 -13.87
CA LEU N 44 17.09 -33.66 -13.43
C LEU N 44 16.47 -32.84 -14.57
N PRO N 45 15.13 -32.83 -14.66
CA PRO N 45 14.46 -31.99 -15.63
C PRO N 45 14.18 -30.61 -15.07
N ASN N 46 13.29 -30.52 -14.09
CA ASN N 46 12.87 -29.25 -13.50
C ASN N 46 13.36 -29.06 -12.06
N ALA N 47 14.46 -29.75 -11.71
CA ALA N 47 15.02 -29.67 -10.36
C ALA N 47 15.83 -28.38 -10.18
N GLN N 48 15.66 -27.73 -9.03
CA GLN N 48 16.66 -26.77 -8.56
C GLN N 48 17.95 -27.51 -8.24
N ALA N 49 18.92 -27.41 -9.14
CA ALA N 49 20.24 -27.94 -8.90
C ALA N 49 21.06 -26.94 -8.09
N ILE N 50 21.53 -27.38 -6.92
CA ILE N 50 22.46 -26.58 -6.14
C ILE N 50 23.76 -27.36 -6.05
N ASP N 51 24.82 -26.74 -6.56
CA ASP N 51 26.09 -27.44 -6.74
C ASP N 51 26.84 -27.58 -5.43
N VAL N 52 26.99 -28.82 -4.97
CA VAL N 52 27.66 -29.07 -3.71
C VAL N 52 28.91 -29.89 -3.94
N ARG N 53 29.72 -29.48 -4.90
CA ARG N 53 30.91 -30.22 -5.27
C ARG N 53 32.00 -30.09 -4.18
N GLY N 54 32.60 -31.23 -3.79
CA GLY N 54 33.65 -31.26 -2.76
C GLY N 54 33.28 -30.59 -1.44
N LYS N 55 32.00 -30.64 -1.07
CA LYS N 55 31.53 -30.10 0.21
C LYS N 55 30.64 -31.12 0.91
N THR N 56 30.87 -31.28 2.22
CA THR N 56 30.08 -32.21 3.03
C THR N 56 28.61 -31.76 3.14
N VAL N 57 27.71 -32.69 2.82
CA VAL N 57 26.30 -32.51 3.10
C VAL N 57 25.89 -33.50 4.20
N MET N 58 25.41 -32.96 5.31
CA MET N 58 24.97 -33.79 6.44
C MET N 58 23.58 -33.39 6.97
N PRO N 59 23.00 -34.19 7.88
CA PRO N 59 21.71 -33.80 8.47
C PRO N 59 21.85 -32.53 9.31
N GLY N 60 20.91 -31.59 9.12
CA GLY N 60 20.75 -30.42 10.00
C GLY N 60 20.71 -30.79 11.47
N PHE N 61 21.41 -30.01 12.30
CA PHE N 61 21.69 -30.44 13.67
C PHE N 61 20.46 -30.32 14.57
N ILE N 62 20.54 -30.98 15.71
CA ILE N 62 19.56 -30.90 16.78
C ILE N 62 20.24 -30.53 18.08
N ASP N 63 19.83 -29.43 18.70
CA ASP N 63 20.14 -29.19 20.10
C ASP N 63 19.01 -29.54 21.03
N CYS N 64 19.25 -30.51 21.89
CA CYS N 64 18.21 -30.88 22.80
C CYS N 64 18.28 -30.23 24.13
N HIS N 65 18.92 -29.10 24.24
CA HIS N 65 18.76 -28.36 25.47
C HIS N 65 19.06 -26.92 25.34
N VAL N 66 18.05 -26.17 24.95
CA VAL N 66 18.18 -24.73 24.82
C VAL N 66 17.09 -24.00 25.61
N HIS N 67 17.28 -22.72 25.85
CA HIS N 67 16.22 -21.85 26.36
C HIS N 67 16.13 -20.68 25.43
N VAL N 68 15.45 -20.88 24.32
CA VAL N 68 15.22 -19.84 23.31
C VAL N 68 14.87 -18.44 23.88
N LEU N 69 14.07 -18.41 24.94
CA LEU N 69 13.61 -17.14 25.51
C LEU N 69 14.54 -16.52 26.56
N ALA N 70 15.57 -17.26 26.98
CA ALA N 70 16.57 -16.73 27.90
C ALA N 70 17.45 -15.68 27.20
N SER N 71 16.93 -14.46 27.12
CA SER N 71 17.61 -13.40 26.38
C SER N 71 18.51 -12.55 27.28
N ASN N 72 18.47 -12.81 28.59
CA ASN N 72 19.58 -12.45 29.46
C ASN N 72 19.88 -13.43 30.59
N ALA N 73 21.12 -13.41 31.05
CA ALA N 73 21.70 -14.49 31.84
C ALA N 73 21.15 -14.53 33.26
N ASN N 74 20.49 -13.46 33.67
CA ASN N 74 19.76 -13.48 34.93
C ASN N 74 18.32 -13.92 34.70
N LEU N 75 18.06 -15.20 35.00
CA LEU N 75 16.76 -15.79 34.71
C LEU N 75 15.69 -15.23 35.64
N GLY N 76 16.13 -14.73 36.78
CA GLY N 76 15.28 -13.92 37.66
C GLY N 76 14.71 -12.73 36.88
N VAL N 77 15.59 -11.89 36.36
CA VAL N 77 15.15 -10.71 35.64
C VAL N 77 14.59 -11.02 34.23
N ASN N 78 14.97 -12.18 33.68
CA ASN N 78 14.44 -12.61 32.39
C ASN N 78 12.96 -12.88 32.55
N ALA N 79 12.62 -13.42 33.71
CA ALA N 79 11.25 -13.77 34.02
C ALA N 79 10.37 -12.54 34.26
N THR N 80 10.98 -11.45 34.72
CA THR N 80 10.19 -10.28 35.10
C THR N 80 10.10 -9.27 33.98
N GLN N 81 10.68 -9.58 32.82
CA GLN N 81 10.62 -8.66 31.70
C GLN N 81 9.25 -8.70 31.01
N PRO N 82 8.82 -7.57 30.43
CA PRO N 82 7.49 -7.49 29.80
C PRO N 82 7.30 -8.53 28.72
N ASN N 83 6.08 -9.02 28.60
CA ASN N 83 5.80 -10.17 27.74
C ASN N 83 6.29 -9.97 26.33
N ILE N 84 5.75 -8.94 25.67
CA ILE N 84 6.03 -8.69 24.27
C ILE N 84 7.53 -8.49 24.02
N LEU N 85 8.23 -7.82 24.93
CA LEU N 85 9.69 -7.69 24.86
C LEU N 85 10.42 -9.02 24.98
N ALA N 86 9.95 -9.89 25.87
CA ALA N 86 10.55 -11.21 26.05
C ALA N 86 10.46 -12.03 24.77
N ALA N 87 9.32 -11.91 24.08
CA ALA N 87 9.08 -12.59 22.81
C ALA N 87 9.98 -12.04 21.70
N ILE N 88 10.03 -10.71 21.59
CA ILE N 88 10.87 -10.02 20.60
C ILE N 88 12.35 -10.42 20.70
N ARG N 89 12.84 -10.57 21.93
CA ARG N 89 14.26 -10.79 22.16
C ARG N 89 14.71 -12.22 21.88
N SER N 90 13.75 -13.13 21.75
CA SER N 90 14.06 -14.48 21.34
C SER N 90 14.30 -14.61 19.81
N LEU N 91 13.83 -13.63 19.04
CA LEU N 91 13.89 -13.71 17.56
C LEU N 91 15.30 -13.75 16.97
N PRO N 92 16.17 -12.77 17.33
CA PRO N 92 17.58 -12.91 17.01
C PRO N 92 18.16 -14.26 17.41
N ILE N 93 17.79 -14.74 18.60
CA ILE N 93 18.35 -15.99 19.14
C ILE N 93 18.00 -17.20 18.25
N LEU N 94 16.75 -17.26 17.80
CA LEU N 94 16.29 -18.32 16.87
C LEU N 94 17.03 -18.25 15.54
N ASP N 95 17.08 -17.05 14.95
CA ASP N 95 17.76 -16.83 13.69
C ASP N 95 19.26 -17.21 13.69
N ALA N 96 19.94 -16.91 14.79
CA ALA N 96 21.35 -17.25 14.95
C ALA N 96 21.57 -18.75 15.09
N MET N 97 20.62 -19.42 15.76
CA MET N 97 20.65 -20.87 15.94
C MET N 97 20.52 -21.58 14.60
N LEU N 98 19.62 -21.07 13.75
CA LEU N 98 19.41 -21.63 12.42
C LEU N 98 20.67 -21.52 11.57
N SER N 99 21.21 -20.31 11.48
CA SER N 99 22.40 -20.04 10.68
C SER N 99 23.63 -20.82 11.14
N ARG N 100 23.65 -21.26 12.40
CA ARG N 100 24.73 -22.16 12.84
C ARG N 100 24.49 -23.62 12.42
N GLY N 101 23.42 -23.87 11.67
CA GLY N 101 23.11 -25.22 11.21
C GLY N 101 22.24 -26.09 12.11
N PHE N 102 21.63 -25.48 13.12
CA PHE N 102 20.66 -26.19 13.94
C PHE N 102 19.26 -26.01 13.34
N THR N 103 18.64 -27.13 12.98
CA THR N 103 17.33 -27.09 12.31
C THR N 103 16.23 -27.52 13.26
N SER N 104 16.64 -28.12 14.37
CA SER N 104 15.69 -28.51 15.38
C SER N 104 16.28 -28.28 16.76
N VAL N 105 15.51 -27.61 17.61
CA VAL N 105 15.85 -27.50 19.02
C VAL N 105 14.74 -28.01 19.93
N ARG N 106 15.15 -28.69 21.00
CA ARG N 106 14.28 -29.09 22.11
C ARG N 106 14.46 -28.05 23.21
N ASP N 107 13.50 -27.13 23.30
CA ASP N 107 13.54 -26.09 24.32
C ASP N 107 13.26 -26.70 25.68
N ALA N 108 14.06 -26.33 26.67
CA ALA N 108 14.00 -26.95 28.00
C ALA N 108 13.26 -26.09 29.01
N GLY N 109 12.32 -25.27 28.53
CA GLY N 109 11.55 -24.41 29.43
C GLY N 109 11.60 -22.96 29.03
N GLY N 110 10.43 -22.35 28.89
CA GLY N 110 10.32 -21.07 28.21
C GLY N 110 9.41 -21.16 27.00
N ALA N 111 9.89 -21.77 25.92
CA ALA N 111 9.12 -21.74 24.66
C ALA N 111 7.85 -22.56 24.74
N ASP N 112 6.84 -22.10 24.02
CA ASP N 112 5.57 -22.77 24.03
C ASP N 112 5.15 -23.21 22.63
N TRP N 113 3.91 -23.66 22.56
CA TRP N 113 3.30 -24.08 21.32
C TRP N 113 3.21 -22.94 20.30
N SER N 114 2.96 -21.72 20.77
CA SER N 114 2.84 -20.58 19.84
C SER N 114 4.12 -20.29 19.09
N LEU N 115 5.25 -20.42 19.79
CA LEU N 115 6.58 -20.31 19.17
C LEU N 115 6.84 -21.38 18.13
N MET N 116 6.52 -22.62 18.49
CA MET N 116 6.56 -23.75 17.58
C MET N 116 5.75 -23.48 16.29
N GLN N 117 4.58 -22.87 16.44
CA GLN N 117 3.72 -22.54 15.30
C GLN N 117 4.28 -21.41 14.46
N ALA N 118 4.86 -20.42 15.13
CA ALA N 118 5.48 -19.28 14.46
C ALA N 118 6.48 -19.76 13.41
N VAL N 119 7.42 -20.62 13.84
CA VAL N 119 8.39 -21.14 12.91
C VAL N 119 7.76 -21.99 11.82
N GLU N 120 6.79 -22.83 12.21
CA GLU N 120 6.26 -23.82 11.28
C GLU N 120 5.37 -23.22 10.21
N THR N 121 4.65 -22.16 10.54
CA THR N 121 3.93 -21.40 9.51
C THR N 121 4.87 -20.37 8.87
N GLY N 122 6.14 -20.37 9.29
CA GLY N 122 7.18 -19.56 8.65
C GLY N 122 7.07 -18.08 8.97
N LEU N 123 6.17 -17.74 9.89
CA LEU N 123 6.02 -16.38 10.41
C LEU N 123 7.32 -15.87 11.05
N VAL N 124 8.14 -16.80 11.53
CA VAL N 124 9.39 -16.45 12.18
C VAL N 124 10.49 -17.41 11.75
N SER N 125 11.71 -16.92 11.67
CA SER N 125 12.81 -17.73 11.20
C SER N 125 13.57 -18.40 12.33
N GLY N 126 13.65 -19.73 12.30
CA GLY N 126 14.52 -20.45 13.22
C GLY N 126 14.34 -21.94 13.09
N PRO N 127 14.89 -22.70 14.04
CA PRO N 127 14.71 -24.16 14.06
C PRO N 127 13.26 -24.55 14.36
N ARG N 128 12.90 -25.79 14.06
CA ARG N 128 11.67 -26.36 14.58
C ARG N 128 11.87 -26.57 16.07
N ILE N 129 10.86 -26.15 16.83
CA ILE N 129 10.97 -26.25 18.25
C ILE N 129 10.19 -27.46 18.77
N PHE N 130 10.79 -28.13 19.75
CA PHE N 130 10.10 -29.10 20.57
C PHE N 130 9.97 -28.55 21.99
N PRO N 131 8.85 -27.85 22.25
CA PRO N 131 8.65 -27.03 23.44
C PRO N 131 8.24 -27.84 24.67
N SER N 132 8.84 -27.49 25.81
CA SER N 132 8.54 -28.14 27.11
C SER N 132 7.38 -27.42 27.80
N GLY N 133 6.93 -26.31 27.21
CA GLY N 133 6.20 -25.30 27.94
C GLY N 133 7.08 -24.71 29.03
N LYS N 134 6.69 -24.96 30.28
CA LYS N 134 7.44 -24.45 31.42
C LYS N 134 8.04 -25.61 32.17
N ALA N 135 9.27 -25.44 32.61
CA ALA N 135 9.84 -26.38 33.57
C ALA N 135 9.01 -26.41 34.87
N LEU N 136 8.82 -27.61 35.42
CA LEU N 136 8.23 -27.78 36.74
C LEU N 136 9.33 -27.74 37.81
N SER N 137 9.24 -26.79 38.72
CA SER N 137 10.13 -26.79 39.89
C SER N 137 9.40 -26.68 41.23
N GLN N 138 9.88 -27.43 42.21
CA GLN N 138 9.34 -27.32 43.59
C GLN N 138 9.67 -25.96 44.18
N THR N 139 9.06 -25.64 45.32
CA THR N 139 9.31 -24.39 46.05
C THR N 139 10.75 -24.36 46.52
N GLY N 140 11.43 -23.24 46.29
CA GLY N 140 12.84 -23.11 46.63
C GLY N 140 13.75 -23.88 45.70
N GLY N 141 13.19 -24.32 44.57
CA GLY N 141 13.89 -25.24 43.69
C GLY N 141 14.63 -24.52 42.61
N HIS N 142 15.19 -25.28 41.68
CA HIS N 142 16.02 -24.70 40.63
C HIS N 142 15.26 -23.74 39.73
N GLY N 143 13.93 -23.78 39.79
CA GLY N 143 13.08 -22.90 38.99
C GLY N 143 12.42 -21.81 39.80
N ASP N 144 12.65 -21.82 41.11
CA ASP N 144 12.21 -20.76 41.99
C ASP N 144 13.29 -19.68 42.04
N PHE N 145 13.01 -18.50 41.48
CA PHE N 145 13.96 -17.38 41.50
C PHE N 145 13.72 -16.33 42.59
N ARG N 146 12.97 -16.69 43.61
CA ARG N 146 12.68 -15.77 44.71
C ARG N 146 13.87 -15.70 45.68
N PRO N 147 14.31 -14.48 46.00
CA PRO N 147 15.45 -14.32 46.91
C PRO N 147 15.14 -14.84 48.31
N ARG N 148 16.19 -15.14 49.07
CA ARG N 148 16.08 -15.65 50.43
C ARG N 148 15.48 -14.68 51.46
N GLY N 149 15.53 -15.06 52.74
CA GLY N 149 15.18 -14.16 53.83
C GLY N 149 13.86 -14.55 54.45
N ASP N 150 12.78 -14.00 53.88
CA ASP N 150 11.40 -14.37 54.22
C ASP N 150 10.36 -13.71 53.28
N LEU N 151 10.21 -14.23 52.05
CA LEU N 151 9.08 -13.80 51.21
C LEU N 151 7.77 -14.04 51.95
N SER N 156 2.36 -15.26 42.68
CA SER N 156 2.21 -15.08 41.24
C SER N 156 0.99 -15.88 40.81
N CYS N 157 0.81 -16.14 39.53
CA CYS N 157 -0.24 -17.08 39.07
C CYS N 157 -0.56 -16.84 37.63
N CYS N 158 0.07 -15.81 37.06
CA CYS N 158 -0.06 -15.55 35.66
C CYS N 158 1.26 -15.74 34.95
N PHE N 159 1.21 -16.43 33.82
CA PHE N 159 2.43 -16.89 33.21
C PHE N 159 3.10 -15.80 32.39
N ARG N 160 4.22 -15.31 32.92
CA ARG N 160 5.12 -14.41 32.19
C ARG N 160 5.79 -15.21 31.09
N THR N 161 5.77 -14.67 29.86
CA THR N 161 6.33 -15.40 28.72
C THR N 161 7.85 -15.42 28.72
N GLY N 162 8.45 -14.72 29.69
CA GLY N 162 9.89 -14.76 29.89
C GLY N 162 10.31 -15.78 30.92
N ALA N 163 9.36 -16.48 31.51
CA ALA N 163 9.67 -17.40 32.62
C ALA N 163 10.01 -18.81 32.12
N ILE N 164 11.08 -19.36 32.66
CA ILE N 164 11.59 -20.67 32.25
C ILE N 164 10.76 -21.75 32.96
N ALA N 165 10.39 -21.47 34.21
CA ALA N 165 9.80 -22.48 35.08
C ALA N 165 8.46 -22.02 35.65
N ARG N 166 7.70 -22.97 36.19
CA ARG N 166 6.66 -22.65 37.17
C ARG N 166 6.87 -23.46 38.44
N VAL N 167 6.50 -22.87 39.58
CA VAL N 167 6.61 -23.54 40.86
C VAL N 167 5.33 -24.35 41.17
N VAL N 168 5.45 -25.66 41.26
CA VAL N 168 4.32 -26.48 41.72
C VAL N 168 4.77 -27.56 42.70
N ASP N 169 3.94 -27.78 43.71
CA ASP N 169 4.23 -28.79 44.74
C ASP N 169 3.02 -29.68 44.99
N GLY N 170 3.30 -30.95 45.22
CA GLY N 170 2.26 -31.88 45.61
C GLY N 170 2.03 -32.82 44.47
N VAL N 171 1.58 -34.03 44.81
CA VAL N 171 1.26 -35.03 43.81
C VAL N 171 0.17 -34.52 42.86
N GLU N 172 -0.91 -34.01 43.42
CA GLU N 172 -1.99 -33.51 42.60
C GLU N 172 -1.63 -32.20 41.92
N GLY N 173 -0.80 -31.38 42.57
CA GLY N 173 -0.27 -30.16 41.95
C GLY N 173 0.51 -30.41 40.66
N VAL N 174 1.45 -31.35 40.71
CA VAL N 174 2.28 -31.65 39.56
C VAL N 174 1.49 -32.40 38.48
N ARG N 175 0.51 -33.18 38.92
CA ARG N 175 -0.33 -33.94 38.01
C ARG N 175 -1.14 -32.94 37.21
N LEU N 176 -1.74 -31.99 37.91
CA LEU N 176 -2.51 -30.96 37.23
C LEU N 176 -1.60 -30.15 36.32
N ALA N 177 -0.38 -29.87 36.77
CA ALA N 177 0.52 -29.00 36.02
C ALA N 177 0.92 -29.62 34.69
N VAL N 178 1.14 -30.93 34.69
CA VAL N 178 1.49 -31.65 33.48
C VAL N 178 0.32 -31.61 32.51
N ARG N 179 -0.86 -31.95 33.02
CA ARG N 179 -2.06 -31.97 32.22
C ARG N 179 -2.29 -30.62 31.57
N GLU N 180 -1.89 -29.57 32.28
CA GLU N 180 -2.03 -28.22 31.78
C GLU N 180 -1.03 -27.96 30.67
N GLU N 181 0.22 -28.37 30.88
CA GLU N 181 1.28 -28.06 29.96
C GLU N 181 1.10 -28.84 28.68
N ILE N 182 0.52 -30.05 28.79
CA ILE N 182 0.23 -30.86 27.63
C ILE N 182 -0.94 -30.32 26.82
N GLN N 183 -1.96 -29.83 27.51
CA GLN N 183 -3.08 -29.15 26.87
C GLN N 183 -2.57 -27.96 26.08
N LYS N 184 -1.63 -27.24 26.70
CA LYS N 184 -1.07 -26.03 26.11
C LYS N 184 -0.20 -26.32 24.90
N GLY N 185 0.31 -27.55 24.81
CA GLY N 185 0.89 -28.06 23.57
C GLY N 185 2.34 -28.48 23.71
N ALA N 186 2.76 -28.76 24.94
CA ALA N 186 4.12 -29.18 25.19
C ALA N 186 4.36 -30.49 24.45
N THR N 187 5.61 -30.76 24.08
CA THR N 187 5.93 -32.01 23.42
C THR N 187 6.62 -32.94 24.39
N GLN N 188 7.26 -32.38 25.40
CA GLN N 188 7.73 -33.20 26.51
C GLN N 188 7.67 -32.37 27.77
N ILE N 189 7.95 -33.00 28.90
CA ILE N 189 7.85 -32.31 30.16
C ILE N 189 9.25 -32.21 30.79
N LYS N 190 9.63 -30.99 31.18
CA LYS N 190 10.87 -30.79 31.92
C LYS N 190 10.60 -30.63 33.42
N ILE N 191 11.40 -31.28 34.26
CA ILE N 191 11.39 -30.99 35.69
C ILE N 191 12.78 -30.66 36.25
N MET N 192 12.80 -30.03 37.41
CA MET N 192 14.04 -29.79 38.13
C MET N 192 14.15 -30.83 39.23
N ALA N 193 15.10 -31.75 39.10
CA ALA N 193 15.22 -32.86 40.05
C ALA N 193 16.35 -32.65 41.07
N SER N 194 17.16 -31.63 40.81
CA SER N 194 18.39 -31.38 41.56
C SER N 194 18.43 -29.88 41.86
N GLY N 195 19.28 -29.50 42.82
CA GLY N 195 19.80 -28.13 42.88
C GLY N 195 20.55 -27.79 41.61
N GLY N 196 20.85 -26.51 41.42
CA GLY N 196 21.49 -26.09 40.19
C GLY N 196 22.53 -25.03 40.36
N VAL N 197 22.67 -24.20 39.33
CA VAL N 197 23.64 -23.11 39.35
C VAL N 197 22.93 -21.75 39.25
N ALA N 198 21.98 -21.64 38.32
CA ALA N 198 21.33 -20.36 37.99
C ALA N 198 20.16 -19.96 38.90
N SER N 199 19.98 -20.67 40.00
CA SER N 199 18.93 -20.34 40.97
C SER N 199 19.54 -19.88 42.30
N PRO N 200 18.84 -18.98 43.02
CA PRO N 200 19.40 -18.35 44.23
C PRO N 200 19.65 -19.28 45.42
N THR N 201 18.66 -20.07 45.80
CA THR N 201 18.61 -20.66 47.15
C THR N 201 19.06 -22.13 47.30
N ASP N 202 19.16 -22.85 46.18
CA ASP N 202 19.44 -24.29 46.24
C ASP N 202 20.91 -24.64 45.94
N PRO N 203 21.61 -25.22 46.94
CA PRO N 203 22.90 -25.88 46.69
C PRO N 203 22.74 -27.06 45.75
N ILE N 204 23.78 -27.35 44.98
CA ILE N 204 23.70 -28.28 43.86
C ILE N 204 23.62 -29.75 44.31
N ALA N 205 24.07 -30.01 45.55
CA ALA N 205 24.17 -31.35 46.11
C ALA N 205 22.80 -31.95 46.45
N ASN N 206 21.83 -31.11 46.78
CA ASN N 206 20.53 -31.64 47.21
C ASN N 206 19.51 -31.90 46.13
N THR N 207 18.55 -32.76 46.47
CA THR N 207 17.60 -33.31 45.52
C THR N 207 16.30 -32.51 45.61
N GLN N 208 15.49 -32.57 44.55
CA GLN N 208 14.23 -31.85 44.50
C GLN N 208 13.07 -32.74 44.02
N TYR N 209 11.89 -32.51 44.58
CA TYR N 209 10.67 -33.31 44.36
C TYR N 209 10.74 -34.66 45.03
N SER N 210 9.65 -35.09 45.65
CA SER N 210 9.59 -36.41 46.24
C SER N 210 9.35 -37.43 45.13
N GLU N 211 9.53 -38.70 45.46
CA GLU N 211 9.47 -39.74 44.44
C GLU N 211 8.03 -39.84 43.94
N ASP N 212 7.10 -39.68 44.87
CA ASP N 212 5.69 -39.66 44.54
C ASP N 212 5.39 -38.62 43.49
N GLU N 213 5.98 -37.44 43.65
CA GLU N 213 5.79 -36.36 42.71
C GLU N 213 6.33 -36.73 41.32
N ILE N 214 7.57 -37.20 41.28
CA ILE N 214 8.24 -37.48 40.00
C ILE N 214 7.51 -38.58 39.25
N ARG N 215 7.23 -39.68 39.96
CA ARG N 215 6.42 -40.73 39.42
C ARG N 215 5.10 -40.23 38.82
N ALA N 216 4.35 -39.43 39.58
CA ALA N 216 3.09 -38.88 39.04
C ALA N 216 3.32 -38.13 37.71
N ILE N 217 4.41 -37.37 37.64
CA ILE N 217 4.75 -36.57 36.49
C ILE N 217 5.09 -37.48 35.31
N VAL N 218 5.78 -38.58 35.62
CA VAL N 218 6.21 -39.51 34.59
C VAL N 218 4.99 -40.23 34.01
N ASP N 219 4.08 -40.62 34.90
CA ASP N 219 2.81 -41.21 34.51
C ASP N 219 2.02 -40.30 33.56
N GLU N 220 1.88 -39.03 33.92
CA GLU N 220 1.05 -38.13 33.13
C GLU N 220 1.64 -37.91 31.75
N ALA N 221 2.98 -37.78 31.71
CA ALA N 221 3.73 -37.64 30.48
C ALA N 221 3.53 -38.85 29.61
N GLU N 222 3.66 -40.03 30.22
CA GLU N 222 3.48 -41.31 29.52
C GLU N 222 2.06 -41.46 29.01
N ALA N 223 1.09 -41.10 29.85
CA ALA N 223 -0.31 -41.07 29.48
C ALA N 223 -0.55 -40.26 28.23
N ALA N 224 0.31 -39.26 28.01
CA ALA N 224 0.19 -38.38 26.87
C ALA N 224 1.20 -38.74 25.80
N ASN N 225 1.73 -39.96 25.91
CA ASN N 225 2.63 -40.50 24.90
C ASN N 225 3.82 -39.59 24.62
N THR N 226 4.37 -39.04 25.68
CA THR N 226 5.68 -38.41 25.66
C THR N 226 6.46 -38.86 26.89
N TYR N 227 7.49 -38.11 27.28
CA TYR N 227 8.40 -38.53 28.36
C TYR N 227 8.78 -37.34 29.25
N VAL N 228 9.59 -37.60 30.27
CA VAL N 228 10.08 -36.51 31.12
C VAL N 228 11.58 -36.31 30.96
N MET N 229 11.98 -35.08 30.69
CA MET N 229 13.39 -34.67 30.81
C MET N 229 13.64 -34.04 32.20
N ALA N 230 14.77 -34.36 32.79
CA ALA N 230 15.05 -33.99 34.17
C ALA N 230 16.45 -33.37 34.36
N HIS N 231 16.50 -32.31 35.15
CA HIS N 231 17.74 -31.65 35.47
C HIS N 231 18.26 -32.22 36.77
N ALA N 232 19.46 -32.81 36.70
CA ALA N 232 20.12 -33.46 37.86
C ALA N 232 21.64 -33.43 37.75
N TYR N 233 22.31 -33.24 38.89
CA TYR N 233 23.78 -33.19 38.92
C TYR N 233 24.39 -34.43 39.55
N THR N 234 24.07 -34.66 40.82
CA THR N 234 24.68 -35.75 41.56
C THR N 234 24.15 -37.12 41.14
N GLY N 235 25.00 -38.14 41.27
CA GLY N 235 24.61 -39.51 40.99
C GLY N 235 23.45 -39.94 41.86
N ARG N 236 23.38 -39.40 43.08
CA ARG N 236 22.25 -39.64 43.98
C ARG N 236 20.96 -39.10 43.36
N ALA N 237 20.99 -37.85 42.91
CA ALA N 237 19.86 -37.20 42.25
C ALA N 237 19.50 -37.87 40.91
N ILE N 238 20.52 -38.35 40.20
CA ILE N 238 20.28 -39.02 38.93
C ILE N 238 19.60 -40.39 39.09
N ALA N 239 20.07 -41.18 40.05
CA ALA N 239 19.53 -42.51 40.29
C ALA N 239 18.03 -42.46 40.48
N ARG N 240 17.60 -41.78 41.54
CA ARG N 240 16.19 -41.77 41.92
C ARG N 240 15.30 -41.23 40.80
N ALA N 241 15.80 -40.27 40.04
CA ALA N 241 15.07 -39.76 38.86
C ALA N 241 14.79 -40.89 37.86
N VAL N 242 15.83 -41.67 37.57
CA VAL N 242 15.76 -42.72 36.56
C VAL N 242 14.90 -43.89 37.07
N ARG N 243 15.02 -44.15 38.37
CA ARG N 243 14.17 -45.12 39.05
C ARG N 243 12.69 -44.76 39.02
N CYS N 244 12.38 -43.47 38.94
CA CYS N 244 11.00 -42.99 38.85
C CYS N 244 10.54 -42.91 37.40
N GLY N 245 11.48 -43.07 36.48
CA GLY N 245 11.14 -43.42 35.11
C GLY N 245 11.27 -42.25 34.17
N VAL N 246 12.08 -41.27 34.54
CA VAL N 246 12.42 -40.19 33.61
C VAL N 246 13.31 -40.73 32.49
N ARG N 247 13.17 -40.16 31.30
CA ARG N 247 13.78 -40.78 30.12
C ARG N 247 15.11 -40.14 29.77
N THR N 248 15.20 -38.81 29.74
CA THR N 248 16.48 -38.13 29.53
C THR N 248 16.93 -37.30 30.76
N ILE N 249 18.23 -37.33 31.05
CA ILE N 249 18.83 -36.57 32.15
C ILE N 249 19.62 -35.40 31.60
N GLU N 250 19.32 -34.20 32.09
CA GLU N 250 19.99 -32.97 31.64
C GLU N 250 21.20 -32.64 32.53
N HIS N 251 22.29 -32.24 31.87
CA HIS N 251 23.56 -31.96 32.54
C HIS N 251 24.20 -33.25 33.03
N GLY N 252 24.02 -33.55 34.31
CA GLY N 252 24.45 -34.83 34.91
C GLY N 252 25.93 -34.89 35.26
N ASN N 253 26.51 -33.73 35.53
CA ASN N 253 27.94 -33.55 35.57
C ASN N 253 28.64 -34.34 36.67
N LEU N 254 27.89 -34.78 37.67
CA LEU N 254 28.49 -35.43 38.82
C LEU N 254 28.07 -36.90 39.01
N VAL N 255 28.00 -37.65 37.90
CA VAL N 255 27.67 -39.08 37.95
C VAL N 255 28.77 -39.89 38.63
N ASP N 256 28.38 -40.91 39.38
CA ASP N 256 29.22 -42.09 39.56
C ASP N 256 28.82 -43.17 38.53
N GLU N 257 29.63 -44.21 38.43
CA GLU N 257 29.38 -45.27 37.44
C GLU N 257 28.24 -46.20 37.85
N ALA N 258 27.94 -46.27 39.15
CA ALA N 258 26.75 -46.98 39.63
C ALA N 258 25.47 -46.41 39.01
N ALA N 259 25.32 -45.09 39.08
CA ALA N 259 24.19 -44.39 38.46
C ALA N 259 24.23 -44.54 36.92
N ALA N 260 25.37 -44.22 36.32
CA ALA N 260 25.60 -44.46 34.90
C ALA N 260 25.19 -45.87 34.46
N LYS N 261 25.59 -46.87 35.24
CA LYS N 261 25.18 -48.26 35.01
C LYS N 261 23.66 -48.40 35.03
N LEU N 262 23.05 -47.81 36.05
CA LEU N 262 21.61 -47.85 36.26
C LEU N 262 20.89 -47.14 35.10
N MET N 263 21.47 -46.03 34.65
CA MET N 263 20.98 -45.34 33.47
C MET N 263 21.00 -46.25 32.24
N HIS N 264 22.13 -46.92 32.01
CA HIS N 264 22.30 -47.73 30.81
C HIS N 264 21.24 -48.82 30.72
N GLU N 265 21.12 -49.55 31.83
CA GLU N 265 20.06 -50.55 32.00
C GLU N 265 18.69 -50.03 31.61
N HIS N 266 18.28 -48.90 32.19
CA HIS N 266 16.89 -48.40 32.04
C HIS N 266 16.62 -47.81 30.67
N GLY N 267 17.67 -47.63 29.88
CA GLY N 267 17.53 -47.07 28.54
C GLY N 267 17.41 -45.56 28.57
N ALA N 268 17.98 -44.94 29.60
CA ALA N 268 17.88 -43.50 29.80
C ALA N 268 19.04 -42.79 29.11
N PHE N 269 18.73 -41.74 28.35
CA PHE N 269 19.75 -40.89 27.73
C PHE N 269 20.41 -39.93 28.73
N VAL N 270 21.44 -39.24 28.25
CA VAL N 270 21.94 -38.01 28.90
C VAL N 270 22.13 -36.90 27.87
N VAL N 271 21.85 -35.67 28.27
CA VAL N 271 22.21 -34.47 27.52
C VAL N 271 23.11 -33.58 28.40
N PRO N 272 24.43 -33.78 28.33
CA PRO N 272 25.37 -32.87 28.98
C PRO N 272 25.33 -31.49 28.32
N THR N 273 25.76 -30.48 29.06
CA THR N 273 25.76 -29.12 28.54
C THR N 273 27.05 -28.42 28.93
N LEU N 274 28.17 -28.91 28.44
CA LEU N 274 29.47 -28.48 28.97
C LEU N 274 29.83 -27.04 28.59
N VAL N 275 29.48 -26.64 27.36
CA VAL N 275 29.83 -25.31 26.86
C VAL N 275 29.42 -24.20 27.82
N THR N 276 28.27 -24.35 28.45
CA THR N 276 27.69 -23.30 29.26
C THR N 276 28.52 -22.98 30.48
N TYR N 277 29.21 -23.97 31.03
CA TYR N 277 29.98 -23.76 32.23
C TYR N 277 31.28 -23.04 31.92
N ASP N 278 31.74 -23.19 30.66
CA ASP N 278 32.94 -22.52 30.18
C ASP N 278 32.65 -21.07 29.89
N ALA N 279 31.46 -20.82 29.35
CA ALA N 279 31.00 -19.45 29.14
C ALA N 279 30.67 -18.74 30.46
N LEU N 280 30.13 -19.49 31.44
CA LEU N 280 29.79 -18.89 32.74
C LEU N 280 31.02 -18.75 33.59
N ALA N 281 32.09 -19.42 33.18
CA ALA N 281 33.41 -19.21 33.77
C ALA N 281 33.93 -17.82 33.39
N LYS N 282 34.01 -17.56 32.08
CA LYS N 282 34.61 -16.32 31.56
C LYS N 282 33.75 -15.08 31.83
N HIS N 283 32.48 -15.15 31.48
CA HIS N 283 31.63 -13.97 31.50
C HIS N 283 30.44 -14.13 32.44
N GLY N 284 30.70 -14.72 33.60
CA GLY N 284 29.66 -15.04 34.58
C GLY N 284 29.06 -13.83 35.25
N ALA N 285 29.72 -13.33 36.30
CA ALA N 285 29.28 -12.11 36.99
C ALA N 285 29.32 -10.90 36.04
N GLU N 286 30.00 -11.08 34.91
CA GLU N 286 30.15 -10.05 33.89
C GLU N 286 28.87 -9.77 33.10
N PHE N 287 28.10 -10.81 32.80
CA PHE N 287 26.87 -10.63 32.04
C PHE N 287 25.60 -10.55 32.89
N GLY N 288 25.77 -10.30 34.19
CA GLY N 288 24.66 -9.92 35.06
C GLY N 288 23.98 -11.07 35.79
N MET N 289 24.67 -12.21 35.91
CA MET N 289 24.19 -13.34 36.72
C MET N 289 24.72 -13.26 38.15
N PRO N 290 23.80 -13.25 39.15
CA PRO N 290 24.08 -13.02 40.58
C PRO N 290 25.36 -13.68 41.11
N PRO N 291 26.11 -12.95 41.97
CA PRO N 291 27.47 -13.34 42.40
C PRO N 291 27.59 -14.71 43.09
N GLU N 292 26.53 -15.18 43.75
CA GLU N 292 26.54 -16.49 44.41
C GLU N 292 26.11 -17.66 43.50
N SER N 293 25.69 -17.32 42.28
CA SER N 293 25.44 -18.31 41.23
C SER N 293 26.73 -18.66 40.50
N VAL N 294 27.61 -17.67 40.30
CA VAL N 294 28.93 -17.91 39.73
C VAL N 294 29.89 -18.59 40.70
N ALA N 295 29.53 -18.60 41.99
CA ALA N 295 30.28 -19.38 42.99
C ALA N 295 30.09 -20.87 42.74
N LYS N 296 28.86 -21.28 42.41
CA LYS N 296 28.51 -22.69 42.19
C LYS N 296 29.03 -23.27 40.88
N VAL N 297 29.43 -22.41 39.94
CA VAL N 297 29.81 -22.83 38.59
C VAL N 297 31.25 -23.39 38.54
N ALA N 298 32.03 -23.06 39.57
CA ALA N 298 33.39 -23.55 39.70
C ALA N 298 33.43 -25.07 39.74
N SER N 299 32.48 -25.68 40.45
CA SER N 299 32.54 -27.11 40.81
C SER N 299 32.10 -28.08 39.72
N VAL N 300 31.14 -27.68 38.90
CA VAL N 300 30.49 -28.60 37.97
C VAL N 300 31.26 -28.83 36.66
N GLN N 301 32.09 -27.87 36.27
CA GLN N 301 32.86 -27.96 35.02
C GLN N 301 34.07 -28.85 35.18
N GLN N 302 34.51 -28.99 36.44
CA GLN N 302 35.57 -29.92 36.81
C GLN N 302 35.26 -31.33 36.30
N LYS N 303 34.32 -31.99 36.98
CA LYS N 303 33.89 -33.34 36.63
C LYS N 303 33.19 -33.38 35.28
N GLY N 304 33.05 -32.22 34.64
CA GLY N 304 32.31 -32.07 33.40
C GLY N 304 32.80 -32.98 32.30
N ARG N 305 34.07 -32.84 31.93
CA ARG N 305 34.62 -33.66 30.85
C ARG N 305 34.87 -35.10 31.25
N GLU N 306 35.17 -35.31 32.54
CA GLU N 306 35.36 -36.64 33.11
C GLU N 306 34.10 -37.51 33.02
N SER N 307 32.95 -36.90 33.31
CA SER N 307 31.66 -37.59 33.23
C SER N 307 31.35 -38.17 31.84
N LEU N 308 31.66 -37.40 30.79
CA LEU N 308 31.55 -37.83 29.38
C LEU N 308 32.11 -39.24 29.13
N GLU N 309 33.26 -39.51 29.74
CA GLU N 309 33.88 -40.83 29.74
C GLU N 309 33.05 -41.86 30.50
N ILE N 310 32.62 -41.53 31.72
CA ILE N 310 31.85 -42.47 32.55
C ILE N 310 30.58 -42.95 31.82
N TYR N 311 29.95 -42.02 31.11
CA TYR N 311 28.78 -42.34 30.29
C TYR N 311 29.18 -43.24 29.13
N ALA N 312 30.26 -42.88 28.44
CA ALA N 312 30.77 -43.70 27.33
C ALA N 312 31.06 -45.13 27.77
N ASN N 313 31.70 -45.25 28.94
CA ASN N 313 32.04 -46.53 29.55
C ASN N 313 30.83 -47.41 29.89
N ALA N 314 29.84 -46.81 30.54
CA ALA N 314 28.61 -47.50 30.89
C ALA N 314 27.71 -47.74 29.67
N GLY N 315 28.04 -47.06 28.57
CA GLY N 315 27.31 -47.21 27.31
C GLY N 315 25.94 -46.57 27.39
N VAL N 316 25.92 -45.29 27.82
CA VAL N 316 24.69 -44.51 27.98
C VAL N 316 24.66 -43.45 26.89
N LYS N 317 23.65 -43.52 26.03
CA LYS N 317 23.58 -42.61 24.88
C LYS N 317 23.59 -41.14 25.29
N MET N 318 24.27 -40.32 24.50
CA MET N 318 24.53 -38.91 24.85
C MET N 318 24.08 -38.01 23.70
N GLY N 319 23.26 -37.03 23.99
CA GLY N 319 22.87 -36.04 23.00
C GLY N 319 23.59 -34.72 23.19
N PHE N 320 23.41 -33.85 22.21
CA PHE N 320 23.98 -32.49 22.20
C PHE N 320 23.13 -31.48 22.99
N GLY N 321 23.75 -30.81 23.97
CA GLY N 321 23.10 -29.70 24.67
C GLY N 321 23.96 -28.47 24.88
N SER N 322 23.42 -27.30 24.58
CA SER N 322 24.06 -26.04 24.97
C SER N 322 23.64 -25.61 26.37
N ASP N 323 22.41 -25.10 26.48
CA ASP N 323 21.95 -24.43 27.70
C ASP N 323 22.64 -23.09 27.90
N LEU N 324 22.82 -22.33 26.83
CA LEU N 324 23.46 -21.04 26.96
C LEU N 324 22.42 -19.94 27.16
N LEU N 325 22.77 -18.93 27.94
CA LEU N 325 21.84 -17.88 28.35
C LEU N 325 22.34 -16.52 27.89
N GLY N 326 21.43 -15.67 27.44
CA GLY N 326 21.76 -14.31 27.07
C GLY N 326 22.70 -14.25 25.87
N GLU N 327 23.63 -13.29 25.90
CA GLU N 327 24.56 -13.06 24.80
C GLU N 327 25.53 -14.24 24.62
N MET N 328 25.73 -15.01 25.68
CA MET N 328 26.47 -16.27 25.63
C MET N 328 25.86 -17.31 24.68
N HIS N 329 24.78 -16.95 24.00
CA HIS N 329 24.18 -17.80 22.96
C HIS N 329 25.09 -18.02 21.77
N ALA N 330 25.99 -17.08 21.52
CA ALA N 330 26.94 -17.17 20.41
C ALA N 330 27.81 -18.45 20.42
N PHE N 331 28.10 -18.97 21.62
CA PHE N 331 29.09 -20.03 21.77
C PHE N 331 28.55 -21.42 21.45
N GLN N 332 27.40 -21.46 20.78
CA GLN N 332 26.58 -22.67 20.71
C GLN N 332 27.32 -23.87 20.13
N SER N 333 28.08 -23.63 19.07
CA SER N 333 28.65 -24.72 18.31
C SER N 333 29.94 -25.24 18.93
N GLY N 334 30.45 -24.52 19.94
CA GLY N 334 31.65 -24.91 20.64
C GLY N 334 31.56 -26.18 21.48
N GLU N 335 30.34 -26.62 21.78
CA GLU N 335 30.13 -27.90 22.46
C GLU N 335 30.58 -29.10 21.60
N PHE N 336 30.49 -28.95 20.27
CA PHE N 336 31.02 -29.92 19.32
C PHE N 336 32.51 -30.21 19.58
N ARG N 337 33.29 -29.15 19.76
CA ARG N 337 34.72 -29.26 19.98
C ARG N 337 35.02 -29.93 21.32
N ILE N 338 34.37 -29.43 22.37
CA ILE N 338 34.58 -29.93 23.74
C ILE N 338 34.33 -31.43 23.86
N ARG N 339 33.33 -31.92 23.11
CA ARG N 339 32.99 -33.35 23.11
C ARG N 339 33.98 -34.14 22.26
N ALA N 340 34.32 -33.60 21.07
CA ALA N 340 35.31 -34.21 20.16
C ALA N 340 36.68 -34.40 20.82
N GLU N 341 37.01 -33.51 21.75
CA GLU N 341 38.26 -33.63 22.48
C GLU N 341 38.27 -34.82 23.44
N VAL N 342 37.11 -35.35 23.79
CA VAL N 342 37.04 -36.44 24.76
C VAL N 342 36.63 -37.78 24.12
N LEU N 343 35.56 -37.75 23.32
CA LEU N 343 35.16 -38.90 22.51
C LEU N 343 35.42 -38.52 21.05
N GLY N 344 35.49 -39.47 20.14
CA GLY N 344 35.80 -39.13 18.75
C GLY N 344 34.86 -38.07 18.20
N ASN N 345 35.31 -37.29 17.23
CA ASN N 345 34.41 -36.34 16.57
C ASN N 345 33.37 -36.97 15.63
N LEU N 346 33.44 -38.29 15.49
CA LEU N 346 32.29 -39.07 15.03
C LEU N 346 31.19 -39.02 16.09
N GLU N 347 31.55 -39.37 17.33
CA GLU N 347 30.61 -39.37 18.46
C GLU N 347 30.01 -38.00 18.73
N ALA N 348 30.85 -36.97 18.71
CA ALA N 348 30.38 -35.60 18.74
C ALA N 348 29.30 -35.29 17.69
N LEU N 349 29.48 -35.73 16.44
CA LEU N 349 28.47 -35.47 15.42
C LEU N 349 27.23 -36.33 15.60
N ARG N 350 27.40 -37.52 16.19
CA ARG N 350 26.29 -38.42 16.45
C ARG N 350 25.31 -37.84 17.48
N SER N 351 25.86 -37.17 18.49
CA SER N 351 25.07 -36.58 19.58
CA SER N 351 25.07 -36.58 19.57
C SER N 351 24.05 -35.56 19.08
N ALA N 352 24.39 -34.82 18.02
CA ALA N 352 23.53 -33.75 17.51
C ALA N 352 22.79 -34.18 16.25
N THR N 353 22.79 -35.48 15.99
CA THR N 353 22.14 -36.04 14.80
C THR N 353 21.34 -37.30 15.15
N THR N 354 22.01 -38.46 15.17
CA THR N 354 21.31 -39.75 15.28
C THR N 354 20.77 -39.99 16.69
N VAL N 355 21.66 -39.82 17.68
CA VAL N 355 21.26 -39.93 19.08
C VAL N 355 20.22 -38.87 19.43
N ALA N 356 20.37 -37.68 18.85
CA ALA N 356 19.47 -36.58 19.14
C ALA N 356 18.04 -36.89 18.67
N ALA N 357 17.93 -37.30 17.40
CA ALA N 357 16.64 -37.56 16.77
C ALA N 357 15.86 -38.67 17.49
N GLU N 358 16.59 -39.61 18.08
CA GLU N 358 16.02 -40.64 18.93
C GLU N 358 15.46 -40.04 20.23
N ILE N 359 16.14 -39.03 20.78
CA ILE N 359 15.69 -38.40 22.03
C ILE N 359 14.36 -37.68 21.81
N VAL N 360 14.26 -36.93 20.70
CA VAL N 360 13.00 -36.27 20.33
C VAL N 360 12.00 -37.19 19.59
N ASN N 361 12.17 -38.50 19.76
CA ASN N 361 11.31 -39.52 19.14
C ASN N 361 11.08 -39.28 17.66
N MET N 362 12.14 -38.95 16.95
CA MET N 362 12.03 -38.70 15.52
C MET N 362 13.03 -39.50 14.68
N GLN N 363 13.48 -40.65 15.19
CA GLN N 363 14.45 -41.49 14.46
C GLN N 363 13.92 -42.00 13.12
N GLY N 364 14.74 -41.84 12.09
CA GLY N 364 14.27 -42.10 10.75
C GLY N 364 13.63 -40.87 10.13
N GLN N 365 13.16 -39.95 10.98
CA GLN N 365 12.56 -38.69 10.52
C GLN N 365 13.58 -37.54 10.37
N LEU N 366 14.41 -37.37 11.40
CA LEU N 366 15.50 -36.39 11.39
C LEU N 366 16.79 -37.09 11.79
N GLY N 367 17.89 -36.36 11.74
CA GLY N 367 19.20 -36.85 12.18
C GLY N 367 19.83 -37.90 11.27
N VAL N 368 19.30 -38.03 10.05
CA VAL N 368 19.78 -39.01 9.07
C VAL N 368 19.37 -38.63 7.65
N ILE N 369 20.34 -38.67 6.74
CA ILE N 369 20.07 -38.56 5.30
C ILE N 369 19.78 -39.94 4.73
N ALA N 370 18.50 -40.25 4.59
CA ALA N 370 18.09 -41.49 3.94
C ALA N 370 16.79 -41.22 3.21
N VAL N 371 16.34 -42.18 2.42
CA VAL N 371 15.10 -42.03 1.67
C VAL N 371 13.91 -42.02 2.63
N GLY N 372 13.02 -41.04 2.44
CA GLY N 372 11.84 -40.91 3.27
C GLY N 372 12.00 -39.94 4.43
N ALA N 373 13.24 -39.67 4.83
CA ALA N 373 13.50 -38.73 5.94
C ALA N 373 13.17 -37.30 5.53
N ILE N 374 12.94 -36.44 6.52
CA ILE N 374 12.63 -35.03 6.26
C ILE N 374 13.92 -34.31 5.80
N ALA N 375 13.74 -33.32 4.91
CA ALA N 375 14.87 -32.64 4.26
C ALA N 375 15.45 -31.51 5.11
N ASP N 376 16.13 -31.92 6.19
CA ASP N 376 16.81 -31.02 7.12
C ASP N 376 18.32 -31.21 6.97
N LEU N 377 18.92 -30.41 6.10
CA LEU N 377 20.29 -30.64 5.65
C LEU N 377 21.18 -29.45 5.93
N VAL N 378 22.43 -29.76 6.28
CA VAL N 378 23.48 -28.75 6.37
C VAL N 378 24.55 -29.01 5.30
N VAL N 379 24.87 -27.97 4.52
CA VAL N 379 25.99 -28.02 3.59
C VAL N 379 27.27 -27.40 4.17
N LEU N 380 28.29 -28.24 4.32
CA LEU N 380 29.45 -27.94 5.16
C LEU N 380 30.76 -27.84 4.36
N ASP N 381 31.42 -26.69 4.44
CA ASP N 381 32.68 -26.45 3.71
C ASP N 381 33.85 -27.13 4.42
N GLY N 382 34.17 -28.37 4.01
CA GLY N 382 35.24 -29.12 4.63
C GLY N 382 34.70 -30.41 5.21
N ASN N 383 35.57 -31.16 5.88
CA ASN N 383 35.17 -32.43 6.47
C ASN N 383 35.26 -32.43 8.00
N PRO N 384 34.09 -32.48 8.66
CA PRO N 384 33.96 -32.53 10.12
C PRO N 384 34.57 -33.77 10.74
N LEU N 385 34.66 -34.85 9.95
CA LEU N 385 35.11 -36.14 10.47
C LEU N 385 36.60 -36.12 10.81
N GLU N 386 37.34 -35.18 10.20
CA GLU N 386 38.75 -35.00 10.52
C GLU N 386 39.00 -33.68 11.23
N ASP N 387 38.38 -32.62 10.72
CA ASP N 387 38.42 -31.32 11.39
C ASP N 387 37.06 -30.97 12.02
N ILE N 388 36.97 -31.10 13.35
CA ILE N 388 35.75 -30.74 14.08
C ILE N 388 35.43 -29.23 14.01
N GLY N 389 36.45 -28.43 13.73
CA GLY N 389 36.33 -27.00 13.61
C GLY N 389 35.43 -26.52 12.49
N VAL N 390 35.15 -27.36 11.49
CA VAL N 390 34.30 -26.92 10.37
C VAL N 390 32.84 -26.74 10.84
N VAL N 391 32.56 -27.30 12.01
CA VAL N 391 31.25 -27.16 12.66
C VAL N 391 31.34 -26.25 13.89
N ALA N 392 32.36 -26.48 14.73
CA ALA N 392 32.46 -25.87 16.06
C ALA N 392 32.99 -24.42 16.08
N ASP N 393 32.90 -23.72 14.94
CA ASP N 393 33.47 -22.39 14.82
C ASP N 393 32.39 -21.31 14.69
N GLU N 394 31.33 -21.45 15.47
CA GLU N 394 30.12 -20.64 15.35
C GLU N 394 29.57 -20.74 13.92
N GLY N 395 29.50 -21.96 13.41
CA GLY N 395 29.36 -22.16 11.97
C GLY N 395 30.63 -21.72 11.27
N ALA N 396 30.64 -20.46 10.81
CA ALA N 396 31.68 -19.92 9.91
C ALA N 396 31.77 -20.69 8.59
N ARG N 397 31.74 -22.02 8.70
CA ARG N 397 31.95 -22.91 7.57
C ARG N 397 30.71 -23.73 7.21
N VAL N 398 29.55 -23.10 7.33
CA VAL N 398 28.30 -23.65 6.81
C VAL N 398 27.68 -22.64 5.85
N GLU N 399 27.50 -23.05 4.60
CA GLU N 399 27.05 -22.12 3.57
C GLU N 399 25.63 -22.37 3.06
N TYR N 400 25.12 -23.58 3.27
CA TYR N 400 23.69 -23.85 3.03
C TYR N 400 22.98 -24.54 4.19
N VAL N 401 21.78 -24.04 4.49
CA VAL N 401 20.88 -24.71 5.43
C VAL N 401 19.51 -24.96 4.79
N LEU N 402 19.18 -26.24 4.67
CA LEU N 402 17.92 -26.70 4.14
C LEU N 402 16.97 -27.13 5.25
N GLN N 403 15.74 -26.65 5.20
CA GLN N 403 14.78 -26.97 6.24
C GLN N 403 13.41 -27.36 5.68
N ARG N 404 13.04 -28.63 5.88
CA ARG N 404 11.81 -29.19 5.30
C ARG N 404 11.72 -28.86 3.80
N GLY N 405 12.73 -29.33 3.08
CA GLY N 405 12.82 -29.10 1.64
C GLY N 405 13.46 -27.78 1.29
N THR N 406 12.86 -26.70 1.77
CA THR N 406 13.23 -25.35 1.33
C THR N 406 14.60 -24.90 1.89
N LEU N 407 15.25 -23.98 1.18
CA LEU N 407 16.56 -23.46 1.58
C LEU N 407 16.39 -22.18 2.39
N VAL N 408 17.02 -22.15 3.56
CA VAL N 408 16.76 -21.05 4.50
C VAL N 408 17.98 -20.20 4.81
N LYS N 409 19.19 -20.76 4.62
CA LYS N 409 20.41 -19.97 4.77
C LYS N 409 21.35 -20.13 3.56
N ARG N 410 21.80 -19.00 3.02
CA ARG N 410 22.88 -18.97 2.03
C ARG N 410 24.03 -18.09 2.53
N GLN N 411 25.17 -18.71 2.82
CA GLN N 411 26.28 -18.04 3.50
C GLN N 411 27.60 -18.28 2.79
N THR O 4 -57.35 -49.95 36.76
CA THR O 4 -57.83 -50.87 35.68
C THR O 4 -56.70 -51.51 34.85
N ILE O 5 -57.02 -51.94 33.63
CA ILE O 5 -56.37 -53.11 33.04
C ILE O 5 -56.44 -53.05 31.50
N THR O 6 -55.44 -53.62 30.82
CA THR O 6 -55.34 -53.52 29.35
C THR O 6 -54.88 -54.85 28.74
N VAL O 7 -55.31 -55.13 27.51
CA VAL O 7 -54.90 -56.35 26.82
C VAL O 7 -54.48 -56.06 25.38
N LEU O 8 -53.22 -56.34 25.07
CA LEU O 8 -52.78 -56.45 23.68
C LEU O 8 -53.08 -57.85 23.16
N GLN O 9 -54.04 -57.93 22.25
CA GLN O 9 -54.59 -59.23 21.85
C GLN O 9 -54.10 -59.75 20.49
N GLY O 10 -53.82 -61.05 20.46
CA GLY O 10 -53.48 -61.75 19.22
C GLY O 10 -52.19 -61.27 18.61
N GLY O 11 -51.26 -60.82 19.45
CA GLY O 11 -49.95 -60.38 19.01
C GLY O 11 -48.97 -61.53 18.89
N ASN O 12 -47.91 -61.32 18.12
CA ASN O 12 -46.81 -62.28 18.06
C ASN O 12 -45.66 -61.86 18.98
N VAL O 13 -45.69 -62.39 20.20
CA VAL O 13 -44.77 -61.96 21.26
C VAL O 13 -43.36 -62.45 21.01
N LEU O 14 -42.41 -61.52 20.93
CA LEU O 14 -41.01 -61.86 20.75
C LEU O 14 -40.42 -62.36 22.06
N ASP O 15 -39.98 -63.60 22.06
CA ASP O 15 -39.16 -64.10 23.15
C ASP O 15 -37.70 -64.17 22.73
N LEU O 16 -36.85 -63.51 23.52
CA LEU O 16 -35.52 -63.15 23.06
C LEU O 16 -34.46 -64.21 23.39
N GLU O 17 -34.62 -64.90 24.51
CA GLU O 17 -33.66 -65.92 24.96
C GLU O 17 -33.83 -67.23 24.19
N ARG O 18 -34.97 -67.38 23.53
CA ARG O 18 -35.23 -68.53 22.67
C ARG O 18 -35.10 -68.14 21.20
N GLY O 19 -35.42 -66.89 20.90
CA GLY O 19 -35.20 -66.36 19.56
C GLY O 19 -36.32 -66.72 18.61
N VAL O 20 -37.54 -66.63 19.11
CA VAL O 20 -38.71 -66.94 18.28
C VAL O 20 -39.88 -65.99 18.60
N LEU O 21 -40.72 -65.75 17.59
CA LEU O 21 -42.03 -65.18 17.81
C LEU O 21 -42.97 -66.24 18.40
N LEU O 22 -43.91 -65.83 19.24
CA LEU O 22 -44.93 -66.74 19.73
C LEU O 22 -46.28 -66.22 19.28
N GLU O 23 -46.84 -66.81 18.23
CA GLU O 23 -47.97 -66.21 17.54
C GLU O 23 -49.27 -66.33 18.32
N HIS O 24 -50.14 -65.35 18.11
CA HIS O 24 -51.43 -65.26 18.78
C HIS O 24 -51.35 -65.48 20.28
N HIS O 25 -50.31 -64.90 20.89
CA HIS O 25 -50.26 -64.73 22.33
C HIS O 25 -50.79 -63.34 22.72
N HIS O 26 -51.70 -63.33 23.67
CA HIS O 26 -52.19 -62.09 24.25
C HIS O 26 -51.23 -61.69 25.34
N VAL O 27 -51.19 -60.40 25.67
CA VAL O 27 -50.45 -59.95 26.83
C VAL O 27 -51.30 -59.02 27.70
N VAL O 28 -51.34 -59.32 29.00
CA VAL O 28 -52.24 -58.64 29.92
C VAL O 28 -51.55 -57.68 30.88
N ILE O 29 -51.91 -56.40 30.78
CA ILE O 29 -51.36 -55.35 31.62
C ILE O 29 -52.33 -55.00 32.73
N ASP O 30 -51.87 -55.03 33.97
CA ASP O 30 -52.58 -54.38 35.07
C ASP O 30 -51.67 -53.35 35.76
N GLY O 31 -52.15 -52.11 35.85
CA GLY O 31 -51.33 -51.02 36.35
C GLY O 31 -50.18 -50.74 35.42
N GLU O 32 -48.96 -50.96 35.91
CA GLU O 32 -47.75 -50.71 35.12
C GLU O 32 -47.04 -52.00 34.71
N ARG O 33 -47.57 -53.13 35.17
CA ARG O 33 -46.88 -54.41 35.08
C ARG O 33 -47.59 -55.38 34.15
N ILE O 34 -46.81 -56.29 33.57
CA ILE O 34 -47.36 -57.38 32.79
C ILE O 34 -47.74 -58.54 33.71
N VAL O 35 -49.03 -58.89 33.69
CA VAL O 35 -49.58 -59.93 34.58
C VAL O 35 -49.70 -61.30 33.89
N GLU O 36 -49.99 -61.32 32.59
CA GLU O 36 -50.10 -62.57 31.87
C GLU O 36 -49.62 -62.47 30.43
N VAL O 37 -48.88 -63.48 30.00
CA VAL O 37 -48.62 -63.70 28.58
C VAL O 37 -49.07 -65.10 28.19
N THR O 38 -50.06 -65.19 27.32
CA THR O 38 -50.71 -66.47 27.01
C THR O 38 -51.35 -66.47 25.63
N ASP O 39 -51.57 -67.67 25.10
CA ASP O 39 -52.37 -67.85 23.89
C ASP O 39 -53.78 -68.37 24.20
N ARG O 40 -54.19 -68.23 25.46
CA ARG O 40 -55.60 -68.38 25.85
C ARG O 40 -56.50 -67.42 25.08
N PRO O 41 -57.74 -67.86 24.78
CA PRO O 41 -58.84 -66.90 24.77
C PRO O 41 -58.94 -66.28 26.16
N VAL O 42 -58.78 -64.97 26.24
CA VAL O 42 -58.57 -64.35 27.54
C VAL O 42 -59.83 -63.61 28.00
N ASP O 43 -59.98 -63.53 29.33
CA ASP O 43 -61.26 -63.25 29.95
C ASP O 43 -61.45 -61.76 30.23
N LEU O 44 -61.55 -60.95 29.17
CA LEU O 44 -61.52 -59.49 29.34
C LEU O 44 -62.88 -58.85 29.62
N PRO O 45 -63.12 -58.46 30.87
CA PRO O 45 -64.38 -57.78 31.18
C PRO O 45 -64.28 -56.29 30.90
N ASN O 46 -63.40 -55.60 31.64
CA ASN O 46 -63.23 -54.15 31.54
C ASN O 46 -61.83 -53.73 31.08
N ALA O 47 -61.23 -54.54 30.21
CA ALA O 47 -59.89 -54.26 29.70
C ALA O 47 -59.95 -53.44 28.41
N GLN O 48 -59.05 -52.46 28.30
CA GLN O 48 -58.81 -51.81 27.01
C GLN O 48 -58.17 -52.80 26.04
N ALA O 49 -59.00 -53.38 25.17
CA ALA O 49 -58.48 -54.23 24.12
C ALA O 49 -57.83 -53.33 23.06
N ILE O 50 -56.54 -53.56 22.80
CA ILE O 50 -55.91 -53.02 21.60
C ILE O 50 -55.56 -54.18 20.68
N ASP O 51 -56.06 -54.12 19.45
CA ASP O 51 -56.00 -55.28 18.58
C ASP O 51 -54.67 -55.36 17.86
N VAL O 52 -53.89 -56.38 18.18
CA VAL O 52 -52.54 -56.49 17.64
C VAL O 52 -52.38 -57.73 16.76
N ARG O 53 -53.38 -57.99 15.92
CA ARG O 53 -53.36 -59.19 15.10
C ARG O 53 -52.24 -59.16 14.06
N GLY O 54 -51.50 -60.26 13.93
CA GLY O 54 -50.39 -60.37 12.98
C GLY O 54 -49.34 -59.26 13.05
N LYS O 55 -49.06 -58.77 14.25
CA LYS O 55 -48.04 -57.75 14.48
C LYS O 55 -47.13 -58.15 15.64
N THR O 56 -45.85 -57.79 15.56
CA THR O 56 -44.88 -58.13 16.60
C THR O 56 -45.02 -57.25 17.82
N VAL O 57 -45.21 -57.86 18.98
CA VAL O 57 -45.09 -57.16 20.24
C VAL O 57 -43.84 -57.60 20.98
N MET O 58 -42.93 -56.65 21.20
CA MET O 58 -41.66 -56.90 21.88
C MET O 58 -41.44 -55.83 22.96
N PRO O 59 -40.41 -56.00 23.80
CA PRO O 59 -40.18 -54.99 24.86
C PRO O 59 -39.67 -53.69 24.26
N GLY O 60 -40.01 -52.57 24.90
CA GLY O 60 -39.50 -51.26 24.49
C GLY O 60 -37.99 -51.22 24.54
N PHE O 61 -37.38 -50.55 23.57
CA PHE O 61 -35.92 -50.61 23.42
C PHE O 61 -35.24 -49.76 24.48
N ILE O 62 -34.03 -50.16 24.83
CA ILE O 62 -33.19 -49.40 25.74
C ILE O 62 -31.92 -48.93 25.02
N ASP O 63 -31.72 -47.63 24.93
CA ASP O 63 -30.46 -47.09 24.43
C ASP O 63 -29.46 -46.73 25.53
N CYS O 64 -28.33 -47.42 25.53
CA CYS O 64 -27.37 -47.32 26.64
C CYS O 64 -26.46 -46.10 26.63
N HIS O 65 -26.50 -45.32 25.55
CA HIS O 65 -25.56 -44.22 25.38
C HIS O 65 -26.13 -43.11 24.53
N VAL O 66 -26.76 -42.15 25.19
CA VAL O 66 -27.26 -40.97 24.52
C VAL O 66 -26.85 -39.69 25.24
N HIS O 67 -26.92 -38.57 24.52
CA HIS O 67 -26.76 -37.27 25.13
C HIS O 67 -27.99 -36.44 24.82
N VAL O 68 -29.03 -36.64 25.63
CA VAL O 68 -30.32 -35.98 25.43
C VAL O 68 -30.22 -34.46 25.29
N LEU O 69 -29.16 -33.87 25.86
CA LEU O 69 -29.01 -32.42 25.85
C LEU O 69 -28.04 -31.89 24.79
N ALA O 70 -27.52 -32.79 23.96
CA ALA O 70 -26.69 -32.40 22.80
C ALA O 70 -27.57 -31.98 21.62
N SER O 71 -28.01 -30.72 21.66
CA SER O 71 -28.94 -30.17 20.69
C SER O 71 -28.23 -29.55 19.49
N ASN O 72 -26.92 -29.40 19.57
CA ASN O 72 -26.09 -29.24 18.37
C ASN O 72 -24.70 -29.86 18.48
N ALA O 73 -24.09 -30.11 17.32
CA ALA O 73 -22.94 -31.02 17.19
C ALA O 73 -21.65 -30.52 17.83
N ASN O 74 -21.50 -29.21 17.92
CA ASN O 74 -20.37 -28.65 18.62
C ASN O 74 -20.69 -28.65 20.11
N LEU O 75 -20.14 -29.63 20.81
CA LEU O 75 -20.42 -29.77 22.23
C LEU O 75 -19.92 -28.56 23.01
N GLY O 76 -18.87 -27.94 22.47
CA GLY O 76 -18.31 -26.73 23.06
C GLY O 76 -19.36 -25.63 23.11
N VAL O 77 -20.04 -25.40 21.98
CA VAL O 77 -21.01 -24.32 21.91
C VAL O 77 -22.34 -24.71 22.54
N ASN O 78 -22.57 -26.02 22.62
CA ASN O 78 -23.68 -26.58 23.35
C ASN O 78 -23.61 -26.22 24.84
N ALA O 79 -22.39 -26.22 25.37
CA ALA O 79 -22.18 -25.97 26.80
C ALA O 79 -22.42 -24.49 27.09
N THR O 80 -22.17 -23.65 26.10
CA THR O 80 -22.24 -22.20 26.29
C THR O 80 -23.59 -21.61 25.94
N GLN O 81 -24.50 -22.41 25.42
CA GLN O 81 -25.86 -21.94 25.16
C GLN O 81 -26.58 -21.67 26.49
N PRO O 82 -27.50 -20.68 26.52
CA PRO O 82 -28.18 -20.30 27.77
C PRO O 82 -28.94 -21.47 28.37
N ASN O 83 -29.24 -21.39 29.67
CA ASN O 83 -29.71 -22.57 30.38
C ASN O 83 -31.07 -23.01 29.89
N ILE O 84 -32.01 -22.07 29.96
CA ILE O 84 -33.37 -22.36 29.56
C ILE O 84 -33.46 -22.85 28.10
N LEU O 85 -32.65 -22.28 27.21
CA LEU O 85 -32.59 -22.74 25.83
C LEU O 85 -32.05 -24.15 25.66
N ALA O 86 -31.11 -24.55 26.51
CA ALA O 86 -30.58 -25.92 26.50
C ALA O 86 -31.65 -26.93 26.89
N ALA O 87 -32.47 -26.57 27.88
CA ALA O 87 -33.59 -27.40 28.31
C ALA O 87 -34.61 -27.53 27.19
N ILE O 88 -35.17 -26.40 26.77
CA ILE O 88 -36.19 -26.38 25.71
C ILE O 88 -35.79 -27.29 24.56
N ARG O 89 -34.57 -27.13 24.05
CA ARG O 89 -34.18 -27.82 22.82
C ARG O 89 -34.05 -29.33 22.97
N SER O 90 -34.07 -29.81 24.22
CA SER O 90 -33.95 -31.24 24.48
C SER O 90 -35.28 -31.92 24.31
N LEU O 91 -36.36 -31.16 24.40
CA LEU O 91 -37.71 -31.73 24.36
C LEU O 91 -38.10 -32.49 23.07
N PRO O 92 -37.84 -31.90 21.89
CA PRO O 92 -38.02 -32.63 20.64
C PRO O 92 -37.18 -33.90 20.59
N ILE O 93 -35.93 -33.80 21.05
CA ILE O 93 -35.01 -34.94 21.11
C ILE O 93 -35.62 -36.12 21.87
N LEU O 94 -36.12 -35.84 23.07
CA LEU O 94 -36.72 -36.88 23.90
C LEU O 94 -37.95 -37.46 23.24
N ASP O 95 -38.77 -36.56 22.67
CA ASP O 95 -40.01 -36.95 22.05
C ASP O 95 -39.79 -37.82 20.82
N ALA O 96 -38.80 -37.46 20.01
CA ALA O 96 -38.45 -38.23 18.82
C ALA O 96 -37.92 -39.62 19.18
N MET O 97 -37.21 -39.71 20.29
CA MET O 97 -36.66 -40.99 20.74
C MET O 97 -37.81 -41.93 21.10
N LEU O 98 -38.77 -41.43 21.86
CA LEU O 98 -39.88 -42.27 22.32
C LEU O 98 -40.63 -42.84 21.14
N SER O 99 -40.87 -41.99 20.15
CA SER O 99 -41.61 -42.34 18.94
C SER O 99 -40.85 -43.36 18.08
N ARG O 100 -39.55 -43.44 18.28
CA ARG O 100 -38.75 -44.48 17.64
C ARG O 100 -38.77 -45.78 18.45
N GLY O 101 -39.53 -45.79 19.54
CA GLY O 101 -39.73 -47.02 20.33
C GLY O 101 -38.77 -47.21 21.50
N PHE O 102 -37.95 -46.20 21.76
CA PHE O 102 -37.00 -46.26 22.87
C PHE O 102 -37.69 -45.82 24.16
N THR O 103 -37.90 -46.78 25.07
CA THR O 103 -38.66 -46.50 26.29
C THR O 103 -37.76 -46.18 27.48
N SER O 104 -36.49 -46.55 27.37
CA SER O 104 -35.50 -46.18 28.35
C SER O 104 -34.22 -45.75 27.68
N VAL O 105 -33.59 -44.71 28.23
CA VAL O 105 -32.25 -44.31 27.80
C VAL O 105 -31.33 -44.14 28.99
N ARG O 106 -30.08 -44.57 28.81
CA ARG O 106 -28.99 -44.23 29.72
C ARG O 106 -28.23 -43.00 29.19
N ASP O 107 -28.43 -41.85 29.83
CA ASP O 107 -27.78 -40.60 29.37
C ASP O 107 -26.32 -40.52 29.82
N ALA O 108 -25.44 -40.26 28.86
CA ALA O 108 -23.99 -40.39 29.06
C ALA O 108 -23.29 -39.06 29.38
N GLY O 109 -23.93 -38.25 30.20
CA GLY O 109 -23.44 -36.90 30.49
C GLY O 109 -24.33 -35.85 29.88
N GLY O 110 -24.93 -35.03 30.73
CA GLY O 110 -25.87 -34.01 30.29
C GLY O 110 -27.11 -34.01 31.17
N ALA O 111 -27.92 -35.04 31.00
CA ALA O 111 -29.19 -35.14 31.70
C ALA O 111 -28.98 -35.33 33.18
N ASP O 112 -29.94 -34.83 33.96
CA ASP O 112 -29.84 -34.85 35.39
C ASP O 112 -31.12 -35.44 35.99
N TRP O 113 -31.17 -35.45 37.32
CA TRP O 113 -32.31 -35.95 38.08
C TRP O 113 -33.61 -35.18 37.82
N SER O 114 -33.51 -33.89 37.53
CA SER O 114 -34.69 -33.12 37.17
C SER O 114 -35.36 -33.57 35.87
N LEU O 115 -34.56 -33.83 34.83
CA LEU O 115 -35.10 -34.32 33.57
C LEU O 115 -35.70 -35.71 33.74
N MET O 116 -35.08 -36.52 34.60
CA MET O 116 -35.60 -37.82 34.94
C MET O 116 -36.99 -37.69 35.55
N GLN O 117 -37.14 -36.75 36.48
CA GLN O 117 -38.41 -36.49 37.14
C GLN O 117 -39.49 -36.02 36.19
N ALA O 118 -39.12 -35.14 35.26
CA ALA O 118 -40.07 -34.59 34.29
C ALA O 118 -40.76 -35.67 33.48
N VAL O 119 -40.02 -36.65 32.97
CA VAL O 119 -40.67 -37.75 32.25
C VAL O 119 -41.49 -38.63 33.16
N GLU O 120 -41.00 -38.88 34.37
CA GLU O 120 -41.64 -39.78 35.34
C GLU O 120 -42.91 -39.23 35.99
N THR O 121 -42.98 -37.91 36.14
CA THR O 121 -44.23 -37.28 36.56
C THR O 121 -45.09 -36.92 35.37
N GLY O 122 -44.63 -37.29 34.17
CA GLY O 122 -45.37 -37.04 32.94
C GLY O 122 -45.38 -35.58 32.50
N LEU O 123 -44.61 -34.75 33.19
CA LEU O 123 -44.45 -33.34 32.84
C LEU O 123 -43.85 -33.14 31.46
N VAL O 124 -43.31 -34.21 30.89
CA VAL O 124 -42.59 -34.15 29.61
C VAL O 124 -42.60 -35.52 28.94
N SER O 125 -42.66 -35.53 27.62
CA SER O 125 -42.75 -36.78 26.89
C SER O 125 -41.39 -37.30 26.42
N GLY O 126 -41.03 -38.50 26.87
CA GLY O 126 -39.80 -39.17 26.45
C GLY O 126 -39.55 -40.46 27.21
N PRO O 127 -38.38 -41.09 26.97
CA PRO O 127 -37.96 -42.32 27.66
C PRO O 127 -37.71 -42.10 29.13
N ARG O 128 -37.74 -43.17 29.92
CA ARG O 128 -37.14 -43.14 31.25
C ARG O 128 -35.67 -42.82 31.09
N ILE O 129 -35.20 -41.88 31.90
CA ILE O 129 -33.80 -41.51 31.85
C ILE O 129 -33.08 -42.09 33.04
N PHE O 130 -31.97 -42.79 32.74
CA PHE O 130 -30.96 -43.11 33.73
C PHE O 130 -29.81 -42.11 33.61
N PRO O 131 -29.81 -41.06 34.45
CA PRO O 131 -28.89 -39.94 34.32
C PRO O 131 -27.50 -40.19 34.91
N SER O 132 -26.47 -39.77 34.18
CA SER O 132 -25.12 -39.75 34.71
C SER O 132 -24.83 -38.48 35.51
N GLY O 133 -25.66 -37.45 35.32
CA GLY O 133 -25.31 -36.10 35.74
C GLY O 133 -24.35 -35.47 34.74
N LYS O 134 -23.11 -35.27 35.17
CA LYS O 134 -22.07 -34.79 34.24
C LYS O 134 -20.90 -35.73 34.21
N ALA O 135 -20.45 -36.05 33.01
CA ALA O 135 -19.29 -36.89 32.81
C ALA O 135 -18.10 -36.24 33.49
N LEU O 136 -17.29 -37.07 34.16
CA LEU O 136 -16.05 -36.60 34.76
C LEU O 136 -14.92 -36.69 33.75
N SER O 137 -14.24 -35.56 33.53
CA SER O 137 -13.11 -35.50 32.62
C SER O 137 -11.94 -34.82 33.30
N GLN O 138 -10.73 -35.32 33.04
CA GLN O 138 -9.53 -34.62 33.45
C GLN O 138 -9.28 -33.37 32.63
N THR O 139 -8.33 -32.55 33.07
CA THR O 139 -7.96 -31.31 32.41
C THR O 139 -7.34 -31.63 31.06
N GLY O 140 -7.80 -30.92 30.03
CA GLY O 140 -7.38 -31.18 28.65
C GLY O 140 -7.93 -32.49 28.13
N GLY O 141 -8.91 -33.04 28.85
CA GLY O 141 -9.48 -34.33 28.49
C GLY O 141 -10.62 -34.27 27.49
N HIS O 142 -11.22 -35.42 27.23
CA HIS O 142 -12.32 -35.52 26.26
C HIS O 142 -13.52 -34.64 26.61
N GLY O 143 -13.57 -34.17 27.86
CA GLY O 143 -14.69 -33.36 28.30
C GLY O 143 -14.30 -31.92 28.55
N ASP O 144 -13.02 -31.62 28.33
CA ASP O 144 -12.52 -30.24 28.40
C ASP O 144 -12.59 -29.59 27.02
N PHE O 145 -13.46 -28.60 26.87
CA PHE O 145 -13.74 -28.04 25.57
C PHE O 145 -13.00 -26.72 25.32
N ARG O 146 -11.99 -26.47 26.15
CA ARG O 146 -11.23 -25.23 26.04
C ARG O 146 -10.21 -25.32 24.92
N PRO O 147 -10.14 -24.26 24.09
CA PRO O 147 -9.21 -24.22 22.96
C PRO O 147 -7.75 -24.20 23.41
N ARG O 148 -6.85 -24.69 22.56
CA ARG O 148 -5.43 -24.81 22.88
C ARG O 148 -4.79 -23.55 23.47
N SER O 156 -14.10 -22.41 36.32
CA SER O 156 -15.37 -22.07 35.66
C SER O 156 -16.63 -22.13 36.53
N CYS O 157 -16.55 -22.28 37.84
CA CYS O 157 -17.62 -21.78 38.70
C CYS O 157 -18.90 -22.65 38.83
N CYS O 158 -19.67 -22.74 37.73
CA CYS O 158 -21.08 -23.09 37.80
C CYS O 158 -21.55 -23.94 36.64
N PHE O 159 -22.48 -24.85 36.90
CA PHE O 159 -22.81 -25.87 35.92
C PHE O 159 -23.87 -25.41 34.94
N ARG O 160 -23.43 -25.19 33.71
CA ARG O 160 -24.32 -24.94 32.58
C ARG O 160 -25.14 -26.20 32.27
N THR O 161 -26.44 -26.03 32.07
CA THR O 161 -27.28 -27.20 31.88
C THR O 161 -27.07 -27.81 30.49
N GLY O 162 -26.28 -27.16 29.65
CA GLY O 162 -25.97 -27.69 28.34
C GLY O 162 -24.61 -28.37 28.28
N ALA O 163 -23.97 -28.48 29.43
CA ALA O 163 -22.62 -29.06 29.48
C ALA O 163 -22.66 -30.55 29.71
N ILE O 164 -21.90 -31.31 28.92
CA ILE O 164 -21.91 -32.77 28.97
C ILE O 164 -21.00 -33.26 30.13
N ALA O 165 -19.85 -32.62 30.27
CA ALA O 165 -18.88 -33.03 31.26
C ALA O 165 -18.63 -31.94 32.30
N ARG O 166 -17.80 -32.30 33.29
CA ARG O 166 -17.19 -31.32 34.19
C ARG O 166 -15.73 -31.71 34.34
N VAL O 167 -14.87 -30.70 34.42
CA VAL O 167 -13.44 -30.96 34.59
C VAL O 167 -13.08 -31.09 36.07
N VAL O 168 -12.48 -32.22 36.43
CA VAL O 168 -12.03 -32.49 37.79
C VAL O 168 -10.82 -33.38 37.70
N ASP O 169 -9.77 -33.01 38.42
CA ASP O 169 -8.57 -33.82 38.52
C ASP O 169 -8.28 -34.08 39.98
N GLY O 170 -7.63 -35.21 40.26
CA GLY O 170 -7.10 -35.50 41.58
C GLY O 170 -7.94 -36.50 42.35
N VAL O 171 -7.30 -37.28 43.23
CA VAL O 171 -7.99 -38.35 43.91
C VAL O 171 -9.12 -37.77 44.75
N GLU O 172 -8.79 -36.72 45.48
CA GLU O 172 -9.79 -36.13 46.35
C GLU O 172 -10.83 -35.38 45.55
N GLY O 173 -10.39 -34.85 44.41
CA GLY O 173 -11.26 -34.11 43.48
C GLY O 173 -12.37 -35.00 42.96
N VAL O 174 -11.99 -36.19 42.51
CA VAL O 174 -12.92 -37.03 41.81
C VAL O 174 -13.81 -37.75 42.80
N ARG O 175 -13.24 -38.07 43.96
CA ARG O 175 -14.02 -38.54 45.10
C ARG O 175 -15.14 -37.58 45.46
N LEU O 176 -14.77 -36.32 45.68
CA LEU O 176 -15.77 -35.28 45.86
C LEU O 176 -16.81 -35.23 44.73
N ALA O 177 -16.34 -35.12 43.49
CA ALA O 177 -17.22 -35.07 42.32
C ALA O 177 -18.25 -36.20 42.24
N VAL O 178 -17.83 -37.43 42.49
CA VAL O 178 -18.77 -38.55 42.49
C VAL O 178 -19.84 -38.40 43.58
N ARG O 179 -19.41 -38.15 44.82
CA ARG O 179 -20.34 -37.97 45.93
C ARG O 179 -21.32 -36.87 45.58
N GLU O 180 -20.84 -35.87 44.83
CA GLU O 180 -21.69 -34.74 44.42
C GLU O 180 -22.74 -35.18 43.40
N GLU O 181 -22.30 -35.95 42.41
CA GLU O 181 -23.19 -36.35 41.32
C GLU O 181 -24.26 -37.28 41.85
N ILE O 182 -23.88 -38.07 42.84
CA ILE O 182 -24.78 -39.05 43.42
C ILE O 182 -25.78 -38.38 44.35
N GLN O 183 -25.33 -37.35 45.04
CA GLN O 183 -26.25 -36.54 45.80
C GLN O 183 -27.27 -35.87 44.88
N LYS O 184 -26.79 -35.37 43.74
CA LYS O 184 -27.70 -34.77 42.77
C LYS O 184 -28.56 -35.82 42.07
N GLY O 185 -28.34 -37.08 42.36
CA GLY O 185 -29.26 -38.13 41.93
C GLY O 185 -28.91 -38.93 40.69
N ALA O 186 -27.63 -38.96 40.31
CA ALA O 186 -27.17 -39.78 39.20
C ALA O 186 -27.47 -41.26 39.50
N THR O 187 -27.83 -42.02 38.48
CA THR O 187 -27.97 -43.46 38.62
C THR O 187 -26.66 -44.21 38.38
N GLN O 188 -25.75 -43.61 37.61
CA GLN O 188 -24.41 -44.20 37.40
C GLN O 188 -23.42 -43.12 37.07
N ILE O 189 -22.14 -43.47 37.04
CA ILE O 189 -21.08 -42.51 36.79
C ILE O 189 -20.36 -42.69 35.43
N LYS O 190 -20.28 -41.60 34.64
CA LYS O 190 -19.57 -41.58 33.36
C LYS O 190 -18.25 -40.86 33.51
N ILE O 191 -17.16 -41.48 33.06
CA ILE O 191 -15.87 -40.82 33.06
C ILE O 191 -15.22 -40.97 31.71
N MET O 192 -14.38 -40.00 31.35
CA MET O 192 -13.61 -40.06 30.13
C MET O 192 -12.23 -40.62 30.42
N ALA O 193 -11.95 -41.80 29.88
CA ALA O 193 -10.74 -42.53 30.22
C ALA O 193 -9.76 -42.64 29.05
N SER O 194 -10.06 -41.94 27.96
CA SER O 194 -9.11 -41.78 26.86
C SER O 194 -9.48 -40.60 25.97
N GLY O 195 -8.57 -40.22 25.08
CA GLY O 195 -8.87 -39.19 24.10
C GLY O 195 -10.05 -39.61 23.23
N GLY O 196 -10.67 -38.63 22.57
CA GLY O 196 -11.86 -38.90 21.77
C GLY O 196 -11.91 -38.17 20.44
N VAL O 197 -13.13 -37.86 20.00
CA VAL O 197 -13.33 -37.28 18.68
C VAL O 197 -13.85 -35.83 18.77
N ALA O 198 -14.82 -35.61 19.65
CA ALA O 198 -15.54 -34.32 19.72
C ALA O 198 -14.92 -33.29 20.67
N SER O 199 -13.69 -33.54 21.13
CA SER O 199 -12.97 -32.60 21.97
C SER O 199 -11.72 -32.07 21.26
N PRO O 200 -11.37 -30.80 21.52
CA PRO O 200 -10.30 -30.11 20.76
C PRO O 200 -8.87 -30.69 20.89
N THR O 201 -8.41 -30.92 22.12
CA THR O 201 -6.96 -31.04 22.39
C THR O 201 -6.38 -32.45 22.52
N ASP O 202 -7.25 -33.46 22.68
CA ASP O 202 -6.80 -34.84 22.88
C ASP O 202 -6.84 -35.75 21.63
N PRO O 203 -5.67 -36.25 21.20
CA PRO O 203 -5.60 -37.36 20.25
C PRO O 203 -6.17 -38.64 20.85
N ILE O 204 -6.65 -39.52 19.98
CA ILE O 204 -7.49 -40.59 20.43
C ILE O 204 -6.69 -41.74 21.05
N ALA O 205 -5.42 -41.83 20.70
CA ALA O 205 -4.53 -42.89 21.18
C ALA O 205 -4.11 -42.79 22.67
N ASN O 206 -4.20 -41.62 23.28
CA ASN O 206 -3.75 -41.49 24.67
C ASN O 206 -4.78 -41.72 25.77
N THR O 207 -4.31 -41.98 26.98
CA THR O 207 -5.18 -42.37 28.07
C THR O 207 -5.47 -41.18 28.97
N GLN O 208 -6.58 -41.24 29.69
CA GLN O 208 -7.01 -40.14 30.53
C GLN O 208 -7.31 -40.59 31.95
N TYR O 209 -6.88 -39.81 32.93
CA TYR O 209 -7.06 -40.16 34.33
C TYR O 209 -6.05 -41.22 34.77
N SER O 210 -5.36 -40.96 35.87
CA SER O 210 -4.45 -41.93 36.47
C SER O 210 -5.22 -43.10 37.06
N GLU O 211 -4.49 -44.17 37.39
CA GLU O 211 -5.11 -45.39 37.89
C GLU O 211 -5.72 -45.19 39.27
N ASP O 212 -5.05 -44.38 40.08
CA ASP O 212 -5.57 -44.02 41.39
C ASP O 212 -6.87 -43.29 41.29
N GLU O 213 -6.95 -42.31 40.39
CA GLU O 213 -8.19 -41.55 40.20
C GLU O 213 -9.36 -42.46 39.82
N ILE O 214 -9.12 -43.36 38.86
CA ILE O 214 -10.17 -44.26 38.43
C ILE O 214 -10.66 -45.17 39.56
N ARG O 215 -9.73 -45.85 40.20
CA ARG O 215 -10.09 -46.66 41.37
C ARG O 215 -10.89 -45.89 42.43
N ALA O 216 -10.52 -44.64 42.65
CA ALA O 216 -11.23 -43.84 43.60
C ALA O 216 -12.67 -43.66 43.15
N ILE O 217 -12.85 -43.38 41.85
CA ILE O 217 -14.18 -43.20 41.26
C ILE O 217 -15.00 -44.50 41.34
N VAL O 218 -14.36 -45.61 41.00
CA VAL O 218 -15.04 -46.90 40.97
C VAL O 218 -15.51 -47.28 42.36
N ASP O 219 -14.67 -46.99 43.35
CA ASP O 219 -15.05 -47.24 44.74
C ASP O 219 -16.25 -46.43 45.19
N GLU O 220 -16.26 -45.15 44.85
CA GLU O 220 -17.28 -44.27 45.39
C GLU O 220 -18.62 -44.60 44.77
N ALA O 221 -18.59 -45.02 43.49
CA ALA O 221 -19.77 -45.44 42.76
C ALA O 221 -20.32 -46.73 43.33
N GLU O 222 -19.41 -47.66 43.66
CA GLU O 222 -19.78 -48.90 44.35
C GLU O 222 -20.36 -48.66 45.74
N ALA O 223 -19.77 -47.73 46.49
CA ALA O 223 -20.28 -47.38 47.82
C ALA O 223 -21.74 -46.91 47.77
N ALA O 224 -22.18 -46.41 46.61
CA ALA O 224 -23.53 -45.91 46.47
C ALA O 224 -24.41 -46.90 45.75
N ASN O 225 -23.93 -48.14 45.67
CA ASN O 225 -24.56 -49.22 44.90
C ASN O 225 -24.84 -48.83 43.45
N THR O 226 -23.85 -48.24 42.80
CA THR O 226 -23.89 -48.19 41.35
C THR O 226 -22.53 -48.48 40.70
N TYR O 227 -22.42 -48.23 39.39
CA TYR O 227 -21.21 -48.61 38.65
C TYR O 227 -20.67 -47.44 37.84
N VAL O 228 -19.47 -47.63 37.28
CA VAL O 228 -18.88 -46.64 36.39
C VAL O 228 -18.96 -47.09 34.93
N MET O 229 -19.50 -46.23 34.08
CA MET O 229 -19.31 -46.36 32.62
C MET O 229 -18.14 -45.50 32.12
N ALA O 230 -17.25 -46.09 31.31
CA ALA O 230 -16.04 -45.40 30.85
C ALA O 230 -15.87 -45.28 29.32
N HIS O 231 -15.62 -44.06 28.84
CA HIS O 231 -15.31 -43.82 27.45
C HIS O 231 -13.86 -44.23 27.20
N ALA O 232 -13.63 -45.00 26.15
CA ALA O 232 -12.31 -45.61 25.87
C ALA O 232 -12.25 -46.26 24.50
N TYR O 233 -11.20 -45.93 23.74
CA TYR O 233 -11.05 -46.41 22.38
C TYR O 233 -10.03 -47.55 22.24
N THR O 234 -8.76 -47.29 22.55
CA THR O 234 -7.71 -48.31 22.34
C THR O 234 -7.73 -49.42 23.40
N GLY O 235 -7.21 -50.58 23.02
CA GLY O 235 -7.09 -51.70 23.94
C GLY O 235 -6.31 -51.36 25.19
N ARG O 236 -5.27 -50.55 25.03
CA ARG O 236 -4.46 -50.09 26.16
C ARG O 236 -5.31 -49.29 27.15
N ALA O 237 -6.09 -48.35 26.63
CA ALA O 237 -6.95 -47.52 27.46
C ALA O 237 -8.08 -48.32 28.09
N ILE O 238 -8.62 -49.26 27.36
CA ILE O 238 -9.72 -50.05 27.83
C ILE O 238 -9.36 -50.95 28.96
N ALA O 239 -8.14 -51.41 28.97
CA ALA O 239 -7.82 -52.52 29.82
C ALA O 239 -7.53 -51.96 31.17
N ARG O 240 -6.88 -50.81 31.21
CA ARG O 240 -6.51 -50.21 32.46
C ARG O 240 -7.72 -49.74 33.17
N ALA O 241 -8.72 -49.39 32.40
CA ALA O 241 -10.04 -49.02 32.90
C ALA O 241 -10.73 -50.19 33.53
N VAL O 242 -10.59 -51.32 32.90
CA VAL O 242 -11.29 -52.54 33.30
C VAL O 242 -10.61 -53.16 34.51
N ARG O 243 -9.29 -53.03 34.56
CA ARG O 243 -8.51 -53.47 35.71
C ARG O 243 -8.80 -52.62 36.93
N CYS O 244 -9.24 -51.39 36.71
CA CYS O 244 -9.58 -50.50 37.80
C CYS O 244 -11.00 -50.71 38.29
N GLY O 245 -11.81 -51.33 37.43
CA GLY O 245 -13.06 -51.90 37.86
C GLY O 245 -14.25 -51.16 37.31
N VAL O 246 -14.09 -50.44 36.21
CA VAL O 246 -15.25 -49.94 35.46
C VAL O 246 -16.09 -51.08 34.87
N ARG O 247 -17.41 -50.92 34.87
CA ARG O 247 -18.31 -52.01 34.52
C ARG O 247 -18.63 -52.02 33.02
N THR O 248 -18.91 -50.85 32.45
CA THR O 248 -19.19 -50.80 31.02
C THR O 248 -18.24 -49.84 30.29
N ILE O 249 -17.74 -50.30 29.15
CA ILE O 249 -16.91 -49.49 28.27
C ILE O 249 -17.73 -48.93 27.10
N GLU O 250 -17.52 -47.66 26.79
CA GLU O 250 -18.26 -46.98 25.75
C GLU O 250 -17.39 -46.89 24.51
N HIS O 251 -18.03 -46.99 23.35
CA HIS O 251 -17.35 -47.02 22.05
C HIS O 251 -16.50 -48.26 21.90
N GLY O 252 -15.27 -48.21 22.39
CA GLY O 252 -14.39 -49.36 22.38
C GLY O 252 -13.88 -49.81 21.03
N ASN O 253 -13.80 -48.89 20.07
CA ASN O 253 -13.62 -49.21 18.65
C ASN O 253 -12.29 -49.86 18.29
N LEU O 254 -11.28 -49.64 19.13
CA LEU O 254 -9.94 -50.07 18.78
C LEU O 254 -9.40 -51.16 19.71
N VAL O 255 -10.26 -52.12 20.08
CA VAL O 255 -9.83 -53.25 20.89
C VAL O 255 -8.89 -54.16 20.13
N ASP O 256 -7.99 -54.78 20.88
CA ASP O 256 -7.38 -56.05 20.49
C ASP O 256 -8.10 -57.15 21.28
N GLU O 257 -7.83 -58.40 20.94
CA GLU O 257 -8.52 -59.51 21.58
C GLU O 257 -7.99 -59.80 22.97
N ALA O 258 -6.77 -59.34 23.28
CA ALA O 258 -6.24 -59.46 24.63
C ALA O 258 -7.14 -58.71 25.60
N ALA O 259 -7.52 -57.49 25.21
CA ALA O 259 -8.36 -56.61 26.01
C ALA O 259 -9.79 -57.15 26.07
N ALA O 260 -10.27 -57.59 24.93
CA ALA O 260 -11.56 -58.27 24.86
C ALA O 260 -11.62 -59.46 25.82
N LYS O 261 -10.58 -60.28 25.84
CA LYS O 261 -10.48 -61.43 26.74
C LYS O 261 -10.56 -61.00 28.19
N LEU O 262 -9.78 -59.98 28.54
CA LEU O 262 -9.80 -59.38 29.86
C LEU O 262 -11.20 -58.88 30.21
N MET O 263 -11.88 -58.29 29.23
CA MET O 263 -13.22 -57.77 29.44
C MET O 263 -14.18 -58.88 29.74
N HIS O 264 -14.09 -59.95 28.95
CA HIS O 264 -14.95 -61.10 29.17
C HIS O 264 -14.68 -61.66 30.53
N GLU O 265 -13.40 -61.80 30.86
CA GLU O 265 -12.98 -62.31 32.16
C GLU O 265 -13.58 -61.51 33.30
N HIS O 266 -13.56 -60.18 33.20
CA HIS O 266 -14.03 -59.30 34.28
C HIS O 266 -15.55 -59.16 34.40
N GLY O 267 -16.27 -59.68 33.40
CA GLY O 267 -17.72 -59.54 33.35
C GLY O 267 -18.13 -58.14 32.92
N ALA O 268 -17.23 -57.46 32.21
CA ALA O 268 -17.47 -56.09 31.75
C ALA O 268 -18.23 -56.06 30.43
N PHE O 269 -19.15 -55.10 30.29
CA PHE O 269 -19.92 -54.89 29.04
C PHE O 269 -19.27 -53.88 28.09
N VAL O 270 -19.76 -53.83 26.85
CA VAL O 270 -19.33 -52.83 25.88
C VAL O 270 -20.56 -52.23 25.25
N VAL O 271 -20.52 -50.94 25.00
CA VAL O 271 -21.56 -50.30 24.20
C VAL O 271 -20.92 -49.59 23.03
N PRO O 272 -20.87 -50.25 21.87
CA PRO O 272 -20.40 -49.62 20.63
C PRO O 272 -21.41 -48.58 20.19
N THR O 273 -20.92 -47.53 19.53
CA THR O 273 -21.81 -46.47 19.04
C THR O 273 -21.58 -46.19 17.56
N LEU O 274 -21.58 -47.26 16.76
CA LEU O 274 -21.14 -47.21 15.37
C LEU O 274 -21.88 -46.22 14.47
N VAL O 275 -23.16 -45.99 14.75
CA VAL O 275 -24.01 -45.13 13.89
C VAL O 275 -23.50 -43.69 13.88
N THR O 276 -22.98 -43.23 15.02
CA THR O 276 -22.53 -41.86 15.17
C THR O 276 -21.37 -41.53 14.23
N TYR O 277 -20.54 -42.53 13.95
CA TYR O 277 -19.36 -42.31 13.12
C TYR O 277 -19.74 -42.22 11.64
N ASP O 278 -20.87 -42.83 11.28
CA ASP O 278 -21.37 -42.73 9.92
C ASP O 278 -22.02 -41.38 9.67
N ALA O 279 -22.72 -40.88 10.68
CA ALA O 279 -23.37 -39.57 10.57
C ALA O 279 -22.33 -38.45 10.55
N LEU O 280 -21.30 -38.58 11.39
CA LEU O 280 -20.21 -37.60 11.43
C LEU O 280 -19.30 -37.67 10.20
N ALA O 281 -19.35 -38.78 9.49
CA ALA O 281 -18.67 -38.92 8.20
C ALA O 281 -19.38 -38.08 7.14
N LYS O 282 -20.70 -38.23 7.05
CA LYS O 282 -21.47 -37.53 6.01
C LYS O 282 -21.66 -36.04 6.32
N HIS O 283 -22.12 -35.73 7.52
CA HIS O 283 -22.53 -34.36 7.82
C HIS O 283 -21.74 -33.76 8.99
N GLY O 284 -20.44 -34.05 9.04
CA GLY O 284 -19.59 -33.70 10.19
C GLY O 284 -19.27 -32.23 10.28
N ALA O 285 -18.37 -31.77 9.41
CA ALA O 285 -18.04 -30.35 9.27
C ALA O 285 -19.26 -29.56 8.78
N GLU O 286 -20.23 -30.27 8.22
CA GLU O 286 -21.46 -29.67 7.70
C GLU O 286 -22.39 -29.19 8.82
N PHE O 287 -22.45 -29.92 9.93
CA PHE O 287 -23.33 -29.55 11.04
C PHE O 287 -22.61 -28.85 12.20
N GLY O 288 -21.44 -28.30 11.92
CA GLY O 288 -20.82 -27.31 12.81
C GLY O 288 -19.79 -27.85 13.78
N MET O 289 -19.45 -29.13 13.69
CA MET O 289 -18.40 -29.69 14.52
C MET O 289 -17.03 -29.31 13.96
N PRO O 290 -16.19 -28.68 14.80
CA PRO O 290 -14.84 -28.20 14.48
C PRO O 290 -14.05 -29.10 13.51
N PRO O 291 -13.37 -28.50 12.51
CA PRO O 291 -12.68 -29.19 11.42
C PRO O 291 -11.63 -30.24 11.84
N GLU O 292 -11.00 -30.07 13.00
CA GLU O 292 -9.98 -31.02 13.47
C GLU O 292 -10.56 -32.16 14.31
N SER O 293 -11.86 -32.07 14.59
CA SER O 293 -12.60 -33.18 15.17
C SER O 293 -13.09 -34.16 14.11
N VAL O 294 -13.42 -33.65 12.92
CA VAL O 294 -13.81 -34.47 11.76
C VAL O 294 -12.61 -35.15 11.09
N ALA O 295 -11.41 -34.62 11.34
CA ALA O 295 -10.18 -35.31 10.99
C ALA O 295 -10.01 -36.62 11.77
N LYS O 296 -10.39 -36.60 13.05
CA LYS O 296 -10.25 -37.75 13.95
C LYS O 296 -11.26 -38.88 13.71
N VAL O 297 -12.38 -38.55 13.06
CA VAL O 297 -13.51 -39.49 12.89
C VAL O 297 -13.26 -40.52 11.78
N ALA O 298 -12.30 -40.21 10.91
CA ALA O 298 -11.93 -41.12 9.83
C ALA O 298 -11.44 -42.48 10.35
N SER O 299 -10.62 -42.44 11.39
CA SER O 299 -9.87 -43.62 11.85
C SER O 299 -10.68 -44.63 12.66
N VAL O 300 -11.61 -44.15 13.48
CA VAL O 300 -12.36 -45.03 14.38
C VAL O 300 -13.42 -45.88 13.71
N GLN O 301 -14.01 -45.39 12.63
CA GLN O 301 -15.15 -46.07 12.00
C GLN O 301 -14.69 -47.32 11.25
N GLN O 302 -13.41 -47.29 10.87
CA GLN O 302 -12.75 -48.41 10.22
C GLN O 302 -12.87 -49.68 11.06
N LYS O 303 -12.11 -49.72 12.14
CA LYS O 303 -12.09 -50.87 13.04
C LYS O 303 -13.43 -51.09 13.76
N GLY O 304 -14.38 -50.19 13.55
CA GLY O 304 -15.63 -50.21 14.29
C GLY O 304 -16.47 -51.44 14.02
N ARG O 305 -16.72 -51.71 12.75
CA ARG O 305 -17.41 -52.92 12.33
C ARG O 305 -16.61 -54.15 12.79
N GLU O 306 -15.30 -54.11 12.56
CA GLU O 306 -14.42 -55.21 12.88
C GLU O 306 -14.41 -55.56 14.38
N SER O 307 -14.54 -54.54 15.23
CA SER O 307 -14.48 -54.72 16.68
C SER O 307 -15.63 -55.58 17.18
N LEU O 308 -16.81 -55.38 16.61
CA LEU O 308 -18.00 -56.16 16.95
C LEU O 308 -17.78 -57.67 16.92
N GLU O 309 -16.96 -58.11 15.97
CA GLU O 309 -16.56 -59.49 15.85
C GLU O 309 -15.62 -59.91 16.96
N ILE O 310 -14.64 -59.05 17.26
CA ILE O 310 -13.70 -59.32 18.35
C ILE O 310 -14.44 -59.51 19.68
N TYR O 311 -15.46 -58.69 19.91
CA TYR O 311 -16.28 -58.75 21.13
C TYR O 311 -17.11 -60.01 21.19
N ALA O 312 -17.71 -60.39 20.06
CA ALA O 312 -18.49 -61.62 20.00
C ALA O 312 -17.59 -62.84 20.23
N ASN O 313 -16.38 -62.81 19.66
CA ASN O 313 -15.44 -63.92 19.78
C ASN O 313 -14.87 -64.13 21.17
N ALA O 314 -14.62 -63.04 21.88
CA ALA O 314 -14.19 -63.11 23.28
C ALA O 314 -15.36 -63.37 24.22
N GLY O 315 -16.57 -63.14 23.73
CA GLY O 315 -17.77 -63.37 24.49
C GLY O 315 -17.99 -62.24 25.48
N VAL O 316 -17.83 -61.01 25.00
CA VAL O 316 -18.16 -59.82 25.79
C VAL O 316 -19.55 -59.33 25.43
N LYS O 317 -20.41 -59.18 26.44
CA LYS O 317 -21.77 -58.69 26.20
C LYS O 317 -21.77 -57.32 25.55
N MET O 318 -22.67 -57.11 24.58
CA MET O 318 -22.74 -55.85 23.82
C MET O 318 -24.08 -55.15 24.03
N GLY O 319 -24.04 -53.91 24.49
CA GLY O 319 -25.24 -53.08 24.58
C GLY O 319 -25.46 -52.19 23.36
N PHE O 320 -26.69 -51.70 23.19
CA PHE O 320 -27.02 -50.77 22.13
C PHE O 320 -26.63 -49.36 22.53
N GLY O 321 -26.06 -48.60 21.59
CA GLY O 321 -25.79 -47.18 21.83
C GLY O 321 -25.73 -46.35 20.55
N SER O 322 -26.24 -45.12 20.63
CA SER O 322 -26.23 -44.18 19.49
C SER O 322 -25.08 -43.18 19.61
N ASP O 323 -25.18 -42.33 20.62
CA ASP O 323 -24.26 -41.22 20.85
C ASP O 323 -24.35 -40.20 19.75
N LEU O 324 -25.57 -39.91 19.29
CA LEU O 324 -25.71 -38.90 18.24
C LEU O 324 -25.86 -37.50 18.81
N LEU O 325 -25.35 -36.51 18.09
CA LEU O 325 -25.46 -35.14 18.51
C LEU O 325 -26.26 -34.31 17.53
N GLY O 326 -27.03 -33.38 18.06
CA GLY O 326 -27.72 -32.37 17.27
C GLY O 326 -28.76 -32.98 16.37
N GLU O 327 -28.87 -32.46 15.17
CA GLU O 327 -29.87 -32.92 14.21
C GLU O 327 -29.59 -34.33 13.70
N MET O 328 -28.36 -34.82 13.91
CA MET O 328 -28.00 -36.19 13.56
C MET O 328 -28.70 -37.21 14.47
N HIS O 329 -29.44 -36.70 15.47
CA HIS O 329 -30.19 -37.56 16.39
C HIS O 329 -31.22 -38.45 15.70
N ALA O 330 -31.69 -38.01 14.54
CA ALA O 330 -32.67 -38.75 13.75
C ALA O 330 -32.21 -40.16 13.35
N PHE O 331 -30.92 -40.35 13.10
CA PHE O 331 -30.40 -41.65 12.63
C PHE O 331 -30.30 -42.74 13.71
N GLN O 332 -30.95 -42.52 14.84
CA GLN O 332 -30.82 -43.36 16.04
C GLN O 332 -31.01 -44.84 15.75
N SER O 333 -32.02 -45.16 14.95
CA SER O 333 -32.44 -46.54 14.77
C SER O 333 -31.54 -47.26 13.80
N GLY O 334 -30.75 -46.50 13.05
CA GLY O 334 -29.77 -47.06 12.11
C GLY O 334 -28.75 -48.01 12.72
N GLU O 335 -28.54 -47.90 14.04
CA GLU O 335 -27.59 -48.75 14.76
C GLU O 335 -28.05 -50.20 14.83
N PHE O 336 -29.35 -50.42 14.74
CA PHE O 336 -29.91 -51.76 14.60
C PHE O 336 -29.35 -52.46 13.36
N ARG O 337 -29.54 -51.85 12.20
CA ARG O 337 -29.11 -52.45 10.94
C ARG O 337 -27.61 -52.67 10.91
N ILE O 338 -26.84 -51.72 11.42
CA ILE O 338 -25.38 -51.82 11.36
C ILE O 338 -24.90 -53.02 12.14
N ARG O 339 -25.57 -53.27 13.25
CA ARG O 339 -25.22 -54.39 14.10
C ARG O 339 -25.72 -55.70 13.50
N ALA O 340 -26.94 -55.65 12.96
CA ALA O 340 -27.55 -56.78 12.24
C ALA O 340 -26.64 -57.33 11.14
N GLU O 341 -25.97 -56.43 10.43
CA GLU O 341 -25.15 -56.81 9.30
C GLU O 341 -23.93 -57.62 9.69
N VAL O 342 -23.50 -57.50 10.96
CA VAL O 342 -22.28 -58.17 11.39
C VAL O 342 -22.62 -59.42 12.20
N LEU O 343 -23.42 -59.25 13.23
CA LEU O 343 -23.91 -60.36 14.03
C LEU O 343 -25.38 -60.48 13.66
N GLY O 344 -25.97 -61.67 13.74
CA GLY O 344 -27.38 -61.85 13.35
C GLY O 344 -28.33 -60.79 13.93
N ASN O 345 -29.45 -60.52 13.28
CA ASN O 345 -30.38 -59.54 13.82
C ASN O 345 -31.17 -59.99 15.06
N LEU O 346 -30.93 -61.21 15.50
CA LEU O 346 -31.29 -61.60 16.87
C LEU O 346 -30.40 -60.86 17.87
N GLU O 347 -29.09 -60.89 17.59
CA GLU O 347 -28.09 -60.21 18.40
C GLU O 347 -28.38 -58.71 18.50
N ALA O 348 -28.75 -58.11 17.38
CA ALA O 348 -29.01 -56.68 17.34
C ALA O 348 -30.17 -56.30 18.25
N LEU O 349 -31.19 -57.16 18.30
CA LEU O 349 -32.37 -56.89 19.11
C LEU O 349 -32.09 -57.17 20.58
N ARG O 350 -31.19 -58.12 20.83
CA ARG O 350 -30.78 -58.46 22.19
C ARG O 350 -30.08 -57.28 22.86
N SER O 351 -29.31 -56.55 22.05
CA SER O 351 -28.48 -55.44 22.53
CA SER O 351 -28.47 -55.44 22.52
C SER O 351 -29.32 -54.28 23.03
N ALA O 352 -30.52 -54.14 22.48
CA ALA O 352 -31.39 -53.05 22.87
C ALA O 352 -32.44 -53.52 23.87
N THR O 353 -32.30 -54.77 24.33
CA THR O 353 -33.28 -55.37 25.22
C THR O 353 -32.66 -56.10 26.43
N THR O 354 -32.40 -57.38 26.27
CA THR O 354 -32.00 -58.22 27.42
C THR O 354 -30.61 -57.84 27.93
N VAL O 355 -29.67 -57.63 27.02
CA VAL O 355 -28.34 -57.16 27.40
C VAL O 355 -28.40 -55.75 28.00
N ALA O 356 -29.25 -54.90 27.42
CA ALA O 356 -29.32 -53.50 27.84
C ALA O 356 -29.95 -53.38 29.23
N ALA O 357 -31.00 -54.16 29.49
CA ALA O 357 -31.64 -54.17 30.80
C ALA O 357 -30.65 -54.63 31.86
N GLU O 358 -29.76 -55.54 31.47
CA GLU O 358 -28.71 -55.95 32.36
C GLU O 358 -27.79 -54.80 32.70
N ILE O 359 -27.40 -54.06 31.66
CA ILE O 359 -26.47 -52.98 31.82
C ILE O 359 -27.03 -52.00 32.83
N VAL O 360 -28.26 -51.58 32.62
CA VAL O 360 -28.88 -50.65 33.53
C VAL O 360 -29.37 -51.27 34.84
N ASN O 361 -29.05 -52.55 35.08
CA ASN O 361 -29.49 -53.28 36.28
C ASN O 361 -31.01 -53.49 36.43
N MET O 362 -31.66 -53.84 35.34
CA MET O 362 -33.11 -53.90 35.32
C MET O 362 -33.72 -55.14 34.67
N GLN O 363 -32.99 -56.23 34.54
CA GLN O 363 -33.59 -57.38 33.83
C GLN O 363 -34.41 -58.25 34.76
N GLY O 364 -35.43 -58.84 34.16
CA GLY O 364 -36.63 -59.15 34.88
C GLY O 364 -37.57 -57.96 34.94
N GLN O 365 -37.02 -56.75 35.06
CA GLN O 365 -37.85 -55.56 35.11
C GLN O 365 -38.12 -54.98 33.73
N LEU O 366 -37.06 -54.80 32.94
CA LEU O 366 -37.20 -54.31 31.58
C LEU O 366 -36.55 -55.29 30.61
N GLY O 367 -36.76 -55.06 29.33
CA GLY O 367 -36.04 -55.80 28.29
C GLY O 367 -36.61 -57.18 28.02
N VAL O 368 -37.71 -57.49 28.71
CA VAL O 368 -38.35 -58.80 28.58
C VAL O 368 -39.86 -58.73 28.79
N ILE O 369 -40.61 -59.39 27.91
CA ILE O 369 -42.04 -59.61 28.13
C ILE O 369 -42.24 -60.87 28.97
N ALA O 370 -42.35 -60.67 30.27
CA ALA O 370 -42.60 -61.77 31.19
C ALA O 370 -43.60 -61.30 32.22
N VAL O 371 -44.12 -62.24 33.01
CA VAL O 371 -45.02 -61.88 34.11
C VAL O 371 -44.24 -61.11 35.18
N GLY O 372 -44.78 -59.97 35.59
CA GLY O 372 -44.19 -59.19 36.68
C GLY O 372 -43.23 -58.11 36.21
N ALA O 373 -42.91 -58.13 34.92
CA ALA O 373 -42.04 -57.13 34.30
C ALA O 373 -42.81 -55.83 34.02
N ILE O 374 -42.07 -54.73 33.83
CA ILE O 374 -42.67 -53.42 33.64
C ILE O 374 -43.21 -53.31 32.21
N ALA O 375 -44.43 -52.79 32.06
CA ALA O 375 -45.08 -52.77 30.75
C ALA O 375 -44.53 -51.71 29.80
N ASP O 376 -43.30 -51.93 29.36
CA ASP O 376 -42.70 -51.12 28.34
C ASP O 376 -42.69 -51.94 27.05
N LEU O 377 -43.70 -51.73 26.22
CA LEU O 377 -43.84 -52.52 24.98
C LEU O 377 -43.77 -51.65 23.75
N VAL O 378 -43.33 -52.28 22.67
CA VAL O 378 -43.44 -51.72 21.35
C VAL O 378 -44.25 -52.67 20.49
N VAL O 379 -45.19 -52.11 19.71
CA VAL O 379 -45.91 -52.89 18.72
C VAL O 379 -45.44 -52.58 17.31
N LEU O 380 -45.08 -53.64 16.59
CA LEU O 380 -44.23 -53.55 15.43
C LEU O 380 -44.91 -54.18 14.21
N ASP O 381 -45.09 -53.38 13.16
CA ASP O 381 -45.69 -53.86 11.91
C ASP O 381 -44.70 -54.67 11.08
N GLY O 382 -44.65 -55.98 11.33
CA GLY O 382 -43.68 -56.83 10.66
C GLY O 382 -42.85 -57.61 11.65
N ASN O 383 -41.94 -58.43 11.13
CA ASN O 383 -41.10 -59.25 11.97
C ASN O 383 -39.63 -58.88 11.86
N PRO O 384 -39.10 -58.27 12.93
CA PRO O 384 -37.70 -57.84 13.00
C PRO O 384 -36.73 -58.99 12.89
N LEU O 385 -37.16 -60.19 13.28
CA LEU O 385 -36.28 -61.35 13.30
C LEU O 385 -35.77 -61.71 11.90
N GLU O 386 -36.53 -61.34 10.88
CA GLU O 386 -36.14 -61.62 9.50
C GLU O 386 -35.78 -60.35 8.73
N ASP O 387 -36.60 -59.32 8.87
CA ASP O 387 -36.29 -58.00 8.32
C ASP O 387 -35.97 -57.01 9.44
N ILE O 388 -34.68 -56.74 9.62
CA ILE O 388 -34.21 -55.78 10.62
C ILE O 388 -34.72 -54.37 10.32
N GLY O 389 -35.07 -54.16 9.05
CA GLY O 389 -35.58 -52.89 8.57
C GLY O 389 -36.82 -52.42 9.30
N VAL O 390 -37.57 -53.34 9.91
CA VAL O 390 -38.84 -52.97 10.54
C VAL O 390 -38.63 -52.17 11.83
N VAL O 391 -37.39 -52.15 12.29
CA VAL O 391 -37.00 -51.36 13.45
C VAL O 391 -35.98 -50.27 13.07
N ALA O 392 -35.15 -50.55 12.06
CA ALA O 392 -34.02 -49.70 11.73
C ALA O 392 -34.33 -48.57 10.73
N ASP O 393 -35.61 -48.23 10.59
CA ASP O 393 -36.05 -47.31 9.54
C ASP O 393 -36.62 -46.02 10.10
N GLU O 394 -36.16 -45.65 11.29
CA GLU O 394 -36.54 -44.38 11.93
C GLU O 394 -38.05 -44.19 12.03
N GLY O 395 -38.63 -44.60 13.15
CA GLY O 395 -40.08 -44.66 13.31
C GLY O 395 -40.65 -45.65 12.32
N ALA O 396 -40.97 -45.15 11.13
CA ALA O 396 -41.60 -45.91 10.05
C ALA O 396 -42.63 -46.94 10.49
N ARG O 397 -42.16 -48.04 11.07
CA ARG O 397 -42.96 -49.26 11.21
C ARG O 397 -43.39 -49.59 12.65
N VAL O 398 -43.32 -48.61 13.54
CA VAL O 398 -43.79 -48.80 14.92
C VAL O 398 -45.08 -48.02 15.14
N GLU O 399 -46.18 -48.71 15.38
CA GLU O 399 -47.46 -48.03 15.51
C GLU O 399 -47.99 -47.91 16.92
N TYR O 400 -47.42 -48.67 17.84
CA TYR O 400 -47.75 -48.47 19.25
C TYR O 400 -46.53 -48.50 20.16
N VAL O 401 -46.51 -47.59 21.13
CA VAL O 401 -45.52 -47.59 22.19
C VAL O 401 -46.23 -47.49 23.54
N LEU O 402 -45.94 -48.43 24.44
CA LEU O 402 -46.51 -48.44 25.79
C LEU O 402 -45.44 -48.24 26.84
N GLN O 403 -45.69 -47.35 27.79
CA GLN O 403 -44.71 -47.02 28.82
C GLN O 403 -45.35 -47.15 30.19
N ARG O 404 -44.75 -47.98 31.03
CA ARG O 404 -45.28 -48.28 32.36
C ARG O 404 -46.80 -48.40 32.33
N GLY O 405 -47.28 -49.41 31.60
CA GLY O 405 -48.71 -49.60 31.42
C GLY O 405 -49.28 -48.76 30.30
N THR O 406 -49.31 -47.44 30.48
CA THR O 406 -50.07 -46.58 29.60
C THR O 406 -49.53 -46.44 28.16
N LEU O 407 -50.45 -46.16 27.21
CA LEU O 407 -50.10 -46.00 25.79
C LEU O 407 -49.68 -44.56 25.50
N VAL O 408 -48.50 -44.38 24.90
CA VAL O 408 -47.94 -43.04 24.69
C VAL O 408 -47.83 -42.61 23.24
N LYS O 409 -47.73 -43.58 22.33
CA LYS O 409 -47.66 -43.29 20.90
C LYS O 409 -48.63 -44.14 20.10
N ARG O 410 -49.42 -43.48 19.24
CA ARG O 410 -50.24 -44.16 18.26
C ARG O 410 -49.91 -43.64 16.87
N GLN O 411 -49.32 -44.50 16.05
CA GLN O 411 -48.73 -44.06 14.79
C GLN O 411 -49.21 -44.93 13.62
N THR P 4 14.26 12.90 92.29
CA THR P 4 15.28 13.96 92.55
C THR P 4 15.47 14.88 91.33
N ILE P 5 16.61 15.57 91.29
CA ILE P 5 16.67 16.95 90.76
C ILE P 5 18.06 17.32 90.22
N THR P 6 18.11 18.06 89.11
CA THR P 6 19.38 18.38 88.43
C THR P 6 19.50 19.87 88.08
N VAL P 7 20.72 20.42 88.14
CA VAL P 7 21.00 21.81 87.76
C VAL P 7 22.16 21.95 86.76
N LEU P 8 21.85 22.47 85.56
CA LEU P 8 22.88 22.97 84.64
C LEU P 8 23.25 24.37 85.08
N GLN P 9 24.49 24.58 85.46
CA GLN P 9 24.86 25.84 86.08
C GLN P 9 25.71 26.74 85.19
N GLY P 10 25.38 28.02 85.19
CA GLY P 10 26.20 29.04 84.56
C GLY P 10 26.22 28.96 83.05
N GLY P 11 25.17 28.37 82.47
CA GLY P 11 25.06 28.30 81.02
C GLY P 11 24.62 29.62 80.42
N ASN P 12 24.80 29.77 79.11
CA ASN P 12 24.11 30.82 78.38
C ASN P 12 22.90 30.25 77.68
N VAL P 13 21.74 30.45 78.30
CA VAL P 13 20.47 29.89 77.85
C VAL P 13 19.92 30.63 76.64
N LEU P 14 19.82 29.93 75.51
CA LEU P 14 19.28 30.52 74.29
C LEU P 14 17.81 30.70 74.45
N ASP P 15 17.34 31.93 74.33
CA ASP P 15 15.91 32.20 74.28
C ASP P 15 15.52 32.59 72.86
N LEU P 16 14.56 31.85 72.31
CA LEU P 16 14.36 31.79 70.86
C LEU P 16 13.32 32.75 70.26
N GLU P 17 12.37 33.20 71.07
CA GLU P 17 11.42 34.21 70.62
C GLU P 17 11.97 35.61 70.71
N ARG P 18 12.95 35.81 71.59
CA ARG P 18 13.60 37.10 71.68
C ARG P 18 14.87 37.14 70.84
N GLY P 19 15.49 35.98 70.64
CA GLY P 19 16.67 35.87 69.81
C GLY P 19 17.91 36.37 70.51
N VAL P 20 18.07 35.99 71.77
CA VAL P 20 19.27 36.35 72.53
C VAL P 20 19.72 35.25 73.48
N LEU P 21 21.04 35.15 73.69
CA LEU P 21 21.59 34.39 74.80
C LEU P 21 21.25 35.07 76.14
N LEU P 22 21.10 34.29 77.20
CA LEU P 22 21.01 34.83 78.55
C LEU P 22 22.13 34.29 79.42
N GLU P 23 23.20 35.06 79.59
CA GLU P 23 24.45 34.53 80.16
C GLU P 23 24.35 34.25 81.64
N HIS P 24 25.08 33.21 82.06
CA HIS P 24 25.14 32.81 83.45
C HIS P 24 23.74 32.63 84.03
N HIS P 25 22.85 32.07 83.24
CA HIS P 25 21.57 31.61 83.75
C HIS P 25 21.62 30.14 84.04
N HIS P 26 21.20 29.80 85.25
CA HIS P 26 21.09 28.43 85.68
C HIS P 26 19.75 27.91 85.17
N VAL P 27 19.68 26.61 84.93
CA VAL P 27 18.41 25.95 84.66
C VAL P 27 18.26 24.73 85.57
N VAL P 28 17.08 24.61 86.20
CA VAL P 28 16.84 23.61 87.22
C VAL P 28 15.81 22.60 86.74
N ILE P 29 16.24 21.34 86.67
CA ILE P 29 15.39 20.22 86.25
C ILE P 29 14.90 19.44 87.47
N ASP P 30 13.59 19.23 87.55
CA ASP P 30 13.04 18.24 88.48
C ASP P 30 12.22 17.19 87.72
N GLY P 31 12.59 15.93 87.90
CA GLY P 31 11.98 14.86 87.15
C GLY P 31 12.28 15.06 85.67
N GLU P 32 11.22 15.22 84.89
CA GLU P 32 11.36 15.34 83.45
C GLU P 32 11.17 16.79 82.99
N ARG P 33 10.91 17.68 83.93
CA ARG P 33 10.46 19.03 83.63
C ARG P 33 11.42 20.11 84.13
N ILE P 34 11.47 21.23 83.40
CA ILE P 34 12.28 22.39 83.77
C ILE P 34 11.51 23.24 84.77
N VAL P 35 12.09 23.46 85.95
CA VAL P 35 11.36 24.10 87.05
C VAL P 35 11.72 25.59 87.23
N GLU P 36 12.98 25.92 86.94
CA GLU P 36 13.43 27.31 87.01
C GLU P 36 14.49 27.62 85.98
N VAL P 37 14.35 28.77 85.33
CA VAL P 37 15.45 29.39 84.59
C VAL P 37 15.77 30.76 85.18
N THR P 38 16.96 30.88 85.73
CA THR P 38 17.30 32.05 86.53
C THR P 38 18.81 32.28 86.54
N ASP P 39 19.21 33.51 86.83
CA ASP P 39 20.61 33.83 87.04
C ASP P 39 20.90 34.07 88.52
N ARG P 40 20.01 33.59 89.38
CA ARG P 40 20.29 33.47 90.80
C ARG P 40 21.51 32.60 91.06
N PRO P 41 22.29 32.94 92.10
CA PRO P 41 22.97 31.87 92.81
C PRO P 41 21.92 30.92 93.34
N VAL P 42 21.97 29.67 92.88
CA VAL P 42 20.86 28.77 93.09
C VAL P 42 21.13 27.78 94.22
N ASP P 43 20.07 27.42 94.94
CA ASP P 43 20.14 26.81 96.26
C ASP P 43 20.19 25.29 96.17
N LEU P 44 21.31 24.74 95.74
CA LEU P 44 21.39 23.31 95.43
C LEU P 44 21.85 22.42 96.59
N PRO P 45 20.91 21.67 97.19
CA PRO P 45 21.28 20.72 98.24
C PRO P 45 21.75 19.39 97.66
N ASN P 46 20.82 18.66 97.04
CA ASN P 46 21.10 17.32 96.53
C ASN P 46 21.03 17.26 95.01
N ALA P 47 21.33 18.37 94.35
CA ALA P 47 21.21 18.44 92.90
C ALA P 47 22.48 17.94 92.23
N GLN P 48 22.31 17.15 91.18
CA GLN P 48 23.39 16.85 90.25
C GLN P 48 23.78 18.14 89.53
N ALA P 49 24.80 18.80 90.07
CA ALA P 49 25.37 19.95 89.40
C ALA P 49 26.15 19.47 88.17
N ILE P 50 25.78 19.96 87.00
CA ILE P 50 26.59 19.81 85.80
C ILE P 50 27.05 21.19 85.35
N ASP P 51 28.35 21.38 85.29
CA ASP P 51 28.90 22.71 85.08
C ASP P 51 28.94 23.08 83.60
N VAL P 52 28.15 24.09 83.25
CA VAL P 52 28.02 24.52 81.87
C VAL P 52 28.48 25.98 81.72
N ARG P 53 29.61 26.31 82.32
CA ARG P 53 30.15 27.66 82.26
C ARG P 53 30.56 27.96 80.82
N GLY P 54 30.15 29.12 80.32
CA GLY P 54 30.57 29.58 78.99
C GLY P 54 30.13 28.73 77.80
N LYS P 55 29.13 27.88 78.01
CA LYS P 55 28.57 27.07 76.92
C LYS P 55 27.08 27.35 76.75
N THR P 56 26.63 27.32 75.49
CA THR P 56 25.24 27.55 75.17
C THR P 56 24.38 26.34 75.55
N VAL P 57 23.34 26.57 76.34
CA VAL P 57 22.33 25.54 76.58
C VAL P 57 21.04 25.94 75.86
N MET P 58 20.60 25.10 74.93
CA MET P 58 19.39 25.36 74.16
C MET P 58 18.49 24.12 74.13
N PRO P 59 17.22 24.26 73.69
CA PRO P 59 16.32 23.10 73.60
C PRO P 59 16.82 22.08 72.58
N GLY P 60 16.61 20.80 72.89
CA GLY P 60 17.02 19.71 72.00
C GLY P 60 16.28 19.80 70.69
N PHE P 61 16.94 19.37 69.61
CA PHE P 61 16.47 19.66 68.26
C PHE P 61 15.38 18.68 67.83
N ILE P 62 14.46 19.17 67.01
CA ILE P 62 13.38 18.35 66.48
C ILE P 62 13.47 18.32 64.97
N ASP P 63 13.60 17.13 64.39
CA ASP P 63 13.64 16.97 62.94
C ASP P 63 12.29 16.46 62.42
N CYS P 64 11.66 17.22 61.54
CA CYS P 64 10.26 16.98 61.24
C CYS P 64 10.01 16.02 60.07
N HIS P 65 11.10 15.47 59.52
CA HIS P 65 10.98 14.57 58.40
C HIS P 65 12.20 13.66 58.33
N VAL P 66 12.09 12.52 59.02
CA VAL P 66 13.08 11.48 58.92
C VAL P 66 12.45 10.14 58.53
N HIS P 67 13.29 9.23 58.03
CA HIS P 67 12.91 7.83 57.87
C HIS P 67 13.96 6.99 58.58
N VAL P 68 13.73 6.79 59.87
CA VAL P 68 14.61 5.99 60.72
C VAL P 68 14.93 4.58 60.16
N LEU P 69 13.97 3.98 59.47
CA LEU P 69 14.15 2.64 58.97
C LEU P 69 14.73 2.60 57.57
N ALA P 70 14.97 3.77 56.98
CA ALA P 70 15.62 3.83 55.68
C ALA P 70 17.09 3.56 55.86
N SER P 71 17.42 2.29 56.06
CA SER P 71 18.79 1.87 56.30
C SER P 71 19.57 1.70 55.00
N ASN P 72 18.89 1.80 53.85
CA ASN P 72 19.60 2.01 52.59
C ASN P 72 18.84 2.81 51.52
N ALA P 73 19.60 3.33 50.57
CA ALA P 73 19.15 4.40 49.68
C ALA P 73 18.15 3.93 48.64
N ASN P 74 18.18 2.64 48.35
CA ASN P 74 17.13 2.04 47.54
C ASN P 74 15.97 1.62 48.44
N LEU P 75 14.91 2.43 48.45
CA LEU P 75 13.72 2.14 49.27
C LEU P 75 12.92 0.91 48.83
N GLY P 76 13.03 0.55 47.56
CA GLY P 76 12.44 -0.67 47.05
C GLY P 76 13.08 -1.87 47.74
N VAL P 77 14.40 -1.89 47.73
CA VAL P 77 15.14 -2.96 48.36
C VAL P 77 15.18 -2.82 49.90
N ASN P 78 14.91 -1.62 50.39
CA ASN P 78 14.76 -1.42 51.83
C ASN P 78 13.51 -2.14 52.28
N ALA P 79 12.50 -2.15 51.40
CA ALA P 79 11.20 -2.73 51.70
C ALA P 79 11.22 -4.25 51.65
N THR P 80 12.12 -4.80 50.83
CA THR P 80 12.19 -6.24 50.67
C THR P 80 13.21 -6.91 51.60
N GLN P 81 13.90 -6.12 52.42
CA GLN P 81 14.80 -6.71 53.41
C GLN P 81 13.99 -7.36 54.54
N PRO P 82 14.53 -8.43 55.15
CA PRO P 82 13.84 -9.18 56.19
C PRO P 82 13.47 -8.27 57.36
N ASN P 83 12.36 -8.58 58.04
CA ASN P 83 11.87 -7.72 59.12
C ASN P 83 12.87 -7.46 60.24
N ILE P 84 13.38 -8.55 60.81
CA ILE P 84 14.25 -8.44 61.96
C ILE P 84 15.56 -7.67 61.65
N LEU P 85 16.09 -7.82 60.44
CA LEU P 85 17.25 -7.01 59.99
C LEU P 85 16.90 -5.54 59.81
N ALA P 86 15.71 -5.27 59.27
CA ALA P 86 15.26 -3.90 59.02
C ALA P 86 15.23 -3.12 60.31
N ALA P 87 14.74 -3.75 61.39
CA ALA P 87 14.68 -3.14 62.71
C ALA P 87 16.06 -3.00 63.33
N ILE P 88 16.90 -4.02 63.15
CA ILE P 88 18.25 -3.97 63.70
C ILE P 88 18.98 -2.77 63.12
N ARG P 89 18.92 -2.63 61.80
CA ARG P 89 19.69 -1.62 61.10
C ARG P 89 19.29 -0.19 61.42
N SER P 90 18.09 0.00 61.95
CA SER P 90 17.62 1.30 62.37
C SER P 90 18.24 1.79 63.68
N LEU P 91 18.69 0.86 64.51
CA LEU P 91 19.22 1.18 65.86
C LEU P 91 20.45 2.11 65.93
N PRO P 92 21.48 1.86 65.08
CA PRO P 92 22.56 2.85 64.88
C PRO P 92 22.05 4.20 64.36
N ILE P 93 21.11 4.17 63.43
CA ILE P 93 20.53 5.37 62.87
C ILE P 93 19.90 6.25 63.97
N LEU P 94 19.18 5.62 64.91
CA LEU P 94 18.51 6.35 65.99
C LEU P 94 19.51 6.93 66.98
N ASP P 95 20.54 6.16 67.28
CA ASP P 95 21.55 6.53 68.25
C ASP P 95 22.39 7.71 67.76
N ALA P 96 22.76 7.68 66.48
CA ALA P 96 23.55 8.74 65.86
C ALA P 96 22.79 10.06 65.82
N MET P 97 21.47 9.98 65.55
CA MET P 97 20.60 11.14 65.51
C MET P 97 20.63 11.83 66.86
N LEU P 98 20.47 11.02 67.91
CA LEU P 98 20.42 11.54 69.25
C LEU P 98 21.72 12.22 69.58
N SER P 99 22.84 11.59 69.20
CA SER P 99 24.16 12.12 69.50
C SER P 99 24.46 13.43 68.76
N ARG P 100 23.69 13.70 67.71
CA ARG P 100 23.76 14.97 66.99
C ARG P 100 22.85 16.04 67.63
N GLY P 101 22.20 15.70 68.73
CA GLY P 101 21.36 16.67 69.45
C GLY P 101 19.86 16.64 69.15
N PHE P 102 19.43 15.68 68.32
CA PHE P 102 18.02 15.51 68.01
C PHE P 102 17.29 14.66 69.06
N THR P 103 16.50 15.30 69.90
CA THR P 103 15.82 14.59 70.98
C THR P 103 14.40 14.20 70.61
N SER P 104 13.91 14.75 69.50
CA SER P 104 12.67 14.25 68.92
C SER P 104 12.80 14.17 67.40
N VAL P 105 12.22 13.14 66.79
CA VAL P 105 12.00 13.14 65.32
C VAL P 105 10.58 12.79 64.93
N ARG P 106 10.13 13.35 63.81
CA ARG P 106 8.82 13.03 63.26
C ARG P 106 9.07 12.13 62.06
N ASP P 107 8.71 10.85 62.19
CA ASP P 107 9.01 9.89 61.14
C ASP P 107 7.98 10.00 60.02
N ALA P 108 8.46 10.07 58.79
CA ALA P 108 7.60 10.36 57.68
C ALA P 108 7.18 9.09 56.95
N GLY P 109 7.13 7.98 57.68
CA GLY P 109 6.72 6.69 57.12
C GLY P 109 7.78 5.62 57.30
N GLY P 110 7.38 4.47 57.81
CA GLY P 110 8.35 3.46 58.25
C GLY P 110 8.16 3.13 59.72
N ALA P 111 8.58 4.04 60.60
CA ALA P 111 8.50 3.80 62.06
C ALA P 111 7.08 3.62 62.54
N ASP P 112 6.93 2.83 63.58
CA ASP P 112 5.61 2.56 64.14
C ASP P 112 5.59 2.78 65.65
N TRP P 113 4.43 2.50 66.23
CA TRP P 113 4.21 2.69 67.64
C TRP P 113 5.16 1.87 68.52
N SER P 114 5.62 0.73 68.01
CA SER P 114 6.52 -0.14 68.77
C SER P 114 7.89 0.49 68.94
N LEU P 115 8.40 1.10 67.87
CA LEU P 115 9.69 1.79 67.93
C LEU P 115 9.62 2.98 68.87
N MET P 116 8.46 3.65 68.86
CA MET P 116 8.20 4.80 69.72
C MET P 116 8.22 4.36 71.19
N GLN P 117 7.67 3.16 71.44
CA GLN P 117 7.71 2.57 72.77
C GLN P 117 9.13 2.15 73.19
N ALA P 118 9.89 1.59 72.24
CA ALA P 118 11.25 1.13 72.49
C ALA P 118 12.16 2.25 72.99
N VAL P 119 11.96 3.45 72.47
CA VAL P 119 12.70 4.58 72.96
C VAL P 119 12.14 5.10 74.27
N GLU P 120 10.82 5.00 74.46
CA GLU P 120 10.19 5.63 75.62
C GLU P 120 10.33 4.79 76.87
N THR P 121 10.51 3.49 76.69
CA THR P 121 10.73 2.59 77.81
C THR P 121 12.22 2.35 78.00
N GLY P 122 13.03 2.95 77.14
CA GLY P 122 14.47 2.95 77.34
C GLY P 122 15.10 1.69 76.83
N LEU P 123 14.33 0.90 76.10
CA LEU P 123 14.81 -0.32 75.51
C LEU P 123 15.83 -0.05 74.40
N VAL P 124 15.80 1.15 73.86
CA VAL P 124 16.61 1.50 72.70
C VAL P 124 16.96 2.98 72.81
N SER P 125 18.18 3.33 72.40
CA SER P 125 18.63 4.69 72.53
C SER P 125 18.33 5.48 71.25
N GLY P 126 17.59 6.58 71.40
CA GLY P 126 17.20 7.42 70.26
C GLY P 126 16.34 8.61 70.65
N PRO P 127 15.94 9.43 69.67
CA PRO P 127 15.03 10.54 69.91
C PRO P 127 13.65 9.99 70.22
N ARG P 128 12.76 10.84 70.75
CA ARG P 128 11.35 10.55 70.79
C ARG P 128 10.87 10.45 69.35
N ILE P 129 10.04 9.45 69.07
CA ILE P 129 9.47 9.31 67.74
C ILE P 129 8.00 9.78 67.69
N PHE P 130 7.70 10.56 66.67
CA PHE P 130 6.35 10.82 66.29
C PHE P 130 6.09 10.06 65.00
N PRO P 131 5.56 8.82 65.12
CA PRO P 131 5.42 7.90 64.00
C PRO P 131 4.23 8.19 63.07
N SER P 132 4.46 7.99 61.78
CA SER P 132 3.40 8.11 60.76
C SER P 132 2.73 6.76 60.49
N GLY P 133 3.31 5.67 61.01
CA GLY P 133 3.03 4.34 60.50
C GLY P 133 3.60 4.23 59.10
N LYS P 134 2.74 3.97 58.12
CA LYS P 134 3.16 3.93 56.71
C LYS P 134 2.57 5.05 55.89
N ALA P 135 3.39 5.63 55.00
CA ALA P 135 2.91 6.63 54.06
C ALA P 135 1.80 6.06 53.17
N LEU P 136 0.74 6.82 52.98
CA LEU P 136 -0.29 6.44 52.03
C LEU P 136 0.13 6.90 50.64
N SER P 137 0.21 5.96 49.72
CA SER P 137 0.51 6.26 48.32
C SER P 137 -0.47 5.61 47.37
N GLN P 138 -0.91 6.34 46.35
CA GLN P 138 -1.79 5.78 45.32
C GLN P 138 -1.02 4.80 44.42
N THR P 139 -1.73 4.03 43.60
CA THR P 139 -1.06 3.06 42.74
C THR P 139 -0.18 3.76 41.71
N GLY P 140 1.06 3.29 41.56
CA GLY P 140 2.07 3.97 40.75
C GLY P 140 2.54 5.29 41.35
N GLY P 141 2.21 5.51 42.61
CA GLY P 141 2.58 6.75 43.28
C GLY P 141 3.99 6.75 43.83
N HIS P 142 4.28 7.74 44.66
CA HIS P 142 5.62 7.94 45.17
C HIS P 142 5.98 6.87 46.20
N GLY P 143 4.98 6.10 46.64
CA GLY P 143 5.24 5.02 47.58
C GLY P 143 5.25 3.64 46.95
N ASP P 144 4.84 3.57 45.68
CA ASP P 144 4.73 2.30 44.95
C ASP P 144 6.05 2.02 44.24
N PHE P 145 6.74 0.97 44.69
CA PHE P 145 8.12 0.73 44.25
C PHE P 145 8.19 -0.38 43.22
N ARG P 146 7.06 -0.70 42.62
CA ARG P 146 7.03 -1.69 41.56
C ARG P 146 7.56 -1.11 40.26
N PRO P 147 8.44 -1.86 39.57
CA PRO P 147 8.96 -1.44 38.28
C PRO P 147 7.90 -1.46 37.18
N ARG P 148 8.20 -0.83 36.05
CA ARG P 148 7.24 -0.63 34.97
C ARG P 148 6.51 -1.89 34.54
N LEU P 152 4.96 -5.42 36.41
CA LEU P 152 3.67 -5.01 35.85
C LEU P 152 2.48 -5.77 36.46
N GLU P 153 2.56 -5.90 37.77
CA GLU P 153 1.54 -5.31 38.65
C GLU P 153 1.19 -6.07 39.92
N PRO P 154 -0.07 -6.51 40.06
CA PRO P 154 -0.62 -6.41 41.39
C PRO P 154 -0.03 -7.45 42.36
N CYS P 155 0.33 -6.94 43.55
CA CYS P 155 -0.08 -7.53 44.85
C CYS P 155 0.87 -7.35 46.03
N SER P 156 0.34 -7.61 47.23
CA SER P 156 1.14 -7.65 48.47
C SER P 156 0.24 -7.98 49.65
N CYS P 157 0.79 -8.65 50.65
CA CYS P 157 -0.05 -9.30 51.62
C CYS P 157 0.02 -8.54 52.92
N CYS P 158 1.25 -8.17 53.27
CA CYS P 158 1.62 -8.02 54.65
C CYS P 158 2.65 -6.97 54.81
N PHE P 159 2.61 -6.30 55.94
CA PHE P 159 3.46 -5.15 56.12
C PHE P 159 4.89 -5.53 56.49
N ARG P 160 5.77 -5.41 55.51
CA ARG P 160 7.20 -5.46 55.73
C ARG P 160 7.58 -4.28 56.63
N THR P 161 8.27 -4.54 57.72
CA THR P 161 8.68 -3.45 58.60
C THR P 161 9.71 -2.55 57.93
N GLY P 162 10.16 -2.93 56.74
CA GLY P 162 11.10 -2.13 55.95
C GLY P 162 10.45 -1.21 54.92
N ALA P 163 9.11 -1.25 54.85
CA ALA P 163 8.38 -0.47 53.86
C ALA P 163 8.05 0.92 54.40
N ILE P 164 8.45 1.95 53.65
CA ILE P 164 8.14 3.34 53.97
C ILE P 164 6.63 3.57 53.88
N ALA P 165 6.01 2.98 52.85
CA ALA P 165 4.67 3.34 52.46
C ALA P 165 3.78 2.13 52.26
N ARG P 166 2.50 2.38 52.07
CA ARG P 166 1.58 1.36 51.60
C ARG P 166 0.74 1.92 50.47
N VAL P 167 0.30 1.06 49.57
CA VAL P 167 -0.48 1.52 48.42
C VAL P 167 -1.96 1.34 48.67
N VAL P 168 -2.71 2.44 48.76
CA VAL P 168 -4.18 2.38 48.79
C VAL P 168 -4.81 3.38 47.85
N ASP P 169 -5.98 3.02 47.32
CA ASP P 169 -6.66 3.84 46.33
C ASP P 169 -8.13 3.88 46.68
N GLY P 170 -8.82 4.93 46.25
CA GLY P 170 -10.25 5.06 46.53
C GLY P 170 -10.57 5.70 47.87
N VAL P 171 -11.74 6.35 47.95
CA VAL P 171 -12.16 7.06 49.17
C VAL P 171 -12.29 6.09 50.35
N GLU P 172 -13.00 5.00 50.15
CA GLU P 172 -13.13 4.03 51.23
C GLU P 172 -11.80 3.39 51.58
N GLY P 173 -10.97 3.13 50.56
CA GLY P 173 -9.62 2.60 50.75
C GLY P 173 -8.83 3.43 51.75
N VAL P 174 -8.78 4.73 51.51
CA VAL P 174 -7.92 5.62 52.26
C VAL P 174 -8.54 5.97 53.63
N ARG P 175 -9.87 5.95 53.67
CA ARG P 175 -10.57 6.06 54.94
C ARG P 175 -10.15 4.93 55.87
N LEU P 176 -10.23 3.71 55.35
CA LEU P 176 -9.92 2.53 56.14
C LEU P 176 -8.43 2.52 56.53
N ALA P 177 -7.59 2.98 55.62
CA ALA P 177 -6.15 2.97 55.84
C ALA P 177 -5.79 3.88 57.01
N VAL P 178 -6.39 5.07 57.00
CA VAL P 178 -6.20 6.03 58.08
C VAL P 178 -6.71 5.48 59.41
N ARG P 179 -7.87 4.85 59.39
CA ARG P 179 -8.41 4.23 60.59
C ARG P 179 -7.48 3.16 61.12
N GLU P 180 -6.91 2.39 60.20
CA GLU P 180 -5.96 1.37 60.57
C GLU P 180 -4.72 1.97 61.23
N GLU P 181 -4.08 2.91 60.53
CA GLU P 181 -2.79 3.43 60.98
C GLU P 181 -2.91 4.10 62.33
N ILE P 182 -4.06 4.72 62.56
CA ILE P 182 -4.35 5.37 63.81
C ILE P 182 -4.53 4.35 64.93
N GLN P 183 -5.28 3.29 64.66
CA GLN P 183 -5.43 2.17 65.61
C GLN P 183 -4.08 1.58 65.98
N LYS P 184 -3.24 1.33 64.99
CA LYS P 184 -1.87 0.88 65.22
C LYS P 184 -1.04 1.90 65.99
N GLY P 185 -1.49 3.15 66.03
CA GLY P 185 -0.93 4.16 66.95
C GLY P 185 -0.13 5.31 66.35
N ALA P 186 -0.37 5.63 65.07
CA ALA P 186 0.28 6.76 64.42
C ALA P 186 -0.07 8.09 65.10
N THR P 187 0.87 9.02 65.16
CA THR P 187 0.59 10.35 65.76
C THR P 187 0.12 11.34 64.71
N GLN P 188 0.41 11.03 63.46
CA GLN P 188 -0.02 11.85 62.33
C GLN P 188 -0.02 11.04 61.02
N ILE P 189 -0.49 11.61 59.92
CA ILE P 189 -0.72 10.83 58.70
C ILE P 189 0.09 11.39 57.52
N LYS P 190 0.95 10.57 56.92
CA LYS P 190 1.72 11.00 55.76
C LYS P 190 1.09 10.50 54.45
N ILE P 191 0.89 11.39 53.49
CA ILE P 191 0.42 10.97 52.17
C ILE P 191 1.32 11.51 51.06
N MET P 192 1.42 10.76 49.97
CA MET P 192 2.13 11.23 48.79
C MET P 192 1.12 11.91 47.87
N ALA P 193 1.32 13.20 47.66
CA ALA P 193 0.37 14.03 46.96
C ALA P 193 0.97 14.56 45.65
N SER P 194 2.18 14.13 45.34
CA SER P 194 2.80 14.44 44.07
C SER P 194 3.88 13.43 43.77
N GLY P 195 4.34 13.40 42.53
CA GLY P 195 5.50 12.59 42.14
C GLY P 195 6.74 12.94 42.95
N GLY P 196 7.73 12.06 42.89
CA GLY P 196 8.90 12.26 43.73
C GLY P 196 10.22 12.04 43.01
N VAL P 197 11.23 11.68 43.78
CA VAL P 197 12.56 11.44 43.26
C VAL P 197 12.92 9.97 43.44
N ALA P 198 12.59 9.43 44.62
CA ALA P 198 13.01 8.07 45.04
C ALA P 198 12.08 6.92 44.63
N SER P 199 11.11 7.20 43.75
CA SER P 199 10.18 6.19 43.25
C SER P 199 10.31 6.01 41.73
N PRO P 200 10.10 4.78 41.23
CA PRO P 200 10.47 4.44 39.83
C PRO P 200 9.65 5.09 38.70
N THR P 201 8.34 5.19 38.87
CA THR P 201 7.45 5.41 37.73
C THR P 201 6.90 6.83 37.57
N ASP P 202 6.89 7.60 38.66
CA ASP P 202 6.20 8.90 38.66
C ASP P 202 7.13 10.10 38.46
N PRO P 203 6.95 10.83 37.35
CA PRO P 203 7.60 12.13 37.16
C PRO P 203 7.15 13.13 38.21
N ILE P 204 8.01 14.08 38.55
CA ILE P 204 7.80 14.92 39.73
C ILE P 204 6.71 16.00 39.52
N ALA P 205 6.53 16.41 38.27
CA ALA P 205 5.57 17.44 37.91
C ALA P 205 4.12 17.07 38.20
N ASN P 206 3.80 15.78 38.25
CA ASN P 206 2.39 15.39 38.34
C ASN P 206 1.82 15.00 39.72
N THR P 207 0.52 15.24 39.90
CA THR P 207 -0.14 15.14 41.21
C THR P 207 -0.59 13.72 41.56
N GLN P 208 -0.84 13.48 42.84
CA GLN P 208 -1.27 12.16 43.29
C GLN P 208 -2.41 12.23 44.29
N TYR P 209 -3.30 11.24 44.26
CA TYR P 209 -4.61 11.27 44.92
C TYR P 209 -5.57 12.29 44.35
N SER P 210 -6.83 11.89 44.16
CA SER P 210 -7.91 12.83 43.86
C SER P 210 -8.25 13.64 45.11
N GLU P 211 -8.96 14.74 44.90
CA GLU P 211 -9.31 15.66 45.97
C GLU P 211 -10.26 15.03 46.97
N ASP P 212 -11.14 14.17 46.45
CA ASP P 212 -12.05 13.41 47.31
C ASP P 212 -11.29 12.51 48.26
N GLU P 213 -10.22 11.92 47.75
CA GLU P 213 -9.36 11.05 48.54
C GLU P 213 -8.67 11.83 49.66
N ILE P 214 -8.05 12.93 49.28
CA ILE P 214 -7.25 13.72 50.19
C ILE P 214 -8.13 14.26 51.30
N ARG P 215 -9.28 14.80 50.89
CA ARG P 215 -10.27 15.31 51.82
C ARG P 215 -10.74 14.29 52.87
N ALA P 216 -11.05 13.07 52.45
CA ALA P 216 -11.35 11.94 53.35
C ALA P 216 -10.23 11.61 54.34
N ILE P 217 -8.99 11.67 53.85
CA ILE P 217 -7.83 11.38 54.69
C ILE P 217 -7.69 12.45 55.76
N VAL P 218 -7.87 13.70 55.38
CA VAL P 218 -7.77 14.82 56.29
C VAL P 218 -8.88 14.73 57.33
N ASP P 219 -10.09 14.41 56.88
CA ASP P 219 -11.25 14.27 57.76
C ASP P 219 -11.06 13.22 58.85
N GLU P 220 -10.45 12.09 58.48
CA GLU P 220 -10.25 10.99 59.40
C GLU P 220 -9.10 11.33 60.34
N ALA P 221 -8.15 12.09 59.83
CA ALA P 221 -7.02 12.55 60.64
C ALA P 221 -7.55 13.46 61.73
N GLU P 222 -8.37 14.42 61.32
CA GLU P 222 -8.95 15.39 62.23
C GLU P 222 -9.88 14.73 63.25
N ALA P 223 -10.64 13.74 62.76
CA ALA P 223 -11.50 12.90 63.58
C ALA P 223 -10.74 12.26 64.73
N ALA P 224 -9.45 11.98 64.52
CA ALA P 224 -8.64 11.36 65.55
C ALA P 224 -7.81 12.41 66.31
N ASN P 225 -8.21 13.67 66.17
CA ASN P 225 -7.47 14.80 66.72
CA ASN P 225 -7.46 14.76 66.79
C ASN P 225 -5.98 14.85 66.34
N THR P 226 -5.73 14.71 65.04
CA THR P 226 -4.39 14.93 64.51
C THR P 226 -4.45 15.52 63.11
N TYR P 227 -3.34 15.52 62.39
CA TYR P 227 -3.30 16.17 61.08
C TYR P 227 -2.68 15.29 60.01
N VAL P 228 -2.68 15.79 58.77
CA VAL P 228 -2.00 15.13 57.66
C VAL P 228 -0.74 15.88 57.23
N MET P 229 0.35 15.15 57.02
CA MET P 229 1.54 15.70 56.36
C MET P 229 1.60 15.17 54.93
N ALA P 230 1.98 16.02 53.98
CA ALA P 230 1.85 15.70 52.55
C ALA P 230 3.08 16.02 51.72
N HIS P 231 3.63 15.01 51.07
CA HIS P 231 4.73 15.21 50.13
C HIS P 231 4.21 15.87 48.84
N ALA P 232 4.75 17.03 48.51
CA ALA P 232 4.34 17.76 47.30
C ALA P 232 5.46 18.70 46.80
N TYR P 233 5.73 18.68 45.51
CA TYR P 233 6.79 19.53 44.94
C TYR P 233 6.27 20.82 44.33
N THR P 234 5.46 20.69 43.27
CA THR P 234 5.06 21.86 42.49
C THR P 234 3.96 22.66 43.17
N GLY P 235 3.85 23.93 42.77
CA GLY P 235 2.80 24.81 43.25
C GLY P 235 1.42 24.26 42.99
N ARG P 236 1.23 23.61 41.84
CA ARG P 236 -0.06 23.02 41.51
C ARG P 236 -0.40 21.97 42.54
N ALA P 237 0.57 21.10 42.83
CA ALA P 237 0.39 19.99 43.76
C ALA P 237 0.21 20.47 45.20
N ILE P 238 0.95 21.50 45.56
CA ILE P 238 0.83 22.09 46.88
C ILE P 238 -0.53 22.77 47.10
N ALA P 239 -1.00 23.52 46.10
CA ALA P 239 -2.25 24.26 46.21
C ALA P 239 -3.40 23.37 46.60
N ARG P 240 -3.63 22.31 45.82
CA ARG P 240 -4.81 21.50 46.00
C ARG P 240 -4.75 20.74 47.31
N ALA P 241 -3.55 20.30 47.69
CA ALA P 241 -3.34 19.59 48.95
C ALA P 241 -3.72 20.48 50.13
N VAL P 242 -3.27 21.73 50.08
CA VAL P 242 -3.61 22.70 51.10
C VAL P 242 -5.10 23.05 51.10
N ARG P 243 -5.66 23.23 49.90
CA ARG P 243 -7.11 23.45 49.76
C ARG P 243 -7.96 22.30 50.33
N CYS P 244 -7.41 21.09 50.28
CA CYS P 244 -8.12 19.95 50.84
C CYS P 244 -7.86 19.79 52.34
N GLY P 245 -6.99 20.62 52.89
CA GLY P 245 -6.88 20.71 54.34
C GLY P 245 -5.67 20.07 54.99
N VAL P 246 -4.61 19.80 54.22
CA VAL P 246 -3.41 19.25 54.83
C VAL P 246 -2.68 20.35 55.59
N ARG P 247 -2.05 20.00 56.70
CA ARG P 247 -1.52 20.98 57.62
C ARG P 247 -0.04 21.25 57.38
N THR P 248 0.75 20.21 57.08
CA THR P 248 2.15 20.43 56.72
C THR P 248 2.53 19.87 55.34
N ILE P 249 3.33 20.64 54.60
CA ILE P 249 3.78 20.22 53.29
C ILE P 249 5.26 19.83 53.40
N GLU P 250 5.59 18.64 52.91
CA GLU P 250 6.97 18.19 52.91
C GLU P 250 7.65 18.54 51.59
N HIS P 251 8.93 18.90 51.67
CA HIS P 251 9.76 19.30 50.53
C HIS P 251 9.37 20.65 49.94
N GLY P 252 8.41 20.64 49.01
CA GLY P 252 7.82 21.87 48.47
C GLY P 252 8.73 22.74 47.62
N ASN P 253 9.74 22.11 46.99
CA ASN P 253 10.82 22.82 46.33
C ASN P 253 10.39 23.69 45.15
N LEU P 254 9.28 23.34 44.52
CA LEU P 254 8.87 24.07 43.34
C LEU P 254 7.60 24.91 43.55
N VAL P 255 7.52 25.60 44.68
CA VAL P 255 6.43 26.56 44.93
C VAL P 255 6.52 27.77 44.00
N ASP P 256 5.36 28.31 43.63
CA ASP P 256 5.24 29.70 43.21
C ASP P 256 4.71 30.47 44.40
N GLU P 257 4.68 31.80 44.31
CA GLU P 257 4.21 32.64 45.42
C GLU P 257 2.69 32.61 45.62
N ALA P 258 1.98 32.28 44.55
CA ALA P 258 0.53 32.11 44.64
C ALA P 258 0.15 30.97 45.60
N ALA P 259 0.88 29.86 45.50
CA ALA P 259 0.70 28.73 46.39
C ALA P 259 1.17 29.05 47.80
N ALA P 260 2.35 29.65 47.91
CA ALA P 260 2.90 30.10 49.18
C ALA P 260 1.95 31.01 49.94
N LYS P 261 1.39 32.00 49.24
CA LYS P 261 0.35 32.88 49.75
C LYS P 261 -0.82 32.07 50.32
N LEU P 262 -1.30 31.12 49.53
CA LEU P 262 -2.38 30.23 49.94
C LEU P 262 -2.01 29.43 51.20
N MET P 263 -0.76 29.00 51.28
CA MET P 263 -0.28 28.28 52.43
C MET P 263 -0.35 29.14 53.68
N HIS P 264 0.16 30.37 53.55
CA HIS P 264 0.14 31.34 54.63
C HIS P 264 -1.29 31.57 55.11
N GLU P 265 -2.20 31.73 54.16
CA GLU P 265 -3.60 32.03 54.47
C GLU P 265 -4.26 30.92 55.26
N HIS P 266 -3.96 29.68 54.86
CA HIS P 266 -4.58 28.51 55.49
C HIS P 266 -3.89 28.08 56.79
N GLY P 267 -2.77 28.71 57.12
CA GLY P 267 -2.02 28.40 58.33
C GLY P 267 -1.18 27.16 58.21
N ALA P 268 -0.77 26.84 56.98
CA ALA P 268 -0.07 25.60 56.68
C ALA P 268 1.44 25.77 56.84
N PHE P 269 2.10 24.80 57.46
CA PHE P 269 3.58 24.74 57.50
C PHE P 269 4.25 24.15 56.26
N VAL P 270 5.55 24.38 56.11
CA VAL P 270 6.38 23.62 55.17
C VAL P 270 7.59 23.02 55.87
N VAL P 271 7.99 21.83 55.46
CA VAL P 271 9.23 21.25 55.93
C VAL P 271 10.09 20.95 54.72
N PRO P 272 10.93 21.92 54.31
CA PRO P 272 11.97 21.71 53.31
C PRO P 272 12.94 20.66 53.77
N THR P 273 13.59 19.97 52.83
CA THR P 273 14.57 18.95 53.19
C THR P 273 15.76 19.08 52.27
N LEU P 274 16.38 20.25 52.25
CA LEU P 274 17.34 20.56 51.21
C LEU P 274 18.59 19.68 51.25
N VAL P 275 19.02 19.30 52.45
CA VAL P 275 20.24 18.52 52.61
C VAL P 275 20.22 17.21 51.80
N THR P 276 19.04 16.62 51.66
CA THR P 276 18.93 15.31 51.02
C THR P 276 19.28 15.35 49.54
N TYR P 277 19.10 16.50 48.92
CA TYR P 277 19.32 16.62 47.48
C TYR P 277 20.79 16.86 47.18
N ASP P 278 21.47 17.52 48.11
CA ASP P 278 22.92 17.67 48.01
C ASP P 278 23.64 16.35 48.20
N ALA P 279 23.10 15.53 49.09
CA ALA P 279 23.67 14.22 49.37
C ALA P 279 23.46 13.29 48.17
N LEU P 280 22.25 13.33 47.61
CA LEU P 280 21.92 12.51 46.45
C LEU P 280 22.55 13.03 45.16
N ALA P 281 23.03 14.28 45.19
CA ALA P 281 23.87 14.81 44.11
C ALA P 281 25.22 14.10 44.09
N LYS P 282 25.95 14.15 45.21
CA LYS P 282 27.29 13.57 45.29
C LYS P 282 27.30 12.03 45.22
N HIS P 283 26.50 11.41 46.08
CA HIS P 283 26.56 9.96 46.26
C HIS P 283 25.23 9.28 45.91
N GLY P 284 24.65 9.66 44.77
CA GLY P 284 23.34 9.17 44.36
C GLY P 284 23.35 7.76 43.82
N ALA P 285 23.82 7.61 42.58
CA ALA P 285 23.97 6.29 41.94
C ALA P 285 25.08 5.47 42.62
N GLU P 286 25.90 6.14 43.42
CA GLU P 286 26.99 5.53 44.17
C GLU P 286 26.52 4.67 45.35
N PHE P 287 25.50 5.13 46.06
CA PHE P 287 24.97 4.39 47.22
C PHE P 287 23.76 3.51 46.90
N GLY P 288 23.57 3.21 45.62
CA GLY P 288 22.65 2.16 45.18
C GLY P 288 21.21 2.57 44.93
N MET P 289 20.98 3.86 44.73
CA MET P 289 19.67 4.34 44.28
C MET P 289 19.61 4.32 42.75
N PRO P 290 18.56 3.69 42.18
CA PRO P 290 18.36 3.48 40.75
C PRO P 290 18.71 4.69 39.88
N PRO P 291 19.35 4.45 38.72
CA PRO P 291 19.90 5.48 37.81
C PRO P 291 18.92 6.54 37.30
N GLU P 292 17.64 6.19 37.19
CA GLU P 292 16.62 7.12 36.70
C GLU P 292 15.96 7.92 37.84
N SER P 293 16.27 7.54 39.07
CA SER P 293 15.92 8.34 40.25
C SER P 293 16.91 9.48 40.46
N VAL P 294 18.19 9.23 40.16
CA VAL P 294 19.23 10.26 40.19
C VAL P 294 19.10 11.27 39.03
N ALA P 295 18.36 10.90 38.00
CA ALA P 295 18.03 11.81 36.89
C ALA P 295 17.03 12.89 37.31
N LYS P 296 16.19 12.54 38.29
CA LYS P 296 15.16 13.45 38.79
C LYS P 296 15.64 14.43 39.89
N VAL P 297 16.81 14.16 40.47
CA VAL P 297 17.37 14.96 41.58
C VAL P 297 18.12 16.21 41.12
N ALA P 298 18.47 16.26 39.84
CA ALA P 298 19.11 17.43 39.24
C ALA P 298 18.21 18.66 39.36
N SER P 299 16.92 18.47 39.10
CA SER P 299 15.96 19.58 38.98
C SER P 299 15.53 20.24 40.30
N VAL P 300 15.30 19.44 41.34
CA VAL P 300 14.66 19.94 42.57
C VAL P 300 15.57 20.72 43.50
N GLN P 301 16.87 20.48 43.41
CA GLN P 301 17.84 21.17 44.25
C GLN P 301 18.09 22.61 43.79
N GLN P 302 17.92 22.84 42.49
CA GLN P 302 17.99 24.17 41.90
C GLN P 302 17.12 25.16 42.68
N LYS P 303 15.81 25.00 42.51
CA LYS P 303 14.82 25.86 43.15
C LYS P 303 14.73 25.64 44.67
N GLY P 304 15.54 24.73 45.18
CA GLY P 304 15.52 24.40 46.62
C GLY P 304 15.87 25.56 47.54
N ARG P 305 17.02 26.18 47.31
CA ARG P 305 17.41 27.35 48.09
C ARG P 305 16.49 28.54 47.81
N GLU P 306 16.12 28.73 46.55
CA GLU P 306 15.26 29.82 46.12
C GLU P 306 13.88 29.80 46.78
N SER P 307 13.33 28.60 46.96
CA SER P 307 12.00 28.44 47.56
C SER P 307 11.97 28.93 49.00
N LEU P 308 13.07 28.73 49.71
CA LEU P 308 13.20 29.20 51.08
C LEU P 308 12.81 30.66 51.18
N GLU P 309 13.27 31.46 50.22
CA GLU P 309 12.96 32.87 50.17
C GLU P 309 11.48 33.12 49.93
N ILE P 310 10.90 32.38 48.97
CA ILE P 310 9.47 32.50 48.68
C ILE P 310 8.60 32.25 49.92
N TYR P 311 9.01 31.26 50.71
CA TYR P 311 8.29 30.88 51.92
C TYR P 311 8.37 31.94 53.00
N ALA P 312 9.57 32.49 53.19
CA ALA P 312 9.78 33.56 54.16
C ALA P 312 8.98 34.79 53.79
N ASN P 313 9.04 35.17 52.51
CA ASN P 313 8.34 36.34 51.97
C ASN P 313 6.83 36.26 52.18
N ALA P 314 6.27 35.08 51.94
CA ALA P 314 4.84 34.90 52.09
C ALA P 314 4.48 34.66 53.55
N GLY P 315 5.50 34.52 54.40
CA GLY P 315 5.29 34.34 55.83
C GLY P 315 4.73 32.97 56.17
N VAL P 316 5.27 31.94 55.51
CA VAL P 316 4.87 30.57 55.76
C VAL P 316 5.85 29.96 56.73
N LYS P 317 5.36 29.40 57.84
CA LYS P 317 6.24 28.78 58.83
C LYS P 317 7.03 27.59 58.29
N MET P 318 8.30 27.49 58.67
CA MET P 318 9.22 26.51 58.09
C MET P 318 9.83 25.66 59.19
N GLY P 319 9.68 24.34 59.04
CA GLY P 319 10.30 23.39 59.96
C GLY P 319 11.52 22.72 59.36
N PHE P 320 12.40 22.29 60.25
CA PHE P 320 13.59 21.53 59.90
C PHE P 320 13.24 20.12 59.40
N GLY P 321 13.85 19.71 58.29
CA GLY P 321 13.74 18.34 57.82
C GLY P 321 14.98 17.85 57.11
N SER P 322 15.34 16.59 57.30
CA SER P 322 16.52 16.04 56.65
C SER P 322 16.17 15.13 55.47
N ASP P 323 15.38 14.09 55.73
CA ASP P 323 14.97 13.10 54.72
C ASP P 323 16.13 12.33 54.13
N LEU P 324 17.12 12.04 54.97
CA LEU P 324 18.29 11.27 54.51
C LEU P 324 18.08 9.76 54.56
N LEU P 325 18.60 9.08 53.55
CA LEU P 325 18.45 7.64 53.39
C LEU P 325 19.79 6.93 53.42
N GLY P 326 19.83 5.79 54.08
CA GLY P 326 21.02 4.96 54.15
C GLY P 326 22.16 5.66 54.87
N GLU P 327 23.37 5.50 54.35
CA GLU P 327 24.58 5.96 55.02
C GLU P 327 24.70 7.48 54.95
N MET P 328 23.90 8.08 54.08
CA MET P 328 23.76 9.53 54.00
C MET P 328 23.06 10.10 55.23
N HIS P 329 22.66 9.25 56.16
CA HIS P 329 22.08 9.72 57.42
C HIS P 329 23.02 10.66 58.18
N ALA P 330 24.32 10.46 58.00
CA ALA P 330 25.35 11.27 58.65
C ALA P 330 25.25 12.79 58.42
N PHE P 331 24.78 13.20 57.24
CA PHE P 331 24.80 14.61 56.85
C PHE P 331 23.68 15.46 57.46
N GLN P 332 22.99 14.91 58.47
CA GLN P 332 21.72 15.45 58.98
C GLN P 332 21.81 16.89 59.52
N SER P 333 22.90 17.21 60.20
CA SER P 333 23.04 18.52 60.81
C SER P 333 23.32 19.60 59.76
N GLY P 334 23.75 19.16 58.59
CA GLY P 334 24.11 20.05 57.49
C GLY P 334 22.99 20.95 57.01
N GLU P 335 21.75 20.54 57.24
CA GLU P 335 20.58 21.38 56.93
C GLU P 335 20.56 22.69 57.73
N PHE P 336 21.16 22.70 58.92
CA PHE P 336 21.32 23.95 59.67
C PHE P 336 22.06 24.99 58.88
N ARG P 337 23.23 24.59 58.36
CA ARG P 337 24.06 25.48 57.57
C ARG P 337 23.35 25.96 56.30
N ILE P 338 22.74 25.04 55.56
CA ILE P 338 22.08 25.34 54.30
C ILE P 338 20.97 26.36 54.49
N ARG P 339 20.29 26.27 55.63
CA ARG P 339 19.21 27.18 55.93
C ARG P 339 19.72 28.53 56.42
N ALA P 340 20.78 28.49 57.22
CA ALA P 340 21.35 29.71 57.76
C ALA P 340 21.97 30.56 56.65
N GLU P 341 22.43 29.91 55.58
CA GLU P 341 22.99 30.63 54.45
C GLU P 341 21.96 31.43 53.67
N VAL P 342 20.69 31.07 53.80
CA VAL P 342 19.61 31.79 53.13
C VAL P 342 18.81 32.71 54.05
N LEU P 343 18.32 32.18 55.16
CA LEU P 343 17.64 32.98 56.16
C LEU P 343 18.63 33.17 57.29
N GLY P 344 18.35 33.99 58.29
CA GLY P 344 19.35 34.17 59.37
C GLY P 344 19.54 32.89 60.15
N ASN P 345 20.72 32.66 60.72
CA ASN P 345 20.86 31.51 61.61
C ASN P 345 20.00 31.51 62.88
N LEU P 346 19.39 32.64 63.20
CA LEU P 346 18.30 32.64 64.17
C LEU P 346 17.12 31.82 63.66
N GLU P 347 16.72 32.06 62.42
CA GLU P 347 15.62 31.29 61.84
C GLU P 347 15.98 29.81 61.68
N ALA P 348 17.23 29.50 61.33
CA ALA P 348 17.64 28.10 61.19
C ALA P 348 17.41 27.36 62.50
N LEU P 349 17.82 27.97 63.61
CA LEU P 349 17.58 27.37 64.92
C LEU P 349 16.11 27.34 65.31
N ARG P 350 15.34 28.32 64.86
CA ARG P 350 13.88 28.32 65.07
C ARG P 350 13.18 27.14 64.41
N SER P 351 13.67 26.75 63.23
CA SER P 351 13.02 25.72 62.43
CA SER P 351 13.01 25.72 62.44
C SER P 351 13.06 24.38 63.14
N ALA P 352 14.09 24.17 63.95
CA ALA P 352 14.30 22.90 64.64
C ALA P 352 13.94 22.95 66.11
N THR P 353 13.19 23.96 66.52
CA THR P 353 12.87 24.16 67.93
C THR P 353 11.45 24.67 68.11
N THR P 354 11.27 25.99 68.07
CA THR P 354 9.95 26.57 68.33
C THR P 354 8.92 26.20 67.27
N VAL P 355 9.30 26.36 65.99
CA VAL P 355 8.40 26.05 64.87
C VAL P 355 8.10 24.55 64.84
N ALA P 356 9.16 23.75 64.98
CA ALA P 356 9.05 22.29 64.98
C ALA P 356 8.08 21.81 66.04
N ALA P 357 8.29 22.27 67.26
CA ALA P 357 7.41 21.94 68.39
C ALA P 357 5.96 22.24 68.07
N GLU P 358 5.74 23.32 67.34
CA GLU P 358 4.41 23.71 66.96
C GLU P 358 3.86 22.73 65.94
N ILE P 359 4.72 22.26 65.03
CA ILE P 359 4.28 21.31 64.01
C ILE P 359 3.75 20.02 64.65
N VAL P 360 4.52 19.44 65.58
CA VAL P 360 4.12 18.21 66.23
C VAL P 360 3.15 18.47 67.37
N ASN P 361 2.54 19.65 67.38
CA ASN P 361 1.58 20.02 68.42
C ASN P 361 2.08 19.91 69.87
N MET P 362 3.35 20.27 70.11
CA MET P 362 3.93 20.28 71.46
C MET P 362 4.44 21.66 71.84
N GLN P 363 3.72 22.70 71.43
CA GLN P 363 4.07 24.07 71.79
C GLN P 363 4.01 24.27 73.30
N GLY P 364 5.09 24.79 73.85
CA GLY P 364 5.22 24.92 75.29
C GLY P 364 5.83 23.69 75.92
N GLN P 365 5.64 22.54 75.28
CA GLN P 365 6.19 21.29 75.80
C GLN P 365 7.64 21.04 75.38
N LEU P 366 7.91 21.28 74.10
CA LEU P 366 9.24 21.10 73.54
C LEU P 366 9.62 22.33 72.74
N GLY P 367 10.90 22.39 72.36
CA GLY P 367 11.41 23.47 71.54
C GLY P 367 11.55 24.80 72.25
N VAL P 368 11.44 24.80 73.57
CA VAL P 368 11.59 26.00 74.37
C VAL P 368 12.14 25.69 75.76
N ILE P 369 13.15 26.45 76.18
CA ILE P 369 13.55 26.43 77.57
C ILE P 369 12.70 27.42 78.35
N ALA P 370 11.62 26.92 78.94
CA ALA P 370 10.79 27.71 79.85
C ALA P 370 10.38 26.85 81.05
N VAL P 371 9.85 27.49 82.08
CA VAL P 371 9.33 26.75 83.24
C VAL P 371 8.09 25.93 82.84
N GLY P 372 8.11 24.63 83.15
CA GLY P 372 6.98 23.75 82.84
C GLY P 372 7.21 22.84 81.64
N ALA P 373 8.11 23.24 80.75
CA ALA P 373 8.45 22.46 79.57
C ALA P 373 9.28 21.23 79.91
N ILE P 374 9.22 20.24 79.02
CA ILE P 374 9.98 19.00 79.17
C ILE P 374 11.48 19.28 79.04
N ALA P 375 12.27 18.71 79.93
CA ALA P 375 13.72 18.92 79.94
C ALA P 375 14.47 18.21 78.82
N ASP P 376 14.21 18.62 77.58
CA ASP P 376 14.95 18.16 76.41
C ASP P 376 16.00 19.20 75.97
N LEU P 377 17.25 19.02 76.40
CA LEU P 377 18.26 20.07 76.31
C LEU P 377 19.48 19.63 75.52
N VAL P 378 20.09 20.57 74.82
CA VAL P 378 21.40 20.32 74.23
C VAL P 378 22.35 21.36 74.78
N VAL P 379 23.52 20.93 75.22
CA VAL P 379 24.55 21.82 75.70
C VAL P 379 25.65 21.91 74.67
N LEU P 380 26.03 23.14 74.31
CA LEU P 380 26.69 23.41 73.05
C LEU P 380 27.96 24.23 73.25
N ASP P 381 29.07 23.75 72.72
CA ASP P 381 30.36 24.43 72.88
C ASP P 381 30.52 25.55 71.87
N GLY P 382 30.06 26.74 72.25
CA GLY P 382 30.11 27.89 71.37
C GLY P 382 28.74 28.50 71.18
N ASN P 383 28.67 29.55 70.38
CA ASN P 383 27.43 30.26 70.18
C ASN P 383 26.93 30.11 68.75
N PRO P 384 25.86 29.32 68.57
CA PRO P 384 25.28 29.03 67.25
C PRO P 384 24.68 30.26 66.61
N LEU P 385 24.34 31.26 67.42
CA LEU P 385 23.69 32.46 66.96
C LEU P 385 24.64 33.28 66.10
N GLU P 386 25.94 33.07 66.33
CA GLU P 386 26.97 33.72 65.52
C GLU P 386 27.65 32.76 64.57
N ASP P 387 28.07 31.61 65.08
CA ASP P 387 28.63 30.55 64.25
C ASP P 387 27.70 29.34 64.14
N ILE P 388 27.07 29.19 62.97
CA ILE P 388 26.12 28.10 62.76
C ILE P 388 26.80 26.75 62.73
N GLY P 389 28.12 26.75 62.52
CA GLY P 389 28.90 25.53 62.49
C GLY P 389 28.96 24.78 63.81
N VAL P 390 28.59 25.44 64.91
CA VAL P 390 28.65 24.76 66.21
C VAL P 390 27.51 23.76 66.35
N VAL P 391 26.59 23.79 65.40
CA VAL P 391 25.49 22.85 65.33
C VAL P 391 25.58 21.98 64.07
N ALA P 392 26.01 22.58 62.97
CA ALA P 392 25.90 21.96 61.66
C ALA P 392 27.10 21.09 61.26
N ASP P 393 27.90 20.67 62.24
CA ASP P 393 29.16 19.98 61.94
C ASP P 393 29.15 18.50 62.28
N GLU P 394 28.05 17.82 61.94
CA GLU P 394 27.76 16.46 62.41
C GLU P 394 27.85 16.38 63.94
N GLY P 395 27.18 17.31 64.62
CA GLY P 395 27.47 17.57 66.02
C GLY P 395 28.87 18.16 66.17
N ALA P 396 29.84 17.29 66.43
CA ALA P 396 31.21 17.67 66.79
C ALA P 396 31.30 18.48 68.08
N ARG P 397 30.50 19.54 68.17
CA ARG P 397 30.60 20.49 69.28
C ARG P 397 29.42 20.43 70.26
N VAL P 398 28.69 19.32 70.28
CA VAL P 398 27.66 19.14 71.28
C VAL P 398 28.13 18.13 72.32
N GLU P 399 28.26 18.55 73.57
CA GLU P 399 28.87 17.67 74.56
C GLU P 399 27.93 17.20 75.64
N TYR P 400 26.74 17.78 75.72
CA TYR P 400 25.70 17.19 76.54
C TYR P 400 24.37 17.13 75.81
N VAL P 401 23.69 15.99 75.93
CA VAL P 401 22.30 15.85 75.55
C VAL P 401 21.48 15.36 76.74
N LEU P 402 20.43 16.10 77.07
CA LEU P 402 19.44 15.69 78.08
C LEU P 402 18.07 15.33 77.45
N GLN P 403 17.53 14.17 77.82
CA GLN P 403 16.23 13.75 77.35
C GLN P 403 15.33 13.47 78.54
N ARG P 404 14.17 14.12 78.56
CA ARG P 404 13.20 13.99 79.64
C ARG P 404 13.86 13.96 81.01
N GLY P 405 14.63 15.01 81.29
CA GLY P 405 15.30 15.13 82.57
C GLY P 405 16.66 14.49 82.58
N THR P 406 16.75 13.25 82.12
CA THR P 406 17.97 12.47 82.33
C THR P 406 19.04 12.80 81.30
N LEU P 407 20.30 12.56 81.64
CA LEU P 407 21.41 12.82 80.74
C LEU P 407 21.71 11.60 79.88
N VAL P 408 21.73 11.77 78.56
CA VAL P 408 21.81 10.63 77.64
C VAL P 408 23.07 10.58 76.81
N LYS P 409 23.71 11.73 76.59
CA LYS P 409 25.04 11.73 75.95
C LYS P 409 26.02 12.59 76.73
N ARG P 410 27.28 12.15 76.76
CA ARG P 410 28.40 12.93 77.28
C ARG P 410 29.57 12.83 76.30
N GLN P 411 29.87 13.93 75.61
CA GLN P 411 30.80 13.89 74.48
C GLN P 411 31.91 14.91 74.62
#